data_5TBK
#
_entry.id   5TBK
#
_cell.length_a   127.403
_cell.length_b   162.494
_cell.length_c   161.592
_cell.angle_alpha   75.65
_cell.angle_beta   85.63
_cell.angle_gamma   72.17
#
_symmetry.space_group_name_H-M   'P 1'
#
loop_
_entity.id
_entity.type
_entity.pdbx_description
1 polymer 'Importin subunit alpha-3'
2 polymer 'Regulator of chromosome condensation'
#
loop_
_entity_poly.entity_id
_entity_poly.type
_entity_poly.pdbx_seq_one_letter_code
_entity_poly.pdbx_strand_id
1 'polypeptide(L)'
;MADNEKLDNQRLKNFKNKGRDLETMRRQRNEVVVELRKNKRDEHLLKRRNVPHEDICEDSDIDGDYRVQNTSLEAIVQNA
SSDNQGIQLSAVQAARKLLSSDRNPPIDDLIKSGILPILVHCLERDDNPSLQFEAAWALTNIASGTSEQTQAVVQSNAVP
LFLRLLHSPHQNVCEQAVWALGNIIGDGPQCRDYVISLGVVKPLLSFISPSIPITFLRNVTWVMVNLCRHKDPPPPMETI
QEILPALCVLIHHTDVNILVDTVWALSYLTDAGNEQIQMVIDSGIVPHLVPLLSHQEVKVQTAALRAVGNIVTGTDEQTQ
VVLNCDALSHFPALLTHPKEKINKEAVWFLSNITAGNQQQVQAVIDANLVPMIIHLLDKGDFGTQKEAAWAISNLTISGR
KDQVAYLIQQNVIPPFCNLLTVKDAQVVQVVLDGLSNILKMAEDEAETIGNLIEECGGLEKIEQLQNHENEDIYKLAYEI
IDQFFSSDDIDEDPSLVPEAIQGGTFGFNSSANVPTEGFQF
;
A,B,C,D,E,F,G,H
2 'polypeptide(L)'
;MSPKRIAKRRSPPADAIPKSKKVKVSHRSHSTEPGLVLTLGQGDVGQLGLGENVMERKKPALVSIPEDVVQAEAGGMHTV
CLSKSGQVYSFGCNDEGALGRDTSVEGSEMVPGKVELQEKVVQVSAGDSHTAALTDDGRVFLWGSFRDNNGVIGLLEPMK
KSMVPVQVQLDVPVVKVASGNDHLVMLTADGDLYTLGCGEQGQLGRVPELFANRGGRQGLERLLVPKCVMLKSRGSRGHV
RFQDAFCGAYFTFAISHEGHVYGFGLSNYHQLGTPGTESCFIPQNLTSFKNSTKSWVGFSGGQHHTVCMDSEGKAYSLGR
AEYGRLGLGEGAEEKSIPTLISRLPAVSSVACGASVGYAVTKDGRVFAWGMGTNYQLGTGQDEDAWSPVEMMGKQLENRV
VLSVSSGGQHTVLLVKDKEQS
;
I,K,L,M,N,O,P,J
#
# COMPACT_ATOMS: atom_id res chain seq x y z
N THR A 71 29.53 20.12 45.48
CA THR A 71 30.97 19.91 45.41
C THR A 71 31.40 18.76 46.32
N SER A 72 30.49 18.29 47.16
CA SER A 72 30.73 17.11 47.98
C SER A 72 30.13 15.89 47.30
N LEU A 73 30.71 14.72 47.58
CA LEU A 73 30.44 13.52 46.80
C LEU A 73 29.22 12.75 47.29
N GLU A 74 28.82 12.93 48.54
CA GLU A 74 27.79 12.08 49.13
C GLU A 74 26.85 12.83 50.06
N ALA A 75 27.17 14.07 50.41
CA ALA A 75 26.36 14.91 51.29
C ALA A 75 24.87 14.84 51.04
N ILE A 76 24.50 14.78 49.77
CA ILE A 76 23.11 14.91 49.37
C ILE A 76 22.25 13.84 50.02
N VAL A 77 22.80 12.62 50.15
CA VAL A 77 22.00 11.52 50.70
C VAL A 77 21.48 11.86 52.09
N GLN A 78 22.24 12.64 52.87
CA GLN A 78 21.71 13.08 54.15
C GLN A 78 20.79 14.29 53.98
N ASN A 79 21.18 15.24 53.12
CA ASN A 79 20.39 16.44 52.94
C ASN A 79 19.04 16.14 52.29
N ALA A 80 18.98 15.09 51.47
CA ALA A 80 17.73 14.70 50.83
C ALA A 80 16.84 13.86 51.74
N SER A 81 17.33 13.44 52.91
CA SER A 81 16.54 12.69 53.86
C SER A 81 15.89 13.57 54.92
N SER A 82 16.15 14.87 54.88
CA SER A 82 15.59 15.78 55.86
C SER A 82 14.09 15.97 55.64
N ASP A 83 13.45 16.64 56.60
CA ASP A 83 12.06 17.01 56.49
C ASP A 83 11.86 18.47 56.10
N ASN A 84 12.94 19.23 56.00
CA ASN A 84 12.87 20.63 55.59
C ASN A 84 12.82 20.69 54.07
N GLN A 85 11.71 21.20 53.53
CA GLN A 85 11.52 21.20 52.08
C GLN A 85 12.56 22.07 51.37
N GLY A 86 13.10 23.08 52.06
CA GLY A 86 14.18 23.85 51.47
C GLY A 86 15.45 23.03 51.34
N ILE A 87 15.84 22.32 52.39
CA ILE A 87 17.06 21.54 52.29
C ILE A 87 16.91 20.46 51.22
N GLN A 88 15.75 19.76 51.24
CA GLN A 88 15.46 18.72 50.26
C GLN A 88 15.36 19.28 48.83
N LEU A 89 14.69 20.43 48.71
CA LEU A 89 14.51 21.07 47.42
C LEU A 89 15.86 21.52 46.89
N SER A 90 16.73 22.01 47.76
CA SER A 90 18.06 22.46 47.37
C SER A 90 18.99 21.29 47.09
N ALA A 91 18.94 20.25 47.91
CA ALA A 91 19.80 19.09 47.70
C ALA A 91 19.48 18.44 46.37
N VAL A 92 18.21 18.38 46.00
CA VAL A 92 17.88 17.77 44.73
C VAL A 92 18.17 18.73 43.58
N GLN A 93 18.14 20.05 43.82
CA GLN A 93 18.56 20.98 42.77
C GLN A 93 20.06 20.86 42.51
N ALA A 94 20.86 20.95 43.57
CA ALA A 94 22.30 20.77 43.47
C ALA A 94 22.62 19.40 42.93
N ALA A 95 21.72 18.45 43.15
CA ALA A 95 21.79 17.20 42.42
C ALA A 95 21.56 17.44 40.93
N ARG A 96 20.60 18.23 40.55
CA ARG A 96 20.17 18.45 39.18
C ARG A 96 21.38 18.96 38.43
N LYS A 97 22.40 19.37 39.15
CA LYS A 97 23.64 19.90 38.57
C LYS A 97 24.63 18.75 38.23
N LEU A 98 24.12 17.52 38.22
CA LEU A 98 24.87 16.28 38.00
C LEU A 98 25.60 16.05 36.66
N LEU A 99 25.13 16.65 35.56
CA LEU A 99 25.77 16.43 34.26
C LEU A 99 27.23 16.88 34.36
N SER A 100 27.45 18.00 35.02
CA SER A 100 28.79 18.51 35.33
C SER A 100 29.35 17.80 36.55
N SER A 101 28.51 17.58 37.55
CA SER A 101 28.93 16.87 38.75
C SER A 101 29.42 15.46 38.44
N ASP A 102 28.76 14.77 37.49
CA ASP A 102 29.14 13.38 37.20
C ASP A 102 30.49 13.30 36.49
N ARG A 103 30.83 14.31 35.70
CA ARG A 103 32.02 14.24 34.85
C ARG A 103 33.28 14.03 35.68
N ASN A 104 33.30 14.48 36.91
CA ASN A 104 34.55 14.41 37.67
C ASN A 104 34.74 13.01 38.26
N PRO A 105 33.75 12.41 38.91
CA PRO A 105 33.92 11.05 39.44
C PRO A 105 33.47 10.01 38.43
N PRO A 106 34.09 8.83 38.43
CA PRO A 106 33.57 7.74 37.60
C PRO A 106 32.21 7.26 38.07
N ILE A 107 31.70 6.28 37.34
CA ILE A 107 30.29 5.87 37.45
C ILE A 107 30.03 5.09 38.73
N ASP A 108 30.90 4.13 39.05
CA ASP A 108 30.57 3.08 40.01
C ASP A 108 30.15 3.64 41.38
N ASP A 109 31.01 4.48 41.97
CA ASP A 109 30.80 4.90 43.35
C ASP A 109 29.42 5.51 43.59
N LEU A 110 28.95 6.36 42.67
CA LEU A 110 27.65 6.99 42.89
C LEU A 110 26.50 6.02 42.69
N ILE A 111 26.71 4.96 41.90
CA ILE A 111 25.66 3.96 41.73
C ILE A 111 25.56 3.07 42.96
N LYS A 112 26.68 2.87 43.67
CA LYS A 112 26.70 1.95 44.81
C LYS A 112 26.15 2.59 46.08
N SER A 113 26.56 3.83 46.38
CA SER A 113 26.18 4.45 47.65
C SER A 113 24.67 4.49 47.83
N GLY A 114 23.91 4.54 46.74
CA GLY A 114 22.46 4.51 46.91
C GLY A 114 21.61 5.75 46.70
N ILE A 115 22.15 6.75 46.04
CA ILE A 115 21.44 8.00 45.78
C ILE A 115 20.16 7.85 44.94
N LEU A 116 20.14 6.88 44.03
CA LEU A 116 18.99 6.68 43.13
C LEU A 116 17.62 6.40 43.74
N PRO A 117 17.54 5.56 44.78
CA PRO A 117 16.24 5.27 45.39
C PRO A 117 15.62 6.56 45.95
N ILE A 118 16.48 7.34 46.58
CA ILE A 118 16.16 8.64 47.14
C ILE A 118 15.45 9.51 46.12
N LEU A 119 15.90 9.47 44.87
CA LEU A 119 15.26 10.25 43.82
C LEU A 119 13.81 9.81 43.58
N VAL A 120 13.56 8.50 43.61
CA VAL A 120 12.23 7.97 43.32
C VAL A 120 11.24 8.28 44.45
N HIS A 121 11.68 8.06 45.70
CA HIS A 121 10.81 8.31 46.85
C HIS A 121 10.23 9.71 46.80
N CYS A 122 11.08 10.68 46.51
CA CYS A 122 10.73 12.09 46.42
C CYS A 122 10.01 12.39 45.12
N LEU A 123 10.19 11.56 44.11
CA LEU A 123 9.40 11.68 42.90
C LEU A 123 7.93 11.36 43.17
N GLU A 124 7.63 10.52 44.17
CA GLU A 124 6.23 10.22 44.45
C GLU A 124 5.45 11.42 44.98
N ARG A 125 6.06 12.22 45.87
CA ARG A 125 5.27 13.15 46.68
C ARG A 125 4.76 14.33 45.87
N ASP A 126 3.44 14.44 45.78
CA ASP A 126 2.75 15.54 45.14
C ASP A 126 2.50 16.69 46.13
N ASP A 127 2.14 17.84 45.58
CA ASP A 127 2.02 19.20 46.13
C ASP A 127 3.38 19.88 46.18
N ASN A 128 4.45 19.20 45.79
CA ASN A 128 5.79 19.78 45.71
C ASN A 128 6.30 19.54 44.30
N PRO A 129 5.83 20.33 43.32
CA PRO A 129 6.20 20.05 41.92
C PRO A 129 7.66 20.29 41.65
N SER A 130 8.30 21.26 42.30
CA SER A 130 9.71 21.52 42.05
C SER A 130 10.55 20.31 42.36
N LEU A 131 10.24 19.62 43.46
CA LEU A 131 10.96 18.41 43.81
C LEU A 131 10.83 17.36 42.71
N GLN A 132 9.60 17.09 42.27
CA GLN A 132 9.40 16.12 41.19
C GLN A 132 10.17 16.51 39.94
N PHE A 133 10.17 17.80 39.60
CA PHE A 133 10.87 18.24 38.39
C PHE A 133 12.37 18.01 38.51
N GLU A 134 12.96 18.38 39.65
CA GLU A 134 14.39 18.17 39.83
C GLU A 134 14.74 16.69 39.79
N ALA A 135 13.92 15.86 40.46
CA ALA A 135 14.18 14.43 40.49
C ALA A 135 14.12 13.83 39.09
N ALA A 136 13.01 14.06 38.38
CA ALA A 136 12.87 13.53 37.04
C ALA A 136 13.95 14.07 36.11
N TRP A 137 14.43 15.29 36.36
CA TRP A 137 15.60 15.78 35.65
C TRP A 137 16.79 14.87 35.88
N ALA A 138 17.08 14.57 37.16
CA ALA A 138 18.23 13.75 37.49
C ALA A 138 18.13 12.37 36.88
N LEU A 139 16.99 11.69 37.10
CA LEU A 139 16.79 10.37 36.50
C LEU A 139 16.93 10.44 34.99
N THR A 140 16.39 11.50 34.37
CA THR A 140 16.56 11.71 32.95
C THR A 140 18.03 11.66 32.56
N ASN A 141 18.84 12.52 33.16
CA ASN A 141 20.23 12.60 32.74
C ASN A 141 21.01 11.34 33.10
N ILE A 142 20.53 10.58 34.08
CA ILE A 142 21.21 9.32 34.44
C ILE A 142 20.92 8.26 33.39
N ALA A 143 19.65 8.14 33.00
CA ALA A 143 19.27 7.14 32.01
C ALA A 143 19.88 7.40 30.63
N SER A 144 20.44 8.59 30.40
CA SER A 144 21.02 8.88 29.10
C SER A 144 22.34 8.14 28.87
N GLY A 145 22.94 7.58 29.91
CA GLY A 145 24.25 6.97 29.80
C GLY A 145 24.21 5.59 29.18
N THR A 146 25.10 4.72 29.64
CA THR A 146 25.18 3.38 29.11
C THR A 146 23.91 2.60 29.44
N SER A 147 23.74 1.47 28.75
CA SER A 147 22.58 0.63 29.00
C SER A 147 22.54 0.17 30.44
N GLU A 148 23.71 -0.02 31.06
CA GLU A 148 23.76 -0.47 32.44
C GLU A 148 23.15 0.58 33.37
N GLN A 149 23.36 1.86 33.08
CA GLN A 149 22.76 2.91 33.89
C GLN A 149 21.25 2.92 33.76
N THR A 150 20.75 2.84 32.53
CA THR A 150 19.30 2.77 32.35
C THR A 150 18.72 1.54 33.04
N GLN A 151 19.42 0.42 32.97
CA GLN A 151 18.99 -0.75 33.73
C GLN A 151 18.93 -0.45 35.22
N ALA A 152 19.92 0.28 35.73
CA ALA A 152 19.90 0.69 37.13
C ALA A 152 18.71 1.58 37.44
N VAL A 153 18.24 2.34 36.45
CA VAL A 153 17.07 3.18 36.67
C VAL A 153 15.81 2.34 36.71
N VAL A 154 15.66 1.41 35.77
CA VAL A 154 14.43 0.64 35.71
C VAL A 154 14.34 -0.35 36.86
N GLN A 155 15.46 -0.76 37.43
CA GLN A 155 15.39 -1.62 38.60
C GLN A 155 14.82 -0.91 39.82
N SER A 156 14.87 0.43 39.85
CA SER A 156 14.23 1.18 40.92
C SER A 156 12.73 1.22 40.81
N ASN A 157 12.16 0.63 39.76
CA ASN A 157 10.72 0.61 39.56
C ASN A 157 10.17 2.04 39.54
N ALA A 158 10.90 2.93 38.87
CA ALA A 158 10.49 4.32 38.76
C ALA A 158 9.53 4.56 37.62
N VAL A 159 9.40 3.62 36.69
CA VAL A 159 8.58 3.86 35.50
C VAL A 159 7.11 4.10 35.85
N PRO A 160 6.46 3.27 36.67
CA PRO A 160 5.04 3.56 37.00
C PRO A 160 4.84 4.93 37.62
N LEU A 161 5.87 5.47 38.27
CA LEU A 161 5.75 6.81 38.82
C LEU A 161 5.83 7.87 37.73
N PHE A 162 6.68 7.65 36.72
CA PHE A 162 6.65 8.53 35.56
C PHE A 162 5.27 8.50 34.91
N LEU A 163 4.71 7.30 34.73
CA LEU A 163 3.39 7.19 34.14
C LEU A 163 2.33 7.90 34.99
N ARG A 164 2.47 7.83 36.31
CA ARG A 164 1.61 8.61 37.18
C ARG A 164 1.82 10.10 36.94
N LEU A 165 3.05 10.51 36.66
CA LEU A 165 3.32 11.92 36.41
C LEU A 165 2.77 12.37 35.07
N LEU A 166 2.50 11.45 34.14
CA LEU A 166 1.88 11.83 32.88
C LEU A 166 0.52 12.47 33.08
N HIS A 167 -0.08 12.34 34.25
CA HIS A 167 -1.37 12.93 34.52
C HIS A 167 -1.26 14.19 35.38
N SER A 168 -0.05 14.68 35.61
CA SER A 168 0.14 15.86 36.45
C SER A 168 -0.41 17.10 35.75
N PRO A 169 -0.92 18.08 36.51
CA PRO A 169 -1.37 19.32 35.89
C PRO A 169 -0.26 20.24 35.46
N HIS A 170 0.93 20.14 36.06
CA HIS A 170 2.05 20.99 35.68
C HIS A 170 2.69 20.48 34.41
N GLN A 171 2.79 21.36 33.41
CA GLN A 171 3.33 20.93 32.12
C GLN A 171 4.80 20.55 32.19
N ASN A 172 5.57 21.23 33.05
CA ASN A 172 6.99 20.90 33.14
C ASN A 172 7.21 19.47 33.62
N VAL A 173 6.39 19.03 34.56
CA VAL A 173 6.51 17.66 35.07
C VAL A 173 6.16 16.66 33.98
N CYS A 174 5.05 16.88 33.28
CA CYS A 174 4.69 15.98 32.20
C CYS A 174 5.81 15.91 31.17
N GLU A 175 6.30 17.07 30.72
CA GLU A 175 7.32 17.09 29.68
C GLU A 175 8.59 16.37 30.15
N GLN A 176 8.99 16.58 31.39
CA GLN A 176 10.18 15.91 31.89
C GLN A 176 9.96 14.40 31.94
N ALA A 177 8.76 13.98 32.36
CA ALA A 177 8.47 12.55 32.40
C ALA A 177 8.53 11.95 31.00
N VAL A 178 7.90 12.60 30.04
CA VAL A 178 7.96 12.14 28.65
C VAL A 178 9.40 12.06 28.18
N TRP A 179 10.24 13.02 28.59
CA TRP A 179 11.64 12.97 28.22
C TRP A 179 12.30 11.70 28.76
N ALA A 180 12.19 11.48 30.08
CA ALA A 180 12.87 10.34 30.69
C ALA A 180 12.36 9.02 30.14
N LEU A 181 11.05 8.89 29.97
CA LEU A 181 10.51 7.69 29.33
C LEU A 181 11.06 7.55 27.92
N GLY A 182 11.29 8.67 27.24
CA GLY A 182 11.96 8.61 25.96
C GLY A 182 13.32 7.97 26.07
N ASN A 183 14.11 8.36 27.06
CA ASN A 183 15.41 7.74 27.24
C ASN A 183 15.28 6.25 27.48
N ILE A 184 14.46 5.89 28.47
CA ILE A 184 14.33 4.48 28.87
C ILE A 184 13.89 3.63 27.68
N ILE A 185 12.88 4.09 26.94
CA ILE A 185 12.42 3.33 25.79
C ILE A 185 13.52 3.23 24.75
N GLY A 186 14.24 4.34 24.52
CA GLY A 186 15.29 4.35 23.53
C GLY A 186 16.48 3.47 23.87
N ASP A 187 16.59 3.04 25.13
CA ASP A 187 17.72 2.18 25.50
C ASP A 187 17.75 0.90 24.67
N GLY A 188 16.71 0.08 24.77
CA GLY A 188 16.71 -1.20 24.11
C GLY A 188 15.31 -1.74 23.89
N PRO A 189 15.21 -2.82 23.12
CA PRO A 189 13.88 -3.39 22.84
C PRO A 189 13.23 -4.03 24.05
N GLN A 190 14.01 -4.66 24.93
CA GLN A 190 13.40 -5.25 26.12
C GLN A 190 12.83 -4.16 27.02
N CYS A 191 13.59 -3.09 27.24
CA CYS A 191 13.09 -1.96 28.01
C CYS A 191 11.88 -1.36 27.34
N ARG A 192 11.88 -1.32 26.01
CA ARG A 192 10.74 -0.80 25.27
C ARG A 192 9.49 -1.63 25.53
N ASP A 193 9.59 -2.96 25.40
CA ASP A 193 8.44 -3.80 25.66
C ASP A 193 8.00 -3.71 27.10
N TYR A 194 8.93 -3.50 28.03
CA TYR A 194 8.55 -3.25 29.41
C TYR A 194 7.70 -1.99 29.53
N VAL A 195 8.17 -0.90 28.95
CA VAL A 195 7.45 0.37 29.10
C VAL A 195 6.10 0.29 28.43
N ILE A 196 6.00 -0.39 27.30
CA ILE A 196 4.71 -0.56 26.66
C ILE A 196 3.79 -1.43 27.51
N SER A 197 4.34 -2.47 28.15
CA SER A 197 3.52 -3.37 28.95
C SER A 197 2.80 -2.66 30.08
N LEU A 198 3.25 -1.47 30.45
CA LEU A 198 2.64 -0.70 31.52
C LEU A 198 1.61 0.31 31.02
N GLY A 199 1.44 0.45 29.71
CA GLY A 199 0.41 1.32 29.17
C GLY A 199 0.83 2.77 29.02
N VAL A 200 1.92 3.01 28.29
CA VAL A 200 2.37 4.38 28.05
C VAL A 200 1.85 4.93 26.73
N VAL A 201 1.51 4.06 25.78
CA VAL A 201 1.24 4.51 24.42
C VAL A 201 -0.01 5.39 24.39
N LYS A 202 -1.13 4.89 24.89
CA LYS A 202 -2.35 5.68 24.87
C LYS A 202 -2.23 6.99 25.63
N PRO A 203 -1.67 7.04 26.85
CA PRO A 203 -1.50 8.35 27.49
C PRO A 203 -0.59 9.29 26.71
N LEU A 204 0.48 8.77 26.12
CA LEU A 204 1.37 9.62 25.35
C LEU A 204 0.65 10.21 24.15
N LEU A 205 -0.07 9.35 23.41
CA LEU A 205 -0.76 9.82 22.22
C LEU A 205 -1.91 10.75 22.57
N SER A 206 -2.50 10.59 23.76
CA SER A 206 -3.59 11.47 24.15
C SER A 206 -3.16 12.92 24.24
N PHE A 207 -1.86 13.19 24.29
CA PHE A 207 -1.37 14.56 24.38
C PHE A 207 -1.46 15.34 23.08
N ILE A 208 -1.64 14.65 21.95
CA ILE A 208 -1.67 15.32 20.66
C ILE A 208 -2.97 16.12 20.55
N SER A 209 -2.84 17.44 20.47
CA SER A 209 -3.97 18.34 20.33
C SER A 209 -3.49 19.57 19.59
N PRO A 210 -4.40 20.30 18.93
CA PRO A 210 -3.99 21.52 18.24
C PRO A 210 -3.47 22.61 19.15
N SER A 211 -3.65 22.48 20.47
CA SER A 211 -3.20 23.47 21.44
C SER A 211 -1.90 23.07 22.13
N ILE A 212 -1.23 22.03 21.64
CA ILE A 212 -0.01 21.52 22.29
C ILE A 212 1.13 22.47 21.99
N PRO A 213 2.03 22.70 22.94
CA PRO A 213 3.26 23.43 22.62
C PRO A 213 4.10 22.66 21.63
N ILE A 214 4.89 23.39 20.85
CA ILE A 214 5.63 22.77 19.76
C ILE A 214 6.78 21.94 20.30
N THR A 215 7.48 22.46 21.31
CA THR A 215 8.62 21.73 21.86
C THR A 215 8.18 20.40 22.46
N PHE A 216 7.20 20.44 23.35
CA PHE A 216 6.68 19.23 23.94
C PHE A 216 6.24 18.25 22.87
N LEU A 217 5.63 18.74 21.80
CA LEU A 217 5.27 17.84 20.70
C LEU A 217 6.51 17.22 20.09
N ARG A 218 7.58 17.98 19.91
CA ARG A 218 8.79 17.42 19.35
C ARG A 218 9.33 16.30 20.23
N ASN A 219 9.28 16.47 21.56
CA ASN A 219 9.71 15.39 22.42
C ASN A 219 8.78 14.18 22.31
N VAL A 220 7.49 14.42 22.14
CA VAL A 220 6.56 13.30 22.00
C VAL A 220 6.90 12.49 20.76
N THR A 221 7.05 13.17 19.62
CA THR A 221 7.43 12.47 18.40
C THR A 221 8.74 11.74 18.58
N TRP A 222 9.71 12.37 19.25
CA TRP A 222 10.97 11.69 19.53
C TRP A 222 10.72 10.37 20.25
N VAL A 223 9.86 10.39 21.27
CA VAL A 223 9.53 9.16 21.96
C VAL A 223 8.87 8.16 21.03
N MET A 224 8.08 8.64 20.07
CA MET A 224 7.51 7.74 19.07
C MET A 224 8.61 7.06 18.28
N VAL A 225 9.61 7.83 17.85
CA VAL A 225 10.73 7.24 17.11
C VAL A 225 11.42 6.17 17.95
N ASN A 226 11.66 6.46 19.23
CA ASN A 226 12.23 5.43 20.08
C ASN A 226 11.33 4.21 20.19
N LEU A 227 10.01 4.42 20.17
CA LEU A 227 9.10 3.27 20.24
C LEU A 227 9.20 2.40 18.98
N CYS A 228 9.39 3.02 17.82
CA CYS A 228 9.40 2.26 16.59
C CYS A 228 10.74 1.62 16.28
N ARG A 229 11.76 1.88 17.08
CA ARG A 229 13.12 1.43 16.80
C ARG A 229 13.27 -0.05 17.15
N HIS A 230 14.49 -0.57 17.08
CA HIS A 230 14.88 -1.88 17.63
C HIS A 230 14.07 -3.01 17.01
N LYS A 231 14.33 -3.24 15.72
CA LYS A 231 13.63 -4.26 14.96
C LYS A 231 13.93 -5.69 15.42
N ASP A 232 14.90 -5.90 16.32
CA ASP A 232 15.31 -7.26 16.66
C ASP A 232 14.11 -8.02 17.24
N PRO A 233 13.57 -7.68 18.40
CA PRO A 233 12.15 -7.97 18.60
C PRO A 233 11.31 -6.82 18.10
N PRO A 234 10.53 -7.03 17.04
CA PRO A 234 9.76 -5.92 16.49
C PRO A 234 8.80 -5.37 17.50
N PRO A 235 8.47 -4.08 17.43
CA PRO A 235 7.54 -3.50 18.38
C PRO A 235 6.19 -4.20 18.30
N PRO A 236 5.45 -4.20 19.40
CA PRO A 236 4.20 -4.96 19.44
C PRO A 236 3.21 -4.51 18.38
N MET A 237 2.45 -5.48 17.88
CA MET A 237 1.44 -5.22 16.87
C MET A 237 0.47 -4.14 17.33
N GLU A 238 -0.10 -4.33 18.51
CA GLU A 238 -1.09 -3.40 19.03
C GLU A 238 -0.52 -2.00 19.20
N THR A 239 0.75 -1.90 19.59
CA THR A 239 1.38 -0.60 19.75
C THR A 239 1.43 0.15 18.43
N ILE A 240 1.84 -0.53 17.36
CA ILE A 240 1.86 0.11 16.05
C ILE A 240 0.46 0.48 15.61
N GLN A 241 -0.50 -0.42 15.81
CA GLN A 241 -1.88 -0.10 15.49
C GLN A 241 -2.35 1.14 16.24
N GLU A 242 -1.79 1.42 17.41
CA GLU A 242 -2.15 2.64 18.12
C GLU A 242 -1.37 3.85 17.64
N ILE A 243 -0.13 3.65 17.16
CA ILE A 243 0.69 4.79 16.79
C ILE A 243 0.31 5.33 15.42
N LEU A 244 0.11 4.44 14.45
CA LEU A 244 -0.05 4.85 13.06
C LEU A 244 -1.01 6.01 12.86
N PRO A 245 -2.24 6.02 13.40
CA PRO A 245 -3.11 7.17 13.14
C PRO A 245 -2.53 8.48 13.61
N ALA A 246 -1.87 8.49 14.76
CA ALA A 246 -1.20 9.70 15.21
C ALA A 246 -0.15 10.15 14.22
N LEU A 247 0.61 9.21 13.64
CA LEU A 247 1.58 9.59 12.63
C LEU A 247 0.91 10.14 11.39
N CYS A 248 -0.23 9.55 10.99
CA CYS A 248 -0.97 10.10 9.85
C CYS A 248 -1.44 11.52 10.14
N VAL A 249 -1.65 11.85 11.40
CA VAL A 249 -2.00 13.23 11.73
C VAL A 249 -0.77 14.12 11.73
N LEU A 250 0.36 13.61 12.20
CA LEU A 250 1.56 14.44 12.28
C LEU A 250 2.21 14.67 10.93
N ILE A 251 1.96 13.81 9.94
CA ILE A 251 2.67 13.95 8.69
C ILE A 251 2.25 15.18 7.93
N HIS A 252 1.06 15.72 8.19
CA HIS A 252 0.61 16.95 7.57
C HIS A 252 1.12 18.19 8.28
N HIS A 253 1.89 18.05 9.34
CA HIS A 253 2.27 19.19 10.15
C HIS A 253 3.28 20.08 9.42
N THR A 254 3.24 21.38 9.74
CA THR A 254 4.03 22.36 9.01
C THR A 254 5.49 22.38 9.45
N ASP A 255 5.76 22.03 10.71
CA ASP A 255 7.13 22.08 11.19
C ASP A 255 8.02 21.09 10.45
N VAL A 256 9.28 21.47 10.29
CA VAL A 256 10.22 20.61 9.58
C VAL A 256 10.67 19.46 10.48
N ASN A 257 11.09 19.76 11.70
CA ASN A 257 11.66 18.72 12.56
C ASN A 257 10.62 17.67 12.92
N ILE A 258 9.39 18.11 13.21
CA ILE A 258 8.33 17.16 13.53
C ILE A 258 8.11 16.21 12.37
N LEU A 259 8.04 16.76 11.15
CA LEU A 259 7.89 15.92 9.98
C LEU A 259 9.06 14.95 9.85
N VAL A 260 10.28 15.42 10.08
CA VAL A 260 11.45 14.56 9.97
C VAL A 260 11.33 13.37 10.90
N ASP A 261 11.10 13.65 12.19
CA ASP A 261 10.99 12.56 13.16
C ASP A 261 9.85 11.62 12.83
N THR A 262 8.71 12.15 12.40
CA THR A 262 7.61 11.29 11.98
C THR A 262 8.06 10.33 10.88
N VAL A 263 8.69 10.87 9.84
CA VAL A 263 9.10 10.05 8.72
C VAL A 263 10.13 9.01 9.15
N TRP A 264 10.99 9.34 10.11
CA TRP A 264 11.92 8.34 10.61
C TRP A 264 11.20 7.24 11.38
N ALA A 265 10.19 7.61 12.17
CA ALA A 265 9.37 6.58 12.81
C ALA A 265 8.80 5.63 11.77
N LEU A 266 8.26 6.19 10.69
CA LEU A 266 7.82 5.35 9.59
C LEU A 266 8.97 4.51 9.07
N SER A 267 10.16 5.09 9.00
CA SER A 267 11.31 4.37 8.47
C SER A 267 11.59 3.12 9.27
N TYR A 268 11.60 3.23 10.59
CA TYR A 268 11.86 2.07 11.42
C TYR A 268 10.72 1.07 11.32
N LEU A 269 9.47 1.56 11.28
CA LEU A 269 8.33 0.65 11.11
C LEU A 269 8.46 -0.16 9.83
N THR A 270 8.94 0.46 8.76
CA THR A 270 9.07 -0.27 7.51
C THR A 270 10.28 -1.18 7.51
N ASP A 271 11.38 -0.76 8.15
CA ASP A 271 12.56 -1.61 8.20
C ASP A 271 12.32 -2.84 9.08
N ALA A 272 11.27 -2.83 9.90
CA ALA A 272 11.00 -3.97 10.77
C ALA A 272 10.82 -5.26 9.98
N GLY A 273 9.98 -5.23 8.95
CA GLY A 273 9.74 -6.43 8.16
C GLY A 273 8.55 -6.23 7.27
N ASN A 274 8.23 -7.30 6.53
CA ASN A 274 7.14 -7.22 5.55
C ASN A 274 5.81 -6.96 6.24
N GLU A 275 5.61 -7.53 7.42
CA GLU A 275 4.34 -7.42 8.12
C GLU A 275 4.04 -5.95 8.41
N GLN A 276 4.95 -5.30 9.12
CA GLN A 276 4.77 -3.90 9.50
C GLN A 276 4.66 -3.01 8.28
N ILE A 277 5.41 -3.32 7.22
CA ILE A 277 5.22 -2.61 5.97
C ILE A 277 3.77 -2.71 5.55
N GLN A 278 3.21 -3.91 5.58
CA GLN A 278 1.81 -4.07 5.19
C GLN A 278 0.89 -3.24 6.07
N MET A 279 1.22 -3.11 7.36
CA MET A 279 0.42 -2.21 8.20
C MET A 279 0.53 -0.78 7.72
N VAL A 280 1.76 -0.31 7.48
CA VAL A 280 1.95 1.07 7.02
C VAL A 280 1.12 1.33 5.78
N ILE A 281 1.13 0.37 4.86
CA ILE A 281 0.35 0.51 3.64
C ILE A 281 -1.14 0.53 3.95
N ASP A 282 -1.57 -0.25 4.92
CA ASP A 282 -2.98 -0.28 5.30
C ASP A 282 -3.42 0.98 6.02
N SER A 283 -2.47 1.75 6.56
CA SER A 283 -2.80 2.99 7.24
C SER A 283 -3.14 4.11 6.27
N GLY A 284 -3.08 3.87 4.98
CA GLY A 284 -3.36 4.93 4.03
C GLY A 284 -2.40 6.08 4.09
N ILE A 285 -1.21 5.87 4.64
CA ILE A 285 -0.26 6.96 4.76
C ILE A 285 0.68 7.05 3.56
N VAL A 286 0.76 6.00 2.75
CA VAL A 286 1.72 6.01 1.63
C VAL A 286 1.46 7.14 0.65
N PRO A 287 0.23 7.38 0.18
CA PRO A 287 0.00 8.53 -0.72
C PRO A 287 0.39 9.85 -0.12
N HIS A 288 0.39 9.98 1.20
CA HIS A 288 0.85 11.20 1.83
C HIS A 288 2.36 11.21 2.02
N LEU A 289 2.99 10.04 2.08
CA LEU A 289 4.43 9.97 2.28
C LEU A 289 5.20 10.17 0.99
N VAL A 290 4.72 9.61 -0.11
CA VAL A 290 5.51 9.62 -1.35
C VAL A 290 5.90 11.02 -1.79
N PRO A 291 4.99 12.01 -1.87
CA PRO A 291 5.39 13.33 -2.38
C PRO A 291 6.47 14.01 -1.59
N LEU A 292 6.79 13.53 -0.40
CA LEU A 292 7.87 14.12 0.36
C LEU A 292 9.23 13.90 -0.27
N LEU A 293 9.33 13.03 -1.27
CA LEU A 293 10.62 12.79 -1.88
C LEU A 293 11.14 14.04 -2.58
N SER A 294 10.24 14.89 -3.06
CA SER A 294 10.60 16.14 -3.74
C SER A 294 10.43 17.36 -2.85
N HIS A 295 10.38 17.17 -1.54
CA HIS A 295 10.26 18.27 -0.60
C HIS A 295 11.51 19.15 -0.63
N GLN A 296 11.34 20.40 -0.20
CA GLN A 296 12.42 21.37 -0.28
C GLN A 296 13.59 21.01 0.64
N GLU A 297 13.30 20.68 1.89
CA GLU A 297 14.37 20.40 2.83
C GLU A 297 15.00 19.05 2.55
N VAL A 298 16.33 18.99 2.62
CA VAL A 298 17.04 17.78 2.24
C VAL A 298 16.78 16.65 3.22
N LYS A 299 16.59 16.96 4.50
CA LYS A 299 16.45 15.90 5.50
C LYS A 299 15.14 15.13 5.33
N VAL A 300 14.05 15.84 5.10
CA VAL A 300 12.79 15.18 4.79
C VAL A 300 12.94 14.27 3.59
N GLN A 301 13.68 14.74 2.57
CA GLN A 301 13.93 13.89 1.41
C GLN A 301 14.65 12.62 1.81
N THR A 302 15.73 12.74 2.57
CA THR A 302 16.50 11.56 2.95
C THR A 302 15.64 10.56 3.70
N ALA A 303 14.94 11.04 4.73
CA ALA A 303 14.13 10.15 5.55
C ALA A 303 13.04 9.49 4.72
N ALA A 304 12.33 10.28 3.91
CA ALA A 304 11.27 9.72 3.08
C ALA A 304 11.81 8.67 2.12
N LEU A 305 12.96 8.92 1.52
CA LEU A 305 13.54 7.95 0.60
C LEU A 305 13.89 6.66 1.31
N ARG A 306 14.50 6.74 2.50
CA ARG A 306 14.79 5.52 3.25
C ARG A 306 13.50 4.77 3.58
N ALA A 307 12.48 5.47 4.04
CA ALA A 307 11.22 4.82 4.40
C ALA A 307 10.64 4.10 3.20
N VAL A 308 10.44 4.82 2.10
CA VAL A 308 9.82 4.21 0.93
C VAL A 308 10.66 3.05 0.43
N GLY A 309 11.98 3.21 0.41
CA GLY A 309 12.84 2.11 0.00
C GLY A 309 12.64 0.87 0.85
N ASN A 310 12.58 1.05 2.16
CA ASN A 310 12.25 -0.08 3.02
C ASN A 310 10.90 -0.68 2.66
N ILE A 311 9.94 0.17 2.26
CA ILE A 311 8.63 -0.36 1.86
C ILE A 311 8.78 -1.26 0.64
N VAL A 312 9.52 -0.81 -0.37
CA VAL A 312 9.67 -1.65 -1.56
C VAL A 312 10.65 -2.79 -1.35
N THR A 313 11.29 -2.87 -0.19
CA THR A 313 12.01 -4.11 0.10
C THR A 313 11.08 -5.29 0.33
N GLY A 314 9.78 -5.10 0.23
CA GLY A 314 8.83 -6.16 0.53
C GLY A 314 8.43 -7.01 -0.64
N THR A 315 7.15 -7.35 -0.71
CA THR A 315 6.62 -8.19 -1.77
C THR A 315 6.42 -7.38 -3.05
N ASP A 316 5.86 -8.04 -4.06
CA ASP A 316 5.64 -7.36 -5.32
C ASP A 316 4.53 -6.32 -5.21
N GLU A 317 3.35 -6.74 -4.75
CA GLU A 317 2.21 -5.84 -4.75
C GLU A 317 2.44 -4.62 -3.88
N GLN A 318 3.19 -4.77 -2.79
CA GLN A 318 3.50 -3.62 -1.94
C GLN A 318 4.31 -2.60 -2.73
N THR A 319 5.41 -3.04 -3.33
CA THR A 319 6.15 -2.16 -4.22
C THR A 319 5.22 -1.52 -5.23
N GLN A 320 4.26 -2.28 -5.75
CA GLN A 320 3.34 -1.73 -6.73
C GLN A 320 2.45 -0.67 -6.11
N VAL A 321 2.21 -0.75 -4.81
CA VAL A 321 1.48 0.32 -4.13
C VAL A 321 2.34 1.56 -4.04
N VAL A 322 3.63 1.40 -3.83
CA VAL A 322 4.50 2.58 -3.89
C VAL A 322 4.46 3.19 -5.28
N LEU A 323 4.46 2.35 -6.32
CA LEU A 323 4.52 2.86 -7.69
C LEU A 323 3.21 3.53 -8.12
N ASN A 324 2.07 2.97 -7.73
CA ASN A 324 0.80 3.54 -8.14
C ASN A 324 0.58 4.94 -7.61
N CYS A 325 1.28 5.33 -6.55
CA CYS A 325 1.24 6.70 -6.07
C CYS A 325 2.17 7.62 -6.84
N ASP A 326 2.64 7.17 -8.00
CA ASP A 326 3.50 7.98 -8.87
C ASP A 326 4.76 8.41 -8.14
N ALA A 327 5.55 7.42 -7.76
CA ALA A 327 6.79 7.69 -7.05
C ALA A 327 7.97 7.93 -7.99
N LEU A 328 7.97 7.27 -9.15
CA LEU A 328 9.13 7.37 -10.04
C LEU A 328 9.34 8.80 -10.54
N SER A 329 8.26 9.56 -10.69
CA SER A 329 8.36 10.92 -11.22
C SER A 329 9.31 11.78 -10.42
N HIS A 330 9.48 11.47 -9.14
CA HIS A 330 10.34 12.29 -8.30
C HIS A 330 11.81 11.98 -8.49
N PHE A 331 12.13 10.81 -9.02
CA PHE A 331 13.51 10.30 -9.02
C PHE A 331 14.48 10.97 -9.97
N PRO A 332 14.07 11.45 -11.15
CA PRO A 332 15.03 12.21 -11.96
C PRO A 332 15.77 13.27 -11.19
N ALA A 333 15.07 14.03 -10.34
CA ALA A 333 15.75 14.98 -9.46
C ALA A 333 16.67 14.26 -8.47
N LEU A 334 16.15 13.23 -7.81
CA LEU A 334 16.94 12.52 -6.81
C LEU A 334 18.19 11.91 -7.41
N LEU A 335 18.11 11.46 -8.65
CA LEU A 335 19.28 10.88 -9.29
C LEU A 335 20.31 11.93 -9.67
N THR A 336 19.91 13.20 -9.76
CA THR A 336 20.83 14.29 -10.06
C THR A 336 21.08 15.19 -8.85
N HIS A 337 20.60 14.80 -7.68
CA HIS A 337 20.72 15.65 -6.51
C HIS A 337 22.19 15.76 -6.08
N PRO A 338 22.61 16.94 -5.60
CA PRO A 338 24.04 17.13 -5.30
C PRO A 338 24.57 16.25 -4.19
N LYS A 339 23.73 15.84 -3.24
CA LYS A 339 24.21 15.04 -2.12
C LYS A 339 24.45 13.60 -2.56
N GLU A 340 25.62 13.07 -2.22
CA GLU A 340 25.98 11.73 -2.64
C GLU A 340 25.07 10.69 -2.00
N LYS A 341 24.69 10.91 -0.73
CA LYS A 341 23.90 9.92 -0.02
C LYS A 341 22.53 9.73 -0.67
N ILE A 342 21.92 10.82 -1.17
CA ILE A 342 20.63 10.70 -1.82
C ILE A 342 20.76 9.93 -3.12
N ASN A 343 21.82 10.18 -3.89
CA ASN A 343 22.06 9.39 -5.08
C ASN A 343 22.15 7.91 -4.72
N LYS A 344 22.98 7.59 -3.74
CA LYS A 344 23.16 6.20 -3.32
C LYS A 344 21.83 5.57 -2.93
N GLU A 345 21.06 6.23 -2.07
CA GLU A 345 19.82 5.63 -1.60
C GLU A 345 18.81 5.50 -2.73
N ALA A 346 18.77 6.46 -3.65
CA ALA A 346 17.80 6.38 -4.74
C ALA A 346 18.15 5.25 -5.70
N VAL A 347 19.42 5.14 -6.07
CA VAL A 347 19.85 4.02 -6.92
C VAL A 347 19.61 2.70 -6.22
N TRP A 348 19.76 2.67 -4.90
CA TRP A 348 19.35 1.51 -4.13
C TRP A 348 17.87 1.21 -4.36
N PHE A 349 17.02 2.23 -4.20
CA PHE A 349 15.59 2.06 -4.44
C PHE A 349 15.33 1.40 -5.78
N LEU A 350 15.84 2.01 -6.84
CA LEU A 350 15.63 1.45 -8.16
C LEU A 350 16.20 0.05 -8.25
N SER A 351 17.28 -0.23 -7.53
CA SER A 351 17.83 -1.59 -7.54
C SER A 351 16.87 -2.57 -6.88
N ASN A 352 16.02 -2.10 -5.97
CA ASN A 352 14.97 -2.98 -5.50
C ASN A 352 13.79 -3.03 -6.44
N ILE A 353 13.57 -1.98 -7.24
CA ILE A 353 12.45 -1.99 -8.18
C ILE A 353 12.71 -2.95 -9.33
N THR A 354 13.92 -2.93 -9.89
CA THR A 354 14.23 -3.81 -11.00
C THR A 354 14.20 -5.27 -10.59
N ALA A 355 14.33 -5.57 -9.31
CA ALA A 355 14.28 -6.94 -8.87
C ALA A 355 12.85 -7.46 -8.78
N GLY A 356 11.87 -6.61 -9.02
CA GLY A 356 10.48 -7.02 -9.00
C GLY A 356 10.10 -7.79 -10.24
N ASN A 357 8.82 -7.76 -10.55
CA ASN A 357 8.32 -8.48 -11.71
C ASN A 357 8.65 -7.71 -12.98
N GLN A 358 8.28 -8.30 -14.11
CA GLN A 358 8.57 -7.66 -15.39
C GLN A 358 7.86 -6.33 -15.53
N GLN A 359 6.62 -6.25 -15.05
CA GLN A 359 5.84 -5.03 -15.17
C GLN A 359 6.55 -3.85 -14.52
N GLN A 360 7.11 -4.06 -13.33
CA GLN A 360 7.78 -2.98 -12.63
C GLN A 360 9.05 -2.57 -13.36
N VAL A 361 9.79 -3.53 -13.91
CA VAL A 361 10.97 -3.20 -14.69
C VAL A 361 10.57 -2.31 -15.86
N GLN A 362 9.51 -2.69 -16.57
CA GLN A 362 9.01 -1.85 -17.66
C GLN A 362 8.60 -0.47 -17.15
N ALA A 363 8.10 -0.40 -15.91
CA ALA A 363 7.75 0.90 -15.34
C ALA A 363 8.98 1.75 -15.07
N VAL A 364 10.12 1.11 -14.78
CA VAL A 364 11.36 1.87 -14.62
C VAL A 364 11.84 2.37 -15.97
N ILE A 365 11.84 1.50 -16.99
CA ILE A 365 12.30 1.90 -18.31
C ILE A 365 11.45 3.03 -18.86
N ASP A 366 10.13 2.94 -18.67
CA ASP A 366 9.22 3.96 -19.17
C ASP A 366 9.43 5.33 -18.52
N ALA A 367 10.19 5.42 -17.44
CA ALA A 367 10.42 6.70 -16.77
C ALA A 367 11.71 7.39 -17.22
N ASN A 368 12.37 6.91 -18.28
CA ASN A 368 13.59 7.53 -18.80
C ASN A 368 14.70 7.54 -17.76
N LEU A 369 14.70 6.60 -16.84
CA LEU A 369 15.65 6.61 -15.75
C LEU A 369 16.92 5.82 -16.04
N VAL A 370 16.88 4.89 -17.00
CA VAL A 370 18.07 4.06 -17.27
C VAL A 370 19.29 4.90 -17.64
N PRO A 371 19.20 5.93 -18.49
CA PRO A 371 20.40 6.70 -18.80
C PRO A 371 21.07 7.32 -17.59
N MET A 372 20.29 7.84 -16.63
CA MET A 372 20.92 8.39 -15.44
C MET A 372 21.47 7.30 -14.54
N ILE A 373 20.82 6.14 -14.47
CA ILE A 373 21.37 5.03 -13.71
C ILE A 373 22.74 4.66 -14.25
N ILE A 374 22.86 4.50 -15.56
CA ILE A 374 24.15 4.18 -16.15
C ILE A 374 25.13 5.32 -15.91
N HIS A 375 24.67 6.56 -16.05
CA HIS A 375 25.56 7.70 -15.84
C HIS A 375 26.18 7.65 -14.45
N LEU A 376 25.36 7.39 -13.44
CA LEU A 376 25.90 7.22 -12.09
C LEU A 376 26.76 5.98 -11.98
N LEU A 377 26.45 4.95 -12.75
CA LEU A 377 27.29 3.75 -12.78
C LEU A 377 28.67 4.04 -13.32
N ASP A 378 28.81 5.09 -14.12
CA ASP A 378 30.08 5.45 -14.74
C ASP A 378 30.82 6.52 -13.94
N LYS A 379 30.11 7.56 -13.51
CA LYS A 379 30.72 8.73 -12.90
C LYS A 379 30.24 9.01 -11.48
N GLY A 380 29.59 8.04 -10.83
CA GLY A 380 29.21 8.20 -9.44
C GLY A 380 30.32 7.76 -8.50
N ASP A 381 30.04 7.92 -7.20
CA ASP A 381 30.98 7.44 -6.20
C ASP A 381 30.87 5.93 -6.04
N PHE A 382 31.77 5.36 -5.24
CA PHE A 382 31.90 3.91 -5.18
C PHE A 382 30.61 3.25 -4.72
N GLY A 383 29.98 3.81 -3.69
CA GLY A 383 28.75 3.21 -3.18
C GLY A 383 27.65 3.23 -4.21
N THR A 384 27.40 4.39 -4.81
CA THR A 384 26.36 4.47 -5.83
C THR A 384 26.67 3.55 -7.00
N GLN A 385 27.94 3.45 -7.39
CA GLN A 385 28.31 2.50 -8.44
C GLN A 385 27.94 1.09 -8.04
N LYS A 386 28.18 0.74 -6.79
CA LYS A 386 27.79 -0.59 -6.30
C LYS A 386 26.29 -0.80 -6.46
N GLU A 387 25.49 0.11 -5.89
CA GLU A 387 24.05 -0.04 -5.96
C GLU A 387 23.55 -0.08 -7.39
N ALA A 388 24.15 0.71 -8.28
CA ALA A 388 23.77 0.66 -9.67
C ALA A 388 24.08 -0.70 -10.27
N ALA A 389 25.26 -1.24 -9.96
CA ALA A 389 25.58 -2.59 -10.43
C ALA A 389 24.51 -3.57 -10.01
N TRP A 390 24.06 -3.48 -8.76
CA TRP A 390 22.95 -4.33 -8.35
C TRP A 390 21.70 -4.06 -9.18
N ALA A 391 21.42 -2.81 -9.50
CA ALA A 391 20.23 -2.53 -10.30
C ALA A 391 20.31 -3.22 -11.65
N ILE A 392 21.46 -3.10 -12.32
CA ILE A 392 21.64 -3.68 -13.63
C ILE A 392 21.50 -5.19 -13.56
N SER A 393 22.16 -5.81 -12.58
CA SER A 393 22.12 -7.26 -12.49
C SER A 393 20.70 -7.75 -12.19
N ASN A 394 20.00 -7.07 -11.30
CA ASN A 394 18.62 -7.45 -10.99
C ASN A 394 17.75 -7.34 -12.22
N LEU A 395 17.86 -6.23 -12.95
CA LEU A 395 17.13 -6.10 -14.21
C LEU A 395 17.52 -7.20 -15.18
N THR A 396 18.76 -7.67 -15.08
CA THR A 396 19.24 -8.69 -16.00
C THR A 396 18.59 -10.03 -15.74
N ILE A 397 18.50 -10.42 -14.47
CA ILE A 397 17.92 -11.73 -14.21
C ILE A 397 16.41 -11.66 -14.21
N SER A 398 15.82 -10.50 -13.94
CA SER A 398 14.38 -10.39 -13.85
C SER A 398 13.72 -9.93 -15.15
N GLY A 399 14.41 -9.13 -15.94
CA GLY A 399 13.78 -8.53 -17.10
C GLY A 399 13.59 -9.48 -18.26
N ARG A 400 12.82 -9.01 -19.23
CA ARG A 400 12.59 -9.74 -20.46
C ARG A 400 13.76 -9.55 -21.40
N LYS A 401 13.72 -10.23 -22.55
CA LYS A 401 14.82 -10.16 -23.49
C LYS A 401 14.90 -8.79 -24.17
N ASP A 402 13.75 -8.25 -24.57
CA ASP A 402 13.74 -6.92 -25.17
C ASP A 402 14.15 -5.84 -24.19
N GLN A 403 13.85 -6.02 -22.91
CA GLN A 403 14.25 -5.04 -21.90
C GLN A 403 15.76 -5.00 -21.76
N VAL A 404 16.39 -6.16 -21.58
CA VAL A 404 17.84 -6.22 -21.55
C VAL A 404 18.43 -5.68 -22.84
N ALA A 405 17.74 -5.90 -23.97
CA ALA A 405 18.19 -5.30 -25.22
C ALA A 405 18.23 -3.79 -25.12
N TYR A 406 17.15 -3.19 -24.61
CA TYR A 406 17.13 -1.75 -24.37
C TYR A 406 18.28 -1.32 -23.49
N LEU A 407 18.57 -2.09 -22.45
CA LEU A 407 19.69 -1.76 -21.59
C LEU A 407 21.00 -1.76 -22.37
N ILE A 408 21.17 -2.74 -23.26
CA ILE A 408 22.43 -2.82 -24.01
C ILE A 408 22.56 -1.64 -24.94
N GLN A 409 21.50 -1.32 -25.68
CA GLN A 409 21.60 -0.22 -26.62
C GLN A 409 21.68 1.14 -25.94
N GLN A 410 21.72 1.19 -24.61
CA GLN A 410 21.94 2.43 -23.87
C GLN A 410 23.39 2.56 -23.42
N ASN A 411 24.30 1.83 -24.05
CA ASN A 411 25.73 1.94 -23.78
C ASN A 411 26.06 1.60 -22.33
N VAL A 412 25.51 0.48 -21.87
CA VAL A 412 25.74 0.07 -20.49
C VAL A 412 26.95 -0.83 -20.33
N ILE A 413 27.37 -1.50 -21.39
CA ILE A 413 28.43 -2.50 -21.25
C ILE A 413 29.76 -1.89 -20.81
N PRO A 414 30.25 -0.80 -21.41
CA PRO A 414 31.57 -0.29 -20.99
C PRO A 414 31.60 0.13 -19.53
N PRO A 415 30.70 1.01 -19.05
CA PRO A 415 30.79 1.37 -17.63
C PRO A 415 30.46 0.22 -16.71
N PHE A 416 29.55 -0.67 -17.11
CA PHE A 416 29.25 -1.83 -16.29
C PHE A 416 30.44 -2.76 -16.16
N CYS A 417 31.29 -2.81 -17.18
CA CYS A 417 32.45 -3.69 -17.13
C CYS A 417 33.65 -3.02 -16.49
N ASN A 418 33.75 -1.69 -16.56
CA ASN A 418 34.87 -1.00 -15.95
C ASN A 418 34.93 -1.17 -14.45
N LEU A 419 33.92 -1.77 -13.83
CA LEU A 419 33.94 -2.01 -12.39
C LEU A 419 34.67 -3.28 -12.01
N LEU A 420 35.01 -4.13 -12.98
CA LEU A 420 35.64 -5.40 -12.66
C LEU A 420 37.01 -5.24 -12.02
N THR A 421 37.56 -4.03 -11.98
CA THR A 421 38.90 -3.80 -11.43
C THR A 421 38.88 -3.38 -9.97
N VAL A 422 37.71 -3.29 -9.33
CA VAL A 422 37.66 -2.86 -7.94
C VAL A 422 38.08 -4.00 -7.03
N LYS A 423 38.42 -3.64 -5.79
CA LYS A 423 38.87 -4.61 -4.81
C LYS A 423 37.73 -5.36 -4.14
N ASP A 424 36.49 -4.93 -4.32
CA ASP A 424 35.35 -5.57 -3.68
C ASP A 424 34.92 -6.80 -4.47
N ALA A 425 34.99 -7.97 -3.84
CA ALA A 425 34.61 -9.20 -4.54
C ALA A 425 33.12 -9.26 -4.81
N GLN A 426 32.31 -8.65 -3.95
CA GLN A 426 30.85 -8.71 -4.13
C GLN A 426 30.46 -8.02 -5.43
N VAL A 427 30.98 -6.83 -5.66
CA VAL A 427 30.68 -6.11 -6.90
C VAL A 427 31.10 -6.93 -8.10
N VAL A 428 32.25 -7.58 -8.02
CA VAL A 428 32.73 -8.39 -9.13
C VAL A 428 31.78 -9.56 -9.39
N GLN A 429 31.31 -10.21 -8.32
CA GLN A 429 30.33 -11.27 -8.51
C GLN A 429 29.05 -10.73 -9.15
N VAL A 430 28.66 -9.51 -8.79
CA VAL A 430 27.46 -8.92 -9.37
C VAL A 430 27.64 -8.70 -10.87
N VAL A 431 28.77 -8.10 -11.24
CA VAL A 431 29.00 -7.78 -12.65
C VAL A 431 29.14 -9.05 -13.47
N LEU A 432 29.95 -9.99 -13.00
CA LEU A 432 30.15 -11.23 -13.75
C LEU A 432 28.84 -12.00 -13.86
N ASP A 433 28.06 -12.04 -12.78
CA ASP A 433 26.79 -12.75 -12.87
C ASP A 433 25.86 -12.07 -13.84
N GLY A 434 25.84 -10.74 -13.84
CA GLY A 434 25.01 -10.02 -14.79
C GLY A 434 25.41 -10.28 -16.23
N LEU A 435 26.70 -10.17 -16.53
CA LEU A 435 27.16 -10.43 -17.89
C LEU A 435 26.84 -11.86 -18.30
N SER A 436 27.11 -12.83 -17.41
CA SER A 436 26.79 -14.22 -17.73
C SER A 436 25.31 -14.38 -18.02
N ASN A 437 24.44 -13.71 -17.26
CA ASN A 437 23.02 -13.83 -17.51
C ASN A 437 22.63 -13.19 -18.84
N ILE A 438 23.28 -12.07 -19.18
CA ILE A 438 23.00 -11.43 -20.46
C ILE A 438 23.40 -12.34 -21.61
N LEU A 439 24.59 -12.91 -21.55
CA LEU A 439 25.04 -13.78 -22.63
C LEU A 439 24.19 -15.04 -22.71
N LYS A 440 23.79 -15.60 -21.57
CA LYS A 440 22.90 -16.76 -21.61
C LYS A 440 21.55 -16.39 -22.19
N MET A 441 21.12 -15.15 -22.01
CA MET A 441 19.79 -14.75 -22.47
C MET A 441 19.76 -14.55 -23.98
N ALA A 442 20.56 -13.61 -24.49
CA ALA A 442 20.61 -13.35 -25.92
C ALA A 442 21.39 -14.45 -26.63
N GLU A 443 20.76 -15.06 -27.64
CA GLU A 443 21.33 -16.22 -28.33
C GLU A 443 22.00 -15.85 -29.65
N ASP A 444 21.26 -15.21 -30.57
CA ASP A 444 21.81 -14.95 -31.89
C ASP A 444 22.82 -13.81 -31.87
N GLU A 445 22.56 -12.77 -31.07
CA GLU A 445 23.48 -11.64 -30.98
C GLU A 445 24.59 -11.86 -29.96
N ALA A 446 24.71 -13.07 -29.42
CA ALA A 446 25.81 -13.37 -28.51
C ALA A 446 27.15 -13.06 -29.15
N GLU A 447 27.26 -13.25 -30.46
CA GLU A 447 28.41 -12.77 -31.20
C GLU A 447 28.59 -11.27 -31.00
N THR A 448 27.56 -10.50 -31.38
CA THR A 448 27.63 -9.04 -31.29
C THR A 448 28.01 -8.59 -29.90
N ILE A 449 27.23 -8.99 -28.90
CA ILE A 449 27.52 -8.59 -27.53
C ILE A 449 28.93 -8.98 -27.12
N GLY A 450 29.34 -10.20 -27.46
CA GLY A 450 30.69 -10.62 -27.15
C GLY A 450 31.71 -9.65 -27.70
N ASN A 451 31.58 -9.29 -28.98
CA ASN A 451 32.47 -8.31 -29.56
C ASN A 451 32.35 -6.97 -28.86
N LEU A 452 31.17 -6.64 -28.32
CA LEU A 452 31.03 -5.40 -27.57
C LEU A 452 31.90 -5.41 -26.32
N ILE A 453 31.89 -6.53 -25.58
CA ILE A 453 32.77 -6.64 -24.43
C ILE A 453 34.22 -6.62 -24.88
N GLU A 454 34.51 -7.20 -26.05
CA GLU A 454 35.87 -7.18 -26.55
C GLU A 454 36.30 -5.76 -26.93
N GLU A 455 35.34 -4.90 -27.26
CA GLU A 455 35.65 -3.54 -27.67
C GLU A 455 36.04 -2.68 -26.47
N CYS A 456 35.23 -2.71 -25.41
CA CYS A 456 35.48 -1.92 -24.21
C CYS A 456 36.59 -2.46 -23.37
N GLY A 457 37.34 -3.46 -23.84
CA GLY A 457 38.41 -4.04 -23.07
C GLY A 457 37.97 -4.84 -21.86
N GLY A 458 36.67 -5.05 -21.68
CA GLY A 458 36.21 -5.83 -20.55
C GLY A 458 36.69 -7.27 -20.60
N LEU A 459 36.86 -7.82 -21.79
CA LEU A 459 37.35 -9.19 -21.90
C LEU A 459 38.75 -9.31 -21.31
N GLU A 460 39.60 -8.31 -21.52
CA GLU A 460 40.91 -8.30 -20.89
C GLU A 460 40.78 -8.37 -19.37
N LYS A 461 39.90 -7.54 -18.82
CA LYS A 461 39.70 -7.52 -17.37
C LYS A 461 39.25 -8.89 -16.87
N ILE A 462 38.31 -9.52 -17.58
CA ILE A 462 37.86 -10.84 -17.18
C ILE A 462 39.00 -11.83 -17.24
N GLU A 463 39.83 -11.74 -18.29
CA GLU A 463 40.94 -12.67 -18.43
C GLU A 463 41.97 -12.49 -17.31
N GLN A 464 42.12 -11.27 -16.80
CA GLN A 464 43.02 -11.07 -15.67
C GLN A 464 42.34 -11.27 -14.32
N LEU A 465 41.02 -11.49 -14.29
CA LEU A 465 40.37 -11.79 -13.03
C LEU A 465 40.52 -13.24 -12.60
N GLN A 466 40.96 -14.13 -13.49
CA GLN A 466 41.10 -15.55 -13.14
C GLN A 466 42.36 -15.74 -12.28
N ASN A 467 42.24 -15.40 -11.00
CA ASN A 467 43.32 -15.63 -10.06
C ASN A 467 42.71 -16.08 -8.73
N HIS A 468 43.54 -16.15 -7.70
CA HIS A 468 43.13 -16.81 -6.45
C HIS A 468 42.55 -15.85 -5.44
N GLU A 469 41.88 -14.79 -5.88
CA GLU A 469 41.27 -13.88 -4.94
C GLU A 469 40.00 -14.46 -4.33
N ASN A 470 39.27 -15.28 -5.09
CA ASN A 470 37.99 -15.80 -4.64
C ASN A 470 37.61 -16.99 -5.51
N GLU A 471 37.11 -18.05 -4.86
CA GLU A 471 36.72 -19.25 -5.61
C GLU A 471 35.68 -18.92 -6.68
N ASP A 472 34.70 -18.10 -6.31
CA ASP A 472 33.56 -17.87 -7.20
C ASP A 472 33.96 -17.01 -8.38
N ILE A 473 34.77 -15.99 -8.15
CA ILE A 473 35.19 -15.12 -9.24
C ILE A 473 35.99 -15.88 -10.29
N TYR A 474 36.93 -16.73 -9.87
CA TYR A 474 37.69 -17.45 -10.89
C TYR A 474 36.79 -18.48 -11.59
N LYS A 475 36.09 -19.32 -10.83
CA LYS A 475 35.32 -20.39 -11.48
C LYS A 475 34.26 -19.80 -12.41
N LEU A 476 33.44 -18.89 -11.91
CA LEU A 476 32.45 -18.22 -12.75
C LEU A 476 33.12 -17.50 -13.92
N ALA A 477 34.22 -16.82 -13.66
CA ALA A 477 34.92 -16.09 -14.71
C ALA A 477 35.31 -17.00 -15.87
N TYR A 478 35.98 -18.10 -15.56
CA TYR A 478 36.44 -18.93 -16.66
C TYR A 478 35.29 -19.71 -17.29
N GLU A 479 34.23 -20.00 -16.53
CA GLU A 479 33.05 -20.56 -17.16
C GLU A 479 32.48 -19.60 -18.21
N ILE A 480 32.43 -18.32 -17.88
CA ILE A 480 31.99 -17.33 -18.85
C ILE A 480 32.92 -17.30 -20.05
N ILE A 481 34.22 -17.28 -19.80
CA ILE A 481 35.19 -17.21 -20.90
C ILE A 481 35.03 -18.40 -21.83
N ASP A 482 35.19 -19.61 -21.30
CA ASP A 482 35.11 -20.81 -22.12
C ASP A 482 33.75 -20.95 -22.79
N GLN A 483 32.68 -20.51 -22.12
CA GLN A 483 31.36 -20.71 -22.72
C GLN A 483 31.11 -19.74 -23.86
N PHE A 484 31.44 -18.46 -23.66
CA PHE A 484 31.03 -17.44 -24.60
C PHE A 484 32.18 -16.77 -25.35
N PHE A 485 33.43 -17.00 -24.96
CA PHE A 485 34.56 -16.30 -25.56
C PHE A 485 35.59 -17.27 -26.15
N SER A 486 35.17 -18.45 -26.56
CA SER A 486 36.05 -19.35 -27.30
C SER A 486 36.02 -18.91 -28.76
N SER A 487 37.05 -18.18 -29.17
CA SER A 487 37.10 -17.50 -30.47
C SER A 487 35.98 -16.48 -30.60
N SER B 72 -31.52 -23.26 -37.15
CA SER B 72 -30.51 -24.03 -37.88
C SER B 72 -29.12 -23.75 -37.31
N LEU B 73 -28.07 -24.13 -38.05
CA LEU B 73 -26.73 -24.12 -37.47
C LEU B 73 -26.09 -22.75 -37.64
N GLU B 74 -25.97 -22.28 -38.87
CA GLU B 74 -25.25 -21.06 -39.15
C GLU B 74 -26.15 -19.93 -39.63
N ALA B 75 -27.40 -20.23 -40.00
CA ALA B 75 -28.37 -19.25 -40.47
C ALA B 75 -28.40 -17.97 -39.63
N ILE B 76 -28.21 -18.13 -38.31
CA ILE B 76 -28.38 -17.00 -37.40
C ILE B 76 -27.46 -15.84 -37.77
N VAL B 77 -26.25 -16.14 -38.23
CA VAL B 77 -25.31 -15.07 -38.56
C VAL B 77 -25.88 -14.14 -39.62
N GLN B 78 -26.73 -14.67 -40.51
CA GLN B 78 -27.42 -13.81 -41.47
C GLN B 78 -28.64 -13.15 -40.83
N ASN B 79 -29.38 -13.89 -40.01
CA ASN B 79 -30.56 -13.33 -39.37
C ASN B 79 -30.20 -12.24 -38.37
N ALA B 80 -29.01 -12.32 -37.78
CA ALA B 80 -28.54 -11.31 -36.84
C ALA B 80 -27.96 -10.08 -37.54
N SER B 81 -27.76 -10.13 -38.85
CA SER B 81 -27.25 -9.00 -39.60
C SER B 81 -28.35 -8.14 -40.19
N SER B 82 -29.62 -8.52 -40.02
CA SER B 82 -30.73 -7.79 -40.60
C SER B 82 -30.95 -6.47 -39.85
N ASP B 83 -31.82 -5.64 -40.41
CA ASP B 83 -32.25 -4.40 -39.78
C ASP B 83 -33.62 -4.52 -39.13
N ASN B 84 -34.29 -5.66 -39.27
CA ASN B 84 -35.58 -5.88 -38.64
C ASN B 84 -35.36 -6.31 -37.19
N GLN B 85 -35.83 -5.50 -36.25
CA GLN B 85 -35.56 -5.76 -34.84
C GLN B 85 -36.21 -7.06 -34.38
N GLY B 86 -37.30 -7.48 -35.03
CA GLY B 86 -37.88 -8.77 -34.71
C GLY B 86 -36.98 -9.92 -35.13
N ILE B 87 -36.48 -9.86 -36.35
CA ILE B 87 -35.52 -10.87 -36.83
C ILE B 87 -34.25 -10.82 -35.99
N GLN B 88 -33.86 -9.63 -35.54
CA GLN B 88 -32.71 -9.51 -34.64
C GLN B 88 -32.96 -10.26 -33.34
N LEU B 89 -34.03 -9.92 -32.64
CA LEU B 89 -34.31 -10.54 -31.34
C LEU B 89 -34.49 -12.04 -31.46
N SER B 90 -35.24 -12.49 -32.48
CA SER B 90 -35.43 -13.93 -32.66
C SER B 90 -34.12 -14.61 -33.00
N ALA B 91 -33.26 -13.94 -33.78
CA ALA B 91 -31.98 -14.52 -34.17
C ALA B 91 -31.07 -14.69 -32.96
N VAL B 92 -30.81 -13.60 -32.23
CA VAL B 92 -29.92 -13.66 -31.08
C VAL B 92 -30.51 -14.56 -29.99
N GLN B 93 -31.84 -14.66 -29.94
CA GLN B 93 -32.45 -15.57 -28.97
C GLN B 93 -32.21 -17.02 -29.36
N ALA B 94 -32.34 -17.34 -30.65
CA ALA B 94 -31.99 -18.68 -31.10
C ALA B 94 -30.52 -18.98 -30.85
N ALA B 95 -29.65 -17.97 -31.01
CA ALA B 95 -28.24 -18.14 -30.66
C ALA B 95 -28.09 -18.45 -29.18
N ARG B 96 -28.86 -17.76 -28.33
CA ARG B 96 -28.88 -18.09 -26.92
C ARG B 96 -29.25 -19.55 -26.71
N LYS B 97 -30.27 -20.02 -27.43
CA LYS B 97 -30.72 -21.40 -27.30
C LYS B 97 -29.60 -22.37 -27.67
N LEU B 98 -29.13 -22.31 -28.92
CA LEU B 98 -28.17 -23.29 -29.39
C LEU B 98 -26.83 -23.19 -28.66
N LEU B 99 -26.43 -21.99 -28.26
CA LEU B 99 -25.18 -21.85 -27.52
C LEU B 99 -25.31 -22.41 -26.10
N SER B 100 -26.36 -22.01 -25.38
CA SER B 100 -26.54 -22.48 -24.01
C SER B 100 -26.82 -23.98 -23.98
N SER B 101 -27.88 -24.42 -24.66
CA SER B 101 -28.15 -25.84 -24.75
C SER B 101 -27.02 -26.55 -25.48
N ASP B 102 -26.75 -27.79 -25.07
CA ASP B 102 -25.58 -28.50 -25.56
C ASP B 102 -25.91 -29.35 -26.79
N ARG B 103 -26.38 -28.65 -27.82
CA ARG B 103 -26.43 -29.18 -29.17
C ARG B 103 -25.30 -28.62 -30.02
N ASN B 104 -24.69 -27.52 -29.59
CA ASN B 104 -23.65 -26.90 -30.39
C ASN B 104 -22.34 -27.69 -30.29
N PRO B 105 -21.57 -27.74 -31.38
CA PRO B 105 -20.28 -28.42 -31.35
C PRO B 105 -19.26 -27.59 -30.58
N PRO B 106 -18.15 -28.19 -30.14
CA PRO B 106 -17.16 -27.41 -29.39
C PRO B 106 -16.58 -26.34 -30.30
N ILE B 107 -16.75 -25.09 -29.91
CA ILE B 107 -16.40 -23.94 -30.72
C ILE B 107 -14.88 -23.81 -30.80
N ASP B 108 -14.31 -24.17 -31.95
CA ASP B 108 -12.89 -23.93 -32.18
C ASP B 108 -12.67 -22.59 -32.87
N ASP B 109 -13.32 -21.56 -32.36
CA ASP B 109 -13.04 -20.22 -32.82
C ASP B 109 -13.12 -20.12 -34.32
N LEU B 110 -13.98 -20.94 -34.91
CA LEU B 110 -14.16 -20.90 -36.35
C LEU B 110 -15.60 -20.59 -36.72
N ILE B 111 -16.53 -21.36 -36.16
CA ILE B 111 -17.95 -21.03 -36.27
C ILE B 111 -18.23 -19.79 -35.45
N LYS B 112 -17.50 -19.62 -34.37
CA LYS B 112 -17.50 -18.47 -33.49
C LYS B 112 -16.83 -17.27 -34.12
N SER B 113 -16.56 -17.25 -35.42
CA SER B 113 -15.90 -16.08 -36.00
C SER B 113 -16.84 -14.89 -36.07
N GLY B 114 -17.95 -15.02 -36.81
CA GLY B 114 -18.85 -13.89 -36.95
C GLY B 114 -19.76 -13.69 -35.76
N ILE B 115 -20.13 -14.79 -35.09
CA ILE B 115 -21.12 -14.73 -34.02
C ILE B 115 -20.69 -13.77 -32.93
N LEU B 116 -19.43 -13.86 -32.49
CA LEU B 116 -18.97 -13.04 -31.37
C LEU B 116 -19.00 -11.55 -31.69
N PRO B 117 -18.39 -11.06 -32.77
CA PRO B 117 -18.48 -9.62 -33.03
C PRO B 117 -19.90 -9.16 -33.30
N ILE B 118 -20.72 -9.99 -33.95
CA ILE B 118 -22.10 -9.55 -34.20
C ILE B 118 -22.85 -9.38 -32.88
N LEU B 119 -22.65 -10.30 -31.94
CA LEU B 119 -23.34 -10.18 -30.66
C LEU B 119 -22.75 -9.11 -29.77
N VAL B 120 -21.44 -8.87 -29.83
CA VAL B 120 -20.88 -7.76 -29.07
C VAL B 120 -21.40 -6.43 -29.60
N HIS B 121 -21.49 -6.30 -30.92
CA HIS B 121 -21.94 -5.05 -31.49
C HIS B 121 -23.42 -4.82 -31.24
N CYS B 122 -24.23 -5.90 -31.24
CA CYS B 122 -25.61 -5.72 -30.80
C CYS B 122 -25.70 -5.51 -29.30
N LEU B 123 -24.68 -5.95 -28.55
CA LEU B 123 -24.61 -5.63 -27.13
C LEU B 123 -24.43 -4.13 -26.92
N GLU B 124 -23.81 -3.44 -27.89
CA GLU B 124 -23.69 -1.99 -27.76
C GLU B 124 -25.05 -1.28 -27.83
N ARG B 125 -25.99 -1.80 -28.60
CA ARG B 125 -27.18 -1.02 -28.99
C ARG B 125 -28.08 -0.76 -27.79
N ASP B 126 -28.21 0.50 -27.40
CA ASP B 126 -29.15 0.92 -26.39
C ASP B 126 -30.48 1.33 -27.03
N ASP B 127 -31.51 1.39 -26.19
CA ASP B 127 -32.96 1.54 -26.43
C ASP B 127 -33.57 0.19 -26.80
N ASN B 128 -32.77 -0.87 -26.90
CA ASN B 128 -33.25 -2.21 -27.18
C ASN B 128 -32.73 -3.12 -26.08
N PRO B 129 -33.36 -3.09 -24.90
CA PRO B 129 -32.82 -3.85 -23.77
C PRO B 129 -32.89 -5.35 -23.95
N SER B 130 -33.94 -5.86 -24.62
CA SER B 130 -34.05 -7.30 -24.81
C SER B 130 -32.87 -7.85 -25.60
N LEU B 131 -32.42 -7.12 -26.62
CA LEU B 131 -31.26 -7.53 -27.39
C LEU B 131 -30.03 -7.65 -26.51
N GLN B 132 -29.74 -6.60 -25.73
CA GLN B 132 -28.61 -6.64 -24.81
C GLN B 132 -28.71 -7.81 -23.85
N PHE B 133 -29.91 -8.07 -23.33
CA PHE B 133 -30.08 -9.15 -22.37
C PHE B 133 -29.80 -10.51 -23.01
N GLU B 134 -30.34 -10.74 -24.21
CA GLU B 134 -30.10 -12.01 -24.87
C GLU B 134 -28.62 -12.19 -25.19
N ALA B 135 -27.98 -11.13 -25.70
CA ALA B 135 -26.57 -11.20 -26.04
C ALA B 135 -25.71 -11.52 -24.82
N ALA B 136 -25.86 -10.71 -23.76
CA ALA B 136 -25.09 -10.95 -22.55
C ALA B 136 -25.39 -12.31 -21.96
N TRP B 137 -26.61 -12.83 -22.16
CA TRP B 137 -26.89 -14.21 -21.80
C TRP B 137 -25.97 -15.15 -22.56
N ALA B 138 -25.89 -14.95 -23.88
CA ALA B 138 -25.07 -15.81 -24.72
C ALA B 138 -23.60 -15.77 -24.28
N LEU B 139 -23.01 -14.57 -24.20
CA LEU B 139 -21.63 -14.44 -23.74
C LEU B 139 -21.45 -15.07 -22.37
N THR B 140 -22.42 -14.88 -21.48
CA THR B 140 -22.38 -15.54 -20.19
C THR B 140 -22.20 -17.04 -20.36
N ASN B 141 -23.08 -17.69 -21.11
CA ASN B 141 -22.99 -19.15 -21.21
C ASN B 141 -21.77 -19.60 -21.99
N ILE B 142 -21.20 -18.74 -22.83
CA ILE B 142 -20.00 -19.11 -23.58
C ILE B 142 -18.76 -19.06 -22.68
N ALA B 143 -18.61 -17.97 -21.92
CA ALA B 143 -17.45 -17.83 -21.04
C ALA B 143 -17.42 -18.87 -19.93
N SER B 144 -18.52 -19.59 -19.71
CA SER B 144 -18.58 -20.59 -18.66
C SER B 144 -17.76 -21.83 -18.97
N GLY B 145 -17.36 -22.02 -20.22
CA GLY B 145 -16.66 -23.23 -20.59
C GLY B 145 -15.20 -23.23 -20.21
N THR B 146 -14.37 -23.84 -21.06
CA THR B 146 -12.94 -23.92 -20.81
C THR B 146 -12.33 -22.52 -20.83
N SER B 147 -11.10 -22.45 -20.32
CA SER B 147 -10.39 -21.17 -20.28
C SER B 147 -10.19 -20.59 -21.67
N GLU B 148 -9.98 -21.44 -22.67
CA GLU B 148 -9.77 -20.95 -24.02
C GLU B 148 -11.04 -20.27 -24.56
N GLN B 149 -12.21 -20.76 -24.18
CA GLN B 149 -13.45 -20.11 -24.59
C GLN B 149 -13.53 -18.71 -23.99
N THR B 150 -13.22 -18.59 -22.70
CA THR B 150 -13.20 -17.29 -22.06
C THR B 150 -12.21 -16.36 -22.75
N GLN B 151 -11.05 -16.89 -23.16
CA GLN B 151 -10.13 -16.10 -23.97
C GLN B 151 -10.79 -15.65 -25.26
N ALA B 152 -11.57 -16.53 -25.89
CA ALA B 152 -12.28 -16.12 -27.10
C ALA B 152 -13.28 -15.01 -26.79
N VAL B 153 -13.80 -14.96 -25.58
CA VAL B 153 -14.73 -13.88 -25.22
C VAL B 153 -13.98 -12.58 -25.00
N VAL B 154 -12.88 -12.62 -24.25
CA VAL B 154 -12.18 -11.39 -23.92
C VAL B 154 -11.46 -10.81 -25.12
N GLN B 155 -11.08 -11.66 -26.09
CA GLN B 155 -10.47 -11.13 -27.30
C GLN B 155 -11.45 -10.33 -28.14
N SER B 156 -12.76 -10.53 -27.93
CA SER B 156 -13.76 -9.71 -28.60
C SER B 156 -13.85 -8.32 -28.00
N ASN B 157 -13.10 -8.02 -26.94
CA ASN B 157 -13.11 -6.72 -26.29
C ASN B 157 -14.52 -6.33 -25.85
N ALA B 158 -15.25 -7.30 -25.31
CA ALA B 158 -16.60 -7.07 -24.81
C ALA B 158 -16.64 -6.55 -23.39
N VAL B 159 -15.53 -6.65 -22.65
CA VAL B 159 -15.56 -6.28 -21.24
C VAL B 159 -15.91 -4.82 -21.01
N PRO B 160 -15.29 -3.85 -21.70
CA PRO B 160 -15.71 -2.45 -21.50
C PRO B 160 -17.18 -2.22 -21.78
N LEU B 161 -17.78 -3.03 -22.65
CA LEU B 161 -19.21 -2.89 -22.91
C LEU B 161 -20.03 -3.43 -21.75
N PHE B 162 -19.59 -4.52 -21.14
CA PHE B 162 -20.23 -4.96 -19.90
C PHE B 162 -20.15 -3.87 -18.84
N LEU B 163 -18.97 -3.27 -18.68
CA LEU B 163 -18.81 -2.20 -17.72
C LEU B 163 -19.73 -1.03 -18.03
N ARG B 164 -19.91 -0.73 -19.32
CA ARG B 164 -20.89 0.26 -19.72
C ARG B 164 -22.30 -0.18 -19.32
N LEU B 165 -22.58 -1.48 -19.38
CA LEU B 165 -23.89 -1.98 -19.01
C LEU B 165 -24.12 -1.94 -17.52
N LEU B 166 -23.06 -1.87 -16.71
CA LEU B 166 -23.24 -1.74 -15.27
C LEU B 166 -23.98 -0.47 -14.89
N HIS B 167 -24.11 0.49 -15.81
CA HIS B 167 -24.81 1.74 -15.55
C HIS B 167 -26.18 1.78 -16.20
N SER B 168 -26.65 0.66 -16.76
CA SER B 168 -27.96 0.63 -17.39
C SER B 168 -29.07 0.77 -16.36
N PRO B 169 -30.20 1.38 -16.74
CA PRO B 169 -31.33 1.47 -15.80
C PRO B 169 -32.08 0.18 -15.63
N HIS B 170 -32.02 -0.74 -16.58
CA HIS B 170 -32.71 -2.01 -16.47
C HIS B 170 -31.94 -2.96 -15.57
N GLN B 171 -32.61 -3.47 -14.54
CA GLN B 171 -31.93 -4.32 -13.56
C GLN B 171 -31.50 -5.65 -14.18
N ASN B 172 -32.27 -6.19 -15.12
CA ASN B 172 -31.89 -7.47 -15.73
C ASN B 172 -30.57 -7.36 -16.48
N VAL B 173 -30.35 -6.24 -17.17
CA VAL B 173 -29.10 -6.06 -17.91
C VAL B 173 -27.93 -5.97 -16.96
N CYS B 174 -28.06 -5.16 -15.91
CA CYS B 174 -27.01 -5.06 -14.91
C CYS B 174 -26.70 -6.42 -14.31
N GLU B 175 -27.74 -7.15 -13.90
CA GLU B 175 -27.52 -8.45 -13.26
C GLU B 175 -26.82 -9.42 -14.21
N GLN B 176 -27.23 -9.44 -15.47
CA GLN B 176 -26.60 -10.34 -16.42
C GLN B 176 -25.14 -9.95 -16.66
N ALA B 177 -24.86 -8.65 -16.74
CA ALA B 177 -23.49 -8.21 -16.92
C ALA B 177 -22.64 -8.62 -15.73
N VAL B 178 -23.13 -8.39 -14.51
CA VAL B 178 -22.42 -8.83 -13.32
C VAL B 178 -22.18 -10.33 -13.36
N TRP B 179 -23.14 -11.09 -13.87
CA TRP B 179 -22.97 -12.53 -14.02
C TRP B 179 -21.78 -12.83 -14.93
N ALA B 180 -21.81 -12.29 -16.15
CA ALA B 180 -20.77 -12.60 -17.12
C ALA B 180 -19.40 -12.14 -16.63
N LEU B 181 -19.32 -10.94 -16.07
CA LEU B 181 -18.06 -10.50 -15.48
C LEU B 181 -17.62 -11.45 -14.39
N GLY B 182 -18.57 -12.00 -13.65
CA GLY B 182 -18.24 -13.03 -12.67
C GLY B 182 -17.54 -14.21 -13.31
N ASN B 183 -18.07 -14.71 -14.42
CA ASN B 183 -17.42 -15.84 -15.07
C ASN B 183 -16.02 -15.47 -15.54
N ILE B 184 -15.91 -14.38 -16.30
CA ILE B 184 -14.62 -13.98 -16.87
C ILE B 184 -13.59 -13.81 -15.78
N ILE B 185 -13.94 -13.12 -14.70
CA ILE B 185 -12.99 -12.96 -13.61
C ILE B 185 -12.63 -14.31 -13.02
N GLY B 186 -13.64 -15.17 -12.84
CA GLY B 186 -13.41 -16.48 -12.25
C GLY B 186 -12.55 -17.39 -13.10
N ASP B 187 -12.37 -17.05 -14.38
CA ASP B 187 -11.54 -17.89 -15.25
C ASP B 187 -10.14 -18.04 -14.69
N GLY B 188 -9.40 -16.95 -14.59
CA GLY B 188 -8.02 -17.01 -14.18
C GLY B 188 -7.53 -15.71 -13.59
N PRO B 189 -6.32 -15.73 -13.03
CA PRO B 189 -5.79 -14.50 -12.42
C PRO B 189 -5.43 -13.43 -13.42
N GLN B 190 -4.95 -13.79 -14.61
CA GLN B 190 -4.61 -12.78 -15.60
C GLN B 190 -5.86 -12.04 -16.08
N CYS B 191 -6.92 -12.80 -16.38
CA CYS B 191 -8.20 -12.17 -16.74
C CYS B 191 -8.72 -11.33 -15.58
N ARG B 192 -8.52 -11.80 -14.36
CA ARG B 192 -8.94 -11.05 -13.17
C ARG B 192 -8.25 -9.68 -13.11
N ASP B 193 -6.92 -9.68 -13.23
CA ASP B 193 -6.20 -8.41 -13.22
C ASP B 193 -6.57 -7.54 -14.41
N TYR B 194 -6.91 -8.15 -15.55
CA TYR B 194 -7.41 -7.39 -16.69
C TYR B 194 -8.70 -6.66 -16.34
N VAL B 195 -9.68 -7.39 -15.82
CA VAL B 195 -10.97 -6.78 -15.54
C VAL B 195 -10.84 -5.73 -14.45
N ILE B 196 -9.98 -5.97 -13.46
CA ILE B 196 -9.76 -4.95 -12.45
C ILE B 196 -9.10 -3.72 -13.06
N SER B 197 -8.18 -3.93 -13.99
CA SER B 197 -7.48 -2.81 -14.61
C SER B 197 -8.42 -1.84 -15.30
N LEU B 198 -9.65 -2.26 -15.62
CA LEU B 198 -10.61 -1.41 -16.28
C LEU B 198 -11.56 -0.71 -15.32
N GLY B 199 -11.48 -1.00 -14.03
CA GLY B 199 -12.28 -0.31 -13.03
C GLY B 199 -13.65 -0.90 -12.80
N VAL B 200 -13.71 -2.18 -12.45
CA VAL B 200 -14.98 -2.83 -12.18
C VAL B 200 -15.31 -2.83 -10.70
N VAL B 201 -14.30 -2.74 -9.83
CA VAL B 201 -14.51 -2.96 -8.40
C VAL B 201 -15.43 -1.90 -7.82
N LYS B 202 -15.09 -0.63 -8.01
CA LYS B 202 -15.92 0.44 -7.46
C LYS B 202 -17.35 0.42 -7.99
N PRO B 203 -17.60 0.27 -9.29
CA PRO B 203 -19.00 0.16 -9.74
C PRO B 203 -19.72 -1.05 -9.15
N LEU B 204 -19.03 -2.19 -9.03
CA LEU B 204 -19.68 -3.36 -8.46
C LEU B 204 -20.05 -3.12 -7.00
N LEU B 205 -19.13 -2.58 -6.22
CA LEU B 205 -19.39 -2.35 -4.81
C LEU B 205 -20.43 -1.26 -4.61
N SER B 206 -20.54 -0.32 -5.54
CA SER B 206 -21.53 0.73 -5.44
C SER B 206 -22.95 0.18 -5.42
N PHE B 207 -23.15 -1.07 -5.83
CA PHE B 207 -24.48 -1.66 -5.86
C PHE B 207 -24.98 -2.07 -4.48
N ILE B 208 -24.09 -2.15 -3.49
CA ILE B 208 -24.50 -2.61 -2.16
C ILE B 208 -25.34 -1.53 -1.49
N SER B 209 -26.61 -1.84 -1.26
CA SER B 209 -27.53 -0.92 -0.60
C SER B 209 -28.57 -1.74 0.14
N PRO B 210 -29.21 -1.17 1.16
CA PRO B 210 -30.26 -1.92 1.87
C PRO B 210 -31.48 -2.23 1.01
N SER B 211 -31.60 -1.63 -0.17
CA SER B 211 -32.73 -1.85 -1.06
C SER B 211 -32.39 -2.79 -2.21
N ILE B 212 -31.24 -3.46 -2.15
CA ILE B 212 -30.80 -4.35 -3.22
C ILE B 212 -31.62 -5.64 -3.18
N PRO B 213 -31.97 -6.21 -4.32
CA PRO B 213 -32.55 -7.56 -4.31
C PRO B 213 -31.55 -8.57 -3.78
N ILE B 214 -32.09 -9.65 -3.19
CA ILE B 214 -31.24 -10.63 -2.52
C ILE B 214 -30.47 -11.46 -3.53
N THR B 215 -31.12 -11.88 -4.62
CA THR B 215 -30.45 -12.72 -5.61
C THR B 215 -29.28 -11.97 -6.25
N PHE B 216 -29.54 -10.78 -6.77
CA PHE B 216 -28.49 -9.96 -7.35
C PHE B 216 -27.35 -9.76 -6.37
N LEU B 217 -27.68 -9.56 -5.10
CA LEU B 217 -26.63 -9.44 -4.09
C LEU B 217 -25.81 -10.72 -3.99
N ARG B 218 -26.47 -11.88 -4.06
CA ARG B 218 -25.73 -13.14 -4.03
C ARG B 218 -24.78 -13.24 -5.20
N ASN B 219 -25.21 -12.79 -6.38
CA ASN B 219 -24.31 -12.79 -7.53
C ASN B 219 -23.15 -11.83 -7.31
N VAL B 220 -23.41 -10.68 -6.70
CA VAL B 220 -22.33 -9.72 -6.44
C VAL B 220 -21.29 -10.33 -5.51
N THR B 221 -21.75 -10.91 -4.40
CA THR B 221 -20.83 -11.58 -3.50
C THR B 221 -20.05 -12.67 -4.23
N TRP B 222 -20.74 -13.43 -5.08
CA TRP B 222 -20.05 -14.43 -5.88
C TRP B 222 -18.92 -13.83 -6.68
N VAL B 223 -19.18 -12.71 -7.36
CA VAL B 223 -18.12 -12.05 -8.12
C VAL B 223 -17.00 -11.62 -7.19
N MET B 224 -17.32 -11.22 -5.96
CA MET B 224 -16.27 -10.92 -4.99
C MET B 224 -15.42 -12.14 -4.73
N VAL B 225 -16.05 -13.29 -4.55
CA VAL B 225 -15.31 -14.52 -4.33
C VAL B 225 -14.38 -14.80 -5.50
N ASN B 226 -14.88 -14.63 -6.72
CA ASN B 226 -13.99 -14.80 -7.87
C ASN B 226 -12.86 -13.80 -7.86
N LEU B 227 -13.11 -12.59 -7.36
CA LEU B 227 -12.04 -11.60 -7.30
C LEU B 227 -10.95 -12.00 -6.31
N CYS B 228 -11.34 -12.61 -5.19
CA CYS B 228 -10.36 -12.94 -4.16
C CYS B 228 -9.60 -14.22 -4.44
N ARG B 229 -9.96 -14.95 -5.49
CA ARG B 229 -9.40 -16.27 -5.76
C ARG B 229 -8.02 -16.12 -6.39
N HIS B 230 -7.43 -17.24 -6.82
CA HIS B 230 -6.23 -17.26 -7.68
C HIS B 230 -5.04 -16.57 -7.01
N LYS B 231 -4.58 -17.20 -5.93
CA LYS B 231 -3.47 -16.67 -5.14
C LYS B 231 -2.14 -16.68 -5.87
N ASP B 232 -2.04 -17.26 -7.08
CA ASP B 232 -0.73 -17.44 -7.70
C ASP B 232 -0.11 -16.03 -7.99
N PRO B 233 -0.67 -15.20 -8.81
CA PRO B 233 -0.47 -13.77 -8.59
C PRO B 233 -1.57 -13.20 -7.72
N PRO B 234 -1.23 -12.76 -6.51
CA PRO B 234 -2.26 -12.32 -5.57
C PRO B 234 -3.05 -11.16 -6.14
N PRO B 235 -4.32 -11.03 -5.75
CA PRO B 235 -5.11 -9.91 -6.25
C PRO B 235 -4.50 -8.59 -5.84
N PRO B 236 -4.75 -7.54 -6.61
CA PRO B 236 -4.09 -6.26 -6.34
C PRO B 236 -4.41 -5.73 -4.95
N MET B 237 -3.41 -5.08 -4.37
CA MET B 237 -3.55 -4.54 -3.02
C MET B 237 -4.73 -3.57 -2.94
N GLU B 238 -4.78 -2.60 -3.85
CA GLU B 238 -5.84 -1.59 -3.83
C GLU B 238 -7.21 -2.23 -3.93
N THR B 239 -7.32 -3.29 -4.74
CA THR B 239 -8.60 -3.99 -4.88
C THR B 239 -9.06 -4.58 -3.56
N ILE B 240 -8.16 -5.23 -2.84
CA ILE B 240 -8.53 -5.76 -1.53
C ILE B 240 -8.91 -4.62 -0.61
N GLN B 241 -8.10 -3.54 -0.62
CA GLN B 241 -8.44 -2.37 0.19
C GLN B 241 -9.83 -1.85 -0.12
N GLU B 242 -10.30 -2.03 -1.35
CA GLU B 242 -11.64 -1.60 -1.68
C GLU B 242 -12.70 -2.61 -1.29
N ILE B 243 -12.35 -3.91 -1.28
CA ILE B 243 -13.34 -4.94 -1.03
C ILE B 243 -13.62 -5.09 0.46
N LEU B 244 -12.57 -5.11 1.28
CA LEU B 244 -12.70 -5.48 2.69
C LEU B 244 -13.85 -4.79 3.42
N PRO B 245 -14.01 -3.46 3.39
CA PRO B 245 -15.12 -2.86 4.15
C PRO B 245 -16.48 -3.37 3.69
N ALA B 246 -16.65 -3.60 2.39
CA ALA B 246 -17.89 -4.19 1.91
C ALA B 246 -18.13 -5.55 2.54
N LEU B 247 -17.07 -6.36 2.67
CA LEU B 247 -17.21 -7.64 3.35
C LEU B 247 -17.56 -7.44 4.82
N CYS B 248 -16.95 -6.45 5.48
CA CYS B 248 -17.32 -6.17 6.86
C CYS B 248 -18.79 -5.78 6.98
N VAL B 249 -19.36 -5.21 5.92
CA VAL B 249 -20.79 -4.91 5.94
C VAL B 249 -21.60 -6.16 5.68
N LEU B 250 -21.14 -7.02 4.77
CA LEU B 250 -21.90 -8.21 4.41
C LEU B 250 -21.86 -9.29 5.48
N ILE B 251 -20.84 -9.28 6.34
CA ILE B 251 -20.68 -10.37 7.30
C ILE B 251 -21.78 -10.34 8.35
N HIS B 252 -22.40 -9.19 8.58
CA HIS B 252 -23.51 -9.10 9.53
C HIS B 252 -24.85 -9.48 8.91
N HIS B 253 -24.87 -9.86 7.64
CA HIS B 253 -26.13 -10.07 6.95
C HIS B 253 -26.81 -11.34 7.45
N THR B 254 -28.15 -11.35 7.39
CA THR B 254 -28.92 -12.44 7.95
C THR B 254 -28.95 -13.68 7.07
N ASP B 255 -28.82 -13.50 5.75
CA ASP B 255 -28.89 -14.64 4.84
C ASP B 255 -27.74 -15.60 5.08
N VAL B 256 -28.01 -16.88 4.87
CA VAL B 256 -26.99 -17.91 5.08
C VAL B 256 -26.00 -17.92 3.93
N ASN B 257 -26.49 -17.98 2.69
CA ASN B 257 -25.60 -18.14 1.54
C ASN B 257 -24.70 -16.93 1.36
N ILE B 258 -25.24 -15.72 1.52
CA ILE B 258 -24.42 -14.52 1.42
C ILE B 258 -23.29 -14.56 2.43
N LEU B 259 -23.62 -14.92 3.67
CA LEU B 259 -22.59 -15.06 4.69
C LEU B 259 -21.55 -16.08 4.29
N VAL B 260 -21.98 -17.23 3.76
CA VAL B 260 -21.05 -18.27 3.34
C VAL B 260 -20.09 -17.71 2.30
N ASP B 261 -20.63 -17.13 1.22
CA ASP B 261 -19.77 -16.60 0.17
C ASP B 261 -18.82 -15.54 0.71
N THR B 262 -19.31 -14.67 1.57
CA THR B 262 -18.44 -13.68 2.19
C THR B 262 -17.27 -14.35 2.89
N VAL B 263 -17.57 -15.34 3.74
CA VAL B 263 -16.53 -16.00 4.50
C VAL B 263 -15.55 -16.71 3.59
N TRP B 264 -16.02 -17.25 2.46
CA TRP B 264 -15.08 -17.86 1.52
C TRP B 264 -14.19 -16.80 0.88
N ALA B 265 -14.76 -15.63 0.57
CA ALA B 265 -13.93 -14.53 0.11
C ALA B 265 -12.82 -14.24 1.12
N LEU B 266 -13.18 -14.19 2.40
CA LEU B 266 -12.15 -14.02 3.43
C LEU B 266 -11.14 -15.17 3.39
N SER B 267 -11.61 -16.40 3.16
CA SER B 267 -10.71 -17.54 3.13
C SER B 267 -9.66 -17.38 2.04
N TYR B 268 -10.10 -17.01 0.84
CA TYR B 268 -9.14 -16.82 -0.25
C TYR B 268 -8.23 -15.64 0.03
N LEU B 269 -8.76 -14.56 0.60
CA LEU B 269 -7.88 -13.44 0.97
C LEU B 269 -6.79 -13.87 1.91
N THR B 270 -7.11 -14.72 2.88
CA THR B 270 -6.12 -15.16 3.86
C THR B 270 -5.17 -16.21 3.29
N ASP B 271 -5.67 -17.06 2.40
CA ASP B 271 -4.82 -18.09 1.81
C ASP B 271 -3.75 -17.51 0.92
N ALA B 272 -3.88 -16.24 0.51
CA ALA B 272 -2.89 -15.62 -0.36
C ALA B 272 -1.51 -15.60 0.30
N GLY B 273 -1.43 -15.13 1.52
CA GLY B 273 -0.14 -15.03 2.19
C GLY B 273 -0.26 -14.18 3.42
N ASN B 274 0.90 -13.99 4.07
CA ASN B 274 0.92 -13.27 5.33
C ASN B 274 0.45 -11.83 5.16
N GLU B 275 0.79 -11.22 4.04
CA GLU B 275 0.48 -9.81 3.82
C GLU B 275 -1.03 -9.58 3.86
N GLN B 276 -1.76 -10.29 2.99
CA GLN B 276 -3.20 -10.14 2.93
C GLN B 276 -3.86 -10.49 4.25
N ILE B 277 -3.32 -11.49 4.95
CA ILE B 277 -3.78 -11.79 6.31
C ILE B 277 -3.69 -10.54 7.17
N GLN B 278 -2.54 -9.86 7.11
CA GLN B 278 -2.39 -8.65 7.92
C GLN B 278 -3.42 -7.61 7.53
N MET B 279 -3.77 -7.54 6.25
CA MET B 279 -4.85 -6.62 5.87
C MET B 279 -6.17 -7.03 6.52
N VAL B 280 -6.53 -8.31 6.41
CA VAL B 280 -7.79 -8.78 6.98
C VAL B 280 -7.85 -8.44 8.46
N ILE B 281 -6.74 -8.64 9.17
CA ILE B 281 -6.70 -8.28 10.58
C ILE B 281 -6.86 -6.77 10.76
N ASP B 282 -6.25 -5.99 9.88
CA ASP B 282 -6.37 -4.53 10.00
C ASP B 282 -7.76 -4.03 9.66
N SER B 283 -8.57 -4.82 8.96
CA SER B 283 -9.92 -4.39 8.64
C SER B 283 -10.86 -4.53 9.82
N GLY B 284 -10.37 -4.98 10.97
CA GLY B 284 -11.21 -5.14 12.14
C GLY B 284 -12.32 -6.16 12.00
N ILE B 285 -12.19 -7.09 11.04
CA ILE B 285 -13.24 -8.05 10.81
C ILE B 285 -13.05 -9.32 11.63
N VAL B 286 -11.85 -9.56 12.15
CA VAL B 286 -11.59 -10.81 12.87
C VAL B 286 -12.53 -11.00 14.05
N PRO B 287 -12.72 -10.03 14.95
CA PRO B 287 -13.67 -10.24 16.05
C PRO B 287 -15.07 -10.55 15.58
N HIS B 288 -15.44 -10.14 14.36
CA HIS B 288 -16.73 -10.52 13.83
C HIS B 288 -16.70 -11.89 13.17
N LEU B 289 -15.53 -12.33 12.73
CA LEU B 289 -15.42 -13.61 12.03
C LEU B 289 -15.33 -14.78 13.00
N VAL B 290 -14.58 -14.63 14.08
CA VAL B 290 -14.31 -15.77 14.96
C VAL B 290 -15.58 -16.41 15.49
N PRO B 291 -16.55 -15.67 16.04
CA PRO B 291 -17.75 -16.33 16.60
C PRO B 291 -18.54 -17.15 15.60
N LEU B 292 -18.28 -17.02 14.30
CA LEU B 292 -18.97 -17.86 13.33
C LEU B 292 -18.58 -19.33 13.44
N LEU B 293 -17.52 -19.65 14.18
CA LEU B 293 -17.11 -21.04 14.30
C LEU B 293 -18.19 -21.87 14.97
N SER B 294 -18.97 -21.26 15.86
CA SER B 294 -20.04 -21.94 16.58
C SER B 294 -21.42 -21.64 16.00
N HIS B 295 -21.47 -21.17 14.76
CA HIS B 295 -22.74 -20.88 14.10
C HIS B 295 -23.53 -22.18 13.88
N GLN B 296 -24.84 -22.03 13.74
CA GLN B 296 -25.71 -23.20 13.64
C GLN B 296 -25.46 -23.97 12.35
N GLU B 297 -25.42 -23.27 11.21
CA GLU B 297 -25.27 -23.95 9.93
C GLU B 297 -23.84 -24.48 9.75
N VAL B 298 -23.75 -25.69 9.22
CA VAL B 298 -22.46 -26.36 9.12
C VAL B 298 -21.54 -25.67 8.13
N LYS B 299 -22.09 -25.10 7.06
CA LYS B 299 -21.26 -24.54 6.01
C LYS B 299 -20.52 -23.30 6.51
N VAL B 300 -21.24 -22.42 7.21
CA VAL B 300 -20.60 -21.27 7.82
C VAL B 300 -19.47 -21.70 8.74
N GLN B 301 -19.69 -22.77 9.51
CA GLN B 301 -18.63 -23.27 10.37
C GLN B 301 -17.41 -23.69 9.55
N THR B 302 -17.64 -24.47 8.49
CA THR B 302 -16.51 -24.95 7.68
C THR B 302 -15.71 -23.79 7.11
N ALA B 303 -16.41 -22.86 6.43
CA ALA B 303 -15.72 -21.75 5.81
C ALA B 303 -14.99 -20.90 6.83
N ALA B 304 -15.67 -20.58 7.94
CA ALA B 304 -15.03 -19.77 8.97
C ALA B 304 -13.79 -20.45 9.52
N LEU B 305 -13.86 -21.77 9.73
CA LEU B 305 -12.72 -22.48 10.27
C LEU B 305 -11.56 -22.47 9.29
N ARG B 306 -11.82 -22.70 8.01
CA ARG B 306 -10.73 -22.61 7.05
C ARG B 306 -10.12 -21.22 7.07
N ALA B 307 -10.95 -20.18 7.03
CA ALA B 307 -10.44 -18.81 7.01
C ALA B 307 -9.55 -18.55 8.22
N VAL B 308 -10.07 -18.79 9.41
CA VAL B 308 -9.29 -18.52 10.61
C VAL B 308 -8.00 -19.34 10.62
N GLY B 309 -8.08 -20.60 10.21
CA GLY B 309 -6.88 -21.41 10.13
C GLY B 309 -5.83 -20.80 9.22
N ASN B 310 -6.29 -20.26 8.10
CA ASN B 310 -5.41 -19.59 7.17
C ASN B 310 -4.80 -18.39 7.88
N ILE B 311 -5.59 -17.71 8.72
CA ILE B 311 -5.07 -16.55 9.42
C ILE B 311 -3.93 -16.95 10.33
N VAL B 312 -4.12 -18.02 11.11
CA VAL B 312 -3.07 -18.45 12.04
C VAL B 312 -1.93 -19.16 11.34
N THR B 313 -2.03 -19.41 10.04
CA THR B 313 -0.83 -19.85 9.32
C THR B 313 0.22 -18.75 9.20
N GLY B 314 -0.03 -17.57 9.75
CA GLY B 314 0.90 -16.46 9.59
C GLY B 314 1.94 -16.35 10.68
N THR B 315 2.23 -15.13 11.12
CA THR B 315 3.22 -14.92 12.15
C THR B 315 2.63 -15.20 13.53
N ASP B 316 3.44 -14.97 14.56
CA ASP B 316 2.98 -15.22 15.93
C ASP B 316 1.91 -14.23 16.34
N GLU B 317 2.20 -12.93 16.21
CA GLU B 317 1.27 -11.92 16.71
C GLU B 317 -0.09 -12.02 16.04
N GLN B 318 -0.12 -12.40 14.75
CA GLN B 318 -1.40 -12.56 14.06
C GLN B 318 -2.21 -13.68 14.71
N THR B 319 -1.61 -14.86 14.85
CA THR B 319 -2.27 -15.93 15.58
C THR B 319 -2.75 -15.43 16.94
N GLN B 320 -1.95 -14.60 17.60
CA GLN B 320 -2.35 -14.09 18.90
C GLN B 320 -3.55 -13.15 18.78
N VAL B 321 -3.71 -12.51 17.62
CA VAL B 321 -4.91 -11.71 17.40
C VAL B 321 -6.12 -12.62 17.26
N VAL B 322 -5.96 -13.76 16.59
CA VAL B 322 -7.05 -14.72 16.56
C VAL B 322 -7.39 -15.20 17.95
N LEU B 323 -6.36 -15.47 18.77
CA LEU B 323 -6.61 -16.02 20.10
C LEU B 323 -7.27 -14.99 21.01
N ASN B 324 -6.85 -13.72 20.94
CA ASN B 324 -7.40 -12.70 21.81
C ASN B 324 -8.89 -12.49 21.60
N CYS B 325 -9.42 -12.90 20.45
CA CYS B 325 -10.86 -12.87 20.23
C CYS B 325 -11.55 -14.08 20.83
N ASP B 326 -10.87 -14.83 21.70
CA ASP B 326 -11.43 -16.00 22.38
C ASP B 326 -11.94 -17.03 21.36
N ALA B 327 -11.00 -17.54 20.57
CA ALA B 327 -11.34 -18.51 19.54
C ALA B 327 -11.34 -19.94 20.06
N LEU B 328 -10.48 -20.24 21.03
CA LEU B 328 -10.35 -21.62 21.48
C LEU B 328 -11.64 -22.13 22.11
N SER B 329 -12.42 -21.25 22.73
CA SER B 329 -13.64 -21.66 23.40
C SER B 329 -14.60 -22.40 22.48
N HIS B 330 -14.52 -22.13 21.18
CA HIS B 330 -15.43 -22.75 20.23
C HIS B 330 -15.03 -24.16 19.86
N PHE B 331 -13.77 -24.52 20.08
CA PHE B 331 -13.21 -25.76 19.54
C PHE B 331 -13.63 -27.07 20.20
N PRO B 332 -13.89 -27.14 21.51
CA PRO B 332 -14.39 -28.41 22.05
C PRO B 332 -15.55 -28.97 21.24
N ALA B 333 -16.55 -28.14 20.95
CA ALA B 333 -17.65 -28.58 20.11
C ALA B 333 -17.15 -28.98 18.74
N LEU B 334 -16.28 -28.16 18.15
CA LEU B 334 -15.71 -28.51 16.85
C LEU B 334 -14.91 -29.80 16.92
N LEU B 335 -14.27 -30.08 18.06
CA LEU B 335 -13.49 -31.31 18.15
C LEU B 335 -14.38 -32.54 18.28
N THR B 336 -15.62 -32.37 18.71
CA THR B 336 -16.56 -33.47 18.84
C THR B 336 -17.65 -33.43 17.78
N HIS B 337 -17.52 -32.55 16.79
CA HIS B 337 -18.56 -32.39 15.79
C HIS B 337 -18.65 -33.66 14.94
N PRO B 338 -19.86 -34.09 14.57
CA PRO B 338 -19.99 -35.38 13.87
C PRO B 338 -19.30 -35.41 12.53
N LYS B 339 -19.17 -34.28 11.86
CA LYS B 339 -18.57 -34.25 10.53
C LYS B 339 -17.06 -34.45 10.60
N GLU B 340 -16.55 -35.37 9.78
CA GLU B 340 -15.13 -35.68 9.80
C GLU B 340 -14.29 -34.50 9.32
N LYS B 341 -14.79 -33.76 8.33
CA LYS B 341 -14.01 -32.67 7.77
C LYS B 341 -13.77 -31.57 8.81
N ILE B 342 -14.77 -31.32 9.66
CA ILE B 342 -14.62 -30.30 10.70
C ILE B 342 -13.59 -30.74 11.74
N ASN B 343 -13.63 -32.01 12.12
CA ASN B 343 -12.61 -32.53 13.02
C ASN B 343 -11.22 -32.35 12.42
N LYS B 344 -11.05 -32.78 11.16
CA LYS B 344 -9.76 -32.66 10.49
C LYS B 344 -9.27 -31.22 10.47
N GLU B 345 -10.10 -30.30 10.01
CA GLU B 345 -9.66 -28.91 9.88
C GLU B 345 -9.38 -28.29 11.25
N ALA B 346 -10.15 -28.65 12.26
CA ALA B 346 -9.92 -28.07 13.58
C ALA B 346 -8.59 -28.57 14.15
N VAL B 347 -8.33 -29.87 14.03
CA VAL B 347 -7.06 -30.41 14.48
C VAL B 347 -5.91 -29.82 13.68
N TRP B 348 -6.13 -29.52 12.40
CA TRP B 348 -5.17 -28.74 11.64
C TRP B 348 -4.91 -27.39 12.31
N PHE B 349 -5.98 -26.67 12.65
CA PHE B 349 -5.86 -25.38 13.32
C PHE B 349 -4.98 -25.48 14.56
N LEU B 350 -5.37 -26.34 15.50
CA LEU B 350 -4.60 -26.50 16.72
C LEU B 350 -3.16 -26.94 16.42
N SER B 351 -2.97 -27.72 15.35
CA SER B 351 -1.62 -28.11 14.97
C SER B 351 -0.80 -26.92 14.51
N ASN B 352 -1.47 -25.89 13.98
CA ASN B 352 -0.77 -24.64 13.68
C ASN B 352 -0.60 -23.78 14.92
N ILE B 353 -1.48 -23.91 15.91
CA ILE B 353 -1.34 -23.12 17.14
C ILE B 353 -0.17 -23.64 17.97
N THR B 354 -0.02 -24.95 18.07
CA THR B 354 1.07 -25.52 18.86
C THR B 354 2.43 -25.18 18.29
N ALA B 355 2.52 -24.86 17.01
CA ALA B 355 3.80 -24.52 16.43
C ALA B 355 4.23 -23.10 16.75
N GLY B 356 3.39 -22.32 17.43
CA GLY B 356 3.72 -20.96 17.78
C GLY B 356 4.68 -20.89 18.96
N ASN B 357 4.63 -19.78 19.67
CA ASN B 357 5.51 -19.59 20.81
C ASN B 357 5.00 -20.39 22.01
N GLN B 358 5.75 -20.33 23.10
CA GLN B 358 5.39 -21.09 24.29
C GLN B 358 4.05 -20.61 24.86
N GLN B 359 3.82 -19.30 24.84
CA GLN B 359 2.60 -18.75 25.41
C GLN B 359 1.36 -19.35 24.76
N GLN B 360 1.38 -19.46 23.44
CA GLN B 360 0.22 -20.00 22.73
C GLN B 360 0.02 -21.47 23.06
N VAL B 361 1.11 -22.24 23.15
CA VAL B 361 0.98 -23.63 23.55
C VAL B 361 0.30 -23.74 24.90
N GLN B 362 0.77 -22.93 25.86
CA GLN B 362 0.12 -22.88 27.17
C GLN B 362 -1.34 -22.50 27.05
N ALA B 363 -1.67 -21.65 26.07
CA ALA B 363 -3.07 -21.29 25.86
C ALA B 363 -3.87 -22.47 25.33
N VAL B 364 -3.23 -23.38 24.59
CA VAL B 364 -3.93 -24.58 24.15
C VAL B 364 -4.16 -25.52 25.32
N ILE B 365 -3.12 -25.71 26.14
CA ILE B 365 -3.24 -26.61 27.29
C ILE B 365 -4.30 -26.11 28.25
N ASP B 366 -4.32 -24.80 28.51
CA ASP B 366 -5.28 -24.21 29.43
C ASP B 366 -6.71 -24.36 28.98
N ALA B 367 -6.95 -24.73 27.72
CA ALA B 367 -8.31 -24.89 27.23
C ALA B 367 -8.81 -26.33 27.33
N ASN B 368 -8.06 -27.21 28.02
CA ASN B 368 -8.46 -28.59 28.23
C ASN B 368 -8.67 -29.35 26.93
N LEU B 369 -7.96 -28.94 25.87
CA LEU B 369 -8.14 -29.50 24.54
C LEU B 369 -7.23 -30.68 24.26
N VAL B 370 -6.14 -30.84 25.02
CA VAL B 370 -5.22 -31.96 24.79
C VAL B 370 -5.92 -33.31 24.86
N PRO B 371 -6.79 -33.58 25.84
CA PRO B 371 -7.42 -34.91 25.86
C PRO B 371 -8.22 -35.22 24.62
N MET B 372 -8.96 -34.25 24.07
CA MET B 372 -9.72 -34.51 22.85
C MET B 372 -8.80 -34.65 21.64
N ILE B 373 -7.71 -33.90 21.62
CA ILE B 373 -6.72 -34.06 20.56
C ILE B 373 -6.20 -35.49 20.56
N ILE B 374 -5.82 -36.00 21.73
CA ILE B 374 -5.35 -37.37 21.82
C ILE B 374 -6.45 -38.34 21.42
N HIS B 375 -7.68 -38.08 21.88
CA HIS B 375 -8.79 -38.96 21.54
C HIS B 375 -8.97 -39.08 20.04
N LEU B 376 -8.97 -37.95 19.33
CA LEU B 376 -9.03 -38.01 17.88
C LEU B 376 -7.79 -38.66 17.31
N LEU B 377 -6.65 -38.54 18.00
CA LEU B 377 -5.44 -39.22 17.59
C LEU B 377 -5.59 -40.74 17.69
N ASP B 378 -6.47 -41.23 18.54
CA ASP B 378 -6.65 -42.66 18.73
C ASP B 378 -7.80 -43.23 17.91
N LYS B 379 -8.95 -42.55 17.90
CA LYS B 379 -10.15 -43.12 17.30
C LYS B 379 -10.71 -42.29 16.15
N GLY B 380 -9.94 -41.35 15.61
CA GLY B 380 -10.36 -40.58 14.46
C GLY B 380 -10.00 -41.28 13.15
N ASP B 381 -10.40 -40.63 12.05
CA ASP B 381 -10.04 -41.13 10.73
C ASP B 381 -8.59 -40.79 10.40
N PHE B 382 -8.12 -41.32 9.28
CA PHE B 382 -6.69 -41.26 8.98
C PHE B 382 -6.20 -39.81 8.89
N GLY B 383 -6.95 -38.95 8.21
CA GLY B 383 -6.51 -37.58 8.04
C GLY B 383 -6.40 -36.84 9.37
N THR B 384 -7.45 -36.93 10.19
CA THR B 384 -7.41 -36.27 11.49
C THR B 384 -6.26 -36.82 12.33
N GLN B 385 -6.02 -38.13 12.26
CA GLN B 385 -4.87 -38.68 12.97
C GLN B 385 -3.57 -38.06 12.47
N LYS B 386 -3.45 -37.86 11.16
CA LYS B 386 -2.28 -37.20 10.60
C LYS B 386 -2.11 -35.81 11.19
N GLU B 387 -3.16 -34.97 11.09
CA GLU B 387 -3.08 -33.61 11.59
C GLU B 387 -2.75 -33.59 13.09
N ALA B 388 -3.31 -34.54 13.83
CA ALA B 388 -3.02 -34.63 15.26
C ALA B 388 -1.55 -34.96 15.50
N ALA B 389 -1.01 -35.90 14.73
CA ALA B 389 0.42 -36.19 14.84
C ALA B 389 1.24 -34.94 14.63
N TRP B 390 0.89 -34.14 13.63
CA TRP B 390 1.58 -32.87 13.44
C TRP B 390 1.42 -31.97 14.64
N ALA B 391 0.23 -31.95 15.26
CA ALA B 391 0.03 -31.12 16.45
C ALA B 391 0.97 -31.55 17.57
N ILE B 392 1.05 -32.85 17.82
CA ILE B 392 1.87 -33.36 18.91
C ILE B 392 3.35 -33.07 18.64
N SER B 393 3.80 -33.29 17.41
CA SER B 393 5.20 -33.04 17.10
C SER B 393 5.51 -31.55 17.21
N ASN B 394 4.60 -30.69 16.75
CA ASN B 394 4.82 -29.25 16.86
C ASN B 394 4.92 -28.82 18.32
N LEU B 395 3.99 -29.27 19.14
CA LEU B 395 4.07 -28.98 20.58
C LEU B 395 5.34 -29.57 21.17
N THR B 396 5.84 -30.65 20.59
CA THR B 396 7.05 -31.28 21.09
C THR B 396 8.28 -30.42 20.84
N ILE B 397 8.41 -29.87 19.63
CA ILE B 397 9.61 -29.09 19.35
C ILE B 397 9.48 -27.67 19.87
N SER B 398 8.26 -27.15 20.00
CA SER B 398 8.07 -25.77 20.41
C SER B 398 7.82 -25.58 21.90
N GLY B 399 7.21 -26.57 22.55
CA GLY B 399 6.80 -26.40 23.94
C GLY B 399 7.93 -26.49 24.95
N ARG B 400 7.59 -26.13 26.19
CA ARG B 400 8.53 -26.22 27.29
C ARG B 400 8.60 -27.66 27.81
N LYS B 401 9.49 -27.88 28.78
CA LYS B 401 9.66 -29.24 29.30
C LYS B 401 8.46 -29.66 30.13
N ASP B 402 7.96 -28.76 30.99
CA ASP B 402 6.77 -29.10 31.77
C ASP B 402 5.54 -29.28 30.89
N GLN B 403 5.47 -28.57 29.77
CA GLN B 403 4.34 -28.74 28.86
C GLN B 403 4.36 -30.12 28.23
N VAL B 404 5.50 -30.52 27.67
CA VAL B 404 5.62 -31.87 27.15
C VAL B 404 5.36 -32.90 28.23
N ALA B 405 5.78 -32.61 29.46
CA ALA B 405 5.46 -33.49 30.58
C ALA B 405 3.96 -33.66 30.74
N TYR B 406 3.23 -32.54 30.72
CA TYR B 406 1.78 -32.60 30.76
C TYR B 406 1.23 -33.46 29.62
N LEU B 407 1.82 -33.32 28.43
CA LEU B 407 1.38 -34.13 27.30
C LEU B 407 1.59 -35.61 27.59
N ILE B 408 2.72 -35.95 28.21
CA ILE B 408 3.02 -37.35 28.49
C ILE B 408 2.04 -37.92 29.52
N GLN B 409 1.79 -37.18 30.60
CA GLN B 409 0.89 -37.69 31.62
C GLN B 409 -0.56 -37.73 31.17
N GLN B 410 -0.86 -37.38 29.92
CA GLN B 410 -2.20 -37.51 29.39
C GLN B 410 -2.37 -38.76 28.53
N ASN B 411 -1.48 -39.75 28.69
CA ASN B 411 -1.59 -41.03 27.99
C ASN B 411 -1.55 -40.83 26.47
N VAL B 412 -0.57 -40.04 26.02
CA VAL B 412 -0.44 -39.78 24.60
C VAL B 412 0.48 -40.77 23.92
N ILE B 413 1.37 -41.41 24.66
CA ILE B 413 2.39 -42.26 24.02
C ILE B 413 1.80 -43.43 23.26
N PRO B 414 0.88 -44.22 23.82
CA PRO B 414 0.36 -45.39 23.08
C PRO B 414 -0.31 -45.00 21.77
N PRO B 415 -1.29 -44.10 21.77
CA PRO B 415 -1.92 -43.76 20.48
C PRO B 415 -0.96 -43.03 19.56
N PHE B 416 -0.04 -42.24 20.09
CA PHE B 416 0.94 -41.57 19.25
C PHE B 416 1.87 -42.57 18.57
N CYS B 417 2.15 -43.69 19.22
CA CYS B 417 3.05 -44.70 18.67
C CYS B 417 2.34 -45.70 17.78
N ASN B 418 1.05 -45.95 18.03
CA ASN B 418 0.30 -46.90 17.21
C ASN B 418 0.19 -46.47 15.76
N LEU B 419 0.62 -45.26 15.41
CA LEU B 419 0.58 -44.78 14.04
C LEU B 419 1.78 -45.22 13.23
N LEU B 420 2.81 -45.77 13.86
CA LEU B 420 4.04 -46.13 13.16
C LEU B 420 3.82 -47.23 12.13
N THR B 421 2.66 -47.86 12.09
CA THR B 421 2.38 -48.96 11.17
C THR B 421 1.72 -48.52 9.88
N VAL B 422 1.47 -47.22 9.68
CA VAL B 422 0.80 -46.77 8.47
C VAL B 422 1.76 -46.74 7.30
N LYS B 423 1.19 -46.70 6.10
CA LYS B 423 1.99 -46.69 4.88
C LYS B 423 2.53 -45.32 4.52
N ASP B 424 2.06 -44.26 5.19
CA ASP B 424 2.50 -42.90 4.86
C ASP B 424 3.82 -42.63 5.56
N ALA B 425 4.86 -42.37 4.77
CA ALA B 425 6.16 -42.10 5.35
C ALA B 425 6.20 -40.79 6.10
N GLN B 426 5.43 -39.78 5.67
CA GLN B 426 5.56 -38.47 6.31
C GLN B 426 5.09 -38.57 7.75
N VAL B 427 3.94 -39.23 7.96
CA VAL B 427 3.41 -39.41 9.31
C VAL B 427 4.43 -40.11 10.18
N VAL B 428 5.10 -41.12 9.64
CA VAL B 428 6.10 -41.83 10.43
C VAL B 428 7.25 -40.89 10.79
N GLN B 429 7.70 -40.06 9.84
CA GLN B 429 8.73 -39.08 10.16
C GLN B 429 8.25 -38.14 11.26
N VAL B 430 6.97 -37.78 11.24
CA VAL B 430 6.43 -36.90 12.27
C VAL B 430 6.51 -37.59 13.64
N VAL B 431 6.08 -38.84 13.71
CA VAL B 431 6.04 -39.54 14.99
C VAL B 431 7.45 -39.78 15.51
N LEU B 432 8.34 -40.30 14.67
CA LEU B 432 9.70 -40.56 15.10
C LEU B 432 10.40 -39.27 15.49
N ASP B 433 10.18 -38.20 14.74
CA ASP B 433 10.79 -36.93 15.08
C ASP B 433 10.27 -36.42 16.42
N GLY B 434 8.97 -36.55 16.66
CA GLY B 434 8.41 -36.14 17.93
C GLY B 434 8.97 -36.94 19.10
N LEU B 435 9.00 -38.26 18.96
CA LEU B 435 9.56 -39.09 20.02
C LEU B 435 11.02 -38.74 20.26
N SER B 436 11.79 -38.59 19.18
CA SER B 436 13.19 -38.23 19.33
C SER B 436 13.34 -36.92 20.08
N ASN B 437 12.48 -35.95 19.80
CA ASN B 437 12.58 -34.68 20.50
C ASN B 437 12.18 -34.81 21.96
N ILE B 438 11.18 -35.64 22.25
CA ILE B 438 10.78 -35.87 23.64
C ILE B 438 11.93 -36.50 24.42
N LEU B 439 12.54 -37.54 23.86
CA LEU B 439 13.62 -38.21 24.56
C LEU B 439 14.83 -37.30 24.72
N LYS B 440 15.12 -36.49 23.70
CA LYS B 440 16.20 -35.52 23.83
C LYS B 440 15.87 -34.47 24.89
N MET B 441 14.58 -34.18 25.10
CA MET B 441 14.19 -33.14 26.04
C MET B 441 14.30 -33.63 27.47
N ALA B 442 13.52 -34.65 27.82
CA ALA B 442 13.54 -35.19 29.17
C ALA B 442 14.81 -36.02 29.38
N GLU B 443 15.57 -35.67 30.42
CA GLU B 443 16.87 -36.28 30.68
C GLU B 443 16.79 -37.35 31.77
N ASP B 444 16.29 -37.00 32.95
CA ASP B 444 16.30 -37.94 34.06
C ASP B 444 15.23 -39.01 33.90
N GLU B 445 14.06 -38.64 33.40
CA GLU B 445 12.99 -39.60 33.18
C GLU B 445 13.08 -40.29 31.82
N ALA B 446 14.18 -40.08 31.10
CA ALA B 446 14.36 -40.78 29.83
C ALA B 446 14.26 -42.28 30.01
N GLU B 447 14.69 -42.79 31.17
CA GLU B 447 14.42 -44.19 31.51
C GLU B 447 12.93 -44.47 31.49
N THR B 448 12.19 -43.78 32.36
CA THR B 448 10.75 -44.00 32.50
C THR B 448 10.06 -43.93 31.15
N ILE B 449 10.22 -42.81 30.45
CA ILE B 449 9.58 -42.65 29.14
C ILE B 449 9.96 -43.79 28.22
N GLY B 450 11.23 -44.18 28.23
CA GLY B 450 11.65 -45.30 27.42
C GLY B 450 10.84 -46.55 27.73
N ASN B 451 10.74 -46.88 29.01
CA ASN B 451 9.94 -48.05 29.38
C ASN B 451 8.48 -47.86 28.97
N LEU B 452 8.01 -46.61 28.97
CA LEU B 452 6.64 -46.35 28.51
C LEU B 452 6.49 -46.79 27.06
N ILE B 453 7.45 -46.41 26.22
CA ILE B 453 7.41 -46.89 24.84
C ILE B 453 7.53 -48.39 24.80
N GLU B 454 8.31 -48.96 25.72
CA GLU B 454 8.43 -50.42 25.78
C GLU B 454 7.14 -51.06 26.24
N GLU B 455 6.31 -50.33 27.00
CA GLU B 455 5.08 -50.92 27.50
C GLU B 455 4.04 -51.03 26.39
N CYS B 456 3.81 -49.95 25.67
CA CYS B 456 2.83 -49.90 24.59
C CYS B 456 3.26 -50.63 23.33
N GLY B 457 4.38 -51.37 23.38
CA GLY B 457 4.83 -52.09 22.21
C GLY B 457 5.37 -51.24 21.10
N GLY B 458 5.49 -49.93 21.30
CA GLY B 458 6.02 -49.07 20.25
C GLY B 458 7.45 -49.40 19.89
N LEU B 459 8.24 -49.86 20.87
CA LEU B 459 9.63 -50.22 20.57
C LEU B 459 9.70 -51.33 19.54
N GLU B 460 8.79 -52.30 19.61
CA GLU B 460 8.73 -53.34 18.58
C GLU B 460 8.51 -52.73 17.20
N LYS B 461 7.54 -51.81 17.10
CA LYS B 461 7.24 -51.18 15.82
C LYS B 461 8.45 -50.44 15.27
N ILE B 462 9.14 -49.68 16.14
CA ILE B 462 10.33 -48.96 15.70
C ILE B 462 11.40 -49.95 15.24
N GLU B 463 11.56 -51.05 15.98
CA GLU B 463 12.57 -52.04 15.62
C GLU B 463 12.26 -52.70 14.29
N GLN B 464 10.99 -52.86 13.95
CA GLN B 464 10.64 -53.40 12.64
C GLN B 464 10.60 -52.31 11.59
N LEU B 465 10.81 -51.05 11.97
CA LEU B 465 10.92 -49.97 10.98
C LEU B 465 12.27 -49.90 10.29
N GLN B 466 13.29 -50.65 10.73
CA GLN B 466 14.58 -50.57 10.03
C GLN B 466 14.42 -51.28 8.69
N ASN B 467 13.68 -50.64 7.79
CA ASN B 467 13.38 -51.15 6.46
C ASN B 467 12.78 -50.04 5.62
N HIS B 468 12.06 -50.44 4.57
CA HIS B 468 10.94 -49.67 4.05
C HIS B 468 11.34 -48.57 3.06
N GLU B 469 12.43 -48.81 2.33
CA GLU B 469 12.75 -48.03 1.14
C GLU B 469 12.94 -46.53 1.38
N ASN B 470 12.86 -46.07 2.62
CA ASN B 470 12.98 -44.64 2.90
C ASN B 470 14.20 -44.40 3.77
N GLU B 471 15.05 -43.46 3.32
CA GLU B 471 16.30 -43.17 4.01
C GLU B 471 16.08 -42.61 5.41
N ASP B 472 15.14 -41.66 5.55
CA ASP B 472 15.03 -40.90 6.79
C ASP B 472 14.44 -41.73 7.91
N ILE B 473 13.41 -42.52 7.62
CA ILE B 473 12.83 -43.39 8.63
C ILE B 473 13.87 -44.39 9.10
N TYR B 474 14.69 -44.88 8.17
CA TYR B 474 15.74 -45.83 8.48
C TYR B 474 16.77 -45.23 9.42
N LYS B 475 17.43 -44.16 8.97
CA LYS B 475 18.53 -43.57 9.74
C LYS B 475 18.03 -42.98 11.05
N LEU B 476 17.00 -42.14 10.99
CA LEU B 476 16.44 -41.56 12.21
C LEU B 476 15.99 -42.65 13.17
N ALA B 477 15.32 -43.69 12.65
CA ALA B 477 14.84 -44.77 13.49
C ALA B 477 15.98 -45.40 14.28
N TYR B 478 17.04 -45.82 13.57
CA TYR B 478 18.08 -46.52 14.32
C TYR B 478 18.89 -45.57 15.19
N GLU B 479 18.98 -44.29 14.82
CA GLU B 479 19.60 -43.33 15.72
C GLU B 479 18.82 -43.22 17.02
N ILE B 480 17.49 -43.22 16.93
CA ILE B 480 16.67 -43.20 18.14
C ILE B 480 16.92 -44.46 18.96
N ILE B 481 16.94 -45.63 18.30
CA ILE B 481 17.15 -46.86 19.05
C ILE B 481 18.49 -46.85 19.77
N ASP B 482 19.57 -46.68 19.01
CA ASP B 482 20.91 -46.71 19.61
C ASP B 482 21.09 -45.64 20.66
N GLN B 483 20.45 -44.48 20.49
CA GLN B 483 20.64 -43.40 21.43
C GLN B 483 19.87 -43.62 22.72
N PHE B 484 18.61 -44.04 22.63
CA PHE B 484 17.76 -44.05 23.81
C PHE B 484 17.33 -45.44 24.25
N PHE B 485 17.56 -46.48 23.46
CA PHE B 485 17.07 -47.81 23.80
C PHE B 485 18.19 -48.84 23.88
N SER B 486 19.42 -48.42 24.12
CA SER B 486 20.50 -49.36 24.36
C SER B 486 20.55 -49.78 25.83
N THR C 71 10.32 21.78 -67.06
CA THR C 71 11.15 20.67 -66.62
C THR C 71 12.23 20.35 -67.66
N SER C 72 12.35 21.21 -68.68
CA SER C 72 13.45 21.10 -69.60
C SER C 72 14.67 21.81 -69.03
N LEU C 73 15.85 21.40 -69.50
CA LEU C 73 17.10 21.80 -68.86
C LEU C 73 17.65 23.13 -69.32
N GLU C 74 17.24 23.62 -70.48
CA GLU C 74 17.81 24.82 -71.07
C GLU C 74 16.76 25.71 -71.69
N ALA C 75 15.54 25.21 -71.88
CA ALA C 75 14.41 25.92 -72.45
C ALA C 75 14.25 27.35 -71.95
N ILE C 76 14.47 27.52 -70.65
CA ILE C 76 14.14 28.77 -69.97
C ILE C 76 14.89 29.94 -70.59
N VAL C 77 16.14 29.72 -71.03
CA VAL C 77 16.94 30.82 -71.57
C VAL C 77 16.25 31.48 -72.75
N GLN C 78 15.46 30.73 -73.52
CA GLN C 78 14.69 31.40 -74.57
C GLN C 78 13.41 32.02 -74.00
N ASN C 79 12.75 31.31 -73.10
CA ASN C 79 11.50 31.80 -72.55
C ASN C 79 11.72 33.05 -71.71
N ALA C 80 12.90 33.18 -71.10
CA ALA C 80 13.22 34.37 -70.31
C ALA C 80 13.69 35.53 -71.16
N SER C 81 13.92 35.32 -72.46
CA SER C 81 14.33 36.38 -73.36
C SER C 81 13.17 37.01 -74.11
N SER C 82 11.96 36.50 -73.91
CA SER C 82 10.80 37.02 -74.62
C SER C 82 10.42 38.39 -74.08
N ASP C 83 9.49 39.04 -74.77
CA ASP C 83 8.93 40.30 -74.31
C ASP C 83 7.57 40.14 -73.65
N ASN C 84 7.02 38.93 -73.68
CA ASN C 84 5.75 38.67 -73.00
C ASN C 84 6.07 38.43 -71.53
N GLN C 85 5.68 39.37 -70.67
CA GLN C 85 6.04 39.26 -69.26
C GLN C 85 5.35 38.09 -68.57
N GLY C 86 4.26 37.58 -69.14
CA GLY C 86 3.72 36.32 -68.63
C GLY C 86 4.66 35.16 -68.90
N ILE C 87 5.16 35.07 -70.13
CA ILE C 87 6.19 34.06 -70.46
C ILE C 87 7.45 34.33 -69.66
N GLN C 88 7.75 35.60 -69.37
CA GLN C 88 8.87 35.94 -68.51
C GLN C 88 8.69 35.33 -67.12
N LEU C 89 7.56 35.66 -66.47
CA LEU C 89 7.33 35.20 -65.12
C LEU C 89 7.32 33.67 -65.05
N SER C 90 6.63 33.03 -65.98
CA SER C 90 6.61 31.56 -65.98
C SER C 90 8.00 30.98 -66.23
N ALA C 91 8.79 31.64 -67.07
CA ALA C 91 10.12 31.16 -67.36
C ALA C 91 11.02 31.22 -66.13
N VAL C 92 11.13 32.42 -65.53
CA VAL C 92 11.99 32.60 -64.37
C VAL C 92 11.47 31.78 -63.19
N GLN C 93 10.16 31.54 -63.13
CA GLN C 93 9.60 30.71 -62.07
C GLN C 93 10.01 29.25 -62.25
N ALA C 94 9.94 28.75 -63.48
CA ALA C 94 10.46 27.41 -63.74
C ALA C 94 11.94 27.31 -63.42
N ALA C 95 12.68 28.39 -63.71
CA ALA C 95 14.09 28.43 -63.32
C ALA C 95 14.25 28.33 -61.81
N ARG C 96 13.38 29.02 -61.07
CA ARG C 96 13.37 28.89 -59.62
C ARG C 96 13.14 27.44 -59.21
N LYS C 97 12.20 26.76 -59.86
CA LYS C 97 11.94 25.36 -59.55
C LYS C 97 13.18 24.50 -59.78
N LEU C 98 13.67 24.46 -61.03
CA LEU C 98 14.75 23.54 -61.37
C LEU C 98 16.05 23.88 -60.65
N LEU C 99 16.32 25.16 -60.41
CA LEU C 99 17.51 25.54 -59.67
C LEU C 99 17.37 25.17 -58.21
N SER C 100 16.25 25.55 -57.59
CA SER C 100 16.03 25.27 -56.18
C SER C 100 15.95 23.78 -55.91
N SER C 101 14.98 23.11 -56.52
CA SER C 101 14.86 21.67 -56.40
C SER C 101 16.10 21.01 -56.95
N ASP C 102 16.45 19.85 -56.40
CA ASP C 102 17.72 19.23 -56.77
C ASP C 102 17.56 18.36 -58.02
N ARG C 103 17.14 19.05 -59.06
CA ARG C 103 17.42 18.72 -60.44
C ARG C 103 18.57 19.60 -60.91
N ASN C 104 19.20 20.29 -59.97
CA ASN C 104 20.31 21.23 -60.08
C ASN C 104 21.38 20.77 -61.06
N PRO C 105 21.99 21.71 -61.77
CA PRO C 105 23.07 21.35 -62.69
C PRO C 105 24.33 20.98 -61.94
N PRO C 106 25.24 20.27 -62.61
CA PRO C 106 26.49 19.87 -61.95
C PRO C 106 27.36 21.08 -61.63
N ILE C 107 28.57 20.83 -61.12
CA ILE C 107 29.43 21.91 -60.65
C ILE C 107 30.23 22.50 -61.80
N ASP C 108 29.48 23.13 -62.71
CA ASP C 108 30.06 23.97 -63.75
C ASP C 108 29.47 25.37 -63.80
N ASP C 109 28.26 25.54 -63.27
CA ASP C 109 27.71 26.87 -63.13
C ASP C 109 27.80 27.60 -64.45
N LEU C 110 27.74 26.85 -65.54
CA LEU C 110 27.77 27.48 -66.85
C LEU C 110 27.14 26.57 -67.90
N ILE C 111 26.31 25.62 -67.48
CA ILE C 111 25.64 24.74 -68.44
C ILE C 111 24.78 25.58 -69.37
N LYS C 112 24.19 26.65 -68.84
CA LYS C 112 23.52 27.69 -69.60
C LYS C 112 24.07 28.96 -68.98
N SER C 113 25.17 29.46 -69.56
CA SER C 113 25.82 30.66 -69.04
C SER C 113 24.86 31.82 -68.95
N GLY C 114 23.88 31.88 -69.85
CA GLY C 114 22.99 33.02 -69.91
C GLY C 114 22.11 33.17 -68.70
N ILE C 115 21.86 32.08 -67.96
CA ILE C 115 20.97 32.13 -66.81
C ILE C 115 21.37 33.25 -65.87
N LEU C 116 22.66 33.34 -65.57
CA LEU C 116 23.11 34.34 -64.60
C LEU C 116 22.86 35.76 -65.07
N PRO C 117 23.36 36.20 -66.24
CA PRO C 117 23.09 37.58 -66.64
C PRO C 117 21.64 37.86 -66.94
N ILE C 118 20.89 36.92 -67.51
CA ILE C 118 19.48 37.20 -67.77
C ILE C 118 18.75 37.36 -66.46
N LEU C 119 19.15 36.59 -65.45
CA LEU C 119 18.48 36.66 -64.17
C LEU C 119 18.83 37.96 -63.46
N VAL C 120 20.07 38.42 -63.61
CA VAL C 120 20.45 39.70 -63.03
C VAL C 120 19.73 40.85 -63.73
N HIS C 121 19.64 40.80 -65.06
CA HIS C 121 19.05 41.91 -65.79
C HIS C 121 17.54 41.96 -65.59
N CYS C 122 16.89 40.80 -65.48
CA CYS C 122 15.49 40.82 -65.08
C CYS C 122 15.35 41.19 -63.61
N LEU C 123 16.41 41.01 -62.82
CA LEU C 123 16.39 41.53 -61.45
C LEU C 123 16.38 43.05 -61.45
N GLU C 124 16.92 43.67 -62.50
CA GLU C 124 16.85 45.14 -62.57
C GLU C 124 15.42 45.65 -62.74
N ARG C 125 14.55 44.87 -63.38
CA ARG C 125 13.28 45.39 -63.91
C ARG C 125 12.33 45.77 -62.77
N ASP C 126 12.07 47.08 -62.62
CA ASP C 126 11.06 47.58 -61.71
C ASP C 126 9.73 47.76 -62.42
N ASP C 127 8.67 47.86 -61.61
CA ASP C 127 7.22 47.85 -61.87
C ASP C 127 6.75 46.42 -62.06
N ASN C 128 7.65 45.45 -62.02
CA ASN C 128 7.32 44.03 -62.13
C ASN C 128 7.92 43.35 -60.91
N PRO C 129 7.28 43.48 -59.75
CA PRO C 129 7.89 42.94 -58.53
C PRO C 129 7.98 41.44 -58.51
N SER C 130 7.01 40.73 -59.10
CA SER C 130 7.06 39.27 -59.10
C SER C 130 8.31 38.76 -59.79
N LEU C 131 8.69 39.39 -60.90
CA LEU C 131 9.91 38.99 -61.59
C LEU C 131 11.12 39.13 -60.67
N GLN C 132 11.26 40.29 -60.04
CA GLN C 132 12.37 40.49 -59.11
C GLN C 132 12.36 39.46 -58.00
N PHE C 133 11.19 39.15 -57.46
CA PHE C 133 11.10 38.19 -56.36
C PHE C 133 11.56 36.80 -56.80
N GLU C 134 11.08 36.34 -57.95
CA GLU C 134 11.48 35.03 -58.45
C GLU C 134 12.98 34.99 -58.73
N ALA C 135 13.51 36.07 -59.32
CA ALA C 135 14.93 36.13 -59.63
C ALA C 135 15.78 36.06 -58.37
N ALA C 136 15.52 36.96 -57.42
CA ALA C 136 16.29 36.96 -56.18
C ALA C 136 16.11 35.66 -55.43
N TRP C 137 14.97 35.01 -55.56
CA TRP C 137 14.82 33.66 -55.04
C TRP C 137 15.83 32.73 -55.67
N ALA C 138 15.93 32.75 -56.99
CA ALA C 138 16.86 31.86 -57.69
C ALA C 138 18.30 32.11 -57.26
N LEU C 139 18.76 33.38 -57.36
CA LEU C 139 20.13 33.69 -56.92
C LEU C 139 20.35 33.29 -55.47
N THR C 140 19.34 33.52 -54.63
CA THR C 140 19.41 33.04 -53.27
C THR C 140 19.74 31.56 -53.25
N ASN C 141 18.92 30.73 -53.91
CA ASN C 141 19.19 29.30 -53.74
C ASN C 141 20.44 28.86 -54.48
N ILE C 142 20.93 29.64 -55.43
CA ILE C 142 22.18 29.29 -56.09
C ILE C 142 23.38 29.55 -55.20
N ALA C 143 23.42 30.74 -54.59
CA ALA C 143 24.51 31.14 -53.74
C ALA C 143 24.64 30.29 -52.48
N SER C 144 23.62 29.49 -52.15
CA SER C 144 23.70 28.66 -50.95
C SER C 144 24.65 27.49 -51.11
N GLY C 145 25.10 27.18 -52.32
CA GLY C 145 25.93 26.03 -52.55
C GLY C 145 27.38 26.23 -52.19
N THR C 146 28.27 25.61 -52.96
CA THR C 146 29.69 25.71 -52.71
C THR C 146 30.18 27.15 -52.91
N SER C 147 31.39 27.42 -52.41
CA SER C 147 31.96 28.75 -52.54
C SER C 147 32.12 29.17 -53.99
N GLU C 148 32.43 28.22 -54.87
CA GLU C 148 32.62 28.56 -56.28
C GLU C 148 31.31 29.03 -56.91
N GLN C 149 30.18 28.47 -56.47
CA GLN C 149 28.89 28.95 -56.97
C GLN C 149 28.64 30.39 -56.54
N THR C 150 28.92 30.69 -55.27
CA THR C 150 28.80 32.07 -54.81
C THR C 150 29.71 33.00 -55.60
N GLN C 151 30.92 32.54 -55.93
CA GLN C 151 31.77 33.32 -56.82
C GLN C 151 31.09 33.54 -58.17
N ALA C 152 30.43 32.50 -58.69
CA ALA C 152 29.70 32.68 -59.95
C ALA C 152 28.59 33.70 -59.80
N VAL C 153 28.04 33.86 -58.59
CA VAL C 153 27.01 34.86 -58.38
C VAL C 153 27.63 36.25 -58.31
N VAL C 154 28.70 36.42 -57.56
CA VAL C 154 29.26 37.75 -57.37
C VAL C 154 29.94 38.25 -58.65
N GLN C 155 30.42 37.35 -59.50
CA GLN C 155 30.98 37.77 -60.77
C GLN C 155 29.93 38.34 -61.70
N SER C 156 28.65 38.01 -61.49
CA SER C 156 27.58 38.61 -62.26
C SER C 156 27.32 40.06 -61.88
N ASN C 157 28.04 40.59 -60.87
CA ASN C 157 27.86 41.97 -60.43
C ASN C 157 26.41 42.25 -60.06
N ALA C 158 25.77 41.27 -59.40
CA ALA C 158 24.39 41.40 -58.95
C ALA C 158 24.25 42.09 -57.61
N VAL C 159 25.34 42.22 -56.86
CA VAL C 159 25.24 42.75 -55.50
C VAL C 159 24.70 44.18 -55.48
N PRO C 160 25.24 45.13 -56.26
CA PRO C 160 24.66 46.48 -56.24
C PRO C 160 23.19 46.51 -56.57
N LEU C 161 22.71 45.53 -57.32
CA LEU C 161 21.28 45.46 -57.61
C LEU C 161 20.49 44.99 -56.40
N PHE C 162 21.04 44.05 -55.63
CA PHE C 162 20.42 43.71 -54.36
C PHE C 162 20.36 44.93 -53.45
N LEU C 163 21.46 45.67 -53.35
CA LEU C 163 21.46 46.87 -52.52
C LEU C 163 20.43 47.88 -53.02
N ARG C 164 20.27 47.98 -54.35
CA ARG C 164 19.21 48.81 -54.90
C ARG C 164 17.84 48.28 -54.47
N LEU C 165 17.70 46.96 -54.37
CA LEU C 165 16.44 46.37 -53.95
C LEU C 165 16.17 46.59 -52.47
N LEU C 166 17.21 46.89 -51.68
CA LEU C 166 16.98 47.20 -50.28
C LEU C 166 16.10 48.41 -50.07
N HIS C 167 15.89 49.22 -51.11
CA HIS C 167 15.04 50.40 -51.00
C HIS C 167 13.68 50.20 -51.65
N SER C 168 13.36 48.98 -52.05
CA SER C 168 12.09 48.72 -52.70
C SER C 168 10.94 48.88 -51.71
N PRO C 169 9.76 49.30 -52.18
CA PRO C 169 8.61 49.40 -51.26
C PRO C 169 7.99 48.05 -50.95
N HIS C 170 8.16 47.04 -51.79
CA HIS C 170 7.58 45.73 -51.52
C HIS C 170 8.43 44.99 -50.50
N GLN C 171 7.81 44.55 -49.41
CA GLN C 171 8.56 43.90 -48.34
C GLN C 171 9.14 42.57 -48.77
N ASN C 172 8.46 41.83 -49.64
CA ASN C 172 8.98 40.54 -50.06
C ASN C 172 10.31 40.69 -50.79
N VAL C 173 10.42 41.72 -51.63
CA VAL C 173 11.66 41.94 -52.36
C VAL C 173 12.79 42.30 -51.40
N CYS C 174 12.53 43.22 -50.47
CA CYS C 174 13.56 43.56 -49.48
C CYS C 174 14.01 42.33 -48.72
N GLU C 175 13.06 41.55 -48.22
CA GLU C 175 13.40 40.38 -47.41
C GLU C 175 14.22 39.38 -48.22
N GLN C 176 13.83 39.13 -49.46
CA GLN C 176 14.59 38.19 -50.28
C GLN C 176 15.99 38.70 -50.56
N ALA C 177 16.12 40.01 -50.81
CA ALA C 177 17.44 40.58 -51.05
C ALA C 177 18.32 40.43 -49.81
N VAL C 178 17.77 40.76 -48.64
CA VAL C 178 18.51 40.57 -47.40
C VAL C 178 18.93 39.11 -47.24
N TRP C 179 18.07 38.18 -47.63
CA TRP C 179 18.42 36.77 -47.57
C TRP C 179 19.65 36.48 -48.43
N ALA C 180 19.57 36.81 -49.72
CA ALA C 180 20.66 36.49 -50.63
C ALA C 180 21.96 37.17 -50.21
N LEU C 181 21.88 38.44 -49.82
CA LEU C 181 23.07 39.09 -49.27
C LEU C 181 23.59 38.35 -48.05
N GLY C 182 22.67 37.79 -47.25
CA GLY C 182 23.09 36.96 -46.15
C GLY C 182 23.94 35.80 -46.62
N ASN C 183 23.48 35.08 -47.63
CA ASN C 183 24.29 33.95 -48.12
C ASN C 183 25.64 34.42 -48.61
N ILE C 184 25.64 35.42 -49.49
CA ILE C 184 26.88 35.88 -50.11
C ILE C 184 27.88 36.31 -49.05
N ILE C 185 27.42 37.07 -48.04
CA ILE C 185 28.31 37.49 -46.98
C ILE C 185 28.80 36.29 -46.20
N GLY C 186 27.90 35.34 -45.92
CA GLY C 186 28.26 34.16 -45.16
C GLY C 186 29.23 33.25 -45.86
N ASP C 187 29.41 33.42 -47.17
CA ASP C 187 30.34 32.56 -47.91
C ASP C 187 31.75 32.64 -47.33
N GLY C 188 32.35 33.82 -47.35
CA GLY C 188 33.72 33.96 -46.93
C GLY C 188 34.06 35.38 -46.53
N PRO C 189 35.25 35.56 -45.95
CA PRO C 189 35.64 36.90 -45.52
C PRO C 189 35.90 37.86 -46.65
N GLN C 190 36.45 37.39 -47.77
CA GLN C 190 36.70 38.29 -48.88
C GLN C 190 35.39 38.81 -49.47
N CYS C 191 34.44 37.90 -49.69
CA CYS C 191 33.12 38.34 -50.16
C CYS C 191 32.47 39.26 -49.13
N ARG C 192 32.70 38.98 -47.86
CA ARG C 192 32.16 39.83 -46.81
C ARG C 192 32.70 41.25 -46.94
N ASP C 193 34.01 41.39 -47.07
CA ASP C 193 34.61 42.72 -47.23
C ASP C 193 34.15 43.38 -48.52
N TYR C 194 33.91 42.58 -49.57
CA TYR C 194 33.34 43.14 -50.79
C TYR C 194 31.97 43.74 -50.54
N VAL C 195 31.08 42.97 -49.90
CA VAL C 195 29.71 43.45 -49.70
C VAL C 195 29.71 44.65 -48.76
N ILE C 196 30.57 44.67 -47.76
CA ILE C 196 30.66 45.84 -46.90
C ILE C 196 31.19 47.04 -47.67
N SER C 197 32.17 46.81 -48.56
CA SER C 197 32.74 47.91 -49.33
C SER C 197 31.72 48.66 -50.15
N LEU C 198 30.57 48.05 -50.40
CA LEU C 198 29.50 48.67 -51.17
C LEU C 198 28.48 49.39 -50.30
N GLY C 199 28.57 49.29 -48.98
CA GLY C 199 27.68 50.01 -48.09
C GLY C 199 26.38 49.29 -47.78
N VAL C 200 26.47 48.07 -47.26
CA VAL C 200 25.27 47.32 -46.91
C VAL C 200 24.88 47.52 -45.45
N VAL C 201 25.85 47.85 -44.59
CA VAL C 201 25.63 47.81 -43.15
C VAL C 201 24.57 48.83 -42.74
N LYS C 202 24.78 50.11 -43.08
CA LYS C 202 23.83 51.13 -42.68
C LYS C 202 22.43 50.89 -43.24
N PRO C 203 22.24 50.55 -44.51
CA PRO C 203 20.87 50.23 -44.96
C PRO C 203 20.27 49.06 -44.23
N LEU C 204 21.06 48.02 -43.95
CA LEU C 204 20.53 46.86 -43.23
C LEU C 204 20.09 47.24 -41.83
N LEU C 205 20.94 47.98 -41.11
CA LEU C 205 20.61 48.36 -39.74
C LEU C 205 19.46 49.34 -39.69
N SER C 206 19.29 50.14 -40.73
CA SER C 206 18.19 51.10 -40.77
C SER C 206 16.83 50.41 -40.71
N PHE C 207 16.77 49.11 -40.98
CA PHE C 207 15.50 48.39 -40.96
C PHE C 207 15.01 48.11 -39.55
N ILE C 208 15.87 48.24 -38.54
CA ILE C 208 15.49 47.92 -37.17
C ILE C 208 14.52 48.99 -36.66
N SER C 209 13.29 48.59 -36.39
CA SER C 209 12.26 49.49 -35.88
C SER C 209 11.30 48.65 -35.05
N PRO C 210 10.58 49.26 -34.12
CA PRO C 210 9.60 48.49 -33.32
C PRO C 210 8.44 47.95 -34.14
N SER C 211 8.28 48.37 -35.40
CA SER C 211 7.21 47.89 -36.26
C SER C 211 7.69 46.85 -37.26
N ILE C 212 8.90 46.33 -37.09
CA ILE C 212 9.46 45.37 -38.05
C ILE C 212 8.79 44.02 -37.86
N PRO C 213 8.55 43.25 -38.92
CA PRO C 213 8.12 41.86 -38.74
C PRO C 213 9.19 41.05 -38.04
N ILE C 214 8.75 40.02 -37.33
CA ILE C 214 9.68 39.24 -36.52
C ILE C 214 10.56 38.37 -37.41
N THR C 215 9.96 37.75 -38.43
CA THR C 215 10.72 36.88 -39.31
C THR C 215 11.81 37.66 -40.04
N PHE C 216 11.42 38.75 -40.71
CA PHE C 216 12.40 39.60 -41.38
C PHE C 216 13.49 40.04 -40.43
N LEU C 217 13.13 40.36 -39.19
CA LEU C 217 14.13 40.72 -38.20
C LEU C 217 15.09 39.57 -37.95
N ARG C 218 14.56 38.34 -37.86
CA ARG C 218 15.43 37.19 -37.68
C ARG C 218 16.41 37.05 -38.83
N ASN C 219 15.96 37.29 -40.06
CA ASN C 219 16.89 37.23 -41.18
C ASN C 219 17.93 38.33 -41.09
N VAL C 220 17.54 39.51 -40.62
CA VAL C 220 18.51 40.60 -40.47
C VAL C 220 19.58 40.23 -39.46
N THR C 221 19.16 39.76 -38.29
CA THR C 221 20.12 39.32 -37.28
C THR C 221 21.02 38.23 -37.81
N TRP C 222 20.45 37.27 -38.55
CA TRP C 222 21.27 36.24 -39.17
C TRP C 222 22.34 36.86 -40.05
N VAL C 223 21.97 37.85 -40.86
CA VAL C 223 22.96 38.52 -41.69
C VAL C 223 24.01 39.18 -40.83
N MET C 224 23.63 39.70 -39.66
CA MET C 224 24.60 40.24 -38.74
C MET C 224 25.60 39.17 -38.31
N VAL C 225 25.09 37.97 -37.99
CA VAL C 225 25.96 36.86 -37.60
C VAL C 225 26.95 36.55 -38.72
N ASN C 226 26.47 36.52 -39.96
CA ASN C 226 27.38 36.31 -41.07
C ASN C 226 28.39 37.45 -41.19
N LEU C 227 27.98 38.68 -40.86
CA LEU C 227 28.92 39.80 -40.93
C LEU C 227 30.04 39.66 -39.90
N CYS C 228 29.70 39.18 -38.71
CA CYS C 228 30.69 39.11 -37.65
C CYS C 228 31.58 37.87 -37.74
N ARG C 229 31.34 36.97 -38.68
CA ARG C 229 32.02 35.68 -38.77
C ARG C 229 33.42 35.88 -39.39
N HIS C 230 34.12 34.78 -39.64
CA HIS C 230 35.33 34.75 -40.46
C HIS C 230 36.43 35.65 -39.89
N LYS C 231 36.94 35.23 -38.74
CA LYS C 231 37.98 35.97 -38.03
C LYS C 231 39.31 36.02 -38.76
N ASP C 232 39.48 35.28 -39.86
CA ASP C 232 40.80 35.20 -40.49
C ASP C 232 41.26 36.59 -40.95
N PRO C 233 40.60 37.26 -41.90
CA PRO C 233 40.61 38.72 -41.84
C PRO C 233 39.45 39.22 -41.00
N PRO C 234 39.73 39.80 -39.84
CA PRO C 234 38.65 40.23 -38.97
C PRO C 234 37.77 41.27 -39.66
N PRO C 235 36.50 41.34 -39.31
CA PRO C 235 35.61 42.28 -39.96
C PRO C 235 36.10 43.70 -39.74
N PRO C 236 35.75 44.62 -40.64
CA PRO C 236 36.28 45.98 -40.56
C PRO C 236 35.88 46.67 -39.27
N MET C 237 36.80 47.51 -38.77
CA MET C 237 36.57 48.24 -37.55
C MET C 237 35.29 49.05 -37.62
N GLU C 238 35.14 49.86 -38.66
CA GLU C 238 33.98 50.73 -38.79
C GLU C 238 32.68 49.92 -38.83
N THR C 239 32.72 48.74 -39.47
CA THR C 239 31.51 47.92 -39.54
C THR C 239 31.06 47.50 -38.15
N ILE C 240 32.00 47.05 -37.31
CA ILE C 240 31.66 46.67 -35.95
C ILE C 240 31.16 47.87 -35.16
N GLN C 241 31.78 49.01 -35.40
CA GLN C 241 31.39 50.21 -34.69
C GLN C 241 29.94 50.47 -35.03
N GLU C 242 29.55 50.17 -36.26
CA GLU C 242 28.17 50.41 -36.69
C GLU C 242 27.22 49.34 -36.16
N ILE C 243 27.69 48.11 -35.98
CA ILE C 243 26.81 47.01 -35.59
C ILE C 243 26.52 47.05 -34.10
N LEU C 244 27.55 47.25 -33.28
CA LEU C 244 27.42 47.08 -31.83
C LEU C 244 26.19 47.75 -31.22
N PRO C 245 25.88 49.02 -31.46
CA PRO C 245 24.68 49.58 -30.81
C PRO C 245 23.41 48.88 -31.22
N ALA C 246 23.30 48.47 -32.49
CA ALA C 246 22.14 47.68 -32.89
C ALA C 246 22.04 46.39 -32.09
N LEU C 247 23.17 45.73 -31.85
CA LEU C 247 23.14 44.54 -31.01
C LEU C 247 22.73 44.87 -29.60
N CYS C 248 23.21 46.00 -29.07
CA CYS C 248 22.79 46.44 -27.74
C CYS C 248 21.29 46.66 -27.68
N VAL C 249 20.67 47.02 -28.81
CA VAL C 249 19.22 47.14 -28.84
C VAL C 249 18.56 45.78 -28.93
N LEU C 250 19.15 44.86 -29.69
CA LEU C 250 18.54 43.56 -29.89
C LEU C 250 18.67 42.65 -28.67
N ILE C 251 19.65 42.90 -27.81
CA ILE C 251 19.91 41.98 -26.71
C ILE C 251 18.81 42.02 -25.67
N HIS C 252 18.05 43.11 -25.60
CA HIS C 252 16.91 43.18 -24.69
C HIS C 252 15.64 42.57 -25.27
N HIS C 253 15.68 42.04 -26.49
CA HIS C 253 14.47 41.60 -27.15
C HIS C 253 13.92 40.33 -26.51
N THR C 254 12.60 40.17 -26.59
CA THR C 254 11.93 39.08 -25.89
C THR C 254 12.06 37.75 -26.61
N ASP C 255 12.19 37.76 -27.93
CA ASP C 255 12.28 36.52 -28.68
C ASP C 255 13.52 35.73 -28.29
N VAL C 256 13.39 34.41 -28.33
CA VAL C 256 14.51 33.54 -27.98
C VAL C 256 15.52 33.48 -29.12
N ASN C 257 15.05 33.21 -30.34
CA ASN C 257 15.96 33.01 -31.46
C ASN C 257 16.74 34.28 -31.77
N ILE C 258 16.07 35.43 -31.75
CA ILE C 258 16.76 36.69 -32.01
C ILE C 258 17.87 36.91 -30.98
N LEU C 259 17.56 36.67 -29.71
CA LEU C 259 18.58 36.78 -28.68
C LEU C 259 19.74 35.82 -28.95
N VAL C 260 19.43 34.58 -29.32
CA VAL C 260 20.48 33.61 -29.59
C VAL C 260 21.41 34.10 -30.68
N ASP C 261 20.85 34.48 -31.84
CA ASP C 261 21.66 34.96 -32.95
C ASP C 261 22.47 36.18 -32.57
N THR C 262 21.86 37.11 -31.82
CA THR C 262 22.59 38.27 -31.33
C THR C 262 23.82 37.84 -30.52
N VAL C 263 23.61 36.96 -29.55
CA VAL C 263 24.69 36.54 -28.68
C VAL C 263 25.76 35.82 -29.47
N TRP C 264 25.39 35.08 -30.50
CA TRP C 264 26.42 34.46 -31.33
C TRP C 264 27.21 35.50 -32.09
N ALA C 265 26.54 36.53 -32.60
CA ALA C 265 27.27 37.63 -33.22
C ALA C 265 28.31 38.18 -32.25
N LEU C 266 27.90 38.39 -31.00
CA LEU C 266 28.87 38.77 -29.98
C LEU C 266 29.98 37.74 -29.85
N SER C 267 29.63 36.46 -29.96
CA SER C 267 30.63 35.41 -29.80
C SER C 267 31.73 35.55 -30.84
N TYR C 268 31.34 35.74 -32.10
CA TYR C 268 32.33 35.88 -33.16
C TYR C 268 33.12 37.16 -33.00
N LEU C 269 32.44 38.25 -32.63
CA LEU C 269 33.15 39.51 -32.40
C LEU C 269 34.22 39.34 -31.34
N THR C 270 33.94 38.59 -30.28
CA THR C 270 34.93 38.41 -29.23
C THR C 270 36.00 37.42 -29.63
N ASP C 271 35.65 36.37 -30.38
CA ASP C 271 36.64 35.40 -30.81
C ASP C 271 37.59 36.00 -31.83
N ALA C 272 37.24 37.16 -32.42
CA ALA C 272 38.10 37.80 -33.40
C ALA C 272 39.49 38.09 -32.82
N GLY C 273 39.55 38.69 -31.65
CA GLY C 273 40.82 39.01 -31.05
C GLY C 273 40.63 39.98 -29.91
N ASN C 274 41.75 40.36 -29.30
CA ASN C 274 41.70 41.22 -28.13
C ASN C 274 41.10 42.58 -28.49
N GLU C 275 41.38 43.07 -29.69
CA GLU C 275 40.93 44.39 -30.10
C GLU C 275 39.41 44.46 -30.08
N GLN C 276 38.78 43.57 -30.84
CA GLN C 276 37.32 43.54 -30.94
C GLN C 276 36.69 43.26 -29.58
N ILE C 277 37.33 42.43 -28.76
CA ILE C 277 36.88 42.27 -27.39
C ILE C 277 36.82 43.62 -26.71
N GLN C 278 37.88 44.41 -26.83
CA GLN C 278 37.91 45.72 -26.20
C GLN C 278 36.77 46.60 -26.72
N MET C 279 36.44 46.47 -28.00
CA MET C 279 35.27 47.20 -28.51
C MET C 279 33.99 46.73 -27.81
N VAL C 280 33.78 45.41 -27.75
CA VAL C 280 32.58 44.88 -27.13
C VAL C 280 32.45 45.40 -25.71
N ILE C 281 33.56 45.44 -24.98
CA ILE C 281 33.53 45.98 -23.63
C ILE C 281 33.18 47.46 -23.65
N ASP C 282 33.71 48.18 -24.64
CA ASP C 282 33.45 49.61 -24.73
C ASP C 282 32.01 49.92 -25.13
N SER C 283 31.30 48.96 -25.72
CA SER C 283 29.91 49.17 -26.09
C SER C 283 28.96 49.12 -24.91
N GLY C 284 29.47 48.87 -23.71
CA GLY C 284 28.60 48.79 -22.55
C GLY C 284 27.62 47.66 -22.60
N ILE C 285 27.87 46.63 -23.40
CA ILE C 285 26.93 45.52 -23.51
C ILE C 285 27.22 44.40 -22.52
N VAL C 286 28.43 44.38 -21.95
CA VAL C 286 28.80 43.26 -21.07
C VAL C 286 27.86 43.12 -19.88
N PRO C 287 27.53 44.18 -19.12
CA PRO C 287 26.60 44.01 -18.00
C PRO C 287 25.24 43.48 -18.43
N HIS C 288 24.84 43.68 -19.67
CA HIS C 288 23.61 43.08 -20.15
C HIS C 288 23.80 41.65 -20.64
N LEU C 289 25.02 41.29 -21.04
CA LEU C 289 25.29 39.96 -21.55
C LEU C 289 25.49 38.95 -20.44
N VAL C 290 26.18 39.34 -19.37
CA VAL C 290 26.56 38.37 -18.34
C VAL C 290 25.35 37.66 -17.74
N PRO C 291 24.27 38.34 -17.32
CA PRO C 291 23.16 37.63 -16.69
C PRO C 291 22.52 36.58 -17.57
N LEU C 292 22.81 36.55 -18.85
CA LEU C 292 22.25 35.51 -19.69
C LEU C 292 22.80 34.13 -19.38
N LEU C 293 23.86 34.05 -18.57
CA LEU C 293 24.42 32.74 -18.26
C LEU C 293 23.41 31.89 -17.49
N SER C 294 22.53 32.53 -16.72
CA SER C 294 21.51 31.82 -15.94
C SER C 294 20.14 31.90 -16.58
N HIS C 295 20.07 32.22 -17.87
CA HIS C 295 18.79 32.28 -18.55
C HIS C 295 18.17 30.89 -18.64
N GLN C 296 16.84 30.86 -18.81
CA GLN C 296 16.11 29.60 -18.77
C GLN C 296 16.48 28.70 -19.95
N GLU C 297 16.50 29.25 -21.16
CA GLU C 297 16.77 28.42 -22.33
C GLU C 297 18.24 28.02 -22.40
N VAL C 298 18.47 26.76 -22.75
CA VAL C 298 19.83 26.22 -22.74
C VAL C 298 20.69 26.85 -23.83
N LYS C 299 20.10 27.21 -24.96
CA LYS C 299 20.88 27.72 -26.08
C LYS C 299 21.45 29.10 -25.78
N VAL C 300 20.63 29.98 -25.19
CA VAL C 300 21.11 31.28 -24.77
C VAL C 300 22.28 31.13 -23.81
N GLN C 301 22.17 30.16 -22.89
CA GLN C 301 23.27 29.88 -21.97
C GLN C 301 24.52 29.48 -22.72
N THR C 302 24.40 28.54 -23.67
CA THR C 302 25.57 28.09 -24.39
C THR C 302 26.27 29.23 -25.11
N ALA C 303 25.50 29.98 -25.92
CA ALA C 303 26.09 31.07 -26.68
C ALA C 303 26.70 32.12 -25.77
N ALA C 304 25.97 32.52 -24.73
CA ALA C 304 26.49 33.52 -23.81
C ALA C 304 27.78 33.05 -23.16
N LEU C 305 27.83 31.79 -22.77
CA LEU C 305 29.03 31.26 -22.13
C LEU C 305 30.22 31.27 -23.08
N ARG C 306 30.02 30.86 -24.34
CA ARG C 306 31.10 30.94 -25.31
C ARG C 306 31.57 32.38 -25.49
N ALA C 307 30.63 33.31 -25.62
CA ALA C 307 30.98 34.71 -25.83
C ALA C 307 31.82 35.23 -24.67
N VAL C 308 31.30 35.12 -23.45
CA VAL C 308 32.00 35.63 -22.28
C VAL C 308 33.36 34.97 -22.13
N GLY C 309 33.42 33.66 -22.36
CA GLY C 309 34.70 32.99 -22.30
C GLY C 309 35.69 33.58 -23.28
N ASN C 310 35.25 33.82 -24.51
CA ASN C 310 36.11 34.49 -25.46
C ASN C 310 36.55 35.86 -24.95
N ILE C 311 35.66 36.56 -24.23
CA ILE C 311 36.04 37.85 -23.68
C ILE C 311 37.18 37.68 -22.70
N VAL C 312 37.06 36.71 -21.79
CA VAL C 312 38.12 36.53 -20.81
C VAL C 312 39.34 35.86 -21.40
N THR C 313 39.30 35.46 -22.67
CA THR C 313 40.56 35.06 -23.30
C THR C 313 41.49 36.23 -23.51
N GLY C 314 41.11 37.43 -23.11
CA GLY C 314 41.89 38.61 -23.41
C GLY C 314 42.90 38.96 -22.36
N THR C 315 43.03 40.25 -22.08
CA THR C 315 43.99 40.75 -21.11
C THR C 315 43.43 40.56 -19.70
N ASP C 316 44.20 41.02 -18.71
CA ASP C 316 43.77 40.88 -17.34
C ASP C 316 42.57 41.75 -17.04
N GLU C 317 42.70 43.05 -17.31
CA GLU C 317 41.65 43.99 -16.94
C GLU C 317 40.33 43.69 -17.63
N GLN C 318 40.37 43.17 -18.85
CA GLN C 318 39.15 42.79 -19.53
C GLN C 318 38.45 41.66 -18.77
N THR C 319 39.18 40.60 -18.48
CA THR C 319 38.65 39.55 -17.61
C THR C 319 38.07 40.16 -16.35
N GLN C 320 38.76 41.15 -15.78
CA GLN C 320 38.28 41.77 -14.57
C GLN C 320 36.98 42.54 -14.81
N VAL C 321 36.76 43.01 -16.03
CA VAL C 321 35.48 43.62 -16.34
C VAL C 321 34.39 42.57 -16.38
N VAL C 322 34.71 41.38 -16.90
CA VAL C 322 33.74 40.30 -16.83
C VAL C 322 33.40 39.98 -15.39
N LEU C 323 34.41 39.96 -14.51
CA LEU C 323 34.20 39.57 -13.13
C LEU C 323 33.40 40.62 -12.36
N ASN C 324 33.69 41.90 -12.58
CA ASN C 324 33.01 42.96 -11.83
C ASN C 324 31.51 42.98 -12.07
N CYS C 325 31.04 42.41 -13.17
CA CYS C 325 29.62 42.26 -13.39
C CYS C 325 29.03 41.07 -12.66
N ASP C 326 29.79 40.51 -11.72
CA ASP C 326 29.33 39.38 -10.90
C ASP C 326 28.95 38.19 -11.78
N ALA C 327 29.95 37.70 -12.50
CA ALA C 327 29.75 36.57 -13.38
C ALA C 327 29.90 35.24 -12.67
N LEU C 328 30.77 35.18 -11.66
CA LEU C 328 31.03 33.90 -11.00
C LEU C 328 29.80 33.35 -10.31
N SER C 329 28.91 34.23 -9.86
CA SER C 329 27.71 33.79 -9.15
C SER C 329 26.89 32.82 -9.99
N HIS C 330 26.98 32.91 -11.30
CA HIS C 330 26.17 32.05 -12.16
C HIS C 330 26.76 30.66 -12.32
N PHE C 331 28.04 30.48 -12.05
CA PHE C 331 28.73 29.24 -12.40
C PHE C 331 28.40 28.02 -11.56
N PRO C 332 28.09 28.14 -10.28
CA PRO C 332 27.65 26.94 -9.55
C PRO C 332 26.57 26.16 -10.27
N ALA C 333 25.57 26.84 -10.82
CA ALA C 333 24.58 26.14 -11.63
C ALA C 333 25.21 25.56 -12.89
N LEU C 334 25.99 26.36 -13.60
CA LEU C 334 26.60 25.90 -14.85
C LEU C 334 27.52 24.71 -14.63
N LEU C 335 28.20 24.67 -13.50
CA LEU C 335 29.09 23.53 -13.26
C LEU C 335 28.31 22.27 -12.93
N THR C 336 27.04 22.38 -12.55
CA THR C 336 26.21 21.21 -12.25
C THR C 336 25.12 21.00 -13.30
N HIS C 337 25.17 21.73 -14.40
CA HIS C 337 24.13 21.63 -15.42
C HIS C 337 24.19 20.27 -16.11
N PRO C 338 23.04 19.69 -16.45
CA PRO C 338 23.04 18.32 -17.00
C PRO C 338 23.76 18.17 -18.33
N LYS C 339 23.81 19.22 -19.14
CA LYS C 339 24.44 19.10 -20.45
C LYS C 339 25.96 19.06 -20.30
N GLU C 340 26.59 18.09 -20.97
CA GLU C 340 28.04 17.95 -20.85
C GLU C 340 28.76 19.15 -21.46
N LYS C 341 28.22 19.70 -22.54
CA LYS C 341 28.90 20.79 -23.24
C LYS C 341 29.00 22.04 -22.36
N ILE C 342 27.95 22.32 -21.59
CA ILE C 342 28.00 23.48 -20.71
C ILE C 342 29.03 23.28 -19.61
N ASN C 343 29.09 22.08 -19.05
CA ASN C 343 30.14 21.79 -18.07
C ASN C 343 31.51 22.04 -18.67
N LYS C 344 31.76 21.46 -19.85
CA LYS C 344 33.05 21.63 -20.50
C LYS C 344 33.38 23.11 -20.72
N GLU C 345 32.45 23.86 -21.31
CA GLU C 345 32.75 25.26 -21.62
C GLU C 345 32.95 26.08 -20.36
N ALA C 346 32.19 25.79 -19.30
CA ALA C 346 32.33 26.57 -18.08
C ALA C 346 33.68 26.28 -17.42
N VAL C 347 34.05 25.01 -17.32
CA VAL C 347 35.36 24.67 -16.76
C VAL C 347 36.46 25.29 -17.61
N TRP C 348 36.24 25.38 -18.92
CA TRP C 348 37.15 26.14 -19.76
C TRP C 348 37.25 27.59 -19.28
N PHE C 349 36.11 28.24 -19.08
CA PHE C 349 36.09 29.62 -18.61
C PHE C 349 36.95 29.78 -17.37
N LEU C 350 36.64 28.99 -16.33
CA LEU C 350 37.41 29.10 -15.10
C LEU C 350 38.88 28.79 -15.36
N SER C 351 39.18 27.92 -16.32
CA SER C 351 40.58 27.64 -16.64
C SER C 351 41.26 28.86 -17.25
N ASN C 352 40.51 29.73 -17.91
CA ASN C 352 41.09 30.99 -18.32
C ASN C 352 41.16 31.99 -17.17
N ILE C 353 40.26 31.88 -16.20
CA ILE C 353 40.30 32.83 -15.08
C ILE C 353 41.50 32.56 -14.18
N THR C 354 41.77 31.29 -13.88
CA THR C 354 42.90 30.98 -13.00
C THR C 354 44.23 31.36 -13.64
N ALA C 355 44.27 31.51 -14.96
CA ALA C 355 45.51 31.89 -15.61
C ALA C 355 45.78 33.37 -15.52
N GLY C 356 44.86 34.14 -14.95
CA GLY C 356 45.04 35.58 -14.77
C GLY C 356 45.95 35.90 -13.62
N ASN C 357 45.75 37.08 -13.05
CA ASN C 357 46.59 37.51 -11.95
C ASN C 357 46.14 36.82 -10.65
N GLN C 358 46.88 37.10 -9.58
CA GLN C 358 46.57 36.47 -8.30
C GLN C 358 45.19 36.87 -7.81
N GLN C 359 44.82 38.14 -8.01
CA GLN C 359 43.53 38.62 -7.54
C GLN C 359 42.39 37.81 -8.11
N GLN C 360 42.43 37.50 -9.41
CA GLN C 360 41.36 36.75 -10.05
C GLN C 360 41.30 35.32 -9.52
N VAL C 361 42.45 34.70 -9.32
CA VAL C 361 42.47 33.36 -8.73
C VAL C 361 41.78 33.38 -7.38
N GLN C 362 42.14 34.35 -6.53
CA GLN C 362 41.47 34.49 -5.24
C GLN C 362 39.98 34.71 -5.41
N ALA C 363 39.58 35.39 -6.48
CA ALA C 363 38.16 35.59 -6.73
C ALA C 363 37.48 34.26 -7.09
N VAL C 364 38.22 33.34 -7.70
CA VAL C 364 37.64 32.02 -7.99
C VAL C 364 37.49 31.23 -6.69
N ILE C 365 38.53 31.23 -5.85
CA ILE C 365 38.46 30.47 -4.60
C ILE C 365 37.33 30.99 -3.72
N ASP C 366 37.19 32.31 -3.64
CA ASP C 366 36.16 32.90 -2.80
C ASP C 366 34.74 32.54 -3.23
N ALA C 367 34.56 31.99 -4.42
CA ALA C 367 33.23 31.64 -4.90
C ALA C 367 32.86 30.17 -4.65
N ASN C 368 33.63 29.43 -3.86
CA ASN C 368 33.34 28.03 -3.54
C ASN C 368 33.29 27.14 -4.78
N LEU C 369 34.04 27.50 -5.80
CA LEU C 369 33.97 26.76 -7.05
C LEU C 369 34.99 25.64 -7.14
N VAL C 370 36.06 25.68 -6.32
CA VAL C 370 37.09 24.65 -6.40
C VAL C 370 36.54 23.24 -6.15
N PRO C 371 35.69 23.00 -5.15
CA PRO C 371 35.19 21.63 -4.96
C PRO C 371 34.48 21.07 -6.17
N MET C 372 33.68 21.88 -6.86
CA MET C 372 33.00 21.40 -8.05
C MET C 372 33.97 21.22 -9.22
N ILE C 373 34.97 22.09 -9.34
CA ILE C 373 36.00 21.91 -10.35
C ILE C 373 36.68 20.56 -10.18
N ILE C 374 37.09 20.25 -8.95
CA ILE C 374 37.73 18.96 -8.70
C ILE C 374 36.74 17.83 -8.94
N HIS C 375 35.49 18.00 -8.52
CA HIS C 375 34.49 16.97 -8.75
C HIS C 375 34.37 16.62 -10.23
N LEU C 376 34.29 17.64 -11.09
CA LEU C 376 34.27 17.36 -12.52
C LEU C 376 35.59 16.79 -13.00
N LEU C 377 36.69 17.18 -12.36
CA LEU C 377 37.98 16.59 -12.70
C LEU C 377 38.02 15.11 -12.39
N ASP C 378 37.17 14.64 -11.48
CA ASP C 378 37.18 13.24 -11.09
C ASP C 378 36.11 12.44 -11.84
N LYS C 379 34.90 12.99 -11.94
CA LYS C 379 33.75 12.26 -12.43
C LYS C 379 33.13 12.90 -13.66
N GLY C 380 33.83 13.81 -14.33
CA GLY C 380 33.34 14.37 -15.56
C GLY C 380 33.75 13.56 -16.77
N ASP C 381 33.29 14.00 -17.94
CA ASP C 381 33.71 13.35 -19.17
C ASP C 381 35.12 13.79 -19.55
N PHE C 382 35.66 13.17 -20.60
CA PHE C 382 37.06 13.35 -20.91
C PHE C 382 37.40 14.80 -21.21
N GLY C 383 36.56 15.49 -21.97
CA GLY C 383 36.83 16.88 -22.30
C GLY C 383 36.84 17.76 -21.07
N THR C 384 35.78 17.66 -20.26
CA THR C 384 35.73 18.48 -19.05
C THR C 384 36.91 18.18 -18.14
N GLN C 385 37.29 16.90 -18.04
CA GLN C 385 38.48 16.56 -17.27
C GLN C 385 39.71 17.27 -17.82
N LYS C 386 39.85 17.32 -19.14
CA LYS C 386 40.96 18.03 -19.76
C LYS C 386 40.97 19.49 -19.34
N GLU C 387 39.85 20.18 -19.58
CA GLU C 387 39.79 21.61 -19.25
C GLU C 387 40.05 21.84 -17.77
N ALA C 388 39.56 20.94 -16.92
CA ALA C 388 39.82 21.06 -15.50
C ALA C 388 41.30 20.93 -15.21
N ALA C 389 41.97 19.97 -15.84
CA ALA C 389 43.42 19.86 -15.67
C ALA C 389 44.10 21.17 -16.05
N TRP C 390 43.68 21.78 -17.15
CA TRP C 390 44.23 23.09 -17.49
C TRP C 390 43.94 24.10 -16.40
N ALA C 391 42.75 24.09 -15.81
CA ALA C 391 42.45 25.03 -14.75
C ALA C 391 43.39 24.84 -13.57
N ILE C 392 43.61 23.60 -13.16
CA ILE C 392 44.45 23.30 -12.01
C ILE C 392 45.89 23.72 -12.28
N SER C 393 46.40 23.38 -13.46
CA SER C 393 47.78 23.74 -13.75
C SER C 393 47.95 25.25 -13.83
N ASN C 394 46.99 25.95 -14.44
CA ASN C 394 47.06 27.40 -14.51
C ASN C 394 47.05 28.02 -13.13
N LEU C 395 46.14 27.56 -12.27
CA LEU C 395 46.16 28.02 -10.89
C LEU C 395 47.47 27.66 -10.21
N THR C 396 48.11 26.59 -10.65
CA THR C 396 49.37 26.18 -10.02
C THR C 396 50.50 27.13 -10.35
N ILE C 397 50.61 27.53 -11.61
CA ILE C 397 51.72 28.41 -11.96
C ILE C 397 51.39 29.87 -11.63
N SER C 398 50.10 30.22 -11.58
CA SER C 398 49.73 31.62 -11.38
C SER C 398 49.47 31.97 -9.93
N GLY C 399 48.99 31.03 -9.14
CA GLY C 399 48.56 31.33 -7.80
C GLY C 399 49.68 31.52 -6.79
N ARG C 400 49.29 32.00 -5.62
CA ARG C 400 50.20 32.14 -4.50
C ARG C 400 50.38 30.80 -3.80
N LYS C 401 51.25 30.77 -2.80
CA LYS C 401 51.54 29.52 -2.10
C LYS C 401 50.37 29.09 -1.23
N ASP C 402 49.74 30.03 -0.52
CA ASP C 402 48.58 29.68 0.28
C ASP C 402 47.41 29.24 -0.59
N GLN C 403 47.31 29.78 -1.80
CA GLN C 403 46.23 29.38 -2.70
C GLN C 403 46.39 27.93 -3.13
N VAL C 404 47.58 27.58 -3.63
CA VAL C 404 47.87 26.19 -3.97
C VAL C 404 47.70 25.30 -2.75
N ALA C 405 48.04 25.80 -1.56
CA ALA C 405 47.79 25.04 -0.36
C ALA C 405 46.30 24.74 -0.21
N TYR C 406 45.46 25.76 -0.40
CA TYR C 406 44.01 25.52 -0.36
C TYR C 406 43.60 24.48 -1.39
N LEU C 407 44.20 24.52 -2.58
CA LEU C 407 43.87 23.53 -3.59
C LEU C 407 44.23 22.13 -3.10
N ILE C 408 45.39 21.99 -2.46
CA ILE C 408 45.81 20.67 -2.02
C ILE C 408 44.87 20.16 -0.94
N GLN C 409 44.56 21.01 0.05
CA GLN C 409 43.70 20.54 1.14
C GLN C 409 42.26 20.32 0.71
N GLN C 410 41.95 20.49 -0.57
CA GLN C 410 40.64 20.14 -1.12
C GLN C 410 40.65 18.79 -1.82
N ASN C 411 41.64 17.95 -1.52
CA ASN C 411 41.70 16.58 -2.04
C ASN C 411 41.77 16.57 -3.56
N VAL C 412 42.67 17.38 -4.10
CA VAL C 412 42.80 17.46 -5.55
C VAL C 412 43.85 16.50 -6.09
N ILE C 413 44.78 16.06 -5.25
CA ILE C 413 45.89 15.25 -5.75
C ILE C 413 45.43 13.94 -6.36
N PRO C 414 44.58 13.14 -5.71
CA PRO C 414 44.20 11.85 -6.29
C PRO C 414 43.52 12.01 -7.64
N PRO C 415 42.44 12.79 -7.77
CA PRO C 415 41.81 12.88 -9.09
C PRO C 415 42.69 13.57 -10.11
N PHE C 416 43.49 14.55 -9.69
CA PHE C 416 44.40 15.19 -10.62
C PHE C 416 45.45 14.22 -11.14
N CYS C 417 45.86 13.25 -10.34
CA CYS C 417 46.88 12.32 -10.77
C CYS C 417 46.32 11.13 -11.52
N ASN C 418 45.07 10.76 -11.25
CA ASN C 418 44.46 9.63 -11.94
C ASN C 418 44.32 9.86 -13.44
N LEU C 419 44.61 11.06 -13.94
CA LEU C 419 44.55 11.30 -15.38
C LEU C 419 45.82 10.91 -16.11
N LEU C 420 46.90 10.62 -15.39
CA LEU C 420 48.17 10.31 -16.03
C LEU C 420 48.11 9.06 -16.91
N THR C 421 47.04 8.29 -16.85
CA THR C 421 46.93 7.05 -17.61
C THR C 421 46.23 7.22 -18.96
N VAL C 422 45.83 8.44 -19.32
CA VAL C 422 45.12 8.65 -20.57
C VAL C 422 46.10 8.62 -21.74
N LYS C 423 45.55 8.44 -22.94
CA LYS C 423 46.36 8.36 -24.15
C LYS C 423 46.75 9.73 -24.69
N ASP C 424 46.17 10.81 -24.18
CA ASP C 424 46.47 12.14 -24.68
C ASP C 424 47.75 12.66 -24.04
N ALA C 425 48.76 12.93 -24.85
CA ALA C 425 50.03 13.42 -24.31
C ALA C 425 49.90 14.82 -23.75
N GLN C 426 49.00 15.63 -24.31
CA GLN C 426 48.85 17.00 -23.83
C GLN C 426 48.38 17.04 -22.39
N VAL C 427 47.36 16.25 -22.07
CA VAL C 427 46.87 16.18 -20.69
C VAL C 427 47.98 15.73 -19.74
N VAL C 428 48.78 14.76 -20.17
CA VAL C 428 49.86 14.29 -19.33
C VAL C 428 50.88 15.39 -19.10
N GLN C 429 51.22 16.15 -20.14
CA GLN C 429 52.12 17.28 -19.94
C GLN C 429 51.54 18.30 -18.98
N VAL C 430 50.23 18.53 -19.05
CA VAL C 430 49.61 19.49 -18.14
C VAL C 430 49.72 19.00 -16.71
N VAL C 431 49.40 17.72 -16.48
CA VAL C 431 49.40 17.20 -15.12
C VAL C 431 50.81 17.17 -14.56
N LEU C 432 51.76 16.64 -15.33
CA LEU C 432 53.13 16.59 -14.85
C LEU C 432 53.69 17.98 -14.61
N ASP C 433 53.37 18.93 -15.49
CA ASP C 433 53.84 20.30 -15.28
C ASP C 433 53.23 20.89 -14.02
N GLY C 434 51.95 20.65 -13.78
CA GLY C 434 51.32 21.14 -12.57
C GLY C 434 51.95 20.56 -11.32
N LEU C 435 52.11 19.24 -11.28
CA LEU C 435 52.73 18.61 -10.12
C LEU C 435 54.13 19.14 -9.90
N SER C 436 54.92 19.24 -10.98
CA SER C 436 56.26 19.77 -10.85
C SER C 436 56.25 21.18 -10.29
N ASN C 437 55.29 22.01 -10.71
CA ASN C 437 55.23 23.36 -10.17
C ASN C 437 54.83 23.37 -8.71
N ILE C 438 53.92 22.47 -8.32
CA ILE C 438 53.52 22.38 -6.92
C ILE C 438 54.70 22.00 -6.05
N LEU C 439 55.43 20.96 -6.46
CA LEU C 439 56.57 20.51 -5.67
C LEU C 439 57.67 21.56 -5.63
N LYS C 440 57.89 22.26 -6.74
CA LYS C 440 58.85 23.35 -6.71
C LYS C 440 58.40 24.49 -5.80
N MET C 441 57.09 24.67 -5.65
CA MET C 441 56.58 25.78 -4.87
C MET C 441 56.68 25.49 -3.37
N ALA C 442 56.03 24.44 -2.90
CA ALA C 442 56.09 24.09 -1.48
C ALA C 442 57.44 23.46 -1.14
N GLU C 443 58.12 24.02 -0.14
CA GLU C 443 59.48 23.60 0.21
C GLU C 443 59.50 22.67 1.42
N ASP C 444 58.94 23.11 2.55
CA ASP C 444 59.02 22.32 3.78
C ASP C 444 58.08 21.12 3.74
N GLU C 445 56.87 21.29 3.20
CA GLU C 445 55.92 20.21 3.09
C GLU C 445 56.11 19.37 1.84
N ALA C 446 57.20 19.59 1.09
CA ALA C 446 57.48 18.75 -0.06
C ALA C 446 57.54 17.29 0.31
N GLU C 447 57.99 16.97 1.51
CA GLU C 447 57.87 15.61 2.04
C GLU C 447 56.42 15.17 2.04
N THR C 448 55.59 15.90 2.79
CA THR C 448 54.18 15.54 2.94
C THR C 448 53.50 15.34 1.59
N ILE C 449 53.55 16.37 0.75
CA ILE C 449 52.92 16.28 -0.56
C ILE C 449 53.45 15.09 -1.32
N GLY C 450 54.76 14.86 -1.26
CA GLY C 450 55.31 13.70 -1.93
C GLY C 450 54.64 12.42 -1.46
N ASN C 451 54.56 12.24 -0.14
CA ASN C 451 53.89 11.07 0.39
C ASN C 451 52.43 11.04 -0.04
N LEU C 452 51.80 12.20 -0.22
CA LEU C 452 50.43 12.23 -0.72
C LEU C 452 50.36 11.60 -2.09
N ILE C 453 51.29 11.97 -2.97
CA ILE C 453 51.32 11.32 -4.27
C ILE C 453 51.63 9.84 -4.10
N GLU C 454 52.44 9.49 -3.11
CA GLU C 454 52.72 8.08 -2.85
C GLU C 454 51.48 7.37 -2.34
N GLU C 455 50.56 8.10 -1.70
CA GLU C 455 49.37 7.46 -1.15
C GLU C 455 48.38 7.11 -2.25
N CYS C 456 48.06 8.07 -3.12
CA CYS C 456 47.10 7.89 -4.21
C CYS C 456 47.65 7.05 -5.35
N GLY C 457 48.82 6.44 -5.22
CA GLY C 457 49.38 5.63 -6.27
C GLY C 457 49.84 6.40 -7.49
N GLY C 458 49.79 7.74 -7.47
CA GLY C 458 50.26 8.51 -8.61
C GLY C 458 51.73 8.30 -8.89
N LEU C 459 52.54 8.06 -7.85
CA LEU C 459 53.96 7.82 -8.07
C LEU C 459 54.18 6.60 -8.94
N GLU C 460 53.37 5.56 -8.75
CA GLU C 460 53.46 4.38 -9.62
C GLU C 460 53.20 4.77 -11.07
N LYS C 461 52.14 5.55 -11.30
CA LYS C 461 51.80 5.96 -12.66
C LYS C 461 52.93 6.76 -13.29
N ILE C 462 53.50 7.70 -12.53
CA ILE C 462 54.63 8.46 -13.06
C ILE C 462 55.81 7.54 -13.36
N GLU C 463 56.07 6.58 -12.49
CA GLU C 463 57.18 5.67 -12.72
C GLU C 463 56.96 4.82 -13.96
N GLN C 464 55.71 4.50 -14.29
CA GLN C 464 55.46 3.78 -15.53
C GLN C 464 55.26 4.68 -16.74
N LEU C 465 55.24 6.01 -16.56
CA LEU C 465 55.16 6.89 -17.71
C LEU C 465 56.50 7.09 -18.40
N GLN C 466 57.60 6.71 -17.76
CA GLN C 466 58.92 6.90 -18.35
C GLN C 466 59.15 5.83 -19.41
N ASN C 467 58.54 6.06 -20.58
CA ASN C 467 58.73 5.14 -21.70
C ASN C 467 58.85 5.97 -22.97
N HIS C 468 58.72 5.31 -24.13
CA HIS C 468 59.11 5.89 -25.40
C HIS C 468 57.95 6.51 -26.16
N GLU C 469 56.98 7.11 -25.47
CA GLU C 469 55.88 7.70 -26.22
C GLU C 469 56.11 9.17 -26.57
N ASN C 470 56.72 9.94 -25.66
CA ASN C 470 56.91 11.36 -25.89
C ASN C 470 58.18 11.82 -25.20
N GLU C 471 58.99 12.61 -25.90
CA GLU C 471 60.23 13.10 -25.30
C GLU C 471 59.95 13.91 -24.04
N ASP C 472 58.92 14.77 -24.06
CA ASP C 472 58.70 15.68 -22.96
C ASP C 472 58.17 14.97 -21.73
N ILE C 473 57.23 14.04 -21.91
CA ILE C 473 56.73 13.27 -20.78
C ILE C 473 57.86 12.47 -20.16
N TYR C 474 58.75 11.96 -21.00
CA TYR C 474 59.90 11.21 -20.55
C TYR C 474 60.83 12.08 -19.69
N LYS C 475 61.37 13.14 -20.27
CA LYS C 475 62.37 13.95 -19.58
C LYS C 475 61.78 14.63 -18.36
N LEU C 476 60.66 15.34 -18.54
CA LEU C 476 60.01 15.98 -17.42
C LEU C 476 59.64 14.97 -16.34
N ALA C 477 59.12 13.81 -16.73
CA ALA C 477 58.72 12.80 -15.76
C ALA C 477 59.91 12.39 -14.89
N TYR C 478 61.01 11.99 -15.51
CA TYR C 478 62.10 11.50 -14.67
C TYR C 478 62.79 12.63 -13.93
N GLU C 479 62.77 13.85 -14.47
CA GLU C 479 63.28 14.98 -13.69
C GLU C 479 62.47 15.16 -12.43
N ILE C 480 61.14 15.02 -12.52
CA ILE C 480 60.29 15.08 -11.35
C ILE C 480 60.66 13.97 -10.36
N ILE C 481 60.83 12.75 -10.88
CA ILE C 481 61.16 11.63 -9.99
C ILE C 481 62.47 11.88 -9.26
N ASP C 482 63.55 12.08 -10.02
CA ASP C 482 64.86 12.28 -9.40
C ASP C 482 64.89 13.49 -8.48
N GLN C 483 64.14 14.55 -8.82
CA GLN C 483 64.22 15.75 -8.01
C GLN C 483 63.44 15.60 -6.71
N PHE C 484 62.22 15.06 -6.77
CA PHE C 484 61.35 15.11 -5.61
C PHE C 484 61.04 13.75 -5.00
N PHE C 485 61.42 12.65 -5.64
CA PHE C 485 61.07 11.32 -5.16
C PHE C 485 62.28 10.43 -4.93
N SER C 486 63.44 11.02 -4.68
CA SER C 486 64.60 10.24 -4.28
C SER C 486 64.51 10.03 -2.77
N SER C 487 64.10 8.83 -2.38
CA SER C 487 63.77 8.49 -0.99
C SER C 487 62.61 9.35 -0.49
N SER D 72 -33.42 -48.46 70.50
CA SER D 72 -32.36 -49.32 71.01
C SER D 72 -32.40 -50.69 70.31
N LEU D 73 -31.72 -51.69 70.88
CA LEU D 73 -31.49 -52.94 70.16
C LEU D 73 -32.64 -53.92 70.31
N GLU D 74 -33.26 -53.97 71.48
CA GLU D 74 -34.25 -55.00 71.77
C GLU D 74 -35.40 -54.46 72.60
N ALA D 75 -35.25 -53.26 73.19
CA ALA D 75 -36.28 -52.61 73.98
C ALA D 75 -37.66 -52.70 73.34
N ILE D 76 -37.71 -52.63 72.01
CA ILE D 76 -38.99 -52.54 71.31
C ILE D 76 -39.89 -53.71 71.68
N VAL D 77 -39.31 -54.91 71.85
CA VAL D 77 -40.14 -56.08 72.14
C VAL D 77 -40.93 -55.87 73.42
N GLN D 78 -40.31 -55.23 74.40
CA GLN D 78 -40.99 -54.72 75.59
C GLN D 78 -42.00 -53.59 75.37
N ASN D 79 -41.63 -52.62 74.54
CA ASN D 79 -42.47 -51.47 74.25
C ASN D 79 -43.66 -51.85 73.39
N ALA D 80 -43.52 -52.88 72.56
CA ALA D 80 -44.61 -53.36 71.73
C ALA D 80 -45.57 -54.27 72.47
N SER D 81 -45.23 -54.67 73.70
CA SER D 81 -46.11 -55.52 74.51
C SER D 81 -47.00 -54.71 75.45
N SER D 82 -46.84 -53.40 75.49
CA SER D 82 -47.62 -52.56 76.39
C SER D 82 -49.07 -52.45 75.92
N ASP D 83 -49.91 -51.86 76.77
CA ASP D 83 -51.30 -51.58 76.44
C ASP D 83 -51.53 -50.13 76.06
N ASN D 84 -50.50 -49.29 76.14
CA ASN D 84 -50.61 -47.89 75.74
C ASN D 84 -50.43 -47.78 74.24
N GLN D 85 -51.48 -47.32 73.55
CA GLN D 85 -51.45 -47.28 72.09
C GLN D 85 -50.39 -46.32 71.57
N GLY D 86 -50.04 -45.30 72.35
CA GLY D 86 -48.93 -44.44 71.95
C GLY D 86 -47.60 -45.15 72.00
N ILE D 87 -47.34 -45.87 73.10
CA ILE D 87 -46.12 -46.67 73.20
C ILE D 87 -46.13 -47.77 72.15
N GLN D 88 -47.31 -48.30 71.82
CA GLN D 88 -47.42 -49.28 70.74
C GLN D 88 -46.97 -48.68 69.41
N LEU D 89 -47.62 -47.59 69.01
CA LEU D 89 -47.30 -46.98 67.71
C LEU D 89 -45.85 -46.56 67.63
N SER D 90 -45.36 -45.88 68.67
CA SER D 90 -43.97 -45.45 68.70
C SER D 90 -43.03 -46.63 68.52
N ALA D 91 -43.33 -47.74 69.20
CA ALA D 91 -42.47 -48.91 69.08
C ALA D 91 -42.44 -49.45 67.65
N VAL D 92 -43.59 -49.48 66.98
CA VAL D 92 -43.59 -50.02 65.62
C VAL D 92 -43.19 -48.99 64.55
N GLN D 93 -43.40 -47.69 64.78
CA GLN D 93 -42.94 -46.68 63.83
C GLN D 93 -41.42 -46.61 63.81
N ALA D 94 -40.83 -46.52 65.01
CA ALA D 94 -39.37 -46.57 65.10
C ALA D 94 -38.86 -47.86 64.50
N ALA D 95 -39.67 -48.91 64.54
CA ALA D 95 -39.42 -50.08 63.70
C ALA D 95 -39.56 -49.74 62.22
N ARG D 96 -40.61 -49.00 61.83
CA ARG D 96 -40.78 -48.73 60.40
C ARG D 96 -39.57 -48.03 59.82
N LYS D 97 -38.64 -47.65 60.70
CA LYS D 97 -37.37 -47.03 60.32
C LYS D 97 -36.25 -48.09 60.23
N LEU D 98 -36.66 -49.36 60.14
CA LEU D 98 -35.79 -50.55 60.10
C LEU D 98 -34.76 -50.71 58.98
N LEU D 99 -35.05 -50.22 57.77
CA LEU D 99 -34.12 -50.40 56.65
C LEU D 99 -32.78 -49.78 57.00
N SER D 100 -32.83 -48.61 57.63
CA SER D 100 -31.64 -47.94 58.14
C SER D 100 -31.17 -48.60 59.43
N SER D 101 -32.12 -48.93 60.31
CA SER D 101 -31.79 -49.68 61.52
C SER D 101 -31.16 -51.02 61.19
N ASP D 102 -31.61 -51.67 60.10
CA ASP D 102 -31.09 -52.99 59.73
C ASP D 102 -29.66 -52.95 59.23
N ARG D 103 -29.28 -51.89 58.52
CA ARG D 103 -27.99 -51.89 57.85
C ARG D 103 -26.83 -52.01 58.83
N ASN D 104 -26.98 -51.44 60.03
CA ASN D 104 -25.89 -51.54 61.01
C ASN D 104 -25.68 -52.96 61.50
N PRO D 105 -26.69 -53.68 61.99
CA PRO D 105 -26.46 -55.03 62.54
C PRO D 105 -26.67 -56.11 61.50
N PRO D 106 -25.97 -57.24 61.60
CA PRO D 106 -26.27 -58.40 60.75
C PRO D 106 -27.64 -59.00 61.08
N ILE D 107 -27.99 -60.04 60.33
CA ILE D 107 -29.37 -60.56 60.30
C ILE D 107 -29.75 -61.28 61.59
N ASP D 108 -28.94 -62.27 61.99
CA ASP D 108 -29.42 -63.38 62.80
C ASP D 108 -30.12 -62.93 64.09
N ASP D 109 -29.50 -62.00 64.82
CA ASP D 109 -29.93 -61.74 66.19
C ASP D 109 -31.38 -61.26 66.27
N LEU D 110 -31.75 -60.29 65.43
CA LEU D 110 -33.11 -59.76 65.48
C LEU D 110 -34.15 -60.82 65.11
N ILE D 111 -33.81 -61.68 64.15
CA ILE D 111 -34.69 -62.80 63.79
C ILE D 111 -34.89 -63.72 64.99
N LYS D 112 -33.81 -64.02 65.72
CA LYS D 112 -33.86 -65.00 66.80
C LYS D 112 -34.73 -64.49 67.95
N SER D 113 -34.44 -63.28 68.45
CA SER D 113 -35.14 -62.74 69.63
C SER D 113 -36.65 -62.89 69.49
N GLY D 114 -37.18 -62.90 68.26
CA GLY D 114 -38.61 -63.12 68.16
C GLY D 114 -39.57 -61.97 67.91
N ILE D 115 -39.05 -60.84 67.46
CA ILE D 115 -39.84 -59.65 67.17
C ILE D 115 -40.91 -59.83 66.08
N LEU D 116 -40.69 -60.74 65.14
CA LEU D 116 -41.61 -60.95 64.02
C LEU D 116 -43.06 -61.34 64.37
N PRO D 117 -43.30 -62.25 65.32
CA PRO D 117 -44.71 -62.55 65.60
C PRO D 117 -45.46 -61.37 66.20
N ILE D 118 -44.79 -60.60 67.05
CA ILE D 118 -45.38 -59.37 67.57
C ILE D 118 -45.96 -58.56 66.42
N LEU D 119 -45.22 -58.49 65.31
CA LEU D 119 -45.69 -57.76 64.14
C LEU D 119 -47.02 -58.32 63.63
N VAL D 120 -47.18 -59.64 63.64
CA VAL D 120 -48.41 -60.25 63.15
C VAL D 120 -49.58 -60.02 64.12
N HIS D 121 -49.35 -60.24 65.42
CA HIS D 121 -50.39 -60.05 66.43
C HIS D 121 -51.00 -58.67 66.28
N CYS D 122 -50.13 -57.67 66.24
CA CYS D 122 -50.52 -56.28 66.10
C CYS D 122 -51.06 -55.98 64.71
N LEU D 123 -50.67 -56.78 63.72
CA LEU D 123 -51.28 -56.64 62.41
C LEU D 123 -52.75 -57.01 62.43
N GLU D 124 -53.18 -57.88 63.35
CA GLU D 124 -54.60 -58.22 63.44
C GLU D 124 -55.46 -57.05 63.88
N ARG D 125 -54.93 -56.14 64.71
CA ARG D 125 -55.75 -55.21 65.47
C ARG D 125 -56.42 -54.19 64.55
N ASP D 126 -57.75 -54.26 64.45
CA ASP D 126 -58.53 -53.25 63.75
C ASP D 126 -59.01 -52.17 64.71
N ASP D 127 -59.42 -51.05 64.12
CA ASP D 127 -59.75 -49.72 64.66
C ASP D 127 -58.47 -48.93 64.92
N ASN D 128 -57.30 -49.52 64.69
CA ASN D 128 -56.02 -48.85 64.85
C ASN D 128 -55.27 -49.00 63.52
N PRO D 129 -55.63 -48.20 62.51
CA PRO D 129 -55.04 -48.39 61.19
C PRO D 129 -53.56 -48.05 61.14
N SER D 130 -53.11 -47.07 61.90
CA SER D 130 -51.69 -46.71 61.87
C SER D 130 -50.82 -47.88 62.31
N LEU D 131 -51.25 -48.62 63.32
CA LEU D 131 -50.53 -49.80 63.77
C LEU D 131 -50.40 -50.82 62.64
N GLN D 132 -51.52 -51.15 62.01
CA GLN D 132 -51.48 -52.09 60.89
C GLN D 132 -50.55 -51.61 59.80
N PHE D 133 -50.59 -50.31 59.48
CA PHE D 133 -49.75 -49.77 58.42
C PHE D 133 -48.28 -49.91 58.76
N GLU D 134 -47.89 -49.55 60.00
CA GLU D 134 -46.49 -49.67 60.39
C GLU D 134 -46.04 -51.13 60.36
N ALA D 135 -46.88 -52.02 60.88
CA ALA D 135 -46.52 -53.44 60.92
C ALA D 135 -46.33 -53.99 59.51
N ALA D 136 -47.33 -53.81 58.64
CA ALA D 136 -47.22 -54.29 57.27
C ALA D 136 -46.06 -53.65 56.53
N TRP D 137 -45.70 -52.42 56.90
CA TRP D 137 -44.47 -51.82 56.39
C TRP D 137 -43.27 -52.67 56.79
N ALA D 138 -43.20 -53.02 58.08
CA ALA D 138 -42.07 -53.81 58.57
C ALA D 138 -41.98 -55.15 57.86
N LEU D 139 -43.08 -55.93 57.87
CA LEU D 139 -43.09 -57.20 57.16
C LEU D 139 -42.72 -57.02 55.69
N THR D 140 -43.22 -55.96 55.07
CA THR D 140 -42.83 -55.65 53.71
C THR D 140 -41.32 -55.60 53.55
N ASN D 141 -40.66 -54.75 54.34
CA ASN D 141 -39.21 -54.59 54.18
C ASN D 141 -38.43 -55.82 54.63
N ILE D 142 -39.01 -56.66 55.49
CA ILE D 142 -38.32 -57.88 55.91
C ILE D 142 -38.37 -58.95 54.82
N ALA D 143 -39.55 -59.15 54.22
CA ALA D 143 -39.67 -60.16 53.17
C ALA D 143 -38.87 -59.80 51.93
N SER D 144 -38.37 -58.58 51.82
CA SER D 144 -37.59 -58.16 50.66
C SER D 144 -36.21 -58.80 50.62
N GLY D 145 -35.73 -59.35 51.72
CA GLY D 145 -34.38 -59.85 51.76
C GLY D 145 -34.22 -61.20 51.10
N THR D 146 -33.35 -62.04 51.66
CA THR D 146 -33.10 -63.36 51.12
C THR D 146 -34.35 -64.22 51.23
N SER D 147 -34.34 -65.32 50.48
CA SER D 147 -35.49 -66.22 50.49
C SER D 147 -35.76 -66.77 51.88
N GLU D 148 -34.71 -67.00 52.67
CA GLU D 148 -34.92 -67.51 54.02
C GLU D 148 -35.67 -66.50 54.89
N GLN D 149 -35.44 -65.21 54.66
CA GLN D 149 -36.19 -64.20 55.41
C GLN D 149 -37.67 -64.26 55.07
N THR D 150 -37.99 -64.37 53.78
CA THR D 150 -39.37 -64.53 53.38
C THR D 150 -39.97 -65.78 53.99
N GLN D 151 -39.19 -66.86 54.07
CA GLN D 151 -39.65 -68.05 54.78
C GLN D 151 -39.96 -67.73 56.24
N ALA D 152 -39.10 -66.93 56.88
CA ALA D 152 -39.38 -66.52 58.25
C ALA D 152 -40.68 -65.73 58.34
N VAL D 153 -41.04 -65.01 57.27
CA VAL D 153 -42.27 -64.24 57.28
C VAL D 153 -43.47 -65.17 57.12
N VAL D 154 -43.41 -66.10 56.17
CA VAL D 154 -44.56 -66.94 55.90
C VAL D 154 -44.77 -67.96 57.01
N GLN D 155 -43.70 -68.34 57.72
CA GLN D 155 -43.88 -69.24 58.85
C GLN D 155 -44.65 -68.58 59.98
N SER D 156 -44.71 -67.24 60.00
CA SER D 156 -45.53 -66.53 60.97
C SER D 156 -47.02 -66.62 60.67
N ASN D 157 -47.39 -67.24 59.55
CA ASN D 157 -48.79 -67.36 59.14
C ASN D 157 -49.45 -65.99 59.06
N ALA D 158 -48.72 -65.01 58.54
CA ALA D 158 -49.24 -63.65 58.40
C ALA D 158 -50.03 -63.46 57.11
N VAL D 159 -49.91 -64.39 56.16
CA VAL D 159 -50.53 -64.19 54.86
C VAL D 159 -52.05 -64.08 54.95
N PRO D 160 -52.78 -64.97 55.64
CA PRO D 160 -54.23 -64.79 55.74
C PRO D 160 -54.62 -63.45 56.33
N LEU D 161 -53.77 -62.87 57.16
CA LEU D 161 -54.07 -61.55 57.72
C LEU D 161 -53.88 -60.46 56.69
N PHE D 162 -52.86 -60.57 55.83
CA PHE D 162 -52.77 -59.66 54.69
C PHE D 162 -54.02 -59.76 53.85
N LEU D 163 -54.46 -60.98 53.54
CA LEU D 163 -55.66 -61.17 52.75
C LEU D 163 -56.87 -60.55 53.44
N ARG D 164 -56.92 -60.64 54.76
CA ARG D 164 -57.96 -59.95 55.51
C ARG D 164 -57.84 -58.44 55.35
N LEU D 165 -56.62 -57.93 55.25
CA LEU D 165 -56.41 -56.49 55.07
C LEU D 165 -56.77 -56.02 53.68
N LEU D 166 -56.82 -56.94 52.70
CA LEU D 166 -57.26 -56.55 51.36
C LEU D 166 -58.69 -56.02 51.36
N HIS D 167 -59.44 -56.25 52.43
CA HIS D 167 -60.82 -55.77 52.53
C HIS D 167 -60.94 -54.55 53.45
N SER D 168 -59.82 -53.98 53.88
CA SER D 168 -59.85 -52.82 54.76
C SER D 168 -60.37 -51.60 54.00
N PRO D 169 -61.06 -50.69 54.70
CA PRO D 169 -61.51 -49.46 54.03
C PRO D 169 -60.40 -48.45 53.81
N HIS D 170 -59.33 -48.48 54.58
CA HIS D 170 -58.22 -47.55 54.41
C HIS D 170 -57.36 -47.97 53.23
N GLN D 171 -57.16 -47.05 52.28
CA GLN D 171 -56.42 -47.39 51.08
C GLN D 171 -54.95 -47.66 51.37
N ASN D 172 -54.37 -46.97 52.35
CA ASN D 172 -52.96 -47.19 52.65
C ASN D 172 -52.71 -48.62 53.14
N VAL D 173 -53.63 -49.15 53.93
CA VAL D 173 -53.47 -50.52 54.44
C VAL D 173 -53.55 -51.52 53.29
N CYS D 174 -54.56 -51.37 52.43
CA CYS D 174 -54.68 -52.25 51.27
C CYS D 174 -53.42 -52.17 50.41
N GLU D 175 -52.97 -50.95 50.10
CA GLU D 175 -51.80 -50.82 49.23
C GLU D 175 -50.57 -51.47 49.85
N GLN D 176 -50.38 -51.29 51.15
CA GLN D 176 -49.23 -51.91 51.79
C GLN D 176 -49.34 -53.44 51.77
N ALA D 177 -50.55 -53.95 52.01
CA ALA D 177 -50.74 -55.40 51.97
C ALA D 177 -50.43 -55.96 50.59
N VAL D 178 -50.95 -55.30 49.55
CA VAL D 178 -50.64 -55.70 48.18
C VAL D 178 -49.13 -55.66 47.94
N TRP D 179 -48.46 -54.66 48.51
CA TRP D 179 -47.01 -54.58 48.38
C TRP D 179 -46.34 -55.84 48.96
N ALA D 180 -46.62 -56.11 50.24
CA ALA D 180 -45.97 -57.24 50.89
C ALA D 180 -46.29 -58.56 50.21
N LEU D 181 -47.55 -58.76 49.85
CA LEU D 181 -47.91 -59.97 49.10
C LEU D 181 -47.14 -60.04 47.79
N GLY D 182 -46.91 -58.89 47.16
CA GLY D 182 -46.03 -58.86 46.01
C GLY D 182 -44.66 -59.41 46.31
N ASN D 183 -44.08 -59.00 47.45
CA ASN D 183 -42.76 -59.52 47.82
C ASN D 183 -42.81 -61.04 48.01
N ILE D 184 -43.73 -61.50 48.86
CA ILE D 184 -43.80 -62.93 49.19
C ILE D 184 -43.99 -63.76 47.92
N ILE D 185 -44.93 -63.35 47.06
CA ILE D 185 -45.16 -64.10 45.83
C ILE D 185 -43.91 -64.07 44.97
N GLY D 186 -43.26 -62.92 44.87
CA GLY D 186 -42.07 -62.80 44.06
C GLY D 186 -40.89 -63.60 44.57
N ASP D 187 -40.95 -64.06 45.83
CA ASP D 187 -39.85 -64.86 46.35
C ASP D 187 -39.58 -66.09 45.49
N GLY D 188 -40.56 -66.99 45.43
CA GLY D 188 -40.37 -68.25 44.75
C GLY D 188 -41.66 -68.89 44.30
N PRO D 189 -41.54 -69.96 43.52
CA PRO D 189 -42.76 -70.61 42.99
C PRO D 189 -43.57 -71.32 44.05
N GLN D 190 -42.91 -71.91 45.05
CA GLN D 190 -43.64 -72.62 46.09
C GLN D 190 -44.46 -71.64 46.93
N CYS D 191 -43.84 -70.53 47.34
CA CYS D 191 -44.57 -69.48 48.06
C CYS D 191 -45.68 -68.92 47.18
N ARG D 192 -45.44 -68.82 45.88
CA ARG D 192 -46.45 -68.33 44.95
C ARG D 192 -47.68 -69.25 44.97
N ASP D 193 -47.46 -70.55 44.83
CA ASP D 193 -48.58 -71.49 44.88
C ASP D 193 -49.24 -71.49 46.25
N TYR D 194 -48.47 -71.24 47.31
CA TYR D 194 -49.08 -71.09 48.63
C TYR D 194 -50.04 -69.92 48.67
N VAL D 195 -49.60 -68.74 48.23
CA VAL D 195 -50.43 -67.56 48.32
C VAL D 195 -51.65 -67.69 47.43
N ILE D 196 -51.48 -68.30 46.25
CA ILE D 196 -52.63 -68.52 45.39
C ILE D 196 -53.61 -69.50 46.03
N SER D 197 -53.09 -70.53 46.70
CA SER D 197 -53.94 -71.52 47.33
C SER D 197 -54.89 -70.91 48.35
N LEU D 198 -54.60 -69.71 48.84
CA LEU D 198 -55.44 -69.05 49.83
C LEU D 198 -56.45 -68.10 49.20
N GLY D 199 -56.41 -67.89 47.89
CA GLY D 199 -57.39 -67.06 47.21
C GLY D 199 -57.07 -65.58 47.16
N VAL D 200 -55.91 -65.24 46.63
CA VAL D 200 -55.52 -63.84 46.52
C VAL D 200 -55.88 -63.25 45.15
N VAL D 201 -55.98 -64.09 44.12
CA VAL D 201 -56.08 -63.59 42.76
C VAL D 201 -57.37 -62.82 42.57
N LYS D 202 -58.51 -63.43 42.90
CA LYS D 202 -59.78 -62.72 42.70
C LYS D 202 -59.87 -61.43 43.49
N PRO D 203 -59.52 -61.38 44.78
CA PRO D 203 -59.54 -60.07 45.47
C PRO D 203 -58.59 -59.06 44.86
N LEU D 204 -57.41 -59.49 44.43
CA LEU D 204 -56.47 -58.55 43.83
C LEU D 204 -57.03 -57.97 42.54
N LEU D 205 -57.57 -58.84 41.68
CA LEU D 205 -58.10 -58.37 40.40
C LEU D 205 -59.35 -57.53 40.58
N SER D 206 -60.10 -57.77 41.66
CA SER D 206 -61.30 -56.99 41.91
C SER D 206 -61.01 -55.50 42.08
N PHE D 207 -59.75 -55.13 42.33
CA PHE D 207 -59.39 -53.74 42.52
C PHE D 207 -59.33 -52.94 41.22
N ILE D 208 -59.29 -53.62 40.08
CA ILE D 208 -59.16 -52.92 38.80
C ILE D 208 -60.47 -52.21 38.52
N SER D 209 -60.42 -50.88 38.49
CA SER D 209 -61.58 -50.05 38.20
C SER D 209 -61.09 -48.76 37.56
N PRO D 210 -61.94 -48.07 36.80
CA PRO D 210 -61.51 -46.80 36.21
C PRO D 210 -61.22 -45.71 37.23
N SER D 211 -61.59 -45.91 38.50
CA SER D 211 -61.36 -44.93 39.56
C SER D 211 -60.17 -45.29 40.44
N ILE D 212 -59.36 -46.26 40.04
CA ILE D 212 -58.24 -46.70 40.85
C ILE D 212 -57.11 -45.68 40.76
N PRO D 213 -56.38 -45.43 41.85
CA PRO D 213 -55.18 -44.61 41.74
C PRO D 213 -54.13 -45.28 40.86
N ILE D 214 -53.29 -44.46 40.25
CA ILE D 214 -52.34 -44.98 39.27
C ILE D 214 -51.21 -45.74 39.94
N THR D 215 -50.69 -45.21 41.06
CA THR D 215 -49.59 -45.88 41.75
C THR D 215 -50.02 -47.25 42.25
N PHE D 216 -51.11 -47.30 43.01
CA PHE D 216 -51.64 -48.58 43.49
C PHE D 216 -51.85 -49.55 42.33
N LEU D 217 -52.32 -49.06 41.19
CA LEU D 217 -52.47 -49.92 40.02
C LEU D 217 -51.12 -50.45 39.56
N ARG D 218 -50.08 -49.61 39.58
CA ARG D 218 -48.75 -50.09 39.21
C ARG D 218 -48.27 -51.19 40.14
N ASN D 219 -48.57 -51.07 41.43
CA ASN D 219 -48.21 -52.16 42.34
C ASN D 219 -49.01 -53.41 42.02
N VAL D 220 -50.29 -53.25 41.66
CA VAL D 220 -51.10 -54.42 41.32
C VAL D 220 -50.54 -55.15 40.12
N THR D 221 -50.26 -54.42 39.04
CA THR D 221 -49.65 -55.05 37.89
C THR D 221 -48.33 -55.71 38.28
N TRP D 222 -47.55 -55.05 39.14
CA TRP D 222 -46.31 -55.67 39.60
C TRP D 222 -46.57 -57.03 40.23
N VAL D 223 -47.56 -57.09 41.12
CA VAL D 223 -47.90 -58.36 41.74
C VAL D 223 -48.32 -59.38 40.69
N MET D 224 -48.99 -58.93 39.64
CA MET D 224 -49.30 -59.83 38.53
C MET D 224 -48.03 -60.38 37.92
N VAL D 225 -47.04 -59.52 37.69
CA VAL D 225 -45.77 -59.96 37.13
C VAL D 225 -45.14 -61.02 38.02
N ASN D 226 -45.15 -60.80 39.34
CA ASN D 226 -44.64 -61.82 40.23
C ASN D 226 -45.44 -63.11 40.13
N LEU D 227 -46.75 -63.00 39.90
CA LEU D 227 -47.56 -64.20 39.78
C LEU D 227 -47.21 -65.00 38.53
N CYS D 228 -46.88 -64.31 37.43
CA CYS D 228 -46.61 -65.02 36.19
C CYS D 228 -45.20 -65.57 36.10
N ARG D 229 -44.36 -65.29 37.08
CA ARG D 229 -42.94 -65.63 37.02
C ARG D 229 -42.74 -67.11 37.38
N HIS D 230 -41.48 -67.53 37.48
CA HIS D 230 -41.10 -68.82 38.06
C HIS D 230 -41.72 -69.98 37.28
N LYS D 231 -41.25 -70.13 36.04
CA LYS D 231 -41.74 -71.16 35.14
C LYS D 231 -41.41 -72.57 35.58
N ASP D 232 -40.57 -72.75 36.62
CA ASP D 232 -40.12 -74.09 36.97
C ASP D 232 -41.30 -74.98 37.35
N PRO D 233 -42.05 -74.71 38.42
CA PRO D 233 -43.46 -75.13 38.40
C PRO D 233 -44.31 -74.03 37.80
N PRO D 234 -44.93 -74.27 36.65
CA PRO D 234 -45.69 -73.22 36.00
C PRO D 234 -46.83 -72.76 36.89
N PRO D 235 -47.22 -71.49 36.79
CA PRO D 235 -48.31 -71.00 37.62
C PRO D 235 -49.59 -71.76 37.33
N PRO D 236 -50.51 -71.84 38.29
CA PRO D 236 -51.70 -72.66 38.12
C PRO D 236 -52.52 -72.23 36.91
N MET D 237 -53.11 -73.22 36.24
CA MET D 237 -53.93 -72.96 35.07
C MET D 237 -55.05 -72.00 35.38
N GLU D 238 -55.82 -72.29 36.44
CA GLU D 238 -56.95 -71.46 36.82
C GLU D 238 -56.53 -70.03 37.10
N THR D 239 -55.35 -69.86 37.71
CA THR D 239 -54.86 -68.51 37.99
C THR D 239 -54.64 -67.74 36.71
N ILE D 240 -54.02 -68.36 35.72
CA ILE D 240 -53.82 -67.68 34.45
C ILE D 240 -55.17 -67.40 33.80
N GLN D 241 -56.09 -68.36 33.85
CA GLN D 241 -57.44 -68.13 33.34
C GLN D 241 -58.10 -66.94 34.03
N GLU D 242 -57.74 -66.66 35.28
CA GLU D 242 -58.31 -65.49 35.95
C GLU D 242 -57.55 -64.21 35.61
N ILE D 243 -56.25 -64.30 35.33
CA ILE D 243 -55.44 -63.10 35.13
C ILE D 243 -55.63 -62.55 33.71
N LEU D 244 -55.62 -63.43 32.71
CA LEU D 244 -55.57 -62.99 31.31
C LEU D 244 -56.56 -61.89 30.96
N PRO D 245 -57.86 -61.99 31.25
CA PRO D 245 -58.75 -60.89 30.87
C PRO D 245 -58.37 -59.56 31.49
N ALA D 246 -57.90 -59.58 32.74
CA ALA D 246 -57.42 -58.34 33.35
C ALA D 246 -56.26 -57.76 32.56
N LEU D 247 -55.35 -58.61 32.09
CA LEU D 247 -54.25 -58.13 31.25
C LEU D 247 -54.78 -57.58 29.93
N CYS D 248 -55.79 -58.22 29.35
CA CYS D 248 -56.41 -57.68 28.14
C CYS D 248 -57.01 -56.31 28.40
N VAL D 249 -57.43 -56.04 29.63
CA VAL D 249 -57.93 -54.70 29.93
C VAL D 249 -56.78 -53.73 30.13
N LEU D 250 -55.70 -54.17 30.77
CA LEU D 250 -54.58 -53.28 31.07
C LEU D 250 -53.74 -52.96 29.85
N ILE D 251 -53.77 -53.79 28.81
CA ILE D 251 -52.90 -53.57 27.68
C ILE D 251 -53.31 -52.32 26.90
N HIS D 252 -54.56 -51.90 27.01
CA HIS D 252 -55.02 -50.68 26.35
C HIS D 252 -54.73 -49.43 27.16
N HIS D 253 -54.10 -49.56 28.33
CA HIS D 253 -53.94 -48.43 29.21
C HIS D 253 -52.90 -47.45 28.66
N THR D 254 -53.09 -46.17 28.99
CA THR D 254 -52.27 -45.11 28.40
C THR D 254 -50.90 -45.01 29.06
N ASP D 255 -50.80 -45.37 30.35
CA ASP D 255 -49.53 -45.23 31.05
C ASP D 255 -48.46 -46.13 30.42
N VAL D 256 -47.22 -45.67 30.46
CA VAL D 256 -46.13 -46.43 29.88
C VAL D 256 -45.73 -47.57 30.80
N ASN D 257 -45.50 -47.29 32.09
CA ASN D 257 -45.00 -48.31 32.99
C ASN D 257 -45.98 -49.45 33.18
N ILE D 258 -47.27 -49.13 33.30
CA ILE D 258 -48.29 -50.16 33.44
C ILE D 258 -48.28 -51.06 32.21
N LEU D 259 -48.22 -50.47 31.02
CA LEU D 259 -48.14 -51.25 29.80
C LEU D 259 -46.91 -52.16 29.81
N VAL D 260 -45.75 -51.61 30.21
CA VAL D 260 -44.53 -52.41 30.24
C VAL D 260 -44.70 -53.61 31.16
N ASP D 261 -45.12 -53.38 32.40
CA ASP D 261 -45.30 -54.48 33.32
C ASP D 261 -46.29 -55.50 32.79
N THR D 262 -47.39 -55.03 32.19
CA THR D 262 -48.34 -55.95 31.58
C THR D 262 -47.65 -56.85 30.56
N VAL D 263 -46.90 -56.24 29.64
CA VAL D 263 -46.24 -57.00 28.59
C VAL D 263 -45.21 -57.97 29.17
N TRP D 264 -44.55 -57.60 30.27
CA TRP D 264 -43.65 -58.56 30.91
C TRP D 264 -44.41 -59.71 31.52
N ALA D 265 -45.58 -59.44 32.09
CA ALA D 265 -46.45 -60.53 32.54
C ALA D 265 -46.73 -61.48 31.39
N LEU D 266 -47.10 -60.92 30.22
CA LEU D 266 -47.29 -61.76 29.04
C LEU D 266 -46.01 -62.52 28.68
N SER D 267 -44.85 -61.88 28.81
CA SER D 267 -43.60 -62.54 28.47
C SER D 267 -43.38 -63.78 29.34
N TYR D 268 -43.61 -63.65 30.64
CA TYR D 268 -43.46 -64.79 31.53
C TYR D 268 -44.51 -65.85 31.25
N LEU D 269 -45.75 -65.45 30.97
CA LEU D 269 -46.75 -66.43 30.61
C LEU D 269 -46.34 -67.24 29.39
N THR D 270 -45.74 -66.58 28.40
CA THR D 270 -45.33 -67.27 27.18
C THR D 270 -44.06 -68.09 27.37
N ASP D 271 -43.13 -67.64 28.20
CA ASP D 271 -41.91 -68.39 28.45
C ASP D 271 -42.16 -69.68 29.20
N ALA D 272 -43.34 -69.83 29.83
CA ALA D 272 -43.64 -71.03 30.58
C ALA D 272 -43.57 -72.28 29.70
N GLY D 273 -44.24 -72.24 28.55
CA GLY D 273 -44.25 -73.39 27.68
C GLY D 273 -45.32 -73.23 26.63
N ASN D 274 -45.45 -74.27 25.80
CA ASN D 274 -46.40 -74.22 24.69
C ASN D 274 -47.83 -74.07 25.19
N GLU D 275 -48.16 -74.72 26.31
CA GLU D 275 -49.52 -74.70 26.81
C GLU D 275 -49.97 -73.29 27.11
N GLN D 276 -49.23 -72.60 27.98
CA GLN D 276 -49.57 -71.24 28.35
C GLN D 276 -49.58 -70.32 27.15
N ILE D 277 -48.68 -70.54 26.20
CA ILE D 277 -48.72 -69.79 24.95
C ILE D 277 -50.08 -69.96 24.29
N GLN D 278 -50.56 -71.21 24.21
CA GLN D 278 -51.86 -71.44 23.60
C GLN D 278 -52.96 -70.71 24.37
N MET D 279 -52.83 -70.60 25.69
CA MET D 279 -53.80 -69.80 26.43
C MET D 279 -53.74 -68.35 26.01
N VAL D 280 -52.54 -67.77 25.99
CA VAL D 280 -52.38 -66.37 25.61
C VAL D 280 -53.03 -66.11 24.26
N ILE D 281 -52.80 -67.01 23.30
CA ILE D 281 -53.42 -66.86 21.99
C ILE D 281 -54.93 -66.98 22.10
N ASP D 282 -55.42 -67.87 22.96
CA ASP D 282 -56.87 -68.01 23.11
C ASP D 282 -57.50 -66.81 23.81
N SER D 283 -56.72 -66.01 24.52
CA SER D 283 -57.26 -64.84 25.17
C SER D 283 -57.54 -63.70 24.21
N GLY D 284 -57.25 -63.88 22.93
CA GLY D 284 -57.45 -62.85 21.93
C GLY D 284 -56.60 -61.61 22.13
N ILE D 285 -55.50 -61.73 22.85
CA ILE D 285 -54.67 -60.57 23.13
C ILE D 285 -53.57 -60.38 22.10
N VAL D 286 -53.26 -61.40 21.31
CA VAL D 286 -52.15 -61.28 20.35
C VAL D 286 -52.36 -60.14 19.37
N PRO D 287 -53.53 -59.99 18.72
CA PRO D 287 -53.70 -58.84 17.80
C PRO D 287 -53.50 -57.51 18.48
N HIS D 288 -53.70 -57.42 19.79
CA HIS D 288 -53.41 -56.21 20.52
C HIS D 288 -51.95 -56.12 20.94
N LEU D 289 -51.26 -57.25 21.06
CA LEU D 289 -49.87 -57.23 21.50
C LEU D 289 -48.92 -56.93 20.36
N VAL D 290 -49.16 -57.50 19.17
CA VAL D 290 -48.19 -57.40 18.08
C VAL D 290 -47.85 -55.96 17.71
N PRO D 291 -48.81 -55.06 17.50
CA PRO D 291 -48.45 -53.69 17.10
C PRO D 291 -47.57 -52.94 18.09
N LEU D 292 -47.41 -53.45 19.31
CA LEU D 292 -46.51 -52.79 20.27
C LEU D 292 -45.06 -52.89 19.85
N LEU D 293 -44.73 -53.71 18.85
CA LEU D 293 -43.36 -53.81 18.41
C LEU D 293 -42.84 -52.50 17.84
N SER D 294 -43.74 -51.69 17.26
CA SER D 294 -43.37 -50.39 16.68
C SER D 294 -43.75 -49.23 17.58
N HIS D 295 -43.95 -49.48 18.86
CA HIS D 295 -44.29 -48.42 19.79
C HIS D 295 -43.11 -47.46 19.95
N GLN D 296 -43.43 -46.23 20.37
CA GLN D 296 -42.41 -45.19 20.45
C GLN D 296 -41.38 -45.51 21.54
N GLU D 297 -41.84 -45.90 22.73
CA GLU D 297 -40.92 -46.13 23.83
C GLU D 297 -40.15 -47.42 23.62
N VAL D 298 -38.85 -47.39 23.93
CA VAL D 298 -37.99 -48.53 23.66
C VAL D 298 -38.33 -49.71 24.55
N LYS D 299 -38.76 -49.45 25.78
CA LYS D 299 -38.99 -50.54 26.72
C LYS D 299 -40.17 -51.39 26.31
N VAL D 300 -41.27 -50.73 25.89
CA VAL D 300 -42.42 -51.46 25.38
C VAL D 300 -42.01 -52.33 24.20
N GLN D 301 -41.17 -51.79 23.32
CA GLN D 301 -40.67 -52.60 22.21
C GLN D 301 -39.92 -53.82 22.70
N THR D 302 -39.01 -53.63 23.66
CA THR D 302 -38.23 -54.77 24.15
C THR D 302 -39.11 -55.85 24.72
N ALA D 303 -39.98 -55.49 25.66
CA ALA D 303 -40.83 -56.48 26.29
C ALA D 303 -41.74 -57.16 25.28
N ALA D 304 -42.36 -56.38 24.39
CA ALA D 304 -43.24 -56.97 23.38
C ALA D 304 -42.49 -57.94 22.50
N LEU D 305 -41.26 -57.59 22.10
CA LEU D 305 -40.48 -58.47 21.24
C LEU D 305 -40.14 -59.77 21.95
N ARG D 306 -39.71 -59.69 23.21
CA ARG D 306 -39.46 -60.93 23.94
C ARG D 306 -40.73 -61.77 24.03
N ALA D 307 -41.86 -61.15 24.35
CA ALA D 307 -43.11 -61.89 24.47
C ALA D 307 -43.46 -62.59 23.18
N VAL D 308 -43.55 -61.84 22.09
CA VAL D 308 -43.94 -62.44 20.81
C VAL D 308 -42.96 -63.52 20.41
N GLY D 309 -41.66 -63.27 20.61
CA GLY D 309 -40.67 -64.30 20.33
C GLY D 309 -40.91 -65.56 21.11
N ASN D 310 -41.22 -65.42 22.40
CA ASN D 310 -41.56 -66.58 23.20
C ASN D 310 -42.76 -67.29 22.61
N ILE D 311 -43.72 -66.53 22.07
CA ILE D 311 -44.89 -67.14 21.47
C ILE D 311 -44.49 -68.00 20.28
N VAL D 312 -43.65 -67.48 19.40
CA VAL D 312 -43.25 -68.24 18.23
C VAL D 312 -42.22 -69.31 18.54
N THR D 313 -41.74 -69.40 19.77
CA THR D 313 -40.98 -70.59 20.13
C THR D 313 -41.85 -71.84 20.20
N GLY D 314 -43.14 -71.75 19.90
CA GLY D 314 -44.05 -72.86 20.05
C GLY D 314 -44.25 -73.71 18.81
N THR D 315 -45.47 -74.12 18.54
CA THR D 315 -45.76 -74.96 17.39
C THR D 315 -45.83 -74.11 16.12
N ASP D 316 -46.17 -74.77 15.02
CA ASP D 316 -46.26 -74.07 13.74
C ASP D 316 -47.47 -73.14 13.70
N GLU D 317 -48.66 -73.68 14.00
CA GLU D 317 -49.88 -72.88 13.87
C GLU D 317 -49.87 -71.66 14.78
N GLN D 318 -49.27 -71.78 15.96
CA GLN D 318 -49.16 -70.64 16.85
C GLN D 318 -48.32 -69.53 16.21
N THR D 319 -47.12 -69.88 15.77
CA THR D 319 -46.30 -68.94 15.02
C THR D 319 -47.09 -68.33 13.88
N GLN D 320 -47.90 -69.13 13.19
CA GLN D 320 -48.71 -68.61 12.11
C GLN D 320 -49.77 -67.66 12.62
N VAL D 321 -50.20 -67.81 13.87
CA VAL D 321 -51.12 -66.84 14.46
C VAL D 321 -50.39 -65.53 14.70
N VAL D 322 -49.14 -65.60 15.13
CA VAL D 322 -48.34 -64.37 15.24
C VAL D 322 -48.21 -63.71 13.88
N LEU D 323 -47.95 -64.49 12.84
CA LEU D 323 -47.72 -63.93 11.52
C LEU D 323 -48.99 -63.32 10.94
N ASN D 324 -50.14 -63.98 11.16
CA ASN D 324 -51.39 -63.50 10.60
C ASN D 324 -51.78 -62.13 11.13
N CYS D 325 -51.25 -61.74 12.28
CA CYS D 325 -51.45 -60.38 12.78
C CYS D 325 -50.50 -59.38 12.14
N ASP D 326 -49.85 -59.76 11.05
CA ASP D 326 -48.94 -58.88 10.31
C ASP D 326 -47.82 -58.37 11.22
N ALA D 327 -47.03 -59.32 11.71
CA ALA D 327 -45.93 -59.00 12.61
C ALA D 327 -44.65 -58.63 11.88
N LEU D 328 -44.41 -59.22 10.71
CA LEU D 328 -43.15 -58.97 10.01
C LEU D 328 -42.99 -57.51 9.62
N SER D 329 -44.10 -56.83 9.35
CA SER D 329 -44.03 -55.44 8.90
C SER D 329 -43.27 -54.56 9.87
N HIS D 330 -43.25 -54.91 11.14
CA HIS D 330 -42.60 -54.10 12.15
C HIS D 330 -41.09 -54.31 12.18
N PHE D 331 -40.60 -55.41 11.64
CA PHE D 331 -39.21 -55.82 11.82
C PHE D 331 -38.13 -55.06 11.06
N PRO D 332 -38.37 -54.57 9.84
CA PRO D 332 -37.32 -53.75 9.20
C PRO D 332 -36.78 -52.67 10.12
N ALA D 333 -37.66 -51.89 10.74
CA ALA D 333 -37.22 -50.90 11.71
C ALA D 333 -36.47 -51.56 12.86
N LEU D 334 -37.04 -52.63 13.40
CA LEU D 334 -36.37 -53.34 14.49
C LEU D 334 -35.03 -53.87 14.04
N LEU D 335 -34.90 -54.23 12.75
CA LEU D 335 -33.60 -54.73 12.29
C LEU D 335 -32.59 -53.61 12.14
N THR D 336 -33.04 -52.36 12.04
CA THR D 336 -32.15 -51.22 11.93
C THR D 336 -32.14 -50.36 13.20
N HIS D 337 -32.78 -50.83 14.26
CA HIS D 337 -32.88 -50.03 15.46
C HIS D 337 -31.50 -49.85 16.09
N PRO D 338 -31.19 -48.66 16.62
CA PRO D 338 -29.83 -48.41 17.12
C PRO D 338 -29.43 -49.28 18.29
N LYS D 339 -30.38 -49.74 19.09
CA LYS D 339 -30.04 -50.54 20.26
C LYS D 339 -29.63 -51.95 19.84
N GLU D 340 -28.51 -52.42 20.40
CA GLU D 340 -27.99 -53.73 20.04
C GLU D 340 -28.91 -54.84 20.51
N LYS D 341 -29.52 -54.67 21.67
CA LYS D 341 -30.36 -55.72 22.23
C LYS D 341 -31.59 -55.98 21.36
N ILE D 342 -32.16 -54.92 20.78
CA ILE D 342 -33.32 -55.10 19.91
C ILE D 342 -32.93 -55.82 18.63
N ASN D 343 -31.78 -55.47 18.07
CA ASN D 343 -31.29 -56.21 16.91
C ASN D 343 -31.12 -57.69 17.23
N LYS D 344 -30.44 -57.99 18.35
CA LYS D 344 -30.22 -59.37 18.75
C LYS D 344 -31.53 -60.13 18.90
N GLU D 345 -32.46 -59.58 19.67
CA GLU D 345 -33.71 -60.27 19.94
C GLU D 345 -34.54 -60.44 18.67
N ALA D 346 -34.52 -59.45 17.78
CA ALA D 346 -35.29 -59.55 16.55
C ALA D 346 -34.72 -60.64 15.65
N VAL D 347 -33.40 -60.65 15.49
CA VAL D 347 -32.76 -61.72 14.71
C VAL D 347 -33.01 -63.07 15.34
N TRP D 348 -33.10 -63.12 16.67
CA TRP D 348 -33.55 -64.34 17.33
C TRP D 348 -34.94 -64.73 16.85
N PHE D 349 -35.86 -63.78 16.85
CA PHE D 349 -37.23 -64.03 16.40
C PHE D 349 -37.23 -64.64 15.00
N LEU D 350 -36.61 -63.95 14.04
CA LEU D 350 -36.57 -64.48 12.68
C LEU D 350 -35.89 -65.83 12.63
N SER D 351 -34.91 -66.07 13.52
CA SER D 351 -34.27 -67.38 13.56
C SER D 351 -35.23 -68.46 14.01
N ASN D 352 -36.21 -68.10 14.84
CA ASN D 352 -37.26 -69.06 15.14
C ASN D 352 -38.29 -69.16 14.02
N ILE D 353 -38.48 -68.09 13.25
CA ILE D 353 -39.45 -68.16 12.17
C ILE D 353 -38.96 -69.05 11.04
N THR D 354 -37.67 -68.95 10.71
CA THR D 354 -37.11 -69.77 9.65
C THR D 354 -37.12 -71.25 9.98
N ALA D 355 -37.18 -71.61 11.25
CA ALA D 355 -37.21 -73.02 11.62
C ALA D 355 -38.58 -73.64 11.46
N GLY D 356 -39.60 -72.85 11.11
CA GLY D 356 -40.94 -73.37 10.90
C GLY D 356 -41.07 -74.10 9.58
N ASN D 357 -42.30 -74.14 9.07
CA ASN D 357 -42.55 -74.82 7.82
C ASN D 357 -42.09 -73.97 6.65
N GLN D 358 -42.24 -74.51 5.44
CA GLN D 358 -41.80 -73.82 4.24
C GLN D 358 -42.57 -72.52 4.03
N GLN D 359 -43.88 -72.54 4.31
CA GLN D 359 -44.71 -71.37 4.09
C GLN D 359 -44.19 -70.17 4.88
N GLN D 360 -43.82 -70.40 6.13
CA GLN D 360 -43.33 -69.30 6.96
C GLN D 360 -41.99 -68.77 6.45
N VAL D 361 -41.11 -69.66 6.00
CA VAL D 361 -39.85 -69.22 5.42
C VAL D 361 -40.11 -68.31 4.23
N GLN D 362 -41.02 -68.74 3.34
CA GLN D 362 -41.40 -67.90 2.21
C GLN D 362 -41.99 -66.59 2.68
N ALA D 363 -42.68 -66.59 3.82
CA ALA D 363 -43.20 -65.35 4.37
C ALA D 363 -42.08 -64.43 4.86
N VAL D 364 -40.97 -65.01 5.31
CA VAL D 364 -39.82 -64.19 5.68
C VAL D 364 -39.19 -63.59 4.44
N ILE D 365 -39.00 -64.40 3.41
CA ILE D 365 -38.37 -63.92 2.18
C ILE D 365 -39.22 -62.82 1.54
N ASP D 366 -40.54 -63.01 1.51
CA ASP D 366 -41.43 -62.04 0.90
C ASP D 366 -41.42 -60.70 1.62
N ALA D 367 -40.86 -60.61 2.82
CA ALA D 367 -40.81 -59.36 3.55
C ALA D 367 -39.52 -58.60 3.33
N ASN D 368 -38.69 -59.04 2.38
CA ASN D 368 -37.44 -58.37 2.02
C ASN D 368 -36.48 -58.27 3.21
N LEU D 369 -36.57 -59.21 4.14
CA LEU D 369 -35.78 -59.15 5.37
C LEU D 369 -34.44 -59.84 5.26
N VAL D 370 -34.25 -60.71 4.27
CA VAL D 370 -32.98 -61.41 4.11
C VAL D 370 -31.79 -60.46 3.98
N PRO D 371 -31.85 -59.40 3.18
CA PRO D 371 -30.68 -58.52 3.07
C PRO D 371 -30.25 -57.91 4.40
N MET D 372 -31.20 -57.48 5.23
CA MET D 372 -30.83 -56.92 6.51
C MET D 372 -30.30 -57.98 7.47
N ILE D 373 -30.86 -59.20 7.40
CA ILE D 373 -30.34 -60.30 8.19
C ILE D 373 -28.88 -60.54 7.85
N ILE D 374 -28.56 -60.61 6.56
CA ILE D 374 -27.18 -60.82 6.16
C ILE D 374 -26.32 -59.63 6.60
N HIS D 375 -26.85 -58.41 6.45
CA HIS D 375 -26.11 -57.22 6.86
C HIS D 375 -25.71 -57.28 8.33
N LEU D 376 -26.67 -57.61 9.19
CA LEU D 376 -26.34 -57.77 10.60
C LEU D 376 -25.41 -58.95 10.80
N LEU D 377 -25.51 -59.96 9.94
CA LEU D 377 -24.59 -61.09 10.01
C LEU D 377 -23.16 -60.68 9.70
N ASP D 378 -22.97 -59.58 8.96
CA ASP D 378 -21.64 -59.13 8.58
C ASP D 378 -21.11 -58.04 9.50
N LYS D 379 -21.92 -57.04 9.85
CA LYS D 379 -21.45 -55.87 10.58
C LYS D 379 -22.11 -55.69 11.95
N GLY D 380 -22.80 -56.71 12.46
CA GLY D 380 -23.38 -56.65 13.78
C GLY D 380 -22.41 -57.08 14.87
N ASP D 381 -22.89 -57.01 16.11
CA ASP D 381 -22.10 -57.48 17.23
C ASP D 381 -22.15 -59.00 17.31
N PHE D 382 -21.35 -59.54 18.22
CA PHE D 382 -21.13 -60.99 18.24
C PHE D 382 -22.44 -61.75 18.45
N GLY D 383 -23.27 -61.29 19.39
CA GLY D 383 -24.52 -61.99 19.67
C GLY D 383 -25.46 -62.01 18.49
N THR D 384 -25.69 -60.84 17.90
CA THR D 384 -26.56 -60.78 16.73
C THR D 384 -26.03 -61.64 15.61
N GLN D 385 -24.71 -61.64 15.41
CA GLN D 385 -24.12 -62.53 14.41
C GLN D 385 -24.43 -63.98 14.74
N LYS D 386 -24.37 -64.36 16.02
CA LYS D 386 -24.71 -65.71 16.42
C LYS D 386 -26.14 -66.05 16.03
N GLU D 387 -27.10 -65.23 16.48
CA GLU D 387 -28.50 -65.50 16.18
C GLU D 387 -28.75 -65.53 14.68
N ALA D 388 -28.05 -64.68 13.92
CA ALA D 388 -28.21 -64.71 12.48
C ALA D 388 -27.71 -66.01 11.89
N ALA D 389 -26.56 -66.50 12.39
CA ALA D 389 -26.08 -67.81 11.95
C ALA D 389 -27.13 -68.88 12.18
N TRP D 390 -27.77 -68.86 13.36
CA TRP D 390 -28.86 -69.79 13.61
C TRP D 390 -29.99 -69.61 12.61
N ALA D 391 -30.34 -68.37 12.27
CA ALA D 391 -31.39 -68.14 11.29
C ALA D 391 -31.03 -68.77 9.95
N ILE D 392 -29.80 -68.54 9.49
CA ILE D 392 -29.38 -69.05 8.19
C ILE D 392 -29.38 -70.58 8.19
N SER D 393 -28.86 -71.18 9.25
CA SER D 393 -28.84 -72.63 9.29
C SER D 393 -30.24 -73.22 9.34
N ASN D 394 -31.13 -72.59 10.12
CA ASN D 394 -32.50 -73.07 10.19
C ASN D 394 -33.19 -72.99 8.84
N LEU D 395 -33.07 -71.84 8.17
CA LEU D 395 -33.61 -71.73 6.82
C LEU D 395 -32.96 -72.72 5.87
N THR D 396 -31.70 -73.10 6.16
CA THR D 396 -31.00 -74.03 5.30
C THR D 396 -31.58 -75.43 5.40
N ILE D 397 -31.85 -75.89 6.60
CA ILE D 397 -32.36 -77.25 6.73
C ILE D 397 -33.87 -77.31 6.52
N SER D 398 -34.59 -76.23 6.75
CA SER D 398 -36.04 -76.27 6.62
C SER D 398 -36.54 -75.80 5.27
N GLY D 399 -35.84 -74.88 4.62
CA GLY D 399 -36.35 -74.27 3.41
C GLY D 399 -36.28 -75.18 2.21
N ARG D 400 -36.92 -74.72 1.14
CA ARG D 400 -36.89 -75.42 -0.14
C ARG D 400 -35.60 -75.11 -0.90
N LYS D 401 -35.43 -75.76 -2.05
CA LYS D 401 -34.21 -75.57 -2.82
C LYS D 401 -34.14 -74.17 -3.44
N ASP D 402 -35.25 -73.70 -4.01
CA ASP D 402 -35.26 -72.37 -4.59
C ASP D 402 -35.09 -71.28 -3.53
N GLN D 403 -35.58 -71.53 -2.31
CA GLN D 403 -35.42 -70.56 -1.24
C GLN D 403 -33.96 -70.43 -0.84
N VAL D 404 -33.28 -71.56 -0.61
CA VAL D 404 -31.85 -71.52 -0.32
C VAL D 404 -31.10 -70.90 -1.49
N ALA D 405 -31.56 -71.14 -2.71
CA ALA D 405 -30.96 -70.48 -3.87
C ALA D 405 -31.07 -68.96 -3.76
N TYR D 406 -32.26 -68.47 -3.41
CA TYR D 406 -32.43 -67.05 -3.16
C TYR D 406 -31.47 -66.56 -2.10
N LEU D 407 -31.29 -67.33 -1.02
CA LEU D 407 -30.35 -66.94 0.01
C LEU D 407 -28.94 -66.83 -0.53
N ILE D 408 -28.56 -67.76 -1.41
CA ILE D 408 -27.20 -67.74 -1.98
C ILE D 408 -27.01 -66.52 -2.86
N GLN D 409 -27.95 -66.23 -3.74
CA GLN D 409 -27.78 -65.09 -4.63
C GLN D 409 -27.88 -63.76 -3.90
N GLN D 410 -28.04 -63.76 -2.58
CA GLN D 410 -28.03 -62.54 -1.79
C GLN D 410 -26.70 -62.28 -1.12
N ASN D 411 -25.63 -62.91 -1.60
CA ASN D 411 -24.27 -62.68 -1.11
C ASN D 411 -24.17 -63.03 0.36
N VAL D 412 -24.68 -64.19 0.72
CA VAL D 412 -24.65 -64.63 2.11
C VAL D 412 -23.40 -65.45 2.42
N ILE D 413 -22.77 -66.05 1.41
CA ILE D 413 -21.68 -66.98 1.67
C ILE D 413 -20.48 -66.32 2.35
N PRO D 414 -19.97 -65.18 1.86
CA PRO D 414 -18.78 -64.59 2.50
C PRO D 414 -19.01 -64.23 3.96
N PRO D 415 -20.05 -63.45 4.31
CA PRO D 415 -20.23 -63.14 5.73
C PRO D 415 -20.60 -64.36 6.55
N PHE D 416 -21.33 -65.32 5.96
CA PHE D 416 -21.67 -66.54 6.68
C PHE D 416 -20.43 -67.37 7.00
N CYS D 417 -19.42 -67.32 6.13
CA CYS D 417 -18.20 -68.08 6.32
C CYS D 417 -17.17 -67.36 7.17
N ASN D 418 -17.18 -66.02 7.16
CA ASN D 418 -16.22 -65.25 7.96
C ASN D 418 -16.38 -65.46 9.45
N LEU D 419 -17.42 -66.17 9.88
CA LEU D 419 -17.63 -66.45 11.30
C LEU D 419 -16.86 -67.67 11.78
N LEU D 420 -16.29 -68.45 10.87
CA LEU D 420 -15.62 -69.70 11.24
C LEU D 420 -14.39 -69.47 12.11
N THR D 421 -13.94 -68.23 12.28
CA THR D 421 -12.73 -67.96 13.03
C THR D 421 -13.00 -67.62 14.49
N VAL D 422 -14.25 -67.64 14.93
CA VAL D 422 -14.55 -67.27 16.31
C VAL D 422 -14.18 -68.41 17.26
N LYS D 423 -14.09 -68.08 18.54
CA LYS D 423 -13.74 -69.06 19.56
C LYS D 423 -14.93 -69.90 20.02
N ASP D 424 -16.15 -69.55 19.63
CA ASP D 424 -17.34 -70.28 20.06
C ASP D 424 -17.55 -71.50 19.16
N ALA D 425 -17.49 -72.70 19.76
CA ALA D 425 -17.65 -73.93 18.99
C ALA D 425 -19.08 -74.13 18.46
N GLN D 426 -20.13 -73.72 19.19
CA GLN D 426 -21.48 -73.87 18.67
C GLN D 426 -21.69 -73.06 17.41
N VAL D 427 -21.22 -71.82 17.37
CA VAL D 427 -21.41 -71.04 16.16
C VAL D 427 -20.76 -71.75 14.98
N VAL D 428 -19.57 -72.32 15.19
CA VAL D 428 -18.89 -73.02 14.12
C VAL D 428 -19.69 -74.24 13.69
N GLN D 429 -20.24 -74.99 14.65
CA GLN D 429 -21.10 -76.11 14.28
C GLN D 429 -22.30 -75.64 13.47
N VAL D 430 -22.83 -74.46 13.80
CA VAL D 430 -23.97 -73.93 13.06
C VAL D 430 -23.56 -73.63 11.62
N VAL D 431 -22.42 -72.97 11.44
CA VAL D 431 -22.01 -72.58 10.10
C VAL D 431 -21.66 -73.81 9.27
N LEU D 432 -20.86 -74.71 9.82
CA LEU D 432 -20.47 -75.91 9.09
C LEU D 432 -21.69 -76.77 8.78
N ASP D 433 -22.62 -76.88 9.72
CA ASP D 433 -23.82 -77.65 9.45
C ASP D 433 -24.66 -77.01 8.35
N GLY D 434 -24.77 -75.69 8.37
CA GLY D 434 -25.51 -75.01 7.32
C GLY D 434 -24.88 -75.21 5.95
N LEU D 435 -23.57 -75.01 5.86
CA LEU D 435 -22.87 -75.22 4.60
C LEU D 435 -23.03 -76.66 4.13
N SER D 436 -22.86 -77.60 5.04
CA SER D 436 -23.04 -79.01 4.68
C SER D 436 -24.42 -79.28 4.13
N ASN D 437 -25.45 -78.67 4.73
CA ASN D 437 -26.80 -78.88 4.24
C ASN D 437 -27.01 -78.21 2.88
N ILE D 438 -26.41 -77.04 2.68
CA ILE D 438 -26.51 -76.38 1.39
C ILE D 438 -25.88 -77.23 0.30
N LEU D 439 -24.67 -77.73 0.55
CA LEU D 439 -23.98 -78.52 -0.45
C LEU D 439 -24.70 -79.83 -0.71
N LYS D 440 -25.25 -80.46 0.34
CA LYS D 440 -26.05 -81.65 0.13
C LYS D 440 -27.33 -81.36 -0.65
N MET D 441 -27.85 -80.14 -0.52
CA MET D 441 -29.11 -79.80 -1.18
C MET D 441 -28.89 -79.54 -2.68
N ALA D 442 -28.08 -78.54 -3.01
CA ALA D 442 -27.82 -78.24 -4.40
C ALA D 442 -26.87 -79.27 -5.01
N GLU D 443 -27.29 -79.89 -6.10
CA GLU D 443 -26.55 -80.98 -6.72
C GLU D 443 -25.72 -80.51 -7.91
N ASP D 444 -26.38 -79.90 -8.91
CA ASP D 444 -25.68 -79.54 -10.14
C ASP D 444 -24.78 -78.33 -9.93
N GLU D 445 -25.22 -77.35 -9.14
CA GLU D 445 -24.42 -76.17 -8.87
C GLU D 445 -23.47 -76.37 -7.68
N ALA D 446 -23.36 -77.60 -7.17
CA ALA D 446 -22.41 -77.87 -6.11
C ALA D 446 -20.99 -77.46 -6.51
N GLU D 447 -20.66 -77.58 -7.80
CA GLU D 447 -19.43 -76.99 -8.31
C GLU D 447 -19.38 -75.50 -8.04
N THR D 448 -20.34 -74.77 -8.62
CA THR D 448 -20.37 -73.31 -8.51
C THR D 448 -20.28 -72.87 -7.06
N ILE D 449 -21.20 -73.35 -6.23
CA ILE D 449 -21.22 -72.98 -4.83
C ILE D 449 -19.88 -73.29 -4.18
N GLY D 450 -19.30 -74.44 -4.51
CA GLY D 450 -17.99 -74.77 -3.99
C GLY D 450 -16.97 -73.69 -4.31
N ASN D 451 -16.89 -73.31 -5.58
CA ASN D 451 -15.97 -72.26 -5.97
C ASN D 451 -16.29 -70.96 -5.25
N LEU D 452 -17.55 -70.71 -4.94
CA LEU D 452 -17.92 -69.53 -4.18
C LEU D 452 -17.23 -69.55 -2.82
N ILE D 453 -17.28 -70.69 -2.14
CA ILE D 453 -16.56 -70.81 -0.88
C ILE D 453 -15.07 -70.67 -1.12
N GLU D 454 -14.59 -71.15 -2.26
CA GLU D 454 -13.17 -70.99 -2.58
C GLU D 454 -12.84 -69.53 -2.86
N GLU D 455 -13.82 -68.75 -3.30
CA GLU D 455 -13.54 -67.34 -3.62
C GLU D 455 -13.38 -66.52 -2.34
N CYS D 456 -14.33 -66.63 -1.43
CA CYS D 456 -14.30 -65.87 -0.20
C CYS D 456 -13.28 -66.38 0.80
N GLY D 457 -12.41 -67.32 0.42
CA GLY D 457 -11.41 -67.84 1.33
C GLY D 457 -11.94 -68.70 2.45
N GLY D 458 -13.23 -69.01 2.45
CA GLY D 458 -13.78 -69.87 3.49
C GLY D 458 -13.20 -71.25 3.49
N LEU D 459 -12.81 -71.76 2.33
CA LEU D 459 -12.20 -73.09 2.26
C LEU D 459 -10.92 -73.15 3.07
N GLU D 460 -10.12 -72.09 3.03
CA GLU D 460 -8.93 -72.01 3.87
C GLU D 460 -9.30 -72.14 5.34
N LYS D 461 -10.32 -71.38 5.77
CA LYS D 461 -10.73 -71.41 7.16
C LYS D 461 -11.18 -72.80 7.58
N ILE D 462 -11.94 -73.49 6.72
CA ILE D 462 -12.35 -74.85 7.03
C ILE D 462 -11.14 -75.78 7.11
N GLU D 463 -10.19 -75.62 6.18
CA GLU D 463 -9.03 -76.51 6.17
C GLU D 463 -8.17 -76.33 7.41
N GLN D 464 -8.07 -75.11 7.93
CA GLN D 464 -7.36 -74.92 9.19
C GLN D 464 -8.25 -75.09 10.40
N LEU D 465 -9.55 -75.26 10.18
CA LEU D 465 -10.51 -75.42 11.27
C LEU D 465 -10.60 -76.84 11.79
N GLN D 466 -10.18 -77.84 11.00
CA GLN D 466 -10.28 -79.23 11.44
C GLN D 466 -9.10 -79.58 12.35
N ASN D 467 -9.11 -78.94 13.52
CA ASN D 467 -8.12 -79.20 14.56
C ASN D 467 -8.71 -79.23 15.96
N HIS D 468 -9.78 -78.48 16.23
CA HIS D 468 -10.19 -78.19 17.59
C HIS D 468 -10.42 -79.45 18.41
N GLU D 469 -10.12 -79.31 19.70
CA GLU D 469 -10.37 -80.37 20.66
C GLU D 469 -11.79 -80.90 20.52
N ASN D 470 -12.70 -80.04 20.05
CA ASN D 470 -14.07 -80.47 19.82
C ASN D 470 -14.08 -81.45 18.66
N GLU D 471 -14.51 -82.68 18.93
CA GLU D 471 -14.53 -83.74 17.92
C GLU D 471 -15.49 -83.41 16.77
N ASP D 472 -16.61 -82.74 17.07
CA ASP D 472 -17.65 -82.57 16.05
C ASP D 472 -17.20 -81.63 14.94
N ILE D 473 -16.53 -80.52 15.31
CA ILE D 473 -16.00 -79.61 14.29
C ILE D 473 -14.96 -80.34 13.45
N TYR D 474 -14.16 -81.22 14.12
CA TYR D 474 -13.14 -81.97 13.40
C TYR D 474 -13.69 -82.97 12.37
N LYS D 475 -14.61 -83.83 12.82
CA LYS D 475 -15.18 -84.84 11.94
C LYS D 475 -16.09 -84.23 10.90
N LEU D 476 -17.04 -83.40 11.33
CA LEU D 476 -17.93 -82.74 10.37
C LEU D 476 -17.13 -81.92 9.36
N ALA D 477 -16.12 -81.18 9.84
CA ALA D 477 -15.31 -80.37 8.94
C ALA D 477 -14.68 -81.21 7.84
N TYR D 478 -13.98 -82.28 8.23
CA TYR D 478 -13.29 -83.02 7.18
C TYR D 478 -14.26 -83.83 6.33
N GLU D 479 -15.41 -84.24 6.88
CA GLU D 479 -16.43 -84.85 6.04
C GLU D 479 -16.90 -83.89 4.97
N ILE D 480 -17.08 -82.62 5.33
CA ILE D 480 -17.44 -81.61 4.33
C ILE D 480 -16.34 -81.48 3.29
N ILE D 481 -15.09 -81.40 3.74
CA ILE D 481 -13.97 -81.23 2.80
C ILE D 481 -13.91 -82.39 1.83
N ASP D 482 -13.76 -83.61 2.34
CA ASP D 482 -13.64 -84.78 1.49
C ASP D 482 -14.87 -84.98 0.63
N GLN D 483 -16.05 -84.61 1.12
CA GLN D 483 -17.26 -84.86 0.36
C GLN D 483 -17.42 -83.87 -0.79
N PHE D 484 -17.20 -82.59 -0.53
CA PHE D 484 -17.56 -81.57 -1.51
C PHE D 484 -16.37 -80.80 -2.09
N PHE D 485 -15.17 -80.96 -1.54
CA PHE D 485 -14.03 -80.18 -1.98
C PHE D 485 -12.86 -81.04 -2.46
N SER D 486 -13.13 -82.27 -2.86
CA SER D 486 -12.10 -83.09 -3.47
C SER D 486 -11.99 -82.82 -4.96
N THR E 71 -96.04 13.04 -9.28
CA THR E 71 -96.33 11.77 -8.64
C THR E 71 -95.21 10.76 -8.86
N SER E 72 -95.58 9.54 -9.19
CA SER E 72 -94.62 8.46 -9.41
C SER E 72 -93.98 8.62 -10.78
N LEU E 73 -93.33 7.57 -11.27
CA LEU E 73 -92.50 7.71 -12.46
C LEU E 73 -93.29 7.62 -13.76
N GLU E 74 -94.47 6.99 -13.72
CA GLU E 74 -95.18 6.78 -14.98
C GLU E 74 -96.68 6.93 -14.82
N ALA E 75 -97.21 6.94 -13.59
CA ALA E 75 -98.62 7.16 -13.32
C ALA E 75 -99.17 8.31 -14.15
N ILE E 76 -98.33 9.32 -14.38
CA ILE E 76 -98.76 10.53 -15.05
C ILE E 76 -99.39 10.23 -16.40
N VAL E 77 -98.84 9.25 -17.13
CA VAL E 77 -99.36 8.95 -18.46
C VAL E 77 -100.84 8.57 -18.39
N GLN E 78 -101.27 7.96 -17.28
CA GLN E 78 -102.69 7.71 -17.08
C GLN E 78 -103.41 8.95 -16.58
N ASN E 79 -102.76 9.69 -15.66
CA ASN E 79 -103.40 10.88 -15.11
C ASN E 79 -103.55 11.97 -16.17
N ALA E 80 -102.67 12.00 -17.16
CA ALA E 80 -102.77 12.97 -18.24
C ALA E 80 -103.75 12.57 -19.32
N SER E 81 -104.28 11.35 -19.27
CA SER E 81 -105.26 10.90 -20.24
C SER E 81 -106.69 11.08 -19.77
N SER E 82 -106.89 11.57 -18.55
CA SER E 82 -108.23 11.74 -18.00
C SER E 82 -108.95 12.91 -18.66
N ASP E 83 -110.24 13.04 -18.37
CA ASP E 83 -111.05 14.16 -18.82
C ASP E 83 -111.25 15.21 -17.75
N ASN E 84 -110.77 14.98 -16.54
CA ASN E 84 -110.86 15.95 -15.45
C ASN E 84 -109.72 16.96 -15.58
N GLN E 85 -110.08 18.22 -15.81
CA GLN E 85 -109.06 19.24 -16.06
C GLN E 85 -108.16 19.47 -14.85
N GLY E 86 -108.66 19.19 -13.65
CA GLY E 86 -107.79 19.25 -12.47
C GLY E 86 -106.74 18.17 -12.48
N ILE E 87 -107.17 16.93 -12.74
CA ILE E 87 -106.22 15.82 -12.86
C ILE E 87 -105.27 16.06 -14.03
N GLN E 88 -105.76 16.69 -15.10
CA GLN E 88 -104.89 17.05 -16.21
C GLN E 88 -103.79 18.01 -15.77
N LEU E 89 -104.19 19.16 -15.19
CA LEU E 89 -103.21 20.16 -14.79
C LEU E 89 -102.22 19.61 -13.78
N SER E 90 -102.72 18.88 -12.77
CA SER E 90 -101.83 18.30 -11.78
C SER E 90 -100.91 17.27 -12.40
N ALA E 91 -101.41 16.50 -13.37
CA ALA E 91 -100.60 15.48 -14.02
C ALA E 91 -99.47 16.10 -14.81
N VAL E 92 -99.80 16.99 -15.76
CA VAL E 92 -98.77 17.61 -16.58
C VAL E 92 -97.84 18.46 -15.74
N GLN E 93 -98.33 18.98 -14.61
CA GLN E 93 -97.47 19.75 -13.72
C GLN E 93 -96.46 18.85 -13.03
N ALA E 94 -96.90 17.68 -12.56
CA ALA E 94 -95.96 16.70 -12.01
C ALA E 94 -94.96 16.26 -13.08
N ALA E 95 -95.42 16.12 -14.32
CA ALA E 95 -94.49 15.83 -15.42
C ALA E 95 -93.45 16.93 -15.56
N ARG E 96 -93.88 18.19 -15.44
CA ARG E 96 -92.93 19.30 -15.43
C ARG E 96 -91.91 19.13 -14.32
N LYS E 97 -92.38 18.75 -13.13
CA LYS E 97 -91.48 18.55 -12.00
C LYS E 97 -90.43 17.49 -12.31
N LEU E 98 -90.88 16.25 -12.55
CA LEU E 98 -89.96 15.13 -12.70
C LEU E 98 -89.07 15.26 -13.93
N LEU E 99 -89.59 15.86 -15.01
CA LEU E 99 -88.77 16.04 -16.20
C LEU E 99 -87.71 17.10 -15.99
N SER E 100 -88.11 18.28 -15.50
CA SER E 100 -87.15 19.35 -15.30
C SER E 100 -86.15 18.99 -14.20
N SER E 101 -86.66 18.69 -13.01
CA SER E 101 -85.80 18.26 -11.91
C SER E 101 -85.06 17.00 -12.30
N ASP E 102 -83.84 16.85 -11.79
CA ASP E 102 -82.95 15.78 -12.25
C ASP E 102 -83.06 14.42 -11.57
N ARG E 103 -84.30 13.96 -11.44
CA ARG E 103 -84.48 12.52 -11.46
C ARG E 103 -84.77 12.06 -12.88
N ASN E 104 -84.41 12.89 -13.86
CA ASN E 104 -84.60 12.64 -15.27
C ASN E 104 -84.07 11.27 -15.65
N PRO E 105 -84.90 10.36 -16.15
CA PRO E 105 -84.38 9.09 -16.62
C PRO E 105 -83.61 9.28 -17.90
N PRO E 106 -82.65 8.41 -18.20
CA PRO E 106 -81.86 8.61 -19.43
C PRO E 106 -82.80 8.50 -20.62
N ILE E 107 -82.86 9.58 -21.39
CA ILE E 107 -83.87 9.66 -22.45
C ILE E 107 -83.53 8.66 -23.54
N ASP E 108 -84.22 7.53 -23.51
CA ASP E 108 -84.19 6.58 -24.62
C ASP E 108 -85.38 6.79 -25.54
N ASP E 109 -86.12 7.85 -25.34
CA ASP E 109 -87.16 8.22 -26.28
C ASP E 109 -88.05 7.04 -26.56
N LEU E 110 -87.95 6.04 -25.70
CA LEU E 110 -88.74 4.82 -25.82
C LEU E 110 -89.08 4.16 -24.47
N ILE E 111 -88.75 4.84 -23.38
CA ILE E 111 -89.01 4.29 -22.05
C ILE E 111 -90.41 4.67 -21.58
N LYS E 112 -90.84 5.88 -21.91
CA LYS E 112 -92.21 6.33 -21.70
C LYS E 112 -92.52 7.10 -22.98
N SER E 113 -93.01 6.38 -23.98
CA SER E 113 -93.26 6.99 -25.29
C SER E 113 -94.46 7.92 -25.26
N GLY E 114 -95.49 7.58 -24.48
CA GLY E 114 -96.74 8.32 -24.54
C GLY E 114 -96.62 9.75 -24.05
N ILE E 115 -95.66 10.02 -23.16
CA ILE E 115 -95.54 11.35 -22.57
C ILE E 115 -95.47 12.42 -23.65
N LEU E 116 -94.64 12.19 -24.67
CA LEU E 116 -94.43 13.21 -25.70
C LEU E 116 -95.71 13.52 -26.46
N PRO E 117 -96.39 12.56 -27.09
CA PRO E 117 -97.63 12.91 -27.79
C PRO E 117 -98.74 13.40 -26.87
N ILE E 118 -98.87 12.89 -25.66
CA ILE E 118 -99.95 13.39 -24.80
C ILE E 118 -99.71 14.85 -24.45
N LEU E 119 -98.45 15.23 -24.21
CA LEU E 119 -98.18 16.63 -23.88
C LEU E 119 -98.28 17.53 -25.11
N VAL E 120 -97.92 17.04 -26.29
CA VAL E 120 -98.10 17.84 -27.50
C VAL E 120 -99.59 18.05 -27.77
N HIS E 121 -100.39 17.01 -27.59
CA HIS E 121 -101.81 17.11 -27.88
C HIS E 121 -102.54 17.95 -26.85
N CYS E 122 -102.12 17.90 -25.58
CA CYS E 122 -102.65 18.86 -24.63
C CYS E 122 -102.10 20.25 -24.89
N LEU E 123 -100.94 20.35 -25.56
CA LEU E 123 -100.44 21.66 -26.00
C LEU E 123 -101.36 22.27 -27.04
N GLU E 124 -102.07 21.44 -27.82
CA GLU E 124 -103.04 22.00 -28.76
C GLU E 124 -104.20 22.69 -28.05
N ARG E 125 -104.56 22.23 -26.85
CA ARG E 125 -105.85 22.58 -26.25
C ARG E 125 -105.89 24.05 -25.86
N ASP E 126 -106.74 24.82 -26.55
CA ASP E 126 -106.99 26.22 -26.19
C ASP E 126 -108.19 26.31 -25.26
N ASP E 127 -108.31 27.47 -24.60
CA ASP E 127 -109.18 27.90 -23.50
C ASP E 127 -108.64 27.37 -22.17
N ASN E 128 -107.54 26.61 -22.18
CA ASN E 128 -106.89 26.11 -20.98
C ASN E 128 -105.43 26.55 -21.04
N PRO E 129 -105.16 27.82 -20.72
CA PRO E 129 -103.80 28.33 -20.89
C PRO E 129 -102.79 27.71 -19.93
N SER E 130 -103.20 27.36 -18.71
CA SER E 130 -102.27 26.76 -17.76
C SER E 130 -101.72 25.44 -18.29
N LEU E 131 -102.57 24.64 -18.92
CA LEU E 131 -102.12 23.39 -19.51
C LEU E 131 -101.04 23.62 -20.56
N GLN E 132 -101.31 24.55 -21.49
CA GLN E 132 -100.32 24.89 -22.52
C GLN E 132 -99.02 25.38 -21.90
N PHE E 133 -99.11 26.20 -20.85
CA PHE E 133 -97.91 26.72 -20.21
C PHE E 133 -97.08 25.62 -19.59
N GLU E 134 -97.73 24.71 -18.85
CA GLU E 134 -97.01 23.60 -18.22
C GLU E 134 -96.38 22.69 -19.27
N ALA E 135 -97.14 22.37 -20.32
CA ALA E 135 -96.62 21.49 -21.37
C ALA E 135 -95.41 22.12 -22.06
N ALA E 136 -95.57 23.35 -22.55
CA ALA E 136 -94.45 24.02 -23.22
C ALA E 136 -93.27 24.20 -22.28
N TRP E 137 -93.53 24.32 -20.98
CA TRP E 137 -92.45 24.29 -20.00
C TRP E 137 -91.71 22.97 -20.08
N ALA E 138 -92.46 21.86 -20.07
CA ALA E 138 -91.85 20.54 -20.11
C ALA E 138 -91.01 20.35 -21.37
N LEU E 139 -91.60 20.59 -22.55
CA LEU E 139 -90.84 20.50 -23.79
C LEU E 139 -89.61 21.39 -23.76
N THR E 140 -89.76 22.59 -23.21
CA THR E 140 -88.62 23.48 -23.04
C THR E 140 -87.48 22.77 -22.31
N ASN E 141 -87.77 22.25 -21.11
CA ASN E 141 -86.70 21.63 -20.34
C ASN E 141 -86.20 20.32 -20.95
N ILE E 142 -87.01 19.67 -21.78
CA ILE E 142 -86.56 18.45 -22.43
C ILE E 142 -85.59 18.76 -23.57
N ALA E 143 -85.95 19.73 -24.43
CA ALA E 143 -85.11 20.09 -25.55
C ALA E 143 -83.78 20.68 -25.14
N SER E 144 -83.62 21.05 -23.87
CA SER E 144 -82.37 21.65 -23.42
C SER E 144 -81.24 20.64 -23.35
N GLY E 145 -81.53 19.35 -23.39
CA GLY E 145 -80.52 18.32 -23.21
C GLY E 145 -79.69 18.05 -24.45
N THR E 146 -79.32 16.79 -24.62
CA THR E 146 -78.50 16.39 -25.75
C THR E 146 -79.28 16.56 -27.06
N SER E 147 -78.54 16.52 -28.16
CA SER E 147 -79.15 16.66 -29.48
C SER E 147 -80.18 15.57 -29.74
N GLU E 148 -79.97 14.37 -29.19
CA GLU E 148 -80.92 13.28 -29.40
C GLU E 148 -82.26 13.59 -28.75
N GLN E 149 -82.23 14.27 -27.60
CA GLN E 149 -83.48 14.68 -26.97
C GLN E 149 -84.21 15.70 -27.81
N THR E 150 -83.49 16.70 -28.33
CA THR E 150 -84.11 17.68 -29.21
C THR E 150 -84.72 17.01 -30.43
N GLN E 151 -84.02 16.03 -31.00
CA GLN E 151 -84.60 15.25 -32.09
C GLN E 151 -85.87 14.55 -31.64
N ALA E 152 -85.88 14.00 -30.42
CA ALA E 152 -87.09 13.38 -29.90
C ALA E 152 -88.23 14.38 -29.78
N VAL E 153 -87.90 15.66 -29.57
CA VAL E 153 -88.94 16.68 -29.50
C VAL E 153 -89.46 17.01 -30.88
N VAL E 154 -88.56 17.24 -31.83
CA VAL E 154 -88.98 17.67 -33.16
C VAL E 154 -89.68 16.55 -33.90
N GLN E 155 -89.36 15.29 -33.60
CA GLN E 155 -90.10 14.19 -34.21
C GLN E 155 -91.54 14.15 -33.72
N SER E 156 -91.83 14.74 -32.56
CA SER E 156 -93.22 14.89 -32.15
C SER E 156 -93.93 15.96 -32.95
N ASN E 157 -93.18 16.69 -33.79
CA ASN E 157 -93.74 17.72 -34.66
C ASN E 157 -94.58 18.73 -33.88
N ALA E 158 -94.06 19.13 -32.72
CA ALA E 158 -94.70 20.14 -31.89
C ALA E 158 -94.39 21.55 -32.35
N VAL E 159 -93.39 21.70 -33.24
CA VAL E 159 -92.95 23.04 -33.65
C VAL E 159 -94.09 23.84 -34.28
N PRO E 160 -94.87 23.31 -35.22
CA PRO E 160 -96.00 24.08 -35.75
C PRO E 160 -96.98 24.51 -34.66
N LEU E 161 -97.08 23.73 -33.58
CA LEU E 161 -97.96 24.12 -32.48
C LEU E 161 -97.37 25.27 -31.68
N PHE E 162 -96.05 25.27 -31.49
CA PHE E 162 -95.40 26.45 -30.92
C PHE E 162 -95.67 27.68 -31.76
N LEU E 163 -95.52 27.55 -33.08
CA LEU E 163 -95.78 28.67 -33.98
C LEU E 163 -97.23 29.13 -33.86
N ARG E 164 -98.15 28.19 -33.69
CA ARG E 164 -99.53 28.57 -33.43
C ARG E 164 -99.65 29.31 -32.10
N LEU E 165 -98.84 28.93 -31.11
CA LEU E 165 -98.87 29.60 -29.81
C LEU E 165 -98.26 30.99 -29.87
N LEU E 166 -97.44 31.28 -30.88
CA LEU E 166 -96.90 32.63 -31.03
C LEU E 166 -98.00 33.67 -31.23
N HIS E 167 -99.23 33.25 -31.54
CA HIS E 167 -100.34 34.16 -31.72
C HIS E 167 -101.30 34.17 -30.55
N SER E 168 -100.94 33.50 -29.45
CA SER E 168 -101.82 33.45 -28.28
C SER E 168 -101.90 34.82 -27.61
N PRO E 169 -103.04 35.14 -26.99
CA PRO E 169 -103.14 36.41 -26.27
C PRO E 169 -102.42 36.42 -24.93
N HIS E 170 -102.21 35.27 -24.31
CA HIS E 170 -101.52 35.21 -23.03
C HIS E 170 -100.02 35.35 -23.24
N GLN E 171 -99.42 36.32 -22.55
CA GLN E 171 -98.00 36.59 -22.74
C GLN E 171 -97.12 35.45 -22.24
N ASN E 172 -97.52 34.76 -21.18
CA ASN E 172 -96.71 33.66 -20.66
C ASN E 172 -96.57 32.55 -21.69
N VAL E 173 -97.64 32.24 -22.41
CA VAL E 173 -97.59 31.18 -23.41
C VAL E 173 -96.67 31.57 -24.56
N CYS E 174 -96.81 32.80 -25.06
CA CYS E 174 -95.93 33.27 -26.12
C CYS E 174 -94.49 33.22 -25.68
N GLU E 175 -94.19 33.74 -24.48
CA GLU E 175 -92.82 33.75 -23.99
C GLU E 175 -92.26 32.35 -23.87
N GLN E 176 -93.06 31.42 -23.35
CA GLN E 176 -92.59 30.04 -23.20
C GLN E 176 -92.31 29.41 -24.55
N ALA E 177 -93.19 29.66 -25.53
CA ALA E 177 -92.98 29.13 -26.86
C ALA E 177 -91.71 29.70 -27.48
N VAL E 178 -91.51 31.01 -27.36
CA VAL E 178 -90.28 31.62 -27.85
C VAL E 178 -89.07 30.98 -27.18
N TRP E 179 -89.18 30.66 -25.89
CA TRP E 179 -88.09 29.99 -25.19
C TRP E 179 -87.77 28.65 -25.85
N ALA E 180 -88.78 27.79 -25.96
CA ALA E 180 -88.56 26.45 -26.49
C ALA E 180 -88.03 26.50 -27.92
N LEU E 181 -88.61 27.37 -28.76
CA LEU E 181 -88.08 27.55 -30.10
C LEU E 181 -86.63 28.00 -30.06
N GLY E 182 -86.29 28.82 -29.07
CA GLY E 182 -84.89 29.16 -28.86
C GLY E 182 -84.02 27.93 -28.65
N ASN E 183 -84.50 27.01 -27.80
CA ASN E 183 -83.74 25.77 -27.58
C ASN E 183 -83.59 24.98 -28.88
N ILE E 184 -84.71 24.67 -29.54
CA ILE E 184 -84.70 23.83 -30.73
C ILE E 184 -83.80 24.43 -31.79
N ILE E 185 -83.94 25.74 -32.04
CA ILE E 185 -83.08 26.39 -33.03
C ILE E 185 -81.62 26.32 -32.59
N GLY E 186 -81.37 26.53 -31.30
CA GLY E 186 -80.01 26.48 -30.80
C GLY E 186 -79.38 25.10 -30.86
N ASP E 187 -80.18 24.05 -31.04
CA ASP E 187 -79.64 22.70 -31.12
C ASP E 187 -78.62 22.56 -32.24
N GLY E 188 -79.06 22.75 -33.49
CA GLY E 188 -78.20 22.55 -34.62
C GLY E 188 -78.65 23.30 -35.86
N PRO E 189 -77.80 23.33 -36.88
CA PRO E 189 -78.16 24.07 -38.10
C PRO E 189 -79.29 23.44 -38.88
N GLN E 190 -79.37 22.10 -38.90
CA GLN E 190 -80.47 21.45 -39.62
C GLN E 190 -81.81 21.76 -38.97
N CYS E 191 -81.87 21.65 -37.63
CA CYS E 191 -83.08 22.05 -36.93
C CYS E 191 -83.37 23.52 -37.13
N ARG E 192 -82.31 24.33 -37.23
CA ARG E 192 -82.48 25.75 -37.48
C ARG E 192 -83.18 26.00 -38.81
N ASP E 193 -82.67 25.38 -39.88
CA ASP E 193 -83.30 25.54 -41.18
C ASP E 193 -84.70 24.95 -41.19
N TYR E 194 -84.95 23.89 -40.41
CA TYR E 194 -86.29 23.36 -40.27
C TYR E 194 -87.23 24.41 -39.70
N VAL E 195 -86.84 25.02 -38.59
CA VAL E 195 -87.73 25.98 -37.93
C VAL E 195 -87.94 27.21 -38.80
N ILE E 196 -86.89 27.65 -39.50
CA ILE E 196 -87.05 28.77 -40.41
C ILE E 196 -87.98 28.41 -41.56
N SER E 197 -87.88 27.18 -42.06
CA SER E 197 -88.71 26.75 -43.17
C SER E 197 -90.19 26.84 -42.86
N LEU E 198 -90.57 26.90 -41.59
CA LEU E 198 -91.97 26.98 -41.19
C LEU E 198 -92.45 28.41 -40.97
N GLY E 199 -91.56 29.40 -41.06
CA GLY E 199 -91.95 30.79 -40.95
C GLY E 199 -92.00 31.32 -39.53
N VAL E 200 -90.90 31.21 -38.81
CA VAL E 200 -90.83 31.72 -37.45
C VAL E 200 -90.26 33.14 -37.39
N VAL E 201 -89.45 33.52 -38.38
CA VAL E 201 -88.68 34.76 -38.29
C VAL E 201 -89.61 35.96 -38.24
N LYS E 202 -90.50 36.08 -39.22
CA LYS E 202 -91.41 37.23 -39.24
C LYS E 202 -92.28 37.32 -38.01
N PRO E 203 -92.94 36.25 -37.55
CA PRO E 203 -93.70 36.37 -36.30
C PRO E 203 -92.84 36.75 -35.11
N LEU E 204 -91.63 36.21 -35.01
CA LEU E 204 -90.76 36.57 -33.89
C LEU E 204 -90.38 38.04 -33.92
N LEU E 205 -89.98 38.54 -35.10
CA LEU E 205 -89.59 39.93 -35.22
C LEU E 205 -90.76 40.88 -35.05
N SER E 206 -91.98 40.41 -35.35
CA SER E 206 -93.15 41.25 -35.17
C SER E 206 -93.36 41.64 -33.71
N PHE E 207 -92.71 40.93 -32.77
CA PHE E 207 -92.88 41.23 -31.36
C PHE E 207 -92.12 42.47 -30.92
N ILE E 208 -91.17 42.96 -31.72
CA ILE E 208 -90.37 44.10 -31.33
C ILE E 208 -91.22 45.36 -31.37
N SER E 209 -91.45 45.96 -30.20
CA SER E 209 -92.23 47.18 -30.06
C SER E 209 -91.71 47.94 -28.85
N PRO E 210 -91.90 49.26 -28.79
CA PRO E 210 -91.45 50.02 -27.62
C PRO E 210 -92.16 49.64 -26.34
N SER E 211 -93.25 48.90 -26.42
CA SER E 211 -94.00 48.47 -25.24
C SER E 211 -93.69 47.04 -24.84
N ILE E 212 -92.65 46.44 -25.39
CA ILE E 212 -92.34 45.04 -25.09
C ILE E 212 -91.73 44.95 -23.69
N PRO E 213 -92.02 43.90 -22.93
CA PRO E 213 -91.27 43.68 -21.69
C PRO E 213 -89.80 43.42 -21.98
N ILE E 214 -88.95 43.77 -21.01
CA ILE E 214 -87.52 43.69 -21.23
C ILE E 214 -87.06 42.22 -21.23
N THR E 215 -87.60 41.42 -20.33
CA THR E 215 -87.18 40.02 -20.25
C THR E 215 -87.53 39.27 -21.53
N PHE E 216 -88.80 39.32 -21.93
CA PHE E 216 -89.22 38.69 -23.17
C PHE E 216 -88.38 39.16 -24.34
N LEU E 217 -88.04 40.45 -24.36
CA LEU E 217 -87.17 40.96 -25.40
C LEU E 217 -85.80 40.29 -25.36
N ARG E 218 -85.25 40.09 -24.14
CA ARG E 218 -83.98 39.40 -24.02
C ARG E 218 -84.06 37.99 -24.56
N ASN E 219 -85.17 37.29 -24.31
CA ASN E 219 -85.32 35.96 -24.88
C ASN E 219 -85.41 36.02 -26.40
N VAL E 220 -86.08 37.04 -26.94
CA VAL E 220 -86.17 37.17 -28.39
C VAL E 220 -84.80 37.36 -28.99
N THR E 221 -84.03 38.31 -28.45
CA THR E 221 -82.66 38.51 -28.92
C THR E 221 -81.83 37.24 -28.81
N TRP E 222 -81.99 36.50 -27.71
CA TRP E 222 -81.32 35.21 -27.57
C TRP E 222 -81.67 34.28 -28.72
N VAL E 223 -82.96 34.18 -29.06
CA VAL E 223 -83.35 33.35 -30.18
C VAL E 223 -82.70 33.86 -31.46
N MET E 224 -82.53 35.18 -31.59
CA MET E 224 -81.81 35.72 -32.74
C MET E 224 -80.38 35.20 -32.77
N VAL E 225 -79.70 35.21 -31.62
CA VAL E 225 -78.35 34.69 -31.56
C VAL E 225 -78.30 33.24 -32.00
N ASN E 226 -79.26 32.43 -31.53
CA ASN E 226 -79.32 31.04 -31.98
C ASN E 226 -79.57 30.96 -33.48
N LEU E 227 -80.33 31.90 -34.03
CA LEU E 227 -80.57 31.90 -35.48
C LEU E 227 -79.30 32.20 -36.25
N CYS E 228 -78.46 33.10 -35.73
CA CYS E 228 -77.27 33.48 -36.47
C CYS E 228 -76.13 32.49 -36.30
N ARG E 229 -76.29 31.48 -35.47
CA ARG E 229 -75.20 30.56 -35.12
C ARG E 229 -75.00 29.54 -36.24
N HIS E 230 -74.11 28.57 -36.03
CA HIS E 230 -73.98 27.37 -36.86
C HIS E 230 -73.64 27.74 -38.30
N LYS E 231 -72.42 28.26 -38.46
CA LYS E 231 -71.92 28.68 -39.76
C LYS E 231 -71.70 27.55 -40.74
N ASP E 232 -71.80 26.29 -40.32
CA ASP E 232 -71.43 25.19 -41.20
C ASP E 232 -72.32 25.18 -42.45
N PRO E 233 -73.63 24.96 -42.36
CA PRO E 233 -74.50 25.59 -43.36
C PRO E 233 -74.94 26.96 -42.88
N PRO E 234 -74.51 28.02 -43.57
CA PRO E 234 -74.82 29.37 -43.11
C PRO E 234 -76.33 29.59 -43.07
N PRO E 235 -76.79 30.46 -42.18
CA PRO E 235 -78.22 30.72 -42.11
C PRO E 235 -78.73 31.27 -43.42
N PRO E 236 -80.02 31.06 -43.72
CA PRO E 236 -80.55 31.45 -45.03
C PRO E 236 -80.38 32.95 -45.30
N MET E 237 -80.14 33.26 -46.58
CA MET E 237 -79.98 34.65 -47.01
C MET E 237 -81.18 35.49 -46.62
N GLU E 238 -82.38 35.03 -46.99
CA GLU E 238 -83.60 35.79 -46.71
C GLU E 238 -83.78 35.99 -45.21
N THR E 239 -83.41 34.99 -44.41
CA THR E 239 -83.54 35.12 -42.97
C THR E 239 -82.68 36.25 -42.44
N ILE E 240 -81.43 36.32 -42.90
CA ILE E 240 -80.56 37.40 -42.46
C ILE E 240 -81.10 38.74 -42.96
N GLN E 241 -81.55 38.79 -44.21
CA GLN E 241 -82.16 40.01 -44.72
C GLN E 241 -83.33 40.46 -43.87
N GLU E 242 -84.03 39.52 -43.23
CA GLU E 242 -85.12 39.89 -42.34
C GLU E 242 -84.63 40.30 -40.96
N ILE E 243 -83.53 39.73 -40.49
CA ILE E 243 -83.07 39.99 -39.13
C ILE E 243 -82.35 41.33 -39.05
N LEU E 244 -81.46 41.61 -40.00
CA LEU E 244 -80.55 42.76 -39.90
C LEU E 244 -81.21 44.07 -39.48
N PRO E 245 -82.31 44.53 -40.08
CA PRO E 245 -82.89 45.80 -39.61
C PRO E 245 -83.34 45.78 -38.16
N ALA E 246 -83.90 44.65 -37.71
CA ALA E 246 -84.27 44.53 -36.30
C ALA E 246 -83.05 44.71 -35.41
N LEU E 247 -81.91 44.12 -35.80
CA LEU E 247 -80.69 44.33 -35.03
C LEU E 247 -80.26 45.79 -35.09
N CYS E 248 -80.42 46.44 -36.24
CA CYS E 248 -80.12 47.86 -36.34
C CYS E 248 -80.98 48.68 -35.39
N VAL E 249 -82.17 48.18 -35.08
CA VAL E 249 -83.01 48.86 -34.09
C VAL E 249 -82.54 48.53 -32.67
N LEU E 250 -82.14 47.27 -32.43
CA LEU E 250 -81.77 46.84 -31.09
C LEU E 250 -80.41 47.37 -30.65
N ILE E 251 -79.55 47.75 -31.59
CA ILE E 251 -78.19 48.15 -31.22
C ILE E 251 -78.19 49.49 -30.48
N HIS E 252 -79.21 50.31 -30.67
CA HIS E 252 -79.29 51.58 -29.95
C HIS E 252 -79.89 51.44 -28.56
N HIS E 253 -80.25 50.23 -28.15
CA HIS E 253 -80.99 50.04 -26.91
C HIS E 253 -80.10 50.31 -25.70
N THR E 254 -80.72 50.76 -24.61
CA THR E 254 -79.96 51.18 -23.44
C THR E 254 -79.49 50.02 -22.60
N ASP E 255 -80.23 48.91 -22.59
CA ASP E 255 -79.87 47.77 -21.77
C ASP E 255 -78.52 47.20 -22.18
N VAL E 256 -77.79 46.68 -21.21
CA VAL E 256 -76.48 46.11 -21.47
C VAL E 256 -76.60 44.74 -22.11
N ASN E 257 -77.40 43.86 -21.51
CA ASN E 257 -77.46 42.48 -21.99
C ASN E 257 -78.04 42.37 -23.39
N ILE E 258 -79.09 43.15 -23.68
CA ILE E 258 -79.67 43.16 -25.01
C ILE E 258 -78.63 43.58 -26.05
N LEU E 259 -77.90 44.64 -25.74
CA LEU E 259 -76.82 45.08 -26.62
C LEU E 259 -75.79 43.98 -26.83
N VAL E 260 -75.39 43.31 -25.75
CA VAL E 260 -74.39 42.25 -25.85
C VAL E 260 -74.89 41.15 -26.78
N ASP E 261 -76.08 40.61 -26.52
CA ASP E 261 -76.62 39.54 -27.36
C ASP E 261 -76.73 39.99 -28.81
N THR E 262 -77.18 41.23 -29.04
CA THR E 262 -77.24 41.75 -30.39
C THR E 262 -75.87 41.69 -31.06
N VAL E 263 -74.85 42.23 -30.37
CA VAL E 263 -73.51 42.27 -30.96
C VAL E 263 -72.98 40.87 -31.20
N TRP E 264 -73.34 39.90 -30.35
CA TRP E 264 -72.94 38.52 -30.64
C TRP E 264 -73.64 37.97 -31.87
N ALA E 265 -74.93 38.30 -32.05
CA ALA E 265 -75.60 37.94 -33.29
C ALA E 265 -74.83 38.47 -34.48
N LEU E 266 -74.41 39.74 -34.41
CA LEU E 266 -73.57 40.29 -35.47
C LEU E 266 -72.27 39.50 -35.61
N SER E 267 -71.67 39.09 -34.50
CA SER E 267 -70.42 38.34 -34.56
C SER E 267 -70.59 37.05 -35.33
N TYR E 268 -71.66 36.30 -35.04
CA TYR E 268 -71.89 35.06 -35.78
C TYR E 268 -72.21 35.34 -37.23
N LEU E 269 -72.98 36.40 -37.51
CA LEU E 269 -73.25 36.77 -38.89
C LEU E 269 -71.96 37.03 -39.66
N THR E 270 -70.99 37.69 -39.03
CA THR E 270 -69.75 38.00 -39.71
C THR E 270 -68.83 36.79 -39.82
N ASP E 271 -68.84 35.91 -38.82
CA ASP E 271 -67.97 34.74 -38.88
C ASP E 271 -68.40 33.75 -39.97
N ALA E 272 -69.64 33.87 -40.48
CA ALA E 272 -70.13 32.94 -41.49
C ALA E 272 -69.24 32.94 -42.72
N GLY E 273 -68.93 34.12 -43.24
CA GLY E 273 -68.11 34.22 -44.43
C GLY E 273 -68.16 35.63 -44.96
N ASN E 274 -67.47 35.82 -46.08
CA ASN E 274 -67.36 37.14 -46.68
C ASN E 274 -68.72 37.66 -47.12
N GLU E 275 -69.61 36.76 -47.58
CA GLU E 275 -70.91 37.17 -48.09
C GLU E 275 -71.72 37.87 -47.00
N GLN E 276 -71.95 37.17 -45.88
CA GLN E 276 -72.74 37.73 -44.80
C GLN E 276 -72.11 39.00 -44.24
N ILE E 277 -70.77 39.04 -44.20
CA ILE E 277 -70.08 40.29 -43.84
C ILE E 277 -70.54 41.40 -44.77
N GLN E 278 -70.58 41.12 -46.07
CA GLN E 278 -71.02 42.14 -47.02
C GLN E 278 -72.45 42.57 -46.73
N MET E 279 -73.32 41.63 -46.31
CA MET E 279 -74.66 42.03 -45.92
C MET E 279 -74.63 42.98 -44.73
N VAL E 280 -73.90 42.60 -43.68
CA VAL E 280 -73.81 43.44 -42.49
C VAL E 280 -73.35 44.84 -42.86
N ILE E 281 -72.36 44.93 -43.75
CA ILE E 281 -71.91 46.24 -44.20
C ILE E 281 -73.01 46.96 -44.95
N ASP E 282 -73.80 46.21 -45.72
CA ASP E 282 -74.89 46.83 -46.48
C ASP E 282 -76.04 47.27 -45.58
N SER E 283 -76.14 46.73 -44.38
CA SER E 283 -77.20 47.12 -43.46
C SER E 283 -76.95 48.47 -42.82
N GLY E 284 -75.84 49.13 -43.13
CA GLY E 284 -75.53 50.42 -42.54
C GLY E 284 -75.33 50.39 -41.04
N ILE E 285 -75.03 49.22 -40.48
CA ILE E 285 -74.87 49.10 -39.04
C ILE E 285 -73.43 49.31 -38.58
N VAL E 286 -72.46 49.24 -39.50
CA VAL E 286 -71.06 49.34 -39.10
C VAL E 286 -70.74 50.65 -38.39
N PRO E 287 -71.11 51.83 -38.90
CA PRO E 287 -70.85 53.07 -38.16
C PRO E 287 -71.46 53.08 -36.78
N HIS E 288 -72.52 52.32 -36.55
CA HIS E 288 -73.08 52.23 -35.21
C HIS E 288 -72.37 51.19 -34.38
N LEU E 289 -71.75 50.19 -35.02
CA LEU E 289 -71.10 49.12 -34.27
C LEU E 289 -69.71 49.52 -33.79
N VAL E 290 -68.96 50.23 -34.63
CA VAL E 290 -67.55 50.50 -34.30
C VAL E 290 -67.39 51.23 -32.97
N PRO E 291 -68.12 52.31 -32.68
CA PRO E 291 -67.88 53.03 -31.41
C PRO E 291 -68.10 52.19 -30.16
N LEU E 292 -68.71 51.01 -30.27
CA LEU E 292 -68.85 50.15 -29.11
C LEU E 292 -67.53 49.61 -28.60
N LEU E 293 -66.44 49.75 -29.37
CA LEU E 293 -65.15 49.26 -28.92
C LEU E 293 -64.67 49.98 -27.67
N SER E 294 -65.06 51.25 -27.51
CA SER E 294 -64.66 52.04 -26.35
C SER E 294 -65.79 52.15 -25.32
N HIS E 295 -66.76 51.24 -25.38
CA HIS E 295 -67.86 51.26 -24.44
C HIS E 295 -67.36 50.94 -23.02
N GLN E 296 -68.13 51.38 -22.03
CA GLN E 296 -67.70 51.22 -20.65
C GLN E 296 -67.64 49.76 -20.23
N GLU E 297 -68.70 49.01 -20.53
CA GLU E 297 -68.76 47.61 -20.10
C GLU E 297 -67.80 46.76 -20.90
N VAL E 298 -67.12 45.84 -20.21
CA VAL E 298 -66.09 45.03 -20.87
C VAL E 298 -66.70 44.04 -21.86
N LYS E 299 -67.89 43.53 -21.58
CA LYS E 299 -68.46 42.49 -22.42
C LYS E 299 -68.84 43.03 -23.79
N VAL E 300 -69.48 44.20 -23.83
CA VAL E 300 -69.78 44.85 -25.10
C VAL E 300 -68.51 45.07 -25.90
N GLN E 301 -67.43 45.49 -25.23
CA GLN E 301 -66.15 45.66 -25.91
C GLN E 301 -65.69 44.34 -26.52
N THR E 302 -65.74 43.25 -25.75
CA THR E 302 -65.29 41.96 -26.26
C THR E 302 -66.09 41.54 -27.49
N ALA E 303 -67.42 41.53 -27.37
CA ALA E 303 -68.25 41.10 -28.49
C ALA E 303 -68.06 41.98 -29.71
N ALA E 304 -68.04 43.30 -29.50
CA ALA E 304 -67.84 44.22 -30.62
C ALA E 304 -66.50 43.97 -31.30
N LEU E 305 -65.45 43.74 -30.53
CA LEU E 305 -64.13 43.50 -31.10
C LEU E 305 -64.12 42.21 -31.92
N ARG E 306 -64.72 41.14 -31.39
CA ARG E 306 -64.81 39.92 -32.18
C ARG E 306 -65.58 40.16 -33.47
N ALA E 307 -66.72 40.86 -33.39
CA ALA E 307 -67.51 41.10 -34.59
C ALA E 307 -66.72 41.85 -35.64
N VAL E 308 -66.16 43.00 -35.25
CA VAL E 308 -65.42 43.83 -36.21
C VAL E 308 -64.21 43.09 -36.76
N GLY E 309 -63.49 42.36 -35.91
CA GLY E 309 -62.38 41.57 -36.41
C GLY E 309 -62.81 40.57 -37.46
N ASN E 310 -63.91 39.87 -37.19
CA ASN E 310 -64.49 39.00 -38.19
C ASN E 310 -64.85 39.75 -39.46
N ILE E 311 -65.28 41.01 -39.32
CA ILE E 311 -65.56 41.80 -40.51
C ILE E 311 -64.30 42.00 -41.33
N VAL E 312 -63.20 42.39 -40.67
CA VAL E 312 -61.96 42.65 -41.40
C VAL E 312 -61.27 41.37 -41.83
N THR E 313 -61.77 40.19 -41.43
CA THR E 313 -61.27 38.95 -42.02
C THR E 313 -61.66 38.80 -43.49
N GLY E 314 -62.37 39.75 -44.07
CA GLY E 314 -62.85 39.64 -45.42
C GLY E 314 -61.93 40.24 -46.46
N THR E 315 -62.51 40.93 -47.44
CA THR E 315 -61.76 41.51 -48.52
C THR E 315 -61.09 42.82 -48.09
N ASP E 316 -60.43 43.47 -49.04
CA ASP E 316 -59.73 44.72 -48.74
C ASP E 316 -60.73 45.84 -48.46
N GLU E 317 -61.65 46.08 -49.41
CA GLU E 317 -62.57 47.21 -49.28
C GLU E 317 -63.45 47.10 -48.05
N GLN E 318 -63.82 45.88 -47.66
CA GLN E 318 -64.58 45.71 -46.43
C GLN E 318 -63.77 46.21 -45.24
N THR E 319 -62.55 45.72 -45.10
CA THR E 319 -61.64 46.24 -44.09
C THR E 319 -61.54 47.76 -44.15
N GLN E 320 -61.49 48.31 -45.36
CA GLN E 320 -61.41 49.76 -45.48
C GLN E 320 -62.70 50.43 -45.02
N VAL E 321 -63.82 49.71 -45.08
CA VAL E 321 -65.06 50.25 -44.51
C VAL E 321 -64.97 50.27 -43.00
N VAL E 322 -64.35 49.27 -42.41
CA VAL E 322 -64.09 49.31 -40.98
C VAL E 322 -63.20 50.49 -40.63
N LEU E 323 -62.16 50.73 -41.42
CA LEU E 323 -61.23 51.80 -41.10
C LEU E 323 -61.85 53.18 -41.28
N ASN E 324 -62.66 53.35 -42.33
CA ASN E 324 -63.25 54.65 -42.61
C ASN E 324 -64.17 55.12 -41.49
N CYS E 325 -64.69 54.20 -40.68
CA CYS E 325 -65.47 54.59 -39.51
C CYS E 325 -64.59 54.99 -38.32
N ASP E 326 -63.30 55.22 -38.56
CA ASP E 326 -62.34 55.63 -37.53
C ASP E 326 -62.31 54.62 -36.39
N ALA E 327 -61.90 53.40 -36.73
CA ALA E 327 -61.84 52.31 -35.76
C ALA E 327 -60.52 52.28 -35.01
N LEU E 328 -59.43 52.69 -35.65
CA LEU E 328 -58.12 52.58 -35.00
C LEU E 328 -58.02 53.43 -33.75
N SER E 329 -58.72 54.56 -33.70
CA SER E 329 -58.62 55.47 -32.57
C SER E 329 -58.97 54.79 -31.24
N HIS E 330 -59.78 53.73 -31.29
CA HIS E 330 -60.20 53.06 -30.06
C HIS E 330 -59.14 52.09 -29.55
N PHE E 331 -58.20 51.67 -30.39
CA PHE E 331 -57.27 50.59 -30.06
C PHE E 331 -56.18 50.93 -29.06
N PRO E 332 -55.65 52.16 -29.00
CA PRO E 332 -54.68 52.47 -27.93
C PRO E 332 -55.14 52.03 -26.54
N ALA E 333 -56.39 52.31 -26.19
CA ALA E 333 -56.93 51.80 -24.93
C ALA E 333 -57.00 50.28 -24.95
N LEU E 334 -57.53 49.71 -26.04
CA LEU E 334 -57.67 48.26 -26.13
C LEU E 334 -56.33 47.55 -26.04
N LEU E 335 -55.27 48.17 -26.56
CA LEU E 335 -53.97 47.52 -26.47
C LEU E 335 -53.39 47.60 -25.06
N THR E 336 -53.88 48.52 -24.24
CA THR E 336 -53.42 48.65 -22.86
C THR E 336 -54.46 48.18 -21.86
N HIS E 337 -55.54 47.58 -22.33
CA HIS E 337 -56.61 47.19 -21.45
C HIS E 337 -56.14 46.07 -20.53
N PRO E 338 -56.54 46.09 -19.26
CA PRO E 338 -56.00 45.10 -18.30
C PRO E 338 -56.35 43.67 -18.64
N LYS E 339 -57.47 43.42 -19.31
CA LYS E 339 -57.87 42.05 -19.62
C LYS E 339 -56.99 41.49 -20.73
N GLU E 340 -56.46 40.28 -20.51
CA GLU E 340 -55.57 39.66 -21.49
C GLU E 340 -56.32 39.33 -22.76
N LYS E 341 -57.57 38.91 -22.65
CA LYS E 341 -58.33 38.48 -23.82
C LYS E 341 -58.54 39.63 -24.79
N ILE E 342 -58.77 40.84 -24.27
CA ILE E 342 -58.95 41.99 -25.14
C ILE E 342 -57.65 42.34 -25.86
N ASN E 343 -56.53 42.27 -25.16
CA ASN E 343 -55.24 42.47 -25.81
C ASN E 343 -55.04 41.46 -26.93
N LYS E 344 -55.28 40.18 -26.63
CA LYS E 344 -55.13 39.13 -27.65
C LYS E 344 -56.01 39.41 -28.87
N GLU E 345 -57.30 39.67 -28.64
CA GLU E 345 -58.21 39.86 -29.76
C GLU E 345 -57.86 41.10 -30.57
N ALA E 346 -57.44 42.17 -29.90
CA ALA E 346 -57.09 43.40 -30.61
C ALA E 346 -55.83 43.23 -31.44
N VAL E 347 -54.79 42.61 -30.86
CA VAL E 347 -53.59 42.34 -31.62
C VAL E 347 -53.91 41.42 -32.79
N TRP E 348 -54.85 40.50 -32.62
CA TRP E 348 -55.36 39.74 -33.75
C TRP E 348 -55.95 40.65 -34.83
N PHE E 349 -56.82 41.57 -34.42
CA PHE E 349 -57.41 42.51 -35.37
C PHE E 349 -56.33 43.19 -36.19
N LEU E 350 -55.39 43.85 -35.50
CA LEU E 350 -54.31 44.54 -36.22
C LEU E 350 -53.50 43.57 -37.06
N SER E 351 -53.39 42.31 -36.64
CA SER E 351 -52.68 41.32 -37.44
C SER E 351 -53.43 41.03 -38.73
N ASN E 352 -54.76 41.19 -38.73
CA ASN E 352 -55.48 41.10 -39.99
C ASN E 352 -55.39 42.38 -40.78
N ILE E 353 -55.25 43.53 -40.12
CA ILE E 353 -55.16 44.79 -40.86
C ILE E 353 -53.84 44.87 -41.61
N THR E 354 -52.75 44.45 -40.98
CA THR E 354 -51.45 44.53 -41.65
C THR E 354 -51.37 43.61 -42.86
N ALA E 355 -52.22 42.60 -42.94
CA ALA E 355 -52.21 41.70 -44.10
C ALA E 355 -52.93 42.28 -45.31
N GLY E 356 -53.57 43.44 -45.17
CA GLY E 356 -54.25 44.08 -46.29
C GLY E 356 -53.28 44.74 -47.23
N ASN E 357 -53.77 45.77 -47.93
CA ASN E 357 -52.94 46.49 -48.88
C ASN E 357 -51.99 47.43 -48.16
N GLN E 358 -51.14 48.10 -48.93
CA GLN E 358 -50.15 49.01 -48.36
C GLN E 358 -50.81 50.17 -47.65
N GLN E 359 -51.90 50.69 -48.22
CA GLN E 359 -52.59 51.85 -47.64
C GLN E 359 -53.01 51.57 -46.21
N GLN E 360 -53.60 50.40 -45.97
CA GLN E 360 -54.06 50.07 -44.62
C GLN E 360 -52.89 49.94 -43.66
N VAL E 361 -51.79 49.33 -44.10
CA VAL E 361 -50.60 49.25 -43.26
C VAL E 361 -50.15 50.65 -42.85
N GLN E 362 -50.07 51.55 -43.84
CA GLN E 362 -49.73 52.93 -43.52
C GLN E 362 -50.73 53.54 -42.56
N ALA E 363 -52.00 53.12 -42.63
CA ALA E 363 -52.98 53.62 -41.68
C ALA E 363 -52.72 53.09 -40.28
N VAL E 364 -52.16 51.89 -40.16
CA VAL E 364 -51.78 51.38 -38.84
C VAL E 364 -50.58 52.14 -38.30
N ILE E 365 -49.57 52.36 -39.14
CA ILE E 365 -48.39 53.08 -38.69
C ILE E 365 -48.75 54.49 -38.28
N ASP E 366 -49.60 55.16 -39.06
CA ASP E 366 -49.99 56.53 -38.75
C ASP E 366 -50.74 56.66 -37.43
N ALA E 367 -51.22 55.56 -36.86
CA ALA E 367 -51.96 55.59 -35.60
C ALA E 367 -51.07 55.38 -34.38
N ASN E 368 -49.75 55.37 -34.56
CA ASN E 368 -48.79 55.23 -33.45
C ASN E 368 -49.00 53.93 -32.68
N LEU E 369 -49.50 52.89 -33.35
CA LEU E 369 -49.81 51.64 -32.68
C LEU E 369 -48.65 50.66 -32.67
N VAL E 370 -47.66 50.84 -33.55
CA VAL E 370 -46.55 49.91 -33.61
C VAL E 370 -45.81 49.78 -32.29
N PRO E 371 -45.48 50.86 -31.57
CA PRO E 371 -44.76 50.68 -30.30
C PRO E 371 -45.50 49.81 -29.29
N MET E 372 -46.82 49.96 -29.19
CA MET E 372 -47.56 49.12 -28.26
C MET E 372 -47.66 47.69 -28.77
N ILE E 373 -47.74 47.50 -30.09
CA ILE E 373 -47.70 46.16 -30.65
C ILE E 373 -46.40 45.46 -30.24
N ILE E 374 -45.28 46.15 -30.40
CA ILE E 374 -43.99 45.57 -30.01
C ILE E 374 -43.96 45.33 -28.51
N HIS E 375 -44.47 46.28 -27.72
CA HIS E 375 -44.48 46.13 -26.28
C HIS E 375 -45.22 44.87 -25.85
N LEU E 376 -46.41 44.65 -26.42
CA LEU E 376 -47.11 43.40 -26.14
C LEU E 376 -46.35 42.20 -26.69
N LEU E 377 -45.62 42.40 -27.78
CA LEU E 377 -44.79 41.33 -28.32
C LEU E 377 -43.67 40.94 -27.37
N ASP E 378 -43.27 41.84 -26.48
CA ASP E 378 -42.17 41.59 -25.55
C ASP E 378 -42.66 41.13 -24.17
N LYS E 379 -43.68 41.79 -23.62
CA LYS E 379 -44.08 41.56 -22.23
C LYS E 379 -45.51 41.05 -22.09
N GLY E 380 -46.15 40.62 -23.18
CA GLY E 380 -47.48 40.07 -23.10
C GLY E 380 -47.47 38.57 -22.83
N ASP E 381 -48.67 38.01 -22.72
CA ASP E 381 -48.82 36.57 -22.55
C ASP E 381 -48.59 35.87 -23.89
N PHE E 382 -48.56 34.53 -23.83
CA PHE E 382 -48.14 33.74 -24.98
C PHE E 382 -49.03 33.97 -26.20
N GLY E 383 -50.35 33.99 -26.00
CA GLY E 383 -51.25 34.15 -27.12
C GLY E 383 -51.09 35.50 -27.82
N THR E 384 -51.07 36.57 -27.03
CA THR E 384 -50.87 37.90 -27.60
C THR E 384 -49.53 37.99 -28.32
N GLN E 385 -48.48 37.39 -27.75
CA GLN E 385 -47.20 37.35 -28.44
C GLN E 385 -47.32 36.63 -29.79
N LYS E 386 -48.07 35.54 -29.83
CA LYS E 386 -48.31 34.83 -31.08
C LYS E 386 -48.98 35.74 -32.11
N GLU E 387 -50.12 36.31 -31.75
CA GLU E 387 -50.85 37.17 -32.68
C GLU E 387 -49.99 38.34 -33.13
N ALA E 388 -49.16 38.87 -32.22
CA ALA E 388 -48.26 39.96 -32.59
C ALA E 388 -47.23 39.50 -33.60
N ALA E 389 -46.68 38.30 -33.40
CA ALA E 389 -45.77 37.74 -34.40
C ALA E 389 -46.44 37.65 -35.76
N TRP E 390 -47.69 37.18 -35.80
CA TRP E 390 -48.43 37.19 -37.07
C TRP E 390 -48.56 38.59 -37.63
N ALA E 391 -48.82 39.58 -36.77
CA ALA E 391 -48.94 40.96 -37.25
C ALA E 391 -47.65 41.41 -37.89
N ILE E 392 -46.52 41.17 -37.23
CA ILE E 392 -45.23 41.61 -37.74
C ILE E 392 -44.91 40.92 -39.05
N SER E 393 -45.17 39.61 -39.14
CA SER E 393 -44.87 38.90 -40.37
C SER E 393 -45.77 39.37 -41.51
N ASN E 394 -47.05 39.59 -41.22
CA ASN E 394 -47.97 40.07 -42.26
C ASN E 394 -47.54 41.43 -42.77
N LEU E 395 -47.24 42.35 -41.86
CA LEU E 395 -46.70 43.64 -42.28
C LEU E 395 -45.40 43.47 -43.05
N THR E 396 -44.65 42.41 -42.74
CA THR E 396 -43.37 42.19 -43.40
C THR E 396 -43.55 41.80 -44.86
N ILE E 397 -44.49 40.90 -45.13
CA ILE E 397 -44.67 40.45 -46.51
C ILE E 397 -45.52 41.43 -47.30
N SER E 398 -46.41 42.18 -46.65
CA SER E 398 -47.32 43.08 -47.36
C SER E 398 -46.81 44.50 -47.47
N GLY E 399 -46.06 44.98 -46.49
CA GLY E 399 -45.70 46.38 -46.45
C GLY E 399 -44.62 46.77 -47.45
N ARG E 400 -44.41 48.08 -47.56
CA ARG E 400 -43.38 48.62 -48.42
C ARG E 400 -42.03 48.57 -47.72
N LYS E 401 -40.98 48.99 -48.43
CA LYS E 401 -39.63 48.91 -47.86
C LYS E 401 -39.45 49.95 -46.75
N ASP E 402 -39.93 51.18 -46.96
CA ASP E 402 -39.81 52.20 -45.93
C ASP E 402 -40.66 51.86 -44.70
N GLN E 403 -41.78 51.16 -44.90
CA GLN E 403 -42.62 50.78 -43.76
C GLN E 403 -41.91 49.76 -42.88
N VAL E 404 -41.37 48.70 -43.49
CA VAL E 404 -40.58 47.74 -42.73
C VAL E 404 -39.38 48.43 -42.10
N ALA E 405 -38.80 49.43 -42.78
CA ALA E 405 -37.72 50.20 -42.18
C ALA E 405 -38.18 50.87 -40.89
N TYR E 406 -39.35 51.52 -40.93
CA TYR E 406 -39.91 52.08 -39.71
C TYR E 406 -40.09 51.02 -38.63
N LEU E 407 -40.54 49.83 -39.03
CA LEU E 407 -40.69 48.76 -38.05
C LEU E 407 -39.36 48.41 -37.42
N ILE E 408 -38.29 48.40 -38.22
CA ILE E 408 -36.97 48.04 -37.69
C ILE E 408 -36.48 49.11 -36.73
N GLN E 409 -36.61 50.38 -37.11
CA GLN E 409 -36.10 51.43 -36.22
C GLN E 409 -36.95 51.61 -34.98
N GLN E 410 -37.99 50.79 -34.77
CA GLN E 410 -38.77 50.80 -33.54
C GLN E 410 -38.36 49.68 -32.58
N ASN E 411 -37.15 49.13 -32.74
CA ASN E 411 -36.61 48.13 -31.82
C ASN E 411 -37.48 46.88 -31.78
N VAL E 412 -37.83 46.38 -32.97
CA VAL E 412 -38.68 45.19 -33.06
C VAL E 412 -37.86 43.91 -33.13
N ILE E 413 -36.60 43.99 -33.56
CA ILE E 413 -35.81 42.78 -33.80
C ILE E 413 -35.58 41.98 -32.53
N PRO E 414 -35.15 42.56 -31.40
CA PRO E 414 -34.90 41.74 -30.21
C PRO E 414 -36.16 41.01 -29.73
N PRO E 415 -37.28 41.71 -29.47
CA PRO E 415 -38.45 40.96 -29.00
C PRO E 415 -39.03 40.04 -30.04
N PHE E 416 -38.94 40.40 -31.31
CA PHE E 416 -39.42 39.53 -32.37
C PHE E 416 -38.60 38.25 -32.45
N CYS E 417 -37.30 38.33 -32.14
CA CYS E 417 -36.44 37.16 -32.22
C CYS E 417 -36.44 36.34 -30.95
N ASN E 418 -36.71 36.96 -29.79
CA ASN E 418 -36.74 36.21 -28.54
C ASN E 418 -37.83 35.15 -28.50
N LEU E 419 -38.71 35.10 -29.50
CA LEU E 419 -39.76 34.10 -29.57
C LEU E 419 -39.30 32.79 -30.19
N LEU E 420 -38.11 32.75 -30.77
CA LEU E 420 -37.64 31.55 -31.44
C LEU E 420 -37.44 30.37 -30.48
N THR E 421 -37.48 30.60 -29.18
CA THR E 421 -37.23 29.55 -28.21
C THR E 421 -38.49 28.84 -27.71
N VAL E 422 -39.65 29.22 -28.22
CA VAL E 422 -40.89 28.60 -27.75
C VAL E 422 -41.06 27.22 -28.38
N LYS E 423 -41.93 26.42 -27.78
CA LYS E 423 -42.17 25.07 -28.25
C LYS E 423 -43.14 25.00 -29.42
N ASP E 424 -43.81 26.10 -29.76
CA ASP E 424 -44.77 26.10 -30.85
C ASP E 424 -44.05 26.28 -32.18
N ALA E 425 -44.16 25.28 -33.07
CA ALA E 425 -43.48 25.36 -34.36
C ALA E 425 -44.09 26.44 -35.24
N GLN E 426 -45.38 26.68 -35.11
CA GLN E 426 -46.06 27.67 -35.96
C GLN E 426 -45.49 29.06 -35.73
N VAL E 427 -45.34 29.45 -34.46
CA VAL E 427 -44.75 30.74 -34.15
C VAL E 427 -43.35 30.84 -34.72
N VAL E 428 -42.58 29.75 -34.64
CA VAL E 428 -41.22 29.77 -35.17
C VAL E 428 -41.23 29.97 -36.68
N GLN E 429 -42.14 29.29 -37.38
CA GLN E 429 -42.26 29.51 -38.82
C GLN E 429 -42.63 30.95 -39.12
N VAL E 430 -43.49 31.56 -38.30
CA VAL E 430 -43.86 32.95 -38.51
C VAL E 430 -42.66 33.86 -38.36
N VAL E 431 -41.89 33.67 -37.29
CA VAL E 431 -40.75 34.55 -37.04
C VAL E 431 -39.68 34.37 -38.10
N LEU E 432 -39.33 33.12 -38.39
CA LEU E 432 -38.30 32.87 -39.39
C LEU E 432 -38.73 33.39 -40.76
N ASP E 433 -40.00 33.19 -41.12
CA ASP E 433 -40.47 33.69 -42.40
C ASP E 433 -40.42 35.21 -42.44
N GLY E 434 -40.79 35.86 -41.34
CA GLY E 434 -40.70 37.31 -41.29
C GLY E 434 -39.28 37.82 -41.44
N LEU E 435 -38.35 37.23 -40.68
CA LEU E 435 -36.95 37.64 -40.78
C LEU E 435 -36.42 37.41 -42.19
N SER E 436 -36.71 36.24 -42.77
CA SER E 436 -36.27 35.96 -44.12
C SER E 436 -36.81 36.98 -45.10
N ASN E 437 -38.07 37.39 -44.92
CA ASN E 437 -38.64 38.38 -45.82
C ASN E 437 -37.99 39.74 -45.61
N ILE E 438 -37.67 40.09 -44.37
CA ILE E 438 -37.00 41.36 -44.12
C ILE E 438 -35.64 41.38 -44.79
N LEU E 439 -34.88 40.30 -44.62
CA LEU E 439 -33.54 40.24 -45.19
C LEU E 439 -33.60 40.24 -46.72
N LYS E 440 -34.56 39.53 -47.30
CA LYS E 440 -34.73 39.57 -48.74
C LYS E 440 -35.15 40.95 -49.23
N MET E 441 -35.85 41.71 -48.39
CA MET E 441 -36.33 43.03 -48.81
C MET E 441 -35.21 44.06 -48.80
N ALA E 442 -34.61 44.29 -47.63
CA ALA E 442 -33.53 45.26 -47.52
C ALA E 442 -32.25 44.68 -48.12
N GLU E 443 -31.66 45.40 -49.07
CA GLU E 443 -30.50 44.93 -49.81
C GLU E 443 -29.19 45.52 -49.27
N ASP E 444 -29.09 46.85 -49.24
CA ASP E 444 -27.84 47.48 -48.83
C ASP E 444 -27.61 47.40 -47.33
N GLU E 445 -28.66 47.55 -46.53
CA GLU E 445 -28.55 47.45 -45.08
C GLU E 445 -28.66 46.03 -44.57
N ALA E 446 -28.66 45.04 -45.47
CA ALA E 446 -28.65 43.64 -45.03
C ALA E 446 -27.48 43.36 -44.10
N GLU E 447 -26.34 44.02 -44.33
CA GLU E 447 -25.25 43.98 -43.37
C GLU E 447 -25.71 44.47 -42.02
N THR E 448 -26.20 45.72 -41.97
CA THR E 448 -26.65 46.32 -40.72
C THR E 448 -27.64 45.43 -40.00
N ILE E 449 -28.74 45.08 -40.67
CA ILE E 449 -29.78 44.25 -40.06
C ILE E 449 -29.20 42.92 -39.58
N GLY E 450 -28.34 42.30 -40.39
CA GLY E 450 -27.69 41.08 -39.97
C GLY E 450 -26.95 41.24 -38.65
N ASN E 451 -26.13 42.29 -38.56
CA ASN E 451 -25.45 42.58 -37.31
C ASN E 451 -26.43 42.88 -36.19
N LEU E 452 -27.60 43.44 -36.51
CA LEU E 452 -28.63 43.66 -35.49
C LEU E 452 -29.10 42.34 -34.92
N ILE E 453 -29.36 41.36 -35.79
CA ILE E 453 -29.71 40.02 -35.30
C ILE E 453 -28.57 39.41 -34.51
N GLU E 454 -27.33 39.69 -34.92
CA GLU E 454 -26.17 39.18 -34.19
C GLU E 454 -26.03 39.82 -32.82
N GLU E 455 -26.55 41.04 -32.64
CA GLU E 455 -26.43 41.74 -31.36
C GLU E 455 -27.37 41.16 -30.31
N CYS E 456 -28.64 41.00 -30.65
CA CYS E 456 -29.65 40.48 -29.73
C CYS E 456 -29.53 39.00 -29.49
N GLY E 457 -28.47 38.34 -29.96
CA GLY E 457 -28.33 36.91 -29.77
C GLY E 457 -29.30 36.05 -30.56
N GLY E 458 -30.11 36.65 -31.43
CA GLY E 458 -31.03 35.86 -32.22
C GLY E 458 -30.33 34.89 -33.17
N LEU E 459 -29.16 35.27 -33.67
CA LEU E 459 -28.42 34.37 -34.54
C LEU E 459 -28.06 33.08 -33.83
N GLU E 460 -27.72 33.16 -32.55
CA GLU E 460 -27.50 31.96 -31.74
C GLU E 460 -28.74 31.07 -31.73
N LYS E 461 -29.90 31.68 -31.49
CA LYS E 461 -31.14 30.93 -31.43
C LYS E 461 -31.42 30.25 -32.76
N ILE E 462 -31.23 30.96 -33.87
CA ILE E 462 -31.45 30.37 -35.18
C ILE E 462 -30.47 29.22 -35.41
N GLU E 463 -29.21 29.41 -35.01
CA GLU E 463 -28.22 28.36 -35.21
C GLU E 463 -28.54 27.12 -34.39
N GLN E 464 -29.16 27.28 -33.24
CA GLN E 464 -29.58 26.11 -32.48
C GLN E 464 -30.97 25.62 -32.86
N LEU E 465 -31.68 26.33 -33.74
CA LEU E 465 -32.97 25.84 -34.21
C LEU E 465 -32.85 24.79 -35.31
N GLN E 466 -31.69 24.68 -35.96
CA GLN E 466 -31.50 23.73 -37.04
C GLN E 466 -31.32 22.33 -36.47
N ASN E 467 -32.44 21.72 -36.09
CA ASN E 467 -32.41 20.36 -35.59
C ASN E 467 -33.62 19.60 -36.14
N HIS E 468 -33.90 18.43 -35.57
CA HIS E 468 -34.81 17.48 -36.19
C HIS E 468 -36.24 17.62 -35.69
N GLU E 469 -36.66 18.83 -35.31
CA GLU E 469 -38.02 18.97 -34.80
C GLU E 469 -39.05 19.15 -35.90
N ASN E 470 -38.71 19.90 -36.96
CA ASN E 470 -39.64 20.19 -38.02
C ASN E 470 -38.88 20.38 -39.33
N GLU E 471 -39.39 19.78 -40.40
CA GLU E 471 -38.71 19.90 -41.68
C GLU E 471 -38.59 21.36 -42.11
N ASP E 472 -39.66 22.13 -41.91
CA ASP E 472 -39.70 23.49 -42.44
C ASP E 472 -38.79 24.44 -41.64
N ILE E 473 -38.80 24.32 -40.31
CA ILE E 473 -37.93 25.14 -39.49
C ILE E 473 -36.47 24.83 -39.81
N TYR E 474 -36.18 23.55 -40.04
CA TYR E 474 -34.83 23.11 -40.35
C TYR E 474 -34.36 23.71 -41.68
N LYS E 475 -35.08 23.41 -42.76
CA LYS E 475 -34.65 23.84 -44.09
C LYS E 475 -34.66 25.36 -44.21
N LEU E 476 -35.79 25.98 -43.84
CA LEU E 476 -35.87 27.44 -43.88
C LEU E 476 -34.79 28.08 -43.03
N ALA E 477 -34.56 27.52 -41.83
CA ALA E 477 -33.55 28.07 -40.94
C ALA E 477 -32.18 28.10 -41.61
N TYR E 478 -31.74 26.95 -42.13
CA TYR E 478 -30.39 26.95 -42.68
C TYR E 478 -30.31 27.72 -43.99
N GLU E 479 -31.41 27.80 -44.74
CA GLU E 479 -31.43 28.66 -45.92
C GLU E 479 -31.21 30.12 -45.53
N ILE E 480 -31.85 30.55 -44.44
CA ILE E 480 -31.64 31.91 -43.94
C ILE E 480 -30.18 32.09 -43.54
N ILE E 481 -29.63 31.12 -42.80
CA ILE E 481 -28.26 31.24 -42.33
C ILE E 481 -27.29 31.35 -43.50
N ASP E 482 -27.30 30.35 -44.38
CA ASP E 482 -26.36 30.33 -45.50
C ASP E 482 -26.57 31.52 -46.43
N GLN E 483 -27.81 32.00 -46.57
CA GLN E 483 -28.05 33.09 -47.50
C GLN E 483 -27.59 34.42 -46.93
N PHE E 484 -27.90 34.70 -45.66
CA PHE E 484 -27.70 36.04 -45.12
C PHE E 484 -26.64 36.14 -44.04
N PHE E 485 -26.15 35.02 -43.49
CA PHE E 485 -25.21 35.06 -42.37
C PHE E 485 -23.91 34.34 -42.66
N SER E 486 -23.53 34.19 -43.92
CA SER E 486 -22.22 33.64 -44.23
C SER E 486 -21.15 34.73 -44.23
N THR F 71 45.46 -55.84 -46.34
CA THR F 71 46.45 -55.32 -47.28
C THR F 71 47.75 -56.12 -47.20
N SER F 72 48.40 -56.25 -48.34
CA SER F 72 49.55 -57.13 -48.51
C SER F 72 50.26 -56.70 -49.80
N LEU F 73 51.12 -57.57 -50.33
CA LEU F 73 51.95 -57.20 -51.46
C LEU F 73 51.16 -57.21 -52.76
N GLU F 74 50.48 -58.32 -53.03
CA GLU F 74 49.81 -58.47 -54.32
C GLU F 74 48.30 -58.30 -54.21
N ALA F 75 47.74 -58.34 -53.01
CA ALA F 75 46.31 -58.14 -52.82
C ALA F 75 45.78 -56.96 -53.63
N ILE F 76 46.57 -55.89 -53.72
CA ILE F 76 46.10 -54.65 -54.33
C ILE F 76 45.62 -54.87 -55.76
N VAL F 77 46.30 -55.75 -56.50
CA VAL F 77 45.92 -55.96 -57.91
C VAL F 77 44.47 -56.41 -58.01
N GLN F 78 43.98 -57.13 -57.00
CA GLN F 78 42.57 -57.49 -57.01
C GLN F 78 41.71 -56.33 -56.50
N ASN F 79 42.17 -55.63 -55.47
CA ASN F 79 41.38 -54.54 -54.92
C ASN F 79 41.29 -53.39 -55.91
N ALA F 80 42.30 -53.21 -56.76
CA ALA F 80 42.26 -52.16 -57.76
C ALA F 80 41.45 -52.53 -59.00
N SER F 81 41.04 -53.79 -59.11
CA SER F 81 40.22 -54.23 -60.23
C SER F 81 38.73 -54.17 -59.92
N SER F 82 38.36 -53.78 -58.71
CA SER F 82 36.97 -53.73 -58.32
C SER F 82 36.27 -52.55 -58.99
N ASP F 83 34.94 -52.51 -58.84
CA ASP F 83 34.12 -51.40 -59.33
C ASP F 83 33.73 -50.45 -58.21
N ASN F 84 34.07 -50.75 -56.97
CA ASN F 84 33.78 -49.86 -55.84
C ASN F 84 34.85 -48.79 -55.76
N GLN F 85 34.45 -47.53 -55.94
CA GLN F 85 35.43 -46.45 -55.99
C GLN F 85 36.15 -46.27 -54.65
N GLY F 86 35.52 -46.66 -53.55
CA GLY F 86 36.22 -46.63 -52.28
C GLY F 86 37.34 -47.66 -52.21
N ILE F 87 37.03 -48.90 -52.61
CA ILE F 87 38.06 -49.93 -52.69
C ILE F 87 39.11 -49.55 -53.72
N GLN F 88 38.72 -48.86 -54.79
CA GLN F 88 39.69 -48.38 -55.77
C GLN F 88 40.65 -47.40 -55.11
N LEU F 89 40.13 -46.32 -54.53
CA LEU F 89 40.99 -45.30 -53.95
C LEU F 89 41.87 -45.87 -52.84
N SER F 90 41.30 -46.69 -51.97
CA SER F 90 42.11 -47.28 -50.90
C SER F 90 43.17 -48.22 -51.47
N ALA F 91 42.83 -48.94 -52.54
CA ALA F 91 43.78 -49.85 -53.16
C ALA F 91 44.95 -49.10 -53.76
N VAL F 92 44.66 -48.15 -54.66
CA VAL F 92 45.72 -47.38 -55.31
C VAL F 92 46.51 -46.58 -54.30
N GLN F 93 45.86 -46.18 -53.19
CA GLN F 93 46.58 -45.45 -52.15
C GLN F 93 47.54 -46.36 -51.42
N ALA F 94 47.12 -47.58 -51.08
CA ALA F 94 48.05 -48.53 -50.51
C ALA F 94 49.19 -48.85 -51.46
N ALA F 95 48.89 -48.90 -52.77
CA ALA F 95 49.95 -49.06 -53.75
C ALA F 95 50.92 -47.88 -53.70
N ARG F 96 50.40 -46.67 -53.54
CA ARG F 96 51.26 -45.51 -53.35
C ARG F 96 52.15 -45.70 -52.13
N LYS F 97 51.58 -46.21 -51.03
CA LYS F 97 52.37 -46.46 -49.83
C LYS F 97 53.51 -47.43 -50.10
N LEU F 98 53.17 -48.66 -50.47
CA LEU F 98 54.18 -49.71 -50.59
C LEU F 98 55.18 -49.42 -51.69
N LEU F 99 54.75 -48.76 -52.77
CA LEU F 99 55.68 -48.39 -53.83
C LEU F 99 56.62 -47.28 -53.39
N SER F 100 56.06 -46.19 -52.86
CA SER F 100 56.90 -45.06 -52.46
C SER F 100 57.78 -45.44 -51.27
N SER F 101 57.16 -45.82 -50.16
CA SER F 101 57.93 -46.28 -49.00
C SER F 101 58.70 -47.55 -49.33
N ASP F 102 59.87 -47.69 -48.71
CA ASP F 102 60.71 -48.85 -48.98
C ASP F 102 60.36 -49.94 -47.97
N ARG F 103 59.11 -50.38 -48.09
CA ARG F 103 58.57 -51.55 -47.40
C ARG F 103 58.67 -52.78 -48.28
N ASN F 104 58.02 -52.76 -49.43
CA ASN F 104 58.24 -53.83 -50.36
C ASN F 104 58.03 -53.35 -51.80
N PRO F 105 58.84 -52.42 -52.28
CA PRO F 105 58.82 -52.08 -53.70
C PRO F 105 59.51 -53.13 -54.56
N PRO F 106 60.65 -53.71 -54.14
CA PRO F 106 61.58 -54.28 -55.14
C PRO F 106 60.95 -55.41 -55.93
N ILE F 107 60.97 -55.25 -57.25
CA ILE F 107 60.34 -56.17 -58.16
C ILE F 107 60.97 -55.96 -59.52
N ASP F 108 60.97 -57.01 -60.33
CA ASP F 108 61.33 -56.91 -61.73
C ASP F 108 60.10 -56.65 -62.58
N ASP F 109 59.13 -55.94 -62.00
CA ASP F 109 57.81 -55.67 -62.58
C ASP F 109 57.17 -56.94 -63.11
N LEU F 110 57.57 -58.08 -62.53
CA LEU F 110 57.06 -59.39 -62.90
C LEU F 110 56.21 -60.02 -61.81
N ILE F 111 56.37 -59.58 -60.55
CA ILE F 111 55.57 -60.11 -59.47
C ILE F 111 54.12 -59.68 -59.60
N LYS F 112 53.88 -58.42 -59.97
CA LYS F 112 52.53 -57.92 -60.18
C LYS F 112 52.48 -57.03 -61.43
N SER F 113 52.96 -57.57 -62.55
CA SER F 113 52.98 -56.89 -63.85
C SER F 113 51.75 -56.02 -64.09
N GLY F 114 50.58 -56.47 -63.62
CA GLY F 114 49.33 -55.77 -63.89
C GLY F 114 49.24 -54.40 -63.26
N ILE F 115 50.00 -54.17 -62.18
CA ILE F 115 49.90 -52.89 -61.47
C ILE F 115 50.13 -51.73 -62.44
N LEU F 116 51.13 -51.84 -63.32
CA LEU F 116 51.39 -50.73 -64.23
C LEU F 116 50.21 -50.46 -65.16
N PRO F 117 49.67 -51.43 -65.89
CA PRO F 117 48.52 -51.10 -66.74
C PRO F 117 47.29 -50.66 -65.95
N ILE F 118 47.03 -51.24 -64.77
CA ILE F 118 45.86 -50.77 -64.03
C ILE F 118 46.05 -49.33 -63.57
N LEU F 119 47.27 -48.95 -63.21
CA LEU F 119 47.50 -47.57 -62.79
C LEU F 119 47.42 -46.61 -63.96
N VAL F 120 47.88 -47.03 -65.14
CA VAL F 120 47.75 -46.19 -66.31
C VAL F 120 46.28 -46.01 -66.69
N HIS F 121 45.52 -47.09 -66.65
CA HIS F 121 44.14 -47.02 -67.10
C HIS F 121 43.24 -46.33 -66.08
N CYS F 122 43.50 -46.50 -64.79
CA CYS F 122 42.82 -45.66 -63.82
C CYS F 122 43.33 -44.23 -63.88
N LEU F 123 44.54 -44.04 -64.41
CA LEU F 123 45.04 -42.70 -64.69
C LEU F 123 44.22 -42.04 -65.80
N GLU F 124 43.65 -42.85 -66.69
CA GLU F 124 42.77 -42.30 -67.71
C GLU F 124 41.49 -41.70 -67.11
N ARG F 125 41.03 -42.26 -66.00
CA ARG F 125 39.66 -42.05 -65.51
C ARG F 125 39.46 -40.61 -65.03
N ASP F 126 38.63 -39.86 -65.74
CA ASP F 126 38.22 -38.53 -65.31
C ASP F 126 36.91 -38.59 -64.53
N ASP F 127 36.64 -37.50 -63.80
CA ASP F 127 35.61 -37.23 -62.79
C ASP F 127 36.03 -37.82 -61.45
N ASN F 128 37.17 -38.51 -61.38
CA ASN F 128 37.69 -39.07 -60.14
C ASN F 128 39.12 -38.55 -59.98
N PRO F 129 39.27 -37.30 -59.55
CA PRO F 129 40.62 -36.70 -59.50
C PRO F 129 41.53 -37.34 -58.47
N SER F 130 40.99 -37.80 -57.34
CA SER F 130 41.84 -38.43 -56.32
C SER F 130 42.53 -39.67 -56.87
N LEU F 131 41.80 -40.46 -57.65
CA LEU F 131 42.40 -41.64 -58.27
C LEU F 131 43.57 -41.26 -59.16
N GLN F 132 43.36 -40.28 -60.05
CA GLN F 132 44.44 -39.82 -60.92
C GLN F 132 45.63 -39.33 -60.11
N PHE F 133 45.36 -38.60 -59.03
CA PHE F 133 46.45 -38.05 -58.22
C PHE F 133 47.26 -39.16 -57.57
N GLU F 134 46.57 -40.15 -56.98
CA GLU F 134 47.27 -41.25 -56.35
C GLU F 134 48.09 -42.04 -57.37
N ALA F 135 47.49 -42.31 -58.53
CA ALA F 135 48.20 -43.05 -59.57
C ALA F 135 49.44 -42.32 -60.04
N ALA F 136 49.28 -41.06 -60.45
CA ALA F 136 50.43 -40.29 -60.90
C ALA F 136 51.47 -40.12 -59.81
N TRP F 137 51.04 -40.13 -58.55
CA TRP F 137 51.99 -40.20 -57.45
C TRP F 137 52.82 -41.48 -57.55
N ALA F 138 52.14 -42.61 -57.70
CA ALA F 138 52.82 -43.90 -57.76
C ALA F 138 53.81 -43.96 -58.92
N LEU F 139 53.32 -43.69 -60.14
CA LEU F 139 54.20 -43.69 -61.30
C LEU F 139 55.35 -42.71 -61.09
N THR F 140 55.08 -41.56 -60.50
CA THR F 140 56.13 -40.62 -60.15
C THR F 140 57.24 -41.28 -59.35
N ASN F 141 56.88 -41.88 -58.22
CA ASN F 141 57.90 -42.45 -57.35
C ASN F 141 58.54 -43.69 -57.95
N ILE F 142 57.87 -44.36 -58.88
CA ILE F 142 58.47 -45.52 -59.55
C ILE F 142 59.52 -45.06 -60.55
N ALA F 143 59.18 -44.07 -61.36
CA ALA F 143 60.12 -43.55 -62.34
C ALA F 143 61.33 -42.93 -61.67
N SER F 144 61.29 -42.71 -60.37
CA SER F 144 62.42 -42.11 -59.68
C SER F 144 63.61 -43.06 -59.56
N GLY F 145 63.42 -44.35 -59.78
CA GLY F 145 64.48 -45.33 -59.57
C GLY F 145 65.47 -45.43 -60.71
N THR F 146 65.96 -46.64 -60.93
CA THR F 146 66.93 -46.88 -61.98
C THR F 146 66.32 -46.66 -63.35
N SER F 147 67.20 -46.59 -64.36
CA SER F 147 66.76 -46.42 -65.74
C SER F 147 65.83 -47.55 -66.16
N GLU F 148 66.04 -48.75 -65.62
CA GLU F 148 65.17 -49.87 -65.96
C GLU F 148 63.75 -49.63 -65.51
N GLN F 149 63.58 -49.00 -64.34
CA GLN F 149 62.24 -48.70 -63.86
C GLN F 149 61.55 -47.67 -64.74
N THR F 150 62.28 -46.60 -65.09
CA THR F 150 61.70 -45.60 -65.99
C THR F 150 61.32 -46.21 -67.33
N GLN F 151 62.16 -47.10 -67.86
CA GLN F 151 61.78 -47.82 -69.07
C GLN F 151 60.52 -48.64 -68.85
N ALA F 152 60.39 -49.28 -67.69
CA ALA F 152 59.17 -50.01 -67.39
C ALA F 152 57.96 -49.09 -67.35
N VAL F 153 58.16 -47.81 -67.02
CA VAL F 153 57.05 -46.87 -67.02
C VAL F 153 56.70 -46.45 -68.44
N VAL F 154 57.70 -46.11 -69.25
CA VAL F 154 57.40 -45.58 -70.58
C VAL F 154 56.88 -46.68 -71.49
N GLN F 155 57.25 -47.95 -71.23
CA GLN F 155 56.70 -49.04 -72.02
C GLN F 155 55.21 -49.22 -71.76
N SER F 156 54.70 -48.73 -70.64
CA SER F 156 53.27 -48.74 -70.38
C SER F 156 52.52 -47.70 -71.21
N ASN F 157 53.24 -46.87 -71.98
CA ASN F 157 52.63 -45.83 -72.81
C ASN F 157 51.76 -44.89 -71.98
N ALA F 158 52.25 -44.54 -70.80
CA ALA F 158 51.53 -43.62 -69.93
C ALA F 158 51.79 -42.16 -70.24
N VAL F 159 52.82 -41.85 -71.03
CA VAL F 159 53.19 -40.46 -71.25
C VAL F 159 52.08 -39.66 -71.93
N PRO F 160 51.47 -40.13 -73.02
CA PRO F 160 50.37 -39.34 -73.60
C PRO F 160 49.24 -39.07 -72.63
N LEU F 161 49.06 -39.94 -71.63
CA LEU F 161 48.04 -39.69 -70.63
C LEU F 161 48.46 -38.59 -69.66
N PHE F 162 49.75 -38.55 -69.31
CA PHE F 162 50.25 -37.40 -68.56
C PHE F 162 50.01 -36.11 -69.34
N LEU F 163 50.33 -36.12 -70.64
CA LEU F 163 50.12 -34.94 -71.45
C LEU F 163 48.64 -34.56 -71.49
N ARG F 164 47.76 -35.55 -71.51
CA ARG F 164 46.34 -35.29 -71.39
C ARG F 164 46.01 -34.66 -70.03
N LEU F 165 46.73 -35.07 -68.99
CA LEU F 165 46.49 -34.51 -67.67
C LEU F 165 47.03 -33.08 -67.53
N LEU F 166 47.95 -32.68 -68.41
CA LEU F 166 48.40 -31.28 -68.38
C LEU F 166 47.27 -30.30 -68.64
N HIS F 167 46.13 -30.76 -69.13
CA HIS F 167 44.99 -29.90 -69.39
C HIS F 167 43.90 -30.04 -68.35
N SER F 168 44.16 -30.76 -67.26
CA SER F 168 43.18 -30.95 -66.22
C SER F 168 42.91 -29.64 -65.47
N PRO F 169 41.69 -29.44 -64.99
CA PRO F 169 41.40 -28.25 -64.20
C PRO F 169 41.94 -28.30 -62.78
N HIS F 170 42.16 -29.48 -62.23
CA HIS F 170 42.68 -29.59 -60.88
C HIS F 170 44.19 -29.35 -60.88
N GLN F 171 44.63 -28.40 -60.05
CA GLN F 171 46.04 -28.04 -60.04
C GLN F 171 46.93 -29.17 -59.52
N ASN F 172 46.43 -29.96 -58.57
CA ASN F 172 47.24 -31.04 -58.02
C ASN F 172 47.57 -32.08 -59.10
N VAL F 173 46.61 -32.37 -59.98
CA VAL F 173 46.86 -33.34 -61.04
C VAL F 173 47.89 -32.81 -62.02
N CYS F 174 47.73 -31.55 -62.45
CA CYS F 174 48.71 -30.96 -63.35
C CYS F 174 50.10 -30.96 -62.73
N GLU F 175 50.21 -30.51 -61.48
CA GLU F 175 51.51 -30.46 -60.84
C GLU F 175 52.15 -31.84 -60.74
N GLN F 176 51.34 -32.85 -60.39
CA GLN F 176 51.87 -34.21 -60.29
C GLN F 176 52.34 -34.72 -61.64
N ALA F 177 51.57 -34.43 -62.69
CA ALA F 177 51.96 -34.84 -64.03
C ALA F 177 53.27 -34.18 -64.45
N VAL F 178 53.38 -32.87 -64.22
CA VAL F 178 54.63 -32.17 -64.50
C VAL F 178 55.77 -32.81 -63.73
N TRP F 179 55.51 -33.23 -62.51
CA TRP F 179 56.54 -33.90 -61.71
C TRP F 179 57.02 -35.16 -62.41
N ALA F 180 56.09 -36.08 -62.71
CA ALA F 180 56.47 -37.36 -63.29
C ALA F 180 57.15 -37.16 -64.64
N LEU F 181 56.62 -36.27 -65.48
CA LEU F 181 57.29 -35.97 -66.74
C LEU F 181 58.69 -35.44 -66.49
N GLY F 182 58.87 -34.67 -65.41
CA GLY F 182 60.21 -34.27 -65.02
C GLY F 182 61.12 -35.46 -64.78
N ASN F 183 60.61 -36.47 -64.06
CA ASN F 183 61.42 -37.67 -63.84
C ASN F 183 61.77 -38.36 -65.15
N ILE F 184 60.75 -38.68 -65.95
CA ILE F 184 60.98 -39.43 -67.19
C ILE F 184 61.96 -38.69 -68.09
N ILE F 185 61.76 -37.38 -68.28
CA ILE F 185 62.68 -36.62 -69.11
C ILE F 185 64.07 -36.64 -68.51
N GLY F 186 64.17 -36.50 -67.19
CA GLY F 186 65.45 -36.50 -66.54
C GLY F 186 66.20 -37.82 -66.60
N ASP F 187 65.49 -38.91 -66.93
CA ASP F 187 66.13 -40.22 -67.01
C ASP F 187 67.29 -40.22 -68.00
N GLY F 188 67.01 -39.99 -69.28
CA GLY F 188 68.02 -40.08 -70.30
C GLY F 188 67.67 -39.27 -71.53
N PRO F 189 68.64 -39.11 -72.44
CA PRO F 189 68.39 -38.29 -73.63
C PRO F 189 67.40 -38.92 -74.59
N GLN F 190 67.40 -40.25 -74.72
CA GLN F 190 66.45 -40.90 -75.61
C GLN F 190 65.02 -40.71 -75.11
N CYS F 191 64.80 -40.93 -73.80
CA CYS F 191 63.49 -40.65 -73.23
C CYS F 191 63.12 -39.19 -73.40
N ARG F 192 64.11 -38.31 -73.27
CA ARG F 192 63.87 -36.88 -73.46
C ARG F 192 63.34 -36.59 -74.86
N ASP F 193 64.02 -37.12 -75.88
CA ASP F 193 63.54 -36.90 -77.25
C ASP F 193 62.19 -37.56 -77.46
N TYR F 194 61.92 -38.66 -76.77
CA TYR F 194 60.59 -39.26 -76.83
C TYR F 194 59.52 -38.31 -76.33
N VAL F 195 59.73 -37.75 -75.13
CA VAL F 195 58.70 -36.90 -74.54
C VAL F 195 58.54 -35.62 -75.35
N ILE F 196 59.64 -35.07 -75.87
CA ILE F 196 59.50 -33.89 -76.72
C ILE F 196 58.75 -34.22 -77.99
N SER F 197 59.00 -35.41 -78.56
CA SER F 197 58.34 -35.80 -79.79
C SER F 197 56.82 -35.82 -79.65
N LEU F 198 56.31 -35.87 -78.43
CA LEU F 198 54.87 -35.88 -78.21
C LEU F 198 54.30 -34.50 -77.97
N GLY F 199 55.14 -33.46 -77.88
CA GLY F 199 54.64 -32.11 -77.73
C GLY F 199 54.40 -31.67 -76.29
N VAL F 200 55.41 -31.78 -75.45
CA VAL F 200 55.28 -31.37 -74.07
C VAL F 200 55.75 -29.94 -73.84
N VAL F 201 56.63 -29.43 -74.69
CA VAL F 201 57.30 -28.18 -74.40
C VAL F 201 56.30 -27.03 -74.38
N LYS F 202 55.53 -26.88 -75.45
CA LYS F 202 54.55 -25.78 -75.50
C LYS F 202 53.53 -25.85 -74.37
N PRO F 203 52.90 -27.00 -74.08
CA PRO F 203 51.99 -27.02 -72.92
C PRO F 203 52.68 -26.69 -71.61
N LEU F 204 53.91 -27.16 -71.42
CA LEU F 204 54.61 -26.85 -70.17
C LEU F 204 54.88 -25.36 -70.06
N LEU F 205 55.39 -24.74 -71.13
CA LEU F 205 55.71 -23.33 -71.08
C LEU F 205 54.47 -22.46 -71.00
N SER F 206 53.33 -22.95 -71.50
CA SER F 206 52.10 -22.18 -71.41
C SER F 206 51.68 -21.92 -69.98
N PHE F 207 52.22 -22.66 -69.01
CA PHE F 207 51.85 -22.48 -67.62
C PHE F 207 52.48 -21.24 -67.00
N ILE F 208 53.50 -20.66 -67.62
CA ILE F 208 54.20 -19.51 -67.05
C ILE F 208 53.27 -18.30 -67.10
N SER F 209 52.87 -17.81 -65.94
CA SER F 209 52.00 -16.65 -65.83
C SER F 209 52.32 -15.95 -64.52
N PRO F 210 52.03 -14.66 -64.41
CA PRO F 210 52.28 -13.96 -63.14
C PRO F 210 51.43 -14.46 -61.98
N SER F 211 50.40 -15.27 -62.24
CA SER F 211 49.53 -15.81 -61.21
C SER F 211 49.85 -17.26 -60.85
N ILE F 212 50.99 -17.77 -61.31
CA ILE F 212 51.35 -19.16 -61.07
C ILE F 212 51.81 -19.34 -59.64
N PRO F 213 51.50 -20.46 -58.99
CA PRO F 213 52.10 -20.75 -57.69
C PRO F 213 53.61 -20.89 -57.80
N ILE F 214 54.31 -20.58 -56.70
CA ILE F 214 55.76 -20.57 -56.75
C ILE F 214 56.33 -21.97 -56.78
N THR F 215 55.76 -22.89 -55.98
CA THR F 215 56.26 -24.26 -55.96
C THR F 215 56.12 -24.92 -57.31
N PHE F 216 54.91 -24.89 -57.86
CA PHE F 216 54.67 -25.45 -59.19
C PHE F 216 55.62 -24.85 -60.22
N LEU F 217 55.91 -23.54 -60.11
CA LEU F 217 56.87 -22.92 -60.99
C LEU F 217 58.26 -23.53 -60.80
N ARG F 218 58.65 -23.79 -59.55
CA ARG F 218 59.93 -24.42 -59.32
C ARG F 218 60.01 -25.78 -59.97
N ASN F 219 58.91 -26.55 -59.92
CA ASN F 219 58.91 -27.83 -60.61
C ASN F 219 59.01 -27.66 -62.13
N VAL F 220 58.35 -26.64 -62.67
CA VAL F 220 58.42 -26.40 -64.10
C VAL F 220 59.85 -26.08 -64.52
N THR F 221 60.49 -25.14 -63.83
CA THR F 221 61.89 -24.84 -64.14
C THR F 221 62.76 -26.07 -64.00
N TRP F 222 62.50 -26.89 -62.97
CA TRP F 222 63.22 -28.14 -62.83
C TRP F 222 63.09 -29.00 -64.09
N VAL F 223 61.86 -29.13 -64.58
CA VAL F 223 61.66 -29.91 -65.80
C VAL F 223 62.42 -29.28 -66.96
N MET F 224 62.51 -27.96 -66.98
CA MET F 224 63.31 -27.30 -68.00
C MET F 224 64.77 -27.73 -67.90
N VAL F 225 65.31 -27.76 -66.68
CA VAL F 225 66.68 -28.20 -66.50
C VAL F 225 66.86 -29.61 -67.02
N ASN F 226 65.90 -30.50 -66.71
CA ASN F 226 65.99 -31.85 -67.26
C ASN F 226 65.95 -31.84 -68.78
N LEU F 227 65.19 -30.92 -69.39
CA LEU F 227 65.15 -30.86 -70.84
C LEU F 227 66.49 -30.42 -71.41
N CYS F 228 67.17 -29.50 -70.73
CA CYS F 228 68.42 -28.97 -71.26
C CYS F 228 69.61 -29.88 -71.02
N ARG F 229 69.42 -30.97 -70.28
CA ARG F 229 70.52 -31.82 -69.87
C ARG F 229 70.91 -32.75 -71.02
N HIS F 230 71.83 -33.68 -70.76
CA HIS F 230 72.14 -34.80 -71.65
C HIS F 230 72.63 -34.33 -73.02
N LYS F 231 73.82 -33.72 -72.99
CA LYS F 231 74.44 -33.18 -74.18
C LYS F 231 74.86 -34.25 -75.19
N ASP F 232 74.77 -35.54 -74.85
CA ASP F 232 75.33 -36.56 -75.74
C ASP F 232 74.62 -36.50 -77.10
N PRO F 233 73.33 -36.82 -77.22
CA PRO F 233 72.58 -36.16 -78.27
C PRO F 233 71.99 -34.87 -77.75
N PRO F 234 72.47 -33.72 -78.23
CA PRO F 234 71.99 -32.46 -77.71
C PRO F 234 70.48 -32.33 -77.94
N PRO F 235 69.80 -31.59 -77.07
CA PRO F 235 68.35 -31.45 -77.22
C PRO F 235 67.99 -30.82 -78.54
N PRO F 236 66.81 -31.10 -79.06
CA PRO F 236 66.42 -30.61 -80.39
C PRO F 236 66.47 -29.10 -80.47
N MET F 237 66.86 -28.64 -81.66
CA MET F 237 67.00 -27.21 -81.90
C MET F 237 65.69 -26.47 -81.62
N GLU F 238 64.58 -26.95 -82.19
CA GLU F 238 63.30 -26.28 -82.03
C GLU F 238 62.90 -26.18 -80.57
N THR F 239 63.21 -27.23 -79.78
CA THR F 239 62.88 -27.19 -78.37
C THR F 239 63.61 -26.06 -77.66
N ILE F 240 64.89 -25.88 -77.95
CA ILE F 240 65.64 -24.78 -77.36
C ILE F 240 65.08 -23.44 -77.83
N GLN F 241 64.77 -23.33 -79.11
CA GLN F 241 64.15 -22.11 -79.61
C GLN F 241 62.85 -21.79 -78.89
N GLU F 242 62.15 -22.81 -78.39
CA GLU F 242 60.94 -22.57 -77.62
C GLU F 242 61.24 -22.27 -76.16
N ILE F 243 62.32 -22.80 -75.61
CA ILE F 243 62.60 -22.64 -74.19
C ILE F 243 63.23 -21.28 -73.90
N LEU F 244 64.21 -20.86 -74.70
CA LEU F 244 65.00 -19.68 -74.37
C LEU F 244 64.20 -18.45 -73.95
N PRO F 245 63.17 -18.00 -74.68
CA PRO F 245 62.46 -16.79 -74.21
C PRO F 245 61.85 -16.98 -72.84
N ALA F 246 61.32 -18.17 -72.54
CA ALA F 246 60.81 -18.43 -71.21
C ALA F 246 61.89 -18.25 -70.16
N LEU F 247 63.11 -18.71 -70.46
CA LEU F 247 64.22 -18.49 -69.54
C LEU F 247 64.55 -17.02 -69.42
N CYS F 248 64.50 -16.28 -70.53
CA CYS F 248 64.72 -14.83 -70.44
C CYS F 248 63.69 -14.17 -69.56
N VAL F 249 62.49 -14.75 -69.47
CA VAL F 249 61.49 -14.21 -68.56
C VAL F 249 61.79 -14.62 -67.13
N LEU F 250 62.25 -15.86 -66.93
CA LEU F 250 62.50 -16.36 -65.59
C LEU F 250 63.74 -15.77 -64.95
N ILE F 251 64.70 -15.28 -65.75
CA ILE F 251 65.95 -14.82 -65.20
C ILE F 251 65.78 -13.53 -64.39
N HIS F 252 64.73 -12.77 -64.66
CA HIS F 252 64.45 -11.57 -63.89
C HIS F 252 63.68 -11.85 -62.61
N HIS F 253 63.36 -13.11 -62.34
CA HIS F 253 62.49 -13.43 -61.22
C HIS F 253 63.22 -13.21 -59.89
N THR F 254 62.44 -12.88 -58.86
CA THR F 254 63.02 -12.51 -57.58
C THR F 254 63.46 -13.71 -56.76
N ASP F 255 62.81 -14.86 -56.94
CA ASP F 255 63.15 -16.04 -56.14
C ASP F 255 64.59 -16.47 -56.40
N VAL F 256 65.23 -17.00 -55.37
CA VAL F 256 66.60 -17.46 -55.51
C VAL F 256 66.66 -18.80 -56.23
N ASN F 257 65.86 -19.77 -55.78
CA ASN F 257 65.95 -21.12 -56.34
C ASN F 257 65.56 -21.14 -57.81
N ILE F 258 64.50 -20.41 -58.16
CA ILE F 258 64.09 -20.34 -59.56
C ILE F 258 65.21 -19.79 -60.42
N LEU F 259 65.85 -18.72 -59.95
CA LEU F 259 66.99 -18.16 -60.67
C LEU F 259 68.10 -19.19 -60.82
N VAL F 260 68.41 -19.92 -59.74
CA VAL F 260 69.47 -20.93 -59.80
C VAL F 260 69.16 -21.96 -60.86
N ASP F 261 67.97 -22.57 -60.80
CA ASP F 261 67.62 -23.59 -61.78
C ASP F 261 67.67 -23.03 -63.20
N THR F 262 67.17 -21.80 -63.38
CA THR F 262 67.25 -21.17 -64.70
C THR F 262 68.69 -21.12 -65.19
N VAL F 263 69.59 -20.60 -64.35
CA VAL F 263 70.97 -20.46 -64.75
C VAL F 263 71.62 -21.81 -65.01
N TRP F 264 71.21 -22.86 -64.28
CA TRP F 264 71.73 -24.18 -64.61
C TRP F 264 71.24 -24.67 -65.96
N ALA F 265 69.96 -24.41 -66.27
CA ALA F 265 69.46 -24.71 -67.61
C ALA F 265 70.32 -24.04 -68.66
N LEU F 266 70.64 -22.75 -68.46
CA LEU F 266 71.58 -22.10 -69.35
C LEU F 266 72.93 -22.82 -69.37
N SER F 267 73.38 -23.30 -68.22
CA SER F 267 74.68 -23.97 -68.16
C SER F 267 74.70 -25.20 -69.06
N TYR F 268 73.66 -26.02 -68.97
CA TYR F 268 73.59 -27.20 -69.82
C TYR F 268 73.43 -26.83 -71.29
N LEU F 269 72.64 -25.81 -71.58
CA LEU F 269 72.53 -25.36 -72.97
C LEU F 269 73.88 -24.94 -73.52
N THR F 270 74.70 -24.28 -72.70
CA THR F 270 76.00 -23.81 -73.19
C THR F 270 77.01 -24.94 -73.29
N ASP F 271 76.96 -25.90 -72.38
CA ASP F 271 77.90 -27.01 -72.42
C ASP F 271 77.67 -27.93 -73.61
N ALA F 272 76.51 -27.85 -74.27
CA ALA F 272 76.23 -28.72 -75.39
C ALA F 272 77.27 -28.56 -76.49
N GLY F 273 77.56 -27.33 -76.89
CA GLY F 273 78.51 -27.08 -77.95
C GLY F 273 78.40 -25.65 -78.44
N ASN F 274 79.21 -25.36 -79.46
CA ASN F 274 79.27 -23.99 -79.98
C ASN F 274 77.93 -23.55 -80.56
N GLU F 275 77.18 -24.48 -81.13
CA GLU F 275 75.91 -24.13 -81.76
C GLU F 275 74.94 -23.56 -80.74
N GLN F 276 74.66 -24.34 -79.69
CA GLN F 276 73.72 -23.91 -78.67
C GLN F 276 74.20 -22.65 -77.98
N ILE F 277 75.51 -22.52 -77.78
CA ILE F 277 76.06 -21.26 -77.28
C ILE F 277 75.65 -20.11 -78.18
N GLN F 278 75.78 -20.30 -79.49
CA GLN F 278 75.37 -19.25 -80.42
C GLN F 278 73.88 -18.93 -80.28
N MET F 279 73.07 -19.95 -79.99
CA MET F 279 71.66 -19.68 -79.72
C MET F 279 71.48 -18.81 -78.49
N VAL F 280 72.11 -19.21 -77.38
CA VAL F 280 71.99 -18.47 -76.14
C VAL F 280 72.38 -17.02 -76.35
N ILE F 281 73.46 -16.79 -77.10
CA ILE F 281 73.88 -15.42 -77.41
C ILE F 281 72.82 -14.73 -78.25
N ASP F 282 72.19 -15.47 -79.17
CA ASP F 282 71.16 -14.85 -80.00
C ASP F 282 69.90 -14.55 -79.23
N SER F 283 69.68 -15.16 -78.07
CA SER F 283 68.51 -14.88 -77.26
C SER F 283 68.62 -13.58 -76.50
N GLY F 284 69.74 -12.85 -76.62
CA GLY F 284 69.91 -11.60 -75.90
C GLY F 284 69.93 -11.75 -74.40
N ILE F 285 70.22 -12.95 -73.90
CA ILE F 285 70.19 -13.18 -72.47
C ILE F 285 71.54 -12.93 -71.81
N VAL F 286 72.63 -12.88 -72.60
CA VAL F 286 73.96 -12.71 -72.01
C VAL F 286 74.07 -11.43 -71.19
N PRO F 287 73.66 -10.26 -71.68
CA PRO F 287 73.75 -9.06 -70.82
C PRO F 287 72.96 -9.17 -69.53
N HIS F 288 71.93 -10.01 -69.48
CA HIS F 288 71.22 -10.25 -68.24
C HIS F 288 71.89 -11.29 -67.38
N LEU F 289 72.66 -12.20 -67.98
CA LEU F 289 73.31 -13.28 -67.25
C LEU F 289 74.61 -12.83 -66.60
N VAL F 290 75.40 -12.01 -67.29
CA VAL F 290 76.73 -11.67 -66.78
C VAL F 290 76.69 -11.04 -65.39
N PRO F 291 75.86 -10.02 -65.12
CA PRO F 291 75.91 -9.38 -63.79
C PRO F 291 75.59 -10.33 -62.64
N LEU F 292 75.06 -11.52 -62.90
CA LEU F 292 74.82 -12.46 -61.81
C LEU F 292 76.11 -12.98 -61.19
N LEU F 293 77.26 -12.73 -61.82
CA LEU F 293 78.51 -13.19 -61.24
C LEU F 293 78.80 -12.53 -59.91
N SER F 294 78.31 -11.31 -59.71
CA SER F 294 78.50 -10.58 -58.46
C SER F 294 77.26 -10.59 -57.58
N HIS F 295 76.35 -11.53 -57.81
CA HIS F 295 75.14 -11.63 -57.00
C HIS F 295 75.50 -12.04 -55.57
N GLN F 296 74.60 -11.71 -54.65
CA GLN F 296 74.88 -11.93 -53.23
C GLN F 296 74.98 -13.42 -52.91
N GLU F 297 74.01 -14.21 -53.38
CA GLU F 297 73.98 -15.63 -53.05
C GLU F 297 75.08 -16.37 -53.80
N VAL F 298 75.73 -17.30 -53.10
CA VAL F 298 76.88 -17.99 -53.66
C VAL F 298 76.47 -18.93 -54.78
N LYS F 299 75.28 -19.54 -54.69
CA LYS F 299 74.90 -20.54 -55.68
C LYS F 299 74.66 -19.92 -57.03
N VAL F 300 73.94 -18.79 -57.08
CA VAL F 300 73.77 -18.07 -58.34
C VAL F 300 75.13 -17.72 -58.94
N GLN F 301 76.07 -17.32 -58.10
CA GLN F 301 77.42 -17.03 -58.58
C GLN F 301 78.03 -18.27 -59.23
N THR F 302 77.94 -19.42 -58.56
CA THR F 302 78.54 -20.63 -59.10
C THR F 302 77.93 -21.00 -60.44
N ALA F 303 76.59 -21.11 -60.49
CA ALA F 303 75.95 -21.51 -61.73
C ALA F 303 76.22 -20.52 -62.85
N ALA F 304 76.13 -19.22 -62.56
CA ALA F 304 76.40 -18.21 -63.58
C ALA F 304 77.83 -18.33 -64.08
N LEU F 305 78.78 -18.57 -63.18
CA LEU F 305 80.18 -18.69 -63.60
C LEU F 305 80.39 -19.89 -64.51
N ARG F 306 79.80 -21.04 -64.15
CA ARG F 306 79.90 -22.19 -65.05
C ARG F 306 79.27 -21.89 -66.41
N ALA F 307 78.08 -21.28 -66.41
CA ALA F 307 77.42 -20.98 -67.67
C ALA F 307 78.28 -20.09 -68.56
N VAL F 308 78.70 -18.95 -68.03
CA VAL F 308 79.50 -18.02 -68.82
C VAL F 308 80.80 -18.67 -69.27
N GLY F 309 81.42 -19.46 -68.40
CA GLY F 309 82.64 -20.18 -68.79
C GLY F 309 82.40 -21.09 -69.97
N ASN F 310 81.33 -21.88 -69.94
CA ASN F 310 81.00 -22.68 -71.11
C ASN F 310 80.78 -21.81 -72.34
N ILE F 311 80.22 -20.60 -72.16
CA ILE F 311 80.03 -19.72 -73.30
C ILE F 311 81.38 -19.36 -73.91
N VAL F 312 82.36 -18.98 -73.07
CA VAL F 312 83.66 -18.61 -73.60
C VAL F 312 84.50 -19.82 -74.01
N THR F 313 84.03 -21.03 -73.77
CA THR F 313 84.71 -22.17 -74.39
C THR F 313 84.53 -22.23 -75.89
N GLY F 314 83.82 -21.27 -76.50
CA GLY F 314 83.50 -21.31 -77.92
C GLY F 314 84.48 -20.58 -78.83
N THR F 315 83.95 -19.88 -79.81
CA THR F 315 84.79 -19.17 -80.77
C THR F 315 85.30 -17.88 -80.16
N ASP F 316 86.01 -17.10 -80.97
CA ASP F 316 86.56 -15.83 -80.49
C ASP F 316 85.45 -14.80 -80.28
N GLU F 317 84.65 -14.56 -81.31
CA GLU F 317 83.65 -13.50 -81.23
C GLU F 317 82.63 -13.74 -80.12
N GLN F 318 82.30 -15.00 -79.86
CA GLN F 318 81.39 -15.31 -78.75
C GLN F 318 81.99 -14.86 -77.42
N THR F 319 83.22 -15.29 -77.15
CA THR F 319 83.96 -14.79 -75.99
C THR F 319 83.96 -13.27 -75.96
N GLN F 320 84.13 -12.63 -77.11
CA GLN F 320 84.13 -11.18 -77.15
C GLN F 320 82.76 -10.61 -76.81
N VAL F 321 81.70 -11.39 -77.06
CA VAL F 321 80.37 -10.97 -76.64
C VAL F 321 80.25 -11.03 -75.13
N VAL F 322 80.83 -12.06 -74.50
CA VAL F 322 80.88 -12.09 -73.05
C VAL F 322 81.66 -10.90 -72.51
N LEU F 323 82.79 -10.57 -73.12
CA LEU F 323 83.63 -9.50 -72.61
C LEU F 323 82.96 -8.14 -72.78
N ASN F 324 82.28 -7.93 -73.91
CA ASN F 324 81.65 -6.64 -74.17
C ASN F 324 80.57 -6.32 -73.15
N CYS F 325 80.03 -7.34 -72.47
CA CYS F 325 79.10 -7.12 -71.37
C CYS F 325 79.80 -6.78 -70.07
N ASP F 326 81.10 -6.45 -70.14
CA ASP F 326 81.89 -6.06 -68.98
C ASP F 326 81.85 -7.15 -67.91
N ALA F 327 82.38 -8.31 -68.28
CA ALA F 327 82.40 -9.45 -67.37
C ALA F 327 83.61 -9.46 -66.46
N LEU F 328 84.76 -8.96 -66.94
CA LEU F 328 85.98 -9.03 -66.16
C LEU F 328 85.88 -8.25 -64.85
N SER F 329 85.11 -7.17 -64.83
CA SER F 329 85.01 -6.34 -63.64
C SER F 329 84.56 -7.13 -62.43
N HIS F 330 83.83 -8.22 -62.65
CA HIS F 330 83.32 -9.00 -61.54
C HIS F 330 84.36 -9.95 -60.93
N PHE F 331 85.41 -10.24 -61.67
CA PHE F 331 86.36 -11.29 -61.29
C PHE F 331 87.32 -10.95 -60.15
N PRO F 332 87.77 -9.70 -59.97
CA PRO F 332 88.59 -9.41 -58.77
C PRO F 332 87.99 -9.95 -57.48
N ALA F 333 86.69 -9.74 -57.27
CA ALA F 333 86.04 -10.36 -56.11
C ALA F 333 86.06 -11.88 -56.22
N LEU F 334 85.70 -12.41 -57.39
CA LEU F 334 85.64 -13.85 -57.57
C LEU F 334 87.00 -14.50 -57.38
N LEU F 335 88.08 -13.81 -57.74
CA LEU F 335 89.41 -14.38 -57.53
C LEU F 335 89.82 -14.38 -56.07
N THR F 336 89.17 -13.55 -55.24
CA THR F 336 89.45 -13.49 -53.82
C THR F 336 88.34 -14.09 -52.98
N HIS F 337 87.36 -14.73 -53.61
CA HIS F 337 86.23 -15.25 -52.87
C HIS F 337 86.68 -16.41 -51.99
N PRO F 338 86.13 -16.53 -50.77
CA PRO F 338 86.62 -17.57 -49.84
C PRO F 338 86.40 -18.99 -50.34
N LYS F 339 85.39 -19.23 -51.15
CA LYS F 339 85.11 -20.59 -51.61
C LYS F 339 86.16 -21.04 -52.62
N GLU F 340 86.72 -22.22 -52.41
CA GLU F 340 87.76 -22.72 -53.31
C GLU F 340 87.21 -23.00 -54.70
N LYS F 341 85.97 -23.49 -54.77
CA LYS F 341 85.41 -23.88 -56.07
C LYS F 341 85.24 -22.66 -56.98
N ILE F 342 84.86 -21.53 -56.40
CA ILE F 342 84.70 -20.32 -57.20
C ILE F 342 86.05 -19.84 -57.73
N ASN F 343 87.08 -19.90 -56.89
CA ASN F 343 88.42 -19.58 -57.36
C ASN F 343 88.81 -20.48 -58.52
N LYS F 344 88.62 -21.79 -58.37
CA LYS F 344 88.95 -22.73 -59.41
C LYS F 344 88.23 -22.40 -60.72
N GLU F 345 86.90 -22.24 -60.64
CA GLU F 345 86.13 -22.03 -61.85
C GLU F 345 86.47 -20.69 -62.50
N ALA F 346 86.75 -19.66 -61.70
CA ALA F 346 87.09 -18.36 -62.28
C ALA F 346 88.44 -18.42 -62.97
N VAL F 347 89.43 -19.05 -62.33
CA VAL F 347 90.74 -19.20 -62.97
C VAL F 347 90.61 -20.04 -64.24
N TRP F 348 89.71 -21.02 -64.23
CA TRP F 348 89.39 -21.73 -65.47
C TRP F 348 88.90 -20.77 -66.54
N PHE F 349 87.93 -19.92 -66.19
CA PHE F 349 87.41 -18.92 -67.13
C PHE F 349 88.55 -18.12 -67.75
N LEU F 350 89.36 -17.48 -66.90
CA LEU F 350 90.47 -16.68 -67.42
C LEU F 350 91.44 -17.52 -68.23
N SER F 351 91.59 -18.80 -67.88
CA SER F 351 92.46 -19.67 -68.67
C SER F 351 91.88 -19.90 -70.06
N ASN F 352 90.55 -19.84 -70.19
CA ASN F 352 89.97 -19.88 -71.53
C ASN F 352 90.03 -18.54 -72.24
N ILE F 353 90.04 -17.43 -71.48
CA ILE F 353 90.11 -16.12 -72.12
C ILE F 353 91.50 -15.89 -72.70
N THR F 354 92.54 -16.28 -71.96
CA THR F 354 93.89 -16.09 -72.47
C THR F 354 94.17 -16.91 -73.72
N ALA F 355 93.39 -17.96 -73.96
CA ALA F 355 93.59 -18.77 -75.16
C ALA F 355 92.97 -18.14 -76.40
N GLY F 356 92.26 -17.03 -76.26
CA GLY F 356 91.68 -16.34 -77.39
C GLY F 356 92.71 -15.56 -78.16
N ASN F 357 92.25 -14.52 -78.85
CA ASN F 357 93.16 -13.72 -79.64
C ASN F 357 93.97 -12.79 -78.74
N GLN F 358 94.87 -12.04 -79.36
CA GLN F 358 95.72 -11.12 -78.61
C GLN F 358 94.89 -10.06 -77.92
N GLN F 359 93.82 -9.61 -78.59
CA GLN F 359 92.96 -8.57 -78.04
C GLN F 359 92.42 -8.96 -76.68
N GLN F 360 91.93 -10.18 -76.56
CA GLN F 360 91.33 -10.64 -75.31
C GLN F 360 92.37 -10.76 -74.21
N VAL F 361 93.57 -11.23 -74.55
CA VAL F 361 94.65 -11.29 -73.57
C VAL F 361 94.96 -9.90 -73.04
N GLN F 362 95.09 -8.92 -73.95
CA GLN F 362 95.31 -7.55 -73.51
C GLN F 362 94.16 -7.06 -72.64
N ALA F 363 92.94 -7.54 -72.91
CA ALA F 363 91.81 -7.18 -72.07
C ALA F 363 91.92 -7.80 -70.68
N VAL F 364 92.55 -8.96 -70.56
CA VAL F 364 92.79 -9.54 -69.25
C VAL F 364 93.85 -8.73 -68.51
N ILE F 365 94.94 -8.40 -69.20
CA ILE F 365 96.01 -7.64 -68.55
C ILE F 365 95.50 -6.29 -68.08
N ASP F 366 94.70 -5.62 -68.91
CA ASP F 366 94.18 -4.30 -68.57
C ASP F 366 93.28 -4.30 -67.35
N ALA F 367 92.81 -5.46 -66.91
CA ALA F 367 91.93 -5.54 -65.75
C ALA F 367 92.68 -5.80 -64.44
N ASN F 368 94.01 -5.72 -64.47
CA ASN F 368 94.85 -5.88 -63.27
C ASN F 368 94.64 -7.24 -62.61
N LEU F 369 94.29 -8.25 -63.40
CA LEU F 369 93.99 -9.57 -62.85
C LEU F 369 95.20 -10.47 -62.78
N VAL F 370 96.26 -10.16 -63.52
CA VAL F 370 97.44 -11.02 -63.51
C VAL F 370 98.02 -11.21 -62.12
N PRO F 371 98.19 -10.17 -61.29
CA PRO F 371 98.76 -10.41 -59.96
C PRO F 371 97.96 -11.39 -59.13
N MET F 372 96.63 -11.34 -59.19
CA MET F 372 95.84 -12.30 -58.43
C MET F 372 95.93 -13.69 -59.04
N ILE F 373 96.03 -13.78 -60.37
CA ILE F 373 96.24 -15.09 -61.01
C ILE F 373 97.52 -15.72 -60.49
N ILE F 374 98.61 -14.94 -60.46
CA ILE F 374 99.86 -15.46 -59.94
C ILE F 374 99.74 -15.82 -58.47
N HIS F 375 99.06 -14.97 -57.70
CA HIS F 375 98.90 -15.24 -56.28
C HIS F 375 98.19 -16.57 -56.05
N LEU F 376 97.10 -16.81 -56.75
CA LEU F 376 96.44 -18.11 -56.65
C LEU F 376 97.32 -19.22 -57.19
N LEU F 377 98.17 -18.91 -58.17
CA LEU F 377 99.13 -19.90 -58.66
C LEU F 377 100.15 -20.28 -57.60
N ASP F 378 100.37 -19.42 -56.61
CA ASP F 378 101.37 -19.67 -55.58
C ASP F 378 100.75 -20.26 -54.31
N LYS F 379 99.64 -19.70 -53.84
CA LYS F 379 99.08 -20.06 -52.54
C LYS F 379 97.67 -20.65 -52.63
N GLY F 380 97.21 -21.04 -53.81
CA GLY F 380 95.93 -21.68 -53.95
C GLY F 380 96.01 -23.18 -53.77
N ASP F 381 94.84 -23.82 -53.84
CA ASP F 381 94.79 -25.27 -53.78
C ASP F 381 95.22 -25.87 -55.12
N PHE F 382 95.35 -27.20 -55.13
CA PHE F 382 95.97 -27.87 -56.27
C PHE F 382 95.20 -27.61 -57.57
N GLY F 383 93.87 -27.70 -57.52
CA GLY F 383 93.10 -27.50 -58.74
C GLY F 383 93.26 -26.11 -59.31
N THR F 384 93.09 -25.09 -58.47
CA THR F 384 93.26 -23.72 -58.92
C THR F 384 94.67 -23.49 -59.47
N GLN F 385 95.68 -24.08 -58.81
CA GLN F 385 97.04 -24.00 -59.34
C GLN F 385 97.12 -24.61 -60.74
N LYS F 386 96.46 -25.74 -60.95
CA LYS F 386 96.42 -26.37 -62.26
C LYS F 386 95.82 -25.42 -63.30
N GLU F 387 94.60 -24.94 -63.03
CA GLU F 387 93.93 -24.05 -63.98
C GLU F 387 94.76 -22.80 -64.24
N ALA F 388 95.44 -22.29 -63.22
CA ALA F 388 96.30 -21.13 -63.39
C ALA F 388 97.47 -21.45 -64.31
N ALA F 389 98.10 -22.62 -64.13
CA ALA F 389 99.16 -23.03 -65.05
C ALA F 389 98.65 -23.04 -66.47
N TRP F 390 97.44 -23.58 -66.69
CA TRP F 390 96.86 -23.53 -68.02
C TRP F 390 96.68 -22.10 -68.51
N ALA F 391 96.25 -21.20 -67.63
CA ALA F 391 96.11 -19.80 -68.03
C ALA F 391 97.44 -19.22 -68.49
N ILE F 392 98.49 -19.47 -67.70
CA ILE F 392 99.81 -18.92 -68.02
C ILE F 392 100.33 -19.48 -69.34
N SER F 393 100.19 -20.79 -69.54
CA SER F 393 100.68 -21.37 -70.78
C SER F 393 99.90 -20.89 -71.98
N ASN F 394 98.57 -20.77 -71.85
CA ASN F 394 97.75 -20.27 -72.94
C ASN F 394 98.13 -18.85 -73.31
N LEU F 395 98.27 -17.98 -72.30
CA LEU F 395 98.76 -16.63 -72.56
C LEU F 395 100.16 -16.66 -73.14
N THR F 396 100.93 -17.70 -72.82
CA THR F 396 102.29 -17.80 -73.32
C THR F 396 102.32 -18.09 -74.82
N ILE F 397 101.47 -19.02 -75.27
CA ILE F 397 101.49 -19.38 -76.69
C ILE F 397 100.68 -18.40 -77.53
N SER F 398 99.68 -17.74 -76.96
CA SER F 398 98.80 -16.86 -77.71
C SER F 398 99.20 -15.40 -77.66
N GLY F 399 99.79 -14.94 -76.57
CA GLY F 399 100.04 -13.53 -76.38
C GLY F 399 101.20 -13.01 -77.21
N ARG F 400 101.34 -11.68 -77.21
CA ARG F 400 102.44 -11.01 -77.87
C ARG F 400 103.69 -11.04 -77.00
N LYS F 401 104.79 -10.51 -77.56
CA LYS F 401 106.06 -10.56 -76.84
C LYS F 401 106.06 -9.61 -75.66
N ASP F 402 105.54 -8.39 -75.85
CA ASP F 402 105.47 -7.44 -74.74
C ASP F 402 104.51 -7.91 -73.66
N GLN F 403 103.47 -8.65 -74.04
CA GLN F 403 102.54 -9.17 -73.05
C GLN F 403 103.21 -10.21 -72.17
N VAL F 404 103.88 -11.18 -72.78
CA VAL F 404 104.64 -12.16 -71.99
C VAL F 404 105.70 -11.46 -71.16
N ALA F 405 106.29 -10.38 -71.68
CA ALA F 405 107.24 -9.61 -70.89
C ALA F 405 106.57 -9.06 -69.63
N TYR F 406 105.38 -8.47 -69.77
CA TYR F 406 104.63 -8.03 -68.60
C TYR F 406 104.39 -9.17 -67.64
N LEU F 407 104.06 -10.36 -68.16
CA LEU F 407 103.87 -11.51 -67.29
C LEU F 407 105.14 -11.83 -66.51
N ILE F 408 106.29 -11.72 -67.17
CA ILE F 408 107.56 -12.03 -66.50
C ILE F 408 107.85 -11.01 -65.40
N GLN F 409 107.69 -9.73 -65.71
CA GLN F 409 108.01 -8.72 -64.70
C GLN F 409 107.00 -8.70 -63.56
N GLN F 410 106.02 -9.59 -63.55
CA GLN F 410 105.10 -9.72 -62.44
C GLN F 410 105.48 -10.87 -61.51
N ASN F 411 106.74 -11.32 -61.57
CA ASN F 411 107.26 -12.34 -60.65
C ASN F 411 106.49 -13.64 -60.80
N VAL F 412 106.29 -14.07 -62.04
CA VAL F 412 105.55 -15.30 -62.31
C VAL F 412 106.46 -16.52 -62.36
N ILE F 413 107.75 -16.34 -62.63
CA ILE F 413 108.63 -17.48 -62.85
C ILE F 413 108.75 -18.39 -61.63
N PRO F 414 109.00 -17.88 -60.42
CA PRO F 414 109.17 -18.78 -59.27
C PRO F 414 107.92 -19.60 -59.00
N PRO F 415 106.73 -19.01 -58.84
CA PRO F 415 105.56 -19.86 -58.57
C PRO F 415 105.19 -20.73 -59.75
N PHE F 416 105.43 -20.25 -60.97
CA PHE F 416 105.14 -21.07 -62.15
C PHE F 416 106.04 -22.29 -62.22
N CYS F 417 107.28 -22.18 -61.73
CA CYS F 417 108.22 -23.29 -61.77
C CYS F 417 108.11 -24.21 -60.56
N ASN F 418 107.66 -23.69 -59.42
CA ASN F 418 107.54 -24.52 -58.23
C ASN F 418 106.52 -25.64 -58.39
N LEU F 419 105.76 -25.66 -59.49
CA LEU F 419 104.80 -26.71 -59.72
C LEU F 419 105.41 -27.95 -60.36
N LEU F 420 106.66 -27.87 -60.82
CA LEU F 420 107.27 -29.00 -61.51
C LEU F 420 107.46 -30.22 -60.64
N THR F 421 107.23 -30.11 -59.33
CA THR F 421 107.44 -31.23 -58.41
C THR F 421 106.19 -32.03 -58.14
N VAL F 422 105.06 -31.70 -58.76
CA VAL F 422 103.82 -32.42 -58.50
C VAL F 422 103.83 -33.76 -59.23
N LYS F 423 102.94 -34.65 -58.79
CA LYS F 423 102.83 -35.97 -59.37
C LYS F 423 102.03 -36.00 -60.66
N ASP F 424 101.33 -34.92 -61.00
CA ASP F 424 100.51 -34.88 -62.20
C ASP F 424 101.37 -34.54 -63.41
N ALA F 425 101.43 -35.48 -64.37
CA ALA F 425 102.25 -35.25 -65.55
C ALA F 425 101.69 -34.14 -66.43
N GLN F 426 100.36 -33.97 -66.44
CA GLN F 426 99.74 -32.97 -67.29
C GLN F 426 100.19 -31.56 -66.91
N VAL F 427 100.15 -31.26 -65.61
CA VAL F 427 100.61 -29.95 -65.13
C VAL F 427 102.06 -29.74 -65.51
N VAL F 428 102.88 -30.79 -65.40
CA VAL F 428 104.29 -30.66 -65.75
C VAL F 428 104.45 -30.34 -67.23
N GLN F 429 103.67 -31.00 -68.09
CA GLN F 429 103.70 -30.69 -69.51
C GLN F 429 103.27 -29.24 -69.75
N VAL F 430 102.31 -28.76 -68.99
CA VAL F 430 101.85 -27.38 -69.16
C VAL F 430 102.97 -26.40 -68.79
N VAL F 431 103.62 -26.64 -67.66
CA VAL F 431 104.65 -25.72 -67.20
C VAL F 431 105.85 -25.74 -68.14
N LEU F 432 106.32 -26.94 -68.48
CA LEU F 432 107.47 -27.05 -69.37
C LEU F 432 107.16 -26.47 -70.74
N ASP F 433 105.95 -26.71 -71.25
CA ASP F 433 105.60 -26.15 -72.55
C ASP F 433 105.56 -24.63 -72.50
N GLY F 434 105.02 -24.09 -71.40
CA GLY F 434 105.00 -22.63 -71.25
C GLY F 434 106.39 -22.03 -71.20
N LEU F 435 107.26 -22.62 -70.37
CA LEU F 435 108.64 -22.13 -70.28
C LEU F 435 109.33 -22.22 -71.63
N SER F 436 109.20 -23.35 -72.32
CA SER F 436 109.81 -23.50 -73.64
C SER F 436 109.31 -22.43 -74.59
N ASN F 437 108.02 -22.12 -74.54
CA ASN F 437 107.49 -21.11 -75.43
C ASN F 437 108.02 -19.72 -75.07
N ILE F 438 108.16 -19.44 -73.77
CA ILE F 438 108.71 -18.15 -73.36
C ILE F 438 110.14 -18.00 -73.85
N LEU F 439 110.96 -19.04 -73.64
CA LEU F 439 112.35 -18.97 -74.05
C LEU F 439 112.47 -18.88 -75.58
N LYS F 440 111.64 -19.61 -76.31
CA LYS F 440 111.64 -19.48 -77.76
C LYS F 440 111.20 -18.09 -78.19
N MET F 441 110.36 -17.45 -77.40
CA MET F 441 109.83 -16.14 -77.77
C MET F 441 110.87 -15.04 -77.55
N ALA F 442 111.30 -14.85 -76.31
CA ALA F 442 112.29 -13.83 -76.01
C ALA F 442 113.68 -14.28 -76.48
N GLU F 443 114.32 -13.46 -77.29
CA GLU F 443 115.59 -13.83 -77.92
C GLU F 443 116.79 -13.21 -77.20
N ASP F 444 116.81 -11.89 -77.07
CA ASP F 444 117.98 -11.23 -76.48
C ASP F 444 118.04 -11.42 -74.98
N GLU F 445 116.89 -11.39 -74.31
CA GLU F 445 116.83 -11.58 -72.87
C GLU F 445 116.75 -13.04 -72.47
N ALA F 446 116.93 -13.97 -73.42
CA ALA F 446 116.96 -15.38 -73.07
C ALA F 446 118.02 -15.67 -72.01
N GLU F 447 119.12 -14.93 -72.05
CA GLU F 447 120.10 -14.99 -70.96
C GLU F 447 119.44 -14.63 -69.64
N THR F 448 118.88 -13.42 -69.55
CA THR F 448 118.26 -12.94 -68.33
C THR F 448 117.24 -13.92 -67.79
N ILE F 449 116.25 -14.28 -68.61
CA ILE F 449 115.20 -15.22 -68.19
C ILE F 449 115.81 -16.54 -67.73
N GLY F 450 116.81 -17.03 -68.46
CA GLY F 450 117.48 -18.25 -68.05
C GLY F 450 118.05 -18.13 -66.64
N ASN F 451 118.77 -17.05 -66.39
CA ASN F 451 119.28 -16.80 -65.04
C ASN F 451 118.16 -16.66 -64.02
N LEU F 452 117.00 -16.15 -64.44
CA LEU F 452 115.86 -16.07 -63.54
C LEU F 452 115.40 -17.47 -63.12
N ILE F 453 115.31 -18.39 -64.07
CA ILE F 453 114.97 -19.77 -63.73
C ILE F 453 116.06 -20.38 -62.86
N GLU F 454 117.32 -20.00 -63.10
CA GLU F 454 118.42 -20.49 -62.28
C GLU F 454 118.34 -19.94 -60.87
N GLU F 455 117.73 -18.76 -60.70
CA GLU F 455 117.64 -18.15 -59.38
C GLU F 455 116.61 -18.84 -58.51
N CYS F 456 115.41 -19.04 -59.02
CA CYS F 456 114.32 -19.69 -58.29
C CYS F 456 114.51 -21.20 -58.15
N GLY F 457 115.66 -21.74 -58.53
CA GLY F 457 115.90 -23.16 -58.42
C GLY F 457 115.11 -24.02 -59.37
N GLY F 458 114.37 -23.43 -60.31
CA GLY F 458 113.61 -24.22 -61.26
C GLY F 458 114.50 -25.08 -62.14
N LEU F 459 115.70 -24.60 -62.46
CA LEU F 459 116.60 -25.38 -63.30
C LEU F 459 116.95 -26.71 -62.64
N GLU F 460 117.15 -26.71 -61.32
CA GLU F 460 117.36 -27.96 -60.61
C GLU F 460 116.19 -28.91 -60.79
N LYS F 461 114.97 -28.39 -60.64
CA LYS F 461 113.78 -29.21 -60.80
C LYS F 461 113.70 -29.80 -62.20
N ILE F 462 113.98 -28.99 -63.22
CA ILE F 462 113.98 -29.51 -64.58
C ILE F 462 115.04 -30.59 -64.76
N GLU F 463 116.22 -30.36 -64.18
CA GLU F 463 117.30 -31.34 -64.30
C GLU F 463 116.95 -32.65 -63.62
N GLN F 464 116.17 -32.61 -62.54
CA GLN F 464 115.74 -33.86 -61.94
C GLN F 464 114.45 -34.39 -62.54
N LEU F 465 113.80 -33.64 -63.45
CA LEU F 465 112.63 -34.17 -64.14
C LEU F 465 112.99 -35.07 -65.31
N GLN F 466 114.23 -35.02 -65.78
CA GLN F 466 114.64 -35.85 -66.92
C GLN F 466 114.83 -37.29 -66.47
N ASN F 467 113.70 -37.97 -66.31
CA ASN F 467 113.68 -39.38 -65.95
C ASN F 467 112.55 -40.05 -66.72
N HIS F 468 112.72 -41.35 -66.98
CA HIS F 468 111.92 -42.12 -67.93
C HIS F 468 110.44 -42.19 -67.56
N GLU F 469 110.00 -41.46 -66.52
CA GLU F 469 108.60 -41.49 -66.10
C GLU F 469 107.63 -41.27 -67.25
N ASN F 470 107.97 -40.38 -68.18
CA ASN F 470 107.06 -40.04 -69.26
C ASN F 470 107.87 -39.60 -70.46
N GLU F 471 107.52 -40.10 -71.65
CA GLU F 471 108.26 -39.73 -72.85
C GLU F 471 108.27 -38.22 -73.06
N ASP F 472 107.13 -37.56 -72.86
CA ASP F 472 107.02 -36.15 -73.22
C ASP F 472 107.77 -35.25 -72.23
N ILE F 473 107.62 -35.51 -70.93
CA ILE F 473 108.34 -34.72 -69.93
C ILE F 473 109.83 -34.91 -70.09
N TYR F 474 110.25 -36.14 -70.36
CA TYR F 474 111.67 -36.44 -70.55
C TYR F 474 112.23 -35.71 -71.76
N LYS F 475 111.68 -36.00 -72.94
CA LYS F 475 112.23 -35.45 -74.19
C LYS F 475 112.11 -33.93 -74.22
N LEU F 476 110.91 -33.42 -73.97
CA LEU F 476 110.72 -31.98 -73.92
C LEU F 476 111.64 -31.33 -72.89
N ALA F 477 111.76 -31.95 -71.72
CA ALA F 477 112.60 -31.40 -70.66
C ALA F 477 114.03 -31.22 -71.15
N TYR F 478 114.63 -32.28 -71.68
CA TYR F 478 116.03 -32.12 -72.06
C TYR F 478 116.19 -31.28 -73.32
N GLU F 479 115.20 -31.26 -74.21
CA GLU F 479 115.28 -30.33 -75.33
C GLU F 479 115.34 -28.89 -74.83
N ILE F 480 114.55 -28.57 -73.81
CA ILE F 480 114.62 -27.25 -73.21
C ILE F 480 116.00 -27.02 -72.60
N ILE F 481 116.51 -28.01 -71.86
CA ILE F 481 117.80 -27.85 -71.19
C ILE F 481 118.91 -27.58 -72.21
N ASP F 482 119.10 -28.52 -73.14
CA ASP F 482 120.16 -28.36 -74.13
C ASP F 482 119.96 -27.12 -75.00
N GLN F 483 118.72 -26.75 -75.26
CA GLN F 483 118.51 -25.62 -76.16
C GLN F 483 118.82 -24.30 -75.47
N PHE F 484 118.37 -24.13 -74.23
CA PHE F 484 118.44 -22.82 -73.59
C PHE F 484 119.37 -22.75 -72.39
N PHE F 485 119.87 -23.88 -71.88
CA PHE F 485 120.65 -23.88 -70.67
C PHE F 485 122.04 -24.48 -70.87
N SER F 486 122.56 -24.46 -72.09
CA SER F 486 123.93 -24.89 -72.33
C SER F 486 124.91 -23.76 -72.05
N THR G 71 -35.71 72.53 44.69
CA THR G 71 -35.82 72.02 43.33
C THR G 71 -35.08 70.70 43.13
N SER G 72 -34.13 70.70 42.19
CA SER G 72 -33.65 69.48 41.56
C SER G 72 -32.94 68.49 42.48
N LEU G 73 -31.74 68.85 42.96
CA LEU G 73 -30.84 67.91 43.64
C LEU G 73 -30.41 68.51 44.98
N GLU G 74 -31.03 68.04 46.07
CA GLU G 74 -30.83 68.57 47.42
C GLU G 74 -31.33 69.99 47.58
N ALA G 75 -31.66 70.69 46.48
CA ALA G 75 -32.14 72.06 46.59
C ALA G 75 -33.20 72.19 47.67
N ILE G 76 -34.06 71.18 47.78
CA ILE G 76 -35.19 71.24 48.71
C ILE G 76 -34.70 71.46 50.14
N VAL G 77 -33.56 70.85 50.51
CA VAL G 77 -33.08 70.96 51.88
C VAL G 77 -32.83 72.41 52.23
N GLN G 78 -32.44 73.22 51.25
CA GLN G 78 -32.29 74.65 51.49
C GLN G 78 -33.64 75.35 51.42
N ASN G 79 -34.47 74.97 50.45
CA ASN G 79 -35.77 75.61 50.30
C ASN G 79 -36.69 75.30 51.48
N ALA G 80 -36.52 74.13 52.09
CA ALA G 80 -37.32 73.77 53.26
C ALA G 80 -36.78 74.38 54.55
N SER G 81 -35.61 75.00 54.52
CA SER G 81 -35.05 75.65 55.69
C SER G 81 -35.39 77.13 55.75
N SER G 82 -36.10 77.66 54.74
CA SER G 82 -36.43 79.06 54.70
C SER G 82 -37.51 79.40 55.73
N ASP G 83 -37.75 80.70 55.88
CA ASP G 83 -38.83 81.19 56.73
C ASP G 83 -40.05 81.62 55.93
N ASN G 84 -39.98 81.58 54.61
CA ASN G 84 -41.10 81.91 53.76
C ASN G 84 -42.02 80.70 53.63
N GLN G 85 -43.25 80.83 54.12
CA GLN G 85 -44.16 79.69 54.15
C GLN G 85 -44.51 79.20 52.75
N GLY G 86 -44.45 80.09 51.76
CA GLY G 86 -44.66 79.66 50.39
C GLY G 86 -43.52 78.78 49.88
N ILE G 87 -42.28 79.22 50.11
CA ILE G 87 -41.12 78.41 49.76
C ILE G 87 -41.11 77.12 50.57
N GLN G 88 -41.59 77.17 51.82
CA GLN G 88 -41.72 75.96 52.62
C GLN G 88 -42.68 74.97 51.97
N LEU G 89 -43.92 75.41 51.71
CA LEU G 89 -44.92 74.52 51.16
C LEU G 89 -44.49 73.97 49.80
N SER G 90 -43.96 74.83 48.93
CA SER G 90 -43.51 74.36 47.62
C SER G 90 -42.34 73.39 47.77
N ALA G 91 -41.46 73.64 48.72
CA ALA G 91 -40.31 72.78 48.93
C ALA G 91 -40.74 71.39 49.39
N VAL G 92 -41.50 71.33 50.49
CA VAL G 92 -41.94 70.04 51.01
C VAL G 92 -42.85 69.33 50.03
N GLN G 93 -43.56 70.08 49.19
CA GLN G 93 -44.40 69.45 48.18
C GLN G 93 -43.55 68.81 47.08
N ALA G 94 -42.51 69.51 46.63
CA ALA G 94 -41.58 68.91 45.69
C ALA G 94 -40.91 67.69 46.30
N ALA G 95 -40.61 67.74 47.60
CA ALA G 95 -40.08 66.56 48.28
C ALA G 95 -41.09 65.43 48.26
N ARG G 96 -42.37 65.74 48.45
CA ARG G 96 -43.41 64.72 48.33
C ARG G 96 -43.38 64.07 46.96
N LYS G 97 -43.26 64.87 45.91
CA LYS G 97 -43.22 64.32 44.56
C LYS G 97 -41.98 63.45 44.34
N LEU G 98 -40.79 64.01 44.53
CA LEU G 98 -39.58 63.25 44.22
C LEU G 98 -39.44 62.00 45.08
N LEU G 99 -39.91 62.07 46.33
CA LEU G 99 -39.87 60.89 47.19
C LEU G 99 -40.91 59.86 46.75
N SER G 100 -42.15 60.29 46.55
CA SER G 100 -43.20 59.37 46.15
C SER G 100 -42.95 58.84 44.74
N SER G 101 -42.88 59.74 43.76
CA SER G 101 -42.57 59.32 42.40
C SER G 101 -41.15 58.75 42.32
N ASP G 102 -40.98 57.76 41.46
CA ASP G 102 -39.70 57.07 41.33
C ASP G 102 -38.91 57.70 40.18
N ARG G 103 -38.60 58.99 40.28
CA ARG G 103 -37.69 59.58 39.30
C ARG G 103 -36.27 59.74 39.83
N ASN G 104 -36.12 60.10 41.10
CA ASN G 104 -34.82 60.10 41.77
C ASN G 104 -34.98 60.08 43.29
N PRO G 105 -35.65 59.07 43.86
CA PRO G 105 -35.65 58.94 45.32
C PRO G 105 -34.58 58.03 45.89
N PRO G 106 -33.89 57.18 45.09
CA PRO G 106 -33.04 56.17 45.74
C PRO G 106 -31.92 56.81 46.55
N ILE G 107 -31.90 56.46 47.83
CA ILE G 107 -30.96 57.09 48.75
C ILE G 107 -30.83 56.22 49.98
N ASP G 108 -29.60 56.02 50.42
CA ASP G 108 -29.34 55.45 51.72
C ASP G 108 -29.27 56.53 52.79
N ASP G 109 -29.94 57.66 52.51
CA ASP G 109 -29.96 58.85 53.35
C ASP G 109 -28.59 59.50 53.44
N LEU G 110 -27.79 59.35 52.38
CA LEU G 110 -26.42 59.86 52.36
C LEU G 110 -26.29 61.11 51.51
N ILE G 111 -27.19 61.33 50.56
CA ILE G 111 -27.14 62.58 49.80
C ILE G 111 -27.53 63.75 50.68
N LYS G 112 -28.60 63.61 51.47
CA LYS G 112 -28.98 64.66 52.40
C LYS G 112 -29.79 64.02 53.52
N SER G 113 -29.14 63.78 54.65
CA SER G 113 -29.84 63.23 55.80
C SER G 113 -30.77 64.25 56.44
N GLY G 114 -30.64 65.53 56.06
CA GLY G 114 -31.38 66.58 56.74
C GLY G 114 -32.86 66.56 56.44
N ILE G 115 -33.25 66.02 55.27
CA ILE G 115 -34.66 66.05 54.87
C ILE G 115 -35.53 65.45 55.95
N LEU G 116 -35.10 64.31 56.52
CA LEU G 116 -35.93 63.61 57.49
C LEU G 116 -36.18 64.46 58.74
N PRO G 117 -35.15 64.95 59.45
CA PRO G 117 -35.46 65.78 60.62
C PRO G 117 -36.13 67.09 60.28
N ILE G 118 -35.77 67.74 59.17
CA ILE G 118 -36.42 69.03 58.90
C ILE G 118 -37.90 68.84 58.62
N LEU G 119 -38.21 67.78 57.88
CA LEU G 119 -39.59 67.43 57.57
C LEU G 119 -40.38 67.06 58.82
N VAL G 120 -39.75 66.28 59.72
CA VAL G 120 -40.41 65.90 60.96
C VAL G 120 -40.71 67.13 61.81
N HIS G 121 -39.75 68.06 61.84
CA HIS G 121 -39.93 69.23 62.68
C HIS G 121 -40.95 70.19 62.08
N CYS G 122 -41.03 70.28 60.75
CA CYS G 122 -42.15 71.00 60.17
C CYS G 122 -43.46 70.23 60.35
N LEU G 123 -43.37 68.92 60.56
CA LEU G 123 -44.54 68.15 60.94
C LEU G 123 -45.05 68.59 62.30
N GLU G 124 -44.14 69.10 63.15
CA GLU G 124 -44.58 69.64 64.44
C GLU G 124 -45.45 70.89 64.26
N ARG G 125 -45.21 71.67 63.20
CA ARG G 125 -45.72 73.03 63.11
C ARG G 125 -47.24 73.05 62.96
N ASP G 126 -47.93 73.56 63.97
CA ASP G 126 -49.36 73.78 63.89
C ASP G 126 -49.65 75.20 63.43
N ASP G 127 -50.90 75.41 63.00
CA ASP G 127 -51.53 76.54 62.31
C ASP G 127 -51.19 76.51 60.82
N ASN G 128 -50.40 75.55 60.37
CA ASN G 128 -50.04 75.37 58.96
C ASN G 128 -50.40 73.95 58.58
N PRO G 129 -51.67 73.66 58.35
CA PRO G 129 -52.08 72.27 58.11
C PRO G 129 -51.55 71.71 56.80
N SER G 130 -51.42 72.52 55.75
CA SER G 130 -50.92 72.01 54.48
C SER G 130 -49.52 71.46 54.64
N LEU G 131 -48.67 72.14 55.41
CA LEU G 131 -47.32 71.66 55.65
C LEU G 131 -47.34 70.28 56.31
N GLN G 132 -48.12 70.14 57.38
CA GLN G 132 -48.24 68.85 58.05
C GLN G 132 -48.74 67.77 57.09
N PHE G 133 -49.72 68.10 56.25
CA PHE G 133 -50.27 67.12 55.33
C PHE G 133 -49.23 66.66 54.33
N GLU G 134 -48.50 67.60 53.73
CA GLU G 134 -47.46 67.24 52.78
C GLU G 134 -46.37 66.41 53.42
N ALA G 135 -45.93 66.81 54.62
CA ALA G 135 -44.88 66.07 55.31
C ALA G 135 -45.31 64.64 55.62
N ALA G 136 -46.46 64.50 56.29
CA ALA G 136 -46.95 63.17 56.60
C ALA G 136 -47.20 62.34 55.35
N TRP G 137 -47.52 63.00 54.23
CA TRP G 137 -47.58 62.30 52.96
C TRP G 137 -46.21 61.71 52.63
N ALA G 138 -45.16 62.55 52.71
CA ALA G 138 -43.82 62.10 52.36
C ALA G 138 -43.38 60.94 53.25
N LEU G 139 -43.45 61.13 54.58
CA LEU G 139 -43.10 60.04 55.50
C LEU G 139 -43.91 58.79 55.21
N THR G 140 -45.20 58.97 54.91
CA THR G 140 -46.03 57.85 54.50
C THR G 140 -45.41 57.06 53.36
N ASN G 141 -45.11 57.74 52.24
CA ASN G 141 -44.59 57.03 51.09
C ASN G 141 -43.16 56.53 51.29
N ILE G 142 -42.42 57.12 52.23
CA ILE G 142 -41.07 56.62 52.51
C ILE G 142 -41.15 55.33 53.32
N ALA G 143 -41.99 55.32 54.35
CA ALA G 143 -42.13 54.13 55.19
C ALA G 143 -42.70 52.94 54.42
N SER G 144 -43.24 53.17 53.23
CA SER G 144 -43.79 52.07 52.44
C SER G 144 -42.72 51.17 51.86
N GLY G 145 -41.46 51.58 51.87
CA GLY G 145 -40.40 50.81 51.24
C GLY G 145 -39.92 49.65 52.09
N THR G 146 -38.64 49.35 51.97
CA THR G 146 -38.05 48.24 52.70
C THR G 146 -38.04 48.52 54.19
N SER G 147 -37.77 47.45 54.96
CA SER G 147 -37.71 47.59 56.42
C SER G 147 -36.65 48.60 56.83
N GLU G 148 -35.57 48.73 56.06
CA GLU G 148 -34.54 49.70 56.39
C GLU G 148 -35.07 51.12 56.30
N GLN G 149 -35.95 51.38 55.34
CA GLN G 149 -36.53 52.71 55.22
C GLN G 149 -37.44 53.03 56.40
N THR G 150 -38.29 52.07 56.78
CA THR G 150 -39.14 52.27 57.95
C THR G 150 -38.31 52.48 59.21
N GLN G 151 -37.22 51.75 59.37
CA GLN G 151 -36.31 52.01 60.48
C GLN G 151 -35.75 53.43 60.41
N ALA G 152 -35.41 53.89 59.21
CA ALA G 152 -34.95 55.26 59.05
C ALA G 152 -36.01 56.26 59.46
N VAL G 153 -37.29 55.90 59.31
CA VAL G 153 -38.36 56.80 59.73
C VAL G 153 -38.50 56.79 61.25
N VAL G 154 -38.52 55.60 61.86
CA VAL G 154 -38.77 55.55 63.30
C VAL G 154 -37.59 56.06 64.09
N GLN G 155 -36.37 55.99 63.53
CA GLN G 155 -35.23 56.57 64.21
C GLN G 155 -35.32 58.09 64.27
N SER G 156 -36.10 58.71 63.39
CA SER G 156 -36.34 60.14 63.46
C SER G 156 -37.27 60.53 64.60
N ASN G 157 -37.79 59.54 65.35
CA ASN G 157 -38.69 59.78 66.48
C ASN G 157 -39.90 60.60 66.05
N ALA G 158 -40.45 60.28 64.88
CA ALA G 158 -41.63 60.96 64.38
C ALA G 158 -42.92 60.37 64.90
N VAL G 159 -42.89 59.18 65.50
CA VAL G 159 -44.13 58.52 65.91
C VAL G 159 -44.92 59.32 66.94
N PRO G 160 -44.33 59.81 68.03
CA PRO G 160 -45.11 60.63 68.96
C PRO G 160 -45.75 61.84 68.30
N LEU G 161 -45.14 62.36 67.23
CA LEU G 161 -45.74 63.49 66.54
C LEU G 161 -46.95 63.06 65.72
N PHE G 162 -46.89 61.88 65.10
CA PHE G 162 -48.09 61.33 64.49
C PHE G 162 -49.20 61.17 65.52
N LEU G 163 -48.86 60.61 66.68
CA LEU G 163 -49.86 60.44 67.72
C LEU G 163 -50.44 61.78 68.15
N ARG G 164 -49.59 62.82 68.19
CA ARG G 164 -50.08 64.16 68.45
C ARG G 164 -51.03 64.62 67.35
N LEU G 165 -50.76 64.23 66.10
CA LEU G 165 -51.63 64.61 65.00
C LEU G 165 -52.94 63.85 65.02
N LEU G 166 -53.01 62.72 65.73
CA LEU G 166 -54.28 62.02 65.86
C LEU G 166 -55.35 62.87 66.54
N HIS G 167 -54.96 63.96 67.18
CA HIS G 167 -55.89 64.86 67.83
C HIS G 167 -56.14 66.14 67.05
N SER G 168 -55.63 66.22 65.82
CA SER G 168 -55.80 67.42 65.02
C SER G 168 -57.26 67.57 64.60
N PRO G 169 -57.75 68.81 64.46
CA PRO G 169 -59.13 69.01 63.99
C PRO G 169 -59.31 68.77 62.50
N HIS G 170 -58.25 68.88 61.71
CA HIS G 170 -58.36 68.67 60.27
C HIS G 170 -58.39 67.17 59.96
N GLN G 171 -59.42 66.74 59.25
CA GLN G 171 -59.58 65.31 58.98
C GLN G 171 -58.48 64.78 58.07
N ASN G 172 -57.99 65.60 57.13
CA ASN G 172 -56.94 65.11 56.23
C ASN G 172 -55.67 64.77 57.01
N VAL G 173 -55.33 65.58 58.01
CA VAL G 173 -54.13 65.31 58.80
C VAL G 173 -54.28 64.03 59.59
N CYS G 174 -55.43 63.87 60.28
CA CYS G 174 -55.66 62.64 61.02
C CYS G 174 -55.61 61.42 60.11
N GLU G 175 -56.29 61.48 58.97
CA GLU G 175 -56.30 60.33 58.07
C GLU G 175 -54.89 60.01 57.58
N GLN G 176 -54.11 61.03 57.25
CA GLN G 176 -52.75 60.79 56.79
C GLN G 176 -51.90 60.17 57.89
N ALA G 177 -52.05 60.65 59.12
CA ALA G 177 -51.31 60.07 60.23
C ALA G 177 -51.69 58.61 60.45
N VAL G 178 -52.98 58.31 60.43
CA VAL G 178 -53.44 56.93 60.54
C VAL G 178 -52.83 56.08 59.42
N TRP G 179 -52.72 56.65 58.23
CA TRP G 179 -52.09 55.92 57.14
C TRP G 179 -50.65 55.56 57.49
N ALA G 180 -49.85 56.58 57.82
CA ALA G 180 -48.43 56.35 58.08
C ALA G 180 -48.21 55.39 59.24
N LEU G 181 -48.97 55.57 60.33
CA LEU G 181 -48.89 54.62 61.43
C LEU G 181 -49.28 53.23 60.96
N GLY G 182 -50.23 53.13 60.02
CA GLY G 182 -50.53 51.83 59.44
C GLY G 182 -49.30 51.22 58.79
N ASN G 183 -48.56 52.01 58.02
CA ASN G 183 -47.34 51.49 57.40
C ASN G 183 -46.33 51.03 58.45
N ILE G 184 -45.98 51.93 59.38
CA ILE G 184 -44.97 51.61 60.37
C ILE G 184 -45.35 50.37 61.17
N ILE G 185 -46.61 50.30 61.62
CA ILE G 185 -47.04 49.13 62.37
C ILE G 185 -46.95 47.88 61.51
N GLY G 186 -47.37 47.99 60.26
CA GLY G 186 -47.31 46.85 59.37
C GLY G 186 -45.91 46.40 59.01
N ASP G 187 -44.90 47.22 59.28
CA ASP G 187 -43.52 46.82 58.97
C ASP G 187 -43.16 45.50 59.66
N GLY G 188 -43.15 45.51 60.99
CA GLY G 188 -42.71 44.35 61.73
C GLY G 188 -43.27 44.28 63.14
N PRO G 189 -43.07 43.15 63.82
CA PRO G 189 -43.63 43.01 65.16
C PRO G 189 -42.94 43.91 66.18
N GLN G 190 -41.63 44.15 66.03
CA GLN G 190 -40.95 45.02 66.97
C GLN G 190 -41.42 46.45 66.86
N CYS G 191 -41.53 46.98 65.62
CA CYS G 191 -42.10 48.30 65.43
C CYS G 191 -43.55 48.34 65.89
N ARG G 192 -44.28 47.26 65.69
CA ARG G 192 -45.66 47.18 66.16
C ARG G 192 -45.71 47.36 67.68
N ASP G 193 -44.89 46.62 68.41
CA ASP G 193 -44.85 46.75 69.86
C ASP G 193 -44.37 48.13 70.28
N TYR G 194 -43.48 48.74 69.49
CA TYR G 194 -43.07 50.12 69.76
C TYR G 194 -44.25 51.08 69.69
N VAL G 195 -45.00 51.01 68.59
CA VAL G 195 -46.11 51.96 68.40
C VAL G 195 -47.19 51.73 69.44
N ILE G 196 -47.46 50.46 69.78
CA ILE G 196 -48.44 50.21 70.83
C ILE G 196 -47.95 50.75 72.18
N SER G 197 -46.65 50.62 72.44
CA SER G 197 -46.09 51.09 73.71
C SER G 197 -46.31 52.57 73.92
N LEU G 198 -46.60 53.32 72.86
CA LEU G 198 -46.82 54.76 72.96
C LEU G 198 -48.29 55.13 73.09
N GLY G 199 -49.20 54.15 73.02
CA GLY G 199 -50.61 54.42 73.25
C GLY G 199 -51.35 54.85 72.01
N VAL G 200 -51.30 54.04 70.95
CA VAL G 200 -52.02 54.36 69.73
C VAL G 200 -53.37 53.68 69.67
N VAL G 201 -53.55 52.56 70.37
CA VAL G 201 -54.74 51.73 70.17
C VAL G 201 -56.00 52.49 70.59
N LYS G 202 -56.01 53.01 71.81
CA LYS G 202 -57.20 53.73 72.28
C LYS G 202 -57.53 54.95 71.43
N PRO G 203 -56.59 55.83 71.07
CA PRO G 203 -56.95 56.93 70.18
C PRO G 203 -57.46 56.47 68.83
N LEU G 204 -56.87 55.41 68.28
CA LEU G 204 -57.34 54.91 66.98
C LEU G 204 -58.76 54.40 67.08
N LEU G 205 -59.04 53.57 68.11
CA LEU G 205 -60.38 53.01 68.24
C LEU G 205 -61.41 54.06 68.61
N SER G 206 -60.99 55.13 69.26
CA SER G 206 -61.93 56.20 69.60
C SER G 206 -62.55 56.84 68.36
N PHE G 207 -61.96 56.63 67.19
CA PHE G 207 -62.48 57.22 65.96
C PHE G 207 -63.73 56.50 65.45
N ILE G 208 -64.02 55.31 65.94
CA ILE G 208 -65.16 54.54 65.44
C ILE G 208 -66.45 55.21 65.91
N SER G 209 -67.22 55.72 64.96
CA SER G 209 -68.49 56.38 65.25
C SER G 209 -69.41 56.18 64.05
N PRO G 210 -70.73 56.26 64.26
CA PRO G 210 -71.64 56.15 63.11
C PRO G 210 -71.52 57.29 62.12
N SER G 211 -70.82 58.37 62.46
CA SER G 211 -70.64 59.51 61.58
C SER G 211 -69.28 59.52 60.89
N ILE G 212 -68.54 58.42 60.98
CA ILE G 212 -67.19 58.38 60.41
C ILE G 212 -67.29 58.25 58.90
N PRO G 213 -66.40 58.88 58.13
CA PRO G 213 -66.34 58.61 56.69
C PRO G 213 -65.95 57.17 56.42
N ILE G 214 -66.39 56.66 55.27
CA ILE G 214 -66.20 55.24 54.98
C ILE G 214 -64.74 54.94 54.64
N THR G 215 -64.11 55.81 53.85
CA THR G 215 -62.72 55.57 53.46
C THR G 215 -61.80 55.57 54.68
N PHE G 216 -61.87 56.63 55.48
CA PHE G 216 -61.09 56.70 56.71
C PHE G 216 -61.31 55.48 57.57
N LEU G 217 -62.56 55.01 57.65
CA LEU G 217 -62.84 53.79 58.40
C LEU G 217 -62.12 52.60 57.80
N ARG G 218 -62.06 52.51 56.47
CA ARG G 218 -61.33 51.42 55.84
C ARG G 218 -59.85 51.48 56.21
N ASN G 219 -59.27 52.68 56.26
CA ASN G 219 -57.89 52.78 56.68
C ASN G 219 -57.70 52.38 58.13
N VAL G 220 -58.66 52.71 58.99
CA VAL G 220 -58.57 52.31 60.39
C VAL G 220 -58.59 50.79 60.52
N THR G 221 -59.57 50.15 59.87
CA THR G 221 -59.62 48.69 59.90
C THR G 221 -58.34 48.09 59.36
N TRP G 222 -57.80 48.67 58.29
CA TRP G 222 -56.51 48.23 57.76
C TRP G 222 -55.43 48.29 58.83
N VAL G 223 -55.35 49.40 59.57
CA VAL G 223 -54.37 49.48 60.64
C VAL G 223 -54.62 48.42 61.69
N MET G 224 -55.90 48.08 61.93
CA MET G 224 -56.20 46.98 62.84
C MET G 224 -55.60 45.69 62.33
N VAL G 225 -55.76 45.41 61.04
CA VAL G 225 -55.17 44.22 60.46
C VAL G 225 -53.67 44.21 60.67
N ASN G 226 -53.02 45.35 60.45
CA ASN G 226 -51.58 45.42 60.72
C ASN G 226 -51.27 45.16 62.19
N LEU G 227 -52.15 45.58 63.09
CA LEU G 227 -51.92 45.33 64.50
C LEU G 227 -52.03 43.85 64.83
N CYS G 228 -52.93 43.14 64.16
CA CYS G 228 -53.14 41.73 64.49
C CYS G 228 -52.12 40.81 63.83
N ARG G 229 -51.26 41.34 62.98
CA ARG G 229 -50.36 40.53 62.18
C ARG G 229 -49.18 40.09 63.03
N HIS G 230 -48.19 39.43 62.41
CA HIS G 230 -46.88 39.16 62.99
C HIS G 230 -46.99 38.32 64.27
N LYS G 231 -47.43 37.08 64.08
CA LYS G 231 -47.60 36.16 65.18
C LYS G 231 -46.29 35.76 65.86
N ASP G 232 -45.12 36.13 65.32
CA ASP G 232 -43.87 35.62 65.86
C ASP G 232 -43.70 36.07 67.31
N PRO G 233 -43.59 37.37 67.63
CA PRO G 233 -44.07 37.80 68.93
C PRO G 233 -45.53 38.18 68.84
N PRO G 234 -46.41 37.42 69.47
CA PRO G 234 -47.83 37.71 69.36
C PRO G 234 -48.12 39.11 69.87
N PRO G 235 -49.13 39.76 69.33
CA PRO G 235 -49.46 41.11 69.79
C PRO G 235 -49.83 41.11 71.25
N PRO G 236 -49.62 42.23 71.95
CA PRO G 236 -49.87 42.26 73.39
C PRO G 236 -51.31 41.90 73.73
N MET G 237 -51.46 41.21 74.86
CA MET G 237 -52.77 40.76 75.31
C MET G 237 -53.72 41.94 75.46
N GLU G 238 -53.29 42.98 76.18
CA GLU G 238 -54.16 44.12 76.44
C GLU G 238 -54.61 44.79 75.15
N THR G 239 -53.74 44.84 74.15
CA THR G 239 -54.12 45.42 72.87
C THR G 239 -55.26 44.64 72.24
N ILE G 240 -55.18 43.32 72.26
CA ILE G 240 -56.28 42.51 71.73
C ILE G 240 -57.54 42.69 72.54
N GLN G 241 -57.41 42.73 73.87
CA GLN G 241 -58.58 43.00 74.70
C GLN G 241 -59.21 44.33 74.34
N GLU G 242 -58.43 45.29 73.86
CA GLU G 242 -59.00 46.56 73.44
C GLU G 242 -59.58 46.50 72.04
N ILE G 243 -59.02 45.67 71.17
CA ILE G 243 -59.46 45.63 69.78
C ILE G 243 -60.74 44.83 69.62
N LEU G 244 -60.82 43.66 70.24
CA LEU G 244 -61.91 42.72 69.99
C LEU G 244 -63.30 43.34 69.98
N PRO G 245 -63.72 44.11 70.98
CA PRO G 245 -65.09 44.67 70.90
C PRO G 245 -65.28 45.56 69.69
N ALA G 246 -64.27 46.33 69.31
CA ALA G 246 -64.38 47.14 68.10
C ALA G 246 -64.63 46.26 66.88
N LEU G 247 -63.94 45.11 66.81
CA LEU G 247 -64.21 44.18 65.72
C LEU G 247 -65.62 43.62 65.82
N CYS G 248 -66.09 43.33 67.02
CA CYS G 248 -67.46 42.87 67.18
C CYS G 248 -68.46 43.91 66.68
N VAL G 249 -68.10 45.19 66.73
CA VAL G 249 -68.96 46.22 66.18
C VAL G 249 -68.82 46.28 64.67
N LEU G 250 -67.60 46.12 64.15
CA LEU G 250 -67.38 46.24 62.72
C LEU G 250 -67.91 45.05 61.93
N ILE G 251 -68.08 43.89 62.58
CA ILE G 251 -68.48 42.69 61.85
C ILE G 251 -69.91 42.79 61.33
N HIS G 252 -70.75 43.61 61.95
CA HIS G 252 -72.11 43.81 61.50
C HIS G 252 -72.22 44.85 60.38
N HIS G 253 -71.11 45.43 59.96
CA HIS G 253 -71.15 46.55 59.04
C HIS G 253 -71.56 46.08 57.65
N THR G 254 -72.21 46.97 56.91
CA THR G 254 -72.77 46.60 55.61
C THR G 254 -71.72 46.55 54.50
N ASP G 255 -70.67 47.36 54.61
CA ASP G 255 -69.66 47.40 53.56
C ASP G 255 -68.97 46.05 53.42
N VAL G 256 -68.57 45.74 52.19
CA VAL G 256 -67.90 44.47 51.92
C VAL G 256 -66.45 44.52 52.36
N ASN G 257 -65.71 45.55 51.94
CA ASN G 257 -64.28 45.59 52.22
C ASN G 257 -64.00 45.71 53.71
N ILE G 258 -64.78 46.52 54.42
CA ILE G 258 -64.61 46.63 55.87
C ILE G 258 -64.81 45.28 56.53
N LEU G 259 -65.86 44.57 56.13
CA LEU G 259 -66.09 43.23 56.66
C LEU G 259 -64.91 42.31 56.36
N VAL G 260 -64.39 42.37 55.14
CA VAL G 260 -63.25 41.52 54.77
C VAL G 260 -62.06 41.80 55.68
N ASP G 261 -61.65 43.07 55.79
CA ASP G 261 -60.51 43.40 56.64
C ASP G 261 -60.75 42.96 58.08
N THR G 262 -61.96 43.18 58.59
CA THR G 262 -62.28 42.73 59.93
C THR G 262 -62.02 41.23 60.07
N VAL G 263 -62.56 40.44 59.13
CA VAL G 263 -62.43 38.99 59.22
C VAL G 263 -60.98 38.57 59.10
N TRP G 264 -60.18 39.28 58.30
CA TRP G 264 -58.75 38.95 58.26
C TRP G 264 -58.06 39.27 59.57
N ALA G 265 -58.43 40.39 60.21
CA ALA G 265 -57.93 40.65 61.55
C ALA G 265 -58.23 39.48 62.47
N LEU G 266 -59.47 38.97 62.42
CA LEU G 266 -59.78 37.76 63.18
C LEU G 266 -58.87 36.61 62.77
N SER G 267 -58.57 36.49 61.47
CA SER G 267 -57.74 35.38 61.02
C SER G 267 -56.35 35.43 61.66
N TYR G 268 -55.73 36.61 61.67
CA TYR G 268 -54.43 36.73 62.29
C TYR G 268 -54.49 36.51 63.80
N LEU G 269 -55.52 37.03 64.45
CA LEU G 269 -55.67 36.78 65.89
C LEU G 269 -55.76 35.29 66.17
N THR G 270 -56.47 34.55 65.33
CA THR G 270 -56.64 33.12 65.60
C THR G 270 -55.39 32.34 65.23
N ASP G 271 -54.69 32.74 64.18
CA ASP G 271 -53.49 32.02 63.78
C ASP G 271 -52.36 32.16 64.78
N ALA G 272 -52.44 33.13 65.69
CA ALA G 272 -51.37 33.33 66.67
C ALA G 272 -51.15 32.07 67.52
N GLY G 273 -52.22 31.51 68.06
CA GLY G 273 -52.10 30.35 68.91
C GLY G 273 -53.39 30.11 69.66
N ASN G 274 -53.35 29.09 70.52
CA ASN G 274 -54.54 28.68 71.27
C ASN G 274 -55.04 29.78 72.19
N GLU G 275 -54.11 30.56 72.75
CA GLU G 275 -54.48 31.58 73.72
C GLU G 275 -55.39 32.61 73.07
N GLN G 276 -54.90 33.24 71.99
CA GLN G 276 -55.68 34.27 71.31
C GLN G 276 -56.98 33.71 70.78
N ILE G 277 -56.98 32.46 70.30
CA ILE G 277 -58.23 31.81 69.93
C ILE G 277 -59.20 31.82 71.09
N GLN G 278 -58.72 31.46 72.29
CA GLN G 278 -59.60 31.50 73.44
C GLN G 278 -60.12 32.91 73.69
N MET G 279 -59.31 33.93 73.42
CA MET G 279 -59.81 35.29 73.52
C MET G 279 -60.95 35.55 72.53
N VAL G 280 -60.72 35.21 71.27
CA VAL G 280 -61.73 35.43 70.23
C VAL G 280 -63.04 34.75 70.63
N ILE G 281 -62.95 33.53 71.17
CA ILE G 281 -64.14 32.84 71.62
C ILE G 281 -64.78 33.57 72.79
N ASP G 282 -63.96 34.12 73.70
CA ASP G 282 -64.52 34.83 74.84
C ASP G 282 -65.16 36.16 74.44
N SER G 283 -64.83 36.71 73.28
CA SER G 283 -65.44 37.95 72.82
C SER G 283 -66.85 37.76 72.30
N GLY G 284 -67.38 36.54 72.30
CA GLY G 284 -68.71 36.30 71.80
C GLY G 284 -68.90 36.58 70.33
N ILE G 285 -67.80 36.59 69.56
CA ILE G 285 -67.89 36.93 68.14
C ILE G 285 -68.10 35.70 67.26
N VAL G 286 -67.84 34.50 67.77
CA VAL G 286 -67.95 33.30 66.94
C VAL G 286 -69.35 33.13 66.36
N PRO G 287 -70.44 33.20 67.14
CA PRO G 287 -71.77 33.08 66.53
C PRO G 287 -72.05 34.11 65.46
N HIS G 288 -71.38 35.25 65.49
CA HIS G 288 -71.52 36.23 64.41
C HIS G 288 -70.59 35.94 63.25
N LEU G 289 -69.48 35.25 63.49
CA LEU G 289 -68.52 34.98 62.43
C LEU G 289 -68.92 33.78 61.59
N VAL G 290 -69.45 32.73 62.22
CA VAL G 290 -69.71 31.48 61.49
C VAL G 290 -70.62 31.67 60.29
N PRO G 291 -71.78 32.34 60.40
CA PRO G 291 -72.67 32.44 59.23
C PRO G 291 -72.06 33.13 58.02
N LEU G 292 -70.91 33.79 58.16
CA LEU G 292 -70.26 34.39 57.01
C LEU G 292 -69.72 33.36 56.03
N LEU G 293 -69.68 32.08 56.40
CA LEU G 293 -69.18 31.06 55.48
C LEU G 293 -70.08 30.94 54.25
N SER G 294 -71.37 31.22 54.41
CA SER G 294 -72.32 31.16 53.31
C SER G 294 -72.65 32.53 52.75
N HIS G 295 -71.81 33.53 53.02
CA HIS G 295 -72.03 34.87 52.51
C HIS G 295 -71.90 34.88 50.99
N GLN G 296 -72.54 35.88 50.37
CA GLN G 296 -72.60 35.93 48.92
C GLN G 296 -71.21 36.16 48.32
N GLU G 297 -70.48 37.13 48.83
CA GLU G 297 -69.18 37.47 48.25
C GLU G 297 -68.16 36.39 48.58
N VAL G 298 -67.33 36.06 47.59
CA VAL G 298 -66.38 34.96 47.75
C VAL G 298 -65.28 35.31 48.75
N LYS G 299 -64.88 36.58 48.81
CA LYS G 299 -63.75 36.95 49.66
C LYS G 299 -64.11 36.81 51.13
N VAL G 300 -65.30 37.27 51.52
CA VAL G 300 -65.75 37.07 52.89
C VAL G 300 -65.77 35.60 53.24
N GLN G 301 -66.21 34.75 52.30
CA GLN G 301 -66.18 33.31 52.53
C GLN G 301 -64.76 32.83 52.78
N THR G 302 -63.81 33.23 51.93
CA THR G 302 -62.44 32.76 52.08
C THR G 302 -61.86 33.18 53.43
N ALA G 303 -61.92 34.46 53.76
CA ALA G 303 -61.34 34.93 55.01
C ALA G 303 -62.03 34.27 56.20
N ALA G 304 -63.36 34.21 56.18
CA ALA G 304 -64.08 33.57 57.28
C ALA G 304 -63.65 32.13 57.45
N LEU G 305 -63.50 31.41 56.34
CA LEU G 305 -63.11 30.01 56.41
C LEU G 305 -61.72 29.85 57.00
N ARG G 306 -60.77 30.68 56.58
CA ARG G 306 -59.45 30.64 57.18
C ARG G 306 -59.51 30.92 58.68
N ALA G 307 -60.27 31.95 59.07
CA ALA G 307 -60.37 32.29 60.49
C ALA G 307 -60.92 31.13 61.29
N VAL G 308 -62.09 30.62 60.91
CA VAL G 308 -62.71 29.52 61.65
C VAL G 308 -61.81 28.30 61.68
N GLY G 309 -61.16 28.00 60.55
CA GLY G 309 -60.22 26.89 60.54
C GLY G 309 -59.11 27.07 61.55
N ASN G 310 -58.53 28.26 61.59
CA ASN G 310 -57.54 28.53 62.63
C ASN G 310 -58.12 28.35 64.01
N ILE G 311 -59.40 28.69 64.20
CA ILE G 311 -60.02 28.49 65.51
C ILE G 311 -60.04 27.01 65.87
N VAL G 312 -60.45 26.16 64.93
CA VAL G 312 -60.50 24.72 65.23
C VAL G 312 -59.13 24.07 65.21
N THR G 313 -58.08 24.80 64.86
CA THR G 313 -56.75 24.25 65.09
C THR G 313 -56.38 24.15 66.56
N GLY G 314 -57.27 24.54 67.48
CA GLY G 314 -56.97 24.58 68.90
C GLY G 314 -57.33 23.33 69.68
N THR G 315 -57.89 23.51 70.87
CA THR G 315 -58.24 22.38 71.70
C THR G 315 -59.56 21.76 71.23
N ASP G 316 -60.03 20.76 71.98
CA ASP G 316 -61.27 20.09 71.62
C ASP G 316 -62.46 21.00 71.86
N GLU G 317 -62.59 21.53 73.08
CA GLU G 317 -63.77 22.31 73.43
C GLU G 317 -63.92 23.55 72.56
N GLN G 318 -62.81 24.16 72.16
CA GLN G 318 -62.88 25.31 71.25
C GLN G 318 -63.52 24.91 69.93
N THR G 319 -63.00 23.85 69.31
CA THR G 319 -63.63 23.29 68.13
C THR G 319 -65.11 23.01 68.36
N GLN G 320 -65.45 22.49 69.53
CA GLN G 320 -66.85 22.21 69.81
C GLN G 320 -67.66 23.50 69.92
N VAL G 321 -67.01 24.61 70.27
CA VAL G 321 -67.69 25.90 70.25
C VAL G 321 -67.96 26.33 68.82
N VAL G 322 -67.02 26.06 67.92
CA VAL G 322 -67.28 26.32 66.50
C VAL G 322 -68.46 25.46 66.02
N LEU G 323 -68.49 24.20 66.43
CA LEU G 323 -69.53 23.30 65.94
C LEU G 323 -70.89 23.68 66.50
N ASN G 324 -70.95 24.08 67.77
CA ASN G 324 -72.23 24.41 68.40
C ASN G 324 -72.90 25.59 67.73
N CYS G 325 -72.16 26.41 67.01
CA CYS G 325 -72.76 27.47 66.22
C CYS G 325 -73.28 26.96 64.88
N ASP G 326 -73.40 25.65 64.71
CA ASP G 326 -73.92 25.03 63.50
C ASP G 326 -73.09 25.44 62.27
N ALA G 327 -71.83 25.08 62.30
CA ALA G 327 -70.91 25.43 61.22
C ALA G 327 -70.93 24.43 60.07
N LEU G 328 -71.18 23.16 60.36
CA LEU G 328 -71.11 22.14 59.31
C LEU G 328 -72.14 22.35 58.23
N SER G 329 -73.30 22.90 58.58
CA SER G 329 -74.37 23.09 57.60
C SER G 329 -73.93 23.90 56.40
N HIS G 330 -72.93 24.76 56.57
CA HIS G 330 -72.48 25.61 55.48
C HIS G 330 -71.55 24.88 54.51
N PHE G 331 -70.95 23.77 54.92
CA PHE G 331 -69.89 23.13 54.16
C PHE G 331 -70.31 22.37 52.91
N PRO G 332 -71.50 21.75 52.85
CA PRO G 332 -71.92 21.14 51.57
C PRO G 332 -71.75 22.06 50.37
N ALA G 333 -72.18 23.32 50.49
CA ALA G 333 -71.93 24.28 49.43
C ALA G 333 -70.44 24.53 49.26
N LEU G 334 -69.73 24.76 50.38
CA LEU G 334 -68.29 25.04 50.32
C LEU G 334 -67.51 23.89 49.71
N LEU G 335 -67.96 22.66 49.92
CA LEU G 335 -67.28 21.51 49.34
C LEU G 335 -67.56 21.39 47.85
N THR G 336 -68.61 22.02 47.34
CA THR G 336 -68.95 22.00 45.93
C THR G 336 -68.71 23.36 45.27
N HIS G 337 -68.09 24.29 45.98
CA HIS G 337 -67.90 25.63 45.43
C HIS G 337 -66.92 25.56 44.27
N PRO G 338 -67.14 26.34 43.21
CA PRO G 338 -66.28 26.23 42.03
C PRO G 338 -64.83 26.60 42.29
N LYS G 339 -64.55 27.47 43.24
CA LYS G 339 -63.18 27.90 43.47
C LYS G 339 -62.38 26.79 44.14
N GLU G 340 -61.20 26.51 43.59
CA GLU G 340 -60.38 25.42 44.12
C GLU G 340 -59.88 25.75 45.52
N LYS G 341 -59.55 27.01 45.79
CA LYS G 341 -58.98 27.38 47.08
C LYS G 341 -59.99 27.14 48.20
N ILE G 342 -61.27 27.40 47.94
CA ILE G 342 -62.29 27.17 48.95
C ILE G 342 -62.45 25.69 49.24
N ASN G 343 -62.42 24.87 48.20
CA ASN G 343 -62.43 23.43 48.42
C ASN G 343 -61.24 23.01 49.28
N LYS G 344 -60.05 23.46 48.91
CA LYS G 344 -58.85 23.10 49.67
C LYS G 344 -58.99 23.49 51.14
N GLU G 345 -59.36 24.74 51.40
CA GLU G 345 -59.42 25.22 52.78
C GLU G 345 -60.52 24.53 53.56
N ALA G 346 -61.65 24.23 52.92
CA ALA G 346 -62.74 23.55 53.62
C ALA G 346 -62.36 22.12 53.98
N VAL G 347 -61.75 21.40 53.03
CA VAL G 347 -61.28 20.06 53.33
C VAL G 347 -60.20 20.09 54.41
N TRP G 348 -59.38 21.14 54.43
CA TRP G 348 -58.47 21.34 55.55
C TRP G 348 -59.22 21.43 56.86
N PHE G 349 -60.25 22.28 56.91
CA PHE G 349 -61.08 22.41 58.10
C PHE G 349 -61.57 21.06 58.58
N LEU G 350 -62.28 20.33 57.71
CA LEU G 350 -62.80 19.03 58.11
C LEU G 350 -61.67 18.10 58.53
N SER G 351 -60.49 18.23 57.93
CA SER G 351 -59.36 17.41 58.33
C SER G 351 -58.91 17.75 59.74
N ASN G 352 -59.12 18.99 60.18
CA ASN G 352 -58.86 19.31 61.58
C ASN G 352 -60.01 18.87 62.48
N ILE G 353 -61.22 18.80 61.97
CA ILE G 353 -62.35 18.36 62.79
C ILE G 353 -62.24 16.88 63.10
N THR G 354 -61.86 16.07 62.10
CA THR G 354 -61.77 14.63 62.31
C THR G 354 -60.67 14.26 63.31
N ALA G 355 -59.70 15.14 63.53
CA ALA G 355 -58.64 14.85 64.48
C ALA G 355 -59.06 15.11 65.93
N GLY G 356 -60.27 15.61 66.15
CA GLY G 356 -60.78 15.85 67.48
C GLY G 356 -61.23 14.57 68.15
N ASN G 357 -62.16 14.69 69.08
CA ASN G 357 -62.64 13.52 69.78
C ASN G 357 -63.62 12.74 68.91
N GLN G 358 -64.09 11.61 69.44
CA GLN G 358 -64.99 10.75 68.68
C GLN G 358 -66.30 11.47 68.39
N GLN G 359 -66.79 12.26 69.35
CA GLN G 359 -68.07 12.95 69.17
C GLN G 359 -68.04 13.85 67.94
N GLN G 360 -66.94 14.58 67.75
CA GLN G 360 -66.84 15.49 66.61
C GLN G 360 -66.80 14.72 65.30
N VAL G 361 -66.09 13.60 65.26
CA VAL G 361 -66.08 12.77 64.07
C VAL G 361 -67.50 12.31 63.73
N GLN G 362 -68.22 11.84 64.74
CA GLN G 362 -69.62 11.47 64.52
C GLN G 362 -70.44 12.66 64.03
N ALA G 363 -70.10 13.87 64.48
CA ALA G 363 -70.80 15.06 63.99
C ALA G 363 -70.47 15.33 62.53
N VAL G 364 -69.28 14.96 62.08
CA VAL G 364 -68.97 15.08 60.65
C VAL G 364 -69.75 14.06 59.85
N ILE G 365 -69.79 12.81 60.32
CA ILE G 365 -70.51 11.77 59.60
C ILE G 365 -71.98 12.10 59.52
N ASP G 366 -72.57 12.59 60.62
CA ASP G 366 -73.99 12.90 60.63
C ASP G 366 -74.37 14.02 59.65
N ALA G 367 -73.39 14.76 59.14
CA ALA G 367 -73.67 15.85 58.21
C ALA G 367 -73.60 15.43 56.75
N ASN G 368 -73.49 14.12 56.48
CA ASN G 368 -73.47 13.59 55.11
C ASN G 368 -72.32 14.15 54.29
N LEU G 369 -71.23 14.51 54.94
CA LEU G 369 -70.12 15.15 54.24
C LEU G 369 -69.09 14.16 53.73
N VAL G 370 -69.08 12.93 54.26
CA VAL G 370 -68.09 11.95 53.83
C VAL G 370 -68.13 11.69 52.33
N PRO G 371 -69.29 11.49 51.69
CA PRO G 371 -69.27 11.24 50.24
C PRO G 371 -68.61 12.34 49.44
N MET G 372 -68.84 13.60 49.80
CA MET G 372 -68.20 14.70 49.08
C MET G 372 -66.71 14.77 49.40
N ILE G 373 -66.32 14.43 50.63
CA ILE G 373 -64.90 14.35 50.97
C ILE G 373 -64.22 13.34 50.07
N ILE G 374 -64.81 12.16 49.93
CA ILE G 374 -64.24 11.14 49.06
C ILE G 374 -64.24 11.62 47.61
N HIS G 375 -65.33 12.25 47.17
CA HIS G 375 -65.40 12.74 45.81
C HIS G 375 -64.26 13.70 45.49
N LEU G 376 -64.03 14.67 46.38
CA LEU G 376 -62.89 15.55 46.19
C LEU G 376 -61.57 14.80 46.31
N LEU G 377 -61.55 13.73 47.11
CA LEU G 377 -60.37 12.89 47.18
C LEU G 377 -60.08 12.18 45.88
N ASP G 378 -61.09 12.01 45.02
CA ASP G 378 -60.92 11.30 43.76
C ASP G 378 -60.72 12.24 42.57
N LYS G 379 -61.52 13.30 42.48
CA LYS G 379 -61.53 14.16 41.29
C LYS G 379 -61.15 15.60 41.56
N GLY G 380 -60.57 15.90 42.73
CA GLY G 380 -60.10 17.24 43.01
C GLY G 380 -58.67 17.47 42.56
N ASP G 381 -58.20 18.69 42.77
CA ASP G 381 -56.81 19.00 42.47
C ASP G 381 -55.90 18.43 43.54
N PHE G 382 -54.59 18.55 43.30
CA PHE G 382 -53.60 17.87 44.13
C PHE G 382 -53.69 18.30 45.59
N GLY G 383 -53.81 19.60 45.84
CA GLY G 383 -53.84 20.08 47.21
C GLY G 383 -55.05 19.57 47.99
N THR G 384 -56.23 19.69 47.39
CA THR G 384 -57.44 19.20 48.04
C THR G 384 -57.34 17.70 48.29
N GLN G 385 -56.77 16.95 47.35
CA GLN G 385 -56.55 15.52 47.57
C GLN G 385 -55.64 15.30 48.77
N LYS G 386 -54.58 16.10 48.90
CA LYS G 386 -53.69 16.00 50.05
C LYS G 386 -54.47 16.20 51.35
N GLU G 387 -55.17 17.33 51.46
CA GLU G 387 -55.91 17.63 52.68
C GLU G 387 -56.95 16.55 52.98
N ALA G 388 -57.58 16.01 51.93
CA ALA G 388 -58.55 14.95 52.12
C ALA G 388 -57.88 13.69 52.66
N ALA G 389 -56.71 13.35 52.14
CA ALA G 389 -55.95 12.23 52.70
C ALA G 389 -55.68 12.44 54.18
N TRP G 390 -55.28 13.65 54.56
CA TRP G 390 -55.10 13.93 55.98
C TRP G 390 -56.41 13.75 56.75
N ALA G 391 -57.53 14.17 56.18
CA ALA G 391 -58.81 13.98 56.86
C ALA G 391 -59.10 12.51 57.09
N ILE G 392 -58.90 11.69 56.07
CA ILE G 392 -59.18 10.26 56.18
C ILE G 392 -58.28 9.62 57.21
N SER G 393 -56.99 9.94 57.18
CA SER G 393 -56.08 9.34 58.15
C SER G 393 -56.39 9.78 59.58
N ASN G 394 -56.72 11.06 59.75
CA ASN G 394 -57.08 11.55 61.08
C ASN G 394 -58.32 10.84 61.60
N LEU G 395 -59.35 10.73 60.77
CA LEU G 395 -60.54 9.95 61.14
C LEU G 395 -60.17 8.50 61.40
N THR G 396 -59.12 8.01 60.75
CA THR G 396 -58.72 6.62 60.92
C THR G 396 -58.11 6.39 62.30
N ILE G 397 -57.24 7.28 62.75
CA ILE G 397 -56.59 7.07 64.03
C ILE G 397 -57.46 7.52 65.20
N SER G 398 -58.36 8.47 64.99
CA SER G 398 -59.18 9.01 66.07
C SER G 398 -60.55 8.36 66.20
N GLY G 399 -61.13 7.90 65.09
CA GLY G 399 -62.48 7.43 65.11
C GLY G 399 -62.65 6.05 65.73
N ARG G 400 -63.91 5.70 65.93
CA ARG G 400 -64.28 4.39 66.45
C ARG G 400 -64.25 3.35 65.32
N LYS G 401 -64.50 2.10 65.69
CA LYS G 401 -64.45 1.02 64.71
C LYS G 401 -65.62 1.08 63.75
N ASP G 402 -66.83 1.32 64.27
CA ASP G 402 -68.00 1.44 63.41
C ASP G 402 -67.93 2.66 62.50
N GLN G 403 -67.28 3.73 62.97
CA GLN G 403 -67.12 4.92 62.14
C GLN G 403 -66.22 4.62 60.95
N VAL G 404 -65.05 4.02 61.20
CA VAL G 404 -64.17 3.61 60.11
C VAL G 404 -64.89 2.62 59.20
N ALA G 405 -65.74 1.77 59.76
CA ALA G 405 -66.55 0.87 58.93
C ALA G 405 -67.44 1.67 57.98
N TYR G 406 -68.12 2.68 58.50
CA TYR G 406 -68.91 3.55 57.63
C TYR G 406 -68.05 4.19 56.54
N LEU G 407 -66.83 4.60 56.90
CA LEU G 407 -65.94 5.17 55.91
C LEU G 407 -65.62 4.15 54.82
N ILE G 408 -65.41 2.89 55.19
CA ILE G 408 -65.07 1.86 54.22
C ILE G 408 -66.25 1.60 53.29
N GLN G 409 -67.44 1.45 53.85
CA GLN G 409 -68.59 1.15 53.00
C GLN G 409 -69.03 2.33 52.14
N GLN G 410 -68.32 3.44 52.19
CA GLN G 410 -68.58 4.57 51.29
C GLN G 410 -67.60 4.60 50.12
N ASN G 411 -66.97 3.47 49.80
CA ASN G 411 -66.10 3.34 48.63
C ASN G 411 -64.92 4.30 48.70
N VAL G 412 -64.26 4.31 49.86
CA VAL G 412 -63.11 5.20 50.05
C VAL G 412 -61.80 4.54 49.68
N ILE G 413 -61.74 3.20 49.68
CA ILE G 413 -60.46 2.51 49.49
C ILE G 413 -59.84 2.79 48.13
N PRO G 414 -60.56 2.68 47.00
CA PRO G 414 -59.92 2.90 45.70
C PRO G 414 -59.34 4.30 45.57
N PRO G 415 -60.13 5.38 45.79
CA PRO G 415 -59.52 6.70 45.64
C PRO G 415 -58.48 6.99 46.70
N PHE G 416 -58.64 6.44 47.91
CA PHE G 416 -57.63 6.63 48.95
C PHE G 416 -56.32 5.97 48.58
N CYS G 417 -56.36 4.87 47.85
CA CYS G 417 -55.14 4.16 47.47
C CYS G 417 -54.54 4.67 46.18
N ASN G 418 -55.35 5.24 45.28
CA ASN G 418 -54.83 5.75 44.02
C ASN G 418 -53.84 6.89 44.20
N LEU G 419 -53.69 7.41 45.41
CA LEU G 419 -52.74 8.49 45.67
C LEU G 419 -51.33 7.98 45.92
N LEU G 420 -51.14 6.68 46.07
CA LEU G 420 -49.81 6.15 46.39
C LEU G 420 -48.80 6.37 45.29
N THR G 421 -49.22 6.83 44.11
CA THR G 421 -48.32 7.02 42.98
C THR G 421 -47.77 8.43 42.86
N VAL G 422 -48.11 9.32 43.78
CA VAL G 422 -47.66 10.70 43.68
C VAL G 422 -46.20 10.81 44.13
N LYS G 423 -45.57 11.92 43.76
CA LYS G 423 -44.18 12.16 44.10
C LYS G 423 -43.98 12.70 45.52
N ASP G 424 -45.06 13.09 46.20
CA ASP G 424 -44.94 13.65 47.54
C ASP G 424 -44.87 12.52 48.57
N ALA G 425 -43.74 12.46 49.30
CA ALA G 425 -43.55 11.40 50.29
C ALA G 425 -44.49 11.55 51.50
N GLN G 426 -44.82 12.77 51.95
CA GLN G 426 -45.74 12.90 53.07
C GLN G 426 -47.11 12.35 52.75
N VAL G 427 -47.62 12.65 51.56
CA VAL G 427 -48.94 12.11 51.24
C VAL G 427 -48.91 10.59 51.30
N VAL G 428 -47.82 9.98 50.83
CA VAL G 428 -47.69 8.54 50.87
C VAL G 428 -47.67 8.05 52.31
N GLN G 429 -46.92 8.75 53.18
CA GLN G 429 -46.92 8.40 54.60
C GLN G 429 -48.32 8.48 55.19
N VAL G 430 -49.10 9.48 54.78
CA VAL G 430 -50.46 9.63 55.28
C VAL G 430 -51.32 8.45 54.85
N VAL G 431 -51.25 8.08 53.57
CA VAL G 431 -52.10 7.02 53.06
C VAL G 431 -51.71 5.68 53.68
N LEU G 432 -50.42 5.37 53.68
CA LEU G 432 -49.95 4.11 54.24
C LEU G 432 -50.25 4.02 55.73
N ASP G 433 -50.05 5.12 56.46
CA ASP G 433 -50.37 5.11 57.88
C ASP G 433 -51.85 4.89 58.11
N GLY G 434 -52.70 5.54 57.30
CA GLY G 434 -54.12 5.34 57.43
C GLY G 434 -54.53 3.90 57.17
N LEU G 435 -54.03 3.32 56.08
CA LEU G 435 -54.34 1.93 55.77
C LEU G 435 -53.86 1.00 56.87
N SER G 436 -52.63 1.20 57.35
CA SER G 436 -52.11 0.38 58.44
C SER G 436 -53.00 0.48 59.67
N ASN G 437 -53.49 1.68 59.98
CA ASN G 437 -54.36 1.83 61.13
C ASN G 437 -55.71 1.15 60.91
N ILE G 438 -56.23 1.21 59.69
CA ILE G 438 -57.49 0.53 59.39
C ILE G 438 -57.33 -0.97 59.57
N LEU G 439 -56.26 -1.54 59.00
CA LEU G 439 -56.05 -2.97 59.09
C LEU G 439 -55.80 -3.41 60.53
N LYS G 440 -55.05 -2.61 61.29
CA LYS G 440 -54.86 -2.92 62.71
C LYS G 440 -56.17 -2.82 63.48
N MET G 441 -57.09 -1.97 63.02
CA MET G 441 -58.34 -1.78 63.75
C MET G 441 -59.31 -2.93 63.51
N ALA G 442 -59.71 -3.14 62.26
CA ALA G 442 -60.62 -4.22 61.94
C ALA G 442 -59.89 -5.55 61.97
N GLU G 443 -60.40 -6.51 62.76
CA GLU G 443 -59.73 -7.78 62.98
C GLU G 443 -60.32 -8.90 62.13
N ASP G 444 -61.63 -9.15 62.24
CA ASP G 444 -62.23 -10.28 61.53
C ASP G 444 -62.36 -10.01 60.05
N GLU G 445 -62.71 -8.77 59.67
CA GLU G 445 -62.84 -8.42 58.27
C GLU G 445 -61.52 -7.99 57.64
N ALA G 446 -60.40 -8.18 58.34
CA ALA G 446 -59.10 -7.89 57.75
C ALA G 446 -58.90 -8.66 56.45
N GLU G 447 -59.44 -9.88 56.37
CA GLU G 447 -59.50 -10.59 55.11
C GLU G 447 -60.22 -9.77 54.05
N THR G 448 -61.49 -9.43 54.32
CA THR G 448 -62.31 -8.69 53.38
C THR G 448 -61.62 -7.40 52.93
N ILE G 449 -61.24 -6.55 53.89
CA ILE G 449 -60.59 -5.30 53.55
C ILE G 449 -59.33 -5.53 52.74
N GLY G 450 -58.54 -6.55 53.12
CA GLY G 450 -57.35 -6.88 52.34
C GLY G 450 -57.69 -7.18 50.89
N ASN G 451 -58.69 -8.03 50.67
CA ASN G 451 -59.13 -8.31 49.31
C ASN G 451 -59.65 -7.06 48.62
N LEU G 452 -60.22 -6.12 49.38
CA LEU G 452 -60.64 -4.85 48.79
C LEU G 452 -59.44 -4.09 48.24
N ILE G 453 -58.37 -4.02 49.01
CA ILE G 453 -57.15 -3.38 48.51
C ILE G 453 -56.59 -4.14 47.30
N GLU G 454 -56.74 -5.47 47.31
CA GLU G 454 -56.29 -6.27 46.18
C GLU G 454 -57.15 -6.03 44.95
N GLU G 455 -58.41 -5.62 45.14
CA GLU G 455 -59.31 -5.38 44.01
C GLU G 455 -58.97 -4.10 43.28
N CYS G 456 -58.82 -3.01 44.02
CA CYS G 456 -58.50 -1.70 43.44
C CYS G 456 -57.06 -1.59 42.98
N GLY G 457 -56.29 -2.67 42.99
CA GLY G 457 -54.90 -2.62 42.57
C GLY G 457 -53.98 -1.88 43.50
N GLY G 458 -54.46 -1.46 44.67
CA GLY G 458 -53.60 -0.77 45.61
C GLY G 458 -52.46 -1.63 46.11
N LEU G 459 -52.68 -2.94 46.22
CA LEU G 459 -51.62 -3.84 46.66
C LEU G 459 -50.43 -3.80 45.71
N GLU G 460 -50.68 -3.74 44.41
CA GLU G 460 -49.60 -3.59 43.45
C GLU G 460 -48.81 -2.31 43.72
N LYS G 461 -49.52 -1.20 43.94
CA LYS G 461 -48.85 0.07 44.20
C LYS G 461 -47.99 -0.02 45.45
N ILE G 462 -48.52 -0.63 46.52
CA ILE G 462 -47.74 -0.79 47.75
C ILE G 462 -46.51 -1.63 47.48
N GLU G 463 -46.67 -2.72 46.71
CA GLU G 463 -45.55 -3.59 46.41
C GLU G 463 -44.48 -2.89 45.60
N GLN G 464 -44.85 -1.94 44.74
CA GLN G 464 -43.83 -1.17 44.04
C GLN G 464 -43.38 0.05 44.82
N LEU G 465 -43.99 0.36 45.96
CA LEU G 465 -43.52 1.45 46.80
C LEU G 465 -42.33 1.07 47.69
N GLN G 466 -42.09 -0.22 47.87
CA GLN G 466 -40.98 -0.67 48.72
C GLN G 466 -39.66 -0.52 47.96
N ASN G 467 -39.18 0.72 47.95
CA ASN G 467 -37.90 1.04 47.35
C ASN G 467 -37.20 2.06 48.22
N HIS G 468 -35.87 2.03 48.18
CA HIS G 468 -34.97 2.70 49.13
C HIS G 468 -35.14 4.22 49.15
N GLU G 469 -36.10 4.78 48.39
CA GLU G 469 -36.29 6.22 48.34
C GLU G 469 -36.40 6.86 49.71
N ASN G 470 -37.11 6.22 50.64
CA ASN G 470 -37.37 6.84 51.93
C ASN G 470 -37.47 5.76 52.99
N GLU G 471 -36.84 5.99 54.14
CA GLU G 471 -36.89 5.01 55.23
C GLU G 471 -38.32 4.69 55.64
N ASP G 472 -39.16 5.71 55.78
CA ASP G 472 -40.48 5.49 56.37
C ASP G 472 -41.43 4.80 55.41
N ILE G 473 -41.47 5.23 54.14
CA ILE G 473 -42.34 4.59 53.17
C ILE G 473 -41.90 3.15 52.94
N TYR G 474 -40.59 2.92 52.89
CA TYR G 474 -40.05 1.58 52.68
C TYR G 474 -40.40 0.65 53.85
N LYS G 475 -39.94 1.00 55.05
CA LYS G 475 -40.12 0.13 56.21
C LYS G 475 -41.59 -0.03 56.55
N LEU G 476 -42.33 1.07 56.67
CA LEU G 476 -43.76 0.99 56.94
C LEU G 476 -44.47 0.19 55.86
N ALA G 477 -44.12 0.42 54.60
CA ALA G 477 -44.76 -0.29 53.50
C ALA G 477 -44.62 -1.80 53.68
N TYR G 478 -43.38 -2.28 53.86
CA TYR G 478 -43.25 -3.73 53.95
C TYR G 478 -43.77 -4.29 55.26
N GLU G 479 -43.75 -3.50 56.35
CA GLU G 479 -44.39 -3.99 57.56
C GLU G 479 -45.88 -4.20 57.33
N ILE G 480 -46.52 -3.30 56.59
CA ILE G 480 -47.92 -3.49 56.23
C ILE G 480 -48.08 -4.76 55.40
N ILE G 481 -47.22 -4.93 54.40
CA ILE G 481 -47.33 -6.08 53.49
C ILE G 481 -47.21 -7.38 54.27
N ASP G 482 -46.08 -7.57 54.94
CA ASP G 482 -45.84 -8.81 55.68
C ASP G 482 -46.87 -9.03 56.78
N GLN G 483 -47.36 -7.95 57.39
CA GLN G 483 -48.28 -8.15 58.49
C GLN G 483 -49.67 -8.54 58.00
N PHE G 484 -50.17 -7.88 56.96
CA PHE G 484 -51.57 -8.03 56.58
C PHE G 484 -51.78 -8.70 55.22
N PHE G 485 -50.74 -8.89 54.43
CA PHE G 485 -50.92 -9.42 53.08
C PHE G 485 -50.15 -10.72 52.85
N SER G 486 -49.82 -11.44 53.91
CA SER G 486 -49.29 -12.80 53.77
C SER G 486 -50.50 -13.71 53.66
N SER G 487 -50.92 -13.95 52.42
CA SER G 487 -52.18 -14.62 52.10
C SER G 487 -53.37 -13.85 52.67
N THR H 71 103.21 7.14 1.13
CA THR H 71 103.77 5.90 1.65
C THR H 71 105.29 5.86 1.49
N SER H 72 106.01 5.85 2.60
CA SER H 72 107.46 5.68 2.57
C SER H 72 107.84 4.75 3.71
N LEU H 73 109.15 4.66 3.98
CA LEU H 73 109.67 3.64 4.88
C LEU H 73 109.68 4.11 6.34
N GLU H 74 110.37 5.22 6.60
CA GLU H 74 110.59 5.69 7.95
C GLU H 74 109.96 7.05 8.24
N ALA H 75 109.54 7.78 7.20
CA ALA H 75 108.93 9.10 7.32
C ALA H 75 107.90 9.20 8.44
N ILE H 76 107.17 8.12 8.66
CA ILE H 76 106.05 8.15 9.62
C ILE H 76 106.54 8.61 11.00
N VAL H 77 107.75 8.21 11.39
CA VAL H 77 108.25 8.55 12.72
C VAL H 77 108.29 10.05 12.92
N GLN H 78 108.52 10.80 11.83
CA GLN H 78 108.45 12.26 11.92
C GLN H 78 107.01 12.75 11.83
N ASN H 79 106.21 12.13 10.95
CA ASN H 79 104.84 12.57 10.78
C ASN H 79 104.00 12.28 12.02
N ALA H 80 104.35 11.25 12.78
CA ALA H 80 103.64 10.94 14.01
C ALA H 80 104.12 11.77 15.20
N SER H 81 105.18 12.54 15.04
CA SER H 81 105.68 13.41 16.09
C SER H 81 105.15 14.83 15.99
N SER H 82 104.37 15.14 14.96
CA SER H 82 103.85 16.48 14.76
C SER H 82 102.76 16.80 15.79
N ASP H 83 102.35 18.07 15.81
CA ASP H 83 101.24 18.51 16.64
C ASP H 83 99.95 18.67 15.86
N ASN H 84 99.99 18.50 14.54
CA ASN H 84 98.78 18.53 13.73
C ASN H 84 98.15 17.15 13.81
N GLN H 85 97.00 17.06 14.48
CA GLN H 85 96.37 15.75 14.69
C GLN H 85 95.86 15.14 13.39
N GLY H 86 95.65 15.93 12.35
CA GLY H 86 95.38 15.34 11.04
C GLY H 86 96.58 14.60 10.50
N ILE H 87 97.76 15.23 10.57
CA ILE H 87 99.01 14.56 10.21
C ILE H 87 99.26 13.38 11.13
N GLN H 88 98.84 13.50 12.39
CA GLN H 88 98.94 12.38 13.32
C GLN H 88 98.12 11.19 12.82
N LEU H 89 96.82 11.41 12.58
CA LEU H 89 95.94 10.33 12.16
C LEU H 89 96.41 9.71 10.85
N SER H 90 96.80 10.54 9.88
CA SER H 90 97.28 10.00 8.61
C SER H 90 98.57 9.23 8.80
N ALA H 91 99.44 9.70 9.71
CA ALA H 91 100.71 9.03 9.96
C ALA H 91 100.50 7.67 10.58
N VAL H 92 99.79 7.62 11.71
CA VAL H 92 99.55 6.35 12.39
C VAL H 92 98.73 5.41 11.53
N GLN H 93 97.89 5.97 10.64
CA GLN H 93 97.13 5.13 9.73
C GLN H 93 98.03 4.50 8.68
N ALA H 94 98.95 5.28 8.13
CA ALA H 94 99.94 4.71 7.22
C ALA H 94 100.79 3.66 7.92
N ALA H 95 101.11 3.89 9.19
CA ALA H 95 101.80 2.88 9.97
C ALA H 95 100.97 1.61 10.09
N ARG H 96 99.66 1.76 10.29
CA ARG H 96 98.77 0.61 10.28
C ARG H 96 98.86 -0.13 8.95
N LYS H 97 98.86 0.60 7.84
CA LYS H 97 98.98 -0.02 6.53
C LYS H 97 100.26 -0.83 6.42
N LEU H 98 101.41 -0.16 6.52
CA LEU H 98 102.69 -0.83 6.26
C LEU H 98 103.00 -1.92 7.27
N LEU H 99 102.57 -1.75 8.52
CA LEU H 99 102.80 -2.79 9.51
C LEU H 99 101.91 -4.00 9.26
N SER H 100 100.60 -3.77 9.09
CA SER H 100 99.70 -4.88 8.85
C SER H 100 100.00 -5.56 7.52
N SER H 101 99.97 -4.79 6.43
CA SER H 101 100.32 -5.34 5.13
C SER H 101 101.77 -5.81 5.13
N ASP H 102 102.03 -6.89 4.39
CA ASP H 102 103.32 -7.55 4.40
C ASP H 102 104.21 -7.03 3.27
N ARG H 103 104.60 -5.75 3.39
CA ARG H 103 105.63 -5.24 2.50
C ARG H 103 107.01 -5.27 3.14
N ASN H 104 107.16 -4.75 4.36
CA ASN H 104 108.41 -4.88 5.10
C ASN H 104 108.11 -5.16 6.57
N PRO H 105 107.63 -6.35 6.90
CA PRO H 105 107.52 -6.76 8.31
C PRO H 105 108.86 -7.15 8.93
N PRO H 106 109.79 -7.85 8.19
CA PRO H 106 111.00 -8.35 8.88
C PRO H 106 111.92 -7.25 9.41
N ILE H 107 111.46 -6.62 10.48
CA ILE H 107 112.12 -5.49 11.13
C ILE H 107 112.52 -5.95 12.52
N ASP H 108 113.82 -6.14 12.75
CA ASP H 108 114.33 -6.46 14.07
C ASP H 108 114.12 -5.33 15.07
N ASP H 109 113.31 -4.34 14.69
CA ASP H 109 112.98 -3.17 15.50
C ASP H 109 114.19 -2.28 15.72
N LEU H 110 115.13 -2.32 14.77
CA LEU H 110 116.33 -1.51 14.84
C LEU H 110 116.33 -0.39 13.81
N ILE H 111 115.57 -0.54 12.73
CA ILE H 111 115.44 0.54 11.76
C ILE H 111 114.59 1.67 12.30
N LYS H 112 113.51 1.35 13.03
CA LYS H 112 112.68 2.38 13.64
C LYS H 112 112.20 1.90 15.00
N SER H 113 112.98 2.19 16.03
CA SER H 113 112.60 1.86 17.40
C SER H 113 111.49 2.77 17.89
N GLY H 114 111.51 4.04 17.46
CA GLY H 114 110.62 5.04 18.02
C GLY H 114 109.15 4.81 17.72
N ILE H 115 108.84 4.11 16.63
CA ILE H 115 107.44 3.92 16.26
C ILE H 115 106.67 3.35 17.44
N LEU H 116 107.23 2.34 18.10
CA LEU H 116 106.52 1.68 19.19
C LEU H 116 106.21 2.62 20.35
N PRO H 117 107.18 3.31 20.96
CA PRO H 117 106.81 4.20 22.06
C PRO H 117 105.95 5.38 21.62
N ILE H 118 106.17 5.94 20.44
CA ILE H 118 105.33 7.08 20.05
C ILE H 118 103.88 6.63 19.86
N LEU H 119 103.67 5.42 19.31
CA LEU H 119 102.31 4.95 19.14
C LEU H 119 101.68 4.54 20.47
N VAL H 120 102.49 4.05 21.41
CA VAL H 120 101.95 3.79 22.75
C VAL H 120 101.50 5.09 23.40
N HIS H 121 102.30 6.16 23.23
CA HIS H 121 101.96 7.42 23.86
C HIS H 121 100.75 8.07 23.20
N CYS H 122 100.61 7.92 21.88
CA CYS H 122 99.36 8.34 21.27
C CYS H 122 98.21 7.42 21.64
N LEU H 123 98.52 6.18 22.02
CA LEU H 123 97.49 5.30 22.58
C LEU H 123 96.97 5.85 23.90
N GLU H 124 97.81 6.60 24.62
CA GLU H 124 97.32 7.24 25.84
C GLU H 124 96.27 8.30 25.55
N ARG H 125 96.36 8.96 24.39
CA ARG H 125 95.64 10.21 24.14
C ARG H 125 94.13 9.98 24.09
N ASP H 126 93.41 10.49 25.08
CA ASP H 126 91.96 10.50 25.05
C ASP H 126 91.45 11.81 24.46
N ASP H 127 90.19 11.79 24.05
CA ASP H 127 89.39 12.74 23.26
C ASP H 127 89.70 12.58 21.78
N ASN H 128 90.62 11.68 21.41
CA ASN H 128 90.96 11.40 20.02
C ASN H 128 90.81 9.89 19.82
N PRO H 129 89.57 9.41 19.69
CA PRO H 129 89.37 7.94 19.62
C PRO H 129 89.94 7.31 18.36
N SER H 130 89.91 8.01 17.23
CA SER H 130 90.44 7.43 15.99
C SER H 130 91.93 7.09 16.13
N LEU H 131 92.69 7.97 16.77
CA LEU H 131 94.11 7.72 17.00
C LEU H 131 94.31 6.44 17.82
N GLN H 132 93.60 6.32 18.94
CA GLN H 132 93.68 5.13 19.76
C GLN H 132 93.33 3.88 18.96
N PHE H 133 92.28 3.97 18.13
CA PHE H 133 91.85 2.81 17.35
C PHE H 133 92.93 2.39 16.36
N GLU H 134 93.51 3.35 15.63
CA GLU H 134 94.55 3.02 14.68
C GLU H 134 95.77 2.43 15.38
N ALA H 135 96.18 3.03 16.49
CA ALA H 135 97.33 2.54 17.23
C ALA H 135 97.12 1.11 17.70
N ALA H 136 96.02 0.88 18.43
CA ALA H 136 95.73 -0.47 18.93
C ALA H 136 95.56 -1.46 17.79
N TRP H 137 95.11 -1.00 16.62
CA TRP H 137 95.12 -1.84 15.44
C TRP H 137 96.55 -2.26 15.12
N ALA H 138 97.46 -1.29 15.07
CA ALA H 138 98.84 -1.58 14.72
C ALA H 138 99.46 -2.56 15.71
N LEU H 139 99.39 -2.26 17.01
CA LEU H 139 99.91 -3.18 18.02
C LEU H 139 99.27 -4.55 17.90
N THR H 140 97.97 -4.61 17.64
CA THR H 140 97.30 -5.88 17.40
C THR H 140 98.02 -6.67 16.31
N ASN H 141 98.18 -6.06 15.13
CA ASN H 141 98.78 -6.80 14.03
C ASN H 141 100.27 -7.09 14.24
N ILE H 142 100.93 -6.32 15.09
CA ILE H 142 102.34 -6.59 15.38
C ILE H 142 102.47 -7.79 16.31
N ALA H 143 101.68 -7.82 17.39
CA ALA H 143 101.74 -8.91 18.35
C ALA H 143 101.31 -10.25 17.77
N SER H 144 100.68 -10.26 16.60
CA SER H 144 100.25 -11.52 16.01
C SER H 144 101.41 -12.36 15.50
N GLY H 145 102.59 -11.77 15.36
CA GLY H 145 103.72 -12.46 14.77
C GLY H 145 104.40 -13.43 15.72
N THR H 146 105.72 -13.54 15.57
CA THR H 146 106.51 -14.44 16.39
C THR H 146 106.48 -14.00 17.85
N SER H 147 106.91 -14.91 18.73
CA SER H 147 106.96 -14.60 20.15
C SER H 147 107.86 -13.42 20.45
N GLU H 148 108.94 -13.26 19.67
CA GLU H 148 109.86 -12.15 19.90
C GLU H 148 109.18 -10.81 19.64
N GLN H 149 108.28 -10.76 18.65
CA GLN H 149 107.54 -9.54 18.38
C GLN H 149 106.61 -9.20 19.54
N THR H 150 105.89 -10.21 20.04
CA THR H 150 105.03 -9.98 21.20
C THR H 150 105.85 -9.50 22.39
N GLN H 151 107.05 -10.06 22.58
CA GLN H 151 107.94 -9.54 23.62
C GLN H 151 108.27 -8.07 23.35
N ALA H 152 108.51 -7.71 22.09
CA ALA H 152 108.76 -6.31 21.78
C ALA H 152 107.56 -5.43 22.12
N VAL H 153 106.35 -5.98 22.04
CA VAL H 153 105.17 -5.20 22.39
C VAL H 153 105.05 -5.05 23.90
N VAL H 154 105.21 -6.15 24.64
CA VAL H 154 105.00 -6.10 26.08
C VAL H 154 106.11 -5.31 26.74
N GLN H 155 107.30 -5.27 26.13
CA GLN H 155 108.34 -4.42 26.66
C GLN H 155 108.00 -2.94 26.52
N SER H 156 107.09 -2.58 25.62
CA SER H 156 106.66 -1.19 25.58
C SER H 156 105.75 -0.82 26.74
N ASN H 157 105.38 -1.77 27.60
CA ASN H 157 104.47 -1.53 28.72
C ASN H 157 103.16 -0.91 28.23
N ALA H 158 102.66 -1.42 27.10
CA ALA H 158 101.39 -0.94 26.58
C ALA H 158 100.21 -1.62 27.22
N VAL H 159 100.43 -2.73 27.93
CA VAL H 159 99.33 -3.51 28.47
C VAL H 159 98.48 -2.73 29.45
N PRO H 160 99.04 -2.04 30.46
CA PRO H 160 98.17 -1.23 31.34
C PRO H 160 97.37 -0.19 30.59
N LEU H 161 97.86 0.27 29.45
CA LEU H 161 97.09 1.23 28.66
C LEU H 161 95.93 0.55 27.95
N PHE H 162 96.13 -0.68 27.47
CA PHE H 162 95.00 -1.46 26.97
C PHE H 162 93.96 -1.64 28.06
N LEU H 163 94.40 -2.01 29.27
CA LEU H 163 93.48 -2.19 30.37
C LEU H 163 92.73 -0.89 30.68
N ARG H 164 93.43 0.24 30.57
CA ARG H 164 92.76 1.53 30.70
C ARG H 164 91.73 1.72 29.58
N LEU H 165 92.02 1.21 28.39
CA LEU H 165 91.08 1.32 27.28
C LEU H 165 89.88 0.41 27.44
N LEU H 166 89.98 -0.63 28.27
CA LEU H 166 88.81 -1.47 28.54
C LEU H 166 87.67 -0.70 29.17
N HIS H 167 87.92 0.51 29.66
CA HIS H 167 86.90 1.35 30.26
C HIS H 167 86.46 2.48 29.35
N SER H 168 86.91 2.49 28.09
CA SER H 168 86.54 3.54 27.16
C SER H 168 85.06 3.44 26.80
N PRO H 169 84.41 4.57 26.53
CA PRO H 169 83.01 4.52 26.09
C PRO H 169 82.83 4.07 24.65
N HIS H 170 83.83 4.24 23.80
CA HIS H 170 83.72 3.83 22.41
C HIS H 170 83.92 2.32 22.30
N GLN H 171 82.94 1.65 21.70
CA GLN H 171 82.99 0.19 21.61
C GLN H 171 84.12 -0.30 20.71
N ASN H 172 84.46 0.44 19.67
CA ASN H 172 85.54 0.01 18.78
C ASN H 172 86.87 -0.05 19.53
N VAL H 173 87.11 0.92 20.42
CA VAL H 173 88.36 0.94 21.17
C VAL H 173 88.41 -0.26 22.12
N CYS H 174 87.33 -0.49 22.86
CA CYS H 174 87.28 -1.64 23.75
C CYS H 174 87.50 -2.94 22.99
N GLU H 175 86.78 -3.11 21.87
CA GLU H 175 86.91 -4.34 21.11
C GLU H 175 88.32 -4.53 20.59
N GLN H 176 88.95 -3.46 20.11
CA GLN H 176 90.32 -3.59 19.62
C GLN H 176 91.27 -3.95 20.74
N ALA H 177 91.09 -3.34 21.92
CA ALA H 177 91.94 -3.65 23.06
C ALA H 177 91.78 -5.11 23.46
N VAL H 178 90.54 -5.60 23.55
CA VAL H 178 90.29 -7.00 23.84
C VAL H 178 90.97 -7.89 22.81
N TRP H 179 90.97 -7.46 21.53
CA TRP H 179 91.65 -8.24 20.51
C TRP H 179 93.13 -8.36 20.83
N ALA H 180 93.80 -7.20 20.99
CA ALA H 180 95.24 -7.21 21.20
C ALA H 180 95.63 -7.98 22.46
N LEU H 181 94.89 -7.78 23.56
CA LEU H 181 95.13 -8.57 24.75
C LEU H 181 94.94 -10.05 24.46
N GLY H 182 93.98 -10.38 23.59
CA GLY H 182 93.84 -11.76 23.15
C GLY H 182 95.11 -12.28 22.52
N ASN H 183 95.73 -11.48 21.66
CA ASN H 183 97.00 -11.89 21.05
C ASN H 183 98.08 -12.08 22.11
N ILE H 184 98.31 -11.05 22.92
CA ILE H 184 99.40 -11.10 23.90
C ILE H 184 99.24 -12.29 24.83
N ILE H 185 98.03 -12.51 25.35
CA ILE H 185 97.80 -13.66 26.23
C ILE H 185 98.01 -14.95 25.47
N GLY H 186 97.54 -15.02 24.22
CA GLY H 186 97.72 -16.23 23.43
C GLY H 186 99.16 -16.54 23.09
N ASP H 187 100.06 -15.57 23.24
CA ASP H 187 101.47 -15.82 22.93
C ASP H 187 102.03 -16.97 23.77
N GLY H 188 102.07 -16.80 25.09
CA GLY H 188 102.67 -17.78 25.96
C GLY H 188 102.18 -17.72 27.39
N PRO H 189 102.55 -18.73 28.19
CA PRO H 189 102.06 -18.77 29.58
C PRO H 189 102.64 -17.67 30.44
N GLN H 190 103.90 -17.29 30.23
CA GLN H 190 104.49 -16.24 31.03
C GLN H 190 103.80 -14.91 30.77
N CYS H 191 103.59 -14.57 29.50
CA CYS H 191 102.84 -13.37 29.17
C CYS H 191 101.42 -13.47 29.71
N ARG H 192 100.84 -14.67 29.68
CA ARG H 192 99.51 -14.89 30.23
C ARG H 192 99.46 -14.52 31.71
N ASP H 193 100.39 -15.05 32.50
CA ASP H 193 100.43 -14.73 33.91
C ASP H 193 100.73 -13.25 34.14
N TYR H 194 101.51 -12.65 33.24
CA TYR H 194 101.73 -11.21 33.32
C TYR H 194 100.43 -10.44 33.18
N VAL H 195 99.66 -10.75 32.14
CA VAL H 195 98.44 -9.99 31.88
C VAL H 195 97.42 -10.24 32.98
N ILE H 196 97.35 -11.46 33.50
CA ILE H 196 96.45 -11.73 34.61
C ILE H 196 96.89 -10.96 35.85
N SER H 197 98.20 -10.86 36.07
CA SER H 197 98.71 -10.16 37.24
C SER H 197 98.27 -8.72 37.29
N LEU H 198 97.83 -8.16 36.16
CA LEU H 198 97.39 -6.78 36.13
C LEU H 198 95.89 -6.61 36.30
N GLY H 199 95.14 -7.71 36.37
CA GLY H 199 93.71 -7.63 36.61
C GLY H 199 92.89 -7.44 35.35
N VAL H 200 93.04 -8.35 34.40
CA VAL H 200 92.28 -8.28 33.16
C VAL H 200 91.02 -9.13 33.23
N VAL H 201 91.02 -10.16 34.07
CA VAL H 201 89.95 -11.16 34.04
C VAL H 201 88.62 -10.54 34.41
N LYS H 202 88.57 -9.88 35.57
CA LYS H 202 87.31 -9.27 35.99
C LYS H 202 86.79 -8.22 35.02
N PRO H 203 87.59 -7.27 34.53
CA PRO H 203 87.06 -6.33 33.54
C PRO H 203 86.59 -7.03 32.27
N LEU H 204 87.32 -8.04 31.81
CA LEU H 204 86.89 -8.76 30.62
C LEU H 204 85.55 -9.45 30.84
N LEU H 205 85.40 -10.14 31.97
CA LEU H 205 84.16 -10.86 32.23
C LEU H 205 83.00 -9.93 32.48
N SER H 206 83.28 -8.71 32.98
CA SER H 206 82.21 -7.76 33.22
C SER H 206 81.47 -7.38 31.94
N PHE H 207 82.05 -7.65 30.77
CA PHE H 207 81.42 -7.30 29.50
C PHE H 207 80.26 -8.24 29.14
N ILE H 208 80.16 -9.40 29.78
CA ILE H 208 79.13 -10.37 29.44
C ILE H 208 77.78 -9.83 29.89
N SER H 209 76.91 -9.55 28.93
CA SER H 209 75.57 -9.05 29.20
C SER H 209 74.65 -9.50 28.08
N PRO H 210 73.34 -9.60 28.32
CA PRO H 210 72.43 -9.98 27.24
C PRO H 210 72.35 -8.97 26.11
N SER H 211 72.89 -7.77 26.28
CA SER H 211 72.88 -6.74 25.25
C SER H 211 74.21 -6.62 24.53
N ILE H 212 75.11 -7.58 24.72
CA ILE H 212 76.44 -7.52 24.11
C ILE H 212 76.32 -7.85 22.63
N PRO H 213 77.10 -7.21 21.76
CA PRO H 213 77.17 -7.65 20.37
C PRO H 213 77.75 -9.05 20.27
N ILE H 214 77.36 -9.76 19.21
CA ILE H 214 77.75 -11.16 19.08
C ILE H 214 79.23 -11.28 18.70
N THR H 215 79.70 -10.43 17.79
CA THR H 215 81.09 -10.50 17.37
C THR H 215 82.04 -10.22 18.54
N PHE H 216 81.83 -9.09 19.21
CA PHE H 216 82.64 -8.75 20.38
C PHE H 216 82.62 -9.88 21.40
N LEU H 217 81.45 -10.51 21.59
CA LEU H 217 81.37 -11.65 22.49
C LEU H 217 82.25 -12.80 22.01
N ARG H 218 82.27 -13.06 20.70
CA ARG H 218 83.12 -14.11 20.17
C ARG H 218 84.59 -13.81 20.44
N ASN H 219 85.00 -12.54 20.31
CA ASN H 219 86.37 -12.20 20.64
C ASN H 219 86.66 -12.40 22.12
N VAL H 220 85.69 -12.07 22.97
CA VAL H 220 85.89 -12.27 24.41
C VAL H 220 86.09 -13.75 24.72
N THR H 221 85.19 -14.60 24.22
CA THR H 221 85.35 -16.04 24.41
C THR H 221 86.69 -16.52 23.87
N TRP H 222 87.11 -16.00 22.72
CA TRP H 222 88.43 -16.32 22.20
C TRP H 222 89.51 -16.00 23.21
N VAL H 223 89.44 -14.80 23.81
CA VAL H 223 90.43 -14.44 24.81
C VAL H 223 90.36 -15.41 25.99
N MET H 224 89.16 -15.89 26.32
CA MET H 224 89.05 -16.91 27.35
C MET H 224 89.80 -18.18 26.97
N VAL H 225 89.65 -18.62 25.73
CA VAL H 225 90.38 -19.78 25.26
C VAL H 225 91.88 -19.56 25.39
N ASN H 226 92.36 -18.38 25.02
CA ASN H 226 93.77 -18.09 25.20
C ASN H 226 94.17 -18.14 26.68
N LEU H 227 93.27 -17.70 27.58
CA LEU H 227 93.59 -17.76 29.00
C LEU H 227 93.71 -19.20 29.47
N CYS H 228 92.89 -20.09 28.94
CA CYS H 228 92.89 -21.46 29.42
C CYS H 228 94.03 -22.29 28.85
N ARG H 229 94.84 -21.73 27.96
CA ARG H 229 95.87 -22.51 27.27
C ARG H 229 97.08 -22.73 28.16
N HIS H 230 98.12 -23.31 27.55
CA HIS H 230 99.48 -23.35 28.08
C HIS H 230 99.52 -24.04 29.45
N LYS H 231 99.24 -25.34 29.41
CA LYS H 231 99.20 -26.14 30.62
C LYS H 231 100.57 -26.27 31.30
N ASP H 232 101.65 -25.82 30.66
CA ASP H 232 102.98 -26.04 31.23
C ASP H 232 103.09 -25.35 32.58
N PRO H 233 103.00 -24.03 32.70
CA PRO H 233 102.47 -23.47 33.93
C PRO H 233 100.97 -23.34 33.86
N PRO H 234 100.23 -24.11 34.65
CA PRO H 234 98.77 -24.05 34.54
C PRO H 234 98.27 -22.65 34.88
N PRO H 235 97.15 -22.25 34.29
CA PRO H 235 96.61 -20.93 34.58
C PRO H 235 96.28 -20.79 36.04
N PRO H 236 96.31 -19.57 36.58
CA PRO H 236 96.13 -19.39 38.02
C PRO H 236 94.80 -19.93 38.53
N MET H 237 94.85 -20.46 39.75
CA MET H 237 93.65 -21.01 40.39
C MET H 237 92.54 -19.97 40.44
N GLU H 238 92.85 -18.78 40.97
CA GLU H 238 91.84 -17.74 41.11
C GLU H 238 91.25 -17.35 39.76
N THR H 239 92.08 -17.32 38.72
CA THR H 239 91.59 -16.98 37.39
C THR H 239 90.54 -17.96 36.91
N ILE H 240 90.82 -19.25 37.07
CA ILE H 240 89.83 -20.25 36.67
C ILE H 240 88.58 -20.14 37.53
N GLN H 241 88.75 -19.93 38.84
CA GLN H 241 87.59 -19.71 39.70
C GLN H 241 86.75 -18.53 39.23
N GLU H 242 87.37 -17.54 38.59
CA GLU H 242 86.61 -16.42 38.07
C GLU H 242 85.99 -16.72 36.71
N ILE H 243 86.64 -17.57 35.91
CA ILE H 243 86.15 -17.81 34.56
C ILE H 243 84.99 -18.79 34.55
N LEU H 244 85.11 -19.89 35.30
CA LEU H 244 84.16 -21.00 35.20
C LEU H 244 82.68 -20.59 35.19
N PRO H 245 82.18 -19.76 36.11
CA PRO H 245 80.75 -19.42 36.02
C PRO H 245 80.38 -18.73 34.72
N ALA H 246 81.26 -17.86 34.22
CA ALA H 246 80.99 -17.22 32.92
C ALA H 246 80.84 -18.27 31.83
N LEU H 247 81.69 -19.29 31.85
CA LEU H 247 81.54 -20.38 30.88
C LEU H 247 80.25 -21.13 31.09
N CYS H 248 79.85 -21.34 32.35
CA CYS H 248 78.56 -21.98 32.61
C CYS H 248 77.42 -21.15 32.05
N VAL H 249 77.60 -19.83 31.95
CA VAL H 249 76.57 -19.01 31.33
C VAL H 249 76.65 -19.12 29.82
N LEU H 250 77.86 -19.17 29.26
CA LEU H 250 78.04 -19.20 27.82
C LEU H 250 77.66 -20.54 27.20
N ILE H 251 77.68 -21.62 27.97
CA ILE H 251 77.46 -22.94 27.41
C ILE H 251 76.02 -23.11 26.94
N HIS H 252 75.08 -22.34 27.48
CA HIS H 252 73.69 -22.41 27.06
C HIS H 252 73.39 -21.53 25.85
N HIS H 253 74.39 -20.83 25.32
CA HIS H 253 74.15 -19.85 24.27
C HIS H 253 73.80 -20.54 22.95
N THR H 254 73.01 -19.85 22.14
CA THR H 254 72.48 -20.45 20.93
C THR H 254 73.50 -20.48 19.79
N ASP H 255 74.42 -19.53 19.76
CA ASP H 255 75.38 -19.48 18.67
C ASP H 255 76.27 -20.72 18.67
N VAL H 256 76.67 -21.13 17.48
CA VAL H 256 77.50 -22.32 17.34
C VAL H 256 78.95 -22.01 17.69
N ASN H 257 79.51 -20.94 17.12
CA ASN H 257 80.92 -20.65 17.32
C ASN H 257 81.24 -20.34 18.77
N ILE H 258 80.39 -19.55 19.42
CA ILE H 258 80.59 -19.26 20.83
C ILE H 258 80.60 -20.54 21.66
N LEU H 259 79.65 -21.43 21.39
CA LEU H 259 79.62 -22.71 22.08
C LEU H 259 80.91 -23.49 21.84
N VAL H 260 81.38 -23.51 20.59
CA VAL H 260 82.62 -24.23 20.28
C VAL H 260 83.77 -23.69 21.10
N ASP H 261 84.00 -22.37 21.02
CA ASP H 261 85.12 -21.78 21.75
C ASP H 261 84.99 -22.04 23.25
N THR H 262 83.79 -21.92 23.79
CA THR H 262 83.59 -22.24 25.20
C THR H 262 84.04 -23.66 25.51
N VAL H 263 83.57 -24.62 24.71
CA VAL H 263 83.90 -26.01 24.97
C VAL H 263 85.39 -26.25 24.84
N TRP H 264 86.07 -25.53 23.94
CA TRP H 264 87.51 -25.66 23.87
C TRP H 264 88.19 -25.09 25.11
N ALA H 265 87.69 -23.97 25.62
CA ALA H 265 88.21 -23.48 26.89
C ALA H 265 88.10 -24.56 27.95
N LEU H 266 86.95 -25.22 28.03
CA LEU H 266 86.81 -26.35 28.95
C LEU H 266 87.84 -27.44 28.65
N SER H 267 88.09 -27.69 27.37
CA SER H 267 89.04 -28.75 26.99
C SER H 267 90.42 -28.45 27.56
N TYR H 268 90.88 -27.22 27.41
CA TYR H 268 92.18 -26.87 27.96
C TYR H 268 92.18 -26.92 29.48
N LEU H 269 91.10 -26.43 30.10
CA LEU H 269 91.01 -26.52 31.56
C LEU H 269 91.14 -27.96 32.03
N THR H 270 90.54 -28.89 31.32
CA THR H 270 90.62 -30.29 31.74
C THR H 270 91.97 -30.91 31.40
N ASP H 271 92.57 -30.51 30.28
CA ASP H 271 93.86 -31.04 29.92
C ASP H 271 94.97 -30.56 30.86
N ALA H 272 94.71 -29.49 31.62
CA ALA H 272 95.72 -28.98 32.54
C ALA H 272 96.18 -30.05 33.53
N GLY H 273 95.24 -30.74 34.14
CA GLY H 273 95.58 -31.77 35.11
C GLY H 273 94.36 -32.17 35.91
N ASN H 274 94.60 -33.08 36.85
CA ASN H 274 93.49 -33.61 37.64
C ASN H 274 92.84 -32.53 38.49
N GLU H 275 93.64 -31.59 38.98
CA GLU H 275 93.13 -30.54 39.86
C GLU H 275 92.08 -29.70 39.14
N GLN H 276 92.46 -29.13 38.00
CA GLN H 276 91.54 -28.28 37.24
C GLN H 276 90.32 -29.08 36.80
N ILE H 277 90.50 -30.36 36.47
CA ILE H 277 89.35 -31.23 36.23
C ILE H 277 88.42 -31.20 37.43
N GLN H 278 88.98 -31.31 38.64
CA GLN H 278 88.14 -31.29 39.83
C GLN H 278 87.40 -29.96 39.95
N MET H 279 88.03 -28.86 39.56
CA MET H 279 87.31 -27.58 39.55
C MET H 279 86.15 -27.60 38.56
N VAL H 280 86.42 -28.03 37.34
CA VAL H 280 85.38 -28.08 36.32
C VAL H 280 84.20 -28.90 36.81
N ILE H 281 84.48 -30.03 37.48
CA ILE H 281 83.41 -30.83 38.05
C ILE H 281 82.70 -30.05 39.15
N ASP H 282 83.44 -29.27 39.91
CA ASP H 282 82.82 -28.50 40.99
C ASP H 282 81.97 -27.36 40.48
N SER H 283 82.18 -26.91 39.25
CA SER H 283 81.37 -25.83 38.71
C SER H 283 79.99 -26.29 38.28
N GLY H 284 79.66 -27.56 38.43
CA GLY H 284 78.36 -28.06 38.04
C GLY H 284 78.09 -27.97 36.55
N ILE H 285 79.13 -27.88 35.73
CA ILE H 285 78.95 -27.72 34.29
C ILE H 285 78.89 -29.06 33.56
N VAL H 286 79.34 -30.15 34.19
CA VAL H 286 79.39 -31.43 33.50
C VAL H 286 78.03 -31.89 33.00
N PRO H 287 76.96 -31.87 33.80
CA PRO H 287 75.64 -32.27 33.27
C PRO H 287 75.20 -31.44 32.08
N HIS H 288 75.70 -30.22 31.94
CA HIS H 288 75.42 -29.40 30.76
C HIS H 288 76.36 -29.70 29.61
N LEU H 289 77.57 -30.20 29.90
CA LEU H 289 78.55 -30.46 28.85
C LEU H 289 78.31 -31.80 28.16
N VAL H 290 77.95 -32.82 28.92
CA VAL H 290 77.87 -34.17 28.36
C VAL H 290 76.89 -34.26 27.18
N PRO H 291 75.67 -33.74 27.26
CA PRO H 291 74.74 -33.91 26.13
C PRO H 291 75.20 -33.29 24.83
N LEU H 292 76.24 -32.45 24.84
CA LEU H 292 76.76 -31.91 23.59
C LEU H 292 77.43 -32.95 22.71
N LEU H 293 77.67 -34.16 23.23
CA LEU H 293 78.28 -35.20 22.41
C LEU H 293 77.39 -35.60 21.25
N SER H 294 76.07 -35.50 21.41
CA SER H 294 75.11 -35.84 20.37
C SER H 294 74.55 -34.60 19.68
N HIS H 295 75.24 -33.47 19.79
CA HIS H 295 74.81 -32.25 19.13
C HIS H 295 74.89 -32.40 17.62
N GLN H 296 74.10 -31.59 16.91
CA GLN H 296 74.00 -31.73 15.47
C GLN H 296 75.32 -31.37 14.78
N GLU H 297 75.93 -30.25 15.16
CA GLU H 297 77.13 -29.80 14.50
C GLU H 297 78.33 -30.67 14.91
N VAL H 298 79.18 -30.99 13.94
CA VAL H 298 80.28 -31.90 14.18
C VAL H 298 81.33 -31.28 15.08
N LYS H 299 81.54 -29.96 14.99
CA LYS H 299 82.63 -29.34 15.74
C LYS H 299 82.36 -29.35 17.23
N VAL H 300 81.13 -29.00 17.63
CA VAL H 300 80.74 -29.09 19.03
C VAL H 300 80.94 -30.51 19.56
N GLN H 301 80.58 -31.50 18.76
CA GLN H 301 80.81 -32.88 19.16
C GLN H 301 82.29 -33.14 19.40
N THR H 302 83.15 -32.73 18.46
CA THR H 302 84.57 -32.98 18.62
C THR H 302 85.13 -32.34 19.88
N ALA H 303 84.89 -31.04 20.07
CA ALA H 303 85.43 -30.36 21.24
C ALA H 303 84.88 -30.96 22.52
N ALA H 304 83.58 -31.22 22.57
CA ALA H 304 83.00 -31.81 23.77
C ALA H 304 83.63 -33.17 24.07
N LEU H 305 83.86 -33.98 23.04
CA LEU H 305 84.45 -35.30 23.26
C LEU H 305 85.86 -35.19 23.80
N ARG H 306 86.66 -34.28 23.24
CA ARG H 306 87.99 -34.06 23.79
C ARG H 306 87.92 -33.62 25.25
N ALA H 307 87.04 -32.66 25.55
CA ALA H 307 86.93 -32.17 26.92
C ALA H 307 86.59 -33.30 27.89
N VAL H 308 85.49 -34.00 27.61
CA VAL H 308 85.04 -35.06 28.52
C VAL H 308 86.09 -36.16 28.64
N GLY H 309 86.71 -36.55 27.53
CA GLY H 309 87.77 -37.53 27.61
C GLY H 309 88.90 -37.09 28.52
N ASN H 310 89.32 -35.84 28.37
CA ASN H 310 90.28 -35.28 29.32
C ASN H 310 89.78 -35.34 30.74
N ILE H 311 88.49 -35.17 30.94
CA ILE H 311 87.94 -35.29 32.28
C ILE H 311 88.16 -36.70 32.81
N VAL H 312 87.85 -37.71 31.99
CA VAL H 312 88.02 -39.09 32.46
C VAL H 312 89.46 -39.54 32.46
N THR H 313 90.40 -38.71 31.99
CA THR H 313 91.79 -39.03 32.22
C THR H 313 92.20 -38.89 33.68
N GLY H 314 91.27 -38.52 34.55
CA GLY H 314 91.60 -38.27 35.94
C GLY H 314 91.43 -39.48 36.84
N THR H 315 90.89 -39.25 38.04
CA THR H 315 90.73 -40.30 39.02
C THR H 315 89.50 -41.14 38.69
N ASP H 316 89.21 -42.10 39.57
CA ASP H 316 88.08 -42.99 39.36
C ASP H 316 86.76 -42.25 39.53
N GLU H 317 86.57 -41.60 40.67
CA GLU H 317 85.28 -40.96 40.96
C GLU H 317 84.95 -39.86 39.96
N GLN H 318 85.97 -39.16 39.45
CA GLN H 318 85.73 -38.16 38.41
C GLN H 318 85.12 -38.82 37.17
N THR H 319 85.77 -39.87 36.69
CA THR H 319 85.22 -40.68 35.61
C THR H 319 83.80 -41.11 35.92
N GLN H 320 83.54 -41.50 37.17
CA GLN H 320 82.20 -41.94 37.53
C GLN H 320 81.21 -40.78 37.51
N VAL H 321 81.69 -39.55 37.72
CA VAL H 321 80.81 -38.39 37.57
C VAL H 321 80.46 -38.21 36.11
N VAL H 322 81.42 -38.46 35.22
CA VAL H 322 81.12 -38.45 33.79
C VAL H 322 80.06 -39.50 33.47
N LEU H 323 80.19 -40.69 34.04
CA LEU H 323 79.26 -41.76 33.72
C LEU H 323 77.87 -41.49 34.28
N ASN H 324 77.81 -40.93 35.50
CA ASN H 324 76.52 -40.70 36.13
C ASN H 324 75.66 -39.71 35.37
N CYS H 325 76.26 -38.87 34.52
CA CYS H 325 75.49 -38.01 33.65
C CYS H 325 75.01 -38.74 32.40
N ASP H 326 75.09 -40.06 32.38
CA ASP H 326 74.63 -40.89 31.26
C ASP H 326 75.34 -40.50 29.97
N ALA H 327 76.67 -40.68 29.98
CA ALA H 327 77.49 -40.32 28.83
C ALA H 327 77.60 -41.43 27.81
N LEU H 328 77.57 -42.69 28.24
CA LEU H 328 77.78 -43.80 27.32
C LEU H 328 76.68 -43.87 26.26
N SER H 329 75.46 -43.46 26.60
CA SER H 329 74.35 -43.54 25.67
C SER H 329 74.63 -42.82 24.36
N HIS H 330 75.49 -41.81 24.40
CA HIS H 330 75.78 -41.03 23.21
C HIS H 330 76.80 -41.71 22.29
N PHE H 331 77.54 -42.67 22.79
CA PHE H 331 78.68 -43.23 22.08
C PHE H 331 78.38 -44.18 20.93
N PRO H 332 77.30 -44.99 20.94
CA PRO H 332 77.01 -45.81 19.76
C PRO H 332 77.04 -45.01 18.46
N ALA H 333 76.33 -43.88 18.43
CA ALA H 333 76.40 -43.01 17.25
C ALA H 333 77.82 -42.55 17.01
N LEU H 334 78.50 -42.11 18.08
CA LEU H 334 79.88 -41.68 17.95
C LEU H 334 80.77 -42.80 17.44
N LEU H 335 80.46 -44.05 17.79
CA LEU H 335 81.27 -45.14 17.28
C LEU H 335 80.98 -45.45 15.81
N THR H 336 79.85 -45.02 15.29
CA THR H 336 79.52 -45.23 13.88
C THR H 336 79.57 -43.95 13.08
N HIS H 337 80.05 -42.87 13.67
CA HIS H 337 80.04 -41.59 12.98
C HIS H 337 81.00 -41.63 11.80
N PRO H 338 80.63 -41.03 10.67
CA PRO H 338 81.46 -41.15 9.46
C PRO H 338 82.85 -40.55 9.61
N LYS H 339 83.02 -39.54 10.46
CA LYS H 339 84.33 -38.90 10.59
C LYS H 339 85.28 -39.82 11.35
N GLU H 340 86.49 -40.00 10.80
CA GLU H 340 87.46 -40.88 11.42
C GLU H 340 87.95 -40.33 12.75
N LYS H 341 88.12 -39.01 12.85
CA LYS H 341 88.66 -38.42 14.07
C LYS H 341 87.73 -38.65 15.25
N ILE H 342 86.42 -38.58 15.03
CA ILE H 342 85.49 -38.82 16.12
C ILE H 342 85.54 -40.27 16.58
N ASN H 343 85.64 -41.20 15.64
CA ASN H 343 85.82 -42.59 16.01
C ASN H 343 87.08 -42.76 16.85
N LYS H 344 88.20 -42.19 16.39
CA LYS H 344 89.46 -42.30 17.13
C LYS H 344 89.32 -41.77 18.55
N GLU H 345 88.80 -40.54 18.68
CA GLU H 345 88.72 -39.93 20.01
C GLU H 345 87.76 -40.68 20.92
N ALA H 346 86.65 -41.19 20.35
CA ALA H 346 85.69 -41.92 21.18
C ALA H 346 86.27 -43.24 21.66
N VAL H 347 86.92 -43.98 20.77
CA VAL H 347 87.57 -45.21 21.20
C VAL H 347 88.65 -44.91 22.21
N TRP H 348 89.32 -43.77 22.07
CA TRP H 348 90.23 -43.32 23.13
C TRP H 348 89.49 -43.19 24.46
N PHE H 349 88.37 -42.48 24.44
CA PHE H 349 87.56 -42.30 25.64
C PHE H 349 87.29 -43.65 26.30
N LEU H 350 86.68 -44.56 25.55
CA LEU H 350 86.38 -45.88 26.12
C LEU H 350 87.64 -46.59 26.58
N SER H 351 88.77 -46.33 25.92
CA SER H 351 90.02 -46.94 26.35
C SER H 351 90.47 -46.42 27.71
N ASN H 352 90.11 -45.17 28.05
CA ASN H 352 90.36 -44.70 29.39
C ASN H 352 89.30 -45.17 30.37
N ILE H 353 88.08 -45.43 29.91
CA ILE H 353 87.05 -45.90 30.82
C ILE H 353 87.35 -47.33 31.26
N THR H 354 87.81 -48.17 30.34
CA THR H 354 88.13 -49.55 30.71
C THR H 354 89.29 -49.64 31.69
N ALA H 355 90.13 -48.61 31.77
CA ALA H 355 91.25 -48.60 32.69
C ALA H 355 90.83 -48.26 34.12
N GLY H 356 89.57 -47.93 34.35
CA GLY H 356 89.07 -47.64 35.67
C GLY H 356 88.83 -48.90 36.48
N ASN H 357 87.92 -48.79 37.45
CA ASN H 357 87.62 -49.92 38.30
C ASN H 357 86.72 -50.92 37.58
N GLN H 358 86.42 -52.02 38.27
CA GLN H 358 85.59 -53.08 37.67
C GLN H 358 84.19 -52.57 37.35
N GLN H 359 83.64 -51.74 38.23
CA GLN H 359 82.28 -51.24 38.03
C GLN H 359 82.15 -50.50 36.70
N GLN H 360 83.13 -49.66 36.38
CA GLN H 360 83.07 -48.89 35.14
C GLN H 360 83.18 -49.80 33.93
N VAL H 361 84.04 -50.82 34.00
CA VAL H 361 84.14 -51.79 32.92
C VAL H 361 82.79 -52.47 32.70
N GLN H 362 82.16 -52.91 33.79
CA GLN H 362 80.82 -53.48 33.68
C GLN H 362 79.85 -52.48 33.08
N ALA H 363 80.04 -51.19 33.35
CA ALA H 363 79.17 -50.18 32.74
C ALA H 363 79.42 -50.06 31.25
N VAL H 364 80.65 -50.32 30.79
CA VAL H 364 80.91 -50.31 29.36
C VAL H 364 80.26 -51.52 28.70
N ILE H 365 80.42 -52.69 29.31
CA ILE H 365 79.84 -53.90 28.73
C ILE H 365 78.33 -53.80 28.69
N ASP H 366 77.71 -53.27 29.75
CA ASP H 366 76.26 -53.16 29.80
C ASP H 366 75.70 -52.23 28.73
N ALA H 367 76.54 -51.42 28.10
CA ALA H 367 76.10 -50.49 27.08
C ALA H 367 76.19 -51.05 25.67
N ASN H 368 76.47 -52.35 25.53
CA ASN H 368 76.52 -53.01 24.24
C ASN H 368 77.56 -52.39 23.31
N LEU H 369 78.62 -51.82 23.87
CA LEU H 369 79.62 -51.13 23.06
C LEU H 369 80.75 -52.05 22.62
N VAL H 370 80.93 -53.20 23.27
CA VAL H 370 82.03 -54.09 22.91
C VAL H 370 81.99 -54.51 21.44
N PRO H 371 80.85 -54.91 20.87
CA PRO H 371 80.86 -55.31 19.46
C PRO H 371 81.34 -54.22 18.51
N MET H 372 80.94 -52.97 18.74
CA MET H 372 81.40 -51.89 17.88
C MET H 372 82.87 -51.57 18.12
N ILE H 373 83.34 -51.70 19.37
CA ILE H 373 84.77 -51.54 19.64
C ILE H 373 85.56 -52.55 18.83
N ILE H 374 85.14 -53.81 18.86
CA ILE H 374 85.83 -54.85 18.10
C ILE H 374 85.74 -54.55 16.61
N HIS H 375 84.56 -54.15 16.14
CA HIS H 375 84.38 -53.85 14.72
C HIS H 375 85.34 -52.78 14.25
N LEU H 376 85.47 -51.69 15.02
CA LEU H 376 86.46 -50.68 14.67
C LEU H 376 87.87 -51.22 14.80
N LEU H 377 88.08 -52.16 15.73
CA LEU H 377 89.38 -52.80 15.85
C LEU H 377 89.73 -53.61 14.61
N ASP H 378 88.72 -54.03 13.84
CA ASP H 378 88.95 -54.86 12.66
C ASP H 378 88.98 -54.06 11.36
N LYS H 379 88.04 -53.12 11.18
CA LYS H 379 87.88 -52.44 9.91
C LYS H 379 88.07 -50.93 10.01
N GLY H 380 88.61 -50.43 11.11
CA GLY H 380 88.89 -49.01 11.24
C GLY H 380 90.27 -48.65 10.70
N ASP H 381 90.56 -47.35 10.76
CA ASP H 381 91.88 -46.89 10.36
C ASP H 381 92.90 -47.19 11.44
N PHE H 382 94.17 -46.92 11.13
CA PHE H 382 95.26 -47.35 12.00
C PHE H 382 95.16 -46.76 13.40
N GLY H 383 94.87 -45.46 13.49
CA GLY H 383 94.80 -44.84 14.80
C GLY H 383 93.70 -45.42 15.66
N THR H 384 92.50 -45.54 15.11
CA THR H 384 91.39 -46.14 15.85
C THR H 384 91.70 -47.57 16.27
N GLN H 385 92.35 -48.33 15.38
CA GLN H 385 92.77 -49.66 15.77
C GLN H 385 93.74 -49.62 16.95
N LYS H 386 94.66 -48.65 16.95
CA LYS H 386 95.58 -48.49 18.07
C LYS H 386 94.83 -48.25 19.38
N GLU H 387 93.98 -47.22 19.39
CA GLU H 387 93.23 -46.89 20.61
C GLU H 387 92.36 -48.05 21.06
N ALA H 388 91.79 -48.79 20.11
CA ALA H 388 90.99 -49.96 20.47
C ALA H 388 91.86 -51.03 21.12
N ALA H 389 93.07 -51.26 20.58
CA ALA H 389 93.99 -52.18 21.22
C ALA H 389 94.27 -51.77 22.66
N TRP H 390 94.52 -50.48 22.89
CA TRP H 390 94.67 -50.02 24.26
C TRP H 390 93.43 -50.29 25.10
N ALA H 391 92.24 -50.11 24.52
CA ALA H 391 91.02 -50.40 25.27
C ALA H 391 90.96 -51.85 25.68
N ILE H 392 91.26 -52.76 24.74
CA ILE H 392 91.19 -54.18 25.02
C ILE H 392 92.20 -54.55 26.09
N SER H 393 93.42 -54.02 25.99
CA SER H 393 94.43 -54.35 26.99
C SER H 393 94.07 -53.80 28.36
N ASN H 394 93.55 -52.58 28.42
CA ASN H 394 93.16 -51.99 29.70
C ASN H 394 92.05 -52.81 30.35
N LEU H 395 91.02 -53.15 29.58
CA LEU H 395 89.99 -54.04 30.12
C LEU H 395 90.56 -55.39 30.50
N THR H 396 91.64 -55.82 29.84
CA THR H 396 92.23 -57.11 30.13
C THR H 396 92.91 -57.11 31.50
N ILE H 397 93.68 -56.06 31.80
CA ILE H 397 94.38 -56.04 33.07
C ILE H 397 93.48 -55.59 34.20
N SER H 398 92.45 -54.80 33.91
CA SER H 398 91.59 -54.27 34.95
C SER H 398 90.34 -55.08 35.19
N GLY H 399 89.81 -55.73 34.17
CA GLY H 399 88.52 -56.39 34.30
C GLY H 399 88.57 -57.68 35.08
N ARG H 400 87.37 -58.19 35.38
CA ARG H 400 87.22 -59.46 36.06
C ARG H 400 87.35 -60.61 35.07
N LYS H 401 87.31 -61.84 35.60
CA LYS H 401 87.48 -63.01 34.74
C LYS H 401 86.27 -63.23 33.85
N ASP H 402 85.06 -63.08 34.40
CA ASP H 402 83.86 -63.23 33.59
C ASP H 402 83.74 -62.13 32.54
N GLN H 403 84.25 -60.94 32.85
CA GLN H 403 84.21 -59.85 31.88
C GLN H 403 85.11 -60.15 30.69
N VAL H 404 86.36 -60.54 30.95
CA VAL H 404 87.25 -60.94 29.88
C VAL H 404 86.67 -62.13 29.13
N ALA H 405 85.97 -63.03 29.83
CA ALA H 405 85.28 -64.12 29.15
C ALA H 405 84.27 -63.59 28.15
N TYR H 406 83.44 -62.63 28.56
CA TYR H 406 82.53 -62.00 27.63
C TYR H 406 83.28 -61.40 26.45
N LEU H 407 84.42 -60.77 26.70
CA LEU H 407 85.21 -60.21 25.61
C LEU H 407 85.63 -61.30 24.63
N ILE H 408 86.02 -62.46 25.15
CA ILE H 408 86.47 -63.55 24.30
C ILE H 408 85.32 -64.09 23.46
N GLN H 409 84.17 -64.33 24.08
CA GLN H 409 83.06 -64.88 23.31
C GLN H 409 82.45 -63.88 22.33
N GLN H 410 83.01 -62.66 22.23
CA GLN H 410 82.58 -61.70 21.23
C GLN H 410 83.50 -61.66 20.02
N ASN H 411 84.28 -62.72 19.81
CA ASN H 411 85.13 -62.87 18.63
C ASN H 411 86.17 -61.74 18.55
N VAL H 412 86.84 -61.49 19.67
CA VAL H 412 87.84 -60.44 19.72
C VAL H 412 89.24 -60.94 19.38
N ILE H 413 89.49 -62.23 19.53
CA ILE H 413 90.85 -62.74 19.37
C ILE H 413 91.37 -62.55 17.95
N PRO H 414 90.65 -62.90 16.88
CA PRO H 414 91.22 -62.74 15.54
C PRO H 414 91.57 -61.31 15.22
N PRO H 415 90.65 -60.33 15.34
CA PRO H 415 91.04 -58.95 15.01
C PRO H 415 92.06 -58.39 15.97
N PHE H 416 92.00 -58.81 17.24
CA PHE H 416 93.00 -58.35 18.21
C PHE H 416 94.38 -58.86 17.86
N CYS H 417 94.48 -60.04 17.28
CA CYS H 417 95.78 -60.61 16.94
C CYS H 417 96.29 -60.17 15.58
N ASN H 418 95.38 -59.85 14.65
CA ASN H 418 95.79 -59.43 13.32
C ASN H 418 96.59 -58.12 13.34
N LEU H 419 96.70 -57.46 14.49
CA LEU H 419 97.50 -56.26 14.60
C LEU H 419 98.98 -56.52 14.83
N LEU H 420 99.36 -57.77 15.12
CA LEU H 420 100.74 -58.07 15.43
C LEU H 420 101.69 -57.83 14.26
N THR H 421 101.17 -57.59 13.07
CA THR H 421 102.01 -57.42 11.89
C THR H 421 102.35 -55.96 11.58
N VAL H 422 101.89 -55.01 12.40
CA VAL H 422 102.14 -53.60 12.13
C VAL H 422 103.58 -53.25 12.50
N LYS H 423 104.05 -52.12 11.97
CA LYS H 423 105.41 -51.67 12.21
C LYS H 423 105.57 -50.94 13.54
N ASP H 424 104.48 -50.62 14.22
CA ASP H 424 104.55 -49.89 15.48
C ASP H 424 104.80 -50.86 16.63
N ALA H 425 105.93 -50.69 17.31
CA ALA H 425 106.27 -51.59 18.41
C ALA H 425 105.33 -51.41 19.59
N GLN H 426 104.83 -50.19 19.81
CA GLN H 426 103.96 -49.95 20.95
C GLN H 426 102.68 -50.76 20.85
N VAL H 427 102.05 -50.76 19.67
CA VAL H 427 100.84 -51.55 19.47
C VAL H 427 101.12 -53.02 19.71
N VAL H 428 102.28 -53.50 19.27
CA VAL H 428 102.62 -54.90 19.45
C VAL H 428 102.76 -55.21 20.93
N GLN H 429 103.42 -54.34 21.69
CA GLN H 429 103.52 -54.54 23.13
C GLN H 429 102.15 -54.57 23.78
N VAL H 430 101.24 -53.73 23.29
CA VAL H 430 99.87 -53.71 23.85
C VAL H 430 99.19 -55.04 23.59
N VAL H 431 99.27 -55.54 22.36
CA VAL H 431 98.56 -56.77 22.02
C VAL H 431 99.17 -57.95 22.77
N LEU H 432 100.50 -58.07 22.74
CA LEU H 432 101.15 -59.19 23.42
C LEU H 432 100.89 -59.14 24.92
N ASP H 433 100.93 -57.94 25.51
CA ASP H 433 100.67 -57.82 26.94
C ASP H 433 99.23 -58.22 27.26
N GLY H 434 98.30 -57.80 26.40
CA GLY H 434 96.90 -58.19 26.61
C GLY H 434 96.71 -59.69 26.53
N LEU H 435 97.27 -60.31 25.50
CA LEU H 435 97.15 -61.76 25.36
C LEU H 435 97.78 -62.47 26.56
N SER H 436 98.97 -62.05 26.95
CA SER H 436 99.64 -62.65 28.10
C SER H 436 98.77 -62.53 29.34
N ASN H 437 98.13 -61.38 29.54
CA ASN H 437 97.27 -61.23 30.70
C ASN H 437 96.05 -62.12 30.61
N ILE H 438 95.50 -62.29 29.40
CA ILE H 438 94.35 -63.17 29.22
C ILE H 438 94.72 -64.60 29.57
N LEU H 439 95.85 -65.07 29.05
CA LEU H 439 96.27 -66.44 29.31
C LEU H 439 96.59 -66.65 30.78
N LYS H 440 97.24 -65.66 31.40
CA LYS H 440 97.51 -65.78 32.84
C LYS H 440 96.23 -65.78 33.65
N MET H 441 95.18 -65.12 33.14
CA MET H 441 93.94 -65.02 33.89
C MET H 441 93.14 -66.32 33.81
N ALA H 442 92.75 -66.72 32.61
CA ALA H 442 91.99 -67.96 32.43
C ALA H 442 92.91 -69.17 32.61
N GLU H 443 92.53 -70.07 33.52
CA GLU H 443 93.36 -71.21 33.87
C GLU H 443 92.91 -72.49 33.18
N ASP H 444 91.65 -72.88 33.36
CA ASP H 444 91.19 -74.17 32.81
C ASP H 444 90.97 -74.10 31.31
N GLU H 445 90.46 -72.98 30.80
CA GLU H 445 90.26 -72.83 29.36
C GLU H 445 91.49 -72.31 28.64
N ALA H 446 92.63 -72.24 29.33
CA ALA H 446 93.87 -71.83 28.67
C ALA H 446 94.17 -72.71 27.47
N GLU H 447 93.80 -73.98 27.53
CA GLU H 447 93.84 -74.83 26.34
C GLU H 447 92.98 -74.24 25.22
N THR H 448 91.68 -74.10 25.49
CA THR H 448 90.74 -73.61 24.49
C THR H 448 91.22 -72.30 23.87
N ILE H 449 91.44 -71.29 24.72
CA ILE H 449 91.90 -70.00 24.22
C ILE H 449 93.17 -70.15 23.41
N GLY H 450 94.10 -70.99 23.90
CA GLY H 450 95.31 -71.24 23.13
C GLY H 450 95.00 -71.73 21.74
N ASN H 451 94.15 -72.76 21.64
CA ASN H 451 93.76 -73.25 20.32
C ASN H 451 93.06 -72.16 19.52
N LEU H 452 92.34 -71.26 20.19
CA LEU H 452 91.73 -70.14 19.48
C LEU H 452 92.79 -69.30 18.79
N ILE H 453 93.87 -68.98 19.51
CA ILE H 453 94.96 -68.25 18.88
C ILE H 453 95.58 -69.08 17.76
N GLU H 454 95.59 -70.40 17.93
CA GLU H 454 96.10 -71.27 16.88
C GLU H 454 95.20 -71.28 15.66
N GLU H 455 93.90 -71.00 15.84
CA GLU H 455 92.97 -71.03 14.72
C GLU H 455 93.13 -69.82 13.81
N CYS H 456 93.13 -68.62 14.39
CA CYS H 456 93.24 -67.38 13.65
C CYS H 456 94.64 -67.11 13.11
N GLY H 457 95.56 -68.06 13.22
CA GLY H 457 96.91 -67.86 12.74
C GLY H 457 97.74 -66.89 13.55
N GLY H 458 97.21 -66.39 14.68
CA GLY H 458 97.99 -65.49 15.51
C GLY H 458 99.24 -66.11 16.07
N LEU H 459 99.20 -67.41 16.35
CA LEU H 459 100.39 -68.09 16.87
C LEU H 459 101.54 -68.00 15.88
N GLU H 460 101.24 -68.14 14.58
CA GLU H 460 102.27 -67.95 13.57
C GLU H 460 102.87 -66.56 13.66
N LYS H 461 102.01 -65.53 13.78
CA LYS H 461 102.49 -64.16 13.85
C LYS H 461 103.39 -63.96 15.06
N ILE H 462 103.00 -64.51 16.22
CA ILE H 462 103.82 -64.40 17.41
C ILE H 462 105.16 -65.09 17.19
N GLU H 463 105.13 -66.27 16.57
CA GLU H 463 106.37 -67.00 16.34
C GLU H 463 107.30 -66.25 15.39
N GLN H 464 106.76 -65.50 14.43
CA GLN H 464 107.62 -64.70 13.56
C GLN H 464 107.91 -63.32 14.13
N LEU H 465 107.29 -62.94 15.25
CA LEU H 465 107.65 -61.70 15.93
C LEU H 465 108.94 -61.86 16.71
N GLN H 466 109.39 -63.09 16.87
CA GLN H 466 110.57 -63.48 17.60
C GLN H 466 111.83 -63.12 16.80
N ASN H 467 112.14 -61.82 16.76
CA ASN H 467 113.34 -61.33 16.08
C ASN H 467 113.90 -60.15 16.86
N HIS H 468 114.78 -59.38 16.21
CA HIS H 468 115.61 -58.40 16.91
C HIS H 468 115.06 -56.98 16.84
N GLU H 469 113.83 -56.81 16.36
CA GLU H 469 113.23 -55.48 16.28
C GLU H 469 113.20 -54.77 17.63
N ASN H 470 113.00 -55.49 18.72
CA ASN H 470 112.84 -54.86 20.02
C ASN H 470 113.02 -55.90 21.12
N GLU H 471 113.79 -55.53 22.14
CA GLU H 471 114.05 -56.47 23.24
C GLU H 471 112.76 -56.91 23.91
N ASP H 472 111.81 -56.00 24.12
CA ASP H 472 110.62 -56.33 24.90
C ASP H 472 109.69 -57.25 24.11
N ILE H 473 109.50 -56.98 22.82
CA ILE H 473 108.69 -57.86 21.99
C ILE H 473 109.31 -59.24 21.93
N TYR H 474 110.65 -59.30 21.85
CA TYR H 474 111.36 -60.56 21.83
C TYR H 474 111.14 -61.36 23.11
N LYS H 475 111.55 -60.79 24.24
CA LYS H 475 111.50 -61.52 25.50
C LYS H 475 110.07 -61.84 25.89
N LEU H 476 109.19 -60.83 25.89
CA LEU H 476 107.79 -61.08 26.20
C LEU H 476 107.18 -62.11 25.26
N ALA H 477 107.48 -61.99 23.97
CA ALA H 477 106.93 -62.92 22.99
C ALA H 477 107.30 -64.35 23.32
N TYR H 478 108.59 -64.63 23.51
CA TYR H 478 108.97 -66.02 23.73
C TYR H 478 108.56 -66.50 25.11
N GLU H 479 108.46 -65.60 26.09
CA GLU H 479 107.90 -66.00 27.38
C GLU H 479 106.46 -66.46 27.22
N ILE H 480 105.67 -65.74 26.41
CA ILE H 480 104.31 -66.16 26.14
C ILE H 480 104.31 -67.53 25.46
N ILE H 481 105.16 -67.69 24.46
CA ILE H 481 105.19 -68.95 23.72
C ILE H 481 105.52 -70.11 24.64
N ASP H 482 106.69 -70.04 25.29
CA ASP H 482 107.12 -71.12 26.16
C ASP H 482 106.16 -71.37 27.31
N GLN H 483 105.51 -70.33 27.81
CA GLN H 483 104.64 -70.51 28.96
C GLN H 483 103.32 -71.16 28.56
N PHE H 484 102.71 -70.69 27.48
CA PHE H 484 101.34 -71.09 27.16
C PHE H 484 101.21 -71.91 25.88
N PHE H 485 102.25 -72.01 25.06
CA PHE H 485 102.14 -72.68 23.77
C PHE H 485 103.13 -73.83 23.62
N SER H 486 103.54 -74.45 24.72
CA SER H 486 104.35 -75.67 24.65
C SER H 486 103.38 -76.82 24.43
N SER H 487 102.92 -76.94 23.18
CA SER H 487 101.85 -77.85 22.78
C SER H 487 100.61 -77.63 23.65
N PRO I 3 15.53 -21.40 21.18
CA PRO I 3 14.65 -22.55 20.93
C PRO I 3 14.31 -22.73 19.45
N LYS I 4 14.53 -23.94 18.93
CA LYS I 4 14.18 -24.24 17.55
C LYS I 4 12.66 -24.25 17.39
N ARG I 5 12.20 -23.77 16.24
CA ARG I 5 10.78 -23.70 15.94
C ARG I 5 10.56 -24.11 14.49
N ILE I 6 9.53 -24.89 14.26
CA ILE I 6 9.22 -25.38 12.92
C ILE I 6 8.24 -24.40 12.29
N ALA I 7 8.32 -24.25 10.98
CA ALA I 7 7.39 -23.38 10.30
C ALA I 7 6.01 -24.03 10.26
N LYS I 8 5.00 -23.19 10.13
CA LYS I 8 3.63 -23.66 10.19
C LYS I 8 3.22 -24.15 8.81
N ARG I 9 2.33 -25.14 8.79
CA ARG I 9 2.03 -25.79 7.54
C ARG I 9 1.14 -24.87 6.72
N ARG I 10 1.38 -24.86 5.41
CA ARG I 10 0.76 -23.87 4.55
C ARG I 10 -0.63 -24.35 4.16
N SER I 11 -1.62 -23.47 4.33
CA SER I 11 -3.02 -23.82 4.18
C SER I 11 -3.21 -24.67 2.93
N PRO I 12 -3.62 -25.92 3.11
CA PRO I 12 -3.93 -26.74 1.95
C PRO I 12 -5.13 -26.19 1.20
N PRO I 13 -5.21 -26.43 -0.10
CA PRO I 13 -6.33 -25.91 -0.87
C PRO I 13 -7.65 -26.41 -0.32
N ALA I 14 -8.70 -25.62 -0.54
CA ALA I 14 -10.01 -25.97 -0.02
C ALA I 14 -10.84 -26.59 -1.13
N ASP I 15 -11.96 -27.18 -0.74
CA ASP I 15 -12.86 -27.76 -1.71
C ASP I 15 -13.84 -26.66 -2.09
N ALA I 16 -13.60 -26.06 -3.24
CA ALA I 16 -14.31 -24.85 -3.66
C ALA I 16 -15.78 -25.17 -3.89
N ILE I 17 -16.48 -25.55 -2.82
CA ILE I 17 -17.90 -25.87 -2.86
C ILE I 17 -18.57 -24.87 -3.80
N PRO I 18 -18.44 -23.53 -3.59
CA PRO I 18 -18.65 -22.64 -4.73
C PRO I 18 -17.46 -22.78 -5.68
N LYS I 19 -17.70 -23.39 -6.83
CA LYS I 19 -16.71 -23.59 -7.88
C LYS I 19 -16.21 -22.28 -8.47
N SER I 20 -17.06 -21.24 -8.35
CA SER I 20 -16.89 -19.84 -8.80
C SER I 20 -17.23 -19.67 -10.29
N LYS I 21 -17.78 -20.72 -10.90
CA LYS I 21 -18.19 -20.68 -12.28
C LYS I 21 -19.68 -20.82 -12.19
N LYS I 22 -20.46 -19.97 -12.88
CA LYS I 22 -21.89 -20.18 -12.74
C LYS I 22 -22.60 -20.10 -14.08
N VAL I 23 -23.04 -21.25 -14.58
CA VAL I 23 -23.78 -21.29 -15.83
C VAL I 23 -25.23 -20.98 -15.52
N LYS I 24 -25.89 -20.19 -16.35
CA LYS I 24 -27.33 -20.01 -16.24
C LYS I 24 -28.01 -20.85 -17.34
N VAL I 25 -28.74 -21.88 -16.93
CA VAL I 25 -29.25 -22.90 -17.82
C VAL I 25 -30.34 -22.35 -18.75
N SER I 26 -30.37 -22.89 -19.97
CA SER I 26 -31.43 -22.62 -20.94
C SER I 26 -31.80 -23.92 -21.64
N HIS I 27 -33.10 -24.15 -21.78
CA HIS I 27 -33.62 -25.36 -22.41
C HIS I 27 -35.01 -25.06 -22.95
N ARG I 28 -35.41 -25.80 -23.99
CA ARG I 28 -36.68 -25.54 -24.65
C ARG I 28 -37.90 -25.94 -23.83
N SER I 29 -37.73 -26.62 -22.70
CA SER I 29 -38.86 -26.94 -21.82
C SER I 29 -39.17 -25.80 -20.88
N HIS I 30 -38.27 -24.82 -20.79
CA HIS I 30 -38.46 -23.65 -19.95
C HIS I 30 -39.60 -22.78 -20.46
N SER I 31 -40.61 -22.58 -19.62
CA SER I 31 -41.74 -21.75 -19.99
C SER I 31 -41.41 -20.28 -19.77
N THR I 32 -41.68 -19.45 -20.78
CA THR I 32 -41.30 -18.05 -20.75
C THR I 32 -42.48 -17.09 -20.85
N GLU I 33 -43.45 -17.37 -21.70
CA GLU I 33 -44.55 -16.44 -21.92
C GLU I 33 -45.42 -16.35 -20.67
N PRO I 34 -45.66 -15.16 -20.14
CA PRO I 34 -46.48 -15.02 -18.94
C PRO I 34 -47.94 -15.34 -19.23
N GLY I 35 -48.66 -15.67 -18.16
CA GLY I 35 -50.06 -15.99 -18.29
C GLY I 35 -50.78 -15.94 -16.96
N LEU I 36 -51.91 -16.63 -16.91
CA LEU I 36 -52.75 -16.69 -15.72
C LEU I 36 -53.11 -18.14 -15.46
N VAL I 37 -53.37 -18.43 -14.18
CA VAL I 37 -53.60 -19.80 -13.71
C VAL I 37 -55.08 -20.07 -13.60
N LEU I 38 -55.50 -21.24 -14.07
CA LEU I 38 -56.86 -21.72 -13.91
C LEU I 38 -56.82 -23.09 -13.22
N THR I 39 -57.85 -23.37 -12.43
CA THR I 39 -57.95 -24.65 -11.74
C THR I 39 -59.36 -25.20 -11.88
N LEU I 40 -59.48 -26.51 -11.73
CA LEU I 40 -60.78 -27.15 -11.76
C LEU I 40 -60.65 -28.54 -11.16
N GLY I 41 -61.78 -29.09 -10.72
CA GLY I 41 -61.82 -30.40 -10.12
C GLY I 41 -62.06 -30.34 -8.62
N GLN I 42 -61.84 -31.47 -7.96
CA GLN I 42 -62.01 -31.55 -6.53
C GLN I 42 -61.01 -30.66 -5.81
N GLY I 43 -61.50 -29.80 -4.94
CA GLY I 43 -60.66 -28.95 -4.12
C GLY I 43 -60.78 -29.28 -2.66
N ASP I 44 -60.79 -30.58 -2.33
CA ASP I 44 -61.06 -31.02 -0.97
C ASP I 44 -60.09 -30.40 0.04
N VAL I 45 -58.78 -30.53 -0.22
CA VAL I 45 -57.78 -30.02 0.70
C VAL I 45 -57.19 -28.68 0.21
N GLY I 46 -57.87 -28.00 -0.70
CA GLY I 46 -57.45 -26.69 -1.12
C GLY I 46 -56.52 -26.65 -2.30
N GLN I 47 -56.41 -27.75 -3.05
CA GLN I 47 -55.55 -27.76 -4.24
C GLN I 47 -56.07 -26.89 -5.37
N LEU I 48 -57.21 -26.24 -5.20
CA LEU I 48 -57.69 -25.27 -6.19
C LEU I 48 -57.26 -23.85 -5.88
N GLY I 49 -56.94 -23.54 -4.63
CA GLY I 49 -56.46 -22.23 -4.27
C GLY I 49 -57.46 -21.10 -4.41
N LEU I 50 -58.75 -21.41 -4.39
CA LEU I 50 -59.77 -20.39 -4.62
C LEU I 50 -60.36 -19.83 -3.33
N GLY I 51 -60.13 -20.47 -2.20
CA GLY I 51 -60.63 -19.96 -0.94
C GLY I 51 -60.90 -21.08 0.05
N GLU I 52 -61.22 -20.66 1.28
CA GLU I 52 -61.47 -21.64 2.34
C GLU I 52 -62.78 -22.39 2.12
N ASN I 53 -63.78 -21.73 1.53
CA ASN I 53 -65.09 -22.32 1.35
C ASN I 53 -65.29 -22.95 -0.02
N VAL I 54 -64.27 -22.94 -0.87
CA VAL I 54 -64.37 -23.49 -2.22
C VAL I 54 -63.91 -24.94 -2.17
N MET I 55 -64.85 -25.87 -2.38
CA MET I 55 -64.53 -27.29 -2.32
C MET I 55 -64.47 -27.96 -3.68
N GLU I 56 -65.03 -27.36 -4.73
CA GLU I 56 -65.13 -28.05 -6.01
C GLU I 56 -65.41 -27.04 -7.12
N ARG I 57 -64.77 -27.27 -8.27
CA ARG I 57 -65.02 -26.50 -9.49
C ARG I 57 -64.96 -27.46 -10.67
N LYS I 58 -66.01 -27.43 -11.49
CA LYS I 58 -66.15 -28.35 -12.61
C LYS I 58 -65.79 -27.70 -13.94
N LYS I 59 -65.49 -26.42 -13.96
CA LYS I 59 -64.98 -25.70 -15.12
C LYS I 59 -63.98 -24.65 -14.61
N PRO I 60 -63.07 -24.20 -15.48
CA PRO I 60 -61.95 -23.38 -15.00
C PRO I 60 -62.39 -22.12 -14.28
N ALA I 61 -61.65 -21.78 -13.22
CA ALA I 61 -61.84 -20.55 -12.47
C ALA I 61 -60.49 -19.89 -12.25
N LEU I 62 -60.50 -18.56 -12.15
CA LEU I 62 -59.27 -17.80 -12.04
C LEU I 62 -58.75 -17.80 -10.61
N VAL I 63 -57.44 -18.00 -10.46
CA VAL I 63 -56.77 -18.01 -9.17
C VAL I 63 -56.03 -16.70 -8.98
N SER I 64 -56.20 -16.09 -7.80
CA SER I 64 -55.60 -14.78 -7.53
C SER I 64 -54.12 -14.95 -7.23
N ILE I 65 -53.27 -14.47 -8.12
CA ILE I 65 -51.83 -14.47 -7.94
C ILE I 65 -51.35 -13.03 -8.05
N PRO I 66 -50.59 -12.52 -7.10
CA PRO I 66 -50.16 -11.11 -7.16
C PRO I 66 -49.31 -10.78 -8.37
N GLU I 67 -48.61 -11.76 -8.95
CA GLU I 67 -47.73 -11.55 -10.09
C GLU I 67 -48.22 -12.38 -11.28
N ASP I 68 -47.56 -12.19 -12.41
CA ASP I 68 -47.83 -13.01 -13.57
C ASP I 68 -47.19 -14.40 -13.40
N VAL I 69 -47.71 -15.36 -14.15
CA VAL I 69 -47.30 -16.76 -14.03
C VAL I 69 -46.77 -17.23 -15.37
N VAL I 70 -45.58 -17.82 -15.35
CA VAL I 70 -44.93 -18.29 -16.57
C VAL I 70 -45.12 -19.79 -16.75
N GLN I 71 -45.26 -20.52 -15.65
CA GLN I 71 -45.45 -21.96 -15.70
C GLN I 71 -46.29 -22.39 -14.53
N ALA I 72 -47.09 -23.44 -14.73
CA ALA I 72 -47.92 -24.00 -13.66
C ALA I 72 -47.90 -25.51 -13.76
N GLU I 73 -47.68 -26.17 -12.62
CA GLU I 73 -47.69 -27.63 -12.56
C GLU I 73 -48.55 -28.07 -11.38
N ALA I 74 -49.31 -29.13 -11.59
CA ALA I 74 -50.25 -29.65 -10.60
C ALA I 74 -49.69 -30.95 -10.02
N GLY I 75 -49.45 -30.95 -8.72
CA GLY I 75 -49.02 -32.16 -8.04
C GLY I 75 -50.15 -33.13 -7.84
N GLY I 76 -49.87 -34.17 -7.06
CA GLY I 76 -50.86 -35.17 -6.73
C GLY I 76 -52.06 -34.57 -6.02
N MET I 77 -51.82 -34.00 -4.84
CA MET I 77 -52.87 -33.33 -4.07
C MET I 77 -52.50 -31.88 -3.77
N HIS I 78 -51.53 -31.32 -4.50
CA HIS I 78 -51.15 -29.92 -4.33
C HIS I 78 -50.91 -29.32 -5.69
N THR I 79 -50.53 -28.05 -5.71
CA THR I 79 -50.36 -27.31 -6.94
C THR I 79 -49.29 -26.24 -6.74
N VAL I 80 -48.42 -26.09 -7.73
CA VAL I 80 -47.29 -25.18 -7.67
C VAL I 80 -47.28 -24.32 -8.92
N CYS I 81 -47.13 -23.00 -8.71
CA CYS I 81 -47.07 -22.03 -9.79
C CYS I 81 -45.75 -21.26 -9.71
N LEU I 82 -45.19 -20.94 -10.86
CA LEU I 82 -43.93 -20.20 -10.96
C LEU I 82 -44.20 -18.81 -11.50
N SER I 83 -43.83 -17.80 -10.73
CA SER I 83 -44.08 -16.43 -11.12
C SER I 83 -43.01 -15.92 -12.09
N LYS I 84 -43.34 -14.84 -12.79
CA LYS I 84 -42.37 -14.19 -13.66
C LYS I 84 -41.14 -13.74 -12.89
N SER I 85 -41.33 -13.15 -11.72
CA SER I 85 -40.22 -12.63 -10.94
C SER I 85 -39.27 -13.72 -10.47
N GLY I 86 -39.66 -14.98 -10.54
CA GLY I 86 -38.83 -16.09 -10.12
C GLY I 86 -39.30 -16.75 -8.83
N GLN I 87 -40.06 -16.04 -8.00
CA GLN I 87 -40.58 -16.65 -6.79
C GLN I 87 -41.55 -17.77 -7.13
N VAL I 88 -41.70 -18.69 -6.19
CA VAL I 88 -42.56 -19.85 -6.35
C VAL I 88 -43.74 -19.72 -5.39
N TYR I 89 -44.93 -20.00 -5.90
CA TYR I 89 -46.14 -20.04 -5.08
C TYR I 89 -46.66 -21.47 -5.02
N SER I 90 -47.14 -21.87 -3.85
CA SER I 90 -47.64 -23.22 -3.65
C SER I 90 -48.94 -23.19 -2.88
N PHE I 91 -49.83 -24.12 -3.20
CA PHE I 91 -51.07 -24.27 -2.45
C PHE I 91 -51.61 -25.67 -2.63
N GLY I 92 -52.09 -26.26 -1.55
CA GLY I 92 -52.60 -27.60 -1.57
C GLY I 92 -52.43 -28.27 -0.20
N CYS I 93 -52.14 -29.57 -0.23
CA CYS I 93 -52.02 -30.38 0.97
C CYS I 93 -50.60 -30.30 1.52
N ASN I 94 -50.47 -29.78 2.74
CA ASN I 94 -49.17 -29.63 3.38
C ASN I 94 -48.88 -30.73 4.40
N ASP I 95 -49.65 -31.83 4.36
CA ASP I 95 -49.44 -32.91 5.32
C ASP I 95 -48.06 -33.54 5.17
N GLU I 96 -47.56 -33.63 3.94
CA GLU I 96 -46.24 -34.19 3.68
C GLU I 96 -45.20 -33.13 3.38
N GLY I 97 -45.52 -31.85 3.57
CA GLY I 97 -44.56 -30.79 3.36
C GLY I 97 -44.31 -30.42 1.93
N ALA I 98 -45.21 -30.79 1.02
CA ALA I 98 -45.02 -30.51 -0.40
C ALA I 98 -45.15 -29.03 -0.74
N LEU I 99 -45.68 -28.21 0.18
CA LEU I 99 -45.82 -26.78 -0.08
C LEU I 99 -44.56 -26.01 0.25
N GLY I 100 -43.84 -26.41 1.28
CA GLY I 100 -42.62 -25.71 1.67
C GLY I 100 -42.88 -24.32 2.23
N ARG I 101 -43.86 -24.18 3.10
CA ARG I 101 -44.13 -22.91 3.76
C ARG I 101 -45.03 -23.18 4.96
N ASP I 102 -45.10 -22.18 5.84
CA ASP I 102 -45.80 -22.33 7.11
C ASP I 102 -47.30 -22.27 6.89
N THR I 103 -47.98 -23.40 7.10
CA THR I 103 -49.44 -23.46 7.05
C THR I 103 -50.03 -23.74 8.42
N SER I 104 -49.35 -23.29 9.47
CA SER I 104 -49.88 -23.44 10.83
C SER I 104 -51.25 -22.80 10.96
N VAL I 105 -51.40 -21.58 10.45
CA VAL I 105 -52.68 -20.89 10.44
C VAL I 105 -53.61 -21.65 9.50
N GLU I 106 -54.67 -22.25 10.05
CA GLU I 106 -55.61 -22.98 9.22
C GLU I 106 -56.32 -22.03 8.27
N GLY I 107 -56.40 -22.44 7.01
CA GLY I 107 -56.90 -21.58 5.96
C GLY I 107 -55.83 -20.97 5.08
N SER I 108 -54.57 -21.02 5.51
CA SER I 108 -53.48 -20.50 4.69
C SER I 108 -53.06 -21.48 3.61
N GLU I 109 -53.29 -22.78 3.81
CA GLU I 109 -53.05 -23.76 2.76
C GLU I 109 -54.14 -23.77 1.70
N MET I 110 -55.27 -23.09 1.95
CA MET I 110 -56.37 -23.06 1.01
C MET I 110 -56.18 -22.03 -0.09
N VAL I 111 -55.25 -21.10 0.09
CA VAL I 111 -55.02 -20.04 -0.89
C VAL I 111 -53.53 -20.06 -1.26
N PRO I 112 -53.19 -19.54 -2.43
CA PRO I 112 -51.78 -19.51 -2.83
C PRO I 112 -50.95 -18.63 -1.89
N GLY I 113 -49.75 -19.11 -1.59
CA GLY I 113 -48.85 -18.37 -0.73
C GLY I 113 -47.43 -18.48 -1.24
N LYS I 114 -46.62 -17.51 -0.84
CA LYS I 114 -45.23 -17.44 -1.29
C LYS I 114 -44.41 -18.48 -0.55
N VAL I 115 -43.72 -19.34 -1.33
CA VAL I 115 -42.94 -20.42 -0.74
C VAL I 115 -41.75 -19.85 0.03
N GLU I 116 -41.42 -20.49 1.15
CA GLU I 116 -40.30 -20.07 2.00
C GLU I 116 -39.00 -20.40 1.26
N LEU I 117 -38.66 -19.54 0.32
CA LEU I 117 -37.50 -19.72 -0.53
C LEU I 117 -37.20 -18.41 -1.24
N GLN I 118 -35.94 -18.03 -1.27
CA GLN I 118 -35.50 -16.79 -1.89
C GLN I 118 -34.52 -17.14 -3.01
N GLU I 119 -35.05 -17.42 -4.20
CA GLU I 119 -34.24 -17.76 -5.36
C GLU I 119 -34.94 -17.27 -6.61
N LYS I 120 -34.21 -17.29 -7.72
CA LYS I 120 -34.78 -17.05 -9.05
C LYS I 120 -34.94 -18.41 -9.73
N VAL I 121 -36.17 -18.91 -9.73
CA VAL I 121 -36.48 -20.26 -10.18
C VAL I 121 -36.92 -20.21 -11.63
N VAL I 122 -36.34 -21.08 -12.46
CA VAL I 122 -36.67 -21.12 -13.87
C VAL I 122 -37.57 -22.29 -14.26
N GLN I 123 -37.59 -23.36 -13.48
CA GLN I 123 -38.47 -24.49 -13.80
C GLN I 123 -38.99 -25.10 -12.51
N VAL I 124 -40.16 -25.73 -12.58
CA VAL I 124 -40.74 -26.42 -11.43
C VAL I 124 -41.29 -27.76 -11.88
N SER I 125 -41.33 -28.70 -10.93
CA SER I 125 -41.91 -30.01 -11.18
C SER I 125 -42.48 -30.54 -9.87
N ALA I 126 -43.70 -31.10 -9.94
CA ALA I 126 -44.39 -31.58 -8.75
C ALA I 126 -45.04 -32.92 -9.03
N GLY I 127 -44.93 -33.82 -8.06
CA GLY I 127 -45.52 -35.14 -8.16
C GLY I 127 -46.57 -35.42 -7.11
N ASP I 128 -46.56 -36.62 -6.56
CA ASP I 128 -47.59 -37.02 -5.61
C ASP I 128 -47.42 -36.28 -4.28
N SER I 129 -46.25 -36.41 -3.65
CA SER I 129 -46.05 -35.90 -2.30
C SER I 129 -44.84 -34.98 -2.20
N HIS I 130 -44.27 -34.55 -3.32
CA HIS I 130 -43.01 -33.84 -3.30
C HIS I 130 -43.14 -32.59 -4.17
N THR I 131 -42.14 -31.72 -4.10
CA THR I 131 -42.08 -30.59 -5.03
C THR I 131 -40.63 -30.20 -5.22
N ALA I 132 -40.21 -30.10 -6.47
CA ALA I 132 -38.84 -29.81 -6.85
C ALA I 132 -38.79 -28.56 -7.70
N ALA I 133 -37.78 -27.73 -7.45
CA ALA I 133 -37.58 -26.49 -8.20
C ALA I 133 -36.19 -26.49 -8.82
N LEU I 134 -36.09 -25.83 -9.96
CA LEU I 134 -34.84 -25.69 -10.70
C LEU I 134 -34.54 -24.21 -10.89
N THR I 135 -33.43 -23.75 -10.32
CA THR I 135 -33.02 -22.37 -10.36
C THR I 135 -32.28 -22.05 -11.65
N ASP I 136 -31.95 -20.77 -11.82
CA ASP I 136 -31.26 -20.34 -13.02
C ASP I 136 -29.84 -20.87 -13.10
N ASP I 137 -29.13 -20.94 -11.97
CA ASP I 137 -27.73 -21.36 -12.00
C ASP I 137 -27.57 -22.87 -12.11
N GLY I 138 -28.64 -23.64 -12.06
CA GLY I 138 -28.58 -25.06 -12.31
C GLY I 138 -28.74 -25.95 -11.10
N ARG I 139 -28.60 -25.42 -9.89
CA ARG I 139 -28.78 -26.26 -8.71
C ARG I 139 -30.26 -26.49 -8.43
N VAL I 140 -30.58 -27.69 -7.95
CA VAL I 140 -31.95 -28.16 -7.79
C VAL I 140 -32.32 -28.14 -6.32
N PHE I 141 -33.48 -27.56 -6.01
CA PHE I 141 -34.06 -27.65 -4.68
C PHE I 141 -35.20 -28.67 -4.68
N LEU I 142 -35.50 -29.18 -3.50
CA LEU I 142 -36.50 -30.23 -3.35
C LEU I 142 -37.04 -30.20 -1.93
N TRP I 143 -38.35 -30.34 -1.81
CA TRP I 143 -38.97 -30.39 -0.48
C TRP I 143 -40.20 -31.28 -0.56
N GLY I 144 -40.73 -31.62 0.61
CA GLY I 144 -41.82 -32.57 0.68
C GLY I 144 -41.32 -33.94 1.10
N SER I 145 -41.92 -34.99 0.54
CA SER I 145 -41.51 -36.35 0.87
C SER I 145 -41.85 -37.28 -0.29
N PHE I 146 -41.29 -38.48 -0.25
CA PHE I 146 -41.60 -39.54 -1.19
C PHE I 146 -42.41 -40.65 -0.50
N ARG I 147 -43.12 -41.40 -1.33
CA ARG I 147 -43.88 -42.56 -0.87
C ARG I 147 -43.72 -43.68 -1.89
N ASP I 148 -44.48 -44.75 -1.67
CA ASP I 148 -44.53 -45.88 -2.58
C ASP I 148 -45.80 -46.68 -2.25
N ASN I 149 -45.87 -47.92 -2.72
CA ASN I 149 -46.96 -48.81 -2.37
C ASN I 149 -46.96 -49.13 -0.88
N ASN I 150 -45.95 -48.61 -0.16
CA ASN I 150 -45.80 -48.81 1.27
C ASN I 150 -45.65 -47.47 1.97
N GLY I 151 -45.22 -47.47 3.23
CA GLY I 151 -45.10 -46.25 3.99
C GLY I 151 -44.02 -45.30 3.46
N VAL I 152 -43.72 -44.30 4.29
CA VAL I 152 -42.81 -43.22 3.89
C VAL I 152 -41.39 -43.75 3.80
N ILE I 153 -40.64 -43.24 2.81
CA ILE I 153 -39.26 -43.62 2.58
C ILE I 153 -38.30 -42.43 2.72
N GLY I 154 -38.80 -41.27 3.15
CA GLY I 154 -37.96 -40.10 3.29
C GLY I 154 -37.71 -39.39 1.97
N LEU I 155 -36.87 -38.35 2.03
CA LEU I 155 -36.56 -37.53 0.88
C LEU I 155 -35.11 -37.66 0.43
N LEU I 156 -34.16 -37.35 1.31
CA LEU I 156 -32.74 -37.61 1.08
C LEU I 156 -32.11 -38.43 2.20
N GLU I 157 -32.46 -38.14 3.43
CA GLU I 157 -32.13 -38.98 4.56
C GLU I 157 -33.28 -39.95 4.82
N PRO I 158 -33.02 -41.26 4.84
CA PRO I 158 -34.11 -42.24 4.86
C PRO I 158 -35.05 -42.03 6.05
N MET I 159 -36.35 -42.18 5.76
CA MET I 159 -37.41 -42.08 6.76
C MET I 159 -37.47 -40.69 7.39
N LYS I 160 -37.13 -39.65 6.63
CA LYS I 160 -37.19 -38.28 7.12
C LYS I 160 -37.72 -37.39 6.00
N LYS I 161 -38.90 -36.81 6.24
CA LYS I 161 -39.49 -35.85 5.31
C LYS I 161 -38.90 -34.46 5.54
N SER I 162 -39.17 -33.56 4.60
CA SER I 162 -38.67 -32.20 4.65
C SER I 162 -39.82 -31.23 4.48
N MET I 163 -39.97 -30.31 5.45
CA MET I 163 -41.01 -29.30 5.42
C MET I 163 -40.58 -28.02 4.72
N VAL I 164 -39.29 -27.85 4.46
CA VAL I 164 -38.76 -26.64 3.84
C VAL I 164 -37.83 -27.05 2.71
N PRO I 165 -37.61 -26.16 1.74
CA PRO I 165 -36.74 -26.51 0.60
C PRO I 165 -35.35 -26.92 1.05
N VAL I 166 -34.83 -27.96 0.41
CA VAL I 166 -33.50 -28.50 0.69
C VAL I 166 -32.79 -28.70 -0.64
N GLN I 167 -31.54 -28.23 -0.73
CA GLN I 167 -30.77 -28.37 -1.96
C GLN I 167 -30.33 -29.80 -2.17
N VAL I 168 -30.49 -30.29 -3.39
CA VAL I 168 -29.84 -31.52 -3.83
C VAL I 168 -28.45 -31.11 -4.31
N GLN I 169 -27.47 -31.22 -3.42
CA GLN I 169 -26.14 -30.68 -3.70
C GLN I 169 -25.44 -31.55 -4.73
N LEU I 170 -25.20 -30.98 -5.92
CA LEU I 170 -24.54 -31.68 -7.01
C LEU I 170 -23.53 -30.76 -7.66
N ASP I 171 -22.40 -31.34 -8.09
CA ASP I 171 -21.35 -30.54 -8.70
C ASP I 171 -21.72 -30.06 -10.10
N VAL I 172 -22.57 -30.79 -10.80
CA VAL I 172 -22.91 -30.50 -12.20
C VAL I 172 -24.20 -29.70 -12.22
N PRO I 173 -24.27 -28.59 -12.96
CA PRO I 173 -25.54 -27.88 -13.11
C PRO I 173 -26.57 -28.73 -13.83
N VAL I 174 -27.84 -28.48 -13.53
CA VAL I 174 -28.95 -29.24 -14.08
C VAL I 174 -29.76 -28.31 -14.97
N VAL I 175 -30.07 -28.78 -16.18
CA VAL I 175 -30.84 -27.97 -17.12
C VAL I 175 -32.33 -28.29 -17.12
N LYS I 176 -32.73 -29.49 -16.69
CA LYS I 176 -34.14 -29.83 -16.66
C LYS I 176 -34.45 -30.71 -15.46
N VAL I 177 -35.61 -30.48 -14.84
CA VAL I 177 -36.12 -31.36 -13.80
C VAL I 177 -37.44 -31.95 -14.31
N ALA I 178 -37.72 -33.19 -13.90
CA ALA I 178 -38.97 -33.84 -14.27
C ALA I 178 -39.37 -34.80 -13.17
N SER I 179 -40.66 -34.79 -12.82
CA SER I 179 -41.16 -35.51 -11.66
C SER I 179 -42.27 -36.47 -12.07
N GLY I 180 -42.17 -37.72 -11.62
CA GLY I 180 -43.28 -38.64 -11.59
C GLY I 180 -44.06 -38.49 -10.31
N ASN I 181 -44.78 -39.55 -9.94
CA ASN I 181 -45.45 -39.55 -8.64
C ASN I 181 -44.45 -39.51 -7.51
N ASP I 182 -43.55 -40.48 -7.45
CA ASP I 182 -42.63 -40.62 -6.32
C ASP I 182 -41.21 -40.86 -6.79
N HIS I 183 -40.84 -40.31 -7.94
CA HIS I 183 -39.45 -40.30 -8.37
C HIS I 183 -39.14 -38.98 -9.05
N LEU I 184 -37.85 -38.67 -9.14
CA LEU I 184 -37.39 -37.40 -9.70
C LEU I 184 -36.20 -37.65 -10.60
N VAL I 185 -36.25 -37.13 -11.82
CA VAL I 185 -35.12 -37.22 -12.73
C VAL I 185 -34.64 -35.81 -13.03
N MET I 186 -33.32 -35.69 -13.21
CA MET I 186 -32.67 -34.41 -13.44
C MET I 186 -31.72 -34.57 -14.62
N LEU I 187 -32.01 -33.85 -15.70
CA LEU I 187 -31.14 -33.82 -16.86
C LEU I 187 -30.17 -32.66 -16.72
N THR I 188 -28.87 -32.98 -16.77
CA THR I 188 -27.82 -31.99 -16.61
C THR I 188 -27.44 -31.39 -17.95
N ALA I 189 -26.54 -30.40 -17.90
CA ALA I 189 -26.03 -29.82 -19.14
C ALA I 189 -25.23 -30.85 -19.93
N ASP I 190 -24.31 -31.54 -19.26
CA ASP I 190 -23.44 -32.50 -19.92
C ASP I 190 -24.17 -33.71 -20.48
N GLY I 191 -25.49 -33.78 -20.31
CA GLY I 191 -26.26 -34.91 -20.80
C GLY I 191 -26.42 -36.04 -19.81
N ASP I 192 -25.68 -36.03 -18.71
CA ASP I 192 -25.87 -37.04 -17.68
C ASP I 192 -27.25 -36.91 -17.07
N LEU I 193 -27.87 -38.05 -16.77
CA LEU I 193 -29.24 -38.11 -16.29
C LEU I 193 -29.23 -38.71 -14.89
N TYR I 194 -29.44 -37.88 -13.87
CA TYR I 194 -29.51 -38.36 -12.50
C TYR I 194 -30.94 -38.69 -12.12
N THR I 195 -31.10 -39.65 -11.22
CA THR I 195 -32.41 -40.05 -10.72
C THR I 195 -32.37 -40.19 -9.21
N LEU I 196 -33.52 -40.04 -8.59
CA LEU I 196 -33.65 -40.26 -7.16
C LEU I 196 -35.11 -40.54 -6.83
N GLY I 197 -35.34 -41.01 -5.62
CA GLY I 197 -36.66 -41.38 -5.16
C GLY I 197 -36.84 -42.88 -5.06
N CYS I 198 -38.11 -43.29 -4.99
CA CYS I 198 -38.43 -44.71 -4.92
C CYS I 198 -38.13 -45.40 -6.25
N GLY I 199 -37.83 -46.70 -6.16
CA GLY I 199 -37.60 -47.50 -7.35
C GLY I 199 -38.31 -48.83 -7.31
N GLU I 200 -39.33 -48.94 -6.46
CA GLU I 200 -40.02 -50.22 -6.24
C GLU I 200 -40.42 -50.87 -7.55
N GLN I 201 -40.99 -50.09 -8.48
CA GLN I 201 -41.39 -50.61 -9.77
C GLN I 201 -40.34 -50.37 -10.85
N GLY I 202 -39.15 -49.89 -10.46
CA GLY I 202 -38.07 -49.69 -11.40
C GLY I 202 -38.07 -48.37 -12.13
N GLN I 203 -38.73 -47.35 -11.58
CA GLN I 203 -38.76 -46.02 -12.20
C GLN I 203 -37.45 -45.25 -12.02
N LEU I 204 -36.41 -45.88 -11.48
CA LEU I 204 -35.09 -45.26 -11.38
C LEU I 204 -34.14 -45.75 -12.48
N GLY I 205 -34.22 -47.02 -12.84
CA GLY I 205 -33.45 -47.56 -13.95
C GLY I 205 -32.01 -47.89 -13.65
N ARG I 206 -31.43 -47.32 -12.58
CA ARG I 206 -30.03 -47.53 -12.25
C ARG I 206 -29.83 -48.49 -11.10
N VAL I 207 -30.86 -49.22 -10.69
CA VAL I 207 -30.74 -50.20 -9.61
C VAL I 207 -31.37 -51.51 -10.03
N PRO I 208 -30.75 -52.27 -10.94
CA PRO I 208 -31.33 -53.56 -11.35
C PRO I 208 -31.26 -54.62 -10.25
N GLU I 209 -30.05 -54.86 -9.75
CA GLU I 209 -29.80 -56.00 -8.87
C GLU I 209 -30.47 -55.87 -7.52
N LEU I 210 -30.88 -54.65 -7.15
CA LEU I 210 -31.55 -54.42 -5.87
C LEU I 210 -32.86 -55.16 -5.76
N PHE I 211 -33.48 -55.54 -6.88
CA PHE I 211 -34.84 -56.08 -6.89
C PHE I 211 -34.88 -57.52 -7.38
N ALA I 212 -34.11 -58.40 -6.75
CA ALA I 212 -34.14 -59.82 -7.05
C ALA I 212 -35.10 -60.43 -6.04
N ASN I 213 -36.39 -60.43 -6.41
CA ASN I 213 -37.48 -60.80 -5.52
C ASN I 213 -37.47 -59.87 -4.30
N ARG I 214 -37.11 -58.62 -4.56
CA ARG I 214 -36.94 -57.60 -3.53
C ARG I 214 -37.58 -56.29 -3.95
N GLY I 215 -38.07 -55.56 -2.95
CA GLY I 215 -38.61 -54.24 -3.16
C GLY I 215 -37.49 -53.23 -3.17
N GLY I 216 -37.83 -51.98 -2.83
CA GLY I 216 -36.86 -50.90 -2.80
C GLY I 216 -36.48 -50.46 -1.41
N ARG I 217 -36.92 -51.17 -0.37
CA ARG I 217 -36.60 -50.84 1.00
C ARG I 217 -35.30 -51.47 1.46
N GLN I 218 -34.64 -52.25 0.61
CA GLN I 218 -33.32 -52.79 0.94
C GLN I 218 -32.25 -51.70 0.81
N GLY I 219 -32.09 -51.19 -0.40
CA GLY I 219 -31.12 -50.16 -0.72
C GLY I 219 -31.59 -48.74 -0.54
N LEU I 220 -32.49 -48.50 0.43
CA LEU I 220 -32.95 -47.13 0.66
C LEU I 220 -31.77 -46.20 0.88
N GLU I 221 -30.71 -46.69 1.53
CA GLU I 221 -29.48 -45.90 1.65
C GLU I 221 -28.84 -45.63 0.29
N ARG I 222 -29.07 -46.53 -0.69
CA ARG I 222 -28.53 -46.37 -2.03
C ARG I 222 -29.43 -45.54 -2.95
N LEU I 223 -30.74 -45.55 -2.72
CA LEU I 223 -31.67 -44.93 -3.66
C LEU I 223 -31.66 -43.40 -3.56
N LEU I 224 -31.63 -42.86 -2.34
CA LEU I 224 -31.81 -41.44 -2.12
C LEU I 224 -30.57 -40.61 -2.46
N VAL I 225 -29.57 -41.20 -3.09
CA VAL I 225 -28.39 -40.48 -3.55
C VAL I 225 -28.48 -40.33 -5.06
N PRO I 226 -28.37 -39.12 -5.60
CA PRO I 226 -28.45 -38.95 -7.05
C PRO I 226 -27.28 -39.62 -7.76
N LYS I 227 -27.59 -40.48 -8.72
CA LYS I 227 -26.58 -41.16 -9.52
C LYS I 227 -27.07 -41.25 -10.97
N CYS I 228 -26.10 -41.36 -11.88
CA CYS I 228 -26.41 -41.40 -13.30
C CYS I 228 -26.83 -42.80 -13.74
N VAL I 229 -27.24 -42.91 -14.99
CA VAL I 229 -27.60 -44.17 -15.61
C VAL I 229 -26.56 -44.47 -16.70
N MET I 230 -25.71 -45.45 -16.45
CA MET I 230 -24.64 -45.83 -17.36
C MET I 230 -25.18 -46.85 -18.37
N LEU I 231 -24.87 -46.64 -19.66
CA LEU I 231 -25.37 -47.51 -20.70
C LEU I 231 -24.30 -47.83 -21.73
N LYS I 232 -24.34 -49.06 -22.24
CA LYS I 232 -23.41 -49.56 -23.25
C LYS I 232 -23.78 -49.07 -24.65
N SER I 233 -22.99 -48.13 -25.17
CA SER I 233 -23.26 -47.50 -26.47
C SER I 233 -22.90 -48.38 -27.68
N ARG I 234 -22.65 -49.68 -27.50
CA ARG I 234 -22.42 -50.65 -28.59
C ARG I 234 -21.31 -50.15 -29.53
N GLY I 235 -20.08 -50.20 -29.02
CA GLY I 235 -18.97 -49.55 -29.67
C GLY I 235 -18.75 -48.32 -28.83
N SER I 236 -18.69 -48.56 -27.52
CA SER I 236 -19.07 -47.55 -26.55
C SER I 236 -18.04 -46.45 -26.40
N ARG I 237 -18.55 -45.23 -26.27
CA ARG I 237 -17.82 -44.05 -25.83
C ARG I 237 -17.92 -44.01 -24.31
N GLY I 238 -17.73 -42.84 -23.70
CA GLY I 238 -17.93 -42.70 -22.27
C GLY I 238 -19.28 -43.25 -21.85
N HIS I 239 -20.35 -42.54 -22.17
CA HIS I 239 -21.70 -42.98 -21.85
C HIS I 239 -22.67 -42.45 -22.90
N VAL I 240 -23.93 -42.82 -22.76
CA VAL I 240 -24.98 -42.36 -23.66
C VAL I 240 -25.48 -41.00 -23.18
N ARG I 241 -25.53 -40.04 -24.11
CA ARG I 241 -26.00 -38.70 -23.80
C ARG I 241 -27.52 -38.60 -23.97
N PHE I 242 -28.08 -37.48 -23.56
CA PHE I 242 -29.52 -37.27 -23.67
C PHE I 242 -29.83 -35.80 -23.94
N GLN I 243 -30.88 -35.59 -24.74
CA GLN I 243 -31.35 -34.27 -25.11
C GLN I 243 -32.48 -33.78 -24.22
N ASP I 244 -33.33 -34.69 -23.79
CA ASP I 244 -34.58 -34.34 -23.13
C ASP I 244 -35.04 -35.55 -22.32
N ALA I 245 -36.01 -35.32 -21.45
CA ALA I 245 -36.53 -36.39 -20.61
C ALA I 245 -37.93 -36.03 -20.18
N PHE I 246 -38.71 -37.07 -19.88
CA PHE I 246 -40.08 -36.88 -19.42
C PHE I 246 -40.38 -37.95 -18.39
N CYS I 247 -41.31 -37.65 -17.50
CA CYS I 247 -41.68 -38.56 -16.42
C CYS I 247 -43.15 -38.94 -16.53
N GLY I 248 -43.40 -40.23 -16.66
CA GLY I 248 -44.70 -40.78 -16.36
C GLY I 248 -44.89 -40.86 -14.86
N ALA I 249 -46.01 -41.46 -14.46
CA ALA I 249 -46.31 -41.58 -13.04
C ALA I 249 -45.30 -42.48 -12.33
N TYR I 250 -45.21 -43.74 -12.76
CA TYR I 250 -44.28 -44.71 -12.19
C TYR I 250 -43.25 -45.17 -13.21
N PHE I 251 -42.96 -44.33 -14.21
CA PHE I 251 -42.05 -44.69 -15.28
C PHE I 251 -41.46 -43.41 -15.87
N THR I 252 -40.44 -43.59 -16.71
CA THR I 252 -39.64 -42.47 -17.20
C THR I 252 -39.20 -42.73 -18.63
N PHE I 253 -39.25 -41.68 -19.44
CA PHE I 253 -38.78 -41.69 -20.82
C PHE I 253 -37.66 -40.67 -20.98
N ALA I 254 -36.85 -40.87 -22.01
CA ALA I 254 -35.73 -39.99 -22.28
C ALA I 254 -35.42 -40.00 -23.77
N ILE I 255 -35.10 -38.82 -24.32
CA ILE I 255 -34.74 -38.65 -25.71
C ILE I 255 -33.27 -38.22 -25.79
N SER I 256 -32.49 -38.92 -26.60
CA SER I 256 -31.06 -38.71 -26.74
C SER I 256 -30.75 -37.94 -28.02
N HIS I 257 -29.46 -37.61 -28.19
CA HIS I 257 -29.03 -36.93 -29.40
C HIS I 257 -29.17 -37.82 -30.63
N GLU I 258 -29.01 -39.14 -30.45
CA GLU I 258 -29.20 -40.10 -31.53
C GLU I 258 -30.65 -40.22 -31.98
N GLY I 259 -31.57 -39.47 -31.37
CA GLY I 259 -32.97 -39.57 -31.71
C GLY I 259 -33.70 -40.74 -31.10
N HIS I 260 -33.00 -41.70 -30.52
CA HIS I 260 -33.65 -42.86 -29.93
C HIS I 260 -34.43 -42.47 -28.68
N VAL I 261 -35.41 -43.31 -28.34
CA VAL I 261 -36.29 -43.08 -27.21
C VAL I 261 -36.12 -44.23 -26.22
N TYR I 262 -35.74 -43.90 -24.99
CA TYR I 262 -35.58 -44.89 -23.93
C TYR I 262 -36.66 -44.69 -22.87
N GLY I 263 -36.88 -45.73 -22.08
CA GLY I 263 -37.91 -45.68 -21.06
C GLY I 263 -37.82 -46.88 -20.16
N PHE I 264 -38.39 -46.74 -18.97
CA PHE I 264 -38.30 -47.80 -17.97
C PHE I 264 -39.29 -47.51 -16.85
N GLY I 265 -39.80 -48.57 -16.24
CA GLY I 265 -40.77 -48.49 -15.17
C GLY I 265 -41.65 -49.72 -15.17
N LEU I 266 -42.88 -49.54 -14.70
CA LEU I 266 -43.86 -50.61 -14.67
C LEU I 266 -44.69 -50.60 -15.94
N SER I 267 -44.85 -51.78 -16.56
CA SER I 267 -45.62 -51.95 -17.78
C SER I 267 -46.73 -52.97 -17.57
N ASN I 268 -47.41 -52.89 -16.42
CA ASN I 268 -48.47 -53.85 -16.12
C ASN I 268 -49.62 -53.77 -17.12
N TYR I 269 -49.99 -52.55 -17.52
CA TYR I 269 -51.04 -52.34 -18.52
C TYR I 269 -50.46 -51.91 -19.86
N HIS I 270 -49.22 -52.34 -20.15
CA HIS I 270 -48.58 -52.14 -21.44
C HIS I 270 -48.36 -50.65 -21.73
N GLN I 271 -48.24 -49.84 -20.68
CA GLN I 271 -48.12 -48.39 -20.81
C GLN I 271 -46.71 -47.93 -21.16
N LEU I 272 -45.80 -48.84 -21.46
CA LEU I 272 -44.45 -48.49 -21.88
C LEU I 272 -44.17 -48.87 -23.34
N GLY I 273 -45.17 -49.31 -24.08
CA GLY I 273 -44.96 -49.74 -25.45
C GLY I 273 -44.32 -51.10 -25.59
N THR I 274 -44.09 -51.81 -24.48
CA THR I 274 -43.50 -53.14 -24.52
C THR I 274 -44.56 -54.19 -24.82
N PRO I 275 -44.20 -55.26 -25.51
CA PRO I 275 -45.19 -56.32 -25.78
C PRO I 275 -45.67 -57.05 -24.54
N GLY I 276 -44.82 -57.18 -23.51
CA GLY I 276 -45.16 -57.92 -22.32
C GLY I 276 -45.35 -57.03 -21.10
N THR I 277 -45.88 -57.64 -20.04
CA THR I 277 -46.13 -56.98 -18.77
C THR I 277 -44.92 -57.01 -17.85
N GLU I 278 -43.77 -57.48 -18.32
CA GLU I 278 -42.59 -57.58 -17.47
C GLU I 278 -42.11 -56.21 -17.03
N SER I 279 -41.68 -56.13 -15.77
CA SER I 279 -41.15 -54.88 -15.25
C SER I 279 -39.80 -54.57 -15.88
N CYS I 280 -39.62 -53.33 -16.31
CA CYS I 280 -38.40 -52.89 -16.99
C CYS I 280 -37.53 -52.14 -15.99
N PHE I 281 -36.52 -52.84 -15.46
CA PHE I 281 -35.56 -52.23 -14.55
C PHE I 281 -34.31 -51.73 -15.27
N ILE I 282 -34.21 -51.99 -16.57
CA ILE I 282 -33.09 -51.57 -17.40
C ILE I 282 -33.65 -50.61 -18.45
N PRO I 283 -32.90 -49.56 -18.84
CA PRO I 283 -33.43 -48.65 -19.87
C PRO I 283 -33.54 -49.32 -21.23
N GLN I 284 -34.58 -50.16 -21.38
CA GLN I 284 -34.76 -50.91 -22.60
C GLN I 284 -35.05 -49.98 -23.77
N ASN I 285 -34.38 -50.23 -24.89
CA ASN I 285 -34.66 -49.48 -26.11
C ASN I 285 -35.97 -49.98 -26.72
N LEU I 286 -36.92 -49.07 -26.90
CA LEU I 286 -38.27 -49.43 -27.33
C LEU I 286 -38.31 -49.50 -28.85
N THR I 287 -38.47 -50.70 -29.39
CA THR I 287 -38.60 -50.86 -30.83
C THR I 287 -39.96 -50.40 -31.34
N SER I 288 -40.96 -50.31 -30.45
CA SER I 288 -42.28 -49.87 -30.87
C SER I 288 -42.32 -48.41 -31.29
N PHE I 289 -41.29 -47.63 -30.94
CA PHE I 289 -41.23 -46.21 -31.28
C PHE I 289 -40.19 -45.91 -32.35
N LYS I 290 -39.46 -46.91 -32.81
CA LYS I 290 -38.38 -46.69 -33.78
C LYS I 290 -38.97 -46.39 -35.15
N ASN I 291 -38.75 -45.18 -35.65
CA ASN I 291 -39.21 -44.80 -36.98
C ASN I 291 -38.34 -43.64 -37.47
N SER I 292 -37.86 -43.75 -38.71
CA SER I 292 -37.00 -42.69 -39.25
C SER I 292 -37.81 -41.44 -39.56
N THR I 293 -39.03 -41.61 -40.06
CA THR I 293 -39.87 -40.45 -40.40
C THR I 293 -40.34 -39.74 -39.14
N LYS I 294 -40.90 -40.49 -38.19
CA LYS I 294 -41.45 -39.88 -36.98
C LYS I 294 -40.33 -39.53 -36.01
N SER I 295 -40.32 -38.27 -35.59
CA SER I 295 -39.36 -37.78 -34.61
C SER I 295 -40.14 -37.33 -33.37
N TRP I 296 -39.88 -38.01 -32.25
CA TRP I 296 -40.66 -37.77 -31.04
C TRP I 296 -40.18 -36.50 -30.34
N VAL I 297 -41.13 -35.67 -29.92
CA VAL I 297 -40.84 -34.42 -29.22
C VAL I 297 -41.45 -34.37 -27.83
N GLY I 298 -42.69 -34.83 -27.67
CA GLY I 298 -43.34 -34.64 -26.37
C GLY I 298 -43.91 -35.89 -25.75
N PHE I 299 -43.62 -36.13 -24.47
CA PHE I 299 -44.10 -37.31 -23.78
C PHE I 299 -44.85 -36.90 -22.51
N SER I 300 -45.74 -37.79 -22.08
CA SER I 300 -46.50 -37.62 -20.85
C SER I 300 -47.19 -38.93 -20.53
N GLY I 301 -47.56 -39.10 -19.27
CA GLY I 301 -48.21 -40.34 -18.87
C GLY I 301 -48.82 -40.31 -17.48
N GLY I 302 -49.90 -41.08 -17.31
CA GLY I 302 -50.55 -41.23 -16.03
C GLY I 302 -50.09 -42.48 -15.30
N GLN I 303 -50.92 -42.91 -14.34
CA GLN I 303 -50.54 -44.06 -13.52
C GLN I 303 -50.54 -45.35 -14.32
N HIS I 304 -51.40 -45.47 -15.33
CA HIS I 304 -51.40 -46.66 -16.17
C HIS I 304 -51.62 -46.34 -17.65
N HIS I 305 -51.52 -45.09 -18.08
CA HIS I 305 -51.66 -44.72 -19.48
C HIS I 305 -50.54 -43.80 -19.89
N THR I 306 -50.42 -43.56 -21.20
CA THR I 306 -49.33 -42.77 -21.74
C THR I 306 -49.78 -42.07 -23.01
N VAL I 307 -49.47 -40.78 -23.13
CA VAL I 307 -49.78 -39.99 -24.32
C VAL I 307 -48.51 -39.28 -24.77
N CYS I 308 -48.29 -39.26 -26.09
CA CYS I 308 -47.09 -38.69 -26.67
C CYS I 308 -47.47 -37.83 -27.88
N MET I 309 -46.46 -37.20 -28.50
CA MET I 309 -46.67 -36.34 -29.64
C MET I 309 -45.36 -36.21 -30.41
N ASP I 310 -45.51 -36.10 -31.74
CA ASP I 310 -44.41 -36.09 -32.68
C ASP I 310 -44.11 -34.66 -33.13
N SER I 311 -43.06 -34.52 -33.95
CA SER I 311 -42.67 -33.20 -34.47
C SER I 311 -43.70 -32.63 -35.44
N GLU I 312 -44.55 -33.47 -36.02
CA GLU I 312 -45.56 -33.01 -36.97
C GLU I 312 -46.85 -32.58 -36.30
N GLY I 313 -46.98 -32.76 -34.99
CA GLY I 313 -48.16 -32.33 -34.26
C GLY I 313 -49.17 -33.42 -33.95
N LYS I 314 -48.97 -34.62 -34.48
CA LYS I 314 -49.91 -35.72 -34.23
C LYS I 314 -49.61 -36.36 -32.88
N ALA I 315 -50.63 -36.41 -32.02
CA ALA I 315 -50.48 -36.97 -30.68
C ALA I 315 -50.99 -38.40 -30.66
N TYR I 316 -50.18 -39.30 -30.13
CA TYR I 316 -50.51 -40.71 -30.03
C TYR I 316 -50.80 -41.07 -28.58
N SER I 317 -51.36 -42.26 -28.37
CA SER I 317 -51.68 -42.71 -27.02
C SER I 317 -51.57 -44.22 -26.96
N LEU I 318 -51.31 -44.73 -25.75
CA LEU I 318 -51.23 -46.16 -25.50
C LEU I 318 -51.36 -46.41 -24.01
N GLY I 319 -51.54 -47.68 -23.65
CA GLY I 319 -51.67 -48.06 -22.26
C GLY I 319 -53.03 -48.64 -21.91
N ARG I 320 -53.40 -48.55 -20.64
CA ARG I 320 -54.69 -49.07 -20.19
C ARG I 320 -55.82 -48.29 -20.84
N ALA I 321 -56.95 -48.97 -21.07
CA ALA I 321 -58.05 -48.39 -21.82
C ALA I 321 -59.29 -48.12 -20.98
N GLU I 322 -59.31 -48.54 -19.73
CA GLU I 322 -60.52 -48.40 -18.92
C GLU I 322 -60.81 -46.93 -18.62
N TYR I 323 -62.09 -46.65 -18.37
CA TYR I 323 -62.58 -45.32 -17.99
C TYR I 323 -62.31 -44.27 -19.05
N GLY I 324 -62.12 -44.69 -20.31
CA GLY I 324 -61.96 -43.76 -21.40
C GLY I 324 -60.71 -42.91 -21.33
N ARG I 325 -59.65 -43.42 -20.72
CA ARG I 325 -58.43 -42.64 -20.56
C ARG I 325 -57.61 -42.56 -21.85
N LEU I 326 -57.89 -43.42 -22.83
CA LEU I 326 -57.22 -43.34 -24.12
C LEU I 326 -57.97 -42.41 -25.09
N GLY I 327 -59.29 -42.57 -25.18
CA GLY I 327 -60.09 -41.73 -26.03
C GLY I 327 -59.90 -41.94 -27.52
N LEU I 328 -60.16 -43.16 -27.99
CA LEU I 328 -59.96 -43.50 -29.39
C LEU I 328 -61.27 -43.80 -30.12
N GLY I 329 -62.04 -44.77 -29.64
CA GLY I 329 -63.21 -45.21 -30.39
C GLY I 329 -64.43 -45.54 -29.56
N GLU I 330 -64.58 -44.86 -28.41
CA GLU I 330 -65.72 -45.06 -27.52
C GLU I 330 -65.82 -46.52 -27.06
N GLY I 331 -64.76 -46.98 -26.42
CA GLY I 331 -64.69 -48.33 -25.92
C GLY I 331 -63.72 -49.25 -26.62
N ALA I 332 -62.71 -48.72 -27.29
CA ALA I 332 -61.72 -49.57 -27.96
C ALA I 332 -60.96 -50.42 -26.94
N GLU I 333 -60.51 -51.59 -27.39
CA GLU I 333 -59.82 -52.50 -26.50
C GLU I 333 -58.44 -51.96 -26.13
N GLU I 334 -57.82 -52.63 -25.16
CA GLU I 334 -56.51 -52.20 -24.66
C GLU I 334 -55.47 -52.28 -25.77
N LYS I 335 -54.61 -51.27 -25.83
CA LYS I 335 -53.62 -51.13 -26.89
C LYS I 335 -52.23 -51.00 -26.27
N SER I 336 -51.27 -51.73 -26.82
CA SER I 336 -49.89 -51.70 -26.36
C SER I 336 -48.99 -50.90 -27.30
N ILE I 337 -49.55 -50.26 -28.30
CA ILE I 337 -48.77 -49.54 -29.31
C ILE I 337 -49.30 -48.12 -29.43
N PRO I 338 -48.47 -47.18 -29.87
CA PRO I 338 -48.96 -45.80 -30.05
C PRO I 338 -50.00 -45.74 -31.15
N THR I 339 -51.13 -45.10 -30.86
CA THR I 339 -52.26 -45.04 -31.76
C THR I 339 -52.64 -43.57 -32.01
N LEU I 340 -52.70 -43.20 -33.29
CA LEU I 340 -53.10 -41.85 -33.65
C LEU I 340 -54.55 -41.57 -33.26
N ILE I 341 -54.79 -40.36 -32.79
CA ILE I 341 -56.13 -39.88 -32.48
C ILE I 341 -56.51 -38.94 -33.62
N SER I 342 -57.34 -39.42 -34.53
CA SER I 342 -57.68 -38.63 -35.72
C SER I 342 -58.48 -37.38 -35.39
N ARG I 343 -59.14 -37.35 -34.23
CA ARG I 343 -59.98 -36.21 -33.88
C ARG I 343 -59.18 -34.99 -33.42
N LEU I 344 -57.85 -35.08 -33.38
CA LEU I 344 -57.06 -33.99 -32.82
C LEU I 344 -56.43 -33.16 -33.91
N PRO I 345 -56.56 -31.82 -33.87
CA PRO I 345 -55.82 -30.97 -34.80
C PRO I 345 -54.34 -30.91 -34.46
N ALA I 346 -53.60 -30.03 -35.14
CA ALA I 346 -52.17 -29.87 -34.87
C ALA I 346 -51.94 -29.50 -33.41
N VAL I 347 -51.32 -30.40 -32.66
CA VAL I 347 -51.17 -30.25 -31.22
C VAL I 347 -49.88 -29.51 -30.92
N SER I 348 -49.96 -28.51 -30.05
CA SER I 348 -48.75 -27.81 -29.61
C SER I 348 -48.07 -28.56 -28.47
N SER I 349 -48.84 -29.08 -27.52
CA SER I 349 -48.26 -29.80 -26.40
C SER I 349 -49.31 -30.74 -25.84
N VAL I 350 -48.85 -31.81 -25.18
CA VAL I 350 -49.74 -32.81 -24.61
C VAL I 350 -49.44 -32.93 -23.12
N ALA I 351 -50.38 -33.52 -22.39
CA ALA I 351 -50.19 -33.76 -20.97
C ALA I 351 -51.14 -34.86 -20.51
N CYS I 352 -50.85 -35.43 -19.34
CA CYS I 352 -51.63 -36.50 -18.78
C CYS I 352 -51.90 -36.25 -17.29
N GLY I 353 -53.09 -36.61 -16.85
CA GLY I 353 -53.44 -36.57 -15.45
C GLY I 353 -53.27 -37.92 -14.77
N ALA I 354 -53.94 -38.06 -13.62
CA ALA I 354 -53.93 -39.34 -12.92
C ALA I 354 -54.58 -40.42 -13.78
N SER I 355 -55.84 -40.22 -14.16
CA SER I 355 -56.55 -41.15 -15.02
C SER I 355 -57.11 -40.47 -16.26
N VAL I 356 -56.62 -39.28 -16.60
CA VAL I 356 -57.15 -38.48 -17.69
C VAL I 356 -55.99 -38.05 -18.61
N GLY I 357 -56.34 -37.27 -19.63
CA GLY I 357 -55.38 -36.80 -20.60
C GLY I 357 -55.88 -35.52 -21.25
N TYR I 358 -54.94 -34.64 -21.55
CA TYR I 358 -55.23 -33.31 -22.07
C TYR I 358 -54.33 -33.00 -23.25
N ALA I 359 -54.87 -32.27 -24.23
CA ALA I 359 -54.12 -31.85 -25.39
C ALA I 359 -54.29 -30.34 -25.57
N VAL I 360 -53.26 -29.71 -26.11
CA VAL I 360 -53.25 -28.27 -26.36
C VAL I 360 -52.77 -28.04 -27.79
N THR I 361 -53.65 -27.52 -28.63
CA THR I 361 -53.35 -27.26 -30.03
C THR I 361 -52.57 -25.95 -30.19
N LYS I 362 -51.99 -25.78 -31.38
CA LYS I 362 -51.19 -24.60 -31.64
C LYS I 362 -52.04 -23.33 -31.65
N ASP I 363 -53.29 -23.43 -32.10
CA ASP I 363 -54.15 -22.26 -32.14
C ASP I 363 -54.62 -21.81 -30.76
N GLY I 364 -54.44 -22.63 -29.74
CA GLY I 364 -54.81 -22.28 -28.39
C GLY I 364 -55.94 -23.09 -27.80
N ARG I 365 -56.54 -24.00 -28.55
CA ARG I 365 -57.63 -24.80 -28.02
C ARG I 365 -57.09 -25.96 -27.18
N VAL I 366 -57.89 -26.37 -26.20
CA VAL I 366 -57.52 -27.44 -25.28
C VAL I 366 -58.62 -28.50 -25.28
N PHE I 367 -58.21 -29.77 -25.35
CA PHE I 367 -59.13 -30.90 -25.35
C PHE I 367 -58.84 -31.78 -24.14
N ALA I 368 -59.90 -32.40 -23.61
CA ALA I 368 -59.81 -33.24 -22.44
C ALA I 368 -60.46 -34.59 -22.70
N TRP I 369 -59.98 -35.62 -22.02
CA TRP I 369 -60.59 -36.94 -22.13
C TRP I 369 -60.16 -37.80 -20.96
N GLY I 370 -61.06 -38.67 -20.52
CA GLY I 370 -60.74 -39.61 -19.48
C GLY I 370 -61.86 -39.69 -18.45
N MET I 371 -61.50 -40.20 -17.27
CA MET I 371 -62.46 -40.37 -16.20
C MET I 371 -62.96 -39.01 -15.69
N GLY I 372 -64.27 -38.87 -15.59
CA GLY I 372 -64.85 -37.62 -15.13
C GLY I 372 -65.38 -37.67 -13.72
N THR I 373 -64.93 -38.65 -12.94
CA THR I 373 -65.42 -38.77 -11.57
C THR I 373 -65.07 -37.54 -10.74
N ASN I 374 -63.89 -36.97 -10.96
CA ASN I 374 -63.45 -35.77 -10.26
C ASN I 374 -63.73 -34.50 -11.06
N TYR I 375 -64.53 -34.60 -12.13
CA TYR I 375 -64.89 -33.46 -12.98
C TYR I 375 -63.66 -32.76 -13.55
N GLN I 376 -62.58 -33.51 -13.73
CA GLN I 376 -61.37 -32.97 -14.33
C GLN I 376 -61.55 -32.63 -15.81
N LEU I 377 -62.63 -33.11 -16.43
CA LEU I 377 -62.82 -32.95 -17.86
C LEU I 377 -63.26 -31.54 -18.25
N GLY I 378 -63.76 -30.75 -17.30
CA GLY I 378 -64.25 -29.43 -17.60
C GLY I 378 -65.56 -29.38 -18.34
N THR I 379 -66.19 -30.53 -18.59
CA THR I 379 -67.48 -30.57 -19.27
C THR I 379 -68.65 -30.36 -18.33
N GLY I 380 -68.42 -30.37 -17.02
CA GLY I 380 -69.50 -30.30 -16.07
C GLY I 380 -70.33 -31.56 -15.94
N GLN I 381 -69.90 -32.65 -16.58
CA GLN I 381 -70.61 -33.92 -16.52
C GLN I 381 -69.66 -34.97 -15.97
N ASP I 382 -70.07 -35.62 -14.88
CA ASP I 382 -69.27 -36.69 -14.29
C ASP I 382 -69.27 -37.96 -15.13
N GLU I 383 -70.00 -37.98 -16.24
CA GLU I 383 -70.03 -39.16 -17.09
C GLU I 383 -68.68 -39.34 -17.78
N ASP I 384 -68.21 -40.58 -17.81
CA ASP I 384 -66.92 -40.89 -18.41
C ASP I 384 -66.94 -40.56 -19.90
N ALA I 385 -66.02 -39.71 -20.33
CA ALA I 385 -65.97 -39.23 -21.70
C ALA I 385 -64.93 -40.02 -22.49
N TRP I 386 -65.38 -40.64 -23.59
CA TRP I 386 -64.51 -41.40 -24.47
C TRP I 386 -64.02 -40.60 -25.67
N SER I 387 -64.56 -39.41 -25.90
CA SER I 387 -64.16 -38.61 -27.05
C SER I 387 -63.36 -37.39 -26.61
N PRO I 388 -62.42 -36.94 -27.43
CA PRO I 388 -61.66 -35.73 -27.08
C PRO I 388 -62.52 -34.47 -27.11
N VAL I 389 -63.35 -34.29 -26.08
CA VAL I 389 -64.28 -33.17 -26.03
C VAL I 389 -63.51 -31.87 -25.74
N GLU I 390 -63.92 -30.79 -26.41
CA GLU I 390 -63.32 -29.49 -26.18
C GLU I 390 -63.86 -28.86 -24.91
N MET I 391 -62.97 -28.26 -24.12
CA MET I 391 -63.34 -27.59 -22.89
C MET I 391 -63.76 -26.16 -23.17
N MET I 392 -64.78 -25.69 -22.46
CA MET I 392 -65.31 -24.35 -22.65
C MET I 392 -65.74 -23.75 -21.32
N GLY I 393 -65.49 -22.46 -21.19
CA GLY I 393 -65.86 -21.71 -20.01
C GLY I 393 -65.64 -20.24 -20.26
N LYS I 394 -66.24 -19.42 -19.39
CA LYS I 394 -66.15 -17.98 -19.59
C LYS I 394 -64.70 -17.50 -19.51
N GLN I 395 -63.90 -18.10 -18.64
CA GLN I 395 -62.50 -17.74 -18.54
C GLN I 395 -61.67 -18.22 -19.71
N LEU I 396 -62.27 -18.93 -20.67
CA LEU I 396 -61.59 -19.29 -21.90
C LEU I 396 -61.98 -18.40 -23.07
N GLU I 397 -62.99 -17.55 -22.91
CA GLU I 397 -63.42 -16.66 -23.97
C GLU I 397 -62.33 -15.63 -24.27
N ASN I 398 -61.97 -15.51 -25.54
CA ASN I 398 -60.95 -14.57 -25.99
C ASN I 398 -59.60 -14.82 -25.31
N ARG I 399 -59.30 -16.09 -25.05
CA ARG I 399 -58.04 -16.47 -24.43
C ARG I 399 -57.54 -17.77 -25.04
N VAL I 400 -56.23 -17.94 -25.04
CA VAL I 400 -55.58 -19.15 -25.56
C VAL I 400 -54.89 -19.87 -24.41
N VAL I 401 -54.78 -21.18 -24.53
CA VAL I 401 -54.21 -22.02 -23.48
C VAL I 401 -52.71 -22.12 -23.68
N LEU I 402 -51.94 -21.63 -22.70
CA LEU I 402 -50.49 -21.74 -22.77
C LEU I 402 -50.01 -23.13 -22.41
N SER I 403 -50.40 -23.64 -21.24
CA SER I 403 -49.95 -24.95 -20.81
C SER I 403 -51.03 -25.63 -20.01
N VAL I 404 -50.79 -26.90 -19.71
CA VAL I 404 -51.75 -27.73 -18.99
C VAL I 404 -50.99 -28.73 -18.12
N SER I 405 -51.52 -28.95 -16.92
CA SER I 405 -51.01 -30.00 -16.04
C SER I 405 -52.18 -30.54 -15.24
N SER I 406 -52.06 -31.78 -14.79
CA SER I 406 -53.15 -32.40 -14.05
C SER I 406 -52.60 -33.40 -13.03
N GLY I 407 -53.23 -33.43 -11.86
CA GLY I 407 -52.84 -34.33 -10.80
C GLY I 407 -53.89 -35.37 -10.48
N GLY I 408 -54.12 -35.60 -9.19
CA GLY I 408 -55.05 -36.61 -8.75
C GLY I 408 -56.51 -36.23 -8.88
N GLN I 409 -56.92 -35.18 -8.17
CA GLN I 409 -58.33 -34.80 -8.12
C GLN I 409 -58.60 -33.42 -8.71
N HIS I 410 -57.68 -32.89 -9.51
CA HIS I 410 -57.88 -31.56 -10.09
C HIS I 410 -57.02 -31.43 -11.33
N THR I 411 -57.07 -30.23 -11.93
CA THR I 411 -56.37 -29.93 -13.17
C THR I 411 -56.15 -28.43 -13.24
N VAL I 412 -54.96 -28.03 -13.70
CA VAL I 412 -54.53 -26.65 -13.73
C VAL I 412 -54.11 -26.26 -15.14
N LEU I 413 -54.53 -25.08 -15.57
CA LEU I 413 -54.22 -24.54 -16.87
C LEU I 413 -53.44 -23.24 -16.73
N LEU I 414 -52.69 -22.92 -17.78
CA LEU I 414 -52.05 -21.61 -17.92
C LEU I 414 -52.52 -21.02 -19.24
N VAL I 415 -53.15 -19.83 -19.17
CA VAL I 415 -53.82 -19.23 -20.31
C VAL I 415 -53.36 -17.78 -20.49
N LYS I 416 -53.54 -17.27 -21.70
CA LYS I 416 -53.16 -15.91 -22.03
C LYS I 416 -54.26 -15.25 -22.85
N ASP I 417 -54.47 -13.95 -22.60
CA ASP I 417 -55.41 -13.17 -23.40
C ASP I 417 -54.97 -13.14 -24.86
N LYS I 418 -55.94 -13.04 -25.76
CA LYS I 418 -55.61 -12.99 -27.18
C LYS I 418 -54.92 -11.67 -27.53
N GLU I 419 -54.18 -11.70 -28.64
CA GLU I 419 -53.38 -10.56 -29.07
C GLU I 419 -54.23 -9.40 -29.58
N GLN I 420 -55.47 -9.66 -29.99
CA GLN I 420 -56.32 -8.58 -30.50
C GLN I 420 -56.73 -7.65 -29.38
N SER I 421 -57.00 -6.39 -29.76
CA SER I 421 -57.41 -5.34 -28.82
C SER I 421 -56.45 -5.18 -27.65
N LYS J 4 13.08 -17.36 -12.70
CA LYS J 4 13.94 -17.04 -11.57
C LYS J 4 13.89 -15.55 -11.24
N ARG J 5 13.84 -15.24 -9.95
CA ARG J 5 13.75 -13.87 -9.45
C ARG J 5 14.64 -13.72 -8.24
N ILE J 6 15.29 -12.57 -8.13
CA ILE J 6 16.19 -12.33 -7.02
C ILE J 6 15.37 -11.75 -5.87
N ALA J 7 15.88 -11.91 -4.65
CA ALA J 7 15.17 -11.42 -3.48
C ALA J 7 15.56 -9.98 -3.19
N LYS J 8 14.71 -9.29 -2.46
CA LYS J 8 14.87 -7.86 -2.28
C LYS J 8 15.99 -7.60 -1.28
N ARG J 9 16.75 -6.53 -1.54
CA ARG J 9 17.93 -6.21 -0.76
C ARG J 9 17.59 -5.24 0.37
N ARG J 10 18.19 -5.47 1.53
CA ARG J 10 17.96 -4.58 2.65
C ARG J 10 19.08 -3.54 2.69
N SER J 11 18.87 -2.49 3.43
CA SER J 11 19.77 -1.35 3.49
C SER J 11 20.78 -1.52 4.64
N PRO J 12 22.02 -1.07 4.47
CA PRO J 12 22.91 -0.99 5.62
C PRO J 12 22.37 0.06 6.58
N PRO J 13 22.63 -0.09 7.88
CA PRO J 13 22.13 0.90 8.84
C PRO J 13 22.67 2.28 8.50
N ALA J 14 21.91 3.29 8.88
CA ALA J 14 22.21 4.67 8.51
C ALA J 14 22.91 5.38 9.65
N ASP J 15 23.13 6.69 9.47
CA ASP J 15 23.82 7.49 10.47
C ASP J 15 23.09 7.57 11.80
N ALA J 16 21.86 7.04 11.88
CA ALA J 16 21.01 7.09 13.08
C ALA J 16 20.89 8.50 13.65
N ILE J 17 20.44 9.42 12.79
CA ILE J 17 20.24 10.81 13.20
C ILE J 17 19.45 10.94 14.51
N PRO J 18 18.23 10.35 14.65
CA PRO J 18 17.50 10.50 15.92
C PRO J 18 18.02 9.59 17.01
N LYS J 19 19.33 9.32 17.03
CA LYS J 19 19.79 8.05 17.57
C LYS J 19 19.12 7.54 18.86
N SER J 20 19.27 8.27 19.97
CA SER J 20 18.69 7.80 21.23
C SER J 20 19.03 8.69 22.41
N LYS J 21 18.16 8.67 23.43
CA LYS J 21 18.41 9.26 24.75
C LYS J 21 19.32 10.49 24.77
N LYS J 22 18.84 11.59 24.18
CA LYS J 22 19.57 12.84 24.20
C LYS J 22 19.57 13.44 25.60
N VAL J 23 20.70 14.05 25.97
CA VAL J 23 20.91 14.59 27.31
C VAL J 23 20.26 15.95 27.44
N LYS J 24 19.72 16.23 28.62
CA LYS J 24 19.19 17.53 29.00
C LYS J 24 20.26 18.27 29.79
N VAL J 25 20.83 19.33 29.22
CA VAL J 25 21.98 19.99 29.82
C VAL J 25 21.57 20.76 31.07
N SER J 26 22.48 20.79 32.05
CA SER J 26 22.34 21.59 33.26
C SER J 26 23.67 22.21 33.62
N HIS J 27 23.65 23.49 33.98
CA HIS J 27 24.88 24.18 34.36
C HIS J 27 24.51 25.33 35.28
N ARG J 28 25.46 25.69 36.16
CA ARG J 28 25.18 26.72 37.15
C ARG J 28 25.05 28.12 36.54
N SER J 29 25.35 28.30 35.26
CA SER J 29 25.16 29.59 34.62
C SER J 29 23.75 29.79 34.06
N HIS J 30 22.95 28.74 33.98
CA HIS J 30 21.58 28.86 33.48
C HIS J 30 20.75 29.66 34.47
N SER J 31 20.14 30.74 34.01
CA SER J 31 19.27 31.55 34.85
C SER J 31 17.89 30.92 34.93
N THR J 32 17.36 30.81 36.14
CA THR J 32 16.09 30.12 36.37
C THR J 32 15.02 31.02 36.98
N GLU J 33 15.37 31.88 37.93
CA GLU J 33 14.35 32.69 38.61
C GLU J 33 13.75 33.69 37.65
N PRO J 34 12.43 33.71 37.46
CA PRO J 34 11.82 34.68 36.54
C PRO J 34 11.94 36.10 37.05
N GLY J 35 11.82 37.03 36.12
CA GLY J 35 11.91 38.44 36.44
C GLY J 35 11.35 39.31 35.35
N LEU J 36 11.78 40.56 35.35
CA LEU J 36 11.34 41.56 34.39
C LEU J 36 12.55 42.30 33.84
N VAL J 37 12.39 42.81 32.62
CA VAL J 37 13.50 43.40 31.87
C VAL J 37 13.45 44.91 32.01
N LEU J 38 14.62 45.51 32.23
CA LEU J 38 14.78 46.96 32.24
C LEU J 38 15.85 47.34 31.23
N THR J 39 15.70 48.50 30.62
CA THR J 39 16.69 48.99 29.67
C THR J 39 17.00 50.44 29.94
N LEU J 40 18.18 50.88 29.51
CA LEU J 40 18.54 52.29 29.65
C LEU J 40 19.72 52.59 28.73
N GLY J 41 19.88 53.86 28.43
CA GLY J 41 20.94 54.32 27.55
C GLY J 41 20.40 54.78 26.20
N GLN J 42 21.33 54.92 25.26
CA GLN J 42 20.95 55.32 23.91
C GLN J 42 20.10 54.24 23.26
N GLY J 43 18.94 54.65 22.76
CA GLY J 43 18.05 53.77 22.02
C GLY J 43 17.91 54.19 20.57
N ASP J 44 19.05 54.53 19.95
CA ASP J 44 19.02 55.09 18.60
C ASP J 44 18.32 54.17 17.61
N VAL J 45 18.74 52.91 17.54
CA VAL J 45 18.18 51.95 16.60
C VAL J 45 17.17 51.03 17.26
N GLY J 46 16.67 51.38 18.44
CA GLY J 46 15.63 50.61 19.08
C GLY J 46 16.11 49.52 20.01
N GLN J 47 17.37 49.54 20.43
CA GLN J 47 17.89 48.54 21.33
C GLN J 47 17.32 48.64 22.74
N LEU J 48 16.45 49.62 23.01
CA LEU J 48 15.75 49.71 24.29
C LEU J 48 14.40 49.02 24.27
N GLY J 49 13.81 48.81 23.09
CA GLY J 49 12.56 48.09 22.99
C GLY J 49 11.37 48.79 23.61
N LEU J 50 11.43 50.11 23.75
CA LEU J 50 10.36 50.84 24.41
C LEU J 50 9.36 51.46 23.45
N GLY J 51 9.67 51.55 22.18
CA GLY J 51 8.73 52.10 21.22
C GLY J 51 9.45 52.76 20.06
N GLU J 52 8.65 53.17 19.07
CA GLU J 52 9.21 53.80 17.88
C GLU J 52 9.75 55.20 18.20
N ASN J 53 9.12 55.91 19.12
CA ASN J 53 9.47 57.28 19.43
C ASN J 53 10.44 57.42 20.59
N VAL J 54 10.86 56.30 21.18
CA VAL J 54 11.76 56.31 22.33
C VAL J 54 13.20 56.23 21.85
N MET J 55 13.94 57.32 22.02
CA MET J 55 15.32 57.37 21.57
C MET J 55 16.34 57.28 22.69
N GLU J 56 15.95 57.52 23.94
CA GLU J 56 16.94 57.60 25.01
C GLU J 56 16.25 57.47 26.37
N ARG J 57 16.91 56.75 27.27
CA ARG J 57 16.49 56.64 28.66
C ARG J 57 17.71 56.67 29.55
N LYS J 58 17.72 57.55 30.54
CA LYS J 58 18.87 57.72 31.41
C LYS J 58 18.71 56.99 32.74
N LYS J 59 17.55 56.40 32.98
CA LYS J 59 17.31 55.55 34.14
C LYS J 59 16.39 54.41 33.71
N PRO J 60 16.41 53.29 34.42
CA PRO J 60 15.73 52.08 33.93
C PRO J 60 14.24 52.30 33.66
N ALA J 61 13.78 51.67 32.59
CA ALA J 61 12.38 51.65 32.22
C ALA J 61 11.95 50.23 31.89
N LEU J 62 10.68 49.93 32.13
CA LEU J 62 10.17 48.58 31.94
C LEU J 62 9.85 48.32 30.49
N VAL J 63 10.22 47.14 30.02
CA VAL J 63 9.99 46.70 28.64
C VAL J 63 8.83 45.70 28.64
N SER J 64 7.89 45.90 27.73
CA SER J 64 6.68 45.07 27.68
C SER J 64 7.01 43.73 27.03
N ILE J 65 6.99 42.67 27.82
CA ILE J 65 7.17 41.30 27.33
C ILE J 65 5.94 40.51 27.74
N PRO J 66 5.29 39.80 26.81
CA PRO J 66 4.06 39.08 27.18
C PRO J 66 4.26 37.99 28.21
N GLU J 67 5.46 37.46 28.35
CA GLU J 67 5.74 36.39 29.30
C GLU J 67 6.77 36.87 30.31
N ASP J 68 7.03 36.01 31.30
CA ASP J 68 8.11 36.29 32.23
C ASP J 68 9.44 36.01 31.57
N VAL J 69 10.49 36.64 32.11
CA VAL J 69 11.81 36.59 31.51
C VAL J 69 12.78 35.98 32.50
N VAL J 70 13.51 34.96 32.06
CA VAL J 70 14.43 34.26 32.95
C VAL J 70 15.85 34.75 32.71
N GLN J 71 16.14 35.26 31.52
CA GLN J 71 17.49 35.75 31.27
C GLN J 71 17.45 36.90 30.29
N ALA J 72 18.39 37.83 30.44
CA ALA J 72 18.48 38.94 29.50
C ALA J 72 19.95 39.23 29.23
N GLU J 73 20.30 39.35 27.96
CA GLU J 73 21.65 39.71 27.54
C GLU J 73 21.56 40.81 26.50
N ALA J 74 22.46 41.78 26.61
CA ALA J 74 22.47 42.94 25.72
C ALA J 74 23.64 42.82 24.77
N GLY J 75 23.33 42.75 23.47
CA GLY J 75 24.36 42.72 22.46
C GLY J 75 25.00 44.08 22.24
N GLY J 76 25.81 44.14 21.19
CA GLY J 76 26.46 45.38 20.82
C GLY J 76 25.47 46.48 20.54
N MET J 77 24.62 46.28 19.52
CA MET J 77 23.58 47.24 19.20
C MET J 77 22.21 46.60 19.21
N HIS J 78 22.06 45.44 19.83
CA HIS J 78 20.76 44.80 19.96
C HIS J 78 20.65 44.20 21.35
N THR J 79 19.53 43.56 21.61
CA THR J 79 19.24 43.01 22.92
C THR J 79 18.36 41.78 22.76
N VAL J 80 18.66 40.76 23.55
CA VAL J 80 18.01 39.46 23.47
C VAL J 80 17.54 39.06 24.87
N CYS J 81 16.29 38.64 24.97
CA CYS J 81 15.71 38.19 26.23
C CYS J 81 15.22 36.76 26.08
N LEU J 82 15.40 35.96 27.13
CA LEU J 82 14.98 34.58 27.19
C LEU J 82 13.83 34.46 28.18
N SER J 83 12.68 34.01 27.68
CA SER J 83 11.44 33.89 28.44
C SER J 83 11.38 32.57 29.21
N LYS J 84 10.47 32.53 30.19
CA LYS J 84 10.24 31.31 30.94
C LYS J 84 9.81 30.16 30.04
N SER J 85 8.89 30.41 29.11
CA SER J 85 8.36 29.36 28.26
C SER J 85 9.42 28.74 27.34
N GLY J 86 10.57 29.39 27.18
CA GLY J 86 11.64 28.90 26.33
C GLY J 86 11.82 29.68 25.05
N GLN J 87 10.78 30.39 24.59
CA GLN J 87 10.92 31.22 23.40
C GLN J 87 11.90 32.35 23.65
N VAL J 88 12.49 32.85 22.57
CA VAL J 88 13.47 33.92 22.62
C VAL J 88 12.85 35.16 21.99
N TYR J 89 13.04 36.30 22.64
CA TYR J 89 12.62 37.58 22.10
C TYR J 89 13.86 38.42 21.78
N SER J 90 13.80 39.16 20.67
CA SER J 90 14.93 39.97 20.25
C SER J 90 14.43 41.33 19.83
N PHE J 91 15.23 42.36 20.08
CA PHE J 91 14.91 43.71 19.59
C PHE J 91 16.20 44.51 19.52
N GLY J 92 16.35 45.28 18.46
CA GLY J 92 17.55 46.06 18.24
C GLY J 92 17.83 46.25 16.76
N CYS J 93 19.11 46.25 16.41
CA CYS J 93 19.57 46.50 15.05
C CYS J 93 19.57 45.21 14.25
N ASN J 94 18.75 45.15 13.20
CA ASN J 94 18.64 43.96 12.36
C ASN J 94 19.41 44.12 11.05
N ASP J 95 20.31 45.10 10.96
CA ASP J 95 21.06 45.31 9.73
C ASP J 95 21.93 44.11 9.41
N GLU J 96 22.48 43.46 10.43
CA GLU J 96 23.31 42.29 10.25
C GLU J 96 22.58 41.00 10.60
N GLY J 97 21.27 41.05 10.82
CA GLY J 97 20.52 39.85 11.09
C GLY J 97 20.64 39.32 12.50
N ALA J 98 21.08 40.15 13.45
CA ALA J 98 21.27 39.66 14.81
C ALA J 98 19.95 39.38 15.53
N LEU J 99 18.83 39.82 14.99
CA LEU J 99 17.55 39.56 15.65
C LEU J 99 16.98 38.21 15.26
N GLY J 100 17.20 37.77 14.02
CA GLY J 100 16.64 36.52 13.57
C GLY J 100 15.14 36.53 13.43
N ARG J 101 14.59 37.59 12.83
CA ARG J 101 13.16 37.65 12.56
C ARG J 101 12.90 38.76 11.55
N ASP J 102 11.68 38.74 10.99
CA ASP J 102 11.31 39.62 9.89
C ASP J 102 11.04 41.02 10.45
N THR J 103 11.90 41.97 10.12
CA THR J 103 11.69 43.38 10.46
C THR J 103 11.43 44.23 9.22
N SER J 104 10.82 43.63 8.20
CA SER J 104 10.47 44.37 6.99
C SER J 104 9.59 45.56 7.33
N VAL J 105 8.56 45.34 8.17
CA VAL J 105 7.71 46.42 8.63
C VAL J 105 8.53 47.34 9.52
N GLU J 106 8.76 48.57 9.07
CA GLU J 106 9.52 49.52 9.86
C GLU J 106 8.77 49.84 11.15
N GLY J 107 9.49 49.82 12.26
CA GLY J 107 8.89 49.95 13.58
C GLY J 107 8.78 48.65 14.33
N SER J 108 8.94 47.52 13.64
CA SER J 108 8.89 46.23 14.33
C SER J 108 10.21 45.89 14.99
N GLU J 109 11.31 46.48 14.52
CA GLU J 109 12.59 46.31 15.21
C GLU J 109 12.71 47.20 16.44
N MET J 110 11.80 48.16 16.61
CA MET J 110 11.85 49.06 17.74
C MET J 110 11.24 48.46 19.00
N VAL J 111 10.46 47.39 18.86
CA VAL J 111 9.80 46.77 20.01
C VAL J 111 10.19 45.29 20.03
N PRO J 112 10.10 44.65 21.20
CA PRO J 112 10.44 43.23 21.26
C PRO J 112 9.52 42.39 20.40
N GLY J 113 10.09 41.39 19.73
CA GLY J 113 9.31 40.50 18.91
C GLY J 113 9.80 39.08 19.06
N LYS J 114 8.90 38.14 18.76
CA LYS J 114 9.20 36.73 18.92
C LYS J 114 10.14 36.29 17.79
N VAL J 115 11.28 35.72 18.17
CA VAL J 115 12.27 35.29 17.20
C VAL J 115 11.74 34.14 16.36
N GLU J 116 12.08 34.14 15.07
CA GLU J 116 11.65 33.09 14.14
C GLU J 116 12.41 31.82 14.48
N LEU J 117 11.94 31.13 15.52
CA LEU J 117 12.57 29.92 16.03
C LEU J 117 11.60 29.21 16.96
N GLN J 118 11.48 27.90 16.82
CA GLN J 118 10.55 27.12 17.63
C GLN J 118 11.37 26.09 18.41
N GLU J 119 11.86 26.50 19.57
CA GLU J 119 12.66 25.64 20.43
C GLU J 119 12.41 26.01 21.88
N LYS J 120 12.89 25.15 22.78
CA LYS J 120 12.93 25.44 24.21
C LYS J 120 14.37 25.82 24.52
N VAL J 121 14.63 27.11 24.65
CA VAL J 121 15.98 27.64 24.78
C VAL J 121 16.30 27.83 26.26
N VAL J 122 17.45 27.33 26.70
CA VAL J 122 17.83 27.47 28.10
C VAL J 122 18.88 28.54 28.34
N GLN J 123 19.66 28.91 27.33
CA GLN J 123 20.65 29.96 27.53
C GLN J 123 20.76 30.79 26.26
N VAL J 124 21.15 32.05 26.41
CA VAL J 124 21.36 32.94 25.28
C VAL J 124 22.66 33.71 25.49
N SER J 125 23.28 34.11 24.38
CA SER J 125 24.48 34.92 24.45
C SER J 125 24.51 35.80 23.22
N ALA J 126 24.86 37.07 23.41
CA ALA J 126 24.82 38.03 22.33
C ALA J 126 26.05 38.92 22.38
N GLY J 127 26.63 39.17 21.21
CA GLY J 127 27.80 40.03 21.08
C GLY J 127 27.57 41.26 20.23
N ASP J 128 28.55 41.61 19.41
CA ASP J 128 28.47 42.83 18.62
C ASP J 128 27.42 42.69 17.52
N SER J 129 27.54 41.68 16.66
CA SER J 129 26.69 41.57 15.49
C SER J 129 26.00 40.21 15.38
N HIS J 130 26.04 39.40 16.43
CA HIS J 130 25.57 38.03 16.32
C HIS J 130 24.67 37.71 17.50
N THR J 131 24.02 36.56 17.45
CA THR J 131 23.24 36.09 18.59
C THR J 131 23.18 34.58 18.54
N ALA J 132 23.53 33.95 19.65
CA ALA J 132 23.59 32.51 19.76
C ALA J 132 22.67 32.04 20.87
N ALA J 133 21.97 30.94 20.62
CA ALA J 133 21.06 30.37 21.60
C ALA J 133 21.48 28.93 21.89
N LEU J 134 21.22 28.50 23.11
CA LEU J 134 21.52 27.15 23.57
C LEU J 134 20.24 26.51 24.05
N THR J 135 19.84 25.43 23.38
CA THR J 135 18.61 24.71 23.66
C THR J 135 18.81 23.71 24.80
N ASP J 136 17.70 23.09 25.20
CA ASP J 136 17.74 22.16 26.31
C ASP J 136 18.53 20.89 25.97
N ASP J 137 18.41 20.40 24.74
CA ASP J 137 19.08 19.16 24.36
C ASP J 137 20.56 19.33 24.07
N GLY J 138 21.08 20.55 24.08
CA GLY J 138 22.50 20.78 23.97
C GLY J 138 22.97 21.33 22.65
N ARG J 139 22.14 21.29 21.60
CA ARG J 139 22.55 21.82 20.31
C ARG J 139 22.43 23.34 20.28
N VAL J 140 23.39 23.97 19.59
CA VAL J 140 23.56 25.41 19.61
C VAL J 140 23.04 25.98 18.30
N PHE J 141 22.22 27.00 18.39
CA PHE J 141 21.82 27.78 17.23
C PHE J 141 22.58 29.09 17.22
N LEU J 142 22.67 29.68 16.05
CA LEU J 142 23.44 30.91 15.86
C LEU J 142 22.89 31.66 14.66
N TRP J 143 22.74 32.96 14.81
CA TRP J 143 22.29 33.78 13.69
C TRP J 143 22.94 35.15 13.81
N GLY J 144 22.83 35.93 12.74
CA GLY J 144 23.52 37.19 12.67
C GLY J 144 24.79 37.07 11.84
N SER J 145 25.83 37.81 12.19
CA SER J 145 27.06 37.77 11.42
C SER J 145 28.21 38.15 12.32
N PHE J 146 29.42 37.89 11.83
CA PHE J 146 30.62 38.29 12.53
C PHE J 146 31.29 39.44 11.79
N ARG J 147 32.12 40.19 12.51
CA ARG J 147 32.92 41.24 11.94
C ARG J 147 34.29 41.20 12.58
N ASP J 148 35.11 42.21 12.27
CA ASP J 148 36.44 42.40 12.85
C ASP J 148 36.84 43.85 12.56
N ASN J 149 38.13 44.16 12.71
CA ASN J 149 38.67 45.48 12.39
C ASN J 149 38.55 45.78 10.92
N ASN J 150 38.01 44.78 10.22
CA ASN J 150 37.96 44.65 8.78
C ASN J 150 36.52 44.41 8.34
N GLY J 151 36.24 44.16 7.06
CA GLY J 151 34.85 43.99 6.62
C GLY J 151 34.27 42.70 7.16
N VAL J 152 33.12 42.31 6.60
CA VAL J 152 32.38 41.15 7.10
C VAL J 152 33.15 39.86 6.79
N ILE J 153 33.08 38.89 7.70
CA ILE J 153 33.74 37.60 7.55
C ILE J 153 32.76 36.44 7.53
N GLY J 154 31.46 36.72 7.50
CA GLY J 154 30.48 35.66 7.49
C GLY J 154 30.25 35.05 8.86
N LEU J 155 29.40 34.02 8.88
CA LEU J 155 29.00 33.36 10.11
C LEU J 155 29.49 31.92 10.17
N LEU J 156 29.07 31.09 9.23
CA LEU J 156 29.61 29.74 9.09
C LEU J 156 30.17 29.49 7.70
N GLU J 157 29.47 29.95 6.67
CA GLU J 157 30.06 29.99 5.34
C GLU J 157 30.68 31.37 5.16
N PRO J 158 31.97 31.46 4.87
CA PRO J 158 32.65 32.75 4.87
C PRO J 158 32.02 33.76 3.92
N MET J 159 31.96 35.01 4.38
CA MET J 159 31.41 36.12 3.62
C MET J 159 29.92 35.94 3.36
N LYS J 160 29.23 35.26 4.26
CA LYS J 160 27.78 35.08 4.16
C LYS J 160 27.17 35.20 5.55
N LYS J 161 26.36 36.23 5.74
CA LYS J 161 25.63 36.43 6.99
C LYS J 161 24.36 35.57 6.98
N SER J 162 23.74 35.49 8.15
CA SER J 162 22.52 34.69 8.34
C SER J 162 21.44 35.54 8.95
N MET J 163 20.30 35.62 8.30
CA MET J 163 19.17 36.39 8.80
C MET J 163 18.25 35.56 9.68
N VAL J 164 18.39 34.25 9.69
CA VAL J 164 17.52 33.37 10.46
C VAL J 164 18.40 32.38 11.21
N PRO J 165 17.89 31.80 12.30
CA PRO J 165 18.70 30.89 13.10
C PRO J 165 19.22 29.72 12.29
N VAL J 166 20.48 29.38 12.53
CA VAL J 166 21.15 28.28 11.84
C VAL J 166 21.85 27.43 12.89
N GLN J 167 21.64 26.11 12.82
CA GLN J 167 22.27 25.23 13.79
C GLN J 167 23.76 25.07 13.52
N VAL J 168 24.55 25.18 14.59
CA VAL J 168 25.94 24.76 14.52
C VAL J 168 25.94 23.26 14.80
N GLN J 169 25.97 22.46 13.75
CA GLN J 169 25.78 21.02 13.89
C GLN J 169 27.03 20.39 14.50
N LEU J 170 26.88 19.86 15.71
CA LEU J 170 27.96 19.21 16.44
C LEU J 170 27.45 17.93 17.07
N ASP J 171 28.31 16.91 17.10
CA ASP J 171 27.92 15.62 17.64
C ASP J 171 27.81 15.65 19.17
N VAL J 172 28.55 16.52 19.83
CA VAL J 172 28.63 16.57 21.28
C VAL J 172 27.65 17.64 21.79
N PRO J 173 26.83 17.34 22.79
CA PRO J 173 25.96 18.38 23.36
C PRO J 173 26.79 19.46 24.03
N VAL J 174 26.23 20.67 24.07
CA VAL J 174 26.89 21.84 24.62
C VAL J 174 26.13 22.28 25.87
N VAL J 175 26.86 22.51 26.96
CA VAL J 175 26.22 22.93 28.20
C VAL J 175 26.28 24.44 28.40
N LYS J 176 27.24 25.13 27.80
CA LYS J 176 27.30 26.58 27.97
C LYS J 176 27.72 27.25 26.67
N VAL J 177 27.13 28.39 26.37
CA VAL J 177 27.55 29.25 25.29
C VAL J 177 27.99 30.57 25.88
N ALA J 178 28.99 31.19 25.26
CA ALA J 178 29.47 32.48 25.73
C ALA J 178 30.00 33.27 24.56
N SER J 179 29.66 34.55 24.52
CA SER J 179 29.91 35.40 23.36
C SER J 179 30.75 36.61 23.73
N GLY J 180 31.79 36.85 22.94
CA GLY J 180 32.47 38.12 22.94
C GLY J 180 31.82 39.05 21.93
N ASN J 181 32.60 40.03 21.47
CA ASN J 181 32.10 40.88 20.39
C ASN J 181 31.89 40.07 19.12
N ASP J 182 32.95 39.43 18.63
CA ASP J 182 32.91 38.75 17.35
C ASP J 182 33.52 37.35 17.43
N HIS J 183 33.41 36.69 18.58
CA HIS J 183 33.77 35.29 18.68
C HIS J 183 32.79 34.59 19.63
N LEU J 184 32.76 33.27 19.53
CA LEU J 184 31.82 32.47 20.30
C LEU J 184 32.54 31.24 20.83
N VAL J 185 32.39 30.98 22.12
CA VAL J 185 32.93 29.76 22.71
C VAL J 185 31.77 28.92 23.24
N MET J 186 31.94 27.61 23.14
CA MET J 186 30.91 26.66 23.52
C MET J 186 31.58 25.60 24.40
N LEU J 187 31.17 25.55 25.66
CA LEU J 187 31.65 24.53 26.59
C LEU J 187 30.70 23.35 26.56
N THR J 188 31.22 22.17 26.27
CA THR J 188 30.45 20.95 26.15
C THR J 188 30.34 20.24 27.49
N ALA J 189 29.56 19.16 27.51
CA ALA J 189 29.44 18.34 28.71
C ALA J 189 30.77 17.68 29.05
N ASP J 190 31.41 17.07 28.06
CA ASP J 190 32.67 16.36 28.27
C ASP J 190 33.82 17.27 28.66
N GLY J 191 33.60 18.58 28.76
CA GLY J 191 34.65 19.51 29.10
C GLY J 191 35.41 20.08 27.91
N ASP J 192 35.21 19.54 26.71
CA ASP J 192 35.83 20.11 25.53
C ASP J 192 35.30 21.52 25.27
N LEU J 193 36.18 22.41 24.82
CA LEU J 193 35.86 23.81 24.62
C LEU J 193 36.04 24.15 23.14
N TYR J 194 34.92 24.32 22.43
CA TYR J 194 34.95 24.72 21.03
C TYR J 194 34.90 26.23 20.88
N THR J 195 35.52 26.74 19.83
CA THR J 195 35.51 28.16 19.54
C THR J 195 35.24 28.39 18.05
N LEU J 196 34.69 29.55 17.74
CA LEU J 196 34.49 29.95 16.35
C LEU J 196 34.37 31.47 16.31
N GLY J 197 34.39 32.00 15.10
CA GLY J 197 34.35 33.44 14.90
C GLY J 197 35.70 33.98 14.48
N CYS J 198 35.83 35.30 14.60
CA CYS J 198 37.08 35.95 14.24
C CYS J 198 38.21 35.57 15.20
N GLY J 199 39.43 35.60 14.68
CA GLY J 199 40.60 35.34 15.49
C GLY J 199 41.72 36.33 15.24
N GLU J 200 41.37 37.47 14.66
CA GLU J 200 42.38 38.47 14.28
C GLU J 200 43.30 38.81 15.46
N GLN J 201 42.72 39.03 16.62
CA GLN J 201 43.49 39.34 17.82
C GLN J 201 43.77 38.12 18.68
N GLY J 202 43.42 36.93 18.20
CA GLY J 202 43.71 35.70 18.92
C GLY J 202 42.68 35.29 19.94
N GLN J 203 41.45 35.78 19.83
CA GLN J 203 40.39 35.43 20.76
C GLN J 203 39.85 34.02 20.53
N LEU J 204 40.46 33.23 19.65
CA LEU J 204 40.07 31.84 19.44
C LEU J 204 41.01 30.86 20.14
N GLY J 205 42.30 31.16 20.17
CA GLY J 205 43.25 30.36 20.90
C GLY J 205 43.75 29.11 20.20
N ARG J 206 43.02 28.60 19.21
CA ARG J 206 43.39 27.37 18.52
C ARG J 206 44.01 27.62 17.14
N VAL J 207 44.39 28.86 16.86
CA VAL J 207 44.96 29.25 15.57
C VAL J 207 46.21 30.09 15.84
N PRO J 208 47.34 29.45 16.13
CA PRO J 208 48.55 30.19 16.53
C PRO J 208 49.14 31.07 15.44
N GLU J 209 50.35 31.57 15.73
CA GLU J 209 51.01 32.66 15.00
C GLU J 209 51.28 32.23 13.55
N LEU J 210 50.85 31.01 13.18
CA LEU J 210 51.08 30.50 11.84
C LEU J 210 50.51 31.44 10.78
N PHE J 211 49.48 32.21 11.11
CA PHE J 211 48.92 33.14 10.14
C PHE J 211 48.47 34.38 10.90
N ALA J 212 48.13 35.43 10.16
CA ALA J 212 47.61 36.63 10.79
C ALA J 212 46.73 37.39 9.79
N ASN J 213 45.41 37.17 9.88
CA ASN J 213 44.42 37.88 9.06
C ASN J 213 44.51 37.52 7.58
N ARG J 214 44.63 36.23 7.27
CA ARG J 214 44.71 35.85 5.87
C ARG J 214 43.40 36.29 5.24
N GLY J 215 43.46 37.28 4.34
CA GLY J 215 42.24 37.86 3.81
C GLY J 215 41.54 37.08 2.72
N GLY J 216 41.78 35.77 2.68
CA GLY J 216 41.19 34.91 1.69
C GLY J 216 40.17 33.96 2.29
N ARG J 217 39.86 32.93 1.52
CA ARG J 217 38.92 31.90 1.94
C ARG J 217 39.62 30.76 2.67
N GLN J 218 40.94 30.82 2.75
CA GLN J 218 41.71 29.78 3.43
C GLN J 218 41.59 29.88 4.93
N GLY J 219 41.92 31.05 5.48
CA GLY J 219 41.89 31.20 6.92
C GLY J 219 40.47 31.21 7.43
N LEU J 220 39.59 31.95 6.75
CA LEU J 220 38.18 31.92 7.11
C LEU J 220 37.63 30.49 7.05
N GLU J 221 38.07 29.72 6.05
CA GLU J 221 37.66 28.32 5.96
C GLU J 221 38.14 27.52 7.16
N ARG J 222 39.26 27.91 7.77
CA ARG J 222 39.66 27.16 8.96
C ARG J 222 39.00 27.70 10.23
N LEU J 223 38.69 29.01 10.27
CA LEU J 223 38.19 29.62 11.48
C LEU J 223 36.72 29.31 11.73
N LEU J 224 35.89 29.37 10.69
CA LEU J 224 34.45 29.26 10.90
C LEU J 224 34.00 27.83 11.17
N VAL J 225 34.91 26.90 11.39
CA VAL J 225 34.57 25.52 11.74
C VAL J 225 34.84 25.33 13.23
N PRO J 226 33.88 24.85 14.02
CA PRO J 226 34.10 24.66 15.45
C PRO J 226 35.16 23.58 15.70
N LYS J 227 36.18 23.95 16.47
CA LYS J 227 37.22 23.01 16.86
C LYS J 227 37.62 23.28 18.31
N CYS J 228 38.16 22.25 18.94
CA CYS J 228 38.55 22.33 20.34
C CYS J 228 39.91 23.00 20.49
N VAL J 229 40.29 23.23 21.74
CA VAL J 229 41.60 23.77 22.08
C VAL J 229 42.38 22.67 22.77
N MET J 230 43.38 22.12 22.09
CA MET J 230 44.19 21.03 22.62
C MET J 230 45.36 21.59 23.42
N LEU J 231 45.60 21.03 24.60
CA LEU J 231 46.66 21.52 25.47
C LEU J 231 47.39 20.34 26.09
N LYS J 232 48.71 20.49 26.23
CA LYS J 232 49.57 19.48 26.84
C LYS J 232 49.45 19.58 28.35
N SER J 233 48.78 18.60 28.97
CA SER J 233 48.47 18.63 30.39
C SER J 233 49.67 18.35 31.31
N ARG J 234 50.90 18.41 30.80
CA ARG J 234 52.12 18.30 31.62
C ARG J 234 52.16 17.01 32.42
N GLY J 235 52.32 15.90 31.71
CA GLY J 235 52.27 14.59 32.32
C GLY J 235 51.02 13.82 31.99
N SER J 236 49.88 14.50 32.03
CA SER J 236 48.59 13.81 32.04
C SER J 236 48.21 13.44 30.60
N ARG J 237 47.47 12.35 30.48
CA ARG J 237 46.98 11.94 29.17
C ARG J 237 45.69 12.67 28.80
N GLY J 238 45.27 12.48 27.55
CA GLY J 238 44.06 13.06 27.04
C GLY J 238 44.22 14.52 26.67
N HIS J 239 43.44 15.38 27.32
CA HIS J 239 43.51 16.81 27.09
C HIS J 239 43.11 17.51 28.38
N VAL J 240 43.18 18.82 28.38
CA VAL J 240 42.80 19.60 29.54
C VAL J 240 41.29 19.82 29.51
N ARG J 241 40.63 19.51 30.61
CA ARG J 241 39.19 19.70 30.70
C ARG J 241 38.87 21.11 31.17
N PHE J 242 37.60 21.45 31.17
CA PHE J 242 37.19 22.77 31.62
C PHE J 242 35.85 22.70 32.35
N GLN J 243 35.75 23.53 33.38
CA GLN J 243 34.61 23.60 34.28
C GLN J 243 33.65 24.72 33.94
N ASP J 244 34.17 25.82 33.41
CA ASP J 244 33.38 27.02 33.16
C ASP J 244 34.17 27.85 32.15
N ALA J 245 33.50 28.84 31.56
CA ALA J 245 34.15 29.70 30.58
C ALA J 245 33.44 31.03 30.51
N PHE J 246 34.19 32.06 30.16
CA PHE J 246 33.67 33.41 30.06
C PHE J 246 34.33 34.10 28.88
N CYS J 247 33.62 35.06 28.30
CA CYS J 247 34.09 35.78 27.12
C CYS J 247 34.22 37.26 27.42
N GLY J 248 35.42 37.79 27.29
CA GLY J 248 35.60 39.21 27.16
C GLY J 248 35.20 39.67 25.78
N ALA J 249 35.44 40.94 25.52
CA ALA J 249 35.09 41.50 24.21
C ALA J 249 35.93 40.87 23.10
N TYR J 250 37.25 41.01 23.20
CA TYR J 250 38.17 40.43 22.24
C TYR J 250 39.09 39.41 22.89
N PHE J 251 38.64 38.79 23.97
CA PHE J 251 39.45 37.83 24.70
C PHE J 251 38.54 36.87 25.46
N THR J 252 39.14 35.80 25.98
CA THR J 252 38.38 34.70 26.53
C THR J 252 39.10 34.11 27.73
N PHE J 253 38.33 33.80 28.78
CA PHE J 253 38.82 33.12 29.97
C PHE J 253 38.10 31.79 30.15
N ALA J 254 38.75 30.87 30.85
CA ALA J 254 38.19 29.55 31.09
C ALA J 254 38.71 29.00 32.40
N ILE J 255 37.84 28.34 33.14
CA ILE J 255 38.15 27.75 34.43
C ILE J 255 38.05 26.23 34.30
N SER J 256 39.09 25.53 34.73
CA SER J 256 39.18 24.09 34.60
C SER J 256 38.87 23.41 35.93
N HIS J 257 38.83 22.08 35.91
CA HIS J 257 38.62 21.32 37.14
C HIS J 257 39.81 21.46 38.09
N GLU J 258 41.02 21.65 37.54
CA GLU J 258 42.19 21.89 38.36
C GLU J 258 42.15 23.23 39.08
N GLY J 259 41.11 24.03 38.88
CA GLY J 259 41.02 25.34 39.48
C GLY J 259 41.81 26.42 38.79
N HIS J 260 42.68 26.08 37.86
CA HIS J 260 43.48 27.06 37.17
C HIS J 260 42.60 27.93 36.26
N VAL J 261 43.11 29.11 35.94
CA VAL J 261 42.40 30.08 35.11
C VAL J 261 43.23 30.34 33.87
N TYR J 262 42.66 30.07 32.69
CA TYR J 262 43.31 30.31 31.42
C TYR J 262 42.61 31.45 30.68
N GLY J 263 43.33 32.04 29.74
CA GLY J 263 42.81 33.16 29.01
C GLY J 263 43.69 33.50 27.84
N PHE J 264 43.11 34.19 26.87
CA PHE J 264 43.81 34.49 25.64
C PHE J 264 43.05 35.55 24.87
N GLY J 265 43.77 36.36 24.13
CA GLY J 265 43.20 37.45 23.36
C GLY J 265 44.20 38.58 23.22
N LEU J 266 43.67 39.80 23.09
CA LEU J 266 44.49 40.99 22.98
C LEU J 266 44.73 41.59 24.37
N SER J 267 45.98 41.90 24.67
CA SER J 267 46.38 42.49 25.94
C SER J 267 47.09 43.82 25.72
N ASN J 268 46.56 44.64 24.80
CA ASN J 268 47.21 45.92 24.50
C ASN J 268 47.24 46.84 25.70
N TYR J 269 46.16 46.86 26.49
CA TYR J 269 46.10 47.65 27.71
C TYR J 269 46.19 46.78 28.96
N HIS J 270 46.87 45.64 28.85
CA HIS J 270 47.12 44.75 29.98
C HIS J 270 45.82 44.19 30.56
N GLN J 271 44.79 44.08 29.74
CA GLN J 271 43.48 43.63 30.20
C GLN J 271 43.39 42.12 30.37
N LEU J 272 44.49 41.40 30.25
CA LEU J 272 44.52 39.96 30.45
C LEU J 272 45.33 39.56 31.68
N GLY J 273 45.78 40.52 32.47
CA GLY J 273 46.63 40.20 33.60
C GLY J 273 48.06 39.88 33.26
N THR J 274 48.44 39.99 31.99
CA THR J 274 49.79 39.72 31.56
C THR J 274 50.69 40.94 31.80
N PRO J 275 51.97 40.72 32.11
CA PRO J 275 52.86 41.87 32.32
C PRO J 275 53.10 42.68 31.07
N GLY J 276 53.08 42.07 29.88
CA GLY J 276 53.37 42.75 28.63
C GLY J 276 52.14 42.92 27.76
N THR J 277 52.31 43.74 26.72
CA THR J 277 51.25 44.01 25.76
C THR J 277 51.22 43.01 24.61
N GLU J 278 52.01 41.94 24.69
CA GLU J 278 52.06 40.96 23.61
C GLU J 278 50.72 40.26 23.45
N SER J 279 50.33 40.02 22.21
CA SER J 279 49.09 39.30 21.94
C SER J 279 49.24 37.83 22.31
N CYS J 280 48.24 37.29 22.98
CA CYS J 280 48.26 35.91 23.45
C CYS J 280 47.43 35.06 22.51
N PHE J 281 48.10 34.35 21.60
CA PHE J 281 47.43 33.42 20.70
C PHE J 281 47.39 32.00 21.26
N ILE J 282 48.06 31.77 22.39
CA ILE J 282 48.09 30.47 23.05
C ILE J 282 47.41 30.63 24.40
N PRO J 283 46.65 29.65 24.88
CA PRO J 283 46.01 29.80 26.19
C PRO J 283 47.02 29.83 27.33
N GLN J 284 47.68 30.98 27.48
CA GLN J 284 48.72 31.14 28.49
C GLN J 284 48.13 31.00 29.89
N ASN J 285 48.81 30.23 30.74
CA ASN J 285 48.42 30.14 32.13
C ASN J 285 48.83 31.42 32.86
N LEU J 286 47.85 32.10 33.45
CA LEU J 286 48.08 33.41 34.03
C LEU J 286 48.57 33.25 35.47
N THR J 287 49.83 33.58 35.70
CA THR J 287 50.38 33.52 37.06
C THR J 287 49.85 34.64 37.93
N SER J 288 49.33 35.72 37.35
CA SER J 288 48.78 36.82 38.13
C SER J 288 47.53 36.43 38.89
N PHE J 289 46.90 35.32 38.52
CA PHE J 289 45.68 34.86 39.17
C PHE J 289 45.87 33.63 40.04
N LYS J 290 47.08 33.09 40.10
CA LYS J 290 47.35 31.87 40.85
C LYS J 290 47.37 32.17 42.35
N ASN J 291 46.41 31.61 43.08
CA ASN J 291 46.36 31.76 44.53
C ASN J 291 45.58 30.60 45.12
N SER J 292 46.13 29.97 46.16
CA SER J 292 45.46 28.84 46.79
C SER J 292 44.22 29.27 47.56
N THR J 293 44.29 30.41 48.25
CA THR J 293 43.15 30.87 49.02
C THR J 293 42.02 31.35 48.12
N LYS J 294 42.33 32.20 47.15
CA LYS J 294 41.32 32.78 46.27
C LYS J 294 40.89 31.77 45.21
N SER J 295 39.59 31.54 45.12
CA SER J 295 39.01 30.67 44.10
C SER J 295 38.12 31.51 43.20
N TRP J 296 38.48 31.58 41.92
CA TRP J 296 37.77 32.45 40.99
C TRP J 296 36.46 31.81 40.53
N VAL J 297 35.39 32.60 40.53
CA VAL J 297 34.07 32.14 40.12
C VAL J 297 33.51 32.93 38.96
N GLY J 298 33.68 34.24 38.94
CA GLY J 298 33.01 35.01 37.91
C GLY J 298 33.90 35.95 37.13
N PHE J 299 33.80 35.92 35.79
CA PHE J 299 34.61 36.76 34.94
C PHE J 299 33.75 37.58 34.00
N SER J 300 34.28 38.71 33.56
CA SER J 300 33.61 39.58 32.60
C SER J 300 34.63 40.60 32.11
N GLY J 301 34.34 41.20 30.96
CA GLY J 301 35.26 42.16 30.41
C GLY J 301 34.70 42.98 29.25
N GLY J 302 35.19 44.21 29.12
CA GLY J 302 34.85 45.07 28.01
C GLY J 302 35.89 45.03 26.91
N GLN J 303 35.88 46.07 26.07
CA GLN J 303 36.81 46.09 24.94
C GLN J 303 38.25 46.28 25.40
N HIS J 304 38.47 46.98 26.51
CA HIS J 304 39.83 47.14 27.00
C HIS J 304 39.95 47.04 28.52
N HIS J 305 38.91 46.59 29.22
CA HIS J 305 38.97 46.42 30.67
C HIS J 305 38.41 45.06 31.06
N THR J 306 38.60 44.70 32.32
CA THR J 306 38.20 43.38 32.79
C THR J 306 37.83 43.45 34.27
N VAL J 307 36.72 42.83 34.63
CA VAL J 307 36.25 42.76 36.01
C VAL J 307 35.95 41.31 36.35
N CYS J 308 36.37 40.89 37.54
CA CYS J 308 36.21 39.50 37.97
C CYS J 308 35.71 39.47 39.42
N MET J 309 35.48 38.27 39.93
CA MET J 309 34.98 38.10 41.29
C MET J 309 35.30 36.70 41.77
N ASP J 310 35.56 36.60 43.07
CA ASP J 310 36.01 35.39 43.73
C ASP J 310 34.85 34.71 44.45
N SER J 311 35.15 33.55 45.05
CA SER J 311 34.13 32.81 45.79
C SER J 311 33.69 33.54 47.06
N GLU J 312 34.51 34.45 47.57
CA GLU J 312 34.18 35.18 48.79
C GLU J 312 33.34 36.43 48.54
N GLY J 313 33.12 36.79 47.28
CA GLY J 313 32.27 37.92 46.93
C GLY J 313 33.02 39.19 46.59
N LYS J 314 34.34 39.23 46.76
CA LYS J 314 35.11 40.42 46.47
C LYS J 314 35.38 40.50 44.97
N ALA J 315 34.99 41.61 44.37
CA ALA J 315 35.13 41.82 42.93
C ALA J 315 36.38 42.63 42.64
N TYR J 316 37.22 42.12 41.74
CA TYR J 316 38.46 42.77 41.35
C TYR J 316 38.32 43.35 39.95
N SER J 317 39.28 44.20 39.57
CA SER J 317 39.26 44.80 38.25
C SER J 317 40.68 45.05 37.79
N LEU J 318 40.87 45.10 36.47
CA LEU J 318 42.17 45.39 35.87
C LEU J 318 41.96 45.81 34.42
N GLY J 319 43.03 46.32 33.82
CA GLY J 319 42.94 46.75 32.43
C GLY J 319 43.12 48.24 32.24
N ARG J 320 42.61 48.77 31.12
CA ARG J 320 42.73 50.18 30.84
C ARG J 320 41.98 51.00 31.88
N ALA J 321 42.49 52.20 32.17
CA ALA J 321 41.96 53.02 33.26
C ALA J 321 41.24 54.28 32.81
N GLU J 322 41.29 54.62 31.53
CA GLU J 322 40.71 55.87 31.06
C GLU J 322 39.19 55.86 31.21
N TYR J 323 38.62 57.07 31.32
CA TYR J 323 37.17 57.30 31.40
C TYR J 323 36.54 56.62 32.61
N GLY J 324 37.32 56.33 33.64
CA GLY J 324 36.78 55.77 34.87
C GLY J 324 36.19 54.38 34.73
N ARG J 325 36.69 53.58 33.81
CA ARG J 325 36.13 52.26 33.60
C ARG J 325 36.57 51.27 34.68
N LEU J 326 37.62 51.57 35.43
CA LEU J 326 38.01 50.70 36.53
C LEU J 326 37.27 51.05 37.82
N GLY J 327 37.22 52.34 38.15
CA GLY J 327 36.53 52.81 39.34
C GLY J 327 37.22 52.44 40.64
N LEU J 328 38.45 52.90 40.82
CA LEU J 328 39.25 52.57 41.99
C LEU J 328 39.52 53.78 42.87
N GLY J 329 40.14 54.82 42.32
CA GLY J 329 40.59 55.93 43.15
C GLY J 329 40.42 57.31 42.56
N GLU J 330 39.42 57.48 41.69
CA GLU J 330 39.14 58.76 41.05
C GLU J 330 40.37 59.27 40.30
N GLY J 331 40.81 58.47 39.34
CA GLY J 331 41.95 58.79 38.54
C GLY J 331 43.19 57.96 38.78
N ALA J 332 43.07 56.76 39.34
CA ALA J 332 44.22 55.91 39.54
C ALA J 332 44.85 55.51 38.21
N GLU J 333 46.15 55.27 38.24
CA GLU J 333 46.87 54.95 37.02
C GLU J 333 46.51 53.56 36.51
N GLU J 334 46.95 53.26 35.29
CA GLU J 334 46.65 51.98 34.66
C GLU J 334 47.22 50.82 35.46
N LYS J 335 46.44 49.76 35.60
CA LYS J 335 46.80 48.61 36.42
C LYS J 335 46.76 47.35 35.59
N SER J 336 47.79 46.52 35.73
CA SER J 336 47.89 45.25 35.02
C SER J 336 47.58 44.06 35.91
N ILE J 337 47.14 44.28 37.14
CA ILE J 337 46.89 43.20 38.09
C ILE J 337 45.49 43.37 38.66
N PRO J 338 44.88 42.28 39.14
CA PRO J 338 43.54 42.41 39.74
C PRO J 338 43.61 43.24 41.02
N THR J 339 42.72 44.23 41.11
CA THR J 339 42.71 45.17 42.22
C THR J 339 41.36 45.16 42.91
N LEU J 340 41.36 44.95 44.22
CA LEU J 340 40.12 44.96 44.99
C LEU J 340 39.48 46.34 44.98
N ILE J 341 38.16 46.36 44.90
CA ILE J 341 37.38 47.59 45.02
C ILE J 341 36.75 47.57 46.41
N SER J 342 37.33 48.34 47.33
CA SER J 342 36.89 48.29 48.71
C SER J 342 35.47 48.83 48.89
N ARG J 343 34.98 49.62 47.94
CA ARG J 343 33.65 50.22 48.07
C ARG J 343 32.52 49.24 47.78
N LEU J 344 32.83 47.99 47.44
CA LEU J 344 31.78 47.06 47.02
C LEU J 344 31.42 46.10 48.15
N PRO J 345 30.14 45.96 48.46
CA PRO J 345 29.72 44.91 49.40
C PRO J 345 29.84 43.53 48.80
N ALA J 346 29.35 42.52 49.51
CA ALA J 346 29.38 41.15 49.00
C ALA J 346 28.65 41.07 47.66
N VAL J 347 29.40 40.79 46.60
CA VAL J 347 28.88 40.84 45.24
C VAL J 347 28.35 39.47 44.86
N SER J 348 27.13 39.43 44.31
CA SER J 348 26.58 38.17 43.84
C SER J 348 27.06 37.85 42.44
N SER J 349 27.13 38.85 41.55
CA SER J 349 27.58 38.64 40.19
C SER J 349 28.11 39.94 39.63
N VAL J 350 29.02 39.85 38.66
CA VAL J 350 29.62 41.01 38.04
C VAL J 350 29.36 40.97 36.55
N ALA J 351 29.53 42.13 35.90
CA ALA J 351 29.36 42.23 34.46
C ALA J 351 30.09 43.46 33.95
N CYS J 352 30.33 43.49 32.64
CA CYS J 352 31.04 44.58 32.00
C CYS J 352 30.33 44.99 30.72
N GLY J 353 30.33 46.29 30.45
CA GLY J 353 29.83 46.83 29.21
C GLY J 353 30.94 47.08 28.21
N ALA J 354 30.64 47.92 27.23
CA ALA J 354 31.66 48.30 26.26
C ALA J 354 32.81 49.04 26.94
N SER J 355 32.48 50.15 27.60
CA SER J 355 33.47 50.93 28.34
C SER J 355 33.07 51.15 29.78
N VAL J 356 32.14 50.35 30.30
CA VAL J 356 31.60 50.52 31.64
C VAL J 356 31.67 49.19 32.38
N GLY J 357 31.16 49.18 33.60
CA GLY J 357 31.17 48.00 34.44
C GLY J 357 30.07 48.06 35.47
N TYR J 358 29.52 46.90 35.79
CA TYR J 358 28.37 46.78 36.67
C TYR J 358 28.61 45.68 37.69
N ALA J 359 28.11 45.89 38.91
CA ALA J 359 28.18 44.89 39.97
C ALA J 359 26.79 44.68 40.55
N VAL J 360 26.54 43.46 41.02
CA VAL J 360 25.27 43.07 41.62
C VAL J 360 25.56 42.35 42.92
N THR J 361 25.15 42.95 44.04
CA THR J 361 25.37 42.39 45.35
C THR J 361 24.30 41.34 45.67
N LYS J 362 24.59 40.54 46.71
CA LYS J 362 23.68 39.47 47.07
C LYS J 362 22.34 40.00 47.57
N ASP J 363 22.34 41.16 48.24
CA ASP J 363 21.10 41.72 48.75
C ASP J 363 20.19 42.25 47.64
N GLY J 364 20.71 42.41 46.42
CA GLY J 364 19.90 42.89 45.32
C GLY J 364 20.28 44.25 44.79
N ARG J 365 21.25 44.93 45.40
CA ARG J 365 21.66 46.25 44.93
C ARG J 365 22.59 46.11 43.74
N VAL J 366 22.56 47.13 42.87
CA VAL J 366 23.37 47.16 41.65
C VAL J 366 24.16 48.45 41.61
N PHE J 367 25.44 48.35 41.28
CA PHE J 367 26.34 49.49 41.19
C PHE J 367 26.88 49.60 39.77
N ALA J 368 27.12 50.84 39.34
CA ALA J 368 27.60 51.12 37.99
C ALA J 368 28.82 52.02 38.04
N TRP J 369 29.69 51.88 37.05
CA TRP J 369 30.84 52.78 36.97
C TRP J 369 31.39 52.75 35.56
N GLY J 370 31.92 53.89 35.12
CA GLY J 370 32.56 53.97 33.83
C GLY J 370 32.13 55.20 33.07
N MET J 371 32.31 55.14 31.75
CA MET J 371 31.97 56.26 30.88
C MET J 371 30.46 56.49 30.86
N GLY J 372 30.05 57.73 31.07
CA GLY J 372 28.64 58.06 31.08
C GLY J 372 28.19 58.82 29.86
N THR J 373 28.97 58.76 28.78
CA THR J 373 28.60 59.47 27.56
C THR J 373 27.27 58.99 27.01
N ASN J 374 27.01 57.70 27.11
CA ASN J 374 25.74 57.12 26.65
C ASN J 374 24.73 56.97 27.79
N TYR J 375 24.99 57.58 28.95
CA TYR J 375 24.10 57.52 30.10
C TYR J 375 23.83 56.10 30.54
N GLN J 376 24.78 55.20 30.30
CA GLN J 376 24.66 53.82 30.75
C GLN J 376 24.75 53.68 32.26
N LEU J 377 25.19 54.72 32.96
CA LEU J 377 25.41 54.61 34.40
C LEU J 377 24.12 54.68 35.21
N GLY J 378 23.03 55.14 34.61
CA GLY J 378 21.77 55.28 35.33
C GLY J 378 21.71 56.42 36.32
N THR J 379 22.76 57.24 36.42
CA THR J 379 22.75 58.37 37.33
C THR J 379 22.08 59.59 36.75
N GLY J 380 21.74 59.58 35.46
CA GLY J 380 21.19 60.75 34.82
C GLY J 380 22.20 61.84 34.54
N GLN J 381 23.48 61.59 34.78
CA GLN J 381 24.54 62.56 34.53
C GLN J 381 25.53 61.96 33.54
N ASP J 382 25.75 62.66 32.43
CA ASP J 382 26.73 62.23 31.44
C ASP J 382 28.16 62.39 31.93
N GLU J 383 28.37 62.92 33.12
CA GLU J 383 29.72 63.10 33.64
C GLU J 383 30.35 61.75 33.97
N ASP J 384 31.60 61.59 33.59
CA ASP J 384 32.32 60.34 33.79
C ASP J 384 32.43 60.03 35.28
N ALA J 385 31.94 58.86 35.68
CA ALA J 385 31.89 58.47 37.08
C ALA J 385 33.06 57.55 37.40
N TRP J 386 33.88 57.96 38.38
CA TRP J 386 35.02 57.17 38.84
C TRP J 386 34.71 56.33 40.06
N SER J 387 33.57 56.54 40.70
CA SER J 387 33.21 55.79 41.89
C SER J 387 32.08 54.81 41.60
N PRO J 388 32.06 53.67 42.26
CA PRO J 388 30.96 52.71 42.05
C PRO J 388 29.63 53.23 42.56
N VAL J 389 29.02 54.16 41.82
CA VAL J 389 27.79 54.79 42.26
C VAL J 389 26.64 53.80 42.18
N GLU J 390 25.74 53.85 43.17
CA GLU J 390 24.56 53.00 43.16
C GLU J 390 23.52 53.56 42.21
N MET J 391 22.91 52.67 41.43
CA MET J 391 21.86 53.07 40.51
C MET J 391 20.52 53.11 41.23
N MET J 392 19.72 54.11 40.90
CA MET J 392 18.45 54.29 41.58
C MET J 392 17.38 54.75 40.59
N GLY J 393 16.17 54.24 40.76
CA GLY J 393 15.05 54.61 39.92
C GLY J 393 13.77 54.03 40.48
N LYS J 394 12.65 54.57 40.00
CA LYS J 394 11.36 54.13 40.54
C LYS J 394 11.11 52.65 40.25
N GLN J 395 11.57 52.16 39.10
CA GLN J 395 11.44 50.74 38.79
C GLN J 395 12.37 49.87 39.61
N LEU J 396 13.21 50.45 40.47
CA LEU J 396 14.01 49.69 41.41
C LEU J 396 13.43 49.69 42.82
N GLU J 397 12.39 50.49 43.07
CA GLU J 397 11.78 50.54 44.39
C GLU J 397 11.09 49.22 44.71
N ASN J 398 11.43 48.65 45.87
CA ASN J 398 10.88 47.38 46.33
C ASN J 398 11.15 46.26 45.34
N ARG J 399 12.32 46.30 44.70
CA ARG J 399 12.73 45.28 43.73
C ARG J 399 14.23 45.03 43.88
N VAL J 400 14.62 43.79 43.57
CA VAL J 400 16.02 43.39 43.61
C VAL J 400 16.48 43.06 42.20
N VAL J 401 17.77 43.24 41.96
CA VAL J 401 18.36 43.05 40.64
C VAL J 401 18.80 41.59 40.50
N LEU J 402 18.18 40.89 39.55
CA LEU J 402 18.57 39.50 39.30
C LEU J 402 19.85 39.42 38.49
N SER J 403 19.89 40.09 37.34
CA SER J 403 21.08 40.03 36.50
C SER J 403 21.28 41.36 35.77
N VAL J 404 22.44 41.47 35.12
CA VAL J 404 22.82 42.70 34.43
C VAL J 404 23.64 42.32 33.20
N SER J 405 23.41 43.04 32.11
CA SER J 405 24.24 42.94 30.92
C SER J 405 24.31 44.30 30.26
N SER J 406 25.38 44.53 29.51
CA SER J 406 25.58 45.82 28.89
C SER J 406 26.32 45.66 27.58
N GLY J 407 25.91 46.45 26.58
CA GLY J 407 26.53 46.44 25.29
C GLY J 407 27.23 47.76 24.96
N GLY J 408 27.04 48.23 23.73
CA GLY J 408 27.71 49.44 23.28
C GLY J 408 27.10 50.73 23.79
N GLN J 409 25.83 50.98 23.47
CA GLN J 409 25.18 52.24 23.81
C GLN J 409 24.00 52.07 24.76
N HIS J 410 23.91 50.94 25.45
CA HIS J 410 22.78 50.76 26.36
C HIS J 410 23.15 49.70 27.40
N THR J 411 22.19 49.39 28.26
CA THR J 411 22.38 48.45 29.34
C THR J 411 21.02 47.90 29.76
N VAL J 412 20.99 46.60 30.04
CA VAL J 412 19.76 45.87 30.33
C VAL J 412 19.90 45.17 31.67
N LEU J 413 18.84 45.25 32.48
CA LEU J 413 18.77 44.64 33.79
C LEU J 413 17.65 43.61 33.83
N LEU J 414 17.78 42.65 34.73
CA LEU J 414 16.70 41.72 35.07
C LEU J 414 16.44 41.83 36.56
N VAL J 415 15.20 42.17 36.92
CA VAL J 415 14.86 42.48 38.31
C VAL J 415 13.63 41.70 38.73
N LYS J 416 13.50 41.50 40.05
CA LYS J 416 12.35 40.79 40.60
C LYS J 416 11.78 41.52 41.83
N ASP J 417 10.46 41.55 41.94
CA ASP J 417 9.81 42.16 43.08
C ASP J 417 10.26 41.49 44.37
N LYS J 418 10.26 42.25 45.46
CA LYS J 418 10.68 41.71 46.74
C LYS J 418 9.68 40.69 47.25
N GLU J 419 10.17 39.81 48.13
CA GLU J 419 9.34 38.71 48.63
C GLU J 419 8.24 39.19 49.57
N GLN J 420 8.39 40.37 50.17
CA GLN J 420 7.38 40.87 51.09
C GLN J 420 6.10 41.23 50.34
N SER J 421 4.99 41.15 51.06
CA SER J 421 3.65 41.47 50.53
C SER J 421 3.33 40.68 49.26
N LYS K 4 -46.15 38.58 -53.28
CA LYS K 4 -47.57 38.89 -53.15
C LYS K 4 -47.91 39.29 -51.72
N ARG K 5 -49.13 38.99 -51.34
CA ARG K 5 -49.65 39.25 -49.99
C ARG K 5 -50.48 38.04 -49.59
N ILE K 6 -50.40 37.67 -48.32
CA ILE K 6 -50.97 36.41 -47.85
C ILE K 6 -52.45 36.62 -47.55
N ALA K 7 -53.17 35.55 -47.27
CA ALA K 7 -54.58 35.65 -46.94
C ALA K 7 -54.70 35.70 -45.43
N LYS K 8 -55.75 36.34 -44.96
CA LYS K 8 -55.88 36.63 -43.55
C LYS K 8 -56.63 35.55 -42.77
N ARG K 9 -56.20 35.37 -41.53
CA ARG K 9 -56.64 34.32 -40.63
C ARG K 9 -57.82 34.78 -39.79
N ARG K 10 -58.16 33.99 -38.78
CA ARG K 10 -59.29 34.27 -37.91
C ARG K 10 -58.87 34.02 -36.47
N SER K 11 -59.66 34.54 -35.57
CA SER K 11 -59.36 34.42 -34.15
C SER K 11 -59.96 33.13 -33.63
N PRO K 12 -59.27 32.39 -32.75
CA PRO K 12 -59.90 31.23 -32.15
C PRO K 12 -61.13 31.65 -31.35
N PRO K 13 -62.10 30.76 -31.19
CA PRO K 13 -63.31 31.14 -30.46
C PRO K 13 -62.97 31.64 -29.07
N ALA K 14 -63.83 32.50 -28.56
CA ALA K 14 -63.63 33.14 -27.26
C ALA K 14 -64.21 32.23 -26.20
N ASP K 15 -64.22 32.68 -24.95
CA ASP K 15 -64.72 31.83 -23.90
C ASP K 15 -66.22 32.02 -23.75
N ALA K 16 -66.79 31.56 -22.64
CA ALA K 16 -68.22 31.29 -22.53
C ALA K 16 -69.16 32.47 -22.71
N ILE K 17 -68.63 33.67 -22.94
CA ILE K 17 -69.41 34.91 -23.10
C ILE K 17 -70.67 34.77 -23.97
N PRO K 18 -70.70 34.03 -25.09
CA PRO K 18 -71.95 33.94 -25.86
C PRO K 18 -73.08 33.26 -25.10
N LYS K 19 -72.78 32.26 -24.28
CA LYS K 19 -73.73 31.67 -23.34
C LYS K 19 -74.97 31.08 -24.05
N SER K 20 -74.73 30.04 -24.84
CA SER K 20 -75.82 29.37 -25.52
C SER K 20 -76.42 28.30 -24.60
N LYS K 21 -77.45 27.61 -25.09
CA LYS K 21 -78.14 26.54 -24.36
C LYS K 21 -78.57 27.01 -22.97
N LYS K 22 -79.42 28.04 -22.95
CA LYS K 22 -79.94 28.58 -21.71
C LYS K 22 -81.02 27.68 -21.13
N VAL K 23 -80.76 27.09 -19.97
CA VAL K 23 -81.72 26.20 -19.34
C VAL K 23 -82.75 27.05 -18.59
N LYS K 24 -84.00 26.61 -18.62
CA LYS K 24 -85.07 27.24 -17.85
C LYS K 24 -85.33 26.40 -16.60
N VAL K 25 -84.97 26.95 -15.43
CA VAL K 25 -85.02 26.17 -14.19
C VAL K 25 -86.45 25.93 -13.75
N SER K 26 -86.70 24.75 -13.20
CA SER K 26 -87.96 24.39 -12.58
C SER K 26 -87.71 23.52 -11.35
N HIS K 27 -88.46 23.79 -10.29
CA HIS K 27 -88.36 23.10 -9.02
C HIS K 27 -89.70 23.17 -8.31
N ARG K 28 -89.98 22.17 -7.49
CA ARG K 28 -91.24 22.13 -6.77
C ARG K 28 -91.35 23.20 -5.70
N SER K 29 -90.28 23.92 -5.41
CA SER K 29 -90.34 25.04 -4.47
C SER K 29 -90.78 26.34 -5.12
N HIS K 30 -90.77 26.42 -6.45
CA HIS K 30 -91.23 27.61 -7.14
C HIS K 30 -92.73 27.80 -6.95
N SER K 31 -93.12 28.94 -6.40
CA SER K 31 -94.52 29.25 -6.21
C SER K 31 -95.12 29.78 -7.51
N THR K 32 -96.27 29.25 -7.90
CA THR K 32 -96.89 29.57 -9.18
C THR K 32 -98.26 30.21 -9.05
N GLU K 33 -99.10 29.72 -8.14
CA GLU K 33 -100.47 30.22 -8.03
C GLU K 33 -100.46 31.67 -7.56
N PRO K 34 -101.12 32.58 -8.28
CA PRO K 34 -101.14 33.98 -7.86
C PRO K 34 -101.98 34.18 -6.61
N GLY K 35 -101.71 35.27 -5.92
CA GLY K 35 -102.44 35.59 -4.71
C GLY K 35 -102.26 37.04 -4.31
N LEU K 36 -102.51 37.30 -3.03
CA LEU K 36 -102.42 38.63 -2.45
C LEU K 36 -101.61 38.56 -1.16
N VAL K 37 -100.97 39.66 -0.84
CA VAL K 37 -100.03 39.74 0.27
C VAL K 37 -100.71 40.34 1.48
N LEU K 38 -100.47 39.73 2.64
CA LEU K 38 -100.92 40.25 3.93
C LEU K 38 -99.72 40.44 4.84
N THR K 39 -99.80 41.44 5.72
CA THR K 39 -98.74 41.70 6.67
C THR K 39 -99.33 41.96 8.05
N LEU K 40 -98.51 41.73 9.07
CA LEU K 40 -98.91 42.02 10.44
C LEU K 40 -97.67 42.05 11.33
N GLY K 41 -97.80 42.69 12.47
CA GLY K 41 -96.72 42.83 13.42
C GLY K 41 -96.20 44.26 13.47
N GLN K 42 -95.03 44.40 14.08
CA GLN K 42 -94.39 45.72 14.20
C GLN K 42 -93.99 46.23 12.82
N GLY K 43 -94.42 47.45 12.51
CA GLY K 43 -94.04 48.11 11.28
C GLY K 43 -93.21 49.35 11.54
N ASP K 44 -92.24 49.22 12.44
CA ASP K 44 -91.47 50.39 12.88
C ASP K 44 -90.79 51.10 11.71
N VAL K 45 -90.03 50.35 10.91
CA VAL K 45 -89.29 50.94 9.79
C VAL K 45 -90.01 50.70 8.46
N GLY K 46 -91.29 50.36 8.50
CA GLY K 46 -92.07 50.22 7.29
C GLY K 46 -92.10 48.85 6.66
N GLN K 47 -91.69 47.81 7.40
CA GLN K 47 -91.71 46.46 6.86
C GLN K 47 -93.12 45.91 6.67
N LEU K 48 -94.16 46.68 6.99
CA LEU K 48 -95.53 46.28 6.68
C LEU K 48 -96.01 46.83 5.34
N GLY K 49 -95.41 47.90 4.86
CA GLY K 49 -95.76 48.44 3.56
C GLY K 49 -97.15 49.02 3.45
N LEU K 50 -97.75 49.41 4.57
CA LEU K 50 -99.12 49.90 4.58
C LEU K 50 -99.23 51.41 4.55
N GLY K 51 -98.15 52.13 4.77
CA GLY K 51 -98.19 53.58 4.69
C GLY K 51 -97.17 54.20 5.61
N GLU K 52 -97.03 55.52 5.48
CA GLU K 52 -96.06 56.26 6.29
C GLU K 52 -96.50 56.33 7.74
N ASN K 53 -97.81 56.38 7.99
CA ASN K 53 -98.35 56.55 9.33
C ASN K 53 -98.73 55.22 9.99
N VAL K 54 -98.51 54.10 9.32
CA VAL K 54 -98.88 52.79 9.86
C VAL K 54 -97.66 52.22 10.58
N MET K 55 -97.76 52.11 11.91
CA MET K 55 -96.66 51.61 12.71
C MET K 55 -96.86 50.19 13.22
N GLU K 56 -98.09 49.67 13.21
CA GLU K 56 -98.32 48.38 13.81
C GLU K 56 -99.66 47.81 13.34
N ARG K 57 -99.68 46.50 13.11
CA ARG K 57 -100.89 45.75 12.78
C ARG K 57 -100.85 44.41 13.49
N LYS K 58 -101.94 44.09 14.18
CA LYS K 58 -102.03 42.89 15.01
C LYS K 58 -102.80 41.75 14.35
N LYS K 59 -103.40 41.98 13.19
CA LYS K 59 -104.03 40.95 12.38
C LYS K 59 -103.81 41.32 10.91
N PRO K 60 -103.92 40.36 10.00
CA PRO K 60 -103.50 40.62 8.60
C PRO K 60 -104.24 41.79 7.98
N ALA K 61 -103.49 42.56 7.20
CA ALA K 61 -104.02 43.68 6.43
C ALA K 61 -103.51 43.58 5.00
N LEU K 62 -104.31 44.08 4.06
CA LEU K 62 -103.99 43.96 2.65
C LEU K 62 -102.98 45.02 2.23
N VAL K 63 -101.99 44.58 1.45
CA VAL K 63 -100.95 45.46 0.93
C VAL K 63 -101.23 45.73 -0.54
N SER K 64 -101.15 47.01 -0.92
CA SER K 64 -101.47 47.43 -2.28
C SER K 64 -100.31 47.10 -3.21
N ILE K 65 -100.52 46.13 -4.11
CA ILE K 65 -99.55 45.75 -5.12
C ILE K 65 -100.21 45.90 -6.48
N PRO K 66 -99.60 46.61 -7.43
CA PRO K 66 -100.25 46.82 -8.73
C PRO K 66 -100.50 45.54 -9.50
N GLU K 67 -99.74 44.48 -9.25
CA GLU K 67 -99.87 43.22 -9.96
C GLU K 67 -100.22 42.10 -8.97
N ASP K 68 -100.45 40.92 -9.49
CA ASP K 68 -100.65 39.75 -8.65
C ASP K 68 -99.31 39.25 -8.11
N VAL K 69 -99.37 38.51 -7.00
CA VAL K 69 -98.19 38.05 -6.29
C VAL K 69 -98.20 36.53 -6.24
N VAL K 70 -97.10 35.91 -6.64
CA VAL K 70 -97.00 34.45 -6.67
C VAL K 70 -96.25 33.94 -5.44
N GLN K 71 -95.36 34.76 -4.88
CA GLN K 71 -94.60 34.37 -3.71
C GLN K 71 -94.29 35.60 -2.88
N ALA K 72 -94.23 35.42 -1.57
CA ALA K 72 -93.87 36.50 -0.65
C ALA K 72 -92.98 35.95 0.45
N GLU K 73 -91.87 36.64 0.71
CA GLU K 73 -90.94 36.27 1.76
C GLU K 73 -90.63 37.50 2.60
N ALA K 74 -90.54 37.29 3.91
CA ALA K 74 -90.31 38.37 4.87
C ALA K 74 -88.90 38.26 5.40
N GLY K 75 -88.10 39.29 5.17
CA GLY K 75 -86.74 39.35 5.69
C GLY K 75 -86.73 39.66 7.18
N GLY K 76 -85.52 39.89 7.68
CA GLY K 76 -85.35 40.25 9.08
C GLY K 76 -86.09 41.52 9.43
N MET K 77 -85.73 42.62 8.79
CA MET K 77 -86.41 43.91 8.99
C MET K 77 -86.95 44.46 7.68
N HIS K 78 -87.07 43.63 6.65
CA HIS K 78 -87.65 44.04 5.38
C HIS K 78 -88.53 42.93 4.86
N THR K 79 -89.12 43.17 3.68
CA THR K 79 -90.06 42.23 3.09
C THR K 79 -90.00 42.35 1.58
N VAL K 80 -90.03 41.20 0.91
CA VAL K 80 -89.87 41.10 -0.53
C VAL K 80 -91.02 40.26 -1.09
N CYS K 81 -91.66 40.76 -2.14
CA CYS K 81 -92.73 40.08 -2.84
C CYS K 81 -92.37 39.92 -4.31
N LEU K 82 -92.75 38.78 -4.88
CA LEU K 82 -92.49 38.47 -6.28
C LEU K 82 -93.80 38.51 -7.06
N SER K 83 -93.84 39.34 -8.10
CA SER K 83 -95.05 39.52 -8.89
C SER K 83 -95.17 38.42 -9.94
N LYS K 84 -96.40 38.27 -10.46
CA LYS K 84 -96.64 37.33 -11.55
C LYS K 84 -95.79 37.67 -12.76
N SER K 85 -95.71 38.96 -13.11
CA SER K 85 -94.97 39.38 -14.29
C SER K 85 -93.47 39.10 -14.19
N GLY K 86 -92.96 38.79 -13.00
CA GLY K 86 -91.56 38.51 -12.79
C GLY K 86 -90.81 39.61 -12.05
N GLN K 87 -91.32 40.84 -12.07
CA GLN K 87 -90.70 41.92 -11.33
C GLN K 87 -90.75 41.64 -9.83
N VAL K 88 -89.82 42.25 -9.11
CA VAL K 88 -89.71 42.10 -7.67
C VAL K 88 -90.06 43.44 -7.01
N TYR K 89 -90.87 43.37 -5.95
CA TYR K 89 -91.19 44.52 -5.12
C TYR K 89 -90.58 44.33 -3.74
N SER K 90 -90.04 45.41 -3.18
CA SER K 90 -89.40 45.34 -1.88
C SER K 90 -89.82 46.54 -1.05
N PHE K 91 -89.96 46.31 0.25
CA PHE K 91 -90.26 47.39 1.19
C PHE K 91 -89.80 47.00 2.58
N GLY K 92 -89.19 47.93 3.27
CA GLY K 92 -88.66 47.69 4.59
C GLY K 92 -87.47 48.61 4.87
N CYS K 93 -86.50 48.08 5.60
CA CYS K 93 -85.34 48.85 6.04
C CYS K 93 -84.27 48.85 4.95
N ASN K 94 -83.93 50.04 4.46
CA ASN K 94 -82.93 50.19 3.41
C ASN K 94 -81.58 50.65 3.97
N ASP K 95 -81.39 50.57 5.28
CA ASP K 95 -80.13 51.01 5.87
C ASP K 95 -78.95 50.18 5.38
N GLU K 96 -79.17 48.88 5.15
CA GLU K 96 -78.14 47.99 4.64
C GLU K 96 -78.32 47.66 3.16
N GLY K 97 -79.23 48.34 2.49
CA GLY K 97 -79.42 48.11 1.07
C GLY K 97 -80.19 46.87 0.71
N ALA K 98 -80.95 46.31 1.67
CA ALA K 98 -81.68 45.08 1.41
C ALA K 98 -82.85 45.27 0.45
N LEU K 99 -83.23 46.51 0.15
CA LEU K 99 -84.32 46.74 -0.78
C LEU K 99 -83.86 46.79 -2.23
N GLY K 100 -82.67 47.32 -2.47
CA GLY K 100 -82.18 47.40 -3.84
C GLY K 100 -82.94 48.39 -4.69
N ARG K 101 -83.23 49.57 -4.17
CA ARG K 101 -83.88 50.63 -4.94
C ARG K 101 -83.69 51.94 -4.20
N ASP K 102 -83.95 53.03 -4.90
CA ASP K 102 -83.68 54.37 -4.37
C ASP K 102 -84.76 54.74 -3.37
N THR K 103 -84.37 54.85 -2.09
CA THR K 103 -85.24 55.34 -1.03
C THR K 103 -84.79 56.68 -0.48
N SER K 104 -84.14 57.49 -1.33
CA SER K 104 -83.72 58.83 -0.90
C SER K 104 -84.89 59.65 -0.41
N VAL K 105 -86.00 59.62 -1.17
CA VAL K 105 -87.22 60.30 -0.76
C VAL K 105 -87.77 59.59 0.48
N GLU K 106 -87.79 60.28 1.61
CA GLU K 106 -88.30 59.69 2.83
C GLU K 106 -89.79 59.40 2.68
N GLY K 107 -90.20 58.21 3.10
CA GLY K 107 -91.54 57.74 2.89
C GLY K 107 -91.68 56.75 1.76
N SER K 108 -90.68 56.64 0.89
CA SER K 108 -90.73 55.67 -0.20
C SER K 108 -90.37 54.27 0.26
N GLU K 109 -89.60 54.16 1.34
CA GLU K 109 -89.32 52.85 1.93
C GLU K 109 -90.49 52.33 2.75
N MET K 110 -91.49 53.17 3.03
CA MET K 110 -92.64 52.77 3.82
C MET K 110 -93.69 52.04 2.99
N VAL K 111 -93.61 52.13 1.67
CA VAL K 111 -94.60 51.50 0.79
C VAL K 111 -93.86 50.61 -0.19
N PRO K 112 -94.53 49.61 -0.76
CA PRO K 112 -93.88 48.75 -1.75
C PRO K 112 -93.45 49.54 -2.98
N GLY K 113 -92.28 49.20 -3.50
CA GLY K 113 -91.77 49.84 -4.68
C GLY K 113 -91.08 48.82 -5.57
N LYS K 114 -90.99 49.16 -6.86
CA LYS K 114 -90.39 48.28 -7.85
C LYS K 114 -88.87 48.30 -7.70
N VAL K 115 -88.29 47.12 -7.51
CA VAL K 115 -86.85 47.01 -7.30
C VAL K 115 -86.11 47.42 -8.56
N GLU K 116 -84.96 48.09 -8.39
CA GLU K 116 -84.14 48.53 -9.51
C GLU K 116 -83.48 47.31 -10.13
N LEU K 117 -84.26 46.60 -10.95
CA LEU K 117 -83.82 45.36 -11.58
C LEU K 117 -84.81 45.02 -12.69
N GLN K 118 -84.28 44.62 -13.84
CA GLN K 118 -85.09 44.28 -15.00
C GLN K 118 -84.80 42.83 -15.36
N GLU K 119 -85.53 41.92 -14.71
CA GLU K 119 -85.38 40.50 -14.95
C GLU K 119 -86.73 39.82 -14.76
N LYS K 120 -86.80 38.56 -15.17
CA LYS K 120 -87.94 37.70 -14.91
C LYS K 120 -87.52 36.78 -13.78
N VAL K 121 -87.97 37.09 -12.57
CA VAL K 121 -87.52 36.40 -11.37
C VAL K 121 -88.52 35.30 -11.04
N VAL K 122 -88.01 34.10 -10.80
CA VAL K 122 -88.87 32.96 -10.49
C VAL K 122 -88.86 32.61 -9.00
N GLN K 123 -87.82 32.97 -8.26
CA GLN K 123 -87.80 32.69 -6.83
C GLN K 123 -87.11 33.83 -6.10
N VAL K 124 -87.48 34.03 -4.83
CA VAL K 124 -86.87 35.05 -3.99
C VAL K 124 -86.58 34.44 -2.62
N SER K 125 -85.54 34.97 -1.97
CA SER K 125 -85.21 34.55 -0.62
C SER K 125 -84.57 35.74 0.08
N ALA K 126 -84.98 35.96 1.33
CA ALA K 126 -84.55 37.13 2.07
C ALA K 126 -84.21 36.73 3.50
N GLY K 127 -83.13 37.30 4.02
CA GLY K 127 -82.69 37.04 5.38
C GLY K 127 -82.70 38.26 6.28
N ASP K 128 -81.68 38.39 7.12
CA ASP K 128 -81.63 39.48 8.07
C ASP K 128 -81.40 40.82 7.37
N SER K 129 -80.29 40.94 6.64
CA SER K 129 -79.89 42.22 6.06
C SER K 129 -79.61 42.12 4.56
N HIS K 130 -79.98 41.00 3.94
CA HIS K 130 -79.64 40.72 2.55
C HIS K 130 -80.89 40.27 1.80
N THR K 131 -80.77 40.22 0.48
CA THR K 131 -81.87 39.72 -0.35
C THR K 131 -81.32 39.15 -1.64
N ALA K 132 -81.74 37.92 -1.95
CA ALA K 132 -81.28 37.20 -3.12
C ALA K 132 -82.48 36.83 -4.00
N ALA K 133 -82.28 36.96 -5.31
CA ALA K 133 -83.29 36.60 -6.30
C ALA K 133 -82.74 35.56 -7.25
N LEU K 134 -83.63 34.69 -7.74
CA LEU K 134 -83.31 33.63 -8.67
C LEU K 134 -84.14 33.80 -9.93
N THR K 135 -83.47 34.03 -11.05
CA THR K 135 -84.10 34.28 -12.33
C THR K 135 -84.46 32.96 -13.01
N ASP K 136 -85.16 33.09 -14.14
CA ASP K 136 -85.62 31.91 -14.88
C ASP K 136 -84.45 31.16 -15.48
N ASP K 137 -83.42 31.87 -15.97
CA ASP K 137 -82.31 31.22 -16.62
C ASP K 137 -81.32 30.59 -15.65
N GLY K 138 -81.49 30.79 -14.35
CA GLY K 138 -80.70 30.12 -13.34
C GLY K 138 -79.66 30.96 -12.66
N ARG K 139 -79.31 32.13 -13.18
CA ARG K 139 -78.31 32.96 -12.54
C ARG K 139 -78.92 33.70 -11.36
N VAL K 140 -78.13 33.87 -10.30
CA VAL K 140 -78.59 34.38 -9.02
C VAL K 140 -78.12 35.81 -8.85
N PHE K 141 -79.04 36.70 -8.48
CA PHE K 141 -78.70 38.06 -8.09
C PHE K 141 -78.77 38.20 -6.58
N LEU K 142 -78.06 39.19 -6.06
CA LEU K 142 -77.94 39.38 -4.63
C LEU K 142 -77.61 40.83 -4.34
N TRP K 143 -78.30 41.40 -3.33
CA TRP K 143 -78.03 42.76 -2.92
C TRP K 143 -78.29 42.87 -1.43
N GLY K 144 -77.85 43.99 -0.85
CA GLY K 144 -77.90 44.17 0.58
C GLY K 144 -76.54 43.94 1.21
N SER K 145 -76.50 43.36 2.40
CA SER K 145 -75.24 43.09 3.07
C SER K 145 -75.41 41.93 4.05
N PHE K 146 -74.27 41.41 4.51
CA PHE K 146 -74.23 40.38 5.54
C PHE K 146 -73.72 40.95 6.85
N ARG K 147 -74.07 40.25 7.93
CA ARG K 147 -73.60 40.59 9.26
C ARG K 147 -73.28 39.30 10.00
N ASP K 148 -72.99 39.43 11.29
CA ASP K 148 -72.74 38.32 12.19
C ASP K 148 -72.86 38.86 13.62
N ASN K 149 -72.36 38.10 14.59
CA ASN K 149 -72.32 38.57 15.98
C ASN K 149 -71.41 39.78 16.12
N ASN K 150 -70.76 40.18 15.02
CA ASN K 150 -69.86 41.32 14.99
C ASN K 150 -70.27 42.27 13.88
N GLY K 151 -69.41 43.21 13.51
CA GLY K 151 -69.72 44.20 12.51
C GLY K 151 -69.91 43.60 11.12
N VAL K 152 -69.95 44.52 10.14
CA VAL K 152 -70.27 44.15 8.76
C VAL K 152 -69.12 43.36 8.15
N ILE K 153 -69.46 42.38 7.31
CA ILE K 153 -68.49 41.54 6.62
C ILE K 153 -68.57 41.68 5.11
N GLY K 154 -69.39 42.58 4.60
CA GLY K 154 -69.54 42.75 3.16
C GLY K 154 -70.47 41.71 2.54
N LEU K 155 -70.56 41.77 1.21
CA LEU K 155 -71.45 40.89 0.46
C LEU K 155 -70.68 39.92 -0.43
N LEU K 156 -69.87 40.43 -1.35
CA LEU K 156 -68.93 39.63 -2.14
C LEU K 156 -67.50 40.13 -2.04
N GLU K 157 -67.31 41.44 -2.07
CA GLU K 157 -66.03 42.03 -1.75
C GLU K 157 -65.99 42.38 -0.27
N PRO K 158 -65.01 41.91 0.49
CA PRO K 158 -65.07 42.04 1.95
C PRO K 158 -65.21 43.49 2.41
N MET K 159 -66.06 43.69 3.41
CA MET K 159 -66.29 45.01 4.02
C MET K 159 -66.88 46.01 3.03
N LYS K 160 -67.69 45.52 2.09
CA LYS K 160 -68.36 46.38 1.12
C LYS K 160 -69.79 45.88 0.92
N LYS K 161 -70.76 46.69 1.30
CA LYS K 161 -72.16 46.38 1.06
C LYS K 161 -72.56 46.78 -0.36
N SER K 162 -73.73 46.32 -0.78
CA SER K 162 -74.25 46.59 -2.12
C SER K 162 -75.65 47.17 -2.01
N MET K 163 -75.85 48.34 -2.59
CA MET K 163 -77.14 49.01 -2.59
C MET K 163 -78.02 48.61 -3.77
N VAL K 164 -77.45 47.96 -4.77
CA VAL K 164 -78.18 47.57 -5.99
C VAL K 164 -77.90 46.11 -6.27
N PRO K 165 -78.77 45.43 -7.02
CA PRO K 165 -78.55 44.01 -7.31
C PRO K 165 -77.22 43.77 -8.01
N VAL K 166 -76.55 42.71 -7.59
CA VAL K 166 -75.26 42.30 -8.15
C VAL K 166 -75.32 40.82 -8.44
N GLN K 167 -74.88 40.42 -9.63
CA GLN K 167 -74.91 39.02 -10.01
C GLN K 167 -73.83 38.23 -9.27
N VAL K 168 -74.21 37.08 -8.74
CA VAL K 168 -73.26 36.09 -8.28
C VAL K 168 -72.89 35.26 -9.51
N GLN K 169 -71.80 35.62 -10.16
CA GLN K 169 -71.46 35.03 -11.45
C GLN K 169 -70.99 33.60 -11.26
N LEU K 170 -71.76 32.65 -11.79
CA LEU K 170 -71.43 31.24 -11.70
C LEU K 170 -71.70 30.57 -13.04
N ASP K 171 -70.86 29.60 -13.38
CA ASP K 171 -71.01 28.90 -14.65
C ASP K 171 -72.20 27.95 -14.66
N VAL K 172 -72.60 27.45 -13.50
CA VAL K 172 -73.65 26.45 -13.40
C VAL K 172 -74.97 27.15 -13.05
N PRO K 173 -76.06 26.85 -13.76
CA PRO K 173 -77.36 27.41 -13.39
C PRO K 173 -77.80 26.90 -12.03
N VAL K 174 -78.60 27.71 -11.35
CA VAL K 174 -79.09 27.41 -10.00
C VAL K 174 -80.60 27.20 -10.07
N VAL K 175 -81.06 26.12 -9.46
CA VAL K 175 -82.49 25.81 -9.46
C VAL K 175 -83.20 26.28 -8.19
N LYS K 176 -82.49 26.43 -7.07
CA LYS K 176 -83.13 26.89 -5.86
C LYS K 176 -82.19 27.79 -5.08
N VAL K 177 -82.74 28.84 -4.47
CA VAL K 177 -82.01 29.67 -3.53
C VAL K 177 -82.70 29.59 -2.19
N ALA K 178 -81.90 29.68 -1.12
CA ALA K 178 -82.45 29.65 0.22
C ALA K 178 -81.57 30.48 1.14
N SER K 179 -82.20 31.27 2.00
CA SER K 179 -81.50 32.26 2.81
C SER K 179 -81.78 32.01 4.29
N GLY K 180 -80.72 31.99 5.08
CA GLY K 180 -80.82 32.14 6.52
C GLY K 180 -80.78 33.60 6.88
N ASN K 181 -80.38 33.87 8.13
CA ASN K 181 -80.19 35.26 8.53
C ASN K 181 -79.05 35.91 7.75
N ASP K 182 -77.85 35.32 7.83
CA ASP K 182 -76.67 35.92 7.23
C ASP K 182 -75.85 34.89 6.45
N HIS K 183 -76.53 33.90 5.86
CA HIS K 183 -75.88 33.01 4.92
C HIS K 183 -76.85 32.70 3.79
N LEU K 184 -76.29 32.22 2.68
CA LEU K 184 -77.07 31.94 1.48
C LEU K 184 -76.61 30.63 0.86
N VAL K 185 -77.55 29.74 0.58
CA VAL K 185 -77.24 28.49 -0.10
C VAL K 185 -77.96 28.47 -1.44
N MET K 186 -77.31 27.88 -2.43
CA MET K 186 -77.81 27.79 -3.79
C MET K 186 -77.68 26.36 -4.28
N LEU K 187 -78.82 25.72 -4.54
CA LEU K 187 -78.85 24.38 -5.10
C LEU K 187 -78.93 24.49 -6.62
N THR K 188 -77.97 23.87 -7.30
CA THR K 188 -77.86 23.91 -8.75
C THR K 188 -78.65 22.77 -9.38
N ALA K 189 -78.71 22.77 -10.71
CA ALA K 189 -79.34 21.68 -11.44
C ALA K 189 -78.60 20.36 -11.21
N ASP K 190 -77.27 20.40 -11.36
CA ASP K 190 -76.44 19.20 -11.23
C ASP K 190 -76.42 18.63 -9.82
N GLY K 191 -77.10 19.25 -8.85
CA GLY K 191 -77.10 18.79 -7.50
C GLY K 191 -76.02 19.38 -6.61
N ASP K 192 -75.04 20.07 -7.20
CA ASP K 192 -74.02 20.75 -6.40
C ASP K 192 -74.67 21.84 -5.56
N LEU K 193 -74.18 21.98 -4.32
CA LEU K 193 -74.74 22.91 -3.36
C LEU K 193 -73.69 23.95 -2.99
N TYR K 194 -73.85 25.16 -3.49
CA TYR K 194 -72.94 26.25 -3.17
C TYR K 194 -73.43 27.01 -1.96
N THR K 195 -72.50 27.57 -1.20
CA THR K 195 -72.82 28.38 -0.03
C THR K 195 -71.98 29.64 -0.03
N LEU K 196 -72.49 30.67 0.64
CA LEU K 196 -71.75 31.91 0.81
C LEU K 196 -72.32 32.65 2.02
N GLY K 197 -71.59 33.66 2.45
CA GLY K 197 -71.95 34.46 3.60
C GLY K 197 -71.08 34.15 4.81
N CYS K 198 -71.57 34.58 5.97
CA CYS K 198 -70.86 34.33 7.22
C CYS K 198 -70.88 32.85 7.57
N GLY K 199 -69.85 32.41 8.29
CA GLY K 199 -69.79 31.04 8.75
C GLY K 199 -69.36 30.94 10.21
N GLU K 200 -69.51 32.04 10.95
CA GLU K 200 -69.03 32.11 12.33
C GLU K 200 -69.49 30.92 13.15
N GLN K 201 -70.77 30.56 13.04
CA GLN K 201 -71.32 29.42 13.74
C GLN K 201 -71.33 28.16 12.90
N GLY K 202 -70.72 28.19 11.72
CA GLY K 202 -70.62 27.01 10.88
C GLY K 202 -71.79 26.78 9.96
N GLN K 203 -72.57 27.81 9.65
CA GLN K 203 -73.71 27.69 8.75
C GLN K 203 -73.31 27.60 7.28
N LEU K 204 -72.01 27.49 6.99
CA LEU K 204 -71.53 27.26 5.63
C LEU K 204 -71.16 25.80 5.38
N GLY K 205 -70.60 25.12 6.36
CA GLY K 205 -70.32 23.70 6.26
C GLY K 205 -69.07 23.33 5.49
N ARG K 206 -68.55 24.22 4.63
CA ARG K 206 -67.40 23.93 3.80
C ARG K 206 -66.11 24.59 4.28
N VAL K 207 -66.10 25.11 5.51
CA VAL K 207 -64.88 25.75 6.02
C VAL K 207 -64.56 25.24 7.42
N PRO K 208 -64.08 24.00 7.56
CA PRO K 208 -63.73 23.49 8.89
C PRO K 208 -62.50 24.14 9.49
N GLU K 209 -61.38 24.17 8.74
CA GLU K 209 -60.09 24.50 9.33
C GLU K 209 -59.99 25.95 9.77
N LEU K 210 -60.86 26.83 9.24
CA LEU K 210 -60.84 28.23 9.65
C LEU K 210 -61.19 28.38 11.12
N PHE K 211 -61.89 27.41 11.69
CA PHE K 211 -62.39 27.50 13.05
C PHE K 211 -61.71 26.46 13.92
N ALA K 212 -60.38 26.38 13.83
CA ALA K 212 -59.58 25.47 14.64
C ALA K 212 -59.05 26.19 15.88
N ASN K 213 -60.01 26.63 16.70
CA ASN K 213 -59.83 27.44 17.91
C ASN K 213 -59.77 28.91 17.52
N ARG K 214 -60.23 29.19 16.30
CA ARG K 214 -60.22 30.50 15.67
C ARG K 214 -61.62 30.84 15.16
N GLY K 215 -61.88 32.14 14.99
CA GLY K 215 -63.16 32.60 14.51
C GLY K 215 -63.27 32.50 12.99
N GLY K 216 -64.18 33.32 12.44
CA GLY K 216 -64.44 33.30 11.01
C GLY K 216 -64.05 34.52 10.23
N ARG K 217 -63.57 35.56 10.90
CA ARG K 217 -63.17 36.79 10.23
C ARG K 217 -61.75 36.75 9.71
N GLN K 218 -61.04 35.64 9.94
CA GLN K 218 -59.71 35.47 9.37
C GLN K 218 -59.80 35.17 7.88
N GLY K 219 -60.62 34.19 7.52
CA GLY K 219 -60.90 33.68 6.19
C GLY K 219 -61.91 34.44 5.36
N LEU K 220 -62.32 35.64 5.79
CA LEU K 220 -63.32 36.43 5.07
C LEU K 220 -62.98 36.58 3.59
N GLU K 221 -61.71 36.69 3.23
CA GLU K 221 -61.34 36.72 1.82
C GLU K 221 -61.72 35.41 1.11
N ARG K 222 -61.74 34.30 1.83
CA ARG K 222 -62.11 33.01 1.28
C ARG K 222 -63.61 32.71 1.35
N LEU K 223 -64.32 33.29 2.33
CA LEU K 223 -65.69 32.89 2.58
C LEU K 223 -66.64 33.41 1.50
N LEU K 224 -66.45 34.64 1.04
CA LEU K 224 -67.40 35.30 0.14
C LEU K 224 -67.35 34.77 -1.29
N VAL K 225 -66.65 33.68 -1.55
CA VAL K 225 -66.62 33.06 -2.88
C VAL K 225 -67.49 31.81 -2.84
N PRO K 226 -68.46 31.66 -3.76
CA PRO K 226 -69.31 30.47 -3.76
C PRO K 226 -68.51 29.21 -4.05
N LYS K 227 -68.63 28.23 -3.17
CA LYS K 227 -67.97 26.95 -3.34
C LYS K 227 -68.91 25.84 -2.88
N CYS K 228 -68.68 24.64 -3.42
CA CYS K 228 -69.53 23.51 -3.09
C CYS K 228 -69.09 22.86 -1.78
N VAL K 229 -69.88 21.89 -1.35
CA VAL K 229 -69.59 21.10 -0.15
C VAL K 229 -69.27 19.68 -0.61
N MET K 230 -68.00 19.30 -0.51
CA MET K 230 -67.52 17.99 -0.92
C MET K 230 -67.68 17.01 0.22
N LEU K 231 -68.23 15.83 -0.07
CA LEU K 231 -68.51 14.84 0.96
C LEU K 231 -68.16 13.44 0.44
N LYS K 232 -67.71 12.59 1.36
CA LYS K 232 -67.44 11.20 1.04
C LYS K 232 -68.76 10.46 0.93
N SER K 233 -68.78 9.46 0.05
CA SER K 233 -70.01 8.74 -0.30
C SER K 233 -69.94 7.25 0.01
N ARG K 234 -69.04 6.83 0.91
CA ARG K 234 -68.95 5.44 1.38
C ARG K 234 -68.81 4.47 0.19
N GLY K 235 -67.62 4.52 -0.40
CA GLY K 235 -67.42 3.89 -1.69
C GLY K 235 -67.74 4.96 -2.71
N SER K 236 -67.06 6.10 -2.55
CA SER K 236 -67.57 7.36 -3.05
C SER K 236 -67.41 7.50 -4.56
N ARG K 237 -68.41 8.12 -5.17
CA ARG K 237 -68.37 8.59 -6.54
C ARG K 237 -67.76 9.99 -6.51
N GLY K 238 -68.03 10.82 -7.52
CA GLY K 238 -67.59 12.19 -7.51
C GLY K 238 -67.93 12.87 -6.19
N HIS K 239 -69.20 13.17 -5.99
CA HIS K 239 -69.65 13.82 -4.76
C HIS K 239 -71.06 13.38 -4.44
N VAL K 240 -71.56 13.85 -3.29
CA VAL K 240 -72.93 13.57 -2.87
C VAL K 240 -73.85 14.57 -3.53
N ARG K 241 -74.92 14.08 -4.15
CA ARG K 241 -75.88 14.95 -4.81
C ARG K 241 -76.94 15.40 -3.82
N PHE K 242 -77.78 16.34 -4.26
CA PHE K 242 -78.84 16.85 -3.39
C PHE K 242 -80.09 17.13 -4.20
N GLN K 243 -81.23 16.85 -3.57
CA GLN K 243 -82.55 16.96 -4.14
C GLN K 243 -83.26 18.25 -3.75
N ASP K 244 -83.00 18.75 -2.55
CA ASP K 244 -83.70 19.91 -2.00
C ASP K 244 -82.83 20.47 -0.88
N ALA K 245 -83.16 21.67 -0.43
CA ALA K 245 -82.40 22.30 0.64
C ALA K 245 -83.27 23.33 1.34
N PHE K 246 -82.94 23.58 2.61
CA PHE K 246 -83.67 24.56 3.41
C PHE K 246 -82.68 25.25 4.35
N CYS K 247 -83.02 26.47 4.73
CA CYS K 247 -82.16 27.29 5.60
C CYS K 247 -82.89 27.61 6.89
N GLY K 248 -82.27 27.22 8.01
CA GLY K 248 -82.60 27.81 9.28
C GLY K 248 -81.95 29.17 9.40
N ALA K 249 -82.08 29.75 10.59
CA ALA K 249 -81.51 31.09 10.82
C ALA K 249 -79.99 31.07 10.73
N TYR K 250 -79.35 30.28 11.59
CA TYR K 250 -77.89 30.16 11.60
C TYR K 250 -77.46 28.73 11.27
N PHE K 251 -78.28 28.01 10.53
CA PHE K 251 -78.02 26.62 10.20
C PHE K 251 -78.72 26.26 8.91
N THR K 252 -78.40 25.08 8.38
CA THR K 252 -78.84 24.70 7.05
C THR K 252 -79.09 23.20 7.00
N PHE K 253 -80.17 22.83 6.32
CA PHE K 253 -80.52 21.43 6.07
C PHE K 253 -80.56 21.18 4.57
N ALA K 254 -80.41 19.91 4.20
CA ALA K 254 -80.41 19.52 2.80
C ALA K 254 -80.91 18.07 2.68
N ILE K 255 -81.71 17.83 1.65
CA ILE K 255 -82.25 16.51 1.35
C ILE K 255 -81.64 16.01 0.05
N SER K 256 -81.10 14.80 0.07
CA SER K 256 -80.41 14.23 -1.08
C SER K 256 -81.31 13.23 -1.79
N HIS K 257 -80.82 12.72 -2.92
CA HIS K 257 -81.57 11.71 -3.66
C HIS K 257 -81.68 10.42 -2.88
N GLU K 258 -80.68 10.11 -2.05
CA GLU K 258 -80.71 8.94 -1.19
C GLU K 258 -81.76 9.04 -0.08
N GLY K 259 -82.49 10.15 -0.01
CA GLY K 259 -83.47 10.35 1.04
C GLY K 259 -82.91 10.80 2.37
N HIS K 260 -81.58 10.76 2.54
CA HIS K 260 -80.98 11.16 3.79
C HIS K 260 -81.11 12.67 4.01
N VAL K 261 -81.03 13.07 5.27
CA VAL K 261 -81.19 14.46 5.68
C VAL K 261 -79.88 14.92 6.33
N TYR K 262 -79.27 15.96 5.77
CA TYR K 262 -78.05 16.53 6.31
C TYR K 262 -78.34 17.92 6.87
N GLY K 263 -77.45 18.38 7.73
CA GLY K 263 -77.62 19.68 8.36
C GLY K 263 -76.37 20.08 9.11
N PHE K 264 -76.25 21.37 9.34
CA PHE K 264 -75.05 21.91 9.98
C PHE K 264 -75.31 23.35 10.40
N GLY K 265 -74.66 23.75 11.49
CA GLY K 265 -74.81 25.08 12.05
C GLY K 265 -74.58 25.03 13.55
N LEU K 266 -75.22 25.97 14.25
CA LEU K 266 -75.14 26.04 15.70
C LEU K 266 -76.27 25.22 16.34
N SER K 267 -75.91 24.39 17.31
CA SER K 267 -76.85 23.56 18.04
C SER K 267 -76.80 23.83 19.53
N ASN K 268 -76.73 25.11 19.89
CA ASN K 268 -76.63 25.48 21.30
C ASN K 268 -77.85 25.03 22.10
N TYR K 269 -79.04 25.16 21.53
CA TYR K 269 -80.27 24.71 22.16
C TYR K 269 -80.82 23.45 21.50
N HIS K 270 -79.93 22.61 20.94
CA HIS K 270 -80.32 21.32 20.36
C HIS K 270 -81.28 21.49 19.19
N GLN K 271 -81.18 22.62 18.48
CA GLN K 271 -82.09 22.92 17.38
C GLN K 271 -81.68 22.23 16.08
N LEU K 272 -80.69 21.34 16.12
CA LEU K 272 -80.28 20.58 14.95
C LEU K 272 -80.57 19.09 15.09
N GLY K 273 -81.27 18.68 16.14
CA GLY K 273 -81.52 17.27 16.39
C GLY K 273 -80.35 16.50 16.92
N THR K 274 -79.23 17.17 17.21
CA THR K 274 -78.05 16.51 17.76
C THR K 274 -78.19 16.34 19.26
N PRO K 275 -77.64 15.26 19.81
CA PRO K 275 -77.72 15.06 21.27
C PRO K 275 -76.97 16.12 22.06
N GLY K 276 -75.86 16.66 21.52
CA GLY K 276 -75.04 17.61 22.22
C GLY K 276 -75.14 19.02 21.65
N THR K 277 -74.58 19.96 22.40
CA THR K 277 -74.56 21.36 22.02
C THR K 277 -73.35 21.73 21.17
N GLU K 278 -72.56 20.74 20.75
CA GLU K 278 -71.36 21.02 19.96
C GLU K 278 -71.73 21.64 18.62
N SER K 279 -70.92 22.61 18.20
CA SER K 279 -71.13 23.23 16.89
C SER K 279 -70.78 22.26 15.78
N CYS K 280 -71.65 22.19 14.78
CA CYS K 280 -71.48 21.26 13.66
C CYS K 280 -70.93 22.04 12.47
N PHE K 281 -69.63 21.92 12.25
CA PHE K 281 -68.98 22.55 11.10
C PHE K 281 -68.86 21.60 9.92
N ILE K 282 -69.25 20.34 10.09
CA ILE K 282 -69.23 19.33 9.05
C ILE K 282 -70.67 18.90 8.80
N PRO K 283 -71.08 18.62 7.57
CA PRO K 283 -72.47 18.19 7.34
C PRO K 283 -72.74 16.83 7.96
N GLN K 284 -72.92 16.82 9.28
CA GLN K 284 -73.15 15.58 10.01
C GLN K 284 -74.46 14.95 9.59
N ASN K 285 -74.43 13.64 9.35
CA ASN K 285 -75.65 12.89 9.08
C ASN K 285 -76.43 12.71 10.37
N LEU K 286 -77.67 13.17 10.39
CA LEU K 286 -78.48 13.20 11.60
C LEU K 286 -79.20 11.87 11.76
N THR K 287 -78.79 11.10 12.76
CA THR K 287 -79.46 9.83 13.04
C THR K 287 -80.84 10.03 13.68
N SER K 288 -81.09 11.20 14.26
CA SER K 288 -82.39 11.46 14.88
C SER K 288 -83.52 11.54 13.87
N PHE K 289 -83.19 11.70 12.58
CA PHE K 289 -84.20 11.81 11.53
C PHE K 289 -84.27 10.58 10.63
N LYS K 290 -83.41 9.58 10.86
CA LYS K 290 -83.35 8.41 10.01
C LYS K 290 -84.55 7.51 10.27
N ASN K 291 -85.42 7.37 9.27
CA ASN K 291 -86.57 6.48 9.38
C ASN K 291 -87.00 6.08 7.98
N SER K 292 -87.22 4.77 7.79
CA SER K 292 -87.62 4.28 6.47
C SER K 292 -89.06 4.68 6.14
N THR K 293 -89.95 4.64 7.13
CA THR K 293 -91.34 5.02 6.89
C THR K 293 -91.48 6.51 6.65
N LYS K 294 -90.90 7.32 7.52
CA LYS K 294 -91.04 8.77 7.42
C LYS K 294 -90.11 9.31 6.33
N SER K 295 -90.69 10.06 5.39
CA SER K 295 -89.95 10.72 4.33
C SER K 295 -90.11 12.22 4.50
N TRP K 296 -89.00 12.92 4.75
CA TRP K 296 -89.05 14.33 5.06
C TRP K 296 -89.22 15.15 3.79
N VAL K 297 -90.13 16.14 3.84
CA VAL K 297 -90.40 17.00 2.69
C VAL K 297 -90.15 18.46 3.02
N GLY K 298 -90.54 18.94 4.20
CA GLY K 298 -90.44 20.37 4.43
C GLY K 298 -89.72 20.77 5.71
N PHE K 299 -88.77 21.69 5.61
CA PHE K 299 -87.99 22.14 6.76
C PHE K 299 -88.11 23.65 6.93
N SER K 300 -87.91 24.09 8.17
CA SER K 300 -87.89 25.51 8.52
C SER K 300 -87.32 25.64 9.92
N GLY K 301 -86.85 26.84 10.24
CA GLY K 301 -86.26 27.05 11.55
C GLY K 301 -85.99 28.50 11.89
N GLY K 302 -86.08 28.83 13.18
CA GLY K 302 -85.77 30.15 13.67
C GLY K 302 -84.37 30.24 14.22
N GLN K 303 -84.14 31.26 15.06
CA GLN K 303 -82.81 31.49 15.58
C GLN K 303 -82.38 30.40 16.56
N HIS K 304 -83.33 29.79 17.28
CA HIS K 304 -82.98 28.71 18.18
C HIS K 304 -84.00 27.57 18.18
N HIS K 305 -84.91 27.54 17.21
CA HIS K 305 -85.91 26.48 17.10
C HIS K 305 -86.00 25.99 15.66
N THR K 306 -86.70 24.87 15.48
CA THR K 306 -86.80 24.22 14.18
C THR K 306 -88.12 23.48 14.08
N VAL K 307 -88.80 23.66 12.95
CA VAL K 307 -90.06 22.97 12.66
C VAL K 307 -89.95 22.31 11.30
N CYS K 308 -90.45 21.09 11.19
CA CYS K 308 -90.36 20.29 9.98
C CYS K 308 -91.69 19.63 9.69
N MET K 309 -91.77 18.91 8.57
CA MET K 309 -92.98 18.25 8.13
C MET K 309 -92.62 17.12 7.18
N ASP K 310 -93.41 16.04 7.25
CA ASP K 310 -93.19 14.81 6.52
C ASP K 310 -94.12 14.74 5.31
N SER K 311 -93.94 13.67 4.52
CA SER K 311 -94.78 13.46 3.35
C SER K 311 -96.22 13.17 3.69
N GLU K 312 -96.50 12.73 4.91
CA GLU K 312 -97.86 12.41 5.32
C GLU K 312 -98.62 13.61 5.89
N GLY K 313 -97.96 14.75 6.04
CA GLY K 313 -98.60 15.96 6.50
C GLY K 313 -98.40 16.27 7.98
N LYS K 314 -97.77 15.38 8.73
CA LYS K 314 -97.55 15.62 10.16
C LYS K 314 -96.32 16.50 10.35
N ALA K 315 -96.50 17.62 11.05
CA ALA K 315 -95.43 18.57 11.30
C ALA K 315 -94.83 18.35 12.67
N TYR K 316 -93.51 18.24 12.74
CA TYR K 316 -92.79 18.02 13.98
C TYR K 316 -92.05 19.30 14.36
N SER K 317 -91.55 19.34 15.60
CA SER K 317 -90.82 20.50 16.08
C SER K 317 -89.78 20.07 17.09
N LEU K 318 -88.73 20.88 17.20
CA LEU K 318 -87.66 20.63 18.16
C LEU K 318 -86.87 21.92 18.34
N GLY K 319 -86.01 21.93 19.36
CA GLY K 319 -85.18 23.09 19.65
C GLY K 319 -85.49 23.70 21.00
N ARG K 320 -85.15 24.99 21.14
CA ARG K 320 -85.41 25.70 22.39
C ARG K 320 -86.91 25.80 22.63
N ALA K 321 -87.28 25.80 23.91
CA ALA K 321 -88.68 25.73 24.31
C ALA K 321 -89.22 27.01 24.93
N GLU K 322 -88.39 28.00 25.19
CA GLU K 322 -88.82 29.20 25.88
C GLU K 322 -89.79 30.01 25.02
N TYR K 323 -90.64 30.79 25.69
CA TYR K 323 -91.59 31.71 25.07
C TYR K 323 -92.60 30.99 24.18
N GLY K 324 -92.83 29.71 24.41
CA GLY K 324 -93.84 28.97 23.67
C GLY K 324 -93.56 28.81 22.20
N ARG K 325 -92.29 28.79 21.79
CA ARG K 325 -91.95 28.69 20.38
C ARG K 325 -92.10 27.28 19.83
N LEU K 326 -92.20 26.27 20.69
CA LEU K 326 -92.46 24.91 20.22
C LEU K 326 -93.96 24.62 20.13
N GLY K 327 -94.72 24.99 21.15
CA GLY K 327 -96.16 24.81 21.14
C GLY K 327 -96.60 23.37 21.24
N LEU K 328 -96.22 22.68 22.32
CA LEU K 328 -96.54 21.27 22.50
C LEU K 328 -97.50 21.03 23.65
N GLY K 329 -97.15 21.45 24.87
CA GLY K 329 -97.93 21.10 26.03
C GLY K 329 -98.09 22.18 27.07
N GLU K 330 -98.05 23.44 26.64
CA GLU K 330 -98.21 24.60 27.52
C GLU K 330 -97.15 24.60 28.63
N GLY K 331 -95.90 24.62 28.20
CA GLY K 331 -94.77 24.63 29.08
C GLY K 331 -93.93 23.36 29.12
N ALA K 332 -93.96 22.54 28.07
CA ALA K 332 -93.14 21.35 28.04
C ALA K 332 -91.66 21.71 28.05
N GLU K 333 -90.85 20.81 28.59
CA GLU K 333 -89.43 21.07 28.72
C GLU K 333 -88.74 21.04 27.37
N GLU K 334 -87.48 21.46 27.35
CA GLU K 334 -86.72 21.54 26.11
C GLU K 334 -86.54 20.15 25.49
N LYS K 335 -86.69 20.08 24.17
CA LYS K 335 -86.66 18.82 23.44
C LYS K 335 -85.60 18.88 22.37
N SER K 336 -84.81 17.81 22.26
CA SER K 336 -83.75 17.70 21.26
C SER K 336 -84.14 16.79 20.11
N ILE K 337 -85.38 16.31 20.07
CA ILE K 337 -85.82 15.35 19.06
C ILE K 337 -87.09 15.88 18.41
N PRO K 338 -87.38 15.46 17.18
CA PRO K 338 -88.63 15.90 16.54
C PRO K 338 -89.84 15.34 17.27
N THR K 339 -90.79 16.22 17.56
CA THR K 339 -91.97 15.89 18.35
C THR K 339 -93.23 16.24 17.57
N LEU K 340 -94.12 15.26 17.41
CA LEU K 340 -95.38 15.48 16.73
C LEU K 340 -96.25 16.46 17.50
N ILE K 341 -96.94 17.33 16.76
CA ILE K 341 -97.92 18.24 17.33
C ILE K 341 -99.29 17.67 16.96
N SER K 342 -99.93 17.03 17.94
CA SER K 342 -101.20 16.35 17.68
C SER K 342 -102.33 17.31 17.33
N ARG K 343 -102.21 18.58 17.70
CA ARG K 343 -103.26 19.55 17.46
C ARG K 343 -103.32 20.01 16.00
N LEU K 344 -102.44 19.52 15.13
CA LEU K 344 -102.37 20.04 13.77
C LEU K 344 -103.05 19.08 12.81
N PRO K 345 -103.94 19.57 11.94
CA PRO K 345 -104.48 18.73 10.86
C PRO K 345 -103.43 18.48 9.78
N ALA K 346 -103.84 17.87 8.67
CA ALA K 346 -102.93 17.63 7.56
C ALA K 346 -102.32 18.93 7.07
N VAL K 347 -101.01 19.09 7.25
CA VAL K 347 -100.32 20.35 6.97
C VAL K 347 -99.84 20.36 5.52
N SER K 348 -100.11 21.45 4.81
CA SER K 348 -99.60 21.60 3.46
C SER K 348 -98.16 22.12 3.45
N SER K 349 -97.85 23.09 4.31
CA SER K 349 -96.51 23.64 4.37
C SER K 349 -96.28 24.26 5.74
N VAL K 350 -95.01 24.33 6.15
CA VAL K 350 -94.66 24.88 7.46
C VAL K 350 -93.68 26.03 7.24
N ALA K 351 -93.55 26.86 8.29
CA ALA K 351 -92.60 27.97 8.26
C ALA K 351 -92.28 28.39 9.68
N CYS K 352 -91.19 29.14 9.82
CA CYS K 352 -90.72 29.59 11.12
C CYS K 352 -90.34 31.06 11.04
N GLY K 353 -90.61 31.80 12.10
CA GLY K 353 -90.20 33.18 12.25
C GLY K 353 -88.93 33.29 13.05
N ALA K 354 -88.70 34.51 13.57
CA ALA K 354 -87.56 34.73 14.46
C ALA K 354 -87.70 33.90 15.73
N SER K 355 -88.79 34.11 16.47
CA SER K 355 -89.07 33.36 17.69
C SER K 355 -90.43 32.70 17.65
N VAL K 356 -91.04 32.56 16.47
CA VAL K 356 -92.39 32.04 16.32
C VAL K 356 -92.38 30.93 15.28
N GLY K 357 -93.57 30.40 15.02
CA GLY K 357 -93.73 29.32 14.07
C GLY K 357 -95.14 29.31 13.52
N TYR K 358 -95.26 28.94 12.24
CA TYR K 358 -96.52 29.00 11.52
C TYR K 358 -96.72 27.71 10.73
N ALA K 359 -97.98 27.27 10.64
CA ALA K 359 -98.35 26.11 9.87
C ALA K 359 -99.49 26.46 8.91
N VAL K 360 -99.50 25.79 7.76
CA VAL K 360 -100.51 25.99 6.72
C VAL K 360 -101.04 24.63 6.31
N THR K 361 -102.31 24.39 6.58
CA THR K 361 -102.96 23.13 6.26
C THR K 361 -103.36 23.09 4.79
N LYS K 362 -103.69 21.88 4.32
CA LYS K 362 -104.06 21.70 2.92
C LYS K 362 -105.39 22.39 2.60
N ASP K 363 -106.31 22.44 3.56
CA ASP K 363 -107.59 23.09 3.32
C ASP K 363 -107.49 24.60 3.24
N GLY K 364 -106.37 25.19 3.65
CA GLY K 364 -106.16 26.61 3.59
C GLY K 364 -106.08 27.32 4.93
N ARG K 365 -106.25 26.61 6.03
CA ARG K 365 -106.18 27.23 7.34
C ARG K 365 -104.72 27.41 7.76
N VAL K 366 -104.49 28.44 8.58
CA VAL K 366 -103.15 28.78 9.05
C VAL K 366 -103.17 28.88 10.57
N PHE K 367 -102.15 28.28 11.20
CA PHE K 367 -102.01 28.29 12.65
C PHE K 367 -100.71 28.98 13.03
N ALA K 368 -100.72 29.65 14.18
CA ALA K 368 -99.57 30.39 14.66
C ALA K 368 -99.26 30.01 16.10
N TRP K 369 -97.99 30.11 16.47
CA TRP K 369 -97.60 29.84 17.85
C TRP K 369 -96.24 30.46 18.12
N GLY K 370 -96.03 30.93 19.34
CA GLY K 370 -94.75 31.45 19.74
C GLY K 370 -94.89 32.75 20.51
N MET K 371 -93.80 33.51 20.55
CA MET K 371 -93.77 34.76 21.28
C MET K 371 -94.69 35.78 20.61
N GLY K 372 -95.54 36.42 21.42
CA GLY K 372 -96.47 37.40 20.89
C GLY K 372 -96.08 38.82 21.25
N THR K 373 -94.81 39.04 21.60
CA THR K 373 -94.35 40.38 21.97
C THR K 373 -94.53 41.36 20.81
N ASN K 374 -94.29 40.92 19.58
CA ASN K 374 -94.46 41.75 18.40
C ASN K 374 -95.81 41.53 17.73
N TYR K 375 -96.75 40.86 18.40
CA TYR K 375 -98.08 40.58 17.87
C TYR K 375 -98.03 39.82 16.56
N GLN K 376 -96.97 39.02 16.36
CA GLN K 376 -96.86 38.21 15.15
C GLN K 376 -97.86 37.07 15.12
N LEU K 377 -98.53 36.78 16.24
CA LEU K 377 -99.43 35.64 16.31
C LEU K 377 -100.77 35.89 15.64
N GLY K 378 -101.12 37.15 15.38
CA GLY K 378 -102.39 37.47 14.77
C GLY K 378 -103.60 37.32 15.67
N THR K 379 -103.41 36.98 16.95
CA THR K 379 -104.51 36.84 17.88
C THR K 379 -104.92 38.16 18.53
N GLY K 380 -104.15 39.23 18.31
CA GLY K 380 -104.43 40.49 18.98
C GLY K 380 -104.07 40.53 20.44
N GLN K 381 -103.41 39.49 20.95
CA GLN K 381 -103.00 39.42 22.35
C GLN K 381 -101.49 39.25 22.41
N ASP K 382 -100.81 40.17 23.09
CA ASP K 382 -99.37 40.06 23.27
C ASP K 382 -98.97 38.94 24.22
N GLU K 383 -99.92 38.24 24.81
CA GLU K 383 -99.60 37.15 25.72
C GLU K 383 -98.99 35.99 24.95
N ASP K 384 -97.93 35.41 25.51
CA ASP K 384 -97.23 34.31 24.86
C ASP K 384 -98.16 33.12 24.71
N ALA K 385 -98.32 32.65 23.48
CA ALA K 385 -99.25 31.56 23.16
C ALA K 385 -98.48 30.25 23.06
N TRP K 386 -98.89 29.27 23.87
CA TRP K 386 -98.31 27.93 23.87
C TRP K 386 -99.08 26.94 23.02
N SER K 387 -100.28 27.30 22.56
CA SER K 387 -101.08 26.39 21.77
C SER K 387 -101.13 26.84 20.31
N PRO K 388 -101.23 25.90 19.36
CA PRO K 388 -101.34 26.30 17.95
C PRO K 388 -102.67 26.96 17.65
N VAL K 389 -102.80 28.22 18.05
CA VAL K 389 -104.05 28.95 17.87
C VAL K 389 -104.23 29.30 16.40
N GLU K 390 -105.47 29.20 15.91
CA GLU K 390 -105.77 29.56 14.54
C GLU K 390 -105.89 31.07 14.40
N MET K 391 -105.31 31.59 13.32
CA MET K 391 -105.37 33.02 13.05
C MET K 391 -106.67 33.35 12.33
N MET K 392 -107.27 34.47 12.69
CA MET K 392 -108.56 34.84 12.12
C MET K 392 -108.63 36.34 11.89
N GLY K 393 -109.24 36.73 10.77
CA GLY K 393 -109.42 38.12 10.41
C GLY K 393 -110.31 38.22 9.20
N LYS K 394 -110.83 39.43 8.97
CA LYS K 394 -111.76 39.60 7.85
C LYS K 394 -111.09 39.34 6.52
N GLN K 395 -109.81 39.70 6.40
CA GLN K 395 -109.10 39.40 5.16
C GLN K 395 -108.81 37.92 5.00
N LEU K 396 -109.20 37.09 5.97
CA LEU K 396 -109.15 35.66 5.83
C LEU K 396 -110.52 35.07 5.50
N GLU K 397 -111.57 35.87 5.58
CA GLU K 397 -112.92 35.38 5.28
C GLU K 397 -113.03 35.02 3.80
N ASN K 398 -113.51 33.80 3.53
CA ASN K 398 -113.69 33.29 2.17
C ASN K 398 -112.39 33.32 1.39
N ARG K 399 -111.28 33.05 2.08
CA ARG K 399 -109.96 33.02 1.47
C ARG K 399 -109.14 31.91 2.08
N VAL K 400 -108.21 31.36 1.30
CA VAL K 400 -107.31 30.31 1.75
C VAL K 400 -105.88 30.84 1.72
N VAL K 401 -105.05 30.28 2.59
CA VAL K 401 -103.67 30.74 2.76
C VAL K 401 -102.77 29.98 1.80
N LEU K 402 -102.13 30.70 0.87
CA LEU K 402 -101.21 30.07 -0.06
C LEU K 402 -99.86 29.80 0.60
N SER K 403 -99.23 30.83 1.16
CA SER K 403 -97.92 30.64 1.78
C SER K 403 -97.78 31.56 2.98
N VAL K 404 -96.69 31.37 3.72
CA VAL K 404 -96.42 32.11 4.94
C VAL K 404 -94.92 32.28 5.10
N SER K 405 -94.52 33.47 5.56
CA SER K 405 -93.14 33.74 5.93
C SER K 405 -93.14 34.72 7.08
N SER K 406 -92.06 34.70 7.87
CA SER K 406 -91.99 35.57 9.03
C SER K 406 -90.54 35.95 9.29
N GLY K 407 -90.35 37.20 9.69
CA GLY K 407 -89.03 37.70 10.00
C GLY K 407 -88.86 38.06 11.46
N GLY K 408 -88.25 39.20 11.74
CA GLY K 408 -87.99 39.61 13.11
C GLY K 408 -89.18 40.15 13.85
N GLN K 409 -89.75 41.25 13.35
CA GLN K 409 -90.84 41.94 14.05
C GLN K 409 -92.15 41.93 13.27
N HIS K 410 -92.29 41.05 12.29
CA HIS K 410 -93.52 41.02 11.51
C HIS K 410 -93.69 39.64 10.87
N THR K 411 -94.75 39.50 10.08
CA THR K 411 -95.10 38.25 9.43
C THR K 411 -95.95 38.57 8.22
N VAL K 412 -95.68 37.85 7.12
CA VAL K 412 -96.31 38.09 5.82
C VAL K 412 -96.95 36.81 5.33
N LEU K 413 -98.16 36.94 4.78
CA LEU K 413 -98.93 35.84 4.24
C LEU K 413 -99.19 36.06 2.75
N LEU K 414 -99.44 34.96 2.06
CA LEU K 414 -99.94 34.96 0.69
C LEU K 414 -101.23 34.16 0.65
N VAL K 415 -102.32 34.81 0.23
CA VAL K 415 -103.65 34.23 0.32
C VAL K 415 -104.36 34.34 -1.02
N LYS K 416 -105.37 33.50 -1.21
CA LYS K 416 -106.15 33.48 -2.44
C LYS K 416 -107.63 33.37 -2.10
N ASP K 417 -108.46 34.06 -2.89
CA ASP K 417 -109.90 33.93 -2.73
C ASP K 417 -110.35 32.50 -3.02
N LYS K 418 -111.44 32.10 -2.37
CA LYS K 418 -111.95 30.75 -2.57
C LYS K 418 -112.50 30.58 -4.00
N GLU K 419 -112.55 29.32 -4.43
CA GLU K 419 -112.98 29.02 -5.79
C GLU K 419 -114.47 29.23 -6.00
N GLN K 420 -115.26 29.25 -4.94
CA GLN K 420 -116.71 29.44 -5.09
C GLN K 420 -117.01 30.87 -5.54
N SER K 421 -118.14 31.02 -6.23
CA SER K 421 -118.61 32.31 -6.73
C SER K 421 -117.55 33.03 -7.57
N PRO L 3 98.35 -16.49 -84.22
CA PRO L 3 99.62 -17.22 -84.38
C PRO L 3 99.46 -18.72 -84.19
N LYS L 4 99.93 -19.24 -83.07
CA LYS L 4 99.81 -20.68 -82.83
C LYS L 4 98.36 -21.07 -82.60
N ARG L 5 97.62 -20.28 -81.85
CA ARG L 5 96.19 -20.49 -81.61
C ARG L 5 95.91 -21.87 -81.00
N ILE L 6 96.29 -21.99 -79.72
CA ILE L 6 96.09 -23.25 -79.00
C ILE L 6 94.58 -23.48 -78.91
N ALA L 7 94.18 -24.66 -78.44
CA ALA L 7 92.78 -25.04 -78.42
C ALA L 7 92.12 -24.77 -77.08
N LYS L 8 90.79 -24.64 -77.12
CA LYS L 8 90.01 -24.31 -75.94
C LYS L 8 89.58 -25.59 -75.24
N ARG L 9 89.59 -25.57 -73.91
CA ARG L 9 89.31 -26.77 -73.14
C ARG L 9 87.84 -26.83 -72.74
N ARG L 10 87.28 -28.03 -72.75
CA ARG L 10 85.88 -28.27 -72.49
C ARG L 10 85.63 -28.52 -70.99
N SER L 11 84.34 -28.54 -70.60
CA SER L 11 83.94 -28.60 -69.19
C SER L 11 83.91 -30.03 -68.67
N PRO L 12 84.49 -30.28 -67.49
CA PRO L 12 84.29 -31.57 -66.84
C PRO L 12 82.87 -31.68 -66.29
N PRO L 13 82.36 -32.89 -66.13
CA PRO L 13 81.00 -33.06 -65.59
C PRO L 13 80.87 -32.42 -64.22
N ALA L 14 79.67 -32.00 -63.88
CA ALA L 14 79.40 -31.28 -62.65
C ALA L 14 78.71 -32.16 -61.62
N ASP L 15 79.09 -31.99 -60.35
CA ASP L 15 78.45 -32.68 -59.24
C ASP L 15 77.37 -31.80 -58.61
N ALA L 16 76.47 -31.32 -59.45
CA ALA L 16 75.45 -30.36 -59.08
C ALA L 16 74.10 -30.83 -59.62
N ILE L 17 73.04 -30.53 -58.86
CA ILE L 17 71.70 -31.02 -59.14
C ILE L 17 71.87 -32.52 -59.40
N PRO L 18 72.56 -33.25 -58.51
CA PRO L 18 72.80 -34.67 -58.79
C PRO L 18 71.50 -35.45 -58.75
N LYS L 19 71.41 -36.46 -59.63
CA LYS L 19 70.25 -37.33 -59.66
C LYS L 19 68.99 -36.49 -59.78
N SER L 20 68.85 -35.86 -60.94
CA SER L 20 67.73 -34.94 -61.14
C SER L 20 66.50 -35.82 -61.31
N LYS L 21 66.06 -36.34 -60.17
CA LYS L 21 64.95 -37.28 -60.08
C LYS L 21 64.43 -37.13 -58.67
N LYS L 22 63.14 -36.81 -58.52
CA LYS L 22 62.64 -36.28 -57.26
C LYS L 22 61.44 -37.09 -56.77
N VAL L 23 61.63 -37.77 -55.62
CA VAL L 23 60.60 -38.62 -55.01
C VAL L 23 59.65 -37.77 -54.18
N LYS L 24 58.37 -38.15 -54.19
CA LYS L 24 57.37 -37.57 -53.28
C LYS L 24 57.16 -38.54 -52.11
N VAL L 25 57.59 -38.14 -50.92
CA VAL L 25 57.59 -39.05 -49.78
C VAL L 25 56.17 -39.35 -49.33
N SER L 26 55.95 -40.57 -48.86
CA SER L 26 54.67 -40.97 -48.26
C SER L 26 54.93 -41.85 -47.05
N HIS L 27 54.22 -41.59 -45.96
CA HIS L 27 54.36 -42.36 -44.74
C HIS L 27 53.06 -42.27 -43.94
N ARG L 28 52.78 -43.31 -43.16
CA ARG L 28 51.53 -43.36 -42.40
C ARG L 28 51.47 -42.36 -41.26
N SER L 29 52.58 -41.69 -40.95
CA SER L 29 52.58 -40.65 -39.93
C SER L 29 52.16 -39.29 -40.47
N HIS L 30 52.10 -39.12 -41.79
CA HIS L 30 51.67 -37.86 -42.37
C HIS L 30 50.19 -37.65 -42.08
N SER L 31 49.86 -36.54 -41.44
CA SER L 31 48.47 -36.21 -41.16
C SER L 31 47.82 -35.59 -42.39
N THR L 32 46.63 -36.07 -42.73
CA THR L 32 45.96 -35.65 -43.96
C THR L 32 44.64 -34.97 -43.72
N GLU L 33 43.82 -35.49 -42.81
CA GLU L 33 42.48 -34.94 -42.63
C GLU L 33 42.55 -33.53 -42.07
N PRO L 34 41.93 -32.54 -42.72
CA PRO L 34 41.97 -31.17 -42.21
C PRO L 34 41.17 -31.02 -40.93
N GLY L 35 41.49 -29.98 -40.17
CA GLY L 35 40.82 -29.72 -38.92
C GLY L 35 41.05 -28.32 -38.43
N LEU L 36 40.86 -28.13 -37.13
CA LEU L 36 41.01 -26.85 -36.47
C LEU L 36 41.89 -27.01 -35.24
N VAL L 37 42.57 -25.93 -34.87
CA VAL L 37 43.57 -25.94 -33.82
C VAL L 37 42.96 -25.43 -32.52
N LEU L 38 43.24 -26.10 -31.43
CA LEU L 38 42.84 -25.66 -30.09
C LEU L 38 44.08 -25.55 -29.22
N THR L 39 44.09 -24.61 -28.30
CA THR L 39 45.20 -24.46 -27.38
C THR L 39 44.67 -24.28 -25.96
N LEU L 40 45.53 -24.61 -24.99
CA LEU L 40 45.20 -24.41 -23.60
C LEU L 40 46.47 -24.48 -22.78
N GLY L 41 46.42 -23.91 -21.60
CA GLY L 41 47.56 -23.89 -20.71
C GLY L 41 48.16 -22.50 -20.61
N GLN L 42 49.35 -22.45 -20.03
CA GLN L 42 50.03 -21.16 -19.85
C GLN L 42 50.39 -20.56 -21.19
N GLY L 43 49.98 -19.31 -21.41
CA GLY L 43 50.34 -18.57 -22.60
C GLY L 43 51.21 -17.37 -22.30
N ASP L 44 52.20 -17.57 -21.44
CA ASP L 44 53.02 -16.45 -20.96
C ASP L 44 53.67 -15.69 -22.11
N VAL L 45 54.36 -16.40 -22.99
CA VAL L 45 55.06 -15.76 -24.10
C VAL L 45 54.28 -15.89 -25.41
N GLY L 46 52.99 -16.20 -25.34
CA GLY L 46 52.16 -16.24 -26.53
C GLY L 46 52.08 -17.58 -27.21
N GLN L 47 52.48 -18.66 -26.55
CA GLN L 47 52.38 -19.98 -27.16
C GLN L 47 50.95 -20.46 -27.32
N LEU L 48 49.95 -19.67 -26.93
CA LEU L 48 48.57 -20.01 -27.21
C LEU L 48 48.06 -19.39 -28.50
N GLY L 49 48.69 -18.32 -28.96
CA GLY L 49 48.32 -17.70 -30.22
C GLY L 49 46.95 -17.07 -30.24
N LEU L 50 46.41 -16.71 -29.09
CA LEU L 50 45.06 -16.17 -29.02
C LEU L 50 45.00 -14.65 -28.99
N GLY L 51 46.11 -13.99 -28.72
CA GLY L 51 46.12 -12.54 -28.71
C GLY L 51 47.18 -12.00 -27.76
N GLU L 52 47.34 -10.68 -27.81
CA GLU L 52 48.35 -10.03 -26.97
C GLU L 52 47.96 -10.04 -25.50
N ASN L 53 46.67 -9.98 -25.20
CA ASN L 53 46.18 -9.89 -23.83
C ASN L 53 45.81 -11.24 -23.24
N VAL L 54 45.95 -12.32 -24.00
CA VAL L 54 45.58 -13.65 -23.52
C VAL L 54 46.82 -14.30 -22.92
N MET L 55 46.80 -14.52 -21.61
CA MET L 55 47.92 -15.11 -20.90
C MET L 55 47.70 -16.54 -20.48
N GLU L 56 46.46 -17.03 -20.46
CA GLU L 56 46.20 -18.34 -19.90
C GLU L 56 44.83 -18.82 -20.36
N ARG L 57 44.73 -20.11 -20.63
CA ARG L 57 43.46 -20.76 -20.92
C ARG L 57 43.47 -22.13 -20.28
N LYS L 58 42.41 -22.44 -19.53
CA LYS L 58 42.30 -23.68 -18.77
C LYS L 58 41.44 -24.72 -19.47
N LYS L 59 40.81 -24.38 -20.58
CA LYS L 59 40.06 -25.30 -21.42
C LYS L 59 40.27 -24.86 -22.86
N PRO L 60 40.09 -25.77 -23.83
CA PRO L 60 40.48 -25.46 -25.20
C PRO L 60 39.78 -24.23 -25.75
N ALA L 61 40.53 -23.45 -26.52
CA ALA L 61 40.02 -22.29 -27.22
C ALA L 61 40.48 -22.33 -28.68
N LEU L 62 39.67 -21.78 -29.56
CA LEU L 62 39.94 -21.85 -30.99
C LEU L 62 40.95 -20.79 -31.38
N VAL L 63 41.91 -21.18 -32.22
CA VAL L 63 42.94 -20.28 -32.72
C VAL L 63 42.61 -19.91 -34.15
N SER L 64 42.68 -18.62 -34.47
CA SER L 64 42.32 -18.13 -35.79
C SER L 64 43.42 -18.43 -36.78
N ILE L 65 43.14 -19.33 -37.73
CA ILE L 65 44.06 -19.67 -38.80
C ILE L 65 43.35 -19.42 -40.12
N PRO L 66 43.94 -18.66 -41.05
CA PRO L 66 43.23 -18.36 -42.31
C PRO L 66 42.89 -19.58 -43.15
N GLU L 67 43.63 -20.67 -42.99
CA GLU L 67 43.43 -21.88 -43.78
C GLU L 67 43.07 -23.04 -42.85
N ASP L 68 42.77 -24.18 -43.45
CA ASP L 68 42.57 -25.39 -42.66
C ASP L 68 43.91 -25.95 -42.21
N VAL L 69 43.87 -26.75 -41.15
CA VAL L 69 45.07 -27.30 -40.53
C VAL L 69 45.01 -28.81 -40.57
N VAL L 70 46.09 -29.43 -41.05
CA VAL L 70 46.15 -30.89 -41.18
C VAL L 70 46.93 -31.51 -40.04
N GLN L 71 47.87 -30.76 -39.47
CA GLN L 71 48.70 -31.27 -38.37
C GLN L 71 49.07 -30.11 -37.46
N ALA L 72 49.19 -30.41 -36.17
CA ALA L 72 49.59 -29.40 -35.19
C ALA L 72 50.53 -30.04 -34.19
N GLU L 73 51.66 -29.39 -33.93
CA GLU L 73 52.61 -29.85 -32.94
C GLU L 73 52.99 -28.71 -32.03
N ALA L 74 53.13 -29.01 -30.73
CA ALA L 74 53.42 -28.01 -29.72
C ALA L 74 54.86 -28.18 -29.25
N GLY L 75 55.68 -27.16 -29.48
CA GLY L 75 57.05 -27.17 -29.01
C GLY L 75 57.15 -26.93 -27.52
N GLY L 76 58.38 -26.75 -27.06
CA GLY L 76 58.63 -26.46 -25.67
C GLY L 76 57.93 -25.20 -25.20
N MET L 77 58.30 -24.06 -25.79
CA MET L 77 57.67 -22.78 -25.48
C MET L 77 57.09 -22.13 -26.72
N HIS L 78 56.90 -22.89 -27.80
CA HIS L 78 56.28 -22.38 -29.01
C HIS L 78 55.35 -23.45 -29.56
N THR L 79 54.72 -23.13 -30.70
CA THR L 79 53.75 -24.02 -31.30
C THR L 79 53.75 -23.80 -32.81
N VAL L 80 53.68 -24.91 -33.55
CA VAL L 80 53.77 -24.90 -35.00
C VAL L 80 52.59 -25.68 -35.58
N CYS L 81 51.91 -25.07 -36.55
CA CYS L 81 50.78 -25.68 -37.21
C CYS L 81 51.04 -25.76 -38.70
N LEU L 82 50.58 -26.83 -39.33
CA LEU L 82 50.77 -27.07 -40.76
C LEU L 82 49.43 -26.93 -41.47
N SER L 83 49.38 -26.02 -42.44
CA SER L 83 48.14 -25.77 -43.16
C SER L 83 47.94 -26.79 -44.27
N LYS L 84 46.70 -26.90 -44.73
CA LYS L 84 46.39 -27.76 -45.86
C LYS L 84 47.21 -27.35 -47.09
N SER L 85 47.30 -26.05 -47.36
CA SER L 85 48.00 -25.57 -48.55
C SER L 85 49.48 -25.90 -48.53
N GLY L 86 50.03 -26.30 -47.39
CA GLY L 86 51.43 -26.63 -47.29
C GLY L 86 52.27 -25.61 -46.54
N GLN L 87 51.80 -24.36 -46.46
CA GLN L 87 52.52 -23.37 -45.68
C GLN L 87 52.53 -23.73 -44.20
N VAL L 88 53.52 -23.20 -43.50
CA VAL L 88 53.70 -23.44 -42.07
C VAL L 88 53.41 -22.16 -41.31
N TYR L 89 52.65 -22.28 -40.23
CA TYR L 89 52.40 -21.17 -39.32
C TYR L 89 53.06 -21.46 -37.98
N SER L 90 53.66 -20.43 -37.39
CA SER L 90 54.36 -20.59 -36.12
C SER L 90 54.00 -19.46 -35.18
N PHE L 91 53.90 -19.77 -33.89
CA PHE L 91 53.66 -18.74 -32.88
C PHE L 91 54.16 -19.25 -31.53
N GLY L 92 54.81 -18.39 -30.79
CA GLY L 92 55.39 -18.74 -29.52
C GLY L 92 56.60 -17.87 -29.22
N CYS L 93 57.59 -18.49 -28.57
CA CYS L 93 58.78 -17.76 -28.13
C CYS L 93 59.81 -17.72 -29.25
N ASN L 94 60.15 -16.51 -29.68
CA ASN L 94 61.11 -16.32 -30.76
C ASN L 94 62.50 -15.94 -30.23
N ASP L 95 62.74 -16.11 -28.94
CA ASP L 95 64.04 -15.73 -28.38
C ASP L 95 65.16 -16.58 -28.99
N GLU L 96 64.88 -17.85 -29.28
CA GLU L 96 65.86 -18.73 -29.88
C GLU L 96 65.61 -18.96 -31.36
N GLY L 97 64.69 -18.21 -31.96
CA GLY L 97 64.45 -18.33 -33.39
C GLY L 97 63.61 -19.52 -33.79
N ALA L 98 62.88 -20.12 -32.85
CA ALA L 98 62.09 -21.31 -33.17
C ALA L 98 60.91 -21.02 -34.07
N LEU L 99 60.55 -19.75 -34.26
CA LEU L 99 59.42 -19.43 -35.12
C LEU L 99 59.82 -19.31 -36.59
N GLY L 100 61.01 -18.81 -36.86
CA GLY L 100 61.45 -18.64 -38.23
C GLY L 100 60.69 -17.56 -38.98
N ARG L 101 60.46 -16.42 -38.36
CA ARG L 101 59.82 -15.30 -39.04
C ARG L 101 60.08 -14.05 -38.23
N ASP L 102 59.82 -12.90 -38.85
CA ASP L 102 60.16 -11.61 -38.26
C ASP L 102 59.14 -11.26 -37.19
N THR L 103 59.59 -11.25 -35.93
CA THR L 103 58.78 -10.81 -34.81
C THR L 103 59.31 -9.50 -34.20
N SER L 104 59.95 -8.67 -35.02
CA SER L 104 60.43 -7.39 -34.54
C SER L 104 59.30 -6.55 -33.97
N VAL L 105 58.17 -6.50 -34.68
CA VAL L 105 56.99 -5.81 -34.18
C VAL L 105 56.47 -6.57 -32.96
N GLU L 106 56.54 -5.95 -31.79
CA GLU L 106 56.06 -6.60 -30.58
C GLU L 106 54.56 -6.82 -30.68
N GLY L 107 54.13 -8.03 -30.33
CA GLY L 107 52.75 -8.45 -30.50
C GLY L 107 52.53 -9.37 -31.67
N SER L 108 53.49 -9.47 -32.59
CA SER L 108 53.35 -10.37 -33.73
C SER L 108 53.68 -11.81 -33.38
N GLU L 109 54.50 -12.03 -32.35
CA GLU L 109 54.77 -13.38 -31.86
C GLU L 109 53.62 -13.94 -31.04
N MET L 110 52.66 -13.10 -30.64
CA MET L 110 51.54 -13.53 -29.82
C MET L 110 50.43 -14.18 -30.64
N VAL L 111 50.43 -13.99 -31.95
CA VAL L 111 49.39 -14.52 -32.81
C VAL L 111 50.06 -15.36 -33.90
N PRO L 112 49.33 -16.29 -34.50
CA PRO L 112 49.92 -17.10 -35.58
C PRO L 112 50.33 -16.24 -36.77
N GLY L 113 51.48 -16.60 -37.35
CA GLY L 113 51.99 -15.88 -38.50
C GLY L 113 52.60 -16.82 -39.51
N LYS L 114 52.72 -16.32 -40.73
CA LYS L 114 53.26 -17.10 -41.84
C LYS L 114 54.76 -17.26 -41.68
N VAL L 115 55.23 -18.50 -41.65
CA VAL L 115 56.65 -18.74 -41.52
C VAL L 115 57.37 -18.25 -42.77
N GLU L 116 58.54 -17.65 -42.59
CA GLU L 116 59.33 -17.13 -43.73
C GLU L 116 59.91 -18.33 -44.47
N LEU L 117 59.08 -18.94 -45.31
CA LEU L 117 59.44 -20.14 -46.04
C LEU L 117 58.41 -20.37 -47.13
N GLN L 118 58.88 -20.71 -48.33
CA GLN L 118 58.01 -20.95 -49.49
C GLN L 118 58.24 -22.37 -49.97
N GLU L 119 57.52 -23.32 -49.36
CA GLU L 119 57.62 -24.73 -49.72
C GLU L 119 56.27 -25.38 -49.52
N LYS L 120 56.14 -26.60 -50.01
CA LYS L 120 54.99 -27.44 -49.72
C LYS L 120 55.43 -28.45 -48.68
N VAL L 121 55.06 -28.20 -47.43
CA VAL L 121 55.54 -28.98 -46.29
C VAL L 121 54.52 -30.06 -45.96
N VAL L 122 54.99 -31.29 -45.80
CA VAL L 122 54.10 -32.41 -45.49
C VAL L 122 54.14 -32.85 -44.04
N GLN L 123 55.23 -32.57 -43.31
CA GLN L 123 55.29 -32.95 -41.91
C GLN L 123 56.03 -31.89 -41.12
N VAL L 124 55.72 -31.77 -39.83
CA VAL L 124 56.39 -30.83 -38.95
C VAL L 124 56.72 -31.52 -37.64
N SER L 125 57.80 -31.07 -37.01
CA SER L 125 58.18 -31.57 -35.71
C SER L 125 58.88 -30.46 -34.95
N ALA L 126 58.53 -30.32 -33.68
CA ALA L 126 59.03 -29.22 -32.87
C ALA L 126 59.40 -29.73 -31.49
N GLY L 127 60.53 -29.22 -30.98
CA GLY L 127 61.03 -29.58 -29.66
C GLY L 127 61.11 -28.41 -28.69
N ASP L 128 62.18 -28.37 -27.91
CA ASP L 128 62.33 -27.34 -26.89
C ASP L 128 62.58 -25.97 -27.52
N SER L 129 63.64 -25.86 -28.32
CA SER L 129 64.10 -24.58 -28.83
C SER L 129 64.25 -24.57 -30.35
N HIS L 130 63.74 -25.58 -31.05
CA HIS L 130 64.00 -25.75 -32.45
C HIS L 130 62.69 -25.99 -33.17
N THR L 131 62.73 -25.97 -34.50
CA THR L 131 61.56 -26.38 -35.28
C THR L 131 62.03 -26.89 -36.62
N ALA L 132 61.58 -28.10 -36.97
CA ALA L 132 61.99 -28.77 -38.19
C ALA L 132 60.77 -29.08 -39.04
N ALA L 133 60.95 -28.89 -40.35
CA ALA L 133 59.90 -29.16 -41.33
C ALA L 133 60.39 -30.17 -42.35
N LEU L 134 59.46 -30.97 -42.86
CA LEU L 134 59.72 -32.00 -43.86
C LEU L 134 58.83 -31.71 -45.07
N THR L 135 59.46 -31.43 -46.20
CA THR L 135 58.79 -31.10 -47.45
C THR L 135 58.36 -32.36 -48.19
N ASP L 136 57.64 -32.16 -49.28
CA ASP L 136 57.13 -33.28 -50.06
C ASP L 136 58.24 -34.05 -50.74
N ASP L 137 59.27 -33.36 -51.23
CA ASP L 137 60.33 -34.02 -51.97
C ASP L 137 61.33 -34.73 -51.08
N GLY L 138 61.23 -34.61 -49.77
CA GLY L 138 62.05 -35.37 -48.85
C GLY L 138 63.16 -34.60 -48.17
N ARG L 139 63.51 -33.40 -48.65
CA ARG L 139 64.56 -32.64 -47.99
C ARG L 139 64.00 -31.95 -46.74
N VAL L 140 64.85 -31.85 -45.73
CA VAL L 140 64.45 -31.41 -44.39
C VAL L 140 64.96 -30.00 -44.16
N PHE L 141 64.08 -29.13 -43.68
CA PHE L 141 64.45 -27.81 -43.20
C PHE L 141 64.45 -27.79 -41.67
N LEU L 142 65.20 -26.85 -41.12
CA LEU L 142 65.39 -26.77 -39.69
C LEU L 142 65.79 -25.35 -39.32
N TRP L 143 65.18 -24.83 -38.25
CA TRP L 143 65.51 -23.49 -37.78
C TRP L 143 65.34 -23.46 -36.27
N GLY L 144 65.83 -22.38 -35.66
CA GLY L 144 65.86 -22.28 -34.22
C GLY L 144 67.23 -22.58 -33.67
N SER L 145 67.30 -23.24 -32.51
CA SER L 145 68.58 -23.57 -31.91
C SER L 145 68.41 -24.79 -31.01
N PHE L 146 69.55 -25.37 -30.62
CA PHE L 146 69.58 -26.47 -29.67
C PHE L 146 70.16 -26.01 -28.34
N ARG L 147 69.81 -26.75 -27.30
CA ARG L 147 70.36 -26.52 -25.97
C ARG L 147 70.63 -27.88 -25.34
N ASP L 148 70.96 -27.85 -24.05
CA ASP L 148 71.19 -29.03 -23.25
C ASP L 148 71.12 -28.62 -21.78
N ASN L 149 71.62 -29.46 -20.89
CA ASN L 149 71.74 -29.10 -19.47
C ASN L 149 72.71 -27.93 -19.33
N ASN L 150 73.28 -27.50 -20.44
CA ASN L 150 74.26 -26.43 -20.50
C ASN L 150 73.83 -25.34 -21.49
N GLY L 151 74.74 -24.45 -21.82
CA GLY L 151 74.44 -23.35 -22.73
C GLY L 151 74.17 -23.81 -24.15
N VAL L 152 74.13 -22.82 -25.04
CA VAL L 152 73.75 -23.06 -26.43
C VAL L 152 74.85 -23.85 -27.14
N ILE L 153 74.45 -24.76 -28.02
CA ILE L 153 75.37 -25.58 -28.79
C ILE L 153 75.25 -25.33 -30.29
N GLY L 154 74.45 -24.35 -30.70
CA GLY L 154 74.27 -24.07 -32.11
C GLY L 154 73.26 -25.04 -32.74
N LEU L 155 73.11 -24.90 -34.05
CA LEU L 155 72.17 -25.71 -34.82
C LEU L 155 72.87 -26.66 -35.79
N LEU L 156 73.65 -26.12 -36.71
CA LEU L 156 74.53 -26.91 -37.58
C LEU L 156 75.97 -26.47 -37.50
N GLU L 157 76.21 -25.18 -37.46
CA GLU L 157 77.52 -24.62 -37.16
C GLU L 157 77.60 -24.36 -35.66
N PRO L 158 78.62 -24.90 -34.97
CA PRO L 158 78.62 -24.87 -33.51
C PRO L 158 78.56 -23.45 -32.96
N MET L 159 77.76 -23.29 -31.89
CA MET L 159 77.58 -22.02 -31.19
C MET L 159 76.98 -20.94 -32.09
N LYS L 160 76.13 -21.34 -33.03
CA LYS L 160 75.45 -20.39 -33.91
C LYS L 160 74.00 -20.83 -34.08
N LYS L 161 73.07 -20.00 -33.60
CA LYS L 161 71.66 -20.26 -33.81
C LYS L 161 71.21 -19.75 -35.18
N SER L 162 70.01 -20.16 -35.58
CA SER L 162 69.46 -19.78 -36.87
C SER L 162 68.08 -19.17 -36.68
N MET L 163 67.89 -17.96 -37.19
CA MET L 163 66.62 -17.26 -37.09
C MET L 163 65.69 -17.55 -38.27
N VAL L 164 66.21 -18.15 -39.33
CA VAL L 164 65.43 -18.43 -40.53
C VAL L 164 65.64 -19.88 -40.93
N PRO L 165 64.71 -20.46 -41.69
CA PRO L 165 64.85 -21.86 -42.06
C PRO L 165 66.14 -22.12 -42.82
N VAL L 166 66.80 -23.23 -42.50
CA VAL L 166 68.03 -23.65 -43.14
C VAL L 166 67.90 -25.12 -43.51
N GLN L 167 68.29 -25.46 -44.73
CA GLN L 167 68.20 -26.84 -45.19
C GLN L 167 69.29 -27.70 -44.56
N VAL L 168 68.89 -28.88 -44.08
CA VAL L 168 69.85 -29.92 -43.72
C VAL L 168 70.13 -30.67 -45.03
N GLN L 169 71.20 -30.30 -45.70
CA GLN L 169 71.45 -30.81 -47.04
C GLN L 169 71.89 -32.27 -46.96
N LEU L 170 71.06 -33.16 -47.49
CA LEU L 170 71.35 -34.59 -47.49
C LEU L 170 71.00 -35.16 -48.86
N ASP L 171 71.80 -36.13 -49.30
CA ASP L 171 71.58 -36.72 -50.62
C ASP L 171 70.35 -37.62 -50.64
N VAL L 172 69.98 -38.19 -49.51
CA VAL L 172 68.89 -39.16 -49.42
C VAL L 172 67.62 -38.43 -48.99
N PRO L 173 66.49 -38.63 -49.68
CA PRO L 173 65.24 -38.04 -49.21
C PRO L 173 64.82 -38.63 -47.87
N VAL L 174 64.08 -37.84 -47.11
CA VAL L 174 63.63 -38.21 -45.77
C VAL L 174 62.11 -38.37 -45.79
N VAL L 175 61.63 -39.47 -45.23
CA VAL L 175 60.20 -39.73 -45.18
C VAL L 175 59.55 -39.34 -43.85
N LYS L 176 60.31 -39.28 -42.77
CA LYS L 176 59.75 -38.88 -41.49
C LYS L 176 60.75 -38.07 -40.69
N VAL L 177 60.26 -37.06 -39.99
CA VAL L 177 61.07 -36.31 -39.03
C VAL L 177 60.44 -36.48 -37.66
N ALA L 178 61.29 -36.49 -36.63
CA ALA L 178 60.80 -36.61 -35.27
C ALA L 178 61.75 -35.88 -34.33
N SER L 179 61.18 -35.14 -33.38
CA SER L 179 61.94 -34.24 -32.53
C SER L 179 61.72 -34.55 -31.06
N GLY L 180 62.82 -34.67 -30.32
CA GLY L 180 62.78 -34.60 -28.87
C GLY L 180 62.87 -33.16 -28.42
N ASN L 181 63.35 -32.97 -27.18
CA ASN L 181 63.61 -31.62 -26.71
C ASN L 181 64.72 -30.98 -27.51
N ASP L 182 65.89 -31.59 -27.51
CA ASP L 182 67.07 -30.98 -28.13
C ASP L 182 67.80 -31.97 -29.02
N HIS L 183 67.09 -32.90 -29.64
CA HIS L 183 67.68 -33.74 -30.67
C HIS L 183 66.65 -33.95 -31.77
N LEU L 184 67.15 -34.35 -32.94
CA LEU L 184 66.32 -34.53 -34.12
C LEU L 184 66.71 -35.81 -34.84
N VAL L 185 65.72 -36.66 -35.12
CA VAL L 185 65.95 -37.87 -35.89
C VAL L 185 65.17 -37.76 -37.19
N MET L 186 65.75 -38.33 -38.25
CA MET L 186 65.19 -38.29 -39.59
C MET L 186 65.24 -39.70 -40.15
N LEU L 187 64.07 -40.27 -40.40
CA LEU L 187 63.97 -41.58 -41.03
C LEU L 187 63.83 -41.39 -42.54
N THR L 188 64.75 -41.96 -43.30
CA THR L 188 64.80 -41.83 -44.75
C THR L 188 63.95 -42.91 -45.41
N ALA L 189 63.85 -42.82 -46.74
CA ALA L 189 63.14 -43.85 -47.49
C ALA L 189 63.85 -45.19 -47.37
N ASP L 190 65.16 -45.21 -47.59
CA ASP L 190 65.95 -46.44 -47.58
C ASP L 190 66.01 -47.11 -46.20
N GLY L 191 65.40 -46.52 -45.18
CA GLY L 191 65.44 -47.07 -43.85
C GLY L 191 66.59 -46.58 -42.99
N ASP L 192 67.56 -45.89 -43.57
CA ASP L 192 68.63 -45.30 -42.78
C ASP L 192 68.07 -44.24 -41.84
N LEU L 193 68.61 -44.19 -40.63
CA LEU L 193 68.11 -43.30 -39.59
C LEU L 193 69.21 -42.32 -39.20
N TYR L 194 69.07 -41.07 -39.62
CA TYR L 194 70.03 -40.04 -39.27
C TYR L 194 69.60 -39.34 -37.98
N THR L 195 70.60 -38.86 -37.24
CA THR L 195 70.35 -38.12 -36.01
C THR L 195 71.25 -36.90 -35.97
N LEU L 196 70.80 -35.90 -35.21
CA LEU L 196 71.59 -34.70 -35.01
C LEU L 196 71.11 -34.01 -33.74
N GLY L 197 71.90 -33.05 -33.28
CA GLY L 197 71.61 -32.33 -32.06
C GLY L 197 72.51 -32.73 -30.91
N CYS L 198 72.08 -32.38 -29.70
CA CYS L 198 72.84 -32.72 -28.52
C CYS L 198 72.79 -34.22 -28.25
N GLY L 199 73.84 -34.73 -27.60
CA GLY L 199 73.91 -36.12 -27.22
C GLY L 199 74.39 -36.33 -25.81
N GLU L 200 74.29 -35.28 -24.98
CA GLU L 200 74.81 -35.31 -23.62
C GLU L 200 74.34 -36.54 -22.86
N GLN L 201 73.05 -36.85 -22.94
CA GLN L 201 72.49 -38.02 -22.29
C GLN L 201 72.41 -39.23 -23.21
N GLY L 202 72.96 -39.13 -24.41
CA GLY L 202 72.98 -40.25 -25.34
C GLY L 202 71.75 -40.39 -26.21
N GLN L 203 70.99 -39.32 -26.41
CA GLN L 203 69.81 -39.36 -27.27
C GLN L 203 70.16 -39.37 -28.75
N LEU L 204 71.43 -39.48 -29.11
CA LEU L 204 71.85 -39.65 -30.50
C LEU L 204 72.16 -41.10 -30.87
N GLY L 205 72.76 -41.86 -29.94
CA GLY L 205 72.98 -43.28 -30.15
C GLY L 205 74.19 -43.62 -31.00
N ARG L 206 74.69 -42.70 -31.81
CA ARG L 206 75.80 -42.97 -32.72
C ARG L 206 77.13 -42.40 -32.24
N VAL L 207 77.21 -41.96 -31.00
CA VAL L 207 78.47 -41.42 -30.47
C VAL L 207 78.78 -42.05 -29.12
N PRO L 208 79.14 -43.34 -29.08
CA PRO L 208 79.45 -43.97 -27.79
C PRO L 208 80.73 -43.46 -27.14
N GLU L 209 81.86 -43.58 -27.85
CA GLU L 209 83.16 -43.39 -27.23
C GLU L 209 83.43 -41.94 -26.86
N LEU L 210 82.70 -40.99 -27.45
CA LEU L 210 82.87 -39.58 -27.11
C LEU L 210 82.53 -39.32 -25.65
N PHE L 211 81.71 -40.19 -25.05
CA PHE L 211 81.24 -40.03 -23.68
C PHE L 211 81.81 -41.15 -22.83
N ALA L 212 83.13 -41.33 -22.89
CA ALA L 212 83.83 -42.31 -22.08
C ALA L 212 84.35 -41.64 -20.80
N ASN L 213 83.36 -41.14 -20.05
CA ASN L 213 83.52 -40.37 -18.81
C ASN L 213 83.87 -38.94 -19.21
N ARG L 214 83.36 -38.52 -20.36
CA ARG L 214 83.58 -37.20 -20.94
C ARG L 214 82.24 -36.60 -21.35
N GLY L 215 82.25 -35.29 -21.62
CA GLY L 215 81.04 -34.61 -22.05
C GLY L 215 80.83 -34.76 -23.54
N GLY L 216 80.03 -33.85 -24.10
CA GLY L 216 79.68 -33.90 -25.51
C GLY L 216 80.18 -32.74 -26.36
N ARG L 217 80.79 -31.75 -25.75
CA ARG L 217 81.23 -30.56 -26.49
C ARG L 217 82.59 -30.74 -27.15
N GLN L 218 83.22 -31.91 -26.98
CA GLN L 218 84.45 -32.20 -27.71
C GLN L 218 84.13 -32.43 -29.18
N GLY L 219 83.18 -33.32 -29.44
CA GLY L 219 82.63 -33.71 -30.72
C GLY L 219 81.53 -32.81 -31.25
N LEU L 220 81.31 -31.65 -30.62
CA LEU L 220 80.25 -30.74 -31.07
C LEU L 220 80.36 -30.44 -32.57
N GLU L 221 81.57 -30.31 -33.08
CA GLU L 221 81.73 -30.19 -34.54
C GLU L 221 81.29 -31.46 -35.26
N ARG L 222 81.38 -32.61 -34.60
CA ARG L 222 80.94 -33.89 -35.16
C ARG L 222 79.46 -34.17 -34.92
N LEU L 223 78.89 -33.65 -33.82
CA LEU L 223 77.52 -34.01 -33.47
C LEU L 223 76.53 -33.36 -34.44
N LEU L 224 76.79 -32.12 -34.84
CA LEU L 224 75.86 -31.35 -35.65
C LEU L 224 75.86 -31.79 -37.12
N VAL L 225 76.52 -32.88 -37.45
CA VAL L 225 76.52 -33.44 -38.79
C VAL L 225 75.61 -34.66 -38.80
N PRO L 226 74.62 -34.74 -39.68
CA PRO L 226 73.73 -35.91 -39.72
C PRO L 226 74.49 -37.16 -40.11
N LYS L 227 74.38 -38.20 -39.29
CA LYS L 227 74.99 -39.48 -39.58
C LYS L 227 74.04 -40.59 -39.13
N CYS L 228 74.20 -41.75 -39.76
CA CYS L 228 73.33 -42.88 -39.49
C CYS L 228 73.78 -43.62 -38.23
N VAL L 229 72.99 -44.60 -37.84
CA VAL L 229 73.31 -45.48 -36.71
C VAL L 229 73.57 -46.87 -37.27
N MET L 230 74.82 -47.29 -37.25
CA MET L 230 75.22 -48.59 -37.77
C MET L 230 75.06 -49.63 -36.67
N LEU L 231 74.44 -50.76 -37.01
CA LEU L 231 74.14 -51.79 -36.03
C LEU L 231 74.38 -53.18 -36.63
N LYS L 232 74.83 -54.10 -35.77
CA LYS L 232 74.99 -55.48 -36.18
C LYS L 232 73.63 -56.16 -36.25
N SER L 233 73.53 -57.13 -37.15
CA SER L 233 72.27 -57.82 -37.45
C SER L 233 72.36 -59.32 -37.20
N ARG L 234 73.35 -59.76 -36.41
CA ARG L 234 73.52 -61.17 -36.00
C ARG L 234 73.55 -62.08 -37.22
N GLY L 235 74.67 -61.99 -37.94
CA GLY L 235 74.77 -62.58 -39.26
C GLY L 235 74.39 -61.48 -40.23
N SER L 236 75.07 -60.35 -40.08
CA SER L 236 74.56 -59.06 -40.53
C SER L 236 74.68 -58.89 -42.04
N ARG L 237 73.67 -58.23 -42.60
CA ARG L 237 73.70 -57.73 -43.96
C ARG L 237 74.33 -56.34 -43.90
N GLY L 238 74.03 -55.46 -44.84
CA GLY L 238 74.53 -54.11 -44.80
C GLY L 238 74.33 -53.46 -43.45
N HIS L 239 73.10 -53.11 -43.11
CA HIS L 239 72.79 -52.52 -41.82
C HIS L 239 71.36 -52.89 -41.45
N VAL L 240 70.96 -52.48 -40.25
CA VAL L 240 69.62 -52.72 -39.76
C VAL L 240 68.70 -51.64 -40.32
N ARG L 241 67.59 -52.05 -40.91
CA ARG L 241 66.63 -51.11 -41.47
C ARG L 241 65.63 -50.69 -40.40
N PHE L 242 64.80 -49.71 -40.73
CA PHE L 242 63.80 -49.22 -39.79
C PHE L 242 62.53 -48.84 -40.51
N GLN L 243 61.40 -49.13 -39.86
CA GLN L 243 60.06 -48.93 -40.37
C GLN L 243 59.41 -47.65 -39.88
N ASP L 244 59.74 -47.23 -38.67
CA ASP L 244 59.10 -46.10 -38.01
C ASP L 244 60.03 -45.63 -36.91
N ALA L 245 59.75 -44.44 -36.37
CA ALA L 245 60.59 -43.91 -35.31
C ALA L 245 59.78 -42.90 -34.49
N PHE L 246 60.17 -42.74 -33.23
CA PHE L 246 59.52 -41.80 -32.33
C PHE L 246 60.57 -41.20 -31.41
N CYS L 247 60.30 -40.00 -30.91
CA CYS L 247 61.22 -39.29 -30.04
C CYS L 247 60.58 -39.03 -28.69
N GLY L 248 61.21 -39.52 -27.65
CA GLY L 248 60.98 -39.01 -26.32
C GLY L 248 61.66 -37.67 -26.15
N ALA L 249 61.62 -37.16 -24.92
CA ALA L 249 62.23 -35.87 -24.64
C ALA L 249 63.74 -35.93 -24.80
N TYR L 250 64.40 -36.77 -24.02
CA TYR L 250 65.84 -36.95 -24.08
C TYR L 250 66.22 -38.36 -24.53
N PHE L 251 65.33 -39.00 -25.27
CA PHE L 251 65.54 -40.37 -25.69
C PHE L 251 64.75 -40.63 -26.97
N THR L 252 65.02 -41.78 -27.59
CA THR L 252 64.50 -42.06 -28.91
C THR L 252 64.20 -43.54 -29.06
N PHE L 253 63.07 -43.84 -29.70
CA PHE L 253 62.66 -45.20 -30.03
C PHE L 253 62.55 -45.36 -31.54
N ALA L 254 62.64 -46.60 -32.00
CA ALA L 254 62.56 -46.91 -33.42
C ALA L 254 62.01 -48.32 -33.61
N ILE L 255 61.17 -48.48 -34.63
CA ILE L 255 60.57 -49.76 -34.99
C ILE L 255 61.11 -50.18 -36.34
N SER L 256 61.60 -51.42 -36.43
CA SER L 256 62.21 -51.93 -37.65
C SER L 256 61.25 -52.87 -38.38
N HIS L 257 61.68 -53.32 -39.55
CA HIS L 257 60.89 -54.28 -40.31
C HIS L 257 60.80 -55.62 -39.59
N GLU L 258 61.82 -55.99 -38.83
CA GLU L 258 61.79 -57.20 -38.04
C GLU L 258 60.80 -57.13 -36.89
N GLY L 259 60.11 -56.01 -36.71
CA GLY L 259 59.17 -55.84 -35.62
C GLY L 259 59.81 -55.50 -34.29
N HIS L 260 61.12 -55.59 -34.16
CA HIS L 260 61.79 -55.29 -32.91
C HIS L 260 61.71 -53.80 -32.62
N VAL L 261 61.86 -53.47 -31.34
CA VAL L 261 61.77 -52.10 -30.84
C VAL L 261 63.10 -51.73 -30.21
N TYR L 262 63.73 -50.68 -30.74
CA TYR L 262 64.98 -50.17 -30.21
C TYR L 262 64.76 -48.82 -29.56
N GLY L 263 65.71 -48.44 -28.71
CA GLY L 263 65.60 -47.18 -27.99
C GLY L 263 66.89 -46.88 -27.27
N PHE L 264 67.08 -45.59 -26.96
CA PHE L 264 68.31 -45.14 -26.34
C PHE L 264 68.13 -43.73 -25.80
N GLY L 265 68.84 -43.42 -24.74
CA GLY L 265 68.76 -42.13 -24.09
C GLY L 265 69.07 -42.27 -22.60
N LEU L 266 68.48 -41.37 -21.81
CA LEU L 266 68.64 -41.40 -20.36
C LEU L 266 67.51 -42.22 -19.74
N SER L 267 67.89 -43.12 -18.83
CA SER L 267 66.94 -43.98 -18.13
C SER L 267 67.07 -43.81 -16.62
N ASN L 268 67.20 -42.55 -16.17
CA ASN L 268 67.38 -42.28 -14.75
C ASN L 268 66.18 -42.75 -13.93
N TYR L 269 64.97 -42.54 -14.44
CA TYR L 269 63.75 -42.98 -13.78
C TYR L 269 63.12 -44.19 -14.49
N HIS L 270 63.95 -45.01 -15.15
CA HIS L 270 63.50 -46.24 -15.79
C HIS L 270 62.50 -45.97 -16.91
N GLN L 271 62.59 -44.80 -17.54
CA GLN L 271 61.65 -44.41 -18.58
C GLN L 271 61.97 -45.02 -19.94
N LEU L 272 62.94 -45.94 -20.01
CA LEU L 272 63.28 -46.63 -21.23
C LEU L 272 62.95 -48.13 -21.17
N GLY L 273 62.28 -48.58 -20.13
CA GLY L 273 61.99 -49.98 -19.95
C GLY L 273 63.17 -50.82 -19.52
N THR L 274 64.32 -50.21 -19.24
CA THR L 274 65.48 -50.93 -18.80
C THR L 274 65.41 -51.20 -17.29
N PRO L 275 65.95 -52.33 -16.84
CA PRO L 275 65.93 -52.61 -15.39
C PRO L 275 66.75 -51.63 -14.57
N GLY L 276 67.84 -51.10 -15.12
CA GLY L 276 68.73 -50.22 -14.39
C GLY L 276 68.65 -48.78 -14.87
N THR L 277 69.27 -47.91 -14.08
CA THR L 277 69.33 -46.47 -14.38
C THR L 277 70.51 -46.10 -15.26
N GLU L 278 71.25 -47.08 -15.78
CA GLU L 278 72.41 -46.79 -16.60
C GLU L 278 72.02 -46.07 -17.88
N SER L 279 72.85 -45.10 -18.28
CA SER L 279 72.60 -44.39 -19.52
C SER L 279 72.86 -45.29 -20.71
N CYS L 280 71.94 -45.27 -21.68
CA CYS L 280 72.03 -46.12 -22.86
C CYS L 280 72.55 -45.28 -24.02
N PHE L 281 73.84 -45.42 -24.30
CA PHE L 281 74.46 -44.75 -25.44
C PHE L 281 74.49 -45.63 -26.69
N ILE L 282 74.07 -46.88 -26.57
CA ILE L 282 74.01 -47.83 -27.67
C ILE L 282 72.55 -48.20 -27.88
N PRO L 283 72.09 -48.40 -29.11
CA PRO L 283 70.69 -48.78 -29.31
C PRO L 283 70.38 -50.16 -28.75
N GLN L 284 70.26 -50.23 -27.43
CA GLN L 284 70.02 -51.51 -26.76
C GLN L 284 68.66 -52.08 -27.17
N ASN L 285 68.65 -53.37 -27.49
CA ASN L 285 67.39 -54.06 -27.76
C ASN L 285 66.67 -54.31 -26.45
N LEU L 286 65.44 -53.80 -26.35
CA LEU L 286 64.69 -53.84 -25.10
C LEU L 286 63.94 -55.15 -24.99
N THR L 287 64.36 -56.01 -24.07
CA THR L 287 63.66 -57.27 -23.85
C THR L 287 62.32 -57.07 -23.14
N SER L 288 62.13 -55.94 -22.46
CA SER L 288 60.88 -55.67 -21.77
C SER L 288 59.71 -55.51 -22.73
N PHE L 289 59.97 -55.28 -24.01
CA PHE L 289 58.92 -55.08 -25.00
C PHE L 289 58.77 -56.26 -25.95
N LYS L 290 59.61 -57.28 -25.82
CA LYS L 290 59.60 -58.40 -26.75
C LYS L 290 58.37 -59.28 -26.50
N ASN L 291 57.47 -59.33 -27.46
CA ASN L 291 56.29 -60.18 -27.37
C ASN L 291 55.78 -60.48 -28.77
N SER L 292 55.51 -61.75 -29.05
CA SER L 292 55.04 -62.14 -30.37
C SER L 292 53.61 -61.67 -30.62
N THR L 293 52.76 -61.73 -29.60
CA THR L 293 51.37 -61.32 -29.75
C THR L 293 51.27 -59.80 -29.91
N LYS L 294 51.91 -59.06 -29.00
CA LYS L 294 51.81 -57.61 -29.00
C LYS L 294 52.71 -57.02 -30.09
N SER L 295 52.12 -56.20 -30.94
CA SER L 295 52.85 -55.50 -32.00
C SER L 295 52.75 -54.00 -31.73
N TRP L 296 53.90 -53.36 -31.50
CA TRP L 296 53.91 -51.96 -31.10
C TRP L 296 53.71 -51.07 -32.32
N VAL L 297 52.84 -50.06 -32.17
CA VAL L 297 52.54 -49.12 -33.23
C VAL L 297 52.87 -47.68 -32.83
N GLY L 298 52.55 -47.27 -31.60
CA GLY L 298 52.71 -45.88 -31.28
C GLY L 298 53.51 -45.59 -30.02
N PHE L 299 54.48 -44.67 -30.10
CA PHE L 299 55.31 -44.33 -28.97
C PHE L 299 55.26 -42.83 -28.70
N SER L 300 55.53 -42.47 -27.45
CA SER L 300 55.60 -41.08 -27.01
C SER L 300 56.22 -41.05 -25.63
N GLY L 301 56.74 -39.89 -25.25
CA GLY L 301 57.38 -39.78 -23.96
C GLY L 301 57.70 -38.36 -23.53
N GLY L 302 57.67 -38.12 -22.23
CA GLY L 302 58.04 -36.85 -21.65
C GLY L 302 59.47 -36.83 -21.17
N GLN L 303 59.76 -35.87 -20.28
CA GLN L 303 61.13 -35.72 -19.80
C GLN L 303 61.56 -36.87 -18.91
N HIS L 304 60.62 -37.49 -18.19
CA HIS L 304 60.97 -38.64 -17.37
C HIS L 304 59.92 -39.74 -17.40
N HIS L 305 58.97 -39.69 -18.33
CA HIS L 305 57.93 -40.70 -18.45
C HIS L 305 57.78 -41.10 -19.91
N THR L 306 57.02 -42.18 -20.13
CA THR L 306 56.86 -42.75 -21.47
C THR L 306 55.50 -43.44 -21.57
N VAL L 307 54.79 -43.18 -22.67
CA VAL L 307 53.50 -43.80 -22.94
C VAL L 307 53.53 -44.36 -24.35
N CYS L 308 52.99 -45.57 -24.52
CA CYS L 308 53.00 -46.28 -25.79
C CYS L 308 51.62 -46.88 -26.05
N MET L 309 51.49 -47.53 -27.21
CA MET L 309 50.24 -48.13 -27.62
C MET L 309 50.51 -49.21 -28.67
N ASP L 310 49.70 -50.27 -28.61
CA ASP L 310 49.85 -51.46 -29.43
C ASP L 310 48.87 -51.43 -30.60
N SER L 311 48.97 -52.45 -31.46
CA SER L 311 48.08 -52.55 -32.61
C SER L 311 46.63 -52.82 -32.22
N GLU L 312 46.40 -53.34 -31.02
CA GLU L 312 45.05 -53.65 -30.57
C GLU L 312 44.36 -52.46 -29.89
N GLY L 313 45.08 -51.36 -29.69
CA GLY L 313 44.50 -50.16 -29.13
C GLY L 313 44.77 -49.95 -27.65
N LYS L 314 45.40 -50.91 -26.98
CA LYS L 314 45.68 -50.77 -25.56
C LYS L 314 46.95 -49.94 -25.37
N ALA L 315 46.84 -48.86 -24.61
CA ALA L 315 47.96 -47.96 -24.37
C ALA L 315 48.60 -48.27 -23.03
N TYR L 316 49.91 -48.43 -23.03
CA TYR L 316 50.69 -48.74 -21.83
C TYR L 316 51.49 -47.51 -21.41
N SER L 317 52.03 -47.57 -20.19
CA SER L 317 52.81 -46.47 -19.68
C SER L 317 53.88 -47.00 -18.74
N LEU L 318 54.97 -46.23 -18.61
CA LEU L 318 56.06 -46.57 -17.71
C LEU L 318 56.90 -45.33 -17.49
N GLY L 319 57.80 -45.42 -16.50
CA GLY L 319 58.68 -44.31 -16.17
C GLY L 319 58.45 -43.75 -14.77
N ARG L 320 58.84 -42.50 -14.57
CA ARG L 320 58.66 -41.85 -13.28
C ARG L 320 57.17 -41.72 -12.96
N ALA L 321 56.84 -41.77 -11.67
CA ALA L 321 55.46 -41.82 -11.22
C ALA L 321 54.98 -40.57 -10.49
N GLU L 322 55.88 -39.63 -10.21
CA GLU L 322 55.50 -38.46 -9.41
C GLU L 322 54.52 -37.56 -10.17
N TYR L 323 53.73 -36.82 -9.39
CA TYR L 323 52.78 -35.83 -9.91
C TYR L 323 51.71 -36.46 -10.79
N GLY L 324 51.46 -37.75 -10.64
CA GLY L 324 50.39 -38.41 -11.38
C GLY L 324 50.60 -38.49 -12.87
N ARG L 325 51.85 -38.53 -13.33
CA ARG L 325 52.12 -38.54 -14.76
C ARG L 325 51.90 -39.91 -15.39
N LEU L 326 51.80 -40.98 -14.59
CA LEU L 326 51.48 -42.29 -15.14
C LEU L 326 49.98 -42.52 -15.19
N GLY L 327 49.26 -42.21 -14.11
CA GLY L 327 47.83 -42.36 -14.08
C GLY L 327 47.36 -43.80 -14.07
N LEU L 328 47.75 -44.55 -13.04
CA LEU L 328 47.39 -45.96 -12.94
C LEU L 328 46.48 -46.24 -11.76
N GLY L 329 46.90 -45.90 -10.55
CA GLY L 329 46.15 -46.30 -9.37
C GLY L 329 46.06 -45.27 -8.26
N GLU L 330 46.13 -43.99 -8.62
CA GLU L 330 46.04 -42.89 -7.64
C GLU L 330 47.15 -43.01 -6.59
N GLY L 331 48.38 -42.99 -7.07
CA GLY L 331 49.55 -43.08 -6.23
C GLY L 331 50.34 -44.37 -6.32
N ALA L 332 50.24 -45.11 -7.42
CA ALA L 332 51.02 -46.33 -7.58
C ALA L 332 52.51 -46.00 -7.60
N GLU L 333 53.31 -46.97 -7.15
CA GLU L 333 54.75 -46.77 -7.07
C GLU L 333 55.38 -46.74 -8.45
N GLU L 334 56.65 -46.34 -8.49
CA GLU L 334 57.36 -46.21 -9.75
C GLU L 334 57.46 -47.56 -10.46
N LYS L 335 57.26 -47.54 -11.77
CA LYS L 335 57.22 -48.76 -12.58
C LYS L 335 58.25 -48.67 -13.69
N SER L 336 58.99 -49.75 -13.89
CA SER L 336 59.99 -49.83 -14.95
C SER L 336 59.52 -50.65 -16.14
N ILE L 337 58.27 -51.08 -16.15
CA ILE L 337 57.75 -51.96 -17.20
C ILE L 337 56.47 -51.35 -17.75
N PRO L 338 56.11 -51.67 -18.99
CA PRO L 338 54.86 -51.15 -19.55
C PRO L 338 53.66 -51.72 -18.81
N THR L 339 52.75 -50.82 -18.42
CA THR L 339 51.60 -51.17 -17.61
C THR L 339 50.32 -50.72 -18.31
N LEU L 340 49.40 -51.66 -18.50
CA LEU L 340 48.11 -51.35 -19.11
C LEU L 340 47.31 -50.40 -18.23
N ILE L 341 46.62 -49.46 -18.87
CA ILE L 341 45.69 -48.56 -18.21
C ILE L 341 44.29 -49.07 -18.54
N SER L 342 43.66 -49.76 -17.59
CA SER L 342 42.37 -50.38 -17.85
C SER L 342 41.27 -49.37 -18.08
N ARG L 343 41.44 -48.12 -17.64
CA ARG L 343 40.41 -47.11 -17.78
C ARG L 343 40.31 -46.55 -19.19
N LEU L 344 41.14 -47.02 -20.12
CA LEU L 344 41.15 -46.42 -21.45
C LEU L 344 40.41 -47.29 -22.44
N PRO L 345 39.49 -46.73 -23.23
CA PRO L 345 38.89 -47.48 -24.33
C PRO L 345 39.87 -47.67 -25.48
N ALA L 346 39.41 -48.20 -26.61
CA ALA L 346 40.25 -48.40 -27.77
C ALA L 346 40.88 -47.08 -28.22
N VAL L 347 42.20 -46.97 -28.08
CA VAL L 347 42.92 -45.73 -28.32
C VAL L 347 43.34 -45.65 -29.78
N SER L 348 43.09 -44.50 -30.40
CA SER L 348 43.55 -44.29 -31.76
C SER L 348 45.00 -43.81 -31.79
N SER L 349 45.38 -42.91 -30.89
CA SER L 349 46.75 -42.40 -30.84
C SER L 349 47.04 -41.88 -29.45
N VAL L 350 48.32 -41.88 -29.08
CA VAL L 350 48.75 -41.42 -27.77
C VAL L 350 49.75 -40.29 -27.93
N ALA L 351 49.96 -39.54 -26.86
CA ALA L 351 50.95 -38.47 -26.86
C ALA L 351 51.32 -38.15 -25.42
N CYS L 352 52.45 -37.46 -25.27
CA CYS L 352 52.98 -37.10 -23.97
C CYS L 352 53.42 -35.65 -23.97
N GLY L 353 53.20 -34.97 -22.86
CA GLY L 353 53.68 -33.63 -22.65
C GLY L 353 54.98 -33.59 -21.89
N ALA L 354 55.29 -32.41 -21.33
CA ALA L 354 56.47 -32.28 -20.49
C ALA L 354 56.35 -33.18 -19.26
N SER L 355 55.30 -32.99 -18.47
CA SER L 355 55.06 -33.80 -17.29
C SER L 355 53.67 -34.42 -17.31
N VAL L 356 53.01 -34.47 -18.46
CA VAL L 356 51.64 -34.94 -18.57
C VAL L 356 51.56 -35.97 -19.68
N GLY L 357 50.33 -36.45 -19.92
CA GLY L 357 50.07 -37.46 -20.93
C GLY L 357 48.64 -37.39 -21.42
N TYR L 358 48.46 -37.67 -22.70
CA TYR L 358 47.18 -37.54 -23.37
C TYR L 358 46.91 -38.77 -24.23
N ALA L 359 45.64 -39.16 -24.30
CA ALA L 359 45.21 -40.28 -25.12
C ALA L 359 44.04 -39.84 -26.00
N VAL L 360 43.95 -40.44 -27.19
CA VAL L 360 42.90 -40.14 -28.15
C VAL L 360 42.32 -41.46 -28.63
N THR L 361 41.05 -41.68 -28.32
CA THR L 361 40.36 -42.91 -28.69
C THR L 361 39.87 -42.83 -30.14
N LYS L 362 39.50 -43.99 -30.68
CA LYS L 362 39.06 -44.06 -32.07
C LYS L 362 37.75 -43.32 -32.28
N ASP L 363 36.87 -43.30 -31.28
CA ASP L 363 35.60 -42.60 -31.42
C ASP L 363 35.75 -41.08 -31.42
N GLY L 364 36.92 -40.56 -31.01
CA GLY L 364 37.16 -39.14 -31.02
C GLY L 364 37.34 -38.52 -29.65
N ARG L 365 37.19 -39.28 -28.57
CA ARG L 365 37.33 -38.73 -27.23
C ARG L 365 38.80 -38.62 -26.85
N VAL L 366 39.11 -37.65 -26.00
CA VAL L 366 40.47 -37.37 -25.56
C VAL L 366 40.52 -37.39 -24.05
N PHE L 367 41.53 -38.05 -23.50
CA PHE L 367 41.74 -38.15 -22.06
C PHE L 367 43.08 -37.53 -21.69
N ALA L 368 43.12 -36.94 -20.50
CA ALA L 368 44.32 -36.26 -20.01
C ALA L 368 44.67 -36.76 -18.62
N TRP L 369 45.97 -36.72 -18.29
CA TRP L 369 46.40 -37.09 -16.95
C TRP L 369 47.80 -36.52 -16.71
N GLY L 370 48.06 -36.14 -15.47
CA GLY L 370 49.38 -35.68 -15.09
C GLY L 370 49.31 -34.43 -14.25
N MET L 371 50.44 -33.71 -14.22
CA MET L 371 50.54 -32.50 -13.44
C MET L 371 49.64 -31.41 -14.01
N GLY L 372 48.84 -30.78 -13.15
CA GLY L 372 47.94 -29.74 -13.58
C GLY L 372 48.38 -28.36 -13.15
N THR L 373 49.67 -28.21 -12.82
CA THR L 373 50.17 -26.91 -12.38
C THR L 373 50.00 -25.86 -13.46
N ASN L 374 50.18 -26.25 -14.73
CA ASN L 374 49.99 -25.35 -15.86
C ASN L 374 48.61 -25.47 -16.48
N TYR L 375 47.68 -26.14 -15.79
CA TYR L 375 46.31 -26.34 -16.27
C TYR L 375 46.27 -27.02 -17.63
N GLN L 376 47.29 -27.83 -17.92
CA GLN L 376 47.33 -28.58 -19.16
C GLN L 376 46.27 -29.67 -19.23
N LEU L 377 45.64 -30.00 -18.11
CA LEU L 377 44.71 -31.12 -18.07
C LEU L 377 43.35 -30.77 -18.67
N GLY L 378 43.04 -29.49 -18.82
CA GLY L 378 41.75 -29.07 -19.34
C GLY L 378 40.58 -29.25 -18.40
N THR L 379 40.81 -29.69 -17.17
CA THR L 379 39.75 -29.85 -16.19
C THR L 379 39.41 -28.55 -15.46
N GLY L 380 40.21 -27.50 -15.64
CA GLY L 380 40.01 -26.28 -14.90
C GLY L 380 40.44 -26.34 -13.45
N GLN L 381 41.07 -27.43 -13.03
CA GLN L 381 41.54 -27.59 -11.66
C GLN L 381 43.04 -27.83 -11.68
N ASP L 382 43.78 -26.98 -10.97
CA ASP L 382 45.23 -27.14 -10.86
C ASP L 382 45.62 -28.33 -9.99
N GLU L 383 44.67 -29.05 -9.42
CA GLU L 383 44.98 -30.20 -8.59
C GLU L 383 45.53 -31.33 -9.46
N ASP L 384 46.60 -31.96 -8.99
CA ASP L 384 47.23 -33.05 -9.73
C ASP L 384 46.25 -34.20 -9.92
N ALA L 385 46.02 -34.59 -11.16
CA ALA L 385 45.04 -35.62 -11.50
C ALA L 385 45.75 -36.94 -11.72
N TRP L 386 45.35 -37.96 -10.95
CA TRP L 386 45.89 -39.31 -11.07
C TRP L 386 45.05 -40.23 -11.94
N SER L 387 43.85 -39.80 -12.33
CA SER L 387 42.98 -40.64 -13.15
C SER L 387 42.89 -40.09 -14.57
N PRO L 388 42.72 -40.96 -15.57
CA PRO L 388 42.57 -40.48 -16.95
C PRO L 388 41.26 -39.76 -17.16
N VAL L 389 41.19 -38.51 -16.68
CA VAL L 389 39.95 -37.74 -16.74
C VAL L 389 39.70 -37.30 -18.18
N GLU L 390 38.43 -37.35 -18.59
CA GLU L 390 38.05 -36.89 -19.92
C GLU L 390 37.97 -35.37 -19.97
N MET L 391 38.48 -34.79 -21.03
CA MET L 391 38.45 -33.35 -21.24
C MET L 391 37.14 -32.94 -21.88
N MET L 392 36.61 -31.80 -21.44
CA MET L 392 35.33 -31.29 -21.93
C MET L 392 35.38 -29.79 -22.05
N GLY L 393 34.73 -29.27 -23.08
CA GLY L 393 34.63 -27.85 -23.33
C GLY L 393 33.67 -27.60 -24.46
N LYS L 394 33.23 -26.34 -24.58
CA LYS L 394 32.27 -26.03 -25.61
C LYS L 394 32.84 -26.27 -27.00
N GLN L 395 34.13 -26.02 -27.18
CA GLN L 395 34.77 -26.29 -28.46
C GLN L 395 34.97 -27.77 -28.74
N LEU L 396 34.58 -28.65 -27.81
CA LEU L 396 34.57 -30.08 -28.06
C LEU L 396 33.18 -30.61 -28.37
N GLU L 397 32.14 -29.79 -28.21
CA GLU L 397 30.78 -30.24 -28.47
C GLU L 397 30.59 -30.51 -29.96
N ASN L 398 30.08 -31.70 -30.27
CA ASN L 398 29.83 -32.12 -31.66
C ASN L 398 31.10 -32.09 -32.48
N ARG L 399 32.23 -32.42 -31.86
CA ARG L 399 33.52 -32.45 -32.54
C ARG L 399 34.33 -33.64 -32.04
N VAL L 400 35.20 -34.14 -32.90
CA VAL L 400 36.09 -35.25 -32.59
C VAL L 400 37.52 -34.75 -32.64
N VAL L 401 38.38 -35.39 -31.85
CA VAL L 401 39.78 -34.98 -31.73
C VAL L 401 40.60 -35.72 -32.77
N LEU L 402 41.21 -34.96 -33.67
CA LEU L 402 42.08 -35.59 -34.67
C LEU L 402 43.43 -35.94 -34.08
N SER L 403 44.12 -34.97 -33.49
CA SER L 403 45.44 -35.22 -32.93
C SER L 403 45.65 -34.39 -31.68
N VAL L 404 46.76 -34.66 -31.00
CA VAL L 404 47.09 -34.01 -29.74
C VAL L 404 48.59 -33.89 -29.63
N SER L 405 49.06 -32.75 -29.11
CA SER L 405 50.46 -32.56 -28.79
C SER L 405 50.55 -31.67 -27.57
N SER L 406 51.66 -31.77 -26.86
CA SER L 406 51.82 -30.98 -25.64
C SER L 406 53.29 -30.64 -25.43
N GLY L 407 53.53 -29.42 -24.95
CA GLY L 407 54.88 -28.98 -24.67
C GLY L 407 55.12 -28.72 -23.19
N GLY L 408 55.78 -27.62 -22.89
CA GLY L 408 56.14 -27.31 -21.51
C GLY L 408 54.99 -26.78 -20.68
N GLN L 409 54.43 -25.64 -21.08
CA GLN L 409 53.41 -24.96 -20.30
C GLN L 409 52.06 -24.90 -21.02
N HIS L 410 51.85 -25.70 -22.05
CA HIS L 410 50.59 -25.66 -22.77
C HIS L 410 50.37 -26.97 -23.50
N THR L 411 49.27 -27.03 -24.25
CA THR L 411 48.85 -28.22 -24.95
C THR L 411 47.96 -27.80 -26.10
N VAL L 412 48.14 -28.45 -27.25
CA VAL L 412 47.46 -28.10 -28.48
C VAL L 412 46.74 -29.33 -29.04
N LEU L 413 45.53 -29.12 -29.50
CA LEU L 413 44.69 -30.15 -30.07
C LEU L 413 44.39 -29.85 -31.54
N LEU L 414 44.08 -30.88 -32.30
CA LEU L 414 43.54 -30.75 -33.65
C LEU L 414 42.22 -31.52 -33.69
N VAL L 415 41.14 -30.82 -34.02
CA VAL L 415 39.80 -31.40 -33.93
C VAL L 415 39.05 -31.18 -35.22
N LYS L 416 38.01 -31.98 -35.42
CA LYS L 416 37.18 -31.91 -36.61
C LYS L 416 35.71 -32.00 -36.22
N ASP L 417 34.87 -31.25 -36.92
CA ASP L 417 33.43 -31.34 -36.71
C ASP L 417 32.93 -32.72 -37.06
N LYS L 418 31.84 -33.13 -36.40
CA LYS L 418 31.26 -34.44 -36.66
C LYS L 418 30.65 -34.50 -38.05
N GLU L 419 30.52 -35.72 -38.56
CA GLU L 419 30.03 -35.93 -39.92
C GLU L 419 28.54 -35.64 -40.06
N GLN L 420 27.79 -35.66 -38.96
CA GLN L 420 26.35 -35.41 -39.03
C GLN L 420 26.09 -33.96 -39.38
N SER L 421 24.93 -33.72 -40.01
CA SER L 421 24.48 -32.39 -40.41
C SER L 421 25.53 -31.65 -41.25
N LYS M 4 -54.16 7.89 71.87
CA LYS M 4 -54.11 7.82 70.42
C LYS M 4 -53.56 9.08 69.75
N ARG M 5 -54.47 10.01 69.43
CA ARG M 5 -54.13 11.23 68.69
C ARG M 5 -52.84 11.87 69.20
N ILE M 6 -52.01 12.31 68.25
CA ILE M 6 -50.71 12.87 68.54
C ILE M 6 -50.57 14.32 68.11
N ALA M 7 -51.09 14.69 66.94
CA ALA M 7 -50.95 16.06 66.47
C ALA M 7 -51.93 16.40 65.37
N LYS M 8 -52.17 17.70 65.22
CA LYS M 8 -53.05 18.28 64.21
C LYS M 8 -52.31 19.45 63.58
N ARG M 9 -52.54 19.67 62.29
CA ARG M 9 -51.71 20.60 61.53
C ARG M 9 -52.29 22.00 61.50
N ARG M 10 -51.39 22.99 61.54
CA ARG M 10 -51.71 24.40 61.54
C ARG M 10 -51.77 24.91 60.10
N SER M 11 -52.10 26.16 59.95
CA SER M 11 -52.33 26.74 58.63
C SER M 11 -51.03 27.17 57.98
N PRO M 12 -50.82 26.84 56.71
CA PRO M 12 -49.73 27.43 55.95
C PRO M 12 -50.01 28.89 55.67
N PRO M 13 -48.97 29.70 55.44
CA PRO M 13 -49.19 31.13 55.17
C PRO M 13 -50.08 31.32 53.95
N ALA M 14 -50.74 32.48 53.89
CA ALA M 14 -51.69 32.73 52.81
C ALA M 14 -51.01 33.53 51.71
N ASP M 15 -51.67 33.58 50.55
CA ASP M 15 -51.09 34.22 49.37
C ASP M 15 -51.96 35.32 48.76
N ALA M 16 -53.12 35.60 49.32
CA ALA M 16 -54.07 36.54 48.71
C ALA M 16 -54.28 37.79 49.56
N ILE M 17 -53.60 37.91 50.70
CA ILE M 17 -53.76 39.04 51.61
C ILE M 17 -53.00 40.24 51.07
N PRO M 18 -53.57 41.45 51.12
CA PRO M 18 -52.83 42.62 50.66
C PRO M 18 -51.66 42.89 51.59
N LYS M 19 -50.47 42.99 51.01
CA LYS M 19 -49.29 43.29 51.78
C LYS M 19 -49.49 44.60 52.56
N SER M 20 -48.72 44.75 53.63
CA SER M 20 -48.89 45.87 54.52
C SER M 20 -48.66 47.21 53.84
N LYS M 21 -47.45 47.44 53.34
CA LYS M 21 -47.09 48.74 52.78
C LYS M 21 -48.08 49.21 51.72
N LYS M 22 -48.81 50.29 52.01
CA LYS M 22 -49.77 50.90 51.09
C LYS M 22 -49.27 52.30 50.74
N VAL M 23 -48.88 52.49 49.47
CA VAL M 23 -48.31 53.75 49.00
C VAL M 23 -49.43 54.73 48.64
N LYS M 24 -49.20 56.02 48.90
CA LYS M 24 -50.06 57.08 48.39
C LYS M 24 -49.41 57.68 47.16
N VAL M 25 -50.03 57.48 45.99
CA VAL M 25 -49.40 57.87 44.74
C VAL M 25 -49.39 59.40 44.62
N SER M 26 -48.32 59.92 44.03
CA SER M 26 -48.20 61.34 43.73
C SER M 26 -47.56 61.52 42.36
N HIS M 27 -48.13 62.40 41.55
CA HIS M 27 -47.60 62.66 40.21
C HIS M 27 -48.01 64.06 39.79
N ARG M 28 -47.18 64.67 38.94
CA ARG M 28 -47.42 66.04 38.52
C ARG M 28 -48.64 66.19 37.62
N SER M 29 -49.25 65.09 37.18
CA SER M 29 -50.47 65.18 36.39
C SER M 29 -51.71 65.26 37.25
N HIS M 30 -51.61 64.99 38.55
CA HIS M 30 -52.75 65.09 39.44
C HIS M 30 -53.17 66.55 39.59
N SER M 31 -54.43 66.83 39.28
CA SER M 31 -54.95 68.19 39.44
C SER M 31 -55.35 68.41 40.89
N THR M 32 -54.93 69.54 41.46
CA THR M 32 -55.14 69.83 42.87
C THR M 32 -55.98 71.07 43.11
N GLU M 33 -55.76 72.14 42.37
CA GLU M 33 -56.45 73.39 42.62
C GLU M 33 -57.94 73.24 42.34
N PRO M 34 -58.82 73.56 43.29
CA PRO M 34 -60.25 73.42 43.05
C PRO M 34 -60.76 74.44 42.05
N GLY M 35 -61.90 74.13 41.45
CA GLY M 35 -62.48 75.01 40.48
C GLY M 35 -63.93 74.67 40.22
N LEU M 36 -64.41 75.12 39.06
CA LEU M 36 -65.79 74.92 38.63
C LEU M 36 -65.81 74.40 37.20
N VAL M 37 -66.87 73.68 36.87
CA VAL M 37 -66.99 72.97 35.60
C VAL M 37 -67.84 73.78 34.64
N LEU M 38 -67.38 73.86 33.39
CA LEU M 38 -68.13 74.47 32.31
C LEU M 38 -68.29 73.46 31.19
N THR M 39 -69.41 73.54 30.47
CA THR M 39 -69.65 72.65 29.33
C THR M 39 -70.18 73.46 28.16
N LEU M 40 -70.00 72.92 26.96
CA LEU M 40 -70.54 73.54 25.76
C LEU M 40 -70.53 72.51 24.63
N GLY M 41 -71.34 72.78 23.62
CA GLY M 41 -71.47 71.89 22.48
C GLY M 41 -72.79 71.15 22.48
N GLN M 42 -72.87 70.13 21.64
CA GLN M 42 -74.08 69.32 21.54
C GLN M 42 -74.31 68.57 22.85
N GLY M 43 -75.52 68.71 23.38
CA GLY M 43 -75.92 67.98 24.57
C GLY M 43 -77.06 67.03 24.29
N ASP M 44 -76.96 66.30 23.17
CA ASP M 44 -78.06 65.45 22.72
C ASP M 44 -78.46 64.43 23.78
N VAL M 45 -77.51 63.66 24.30
CA VAL M 45 -77.80 62.63 25.28
C VAL M 45 -77.47 63.09 26.70
N GLY M 46 -77.33 64.40 26.91
CA GLY M 46 -77.12 64.94 28.24
C GLY M 46 -75.68 65.06 28.69
N GLN M 47 -74.73 65.00 27.77
CA GLN M 47 -73.33 65.16 28.12
C GLN M 47 -72.97 66.56 28.56
N LEU M 48 -73.92 67.49 28.60
CA LEU M 48 -73.66 68.81 29.16
C LEU M 48 -74.03 68.90 30.63
N GLY M 49 -74.91 68.04 31.11
CA GLY M 49 -75.27 68.03 32.51
C GLY M 49 -76.03 69.26 32.98
N LEU M 50 -76.69 69.97 32.07
CA LEU M 50 -77.37 71.20 32.42
C LEU M 50 -78.86 71.02 32.66
N GLY M 51 -79.44 69.90 32.27
CA GLY M 51 -80.85 69.67 32.53
C GLY M 51 -81.46 68.77 31.48
N GLU M 52 -82.71 68.39 31.73
CA GLU M 52 -83.42 67.52 30.81
C GLU M 52 -83.77 68.23 29.51
N ASN M 53 -84.04 69.53 29.58
CA ASN M 53 -84.48 70.29 28.43
C ASN M 53 -83.35 71.01 27.71
N VAL M 54 -82.12 70.86 28.18
CA VAL M 54 -80.97 71.54 27.59
C VAL M 54 -80.36 70.61 26.55
N MET M 55 -80.46 71.00 25.28
CA MET M 55 -79.94 70.18 24.19
C MET M 55 -78.65 70.71 23.58
N GLU M 56 -78.31 71.98 23.81
CA GLU M 56 -77.17 72.57 23.11
C GLU M 56 -76.73 73.83 23.82
N ARG M 57 -75.42 74.05 23.88
CA ARG M 57 -74.82 75.28 24.39
C ARG M 57 -73.62 75.64 23.52
N LYS M 58 -73.60 76.88 23.05
CA LYS M 58 -72.56 77.35 22.14
C LYS M 58 -71.48 78.17 22.81
N LYS M 59 -71.63 78.47 24.09
CA LYS M 59 -70.62 79.12 24.91
C LYS M 59 -70.71 78.54 26.31
N PRO M 60 -69.65 78.64 27.11
CA PRO M 60 -69.61 77.91 28.38
C PRO M 60 -70.76 78.28 29.30
N ALA M 61 -71.29 77.26 29.98
CA ALA M 61 -72.33 77.41 30.98
C ALA M 61 -71.93 76.64 32.23
N LEU M 62 -72.39 77.13 33.38
CA LEU M 62 -72.00 76.54 34.66
C LEU M 62 -72.83 75.30 34.97
N VAL M 63 -72.15 74.26 35.44
CA VAL M 63 -72.79 73.00 35.79
C VAL M 63 -72.88 72.91 37.31
N SER M 64 -74.06 72.54 37.81
CA SER M 64 -74.31 72.50 39.25
C SER M 64 -73.66 71.26 39.85
N ILE M 65 -72.62 71.45 40.65
CA ILE M 65 -71.97 70.38 41.38
C ILE M 65 -72.01 70.74 42.87
N PRO M 66 -72.49 69.85 43.74
CA PRO M 66 -72.60 70.20 45.16
C PRO M 66 -71.27 70.52 45.83
N GLU M 67 -70.16 70.02 45.29
CA GLU M 67 -68.84 70.23 45.86
C GLU M 67 -67.96 70.95 44.85
N ASP M 68 -66.75 71.27 45.27
CA ASP M 68 -65.76 71.82 44.37
C ASP M 68 -65.16 70.71 43.49
N VAL M 69 -64.61 71.12 42.36
CA VAL M 69 -64.09 70.18 41.37
C VAL M 69 -62.62 70.46 41.14
N VAL M 70 -61.80 69.42 41.22
CA VAL M 70 -60.36 69.55 41.07
C VAL M 70 -59.92 69.16 39.66
N GLN M 71 -60.66 68.27 39.02
CA GLN M 71 -60.34 67.84 37.67
C GLN M 71 -61.62 67.49 36.93
N ALA M 72 -61.61 67.73 35.62
CA ALA M 72 -62.76 67.40 34.78
C ALA M 72 -62.26 66.85 33.45
N GLU M 73 -62.83 65.71 33.04
CA GLU M 73 -62.50 65.10 31.75
C GLU M 73 -63.77 64.75 31.01
N ALA M 74 -63.76 64.98 29.70
CA ALA M 74 -64.90 64.76 28.83
C ALA M 74 -64.66 63.52 27.98
N GLY M 75 -65.51 62.51 28.15
CA GLY M 75 -65.45 61.31 27.36
C GLY M 75 -65.99 61.53 25.96
N GLY M 76 -66.14 60.43 25.23
CA GLY M 76 -66.70 60.47 23.90
C GLY M 76 -68.10 61.05 23.87
N MET M 77 -69.04 60.39 24.55
CA MET M 77 -70.41 60.87 24.65
C MET M 77 -70.85 61.02 26.10
N HIS M 78 -69.90 61.08 27.03
CA HIS M 78 -70.21 61.31 28.43
C HIS M 78 -69.16 62.25 29.01
N THR M 79 -69.29 62.55 30.30
CA THR M 79 -68.41 63.50 30.97
C THR M 79 -68.30 63.12 32.44
N VAL M 80 -67.07 63.20 32.96
CA VAL M 80 -66.74 62.77 34.31
C VAL M 80 -65.99 63.89 35.02
N CYS M 81 -66.42 64.21 36.23
CA CYS M 81 -65.80 65.23 37.07
C CYS M 81 -65.37 64.61 38.39
N LEU M 82 -64.23 65.07 38.90
CA LEU M 82 -63.66 64.60 40.16
C LEU M 82 -63.78 65.70 41.21
N SER M 83 -64.44 65.40 42.31
CA SER M 83 -64.66 66.39 43.35
C SER M 83 -63.45 66.48 44.27
N LYS M 84 -63.38 67.58 45.00
CA LYS M 84 -62.32 67.76 45.99
C LYS M 84 -62.37 66.64 47.03
N SER M 85 -63.57 66.29 47.50
CA SER M 85 -63.71 65.27 48.53
C SER M 85 -63.24 63.90 48.06
N GLY M 86 -63.07 63.71 46.75
CA GLY M 86 -62.64 62.45 46.20
C GLY M 86 -63.72 61.68 45.47
N GLN M 87 -64.98 61.95 45.75
CA GLN M 87 -66.04 61.28 45.03
C GLN M 87 -66.02 61.66 43.56
N VAL M 88 -66.57 60.79 42.73
CA VAL M 88 -66.62 60.99 41.29
C VAL M 88 -68.06 61.22 40.88
N TYR M 89 -68.27 62.22 40.02
CA TYR M 89 -69.57 62.50 39.43
C TYR M 89 -69.50 62.21 37.94
N SER M 90 -70.58 61.63 37.40
CA SER M 90 -70.62 61.29 36.00
C SER M 90 -71.96 61.69 35.42
N PHE M 91 -71.95 62.12 34.17
CA PHE M 91 -73.19 62.43 33.46
C PHE M 91 -72.94 62.33 31.97
N GLY M 92 -73.88 61.72 31.26
CA GLY M 92 -73.75 61.51 29.84
C GLY M 92 -74.53 60.28 29.41
N CYS M 93 -73.97 59.57 28.43
CA CYS M 93 -74.63 58.42 27.83
C CYS M 93 -74.31 57.17 28.63
N ASN M 94 -75.34 56.54 29.18
CA ASN M 94 -75.18 55.33 29.98
C ASN M 94 -75.53 54.07 29.20
N ASP M 95 -75.62 54.16 27.88
CA ASP M 95 -75.97 52.98 27.08
C ASP M 95 -74.91 51.89 27.22
N GLU M 96 -73.64 52.28 27.33
CA GLU M 96 -72.56 51.32 27.48
C GLU M 96 -72.02 51.25 28.92
N GLY M 97 -72.71 51.89 29.86
CA GLY M 97 -72.30 51.82 31.25
C GLY M 97 -71.14 52.69 31.63
N ALA M 98 -70.82 53.71 30.82
CA ALA M 98 -69.68 54.58 31.11
C ALA M 98 -69.91 55.48 32.31
N LEU M 99 -71.13 55.61 32.80
CA LEU M 99 -71.39 56.45 33.95
C LEU M 99 -71.17 55.72 35.27
N GLY M 100 -71.46 54.43 35.32
CA GLY M 100 -71.29 53.70 36.55
C GLY M 100 -72.26 54.10 37.65
N ARG M 101 -73.52 54.28 37.32
CA ARG M 101 -74.54 54.56 38.32
C ARG M 101 -75.90 54.29 37.70
N ASP M 102 -76.91 54.21 38.58
CA ASP M 102 -78.25 53.81 38.16
C ASP M 102 -78.93 54.97 37.46
N THR M 103 -79.16 54.82 36.16
CA THR M 103 -79.92 55.78 35.37
C THR M 103 -81.25 55.22 34.90
N SER M 104 -81.82 54.29 35.65
CA SER M 104 -83.14 53.75 35.31
C SER M 104 -84.18 54.86 35.21
N VAL M 105 -84.19 55.75 36.19
CA VAL M 105 -85.09 56.90 36.15
C VAL M 105 -84.65 57.80 35.00
N GLU M 106 -85.50 57.92 33.98
CA GLU M 106 -85.19 58.76 32.83
C GLU M 106 -85.10 60.22 33.27
N GLY M 107 -84.04 60.89 32.82
CA GLY M 107 -83.74 62.24 33.26
C GLY M 107 -82.62 62.32 34.28
N SER M 108 -82.24 61.19 34.88
CA SER M 108 -81.14 61.18 35.83
C SER M 108 -79.78 61.18 35.15
N GLU M 109 -79.71 60.67 33.92
CA GLU M 109 -78.49 60.76 33.13
C GLU M 109 -78.27 62.14 32.55
N MET M 110 -79.28 63.02 32.61
CA MET M 110 -79.17 64.35 32.06
C MET M 110 -78.47 65.32 33.01
N VAL M 111 -78.35 64.96 34.28
CA VAL M 111 -77.73 65.84 35.27
C VAL M 111 -76.61 65.08 35.97
N PRO M 112 -75.66 65.80 36.55
CA PRO M 112 -74.57 65.12 37.27
C PRO M 112 -75.10 64.32 38.46
N GLY M 113 -74.52 63.14 38.65
CA GLY M 113 -74.92 62.28 39.74
C GLY M 113 -73.72 61.60 40.37
N LYS M 114 -73.94 61.12 41.59
CA LYS M 114 -72.88 60.46 42.35
C LYS M 114 -72.62 59.08 41.75
N VAL M 115 -71.36 58.83 41.36
CA VAL M 115 -71.02 57.53 40.81
C VAL M 115 -71.14 56.48 41.91
N GLU M 116 -71.65 55.30 41.54
CA GLU M 116 -71.81 54.22 42.51
C GLU M 116 -70.43 53.66 42.86
N LEU M 117 -69.76 54.38 43.75
CA LEU M 117 -68.40 54.05 44.15
C LEU M 117 -68.06 54.84 45.40
N GLN M 118 -67.44 54.17 46.37
CA GLN M 118 -67.06 54.78 47.64
C GLN M 118 -65.54 54.66 47.79
N GLU M 119 -64.82 55.63 47.23
CA GLU M 119 -63.37 55.67 47.29
C GLU M 119 -62.92 57.12 47.30
N LYS M 120 -61.64 57.31 47.60
CA LYS M 120 -61.00 58.62 47.48
C LYS M 120 -60.19 58.58 46.19
N VAL M 121 -60.74 59.19 45.15
CA VAL M 121 -60.18 59.11 43.80
C VAL M 121 -59.29 60.33 43.56
N VAL M 122 -58.08 60.09 43.07
CA VAL M 122 -57.16 61.19 42.82
C VAL M 122 -57.04 61.55 41.34
N GLN M 123 -57.34 60.63 40.42
CA GLN M 123 -57.27 60.95 39.01
C GLN M 123 -58.39 60.24 38.26
N VAL M 124 -58.80 60.81 37.13
CA VAL M 124 -59.82 60.21 36.28
C VAL M 124 -59.39 60.31 34.83
N SER M 125 -59.86 59.37 34.02
CA SER M 125 -59.62 59.39 32.59
C SER M 125 -60.79 58.74 31.89
N ALA M 126 -61.25 59.34 30.80
CA ALA M 126 -62.45 58.87 30.12
C ALA M 126 -62.23 58.90 28.62
N GLY M 127 -62.72 57.87 27.95
CA GLY M 127 -62.62 57.77 26.50
C GLY M 127 -63.95 57.74 25.78
N ASP M 128 -64.06 56.89 24.75
CA ASP M 128 -65.26 56.85 23.94
C ASP M 128 -66.44 56.26 24.71
N SER M 129 -66.29 55.03 25.20
CA SER M 129 -67.38 54.30 25.82
C SER M 129 -67.02 53.75 27.20
N HIS M 130 -65.89 54.16 27.75
CA HIS M 130 -65.37 53.60 28.99
C HIS M 130 -65.00 54.73 29.94
N THR M 131 -64.72 54.38 31.20
CA THR M 131 -64.27 55.35 32.17
C THR M 131 -63.43 54.67 33.22
N ALA M 132 -62.25 55.23 33.49
CA ALA M 132 -61.29 54.67 34.42
C ALA M 132 -60.97 55.69 35.51
N ALA M 133 -60.86 55.21 36.75
CA ALA M 133 -60.53 56.03 37.90
C ALA M 133 -59.28 55.48 38.57
N LEU M 134 -58.51 56.39 39.16
CA LEU M 134 -57.28 56.07 39.88
C LEU M 134 -57.38 56.60 41.29
N THR M 135 -57.34 55.68 42.26
CA THR M 135 -57.48 56.00 43.67
C THR M 135 -56.13 56.43 44.26
N ASP M 136 -56.19 56.85 45.52
CA ASP M 136 -54.98 57.35 46.19
C ASP M 136 -53.97 56.23 46.42
N ASP M 137 -54.45 55.03 46.76
CA ASP M 137 -53.53 53.93 47.08
C ASP M 137 -52.93 53.28 45.84
N GLY M 138 -53.36 53.67 44.64
CA GLY M 138 -52.74 53.22 43.41
C GLY M 138 -53.53 52.20 42.61
N ARG M 139 -54.56 51.57 43.19
CA ARG M 139 -55.34 50.60 42.44
C ARG M 139 -56.32 51.32 41.53
N VAL M 140 -56.54 50.73 40.35
CA VAL M 140 -57.28 51.37 39.27
C VAL M 140 -58.66 50.71 39.18
N PHE M 141 -59.70 51.52 39.12
CA PHE M 141 -61.04 51.04 38.81
C PHE M 141 -61.39 51.39 37.37
N LEU M 142 -62.34 50.64 36.82
CA LEU M 142 -62.71 50.79 35.42
C LEU M 142 -64.13 50.28 35.23
N TRP M 143 -64.93 51.03 34.48
CA TRP M 143 -66.28 50.61 34.17
C TRP M 143 -66.67 51.13 32.80
N GLY M 144 -67.78 50.63 32.29
CA GLY M 144 -68.18 50.93 30.93
C GLY M 144 -67.86 49.78 30.00
N SER M 145 -67.47 50.07 28.76
CA SER M 145 -67.14 49.03 27.80
C SER M 145 -66.17 49.59 26.77
N PHE M 146 -65.56 48.67 26.00
CA PHE M 146 -64.70 49.02 24.89
C PHE M 146 -65.38 48.70 23.57
N ARG M 147 -64.92 49.38 22.52
CA ARG M 147 -65.38 49.13 21.16
C ARG M 147 -64.17 49.20 20.23
N ASP M 148 -64.45 49.14 18.94
CA ASP M 148 -63.46 49.26 17.88
C ASP M 148 -64.22 49.57 16.58
N ASN M 149 -63.54 49.42 15.45
CA ASN M 149 -64.19 49.57 14.14
C ASN M 149 -65.26 48.50 13.95
N ASN M 150 -65.40 47.60 14.92
CA ASN M 150 -66.38 46.51 14.89
C ASN M 150 -67.21 46.54 16.17
N GLY M 151 -67.96 45.47 16.43
CA GLY M 151 -68.83 45.42 17.59
C GLY M 151 -68.07 45.43 18.91
N VAL M 152 -68.83 45.14 19.97
CA VAL M 152 -68.31 45.23 21.33
C VAL M 152 -67.29 44.13 21.59
N ILE M 153 -66.24 44.46 22.35
CA ILE M 153 -65.18 43.52 22.70
C ILE M 153 -65.10 43.27 24.19
N GLY M 154 -66.03 43.81 24.98
CA GLY M 154 -66.00 43.64 26.42
C GLY M 154 -65.03 44.57 27.10
N LEU M 155 -64.90 44.40 28.41
CA LEU M 155 -64.05 45.25 29.23
C LEU M 155 -62.86 44.50 29.81
N LEU M 156 -63.10 43.44 30.59
CA LEU M 156 -62.06 42.53 31.06
C LEU M 156 -62.36 41.09 30.69
N GLU M 157 -63.62 40.67 30.83
CA GLU M 157 -64.06 39.39 30.30
C GLU M 157 -64.62 39.61 28.91
N PRO M 158 -64.13 38.89 27.89
CA PRO M 158 -64.49 39.21 26.50
C PRO M 158 -65.99 39.19 26.27
N MET M 159 -66.46 40.18 25.50
CA MET M 159 -67.87 40.31 25.11
C MET M 159 -68.79 40.51 26.32
N LYS M 160 -68.28 41.18 27.34
CA LYS M 160 -69.08 41.49 28.53
C LYS M 160 -68.76 42.90 28.99
N LYS M 161 -69.76 43.78 28.94
CA LYS M 161 -69.61 45.13 29.44
C LYS M 161 -69.86 45.16 30.95
N SER M 162 -69.52 46.30 31.56
CA SER M 162 -69.65 46.49 33.00
C SER M 162 -70.43 47.76 33.27
N MET M 163 -71.52 47.63 34.02
CA MET M 163 -72.35 48.76 34.37
C MET M 163 -71.93 49.43 35.68
N VAL M 164 -71.06 48.79 36.45
CA VAL M 164 -70.61 49.32 37.74
C VAL M 164 -69.08 49.22 37.79
N PRO M 165 -68.45 50.04 38.63
CA PRO M 165 -66.98 50.01 38.69
C PRO M 165 -66.44 48.63 39.05
N VAL M 166 -65.38 48.24 38.36
CA VAL M 166 -64.71 46.96 38.58
C VAL M 166 -63.22 47.22 38.69
N GLN M 167 -62.59 46.63 39.69
CA GLN M 167 -61.16 46.84 39.90
C GLN M 167 -60.34 46.09 38.87
N VAL M 168 -59.35 46.77 38.32
CA VAL M 168 -58.29 46.12 37.55
C VAL M 168 -57.25 45.65 38.56
N GLN M 169 -57.36 44.39 38.97
CA GLN M 169 -56.55 43.90 40.08
C GLN M 169 -55.11 43.71 39.63
N LEU M 170 -54.20 44.51 40.21
CA LEU M 170 -52.79 44.46 39.88
C LEU M 170 -51.98 44.54 41.16
N ASP M 171 -50.85 43.83 41.20
CA ASP M 171 -50.03 43.83 42.39
C ASP M 171 -49.28 45.15 42.56
N VAL M 172 -49.00 45.86 41.48
CA VAL M 172 -48.18 47.06 41.50
C VAL M 172 -49.10 48.28 41.55
N PRO M 173 -48.87 49.23 42.44
CA PRO M 173 -49.66 50.47 42.44
C PRO M 173 -49.43 51.26 41.16
N VAL M 174 -50.45 52.03 40.78
CA VAL M 174 -50.44 52.81 39.55
C VAL M 174 -50.43 54.29 39.93
N VAL M 175 -49.53 55.06 39.32
CA VAL M 175 -49.44 56.49 39.60
C VAL M 175 -50.18 57.35 38.58
N LYS M 176 -50.39 56.86 37.36
CA LYS M 176 -51.13 57.65 36.37
C LYS M 176 -51.98 56.74 35.50
N VAL M 177 -53.17 57.22 35.15
CA VAL M 177 -54.03 56.57 34.17
C VAL M 177 -54.21 57.51 32.99
N ALA M 178 -54.34 56.94 31.80
CA ALA M 178 -54.58 57.75 30.61
C ALA M 178 -55.40 56.94 29.63
N SER M 179 -56.39 57.59 29.02
CA SER M 179 -57.37 56.90 28.18
C SER M 179 -57.40 57.51 26.79
N GLY M 180 -57.34 56.65 25.78
CA GLY M 180 -57.71 57.01 24.43
C GLY M 180 -59.20 56.80 24.22
N ASN M 181 -59.58 56.61 22.96
CA ASN M 181 -60.97 56.26 22.68
C ASN M 181 -61.32 54.90 23.25
N ASP M 182 -60.59 53.87 22.84
CA ASP M 182 -60.92 52.49 23.23
C ASP M 182 -59.68 51.73 23.69
N HIS M 183 -58.72 52.43 24.31
CA HIS M 183 -57.63 51.76 24.98
C HIS M 183 -57.29 52.53 26.25
N LEU M 184 -56.60 51.84 27.16
CA LEU M 184 -56.25 52.40 28.47
C LEU M 184 -54.82 52.05 28.81
N VAL M 185 -54.04 53.06 29.21
CA VAL M 185 -52.68 52.85 29.66
C VAL M 185 -52.59 53.27 31.12
N MET M 186 -51.75 52.56 31.86
CA MET M 186 -51.54 52.77 33.29
C MET M 186 -50.05 52.81 33.55
N LEU M 187 -49.55 53.96 33.99
CA LEU M 187 -48.17 54.11 34.39
C LEU M 187 -48.05 53.86 35.88
N THR M 188 -47.21 52.90 36.26
CA THR M 188 -47.03 52.50 37.64
C THR M 188 -45.92 53.31 38.29
N ALA M 189 -45.72 53.09 39.60
CA ALA M 189 -44.63 53.75 40.30
C ALA M 189 -43.28 53.31 39.77
N ASP M 190 -43.08 52.00 39.63
CA ASP M 190 -41.81 51.45 39.18
C ASP M 190 -41.45 51.81 37.74
N GLY M 191 -42.31 52.54 37.03
CA GLY M 191 -42.06 52.89 35.65
C GLY M 191 -42.61 51.93 34.64
N ASP M 192 -43.06 50.75 35.07
CA ASP M 192 -43.70 49.81 34.14
C ASP M 192 -44.99 50.42 33.60
N LEU M 193 -45.25 50.17 32.31
CA LEU M 193 -46.38 50.76 31.62
C LEU M 193 -47.29 49.63 31.15
N TYR M 194 -48.44 49.49 31.82
CA TYR M 194 -49.42 48.48 31.42
C TYR M 194 -50.41 49.08 30.45
N THR M 195 -50.93 48.22 29.55
CA THR M 195 -51.93 48.63 28.58
C THR M 195 -53.05 47.59 28.53
N LEU M 196 -54.22 48.04 28.12
CA LEU M 196 -55.35 47.14 27.92
C LEU M 196 -56.34 47.80 26.97
N GLY M 197 -57.29 47.01 26.51
CA GLY M 197 -58.29 47.46 25.56
C GLY M 197 -58.05 46.92 24.17
N CYS M 198 -58.70 47.56 23.20
CA CYS M 198 -58.55 47.17 21.81
C CYS M 198 -57.15 47.49 21.30
N GLY M 199 -56.70 46.69 20.33
CA GLY M 199 -55.41 46.92 19.70
C GLY M 199 -55.47 46.82 18.19
N GLU M 200 -56.68 46.95 17.62
CA GLU M 200 -56.88 46.77 16.19
C GLU M 200 -55.90 47.58 15.37
N GLN M 201 -55.71 48.86 15.72
CA GLN M 201 -54.78 49.73 15.03
C GLN M 201 -53.42 49.79 15.71
N GLY M 202 -53.19 48.97 16.72
CA GLY M 202 -51.91 48.90 17.38
C GLY M 202 -51.71 49.90 18.50
N GLN M 203 -52.78 50.42 19.09
CA GLN M 203 -52.69 51.36 20.20
C GLN M 203 -52.32 50.68 21.52
N LEU M 204 -51.99 49.39 21.51
CA LEU M 204 -51.49 48.69 22.68
C LEU M 204 -49.98 48.52 22.67
N GLY M 205 -49.38 48.28 21.50
CA GLY M 205 -47.94 48.22 21.36
C GLY M 205 -47.29 46.92 21.79
N ARG M 206 -47.95 46.11 22.61
CA ARG M 206 -47.37 44.89 23.15
C ARG M 206 -47.90 43.62 22.46
N VAL M 207 -48.59 43.75 21.34
CA VAL M 207 -49.12 42.58 20.64
C VAL M 207 -48.77 42.66 19.16
N PRO M 208 -47.50 42.47 18.78
CA PRO M 208 -47.12 42.53 17.37
C PRO M 208 -47.65 41.38 16.52
N GLU M 209 -47.34 40.13 16.90
CA GLU M 209 -47.54 39.01 15.99
C GLU M 209 -49.01 38.70 15.73
N LEU M 210 -49.91 39.16 16.60
CA LEU M 210 -51.33 38.91 16.39
C LEU M 210 -51.82 39.57 15.11
N PHE M 211 -51.12 40.61 14.64
CA PHE M 211 -51.57 41.39 13.50
C PHE M 211 -50.61 41.23 12.33
N ALA M 212 -50.31 39.98 11.98
CA ALA M 212 -49.50 39.67 10.81
C ALA M 212 -50.43 39.37 9.63
N ASN M 213 -51.24 40.40 9.33
CA ASN M 213 -52.30 40.43 8.34
C ASN M 213 -53.52 39.74 8.95
N ARG M 214 -53.62 39.85 10.28
CA ARG M 214 -54.70 39.27 11.08
C ARG M 214 -55.21 40.34 12.04
N GLY M 215 -56.46 40.21 12.45
CA GLY M 215 -57.05 41.19 13.35
C GLY M 215 -56.67 40.98 14.81
N GLY M 216 -57.46 41.57 15.69
CA GLY M 216 -57.21 41.52 17.11
C GLY M 216 -58.21 40.74 17.95
N ARG M 217 -59.28 40.27 17.34
CA ARG M 217 -60.29 39.54 18.07
C ARG M 217 -59.94 38.07 18.24
N GLN M 218 -58.82 37.65 17.67
CA GLN M 218 -58.30 36.31 17.91
C GLN M 218 -57.73 36.23 19.31
N GLY M 219 -56.86 37.17 19.66
CA GLY M 219 -56.22 37.38 20.94
C GLY M 219 -57.05 38.14 21.95
N LEU M 220 -58.34 38.38 21.67
CA LEU M 220 -59.19 39.13 22.58
C LEU M 220 -59.15 38.57 24.00
N GLU M 221 -59.07 37.25 24.14
CA GLU M 221 -58.88 36.67 25.47
C GLU M 221 -57.54 37.06 26.06
N ARG M 222 -56.55 37.32 25.20
CA ARG M 222 -55.21 37.71 25.64
C ARG M 222 -55.07 39.22 25.79
N LEU M 223 -55.86 40.01 25.05
CA LEU M 223 -55.68 41.46 25.04
C LEU M 223 -56.18 42.09 26.34
N LEU M 224 -57.31 41.61 26.87
CA LEU M 224 -57.96 42.25 28.01
C LEU M 224 -57.24 42.00 29.34
N VAL M 225 -56.03 41.47 29.32
CA VAL M 225 -55.22 41.26 30.52
C VAL M 225 -54.13 42.32 30.53
N PRO M 226 -53.99 43.09 31.61
CA PRO M 226 -52.94 44.12 31.65
C PRO M 226 -51.54 43.50 31.61
N LYS M 227 -50.73 43.96 30.67
CA LYS M 227 -49.36 43.51 30.54
C LYS M 227 -48.47 44.69 30.17
N CYS M 228 -47.19 44.58 30.50
CA CYS M 228 -46.24 45.65 30.26
C CYS M 228 -45.75 45.62 28.81
N VAL M 229 -44.96 46.63 28.46
CA VAL M 229 -44.31 46.73 27.16
C VAL M 229 -42.82 46.57 27.37
N MET M 230 -42.28 45.43 26.94
CA MET M 230 -40.87 45.11 27.09
C MET M 230 -40.10 45.67 25.90
N LEU M 231 -38.99 46.35 26.17
CA LEU M 231 -38.22 47.00 25.12
C LEU M 231 -36.73 46.83 25.35
N LYS M 232 -35.99 46.73 24.26
CA LYS M 232 -34.54 46.65 24.32
C LYS M 232 -33.97 48.03 24.62
N SER M 233 -32.88 48.07 25.38
CA SER M 233 -32.30 49.32 25.87
C SER M 233 -30.91 49.58 25.31
N ARG M 234 -30.55 48.93 24.20
CA ARG M 234 -29.26 49.14 23.50
C ARG M 234 -28.10 48.97 24.48
N GLY M 235 -27.89 47.71 24.85
CA GLY M 235 -27.02 47.39 25.96
C GLY M 235 -27.94 47.17 27.14
N SER M 236 -28.94 46.32 26.93
CA SER M 236 -30.17 46.42 27.70
C SER M 236 -30.00 45.90 29.12
N ARG M 237 -30.60 46.64 30.04
CA ARG M 237 -30.80 46.26 31.43
C ARG M 237 -32.13 45.53 31.51
N GLY M 238 -32.77 45.53 32.69
CA GLY M 238 -34.08 44.93 32.83
C GLY M 238 -35.04 45.37 31.75
N HIS M 239 -35.55 46.60 31.83
CA HIS M 239 -36.45 47.11 30.81
C HIS M 239 -36.31 48.63 30.75
N VAL M 240 -37.03 49.23 29.81
CA VAL M 240 -37.05 50.67 29.66
C VAL M 240 -38.08 51.25 30.62
N ARG M 241 -37.67 52.25 31.39
CA ARG M 241 -38.56 52.89 32.35
C ARG M 241 -39.30 54.04 31.66
N PHE M 242 -40.26 54.61 32.37
CA PHE M 242 -41.03 55.72 31.83
C PHE M 242 -41.37 56.72 32.92
N GLN M 243 -41.35 57.99 32.52
CA GLN M 243 -41.54 59.14 33.38
C GLN M 243 -42.97 59.69 33.32
N ASP M 244 -43.61 59.58 32.16
CA ASP M 244 -44.91 60.17 31.92
C ASP M 244 -45.51 59.45 30.71
N ALA M 245 -46.81 59.66 30.49
CA ALA M 245 -47.47 59.02 29.37
C ALA M 245 -48.70 59.83 28.99
N PHE M 246 -49.09 59.72 27.73
CA PHE M 246 -50.26 60.42 27.21
C PHE M 246 -50.94 59.53 26.18
N CYS M 247 -52.24 59.73 26.01
CA CYS M 247 -53.04 58.95 25.08
C CYS M 247 -53.65 59.84 24.02
N GLY M 248 -53.34 59.55 22.76
CA GLY M 248 -54.15 60.02 21.66
C GLY M 248 -55.41 59.18 21.56
N ALA M 249 -56.17 59.44 20.50
CA ALA M 249 -57.42 58.71 20.31
C ALA M 249 -57.17 57.23 20.06
N TYR M 250 -56.44 56.92 18.99
CA TYR M 250 -56.11 55.55 18.62
C TYR M 250 -54.61 55.30 18.69
N PHE M 251 -53.90 56.06 19.52
CA PHE M 251 -52.46 55.97 19.61
C PHE M 251 -52.02 56.47 20.99
N THR M 252 -50.75 56.25 21.30
CA THR M 252 -50.25 56.48 22.65
C THR M 252 -48.81 56.96 22.58
N PHE M 253 -48.49 57.95 23.42
CA PHE M 253 -47.14 58.47 23.60
C PHE M 253 -46.67 58.24 25.03
N ALA M 254 -45.35 58.24 25.20
CA ALA M 254 -44.75 58.04 26.52
C ALA M 254 -43.41 58.74 26.59
N ILE M 255 -43.13 59.33 27.75
CA ILE M 255 -41.87 60.03 28.01
C ILE M 255 -41.11 59.26 29.07
N SER M 256 -39.84 58.96 28.80
CA SER M 256 -39.01 58.18 29.70
C SER M 256 -38.04 59.08 30.46
N HIS M 257 -37.30 58.47 31.39
CA HIS M 257 -36.28 59.22 32.13
C HIS M 257 -35.14 59.66 31.23
N GLU M 258 -34.85 58.90 30.18
CA GLU M 258 -33.84 59.29 29.21
C GLU M 258 -34.26 60.51 28.39
N GLY M 259 -35.45 61.04 28.61
CA GLY M 259 -35.96 62.16 27.86
C GLY M 259 -36.52 61.82 26.50
N HIS M 260 -36.32 60.58 26.03
CA HIS M 260 -36.83 60.19 24.72
C HIS M 260 -38.35 60.11 24.74
N VAL M 261 -38.93 60.22 23.54
CA VAL M 261 -40.38 60.20 23.35
C VAL M 261 -40.72 59.00 22.48
N TYR M 262 -41.56 58.12 22.99
CA TYR M 262 -42.03 56.95 22.26
C TYR M 262 -43.51 57.10 21.94
N GLY M 263 -43.96 56.34 20.96
CA GLY M 263 -45.35 56.41 20.53
C GLY M 263 -45.68 55.30 19.57
N PHE M 264 -46.97 54.99 19.47
CA PHE M 264 -47.41 53.89 18.63
C PHE M 264 -48.92 53.97 18.44
N GLY M 265 -49.38 53.49 17.30
CA GLY M 265 -50.78 53.52 16.95
C GLY M 265 -50.93 53.59 15.43
N LEU M 266 -52.04 54.20 15.01
CA LEU M 266 -52.31 54.39 13.59
C LEU M 266 -51.77 55.74 13.13
N SER M 267 -51.04 55.73 12.01
CA SER M 267 -50.46 56.94 11.43
C SER M 267 -50.95 57.12 9.99
N ASN M 268 -52.25 56.91 9.76
CA ASN M 268 -52.79 57.02 8.42
C ASN M 268 -52.65 58.44 7.86
N TYR M 269 -52.86 59.45 8.70
CA TYR M 269 -52.68 60.85 8.31
C TYR M 269 -51.43 61.46 8.92
N HIS M 270 -50.41 60.64 9.18
CA HIS M 270 -49.12 61.11 9.68
C HIS M 270 -49.24 61.77 11.04
N GLN M 271 -50.23 61.36 11.84
CA GLN M 271 -50.49 61.96 13.14
C GLN M 271 -49.56 61.43 14.23
N LEU M 272 -48.56 60.63 13.88
CA LEU M 272 -47.57 60.14 14.83
C LEU M 272 -46.17 60.70 14.59
N GLY M 273 -46.04 61.65 13.67
CA GLY M 273 -44.73 62.18 13.34
C GLY M 273 -43.89 61.28 12.47
N THR M 274 -44.43 60.16 12.02
CA THR M 274 -43.71 59.24 11.16
C THR M 274 -43.78 59.71 9.70
N PRO M 275 -42.73 59.47 8.91
CA PRO M 275 -42.77 59.87 7.51
C PRO M 275 -43.80 59.12 6.69
N GLY M 276 -44.10 57.86 7.04
CA GLY M 276 -45.01 57.05 6.28
C GLY M 276 -46.32 56.79 7.01
N THR M 277 -47.27 56.24 6.27
CA THR M 277 -48.59 55.89 6.79
C THR M 277 -48.64 54.49 7.39
N GLU M 278 -47.50 53.81 7.52
CA GLU M 278 -47.48 52.46 8.04
C GLU M 278 -47.94 52.42 9.49
N SER M 279 -48.71 51.39 9.83
CA SER M 279 -49.16 51.23 11.21
C SER M 279 -48.00 50.84 12.11
N CYS M 280 -47.90 51.49 13.27
CA CYS M 280 -46.81 51.27 14.21
C CYS M 280 -47.32 50.37 15.33
N PHE M 281 -47.00 49.08 15.24
CA PHE M 281 -47.35 48.12 16.29
C PHE M 281 -46.23 47.95 17.30
N ILE M 282 -45.07 48.56 17.07
CA ILE M 282 -43.92 48.50 17.95
C ILE M 282 -43.67 49.92 18.45
N PRO M 283 -43.25 50.11 19.71
CA PRO M 283 -43.00 51.47 20.20
C PRO M 283 -41.81 52.10 19.50
N GLN M 284 -42.03 52.55 18.26
CA GLN M 284 -40.97 53.12 17.45
C GLN M 284 -40.46 54.42 18.07
N ASN M 285 -39.14 54.56 18.16
CA ASN M 285 -38.54 55.80 18.61
C ASN M 285 -38.66 56.84 17.50
N LEU M 286 -39.30 57.97 17.81
CA LEU M 286 -39.62 58.98 16.81
C LEU M 286 -38.43 59.94 16.68
N THR M 287 -37.76 59.88 15.53
CA THR M 287 -36.66 60.79 15.27
C THR M 287 -37.14 62.21 14.99
N SER M 288 -38.41 62.37 14.59
CA SER M 288 -38.94 63.71 14.30
C SER M 288 -39.02 64.58 15.55
N PHE M 289 -38.94 63.99 16.74
CA PHE M 289 -39.03 64.73 17.98
C PHE M 289 -37.69 64.83 18.72
N LYS M 290 -36.65 64.21 18.19
CA LYS M 290 -35.35 64.19 18.87
C LYS M 290 -34.69 65.55 18.77
N ASN M 291 -34.51 66.21 19.91
CA ASN M 291 -33.83 67.49 19.96
C ASN M 291 -33.29 67.70 21.37
N SER M 292 -32.02 68.09 21.47
CA SER M 292 -31.41 68.31 22.78
C SER M 292 -31.96 69.55 23.47
N THR M 293 -32.20 70.62 22.70
CA THR M 293 -32.72 71.85 23.29
C THR M 293 -34.16 71.68 23.73
N LYS M 294 -35.01 71.16 22.84
CA LYS M 294 -36.44 71.02 23.13
C LYS M 294 -36.67 69.82 24.05
N SER M 295 -37.36 70.07 25.16
CA SER M 295 -37.73 69.03 26.11
C SER M 295 -39.25 68.95 26.16
N TRP M 296 -39.80 67.81 25.75
CA TRP M 296 -41.25 67.67 25.64
C TRP M 296 -41.87 67.44 27.00
N VAL M 297 -42.97 68.15 27.27
CA VAL M 297 -43.69 68.04 28.53
C VAL M 297 -45.13 67.59 28.33
N GLY M 298 -45.82 68.13 27.32
CA GLY M 298 -47.24 67.84 27.23
C GLY M 298 -47.71 67.32 25.88
N PHE M 299 -48.48 66.25 25.87
CA PHE M 299 -48.98 65.65 24.64
C PHE M 299 -50.50 65.53 24.67
N SER M 300 -51.08 65.50 23.48
CA SER M 300 -52.52 65.32 23.29
C SER M 300 -52.77 65.03 21.83
N GLY M 301 -53.93 64.44 21.54
CA GLY M 301 -54.25 64.11 20.17
C GLY M 301 -55.68 63.68 19.95
N GLY M 302 -56.21 63.98 18.77
CA GLY M 302 -57.53 63.56 18.37
C GLY M 302 -57.51 62.29 17.54
N GLN M 303 -58.61 62.06 16.82
CA GLN M 303 -58.72 60.83 16.04
C GLN M 303 -57.74 60.81 14.88
N HIS M 304 -57.39 61.97 14.33
CA HIS M 304 -56.42 62.00 13.24
C HIS M 304 -55.47 63.19 13.35
N HIS M 305 -55.42 63.89 14.48
CA HIS M 305 -54.51 65.01 14.65
C HIS M 305 -53.81 64.88 16.00
N THR M 306 -52.79 65.73 16.20
CA THR M 306 -51.99 65.66 17.41
C THR M 306 -51.43 67.04 17.73
N VAL M 307 -51.52 67.43 19.00
CA VAL M 307 -50.97 68.70 19.48
C VAL M 307 -50.12 68.43 20.71
N CYS M 308 -48.97 69.10 20.78
CA CYS M 308 -48.00 68.89 21.85
C CYS M 308 -47.51 70.24 22.36
N MET M 309 -46.64 70.21 23.37
CA MET M 309 -46.10 71.42 23.97
C MET M 309 -44.80 71.08 24.69
N ASP M 310 -43.88 72.04 24.65
CA ASP M 310 -42.53 71.88 25.18
C ASP M 310 -42.41 72.55 26.54
N SER M 311 -41.22 72.41 27.15
CA SER M 311 -40.98 73.01 28.46
C SER M 311 -40.93 74.53 28.41
N GLU M 312 -40.71 75.12 27.22
CA GLU M 312 -40.65 76.57 27.09
C GLU M 312 -42.01 77.20 26.84
N GLY M 313 -43.06 76.41 26.69
CA GLY M 313 -44.41 76.91 26.52
C GLY M 313 -44.91 76.94 25.09
N LYS M 314 -44.05 76.65 24.12
CA LYS M 314 -44.46 76.67 22.71
C LYS M 314 -45.17 75.36 22.37
N ALA M 315 -46.39 75.47 21.87
CA ALA M 315 -47.21 74.32 21.51
C ALA M 315 -47.12 74.06 20.02
N TYR M 316 -46.83 72.82 19.65
CA TYR M 316 -46.71 72.42 18.26
C TYR M 316 -47.90 71.57 17.87
N SER M 317 -48.06 71.35 16.57
CA SER M 317 -49.17 70.54 16.06
C SER M 317 -48.74 69.82 14.81
N LEU M 318 -49.41 68.69 14.55
CA LEU M 318 -49.15 67.90 13.35
C LEU M 318 -50.34 66.95 13.14
N GLY M 319 -50.36 66.33 11.96
CA GLY M 319 -51.42 65.39 11.64
C GLY M 319 -52.29 65.84 10.48
N ARG M 320 -53.51 65.32 10.42
CA ARG M 320 -54.43 65.70 9.35
C ARG M 320 -54.77 67.19 9.45
N ALA M 321 -55.03 67.80 8.30
CA ALA M 321 -55.22 69.25 8.23
C ALA M 321 -56.64 69.67 7.88
N GLU M 322 -57.53 68.73 7.56
CA GLU M 322 -58.86 69.09 7.12
C GLU M 322 -59.67 69.71 8.26
N TYR M 323 -60.64 70.54 7.87
CA TYR M 323 -61.59 71.18 8.79
C TYR M 323 -60.90 72.10 9.79
N GLY M 324 -59.70 72.58 9.47
CA GLY M 324 -59.01 73.53 10.32
C GLY M 324 -58.59 73.00 11.68
N ARG M 325 -58.33 71.69 11.78
CA ARG M 325 -57.98 71.10 13.07
C ARG M 325 -56.54 71.38 13.47
N LEU M 326 -55.69 71.81 12.54
CA LEU M 326 -54.32 72.20 12.89
C LEU M 326 -54.23 73.67 13.28
N GLY M 327 -54.85 74.55 12.50
CA GLY M 327 -54.86 75.97 12.80
C GLY M 327 -53.51 76.64 12.64
N LEU M 328 -52.96 76.61 11.43
CA LEU M 328 -51.66 77.18 11.16
C LEU M 328 -51.73 78.39 10.23
N GLY M 329 -52.28 78.22 9.03
CA GLY M 329 -52.22 79.28 8.03
C GLY M 329 -53.48 79.46 7.19
N GLU M 330 -54.63 79.12 7.75
CA GLU M 330 -55.92 79.25 7.07
C GLU M 330 -55.93 78.45 5.77
N GLY M 331 -55.71 77.16 5.91
CA GLY M 331 -55.69 76.24 4.78
C GLY M 331 -54.33 75.66 4.43
N ALA M 332 -53.38 75.62 5.36
CA ALA M 332 -52.08 75.03 5.09
C ALA M 332 -52.23 73.54 4.79
N GLU M 333 -51.31 73.02 3.97
CA GLU M 333 -51.38 71.63 3.55
C GLU M 333 -51.04 70.69 4.71
N GLU M 334 -51.27 69.40 4.47
CA GLU M 334 -51.04 68.39 5.50
C GLU M 334 -49.58 68.35 5.91
N LYS M 335 -49.34 68.23 7.22
CA LYS M 335 -48.00 68.29 7.79
C LYS M 335 -47.74 67.02 8.60
N SER M 336 -46.58 66.42 8.42
CA SER M 336 -46.17 65.23 9.14
C SER M 336 -45.15 65.53 10.24
N ILE M 337 -44.87 66.79 10.49
CA ILE M 337 -43.84 67.19 11.46
C ILE M 337 -44.46 68.20 12.43
N PRO M 338 -43.91 68.30 13.63
CA PRO M 338 -44.43 69.30 14.59
C PRO M 338 -44.17 70.72 14.08
N THR M 339 -45.21 71.54 14.10
CA THR M 339 -45.16 72.90 13.56
C THR M 339 -45.58 73.88 14.63
N LEU M 340 -44.73 74.87 14.88
CA LEU M 340 -45.03 75.92 15.85
C LEU M 340 -46.21 76.75 15.40
N ILE M 341 -47.06 77.11 16.35
CA ILE M 341 -48.17 78.03 16.12
C ILE M 341 -47.75 79.37 16.71
N SER M 342 -47.35 80.31 15.86
CA SER M 342 -46.82 81.59 16.31
C SER M 342 -47.88 82.44 17.01
N ARG M 343 -49.16 82.18 16.77
CA ARG M 343 -50.23 82.97 17.36
C ARG M 343 -50.49 82.66 18.83
N LEU M 344 -49.75 81.72 19.42
CA LEU M 344 -50.04 81.29 20.79
C LEU M 344 -49.06 81.91 21.76
N PRO M 345 -49.54 82.52 22.86
CA PRO M 345 -48.64 82.96 23.92
C PRO M 345 -48.08 81.79 24.72
N ALA M 346 -47.38 82.08 25.81
CA ALA M 346 -46.83 81.02 26.66
C ALA M 346 -47.95 80.10 27.15
N VAL M 347 -47.94 78.85 26.71
CA VAL M 347 -49.03 77.92 26.97
C VAL M 347 -48.74 77.17 28.25
N SER M 348 -49.75 77.09 29.12
CA SER M 348 -49.62 76.30 30.34
C SER M 348 -49.93 74.82 30.08
N SER M 349 -50.96 74.55 29.28
CA SER M 349 -51.32 73.17 28.98
C SER M 349 -52.10 73.13 27.67
N VAL M 350 -52.05 71.98 27.00
CA VAL M 350 -52.73 71.80 25.73
C VAL M 350 -53.69 70.63 25.84
N ALA M 351 -54.63 70.56 24.90
CA ALA M 351 -55.58 69.45 24.84
C ALA M 351 -56.15 69.36 23.43
N CYS M 352 -56.75 68.21 23.14
CA CYS M 352 -57.32 67.95 21.83
C CYS M 352 -58.69 67.31 22.00
N GLY M 353 -59.62 67.66 21.12
CA GLY M 353 -60.92 67.04 21.05
C GLY M 353 -60.97 65.95 20.00
N ALA M 354 -62.19 65.60 19.60
CA ALA M 354 -62.38 64.63 18.52
C ALA M 354 -61.78 65.17 17.23
N SER M 355 -62.25 66.34 16.79
CA SER M 355 -61.75 66.97 15.58
C SER M 355 -61.29 68.40 15.85
N VAL M 356 -61.07 68.77 17.10
CA VAL M 356 -60.73 70.13 17.47
C VAL M 356 -59.49 70.11 18.35
N GLY M 357 -59.09 71.30 18.81
CA GLY M 357 -57.92 71.47 19.64
C GLY M 357 -58.04 72.72 20.49
N TYR M 358 -57.51 72.63 21.70
CA TYR M 358 -57.63 73.69 22.69
C TYR M 358 -56.28 73.94 23.36
N ALA M 359 -56.02 75.21 23.67
CA ALA M 359 -54.81 75.62 24.38
C ALA M 359 -55.18 76.46 25.58
N VAL M 360 -54.35 76.37 26.62
CA VAL M 360 -54.54 77.11 27.86
C VAL M 360 -53.22 77.77 28.22
N THR M 361 -53.19 79.09 28.21
CA THR M 361 -51.99 79.85 28.52
C THR M 361 -51.79 79.98 30.02
N LYS M 362 -50.58 80.38 30.41
CA LYS M 362 -50.27 80.49 31.83
C LYS M 362 -51.08 81.59 32.51
N ASP M 363 -51.41 82.67 31.79
CA ASP M 363 -52.18 83.74 32.38
C ASP M 363 -53.64 83.36 32.62
N GLY M 364 -54.10 82.25 32.04
CA GLY M 364 -55.46 81.79 32.22
C GLY M 364 -56.33 81.85 30.99
N ARG M 365 -55.83 82.36 29.88
CA ARG M 365 -56.62 82.45 28.66
C ARG M 365 -56.67 81.10 27.95
N VAL M 366 -57.76 80.87 27.23
CA VAL M 366 -57.99 79.61 26.52
C VAL M 366 -58.30 79.92 25.06
N PHE M 367 -57.68 79.18 24.16
CA PHE M 367 -57.88 79.33 22.73
C PHE M 367 -58.42 78.04 22.14
N ALA M 368 -59.25 78.17 21.11
CA ALA M 368 -59.89 77.02 20.46
C ALA M 368 -59.67 77.09 18.97
N TRP M 369 -59.65 75.91 18.33
CA TRP M 369 -59.54 75.86 16.88
C TRP M 369 -59.99 74.49 16.40
N GLY M 370 -60.60 74.46 15.23
CA GLY M 370 -60.99 73.21 14.61
C GLY M 370 -62.39 73.28 14.06
N MET M 371 -62.98 72.11 13.86
CA MET M 371 -64.31 72.01 13.29
C MET M 371 -65.34 72.58 14.25
N GLY M 372 -66.21 73.46 13.74
CA GLY M 372 -67.22 74.08 14.56
C GLY M 372 -68.62 73.54 14.30
N THR M 373 -68.70 72.35 13.69
CA THR M 373 -69.99 71.76 13.39
C THR M 373 -70.81 71.52 14.65
N ASN M 374 -70.14 71.13 15.73
CA ASN M 374 -70.79 70.89 17.01
C ASN M 374 -70.68 72.10 17.94
N TYR M 375 -70.26 73.26 17.41
CA TYR M 375 -70.11 74.48 18.19
C TYR M 375 -69.16 74.30 19.37
N GLN M 376 -68.20 73.38 19.22
CA GLN M 376 -67.20 73.16 20.26
C GLN M 376 -66.23 74.33 20.39
N LEU M 377 -66.21 75.25 19.44
CA LEU M 377 -65.24 76.32 19.44
C LEU M 377 -65.57 77.43 20.42
N GLY M 378 -66.83 77.50 20.89
CA GLY M 378 -67.24 78.54 21.80
C GLY M 378 -67.40 79.91 21.18
N THR M 379 -67.23 80.05 19.88
CA THR M 379 -67.39 81.33 19.20
C THR M 379 -68.84 81.61 18.83
N GLY M 380 -69.75 80.64 18.99
CA GLY M 380 -71.12 80.81 18.56
C GLY M 380 -71.33 80.74 17.07
N GLN M 381 -70.29 80.40 16.30
CA GLN M 381 -70.37 80.30 14.85
C GLN M 381 -69.99 78.88 14.43
N ASP M 382 -70.90 78.21 13.71
CA ASP M 382 -70.61 76.88 13.21
C ASP M 382 -69.59 76.87 12.08
N GLU M 383 -69.12 78.03 11.64
CA GLU M 383 -68.14 78.09 10.56
C GLU M 383 -66.79 77.55 11.03
N ASP M 384 -66.16 76.73 10.18
CA ASP M 384 -64.88 76.13 10.52
C ASP M 384 -63.83 77.20 10.75
N ALA M 385 -63.20 77.19 11.92
CA ALA M 385 -62.24 78.20 12.31
C ALA M 385 -60.82 77.68 12.08
N TRP M 386 -60.06 78.41 11.27
CA TRP M 386 -58.67 78.07 10.99
C TRP M 386 -57.67 78.81 11.88
N SER M 387 -58.12 79.81 12.64
CA SER M 387 -57.24 80.57 13.49
C SER M 387 -57.47 80.24 14.96
N PRO M 388 -56.43 80.31 15.79
CA PRO M 388 -56.62 80.06 17.23
C PRO M 388 -57.42 81.16 17.89
N VAL M 389 -58.74 81.16 17.66
CA VAL M 389 -59.59 82.22 18.19
C VAL M 389 -59.74 82.06 19.70
N GLU M 390 -59.74 83.18 20.41
CA GLU M 390 -59.92 83.15 21.85
C GLU M 390 -61.40 82.97 22.19
N MET M 391 -61.67 82.11 23.15
CA MET M 391 -63.03 81.87 23.59
C MET M 391 -63.44 82.93 24.61
N MET M 392 -64.68 83.38 24.53
CA MET M 392 -65.14 84.43 25.41
C MET M 392 -66.59 84.18 25.81
N GLY M 393 -66.88 84.48 27.07
CA GLY M 393 -68.23 84.33 27.62
C GLY M 393 -68.29 84.94 28.99
N LYS M 394 -69.52 85.18 29.45
CA LYS M 394 -69.68 85.82 30.75
C LYS M 394 -69.12 84.98 31.88
N GLN M 395 -69.25 83.66 31.78
CA GLN M 395 -68.67 82.81 32.81
C GLN M 395 -67.15 82.76 32.74
N LEU M 396 -66.54 83.45 31.79
CA LEU M 396 -65.09 83.61 31.76
C LEU M 396 -64.66 84.96 32.32
N GLU M 397 -65.59 85.87 32.57
CA GLU M 397 -65.24 87.19 33.09
C GLU M 397 -64.70 87.07 34.50
N ASN M 398 -63.53 87.67 34.72
CA ASN M 398 -62.86 87.67 36.02
C ASN M 398 -62.58 86.24 36.50
N ARG M 399 -62.28 85.34 35.56
CA ARG M 399 -61.97 83.96 35.87
C ARG M 399 -60.86 83.47 34.96
N VAL M 400 -60.08 82.52 35.46
CA VAL M 400 -59.00 81.92 34.71
C VAL M 400 -59.31 80.44 34.46
N VAL M 401 -58.79 79.91 33.37
CA VAL M 401 -59.06 78.54 32.97
C VAL M 401 -58.04 77.62 33.62
N LEU M 402 -58.53 76.69 34.44
CA LEU M 402 -57.63 75.72 35.06
C LEU M 402 -57.27 74.60 34.10
N SER M 403 -58.26 73.93 33.51
CA SER M 403 -57.98 72.83 32.61
C SER M 403 -59.04 72.78 31.52
N VAL M 404 -58.79 71.92 30.53
CA VAL M 404 -59.67 71.78 29.38
C VAL M 404 -59.65 70.33 28.91
N SER M 405 -60.82 69.84 28.52
CA SER M 405 -60.93 68.52 27.89
C SER M 405 -62.08 68.59 26.88
N SER M 406 -62.02 67.71 25.89
CA SER M 406 -63.03 67.72 24.85
C SER M 406 -63.24 66.32 24.31
N GLY M 407 -64.51 66.00 24.02
CA GLY M 407 -64.85 64.71 23.47
C GLY M 407 -65.38 64.79 22.05
N GLY M 408 -66.45 64.05 21.78
CA GLY M 408 -67.02 63.98 20.45
C GLY M 408 -67.85 65.19 20.06
N GLN M 409 -68.92 65.45 20.81
CA GLN M 409 -69.85 66.52 20.45
C GLN M 409 -69.91 67.62 21.49
N HIS M 410 -68.92 67.72 22.38
CA HIS M 410 -68.94 68.75 23.41
C HIS M 410 -67.52 69.00 23.91
N THR M 411 -67.43 69.89 24.90
CA THR M 411 -66.16 70.31 25.47
C THR M 411 -66.41 70.83 26.87
N VAL M 412 -65.51 70.48 27.79
CA VAL M 412 -65.64 70.78 29.21
C VAL M 412 -64.41 71.53 29.68
N LEU M 413 -64.63 72.56 30.49
CA LEU M 413 -63.58 73.38 31.07
C LEU M 413 -63.61 73.29 32.58
N LEU M 414 -62.46 73.58 33.20
CA LEU M 414 -62.34 73.79 34.63
C LEU M 414 -61.73 75.16 34.85
N VAL M 415 -62.44 76.02 35.58
CA VAL M 415 -62.08 77.43 35.71
C VAL M 415 -62.08 77.81 37.18
N LYS M 416 -61.37 78.90 37.48
CA LYS M 416 -61.27 79.41 38.84
C LYS M 416 -61.41 80.92 38.83
N ASP M 417 -62.09 81.45 39.86
CA ASP M 417 -62.19 82.89 40.02
C ASP M 417 -60.82 83.51 40.22
N LYS M 418 -60.68 84.76 39.80
CA LYS M 418 -59.41 85.45 39.95
C LYS M 418 -59.12 85.73 41.42
N GLU M 419 -57.84 85.93 41.71
CA GLU M 419 -57.40 86.13 43.09
C GLU M 419 -57.80 87.48 43.65
N GLN M 420 -58.08 88.46 42.80
CA GLN M 420 -58.45 89.78 43.29
C GLN M 420 -59.83 89.74 43.95
N SER M 421 -60.03 90.66 44.88
CA SER M 421 -61.29 90.79 45.63
C SER M 421 -61.71 89.48 46.30
N LYS N 4 96.06 -54.61 40.99
CA LYS N 4 96.88 -53.61 40.33
C LYS N 4 96.25 -53.21 39.00
N ARG N 5 96.48 -51.97 38.59
CA ARG N 5 95.92 -51.43 37.37
C ARG N 5 96.97 -50.58 36.66
N ILE N 6 96.62 -50.18 35.43
CA ILE N 6 97.48 -49.32 34.63
C ILE N 6 97.03 -47.89 34.90
N ALA N 7 97.91 -46.94 34.65
CA ALA N 7 97.59 -45.54 34.86
C ALA N 7 97.05 -44.93 33.58
N LYS N 8 96.32 -43.84 33.73
CA LYS N 8 95.62 -43.27 32.59
C LYS N 8 96.59 -42.49 31.73
N ARG N 9 96.37 -42.54 30.42
CA ARG N 9 97.25 -41.90 29.46
C ARG N 9 96.50 -40.75 28.80
N ARG N 10 97.24 -39.70 28.46
CA ARG N 10 96.62 -38.50 27.95
C ARG N 10 96.27 -38.66 26.47
N SER N 11 95.49 -37.77 26.01
CA SER N 11 95.05 -37.71 24.62
C SER N 11 96.10 -36.97 23.81
N PRO N 12 96.41 -37.39 22.59
CA PRO N 12 97.30 -36.61 21.77
C PRO N 12 96.67 -35.25 21.49
N PRO N 13 97.49 -34.22 21.28
CA PRO N 13 96.94 -32.89 21.06
C PRO N 13 96.00 -32.86 19.86
N ALA N 14 95.01 -31.96 19.93
CA ALA N 14 94.00 -31.84 18.90
C ALA N 14 94.62 -31.23 17.64
N ASP N 15 93.80 -31.02 16.63
CA ASP N 15 94.31 -30.49 15.37
C ASP N 15 94.34 -28.96 15.36
N ALA N 16 94.93 -28.40 16.42
CA ALA N 16 95.05 -26.96 16.68
C ALA N 16 93.80 -26.16 16.32
N ILE N 17 92.63 -26.77 16.47
CA ILE N 17 91.36 -26.13 16.12
C ILE N 17 91.22 -24.68 16.64
N PRO N 18 91.47 -24.37 17.91
CA PRO N 18 91.29 -22.97 18.34
C PRO N 18 92.26 -22.00 17.69
N LYS N 19 93.51 -22.40 17.47
CA LYS N 19 94.47 -21.63 16.67
C LYS N 19 94.58 -20.18 17.15
N SER N 20 95.26 -20.02 18.28
CA SER N 20 95.48 -18.72 18.89
C SER N 20 96.09 -17.72 17.92
N LYS N 21 96.07 -16.43 18.30
CA LYS N 21 96.56 -15.32 17.48
C LYS N 21 95.78 -15.13 16.19
N LYS N 22 94.50 -14.75 16.31
CA LYS N 22 93.70 -14.39 15.14
C LYS N 22 94.12 -13.01 14.64
N VAL N 23 94.61 -12.94 13.43
CA VAL N 23 95.08 -11.68 12.87
C VAL N 23 93.88 -10.87 12.40
N LYS N 24 93.95 -9.55 12.54
CA LYS N 24 92.98 -8.64 11.96
C LYS N 24 93.54 -8.17 10.62
N VAL N 25 92.90 -8.59 9.54
CA VAL N 25 93.42 -8.28 8.22
C VAL N 25 93.23 -6.78 7.96
N SER N 26 94.22 -6.17 7.34
CA SER N 26 94.13 -4.79 6.92
C SER N 26 94.76 -4.65 5.55
N HIS N 27 94.08 -3.93 4.66
CA HIS N 27 94.57 -3.75 3.32
C HIS N 27 94.01 -2.45 2.78
N ARG N 28 94.76 -1.83 1.86
CA ARG N 28 94.37 -0.53 1.34
C ARG N 28 93.11 -0.58 0.47
N SER N 29 92.60 -1.77 0.16
CA SER N 29 91.35 -1.90 -0.58
C SER N 29 90.13 -1.86 0.33
N HIS N 30 90.31 -2.02 1.64
CA HIS N 30 89.19 -1.97 2.56
C HIS N 30 88.62 -0.55 2.62
N SER N 31 87.34 -0.42 2.33
CA SER N 31 86.66 0.86 2.40
C SER N 31 86.26 1.16 3.84
N THR N 32 86.57 2.37 4.29
CA THR N 32 86.35 2.77 5.68
C THR N 32 85.38 3.92 5.84
N GLU N 33 85.48 4.94 5.01
CA GLU N 33 84.67 6.14 5.17
C GLU N 33 83.20 5.81 4.95
N PRO N 34 82.31 6.14 5.89
CA PRO N 34 80.89 5.84 5.70
C PRO N 34 80.27 6.71 4.63
N GLY N 35 79.16 6.25 4.09
CA GLY N 35 78.45 6.97 3.06
C GLY N 35 77.04 6.47 2.89
N LEU N 36 76.48 6.74 1.71
CA LEU N 36 75.12 6.36 1.36
C LEU N 36 75.13 5.69 0.00
N VAL N 37 74.14 4.83 -0.22
CA VAL N 37 74.06 4.00 -1.40
C VAL N 37 73.10 4.62 -2.42
N LEU N 38 73.52 4.64 -3.68
CA LEU N 38 72.68 5.06 -4.79
C LEU N 38 72.62 3.94 -5.81
N THR N 39 71.48 3.83 -6.50
CA THR N 39 71.32 2.83 -7.55
C THR N 39 70.68 3.48 -8.77
N LEU N 40 70.89 2.86 -9.93
CA LEU N 40 70.27 3.31 -11.16
C LEU N 40 70.35 2.21 -12.20
N GLY N 41 69.48 2.29 -13.19
CA GLY N 41 69.41 1.30 -14.25
C GLY N 41 68.17 0.44 -14.14
N GLN N 42 68.18 -0.66 -14.88
CA GLN N 42 67.06 -1.59 -14.86
C GLN N 42 66.93 -2.24 -13.49
N GLY N 43 65.74 -2.17 -12.92
CA GLY N 43 65.45 -2.82 -11.66
C GLY N 43 64.42 -3.92 -11.82
N ASP N 44 64.57 -4.74 -12.87
CA ASP N 44 63.57 -5.73 -13.21
C ASP N 44 63.29 -6.68 -12.04
N VAL N 45 64.33 -7.29 -11.50
CA VAL N 45 64.17 -8.26 -10.42
C VAL N 45 64.49 -7.65 -9.05
N GLY N 46 64.50 -6.31 -8.96
CA GLY N 46 64.67 -5.65 -7.69
C GLY N 46 66.09 -5.34 -7.29
N GLN N 47 67.04 -5.40 -8.24
CA GLN N 47 68.43 -5.09 -7.93
C GLN N 47 68.66 -3.61 -7.65
N LEU N 48 67.62 -2.78 -7.69
CA LEU N 48 67.74 -1.39 -7.27
C LEU N 48 67.37 -1.18 -5.82
N GLY N 49 66.58 -2.08 -5.24
CA GLY N 49 66.25 -2.00 -3.83
C GLY N 49 65.38 -0.82 -3.44
N LEU N 50 64.63 -0.25 -4.38
CA LEU N 50 63.84 0.92 -4.10
C LEU N 50 62.39 0.62 -3.79
N GLY N 51 61.92 -0.59 -4.05
CA GLY N 51 60.55 -0.94 -3.73
C GLY N 51 60.01 -1.98 -4.68
N GLU N 52 58.81 -2.46 -4.36
CA GLU N 52 58.18 -3.49 -5.18
C GLU N 52 57.74 -2.94 -6.52
N ASN N 53 57.33 -1.68 -6.56
CA ASN N 53 56.78 -1.07 -7.76
C ASN N 53 57.81 -0.30 -8.56
N VAL N 54 59.07 -0.28 -8.13
CA VAL N 54 60.11 0.46 -8.82
C VAL N 54 60.82 -0.50 -9.77
N MET N 55 60.66 -0.26 -11.08
CA MET N 55 61.25 -1.13 -12.09
C MET N 55 62.46 -0.52 -12.78
N GLU N 56 62.66 0.80 -12.69
CA GLU N 56 63.70 1.43 -13.49
C GLU N 56 64.01 2.81 -12.93
N ARG N 57 65.29 3.16 -12.93
CA ARG N 57 65.76 4.50 -12.59
C ARG N 57 66.90 4.89 -13.50
N LYS N 58 66.79 6.07 -14.11
CA LYS N 58 67.79 6.53 -15.07
C LYS N 58 68.81 7.48 -14.49
N LYS N 59 68.65 7.90 -13.24
CA LYS N 59 69.62 8.71 -12.52
C LYS N 59 69.60 8.26 -11.07
N PRO N 60 70.67 8.50 -10.32
CA PRO N 60 70.79 7.88 -9.00
C PRO N 60 69.62 8.22 -8.08
N ALA N 61 69.22 7.23 -7.29
CA ALA N 61 68.19 7.39 -6.28
C ALA N 61 68.68 6.79 -4.97
N LEU N 62 68.20 7.33 -3.86
CA LEU N 62 68.68 6.91 -2.54
C LEU N 62 68.00 5.63 -2.11
N VAL N 63 68.78 4.72 -1.56
CA VAL N 63 68.29 3.45 -1.07
C VAL N 63 68.24 3.49 0.44
N SER N 64 67.13 3.05 1.02
CA SER N 64 66.91 3.12 2.45
C SER N 64 67.69 2.02 3.15
N ILE N 65 68.72 2.39 3.90
CA ILE N 65 69.51 1.47 4.70
C ILE N 65 69.47 1.94 6.14
N PRO N 66 69.13 1.09 7.11
CA PRO N 66 69.05 1.54 8.50
C PRO N 66 70.36 2.04 9.08
N GLU N 67 71.49 1.59 8.56
CA GLU N 67 72.80 1.99 9.07
C GLU N 67 73.58 2.70 7.98
N ASP N 68 74.76 3.18 8.35
CA ASP N 68 75.67 3.76 7.37
C ASP N 68 76.35 2.65 6.57
N VAL N 69 76.84 3.00 5.39
CA VAL N 69 77.42 2.04 4.45
C VAL N 69 78.85 2.46 4.15
N VAL N 70 79.78 1.53 4.28
CA VAL N 70 81.19 1.82 4.06
C VAL N 70 81.63 1.36 2.67
N GLN N 71 80.97 0.33 2.14
CA GLN N 71 81.30 -0.18 0.82
C GLN N 71 80.03 -0.73 0.18
N ALA N 72 79.97 -0.62 -1.15
CA ALA N 72 78.84 -1.15 -1.92
C ALA N 72 79.37 -1.76 -3.20
N GLU N 73 78.92 -2.98 -3.50
CA GLU N 73 79.29 -3.67 -4.72
C GLU N 73 78.03 -4.21 -5.40
N ALA N 74 78.01 -4.11 -6.72
CA ALA N 74 76.87 -4.52 -7.53
C ALA N 74 77.21 -5.80 -8.27
N GLY N 75 76.46 -6.86 -7.98
CA GLY N 75 76.63 -8.11 -8.68
C GLY N 75 76.03 -8.08 -10.07
N GLY N 76 75.98 -9.25 -10.69
CA GLY N 76 75.39 -9.39 -12.00
C GLY N 76 73.94 -8.97 -12.04
N MET N 77 73.09 -9.66 -11.29
CA MET N 77 71.68 -9.31 -11.17
C MET N 77 71.27 -9.06 -9.73
N HIS N 78 72.23 -8.83 -8.84
CA HIS N 78 71.94 -8.50 -7.46
C HIS N 78 72.90 -7.41 -6.99
N THR N 79 72.76 -7.02 -5.74
CA THR N 79 73.56 -5.94 -5.18
C THR N 79 73.74 -6.17 -3.69
N VAL N 80 74.95 -5.92 -3.21
CA VAL N 80 75.36 -6.18 -1.83
C VAL N 80 76.01 -4.93 -1.26
N CYS N 81 75.57 -4.55 -0.07
CA CYS N 81 76.10 -3.39 0.66
C CYS N 81 76.65 -3.85 2.00
N LEU N 82 77.75 -3.23 2.42
CA LEU N 82 78.39 -3.52 3.70
C LEU N 82 78.18 -2.36 4.65
N SER N 83 77.58 -2.64 5.80
CA SER N 83 77.28 -1.60 6.76
C SER N 83 78.50 -1.29 7.63
N LYS N 84 78.46 -0.12 8.27
CA LYS N 84 79.52 0.25 9.21
C LYS N 84 79.63 -0.78 10.33
N SER N 85 78.49 -1.22 10.86
CA SER N 85 78.47 -2.16 11.97
C SER N 85 79.08 -3.51 11.62
N GLY N 86 79.27 -3.83 10.35
CA GLY N 86 79.82 -5.09 9.92
C GLY N 86 78.81 -6.02 9.29
N GLN N 87 77.53 -5.84 9.58
CA GLN N 87 76.50 -6.66 8.93
C GLN N 87 76.46 -6.39 7.43
N VAL N 88 75.96 -7.37 6.69
CA VAL N 88 75.86 -7.29 5.24
C VAL N 88 74.39 -7.25 4.86
N TYR N 89 74.05 -6.35 3.93
CA TYR N 89 72.71 -6.27 3.37
C TYR N 89 72.76 -6.67 1.90
N SER N 90 71.74 -7.41 1.47
CA SER N 90 71.70 -7.88 0.09
C SER N 90 70.30 -7.67 -0.46
N PHE N 91 70.23 -7.36 -1.76
CA PHE N 91 68.95 -7.24 -2.46
C PHE N 91 69.19 -7.45 -3.95
N GLY N 92 68.29 -8.19 -4.58
CA GLY N 92 68.41 -8.51 -5.99
C GLY N 92 67.74 -9.84 -6.30
N CYS N 93 68.35 -10.59 -7.20
CA CYS N 93 67.80 -11.87 -7.67
C CYS N 93 68.27 -12.99 -6.76
N ASN N 94 67.32 -13.68 -6.13
CA ASN N 94 67.62 -14.78 -5.23
C ASN N 94 67.41 -16.14 -5.88
N ASP N 95 67.27 -16.19 -7.21
CA ASP N 95 67.03 -17.46 -7.88
C ASP N 95 68.21 -18.42 -7.70
N GLU N 96 69.43 -17.89 -7.65
CA GLU N 96 70.62 -18.70 -7.45
C GLU N 96 71.17 -18.59 -6.05
N GLY N 97 70.45 -17.96 -5.13
CA GLY N 97 70.90 -17.88 -3.76
C GLY N 97 71.97 -16.85 -3.50
N ALA N 98 72.17 -15.89 -4.40
CA ALA N 98 73.21 -14.90 -4.24
C ALA N 98 72.93 -13.91 -3.12
N LEU N 99 71.71 -13.88 -2.59
CA LEU N 99 71.39 -12.96 -1.50
C LEU N 99 71.75 -13.55 -0.14
N GLY N 100 71.58 -14.85 0.02
CA GLY N 100 71.85 -15.46 1.31
C GLY N 100 70.88 -15.05 2.39
N ARG N 101 69.59 -15.03 2.07
CA ARG N 101 68.57 -14.75 3.08
C ARG N 101 67.23 -15.20 2.53
N ASP N 102 66.26 -15.30 3.43
CA ASP N 102 64.95 -15.86 3.10
C ASP N 102 64.13 -14.84 2.32
N THR N 103 63.87 -15.12 1.05
CA THR N 103 62.99 -14.30 0.22
C THR N 103 61.71 -15.04 -0.14
N SER N 104 61.27 -15.95 0.72
CA SER N 104 60.03 -16.68 0.50
C SER N 104 58.86 -15.71 0.32
N VAL N 105 58.76 -14.74 1.22
CA VAL N 105 57.74 -13.69 1.09
C VAL N 105 58.07 -12.86 -0.14
N GLU N 106 57.19 -12.92 -1.15
CA GLU N 106 57.41 -12.15 -2.36
C GLU N 106 57.37 -10.66 -2.05
N GLY N 107 58.33 -9.93 -2.60
CA GLY N 107 58.50 -8.53 -2.28
C GLY N 107 59.64 -8.25 -1.31
N SER N 108 60.15 -9.27 -0.62
CA SER N 108 61.26 -9.10 0.29
C SER N 108 62.60 -9.03 -0.43
N GLU N 109 62.70 -9.62 -1.63
CA GLU N 109 63.89 -9.49 -2.45
C GLU N 109 63.95 -8.14 -3.15
N MET N 110 62.85 -7.38 -3.16
CA MET N 110 62.81 -6.10 -3.83
C MET N 110 63.40 -4.98 -2.99
N VAL N 111 63.58 -5.18 -1.70
CA VAL N 111 64.12 -4.15 -0.82
C VAL N 111 65.33 -4.75 -0.09
N PRO N 112 66.23 -3.89 0.39
CA PRO N 112 67.39 -4.41 1.12
C PRO N 112 66.99 -5.12 2.39
N GLY N 113 67.69 -6.22 2.67
CA GLY N 113 67.42 -6.98 3.87
C GLY N 113 68.73 -7.48 4.48
N LYS N 114 68.65 -7.77 5.78
CA LYS N 114 69.82 -8.21 6.51
C LYS N 114 70.16 -9.66 6.15
N VAL N 115 71.39 -9.89 5.72
CA VAL N 115 71.81 -11.21 5.29
C VAL N 115 71.82 -12.16 6.48
N GLU N 116 71.42 -13.41 6.26
CA GLU N 116 71.39 -14.43 7.31
C GLU N 116 72.83 -14.80 7.63
N LEU N 117 73.48 -13.95 8.42
CA LEU N 117 74.87 -14.11 8.77
C LEU N 117 75.18 -13.19 9.94
N GLN N 118 75.91 -13.71 10.93
CA GLN N 118 76.27 -12.96 12.13
C GLN N 118 77.80 -12.90 12.21
N GLU N 119 78.38 -11.89 11.56
CA GLU N 119 79.82 -11.70 11.56
C GLU N 119 80.10 -10.21 11.46
N LYS N 120 81.37 -9.86 11.68
CA LYS N 120 81.87 -8.52 11.42
C LYS N 120 82.64 -8.57 10.11
N VAL N 121 82.01 -8.10 9.03
CA VAL N 121 82.53 -8.24 7.68
C VAL N 121 83.28 -6.97 7.31
N VAL N 122 84.50 -7.13 6.79
CA VAL N 122 85.32 -5.98 6.40
C VAL N 122 85.35 -5.75 4.89
N GLN N 123 85.12 -6.78 4.08
CA GLN N 123 85.12 -6.59 2.64
C GLN N 123 84.06 -7.48 2.01
N VAL N 124 83.57 -7.06 0.85
CA VAL N 124 82.58 -7.83 0.10
C VAL N 124 82.97 -7.84 -1.37
N SER N 125 82.57 -8.89 -2.07
CA SER N 125 82.77 -8.98 -3.50
C SER N 125 81.64 -9.81 -4.09
N ALA N 126 81.10 -9.35 -5.21
CA ALA N 126 79.94 -9.98 -5.82
C ALA N 126 80.13 -10.06 -7.33
N GLY N 127 79.76 -11.20 -7.89
CA GLY N 127 79.85 -11.42 -9.33
C GLY N 127 78.52 -11.67 -10.00
N ASP N 128 78.49 -12.61 -10.94
CA ASP N 128 77.27 -12.88 -11.69
C ASP N 128 76.20 -13.52 -10.81
N SER N 129 76.52 -14.66 -10.20
CA SER N 129 75.52 -15.45 -9.48
C SER N 129 75.94 -15.78 -8.05
N HIS N 130 76.99 -15.15 -7.53
CA HIS N 130 77.56 -15.54 -6.27
C HIS N 130 77.74 -14.30 -5.41
N THR N 131 78.07 -14.50 -4.14
CA THR N 131 78.44 -13.38 -3.28
C THR N 131 79.39 -13.89 -2.21
N ALA N 132 80.52 -13.21 -2.08
CA ALA N 132 81.57 -13.61 -1.15
C ALA N 132 81.85 -12.47 -0.18
N ALA N 133 82.04 -12.83 1.08
CA ALA N 133 82.33 -11.88 2.14
C ALA N 133 83.65 -12.22 2.81
N LEU N 134 84.34 -11.18 3.27
CA LEU N 134 85.62 -11.30 3.96
C LEU N 134 85.50 -10.65 5.33
N THR N 135 85.66 -11.46 6.38
CA THR N 135 85.53 -11.05 7.77
C THR N 135 86.83 -10.43 8.26
N ASP N 136 86.78 -9.91 9.49
CA ASP N 136 87.94 -9.24 10.07
C ASP N 136 89.07 -10.23 10.33
N ASP N 137 88.73 -11.44 10.78
CA ASP N 137 89.76 -12.40 11.16
C ASP N 137 90.39 -13.09 9.96
N GLY N 138 89.89 -12.86 8.76
CA GLY N 138 90.52 -13.35 7.55
C GLY N 138 89.83 -14.51 6.88
N ARG N 139 88.89 -15.18 7.54
CA ARG N 139 88.20 -16.29 6.90
C ARG N 139 87.13 -15.77 5.96
N VAL N 140 86.93 -16.48 4.85
CA VAL N 140 86.08 -16.03 3.76
C VAL N 140 84.81 -16.85 3.76
N PHE N 141 83.67 -16.16 3.67
CA PHE N 141 82.38 -16.80 3.45
C PHE N 141 81.95 -16.62 2.00
N LEU N 142 81.07 -17.51 1.57
CA LEU N 142 80.65 -17.53 0.17
C LEU N 142 79.29 -18.19 0.08
N TRP N 143 78.40 -17.60 -0.72
CA TRP N 143 77.08 -18.18 -0.93
C TRP N 143 76.62 -17.85 -2.33
N GLY N 144 75.54 -18.51 -2.75
CA GLY N 144 75.09 -18.40 -4.12
C GLY N 144 75.51 -19.59 -4.95
N SER N 145 75.83 -19.36 -6.23
CA SER N 145 76.25 -20.44 -7.10
C SER N 145 77.13 -19.88 -8.21
N PHE N 146 77.82 -20.78 -8.91
CA PHE N 146 78.61 -20.43 -10.08
C PHE N 146 77.94 -20.94 -11.35
N ARG N 147 78.29 -20.31 -12.47
CA ARG N 147 77.84 -20.72 -13.78
C ARG N 147 79.01 -20.59 -14.75
N ASP N 148 78.72 -20.78 -16.03
CA ASP N 148 79.68 -20.62 -17.11
C ASP N 148 78.88 -20.47 -18.40
N ASN N 149 79.55 -20.63 -19.54
CA ASN N 149 78.87 -20.68 -20.82
C ASN N 149 77.93 -21.87 -20.88
N ASN N 150 77.92 -22.66 -19.80
CA ASN N 150 77.12 -23.86 -19.68
C ASN N 150 76.26 -23.83 -18.42
N GLY N 151 75.68 -24.96 -18.05
CA GLY N 151 74.81 -25.04 -16.90
C GLY N 151 75.54 -24.84 -15.59
N VAL N 152 74.82 -25.14 -14.50
CA VAL N 152 75.34 -24.89 -13.16
C VAL N 152 76.47 -25.86 -12.86
N ILE N 153 77.49 -25.37 -12.15
CA ILE N 153 78.65 -26.18 -11.77
C ILE N 153 78.81 -26.27 -10.26
N GLY N 154 77.84 -25.76 -9.50
CA GLY N 154 77.92 -25.79 -8.05
C GLY N 154 78.80 -24.69 -7.49
N LEU N 155 78.99 -24.73 -6.17
CA LEU N 155 79.76 -23.72 -5.45
C LEU N 155 81.04 -24.29 -4.85
N LEU N 156 80.93 -25.29 -3.97
CA LEU N 156 82.07 -26.05 -3.47
C LEU N 156 81.92 -27.54 -3.69
N GLU N 157 80.72 -28.08 -3.49
CA GLU N 157 80.39 -29.43 -3.88
C GLU N 157 79.77 -29.39 -5.27
N PRO N 158 80.31 -30.16 -6.22
CA PRO N 158 79.89 -30.00 -7.62
C PRO N 158 78.40 -30.20 -7.81
N MET N 159 77.81 -29.34 -8.65
CA MET N 159 76.39 -29.38 -9.00
C MET N 159 75.49 -29.17 -7.78
N LYS N 160 75.94 -28.36 -6.83
CA LYS N 160 75.15 -28.03 -5.65
C LYS N 160 75.32 -26.56 -5.32
N LYS N 161 74.25 -25.80 -5.43
CA LYS N 161 74.26 -24.39 -5.05
C LYS N 161 74.05 -24.25 -3.54
N SER N 162 74.28 -23.03 -3.04
CA SER N 162 74.16 -22.74 -1.62
C SER N 162 73.25 -21.53 -1.44
N MET N 163 72.20 -21.70 -0.65
CA MET N 163 71.26 -20.62 -0.36
C MET N 163 71.66 -19.80 0.85
N VAL N 164 72.61 -20.29 1.64
CA VAL N 164 73.04 -19.61 2.88
C VAL N 164 74.55 -19.53 2.87
N PRO N 165 75.12 -18.58 3.62
CA PRO N 165 76.59 -18.45 3.64
C PRO N 165 77.27 -19.72 4.09
N VAL N 166 78.37 -20.04 3.41
CA VAL N 166 79.17 -21.23 3.71
C VAL N 166 80.63 -20.80 3.75
N GLN N 167 81.34 -21.22 4.79
CA GLN N 167 82.74 -20.86 4.94
C GLN N 167 83.60 -21.63 3.94
N VAL N 168 84.52 -20.91 3.29
CA VAL N 168 85.60 -21.53 2.53
C VAL N 168 86.71 -21.78 3.56
N GLN N 169 86.74 -23.01 4.10
CA GLN N 169 87.63 -23.30 5.21
C GLN N 169 89.07 -23.38 4.74
N LEU N 170 89.89 -22.44 5.20
CA LEU N 170 91.30 -22.38 4.83
C LEU N 170 92.12 -22.08 6.07
N ASP N 171 93.32 -22.67 6.13
CA ASP N 171 94.18 -22.47 7.29
C ASP N 171 94.81 -21.08 7.31
N VAL N 172 94.96 -20.45 6.15
CA VAL N 172 95.65 -19.17 6.04
C VAL N 172 94.60 -18.06 6.00
N PRO N 173 94.75 -17.01 6.80
CA PRO N 173 93.83 -15.87 6.70
C PRO N 173 93.96 -15.17 5.35
N VAL N 174 92.86 -14.55 4.94
CA VAL N 174 92.77 -13.88 3.64
C VAL N 174 92.63 -12.37 3.89
N VAL N 175 93.44 -11.58 3.19
CA VAL N 175 93.39 -10.13 3.35
C VAL N 175 92.54 -9.44 2.29
N LYS N 176 92.33 -10.05 1.13
CA LYS N 176 91.50 -9.43 0.11
C LYS N 176 90.73 -10.50 -0.65
N VAL N 177 89.48 -10.17 -1.00
CA VAL N 177 88.68 -11.01 -1.87
C VAL N 177 88.35 -10.20 -3.13
N ALA N 178 88.26 -10.89 -4.26
CA ALA N 178 87.92 -10.23 -5.50
C ALA N 178 87.17 -11.22 -6.39
N SER N 179 86.10 -10.73 -7.03
CA SER N 179 85.17 -11.58 -7.76
C SER N 179 85.06 -11.11 -9.21
N GLY N 180 85.16 -12.06 -10.13
CA GLY N 180 84.72 -11.87 -11.49
C GLY N 180 83.26 -12.24 -11.62
N ASN N 181 82.86 -12.59 -12.84
CA ASN N 181 81.50 -13.09 -13.04
C ASN N 181 81.30 -14.42 -12.32
N ASP N 182 82.12 -15.41 -12.66
CA ASP N 182 81.94 -16.76 -12.13
C ASP N 182 83.26 -17.36 -11.65
N HIS N 183 84.17 -16.51 -11.16
CA HIS N 183 85.35 -17.01 -10.48
C HIS N 183 85.64 -16.10 -9.30
N LEU N 184 86.43 -16.62 -8.37
CA LEU N 184 86.76 -15.90 -7.13
C LEU N 184 88.23 -16.07 -6.80
N VAL N 185 88.90 -14.95 -6.54
CA VAL N 185 90.29 -14.98 -6.12
C VAL N 185 90.38 -14.41 -4.71
N MET N 186 91.31 -14.97 -3.94
CA MET N 186 91.53 -14.62 -2.53
C MET N 186 93.01 -14.40 -2.33
N LEU N 187 93.38 -13.16 -2.00
CA LEU N 187 94.75 -12.82 -1.67
C LEU N 187 94.93 -12.92 -0.16
N THR N 188 95.88 -13.75 0.26
CA THR N 188 96.15 -14.01 1.67
C THR N 188 97.18 -13.02 2.20
N ALA N 189 97.43 -13.10 3.51
CA ALA N 189 98.46 -12.27 4.12
C ALA N 189 99.84 -12.62 3.59
N ASP N 190 100.16 -13.92 3.56
CA ASP N 190 101.48 -14.39 3.12
C ASP N 190 101.75 -14.13 1.64
N GLY N 191 100.81 -13.55 0.90
CA GLY N 191 100.99 -13.30 -0.51
C GLY N 191 100.51 -14.41 -1.42
N ASP N 192 100.20 -15.58 -0.87
CA ASP N 192 99.65 -16.67 -1.68
C ASP N 192 98.29 -16.25 -2.24
N LEU N 193 98.03 -16.64 -3.48
CA LEU N 193 96.83 -16.24 -4.20
C LEU N 193 96.02 -17.49 -4.54
N TYR N 194 94.92 -17.70 -3.83
CA TYR N 194 94.03 -18.82 -4.09
C TYR N 194 92.95 -18.42 -5.08
N THR N 195 92.50 -19.40 -5.87
CA THR N 195 91.42 -19.19 -6.82
C THR N 195 90.43 -20.33 -6.74
N LEU N 196 89.20 -20.05 -7.14
CA LEU N 196 88.17 -21.08 -7.22
C LEU N 196 87.10 -20.61 -8.19
N GLY N 197 86.24 -21.54 -8.56
CA GLY N 197 85.18 -21.28 -9.50
C GLY N 197 85.43 -21.92 -10.85
N CYS N 198 84.70 -21.43 -11.85
CA CYS N 198 84.86 -21.93 -13.21
C CYS N 198 86.20 -21.52 -13.78
N GLY N 199 86.70 -22.35 -14.70
CA GLY N 199 87.94 -22.07 -15.40
C GLY N 199 87.85 -22.32 -16.89
N GLU N 200 86.62 -22.34 -17.41
CA GLU N 200 86.40 -22.68 -18.82
C GLU N 200 87.27 -21.84 -19.74
N GLN N 201 87.33 -20.53 -19.50
CA GLN N 201 88.15 -19.63 -20.30
C GLN N 201 89.52 -19.38 -19.68
N GLY N 202 89.85 -20.08 -18.60
CA GLY N 202 91.15 -19.94 -17.98
C GLY N 202 91.27 -18.83 -16.97
N GLN N 203 90.17 -18.37 -16.40
CA GLN N 203 90.19 -17.33 -15.37
C GLN N 203 90.67 -17.84 -14.01
N LEU N 204 91.12 -19.08 -13.93
CA LEU N 204 91.72 -19.62 -12.71
C LEU N 204 93.24 -19.62 -12.75
N GLY N 205 93.83 -19.90 -13.91
CA GLY N 205 95.26 -19.82 -14.09
C GLY N 205 96.06 -21.00 -13.58
N ARG N 206 95.50 -21.80 -12.67
CA ARG N 206 96.22 -22.92 -12.08
C ARG N 206 95.80 -24.28 -12.61
N VAL N 207 95.07 -24.32 -13.72
CA VAL N 207 94.64 -25.61 -14.29
C VAL N 207 94.92 -25.65 -15.79
N PRO N 208 96.18 -25.76 -16.21
CA PRO N 208 96.49 -25.82 -17.65
C PRO N 208 96.04 -27.11 -18.32
N GLU N 209 96.47 -28.25 -17.79
CA GLU N 209 96.36 -29.51 -18.53
C GLU N 209 94.93 -30.00 -18.70
N LEU N 210 93.99 -29.54 -17.87
CA LEU N 210 92.61 -29.97 -18.00
C LEU N 210 92.00 -29.50 -19.31
N PHE N 211 92.54 -28.43 -19.89
CA PHE N 211 91.99 -27.80 -21.09
C PHE N 211 93.00 -27.95 -22.23
N ALA N 212 93.48 -29.18 -22.42
CA ALA N 212 94.40 -29.51 -23.52
C ALA N 212 93.63 -30.04 -24.72
N ASN N 213 92.74 -29.17 -25.22
CA ASN N 213 91.82 -29.41 -26.32
C ASN N 213 90.66 -30.24 -25.80
N ARG N 214 90.31 -30.02 -24.53
CA ARG N 214 89.24 -30.71 -23.85
C ARG N 214 88.34 -29.70 -23.17
N GLY N 215 87.30 -30.19 -22.49
CA GLY N 215 86.36 -29.34 -21.81
C GLY N 215 86.80 -28.91 -20.42
N GLY N 216 85.81 -28.50 -19.64
CA GLY N 216 85.97 -27.99 -18.29
C GLY N 216 85.37 -28.84 -17.19
N ARG N 217 84.30 -29.55 -17.53
CA ARG N 217 83.51 -30.31 -16.56
C ARG N 217 84.14 -31.64 -16.18
N GLN N 218 85.32 -31.96 -16.70
CA GLN N 218 86.03 -33.16 -16.28
C GLN N 218 86.59 -32.99 -14.87
N GLY N 219 87.37 -31.93 -14.66
CA GLY N 219 88.03 -31.53 -13.45
C GLY N 219 87.21 -30.76 -12.43
N LEU N 220 85.89 -30.68 -12.60
CA LEU N 220 85.05 -29.92 -11.69
C LEU N 220 85.29 -30.29 -10.23
N GLU N 221 85.58 -31.57 -9.95
CA GLU N 221 85.96 -31.95 -8.58
C GLU N 221 87.27 -31.30 -8.16
N ARG N 222 88.14 -30.99 -9.11
CA ARG N 222 89.42 -30.34 -8.83
C ARG N 222 89.32 -28.82 -8.78
N LEU N 223 88.37 -28.24 -9.51
CA LEU N 223 88.32 -26.78 -9.63
C LEU N 223 87.79 -26.13 -8.36
N LEU N 224 86.77 -26.72 -7.74
CA LEU N 224 86.08 -26.11 -6.61
C LEU N 224 86.87 -26.17 -5.30
N VAL N 225 88.13 -26.58 -5.33
CA VAL N 225 88.99 -26.60 -4.16
C VAL N 225 89.96 -25.43 -4.27
N PRO N 226 90.06 -24.56 -3.26
CA PRO N 226 90.99 -23.43 -3.34
C PRO N 226 92.44 -23.91 -3.38
N LYS N 227 93.18 -23.45 -4.39
CA LYS N 227 94.59 -23.77 -4.52
C LYS N 227 95.34 -22.54 -5.02
N CYS N 228 96.64 -22.52 -4.73
CA CYS N 228 97.48 -21.39 -5.10
C CYS N 228 97.95 -21.50 -6.55
N VAL N 229 98.63 -20.46 -7.02
CA VAL N 229 99.23 -20.42 -8.34
C VAL N 229 100.74 -20.39 -8.18
N MET N 230 101.40 -21.50 -8.54
CA MET N 230 102.85 -21.65 -8.42
C MET N 230 103.52 -21.12 -9.67
N LEU N 231 104.58 -20.32 -9.50
CA LEU N 231 105.25 -19.68 -10.63
C LEU N 231 106.77 -19.72 -10.47
N LYS N 232 107.44 -19.84 -11.61
CA LYS N 232 108.91 -19.85 -11.69
C LYS N 232 109.47 -18.44 -11.56
N SER N 233 110.06 -18.15 -10.40
CA SER N 233 110.60 -16.85 -10.05
C SER N 233 111.96 -16.53 -10.70
N ARG N 234 112.37 -17.21 -11.78
CA ARG N 234 113.59 -16.90 -12.55
C ARG N 234 114.82 -16.90 -11.64
N GLY N 235 115.22 -18.12 -11.24
CA GLY N 235 116.17 -18.25 -10.16
C GLY N 235 115.30 -18.31 -8.93
N SER N 236 114.37 -19.26 -8.97
CA SER N 236 113.13 -19.16 -8.22
C SER N 236 113.35 -19.35 -6.73
N ARG N 237 112.58 -18.60 -5.96
CA ARG N 237 112.44 -18.75 -4.53
C ARG N 237 111.34 -19.78 -4.29
N GLY N 238 110.75 -19.79 -3.10
CA GLY N 238 109.59 -20.63 -2.86
C GLY N 238 108.58 -20.43 -3.97
N HIS N 239 107.93 -19.26 -3.98
CA HIS N 239 106.97 -18.92 -5.01
C HIS N 239 106.98 -17.40 -5.20
N VAL N 240 106.19 -16.95 -6.18
CA VAL N 240 106.06 -15.52 -6.45
C VAL N 240 105.00 -14.95 -5.51
N ARG N 241 105.34 -13.86 -4.84
CA ARG N 241 104.41 -13.21 -3.93
C ARG N 241 103.53 -12.22 -4.69
N PHE N 242 102.54 -11.70 -3.98
CA PHE N 242 101.63 -10.73 -4.59
C PHE N 242 101.21 -9.67 -3.58
N GLN N 243 101.09 -8.45 -4.09
CA GLN N 243 100.78 -7.25 -3.33
C GLN N 243 99.31 -6.87 -3.39
N ASP N 244 98.65 -7.14 -4.51
CA ASP N 244 97.29 -6.72 -4.77
C ASP N 244 96.74 -7.59 -5.88
N ALA N 245 95.43 -7.54 -6.08
CA ALA N 245 94.80 -8.35 -7.12
C ALA N 245 93.48 -7.71 -7.52
N PHE N 246 93.08 -7.97 -8.77
CA PHE N 246 91.82 -7.46 -9.30
C PHE N 246 91.21 -8.50 -10.22
N CYS N 247 89.90 -8.45 -10.36
CA CYS N 247 89.16 -9.40 -11.18
C CYS N 247 88.43 -8.66 -12.29
N GLY N 248 88.73 -9.04 -13.54
CA GLY N 248 87.85 -8.76 -14.65
C GLY N 248 86.68 -9.73 -14.63
N ALA N 249 85.87 -9.65 -15.68
CA ALA N 249 84.70 -10.51 -15.76
C ALA N 249 85.10 -11.98 -15.89
N TYR N 250 85.84 -12.32 -16.95
CA TYR N 250 86.29 -13.68 -17.18
C TYR N 250 87.82 -13.77 -17.15
N PHE N 251 88.46 -12.85 -16.42
CA PHE N 251 89.91 -12.78 -16.36
C PHE N 251 90.33 -12.13 -15.06
N THR N 252 91.63 -12.20 -14.78
CA THR N 252 92.14 -11.79 -13.49
C THR N 252 93.52 -11.17 -13.64
N PHE N 253 93.76 -10.08 -12.89
CA PHE N 253 95.04 -9.40 -12.83
C PHE N 253 95.56 -9.45 -11.40
N ALA N 254 96.87 -9.30 -11.26
CA ALA N 254 97.52 -9.31 -9.95
C ALA N 254 98.79 -8.48 -10.00
N ILE N 255 99.04 -7.73 -8.93
CA ILE N 255 100.23 -6.90 -8.78
C ILE N 255 101.09 -7.47 -7.67
N SER N 256 102.37 -7.67 -7.96
CA SER N 256 103.29 -8.28 -7.01
C SER N 256 104.17 -7.23 -6.36
N HIS N 257 104.98 -7.68 -5.40
CA HIS N 257 105.93 -6.77 -4.75
C HIS N 257 107.00 -6.29 -5.73
N GLU N 258 107.34 -7.11 -6.71
CA GLU N 258 108.29 -6.70 -7.74
C GLU N 258 107.73 -5.62 -8.65
N GLY N 259 106.47 -5.19 -8.43
CA GLY N 259 105.84 -4.21 -9.28
C GLY N 259 105.30 -4.73 -10.58
N HIS N 260 105.61 -5.97 -10.95
CA HIS N 260 105.13 -6.54 -12.20
C HIS N 260 103.63 -6.78 -12.14
N VAL N 261 103.02 -6.85 -13.31
CA VAL N 261 101.57 -7.03 -13.46
C VAL N 261 101.33 -8.33 -14.21
N TYR N 262 100.60 -9.25 -13.58
CA TYR N 262 100.25 -10.51 -14.20
C TYR N 262 98.75 -10.54 -14.47
N GLY N 263 98.36 -11.44 -15.36
CA GLY N 263 96.96 -11.55 -15.74
C GLY N 263 96.74 -12.78 -16.59
N PHE N 264 95.48 -13.21 -16.63
CA PHE N 264 95.13 -14.43 -17.34
C PHE N 264 93.62 -14.52 -17.48
N GLY N 265 93.18 -15.14 -18.57
CA GLY N 265 91.78 -15.29 -18.87
C GLY N 265 91.59 -15.37 -20.38
N LEU N 266 90.41 -14.92 -20.83
CA LEU N 266 90.09 -14.89 -22.25
C LEU N 266 90.47 -13.53 -22.84
N SER N 267 91.17 -13.57 -23.98
CA SER N 267 91.61 -12.37 -24.68
C SER N 267 91.06 -12.36 -26.11
N ASN N 268 89.78 -12.71 -26.27
CA ASN N 268 89.19 -12.79 -27.60
C ASN N 268 89.17 -11.42 -28.28
N TYR N 269 88.87 -10.36 -27.53
CA TYR N 269 88.88 -9.00 -28.05
C TYR N 269 90.08 -8.20 -27.54
N HIS N 270 91.19 -8.89 -27.25
CA HIS N 270 92.44 -8.24 -26.85
C HIS N 270 92.28 -7.47 -25.54
N GLN N 271 91.36 -7.91 -24.69
CA GLN N 271 91.07 -7.23 -23.43
C GLN N 271 92.07 -7.56 -22.33
N LEU N 272 93.16 -8.28 -22.65
CA LEU N 272 94.20 -8.59 -21.69
C LEU N 272 95.53 -7.91 -22.03
N GLY N 273 95.55 -7.04 -23.03
CA GLY N 273 96.77 -6.40 -23.46
C GLY N 273 97.69 -7.29 -24.27
N THR N 274 97.27 -8.51 -24.61
CA THR N 274 98.08 -9.41 -25.41
C THR N 274 97.92 -9.09 -26.89
N PRO N 275 98.97 -9.30 -27.69
CA PRO N 275 98.85 -9.03 -29.13
C PRO N 275 97.87 -9.96 -29.84
N GLY N 276 97.73 -11.20 -29.38
CA GLY N 276 96.88 -12.18 -30.02
C GLY N 276 95.63 -12.50 -29.21
N THR N 277 94.72 -13.21 -29.88
CA THR N 277 93.46 -13.64 -29.28
C THR N 277 93.57 -14.98 -28.56
N GLU N 278 94.78 -15.51 -28.41
CA GLU N 278 94.94 -16.81 -27.76
C GLU N 278 94.52 -16.75 -26.30
N SER N 279 93.88 -17.82 -25.84
CA SER N 279 93.46 -17.90 -24.45
C SER N 279 94.68 -18.08 -23.55
N CYS N 280 94.74 -17.32 -22.46
CA CYS N 280 95.87 -17.35 -21.54
C CYS N 280 95.49 -18.20 -20.32
N PHE N 281 95.95 -19.44 -20.31
CA PHE N 281 95.73 -20.32 -19.18
C PHE N 281 96.90 -20.29 -18.19
N ILE N 282 97.97 -19.58 -18.52
CA ILE N 282 99.14 -19.44 -17.67
C ILE N 282 99.26 -17.97 -17.29
N PRO N 283 99.69 -17.63 -16.07
CA PRO N 283 99.82 -16.21 -15.72
C PRO N 283 100.92 -15.53 -16.51
N GLN N 284 100.63 -15.23 -17.77
CA GLN N 284 101.61 -14.62 -18.66
C GLN N 284 101.99 -13.23 -18.17
N ASN N 285 103.28 -12.95 -18.16
CA ASN N 285 103.76 -11.61 -17.84
C ASN N 285 103.50 -10.69 -19.02
N LEU N 286 102.76 -9.61 -18.79
CA LEU N 286 102.31 -8.72 -19.86
C LEU N 286 103.38 -7.67 -20.12
N THR N 287 104.02 -7.77 -21.29
CA THR N 287 105.01 -6.77 -21.68
C THR N 287 104.37 -5.44 -22.07
N SER N 288 103.08 -5.45 -22.42
CA SER N 288 102.41 -4.22 -22.81
C SER N 288 102.25 -3.24 -21.65
N PHE N 289 102.43 -3.71 -20.41
CA PHE N 289 102.29 -2.86 -19.23
C PHE N 289 103.62 -2.56 -18.56
N LYS N 290 104.73 -3.12 -19.07
CA LYS N 290 106.02 -2.96 -18.42
C LYS N 290 106.53 -1.54 -18.66
N ASN N 291 106.66 -0.76 -17.59
CA ASN N 291 107.21 0.59 -17.67
C ASN N 291 107.76 0.97 -16.31
N SER N 292 108.98 1.50 -16.29
CA SER N 292 109.60 1.89 -15.03
C SER N 292 108.94 3.13 -14.45
N THR N 293 108.57 4.08 -15.29
CA THR N 293 107.94 5.31 -14.81
C THR N 293 106.54 5.04 -14.30
N LYS N 294 105.72 4.36 -15.10
CA LYS N 294 104.33 4.10 -14.75
C LYS N 294 104.24 2.98 -13.73
N SER N 295 103.57 3.25 -12.61
CA SER N 295 103.33 2.27 -11.56
C SER N 295 101.83 2.05 -11.46
N TRP N 296 101.39 0.83 -11.75
CA TRP N 296 99.97 0.54 -11.80
C TRP N 296 99.40 0.37 -10.41
N VAL N 297 98.24 0.98 -10.17
CA VAL N 297 97.57 0.91 -8.88
C VAL N 297 96.18 0.30 -8.99
N GLY N 298 95.41 0.67 -10.02
CA GLY N 298 94.03 0.22 -10.04
C GLY N 298 93.58 -0.46 -11.31
N PHE N 299 92.93 -1.62 -11.20
CA PHE N 299 92.48 -2.38 -12.35
C PHE N 299 90.98 -2.64 -12.26
N SER N 300 90.37 -2.83 -13.42
CA SER N 300 88.96 -3.17 -13.53
C SER N 300 88.70 -3.62 -14.97
N GLY N 301 87.61 -4.35 -15.16
CA GLY N 301 87.28 -4.85 -16.48
C GLY N 301 85.90 -5.44 -16.61
N GLY N 302 85.31 -5.31 -17.80
CA GLY N 302 84.03 -5.88 -18.11
C GLY N 302 84.17 -7.21 -18.82
N GLN N 303 83.09 -7.62 -19.49
CA GLN N 303 83.07 -8.93 -20.14
C GLN N 303 84.02 -8.96 -21.32
N HIS N 304 84.23 -7.83 -22.00
CA HIS N 304 85.18 -7.80 -23.10
C HIS N 304 86.01 -6.53 -23.14
N HIS N 305 86.01 -5.72 -22.08
CA HIS N 305 86.80 -4.50 -22.02
C HIS N 305 87.54 -4.43 -20.69
N THR N 306 88.47 -3.49 -20.60
CA THR N 306 89.32 -3.35 -19.43
C THR N 306 89.74 -1.90 -19.26
N VAL N 307 89.63 -1.39 -18.04
CA VAL N 307 90.05 -0.02 -17.69
C VAL N 307 90.96 -0.08 -16.47
N CYS N 308 92.03 0.70 -16.50
CA CYS N 308 93.04 0.70 -15.45
C CYS N 308 93.40 2.14 -15.08
N MET N 309 94.28 2.28 -14.10
CA MET N 309 94.72 3.58 -13.62
C MET N 309 96.06 3.43 -12.92
N ASP N 310 96.89 4.47 -13.07
CA ASP N 310 98.26 4.50 -12.59
C ASP N 310 98.35 5.30 -11.29
N SER N 311 99.56 5.34 -10.72
CA SER N 311 99.78 6.07 -9.48
C SER N 311 99.66 7.58 -9.67
N GLU N 312 99.77 8.08 -10.90
CA GLU N 312 99.67 9.51 -11.15
C GLU N 312 98.24 9.96 -11.40
N GLY N 313 97.28 9.05 -11.46
CA GLY N 313 95.88 9.40 -11.63
C GLY N 313 95.34 9.26 -13.04
N LYS N 314 96.20 8.98 -14.02
CA LYS N 314 95.76 8.84 -15.40
C LYS N 314 95.17 7.44 -15.61
N ALA N 315 93.93 7.39 -16.09
CA ALA N 315 93.23 6.13 -16.31
C ALA N 315 93.32 5.75 -17.78
N TYR N 316 93.73 4.52 -18.04
CA TYR N 316 93.85 4.00 -19.40
C TYR N 316 92.73 2.99 -19.65
N SER N 317 92.58 2.62 -20.93
CA SER N 317 91.54 1.68 -21.31
C SER N 317 92.02 0.87 -22.51
N LEU N 318 91.46 -0.33 -22.64
CA LEU N 318 91.76 -1.21 -23.77
C LEU N 318 90.69 -2.28 -23.85
N GLY N 319 90.70 -3.01 -24.96
CA GLY N 319 89.74 -4.07 -25.18
C GLY N 319 88.80 -3.82 -26.34
N ARG N 320 87.64 -4.47 -26.32
CA ARG N 320 86.67 -4.29 -27.38
C ARG N 320 86.17 -2.85 -27.41
N ALA N 321 85.81 -2.37 -28.60
CA ALA N 321 85.48 -0.97 -28.80
C ALA N 321 84.01 -0.73 -29.12
N GLU N 322 83.21 -1.78 -29.33
CA GLU N 322 81.84 -1.60 -29.74
C GLU N 322 81.00 -0.97 -28.64
N TYR N 323 79.93 -0.28 -29.04
CA TYR N 323 78.95 0.33 -28.15
C TYR N 323 79.58 1.41 -27.26
N GLY N 324 80.71 1.98 -27.68
CA GLY N 324 81.31 3.07 -26.93
C GLY N 324 81.82 2.71 -25.55
N ARG N 325 82.22 1.46 -25.35
CA ARG N 325 82.67 1.03 -24.03
C ARG N 325 84.07 1.49 -23.70
N LEU N 326 84.84 1.93 -24.69
CA LEU N 326 86.16 2.50 -24.42
C LEU N 326 86.09 4.00 -24.16
N GLY N 327 85.37 4.73 -24.99
CA GLY N 327 85.20 6.16 -24.79
C GLY N 327 86.46 6.95 -25.06
N LEU N 328 86.98 6.87 -26.29
CA LEU N 328 88.21 7.55 -26.65
C LEU N 328 88.00 8.65 -27.69
N GLY N 329 87.45 8.31 -28.85
CA GLY N 329 87.38 9.28 -29.93
C GLY N 329 86.10 9.26 -30.75
N GLU N 330 84.99 8.85 -30.12
CA GLU N 330 83.68 8.79 -30.78
C GLU N 330 83.73 7.87 -32.00
N GLY N 331 84.09 6.62 -31.75
CA GLY N 331 84.19 5.62 -32.79
C GLY N 331 85.59 5.15 -33.14
N ALA N 332 86.56 5.29 -32.25
CA ALA N 332 87.90 4.81 -32.51
C ALA N 332 87.90 3.29 -32.69
N GLU N 333 88.86 2.80 -33.48
CA GLU N 333 88.92 1.38 -33.77
C GLU N 333 89.38 0.59 -32.54
N GLU N 334 89.27 -0.72 -32.65
CA GLU N 334 89.63 -1.60 -31.53
C GLU N 334 91.10 -1.47 -31.18
N LYS N 335 91.39 -1.44 -29.88
CA LYS N 335 92.73 -1.20 -29.38
C LYS N 335 93.15 -2.35 -28.47
N SER N 336 94.38 -2.84 -28.66
CA SER N 336 94.92 -3.91 -27.83
C SER N 336 95.92 -3.42 -26.80
N ILE N 337 96.08 -2.10 -26.66
CA ILE N 337 97.08 -1.53 -25.77
C ILE N 337 96.39 -0.51 -24.89
N PRO N 338 96.95 -0.23 -23.70
CA PRO N 338 96.36 0.79 -22.82
C PRO N 338 96.45 2.17 -23.45
N THR N 339 95.33 2.87 -23.46
CA THR N 339 95.22 4.17 -24.11
C THR N 339 94.74 5.22 -23.12
N LEU N 340 95.49 6.30 -23.00
CA LEU N 340 95.11 7.40 -22.12
C LEU N 340 93.82 8.06 -22.61
N ILE N 341 92.97 8.43 -21.67
CA ILE N 341 91.76 9.20 -21.94
C ILE N 341 92.04 10.62 -21.49
N SER N 342 92.32 11.51 -22.44
CA SER N 342 92.73 12.87 -22.12
C SER N 342 91.61 13.66 -21.46
N ARG N 343 90.36 13.26 -21.63
CA ARG N 343 89.23 13.99 -21.09
C ARG N 343 89.06 13.79 -19.59
N LEU N 344 89.90 12.98 -18.95
CA LEU N 344 89.69 12.65 -17.54
C LEU N 344 90.63 13.46 -16.65
N PRO N 345 90.10 14.11 -15.60
CA PRO N 345 90.98 14.74 -14.61
C PRO N 345 91.67 13.70 -13.73
N ALA N 346 92.36 14.15 -12.69
CA ALA N 346 93.02 13.24 -11.75
C ALA N 346 92.01 12.27 -11.15
N VAL N 347 92.13 11.00 -11.48
CA VAL N 347 91.15 9.99 -11.10
C VAL N 347 91.55 9.38 -9.76
N SER N 348 90.58 9.29 -8.85
CA SER N 348 90.83 8.62 -7.58
C SER N 348 90.69 7.11 -7.70
N SER N 349 89.66 6.64 -8.42
CA SER N 349 89.45 5.21 -8.58
C SER N 349 88.65 4.96 -9.85
N VAL N 350 88.80 3.78 -10.42
CA VAL N 350 88.11 3.41 -11.65
C VAL N 350 87.29 2.15 -11.41
N ALA N 351 86.34 1.90 -12.32
CA ALA N 351 85.54 0.69 -12.25
C ALA N 351 84.94 0.42 -13.61
N CYS N 352 84.47 -0.81 -13.80
CA CYS N 352 83.88 -1.25 -15.06
C CYS N 352 82.60 -2.02 -14.79
N GLY N 353 81.62 -1.84 -15.66
CA GLY N 353 80.39 -2.58 -15.62
C GLY N 353 80.42 -3.76 -16.58
N ALA N 354 79.22 -4.26 -16.90
CA ALA N 354 79.11 -5.32 -17.89
C ALA N 354 79.60 -4.85 -19.25
N SER N 355 78.99 -3.78 -19.77
CA SER N 355 79.40 -3.22 -21.05
C SER N 355 79.72 -1.74 -20.94
N VAL N 356 79.95 -1.23 -19.73
CA VAL N 356 80.16 0.18 -19.48
C VAL N 356 81.42 0.37 -18.65
N GLY N 357 81.70 1.62 -18.32
CA GLY N 357 82.86 1.99 -17.54
C GLY N 357 82.64 3.29 -16.79
N TYR N 358 83.19 3.38 -15.59
CA TYR N 358 82.98 4.51 -14.70
C TYR N 358 84.30 4.96 -14.10
N ALA N 359 84.44 6.27 -13.92
CA ALA N 359 85.61 6.87 -13.29
C ALA N 359 85.20 7.78 -12.15
N VAL N 360 86.06 7.86 -11.13
CA VAL N 360 85.82 8.68 -9.95
C VAL N 360 87.08 9.50 -9.70
N THR N 361 86.96 10.82 -9.83
CA THR N 361 88.08 11.72 -9.63
C THR N 361 88.30 11.99 -8.14
N LYS N 362 89.46 12.56 -7.84
CA LYS N 362 89.80 12.85 -6.44
C LYS N 362 88.89 13.92 -5.85
N ASP N 363 88.45 14.88 -6.65
CA ASP N 363 87.59 15.93 -6.14
C ASP N 363 86.18 15.44 -5.83
N GLY N 364 85.81 14.25 -6.29
CA GLY N 364 84.50 13.68 -6.01
C GLY N 364 83.59 13.54 -7.20
N ARG N 365 84.00 13.99 -8.38
CA ARG N 365 83.16 13.87 -9.56
C ARG N 365 83.23 12.45 -10.13
N VAL N 366 82.13 12.05 -10.79
CA VAL N 366 82.02 10.72 -11.37
C VAL N 366 81.66 10.85 -12.84
N PHE N 367 82.34 10.08 -13.68
CA PHE N 367 82.11 10.08 -15.12
C PHE N 367 81.69 8.69 -15.57
N ALA N 368 80.85 8.64 -16.59
CA ALA N 368 80.32 7.38 -17.11
C ALA N 368 80.51 7.34 -18.62
N TRP N 369 80.64 6.12 -19.14
CA TRP N 369 80.72 5.94 -20.59
C TRP N 369 80.40 4.49 -20.92
N GLY N 370 79.78 4.28 -22.07
CA GLY N 370 79.51 2.94 -22.54
C GLY N 370 78.09 2.81 -23.06
N MET N 371 77.62 1.57 -23.11
CA MET N 371 76.29 1.27 -23.62
C MET N 371 75.22 1.83 -22.69
N GLY N 372 74.26 2.56 -23.26
CA GLY N 372 73.21 3.14 -22.46
C GLY N 372 71.88 2.45 -22.63
N THR N 373 71.89 1.21 -23.13
CA THR N 373 70.65 0.47 -23.33
C THR N 373 69.91 0.28 -22.01
N ASN N 374 70.64 0.03 -20.92
CA ASN N 374 70.06 -0.14 -19.61
C ASN N 374 70.07 1.14 -18.78
N TYR N 375 70.34 2.28 -19.42
CA TYR N 375 70.39 3.59 -18.76
C TYR N 375 71.38 3.61 -17.60
N GLN N 376 72.42 2.78 -17.70
CA GLN N 376 73.46 2.77 -16.68
C GLN N 376 74.32 4.03 -16.69
N LEU N 377 74.20 4.85 -17.73
CA LEU N 377 75.07 6.01 -17.87
C LEU N 377 74.64 7.18 -16.98
N GLY N 378 73.41 7.18 -16.48
CA GLY N 378 72.92 8.27 -15.67
C GLY N 378 72.60 9.55 -16.42
N THR N 379 72.73 9.56 -17.75
CA THR N 379 72.41 10.75 -18.53
C THR N 379 70.93 10.85 -18.86
N GLY N 380 70.15 9.82 -18.59
CA GLY N 380 68.76 9.81 -18.98
C GLY N 380 68.52 9.59 -20.45
N GLN N 381 69.56 9.28 -21.23
CA GLN N 381 69.44 9.05 -22.65
C GLN N 381 69.95 7.64 -22.95
N ASP N 382 69.10 6.82 -23.57
CA ASP N 382 69.51 5.48 -23.96
C ASP N 382 70.49 5.47 -25.13
N GLU N 383 70.82 6.64 -25.68
CA GLU N 383 71.75 6.69 -26.79
C GLU N 383 73.15 6.35 -26.32
N ASP N 384 73.84 5.52 -27.10
CA ASP N 384 75.19 5.08 -26.75
C ASP N 384 76.13 6.28 -26.66
N ALA N 385 76.77 6.43 -25.51
CA ALA N 385 77.64 7.58 -25.26
C ALA N 385 79.09 7.18 -25.47
N TRP N 386 79.76 7.89 -26.36
CA TRP N 386 81.18 7.67 -26.66
C TRP N 386 82.10 8.58 -25.88
N SER N 387 81.57 9.60 -25.20
CA SER N 387 82.41 10.53 -24.46
C SER N 387 82.25 10.33 -22.97
N PRO N 388 83.30 10.58 -22.18
CA PRO N 388 83.18 10.46 -20.73
C PRO N 388 82.28 11.53 -20.13
N VAL N 389 80.97 11.36 -20.29
CA VAL N 389 80.01 12.35 -19.83
C VAL N 389 79.93 12.32 -18.31
N GLU N 390 79.82 13.50 -17.69
CA GLU N 390 79.67 13.59 -16.25
C GLU N 390 78.22 13.32 -15.85
N MET N 391 78.06 12.54 -14.78
CA MET N 391 76.75 12.20 -14.25
C MET N 391 76.26 13.28 -13.30
N MET N 392 74.97 13.58 -13.36
CA MET N 392 74.36 14.61 -12.53
C MET N 392 72.97 14.20 -12.09
N GLY N 393 72.64 14.56 -10.85
CA GLY N 393 71.34 14.31 -10.28
C GLY N 393 71.23 15.03 -8.96
N LYS N 394 69.99 15.18 -8.49
CA LYS N 394 69.79 15.93 -7.26
C LYS N 394 70.51 15.28 -6.09
N GLN N 395 70.54 13.94 -6.06
CA GLN N 395 71.26 13.24 -5.01
C GLN N 395 72.77 13.36 -5.15
N LEU N 396 73.27 14.04 -6.18
CA LEU N 396 74.68 14.36 -6.27
C LEU N 396 74.99 15.79 -5.87
N GLU N 397 73.97 16.62 -5.66
CA GLU N 397 74.18 18.00 -5.28
C GLU N 397 74.78 18.08 -3.89
N ASN N 398 75.89 18.82 -3.75
CA ASN N 398 76.58 18.99 -2.48
C ASN N 398 77.04 17.66 -1.89
N ARG N 399 77.41 16.73 -2.76
CA ARG N 399 77.88 15.41 -2.34
C ARG N 399 79.01 14.97 -3.24
N VAL N 400 79.90 14.15 -2.69
CA VAL N 400 81.03 13.59 -3.42
C VAL N 400 80.87 12.08 -3.50
N VAL N 401 81.43 11.50 -4.56
CA VAL N 401 81.29 10.07 -4.83
C VAL N 401 82.42 9.32 -4.15
N LEU N 402 82.07 8.44 -3.21
CA LEU N 402 83.08 7.63 -2.54
C LEU N 402 83.54 6.48 -3.42
N SER N 403 82.60 5.66 -3.90
CA SER N 403 82.98 4.50 -4.71
C SER N 403 81.90 4.24 -5.76
N VAL N 404 82.20 3.33 -6.67
CA VAL N 404 81.31 2.99 -7.78
C VAL N 404 81.48 1.53 -8.12
N SER N 405 80.37 0.87 -8.42
CA SER N 405 80.37 -0.49 -8.94
C SER N 405 79.21 -0.64 -9.90
N SER N 406 79.34 -1.59 -10.81
CA SER N 406 78.31 -1.78 -11.82
C SER N 406 78.22 -3.24 -12.22
N GLY N 407 77.00 -3.71 -12.44
CA GLY N 407 76.77 -5.07 -12.87
C GLY N 407 76.19 -5.17 -14.26
N GLY N 408 75.20 -6.03 -14.44
CA GLY N 408 74.62 -6.27 -15.74
C GLY N 408 73.66 -5.19 -16.20
N GLN N 409 72.59 -4.97 -15.46
CA GLN N 409 71.53 -4.05 -15.87
C GLN N 409 71.40 -2.86 -14.93
N HIS N 410 72.38 -2.59 -14.08
CA HIS N 410 72.29 -1.47 -13.15
C HIS N 410 73.68 -1.06 -12.71
N THR N 411 73.71 -0.08 -11.82
CA THR N 411 74.94 0.51 -11.32
C THR N 411 74.67 1.14 -9.97
N VAL N 412 75.63 0.96 -9.05
CA VAL N 412 75.48 1.38 -7.66
C VAL N 412 76.65 2.29 -7.28
N LEU N 413 76.33 3.37 -6.58
CA LEU N 413 77.29 4.36 -6.13
C LEU N 413 77.32 4.41 -4.60
N LEU N 414 78.45 4.87 -4.08
CA LEU N 414 78.59 5.22 -2.67
C LEU N 414 79.05 6.66 -2.58
N VAL N 415 78.26 7.49 -1.90
CA VAL N 415 78.47 8.93 -1.90
C VAL N 415 78.47 9.46 -0.46
N LYS N 416 79.07 10.63 -0.29
CA LYS N 416 79.15 11.27 1.01
C LYS N 416 78.83 12.76 0.88
N ASP N 417 78.14 13.30 1.88
CA ASP N 417 77.88 14.73 1.92
C ASP N 417 79.19 15.52 2.01
N LYS N 418 79.17 16.73 1.47
CA LYS N 418 80.36 17.56 1.51
C LYS N 418 80.68 18.00 2.94
N GLU N 419 81.94 18.35 3.17
CA GLU N 419 82.40 18.70 4.50
C GLU N 419 81.87 20.06 4.97
N GLN N 420 81.47 20.92 4.04
CA GLN N 420 80.97 22.24 4.43
C GLN N 420 79.62 22.11 5.14
N SER N 421 79.35 23.09 6.00
CA SER N 421 78.10 23.16 6.77
C SER N 421 77.83 21.88 7.57
N PRO O 3 -35.09 -82.31 4.69
CA PRO O 3 -36.52 -82.41 4.99
C PRO O 3 -36.80 -82.71 6.46
N LYS O 4 -35.75 -82.90 7.24
CA LYS O 4 -35.87 -83.17 8.68
C LYS O 4 -35.82 -81.83 9.41
N ARG O 5 -36.93 -81.47 10.05
CA ARG O 5 -37.05 -80.19 10.74
C ARG O 5 -36.31 -80.23 12.08
N ILE O 6 -36.16 -79.04 12.67
CA ILE O 6 -35.40 -78.86 13.90
C ILE O 6 -36.36 -78.65 15.06
N ALA O 7 -35.79 -78.45 16.24
CA ALA O 7 -36.52 -77.92 17.37
C ALA O 7 -36.20 -76.42 17.40
N LYS O 8 -37.09 -75.65 17.99
CA LYS O 8 -36.94 -74.21 17.96
C LYS O 8 -36.12 -73.73 19.14
N ARG O 9 -35.40 -72.63 18.92
CA ARG O 9 -34.49 -72.13 19.94
C ARG O 9 -35.37 -71.52 21.02
N ARG O 10 -35.59 -72.26 22.11
CA ARG O 10 -36.52 -71.85 23.14
C ARG O 10 -36.07 -70.52 23.73
N SER O 11 -36.94 -69.94 24.54
CA SER O 11 -36.73 -68.59 24.99
C SER O 11 -35.60 -68.53 26.01
N PRO O 12 -34.53 -67.79 25.74
CA PRO O 12 -33.50 -67.61 26.74
C PRO O 12 -34.01 -66.75 27.90
N PRO O 13 -33.43 -66.90 29.07
CA PRO O 13 -33.87 -66.10 30.22
C PRO O 13 -33.76 -64.62 29.90
N ALA O 14 -34.61 -63.82 30.53
CA ALA O 14 -34.62 -62.40 30.24
C ALA O 14 -33.88 -61.64 31.32
N ASP O 15 -33.39 -60.47 30.93
CA ASP O 15 -32.65 -59.58 31.84
C ASP O 15 -33.63 -58.56 32.45
N ALA O 16 -34.68 -59.12 33.06
CA ALA O 16 -35.82 -58.35 33.56
C ALA O 16 -35.70 -58.13 35.06
N ILE O 17 -35.28 -56.92 35.42
CA ILE O 17 -35.15 -56.43 36.79
C ILE O 17 -36.31 -56.75 37.73
N PRO O 18 -37.61 -56.65 37.31
CA PRO O 18 -38.69 -56.63 38.31
C PRO O 18 -38.87 -57.88 39.17
N LYS O 19 -38.04 -58.90 39.02
CA LYS O 19 -38.16 -60.07 39.88
C LYS O 19 -37.71 -59.77 41.30
N SER O 20 -36.54 -59.13 41.33
CA SER O 20 -35.80 -58.77 42.53
C SER O 20 -36.56 -57.81 43.40
N LYS O 21 -36.16 -57.79 44.66
CA LYS O 21 -36.87 -57.03 45.67
C LYS O 21 -37.10 -55.54 45.46
N LYS O 22 -38.38 -55.18 45.64
CA LYS O 22 -38.76 -53.79 45.55
C LYS O 22 -38.90 -53.46 47.02
N VAL O 23 -37.91 -52.76 47.56
CA VAL O 23 -37.95 -52.39 48.97
C VAL O 23 -38.64 -51.04 49.13
N LYS O 24 -39.31 -50.86 50.26
CA LYS O 24 -39.80 -49.54 50.63
C LYS O 24 -38.74 -48.91 51.51
N VAL O 25 -38.06 -47.90 50.97
CA VAL O 25 -36.90 -47.34 51.65
C VAL O 25 -37.35 -46.54 52.86
N SER O 26 -36.57 -46.62 53.93
CA SER O 26 -36.80 -45.81 55.13
C SER O 26 -35.46 -45.33 55.66
N HIS O 27 -35.40 -44.05 56.01
CA HIS O 27 -34.17 -43.45 56.51
C HIS O 27 -34.57 -42.29 57.41
N ARG O 28 -33.70 -41.99 58.37
CA ARG O 28 -34.00 -40.93 59.33
C ARG O 28 -34.02 -39.54 58.71
N SER O 29 -33.59 -39.39 57.46
CA SER O 29 -33.66 -38.10 56.78
C SER O 29 -35.00 -37.85 56.11
N HIS O 30 -35.84 -38.87 55.96
CA HIS O 30 -37.16 -38.70 55.36
C HIS O 30 -38.03 -37.86 56.29
N SER O 31 -38.55 -36.75 55.77
CA SER O 31 -39.45 -35.90 56.56
C SER O 31 -40.85 -36.49 56.52
N THR O 32 -41.49 -36.59 57.69
CA THR O 32 -42.78 -37.22 57.82
C THR O 32 -43.87 -36.29 58.33
N GLU O 33 -43.57 -35.45 59.32
CA GLU O 33 -44.58 -34.60 59.94
C GLU O 33 -45.09 -33.56 58.94
N PRO O 34 -46.39 -33.48 58.71
CA PRO O 34 -46.90 -32.49 57.76
C PRO O 34 -46.76 -31.07 58.28
N GLY O 35 -46.79 -30.12 57.36
CA GLY O 35 -46.65 -28.73 57.71
C GLY O 35 -47.10 -27.81 56.60
N LEU O 36 -46.60 -26.58 56.67
CA LEU O 36 -46.93 -25.54 55.69
C LEU O 36 -45.64 -24.87 55.24
N VAL O 37 -45.68 -24.33 54.03
CA VAL O 37 -44.50 -23.78 53.36
C VAL O 37 -44.49 -22.27 53.52
N LEU O 38 -43.32 -21.73 53.85
CA LEU O 38 -43.09 -20.29 53.90
C LEU O 38 -41.94 -19.94 52.98
N THR O 39 -41.99 -18.75 52.40
CA THR O 39 -40.93 -18.28 51.53
C THR O 39 -40.58 -16.82 51.88
N LEU O 40 -39.36 -16.43 51.52
CA LEU O 40 -38.92 -15.06 51.70
C LEU O 40 -37.68 -14.81 50.85
N GLY O 41 -37.42 -13.54 50.56
CA GLY O 41 -36.29 -13.14 49.76
C GLY O 41 -36.71 -12.64 48.40
N GLN O 42 -35.72 -12.52 47.51
CA GLN O 42 -35.98 -12.09 46.14
C GLN O 42 -36.83 -13.12 45.40
N GLY O 43 -37.92 -12.65 44.81
CA GLY O 43 -38.79 -13.48 44.01
C GLY O 43 -38.81 -13.04 42.56
N ASP O 44 -37.61 -12.75 42.02
CA ASP O 44 -37.52 -12.17 40.68
C ASP O 44 -38.18 -13.05 39.63
N VAL O 45 -37.80 -14.33 39.57
CA VAL O 45 -38.34 -15.24 38.57
C VAL O 45 -39.44 -16.14 39.15
N GLY O 46 -40.00 -15.77 40.30
CA GLY O 46 -41.12 -16.49 40.86
C GLY O 46 -40.77 -17.62 41.80
N GLN O 47 -39.53 -17.66 42.30
CA GLN O 47 -39.14 -18.69 43.26
C GLN O 47 -39.81 -18.56 44.61
N LEU O 48 -40.66 -17.54 44.81
CA LEU O 48 -41.45 -17.43 46.02
C LEU O 48 -42.83 -18.07 45.89
N GLY O 49 -43.34 -18.22 44.67
CA GLY O 49 -44.61 -18.89 44.47
C GLY O 49 -45.81 -18.16 45.03
N LEU O 50 -45.71 -16.85 45.22
CA LEU O 50 -46.80 -16.09 45.84
C LEU O 50 -47.70 -15.41 44.83
N GLY O 51 -47.30 -15.32 43.57
CA GLY O 51 -48.14 -14.72 42.55
C GLY O 51 -47.31 -14.08 41.46
N GLU O 52 -48.00 -13.63 40.41
CA GLU O 52 -47.33 -13.02 39.27
C GLU O 52 -46.76 -11.65 39.63
N ASN O 53 -47.43 -10.93 40.52
CA ASN O 53 -47.04 -9.57 40.87
C ASN O 53 -46.16 -9.50 42.11
N VAL O 54 -45.83 -10.64 42.71
CA VAL O 54 -45.02 -10.67 43.92
C VAL O 54 -43.55 -10.81 43.52
N MET O 55 -42.77 -9.76 43.76
CA MET O 55 -41.37 -9.75 43.38
C MET O 55 -40.40 -9.93 44.55
N GLU O 56 -40.85 -9.71 45.79
CA GLU O 56 -39.93 -9.70 46.91
C GLU O 56 -40.70 -9.85 48.21
N ARG O 57 -40.14 -10.62 49.14
CA ARG O 57 -40.65 -10.74 50.50
C ARG O 57 -39.47 -10.80 51.47
N LYS O 58 -39.51 -9.95 52.47
CA LYS O 58 -38.43 -9.82 53.45
C LYS O 58 -38.72 -10.52 54.77
N LYS O 59 -39.92 -11.05 54.94
CA LYS O 59 -40.30 -11.88 56.07
C LYS O 59 -41.24 -12.95 55.58
N PRO O 60 -41.35 -14.08 56.30
CA PRO O 60 -42.06 -15.25 55.76
C PRO O 60 -43.51 -14.94 55.37
N ALA O 61 -43.92 -15.53 54.25
CA ALA O 61 -45.29 -15.47 53.77
C ALA O 61 -45.76 -16.86 53.39
N LEU O 62 -47.06 -17.09 53.53
CA LEU O 62 -47.64 -18.40 53.29
C LEU O 62 -47.87 -18.64 51.81
N VAL O 63 -47.51 -19.84 51.36
CA VAL O 63 -47.67 -20.25 49.96
C VAL O 63 -48.86 -21.19 49.87
N SER O 64 -49.73 -20.95 48.90
CA SER O 64 -50.95 -21.73 48.74
C SER O 64 -50.63 -23.08 48.11
N ILE O 65 -50.76 -24.14 48.88
CA ILE O 65 -50.58 -25.50 48.40
C ILE O 65 -51.87 -26.26 48.68
N PRO O 66 -52.47 -26.93 47.69
CA PRO O 66 -53.75 -27.61 47.93
C PRO O 66 -53.68 -28.71 48.97
N GLU O 67 -52.51 -29.30 49.19
CA GLU O 67 -52.35 -30.38 50.14
C GLU O 67 -51.38 -29.96 51.24
N ASP O 68 -51.23 -30.83 52.23
CA ASP O 68 -50.22 -30.62 53.25
C ASP O 68 -48.84 -30.95 52.68
N VAL O 69 -47.82 -30.39 53.31
CA VAL O 69 -46.45 -30.53 52.82
C VAL O 69 -45.60 -31.18 53.89
N VAL O 70 -44.88 -32.23 53.52
CA VAL O 70 -44.06 -32.96 54.48
C VAL O 70 -42.62 -32.52 54.36
N GLN O 71 -42.22 -32.04 53.17
CA GLN O 71 -40.83 -31.59 53.05
C GLN O 71 -40.77 -30.45 52.06
N ALA O 72 -39.81 -29.55 52.27
CA ALA O 72 -39.59 -28.44 51.35
C ALA O 72 -38.11 -28.20 51.18
N GLU O 73 -37.67 -28.07 49.93
CA GLU O 73 -36.29 -27.76 49.61
C GLU O 73 -36.24 -26.62 48.59
N ALA O 74 -35.30 -25.71 48.77
CA ALA O 74 -35.17 -24.53 47.92
C ALA O 74 -33.94 -24.70 47.02
N GLY O 75 -34.17 -24.72 45.72
CA GLY O 75 -33.09 -24.79 44.76
C GLY O 75 -32.37 -23.47 44.63
N GLY O 76 -31.48 -23.41 43.64
CA GLY O 76 -30.74 -22.20 43.34
C GLY O 76 -31.66 -21.04 43.02
N MET O 77 -32.42 -21.18 41.93
CA MET O 77 -33.39 -20.17 41.53
C MET O 77 -34.79 -20.75 41.41
N HIS O 78 -35.03 -21.92 42.00
CA HIS O 78 -36.35 -22.54 42.02
C HIS O 78 -36.59 -23.13 43.39
N THR O 79 -37.76 -23.74 43.55
CA THR O 79 -38.17 -24.28 44.83
C THR O 79 -39.09 -25.47 44.59
N VAL O 80 -38.89 -26.52 45.38
CA VAL O 80 -39.60 -27.78 45.24
C VAL O 80 -40.17 -28.18 46.59
N CYS O 81 -41.44 -28.55 46.61
CA CYS O 81 -42.13 -28.99 47.81
C CYS O 81 -42.67 -30.41 47.61
N LEU O 82 -42.58 -31.21 48.65
CA LEU O 82 -43.08 -32.58 48.67
C LEU O 82 -44.28 -32.66 49.60
N SER O 83 -45.41 -33.05 49.04
CA SER O 83 -46.71 -33.13 49.71
C SER O 83 -46.87 -34.47 50.43
N LYS O 84 -47.85 -34.50 51.34
CA LYS O 84 -48.18 -35.72 52.05
C LYS O 84 -48.58 -36.84 51.10
N SER O 85 -49.42 -36.55 50.11
CA SER O 85 -49.91 -37.58 49.21
C SER O 85 -48.80 -38.22 48.38
N GLY O 86 -47.63 -37.59 48.30
CA GLY O 86 -46.52 -38.10 47.53
C GLY O 86 -46.23 -37.32 46.26
N GLN O 87 -47.21 -36.59 45.72
CA GLN O 87 -46.96 -35.77 44.55
C GLN O 87 -45.97 -34.66 44.88
N VAL O 88 -45.29 -34.18 43.85
CA VAL O 88 -44.29 -33.13 43.98
C VAL O 88 -44.80 -31.87 43.31
N TYR O 89 -44.61 -30.73 43.99
CA TYR O 89 -44.93 -29.43 43.44
C TYR O 89 -43.65 -28.64 43.23
N SER O 90 -43.57 -27.90 42.13
CA SER O 90 -42.39 -27.13 41.80
C SER O 90 -42.80 -25.75 41.33
N PHE O 91 -41.97 -24.76 41.67
CA PHE O 91 -42.18 -23.40 41.18
C PHE O 91 -40.86 -22.65 41.24
N GLY O 92 -40.59 -21.87 40.20
CA GLY O 92 -39.36 -21.13 40.09
C GLY O 92 -38.99 -20.91 38.63
N CYS O 93 -37.68 -20.96 38.37
CA CYS O 93 -37.14 -20.70 37.04
C CYS O 93 -37.13 -21.99 36.23
N ASN O 94 -37.86 -21.99 35.11
CA ASN O 94 -37.95 -23.16 34.24
C ASN O 94 -37.07 -23.03 33.01
N ASP O 95 -36.11 -22.10 33.02
CA ASP O 95 -35.25 -21.91 31.86
C ASP O 95 -34.40 -23.15 31.59
N GLU O 96 -33.97 -23.84 32.64
CA GLU O 96 -33.18 -25.06 32.51
C GLU O 96 -33.98 -26.32 32.77
N GLY O 97 -35.31 -26.20 32.89
CA GLY O 97 -36.14 -27.38 33.08
C GLY O 97 -36.15 -27.94 34.48
N ALA O 98 -35.74 -27.16 35.48
CA ALA O 98 -35.69 -27.66 36.85
C ALA O 98 -37.05 -27.88 37.46
N LEU O 99 -38.13 -27.38 36.85
CA LEU O 99 -39.46 -27.57 37.39
C LEU O 99 -40.08 -28.88 36.94
N GLY O 100 -39.80 -29.31 35.72
CA GLY O 100 -40.37 -30.54 35.21
C GLY O 100 -41.86 -30.47 34.98
N ARG O 101 -42.35 -29.38 34.39
CA ARG O 101 -43.75 -29.26 34.04
C ARG O 101 -43.90 -28.13 33.03
N ASP O 102 -45.07 -28.09 32.39
CA ASP O 102 -45.30 -27.17 31.28
C ASP O 102 -45.54 -25.76 31.82
N THR O 103 -44.59 -24.86 31.55
CA THR O 103 -44.75 -23.45 31.89
C THR O 103 -44.86 -22.57 30.63
N SER O 104 -45.42 -23.14 29.56
CA SER O 104 -45.63 -22.36 28.34
C SER O 104 -46.50 -21.15 28.61
N VAL O 105 -47.59 -21.34 29.35
CA VAL O 105 -48.44 -20.22 29.75
C VAL O 105 -47.66 -19.35 30.72
N GLU O 106 -47.36 -18.12 30.31
CA GLU O 106 -46.62 -17.21 31.18
C GLU O 106 -47.46 -16.89 32.41
N GLY O 107 -46.81 -16.94 33.57
CA GLY O 107 -47.50 -16.81 34.84
C GLY O 107 -47.72 -18.10 35.57
N SER O 108 -47.57 -19.25 34.90
CA SER O 108 -47.72 -20.54 35.57
C SER O 108 -46.48 -20.92 36.35
N GLU O 109 -45.31 -20.40 35.96
CA GLU O 109 -44.09 -20.63 36.72
C GLU O 109 -44.01 -19.75 37.97
N MET O 110 -44.90 -18.77 38.10
CA MET O 110 -44.90 -17.87 39.25
C MET O 110 -45.62 -18.47 40.45
N VAL O 111 -46.41 -19.52 40.26
CA VAL O 111 -47.18 -20.13 41.33
C VAL O 111 -46.86 -21.62 41.36
N PRO O 112 -47.06 -22.27 42.51
CA PRO O 112 -46.81 -23.72 42.58
C PRO O 112 -47.72 -24.49 41.65
N GLY O 113 -47.15 -25.51 41.03
CA GLY O 113 -47.89 -26.35 40.10
C GLY O 113 -47.50 -27.81 40.26
N LYS O 114 -48.38 -28.68 39.78
CA LYS O 114 -48.16 -30.11 39.88
C LYS O 114 -47.08 -30.53 38.90
N VAL O 115 -46.03 -31.19 39.41
CA VAL O 115 -44.96 -31.66 38.54
C VAL O 115 -45.49 -32.76 37.64
N GLU O 116 -45.05 -32.76 36.39
CA GLU O 116 -45.49 -33.77 35.43
C GLU O 116 -44.84 -35.09 35.80
N LEU O 117 -45.43 -35.76 36.78
CA LEU O 117 -44.89 -37.01 37.31
C LEU O 117 -45.97 -37.66 38.15
N GLN O 118 -46.14 -38.97 37.99
CA GLN O 118 -47.14 -39.74 38.72
C GLN O 118 -46.41 -40.81 39.52
N GLU O 119 -45.96 -40.46 40.72
CA GLU O 119 -45.26 -41.38 41.60
C GLU O 119 -45.58 -41.02 43.05
N LYS O 120 -45.21 -41.91 43.96
CA LYS O 120 -45.26 -41.64 45.40
C LYS O 120 -43.83 -41.35 45.83
N VAL O 121 -43.51 -40.07 46.00
CA VAL O 121 -42.16 -39.61 46.26
C VAL O 121 -41.97 -39.45 47.75
N VAL O 122 -40.86 -39.99 48.27
CA VAL O 122 -40.58 -39.91 49.69
C VAL O 122 -39.51 -38.88 50.05
N GLN O 123 -38.64 -38.52 49.11
CA GLN O 123 -37.63 -37.51 49.41
C GLN O 123 -37.39 -36.66 48.17
N VAL O 124 -36.94 -35.42 48.38
CA VAL O 124 -36.62 -34.52 47.29
C VAL O 124 -35.29 -33.84 47.59
N SER O 125 -34.59 -33.44 46.52
CA SER O 125 -33.35 -32.67 46.64
C SER O 125 -33.21 -31.80 45.42
N ALA O 126 -32.82 -30.54 45.63
CA ALA O 126 -32.75 -29.56 44.54
C ALA O 126 -31.48 -28.72 44.67
N GLY O 127 -30.84 -28.46 43.54
CA GLY O 127 -29.64 -27.66 43.52
C GLY O 127 -29.76 -26.38 42.72
N ASP O 128 -28.71 -26.04 41.98
CA ASP O 128 -28.70 -24.79 41.23
C ASP O 128 -29.68 -24.83 40.06
N SER O 129 -29.51 -25.79 39.15
CA SER O 129 -30.28 -25.84 37.92
C SER O 129 -30.95 -27.19 37.71
N HIS O 130 -30.96 -28.06 38.70
CA HIS O 130 -31.43 -29.43 38.58
C HIS O 130 -32.39 -29.75 39.72
N THR O 131 -33.09 -30.87 39.61
CA THR O 131 -33.97 -31.34 40.68
C THR O 131 -34.11 -32.85 40.62
N ALA O 132 -33.90 -33.50 41.76
CA ALA O 132 -33.95 -34.94 41.88
C ALA O 132 -34.98 -35.36 42.91
N ALA O 133 -35.71 -36.43 42.60
CA ALA O 133 -36.72 -36.98 43.48
C ALA O 133 -36.40 -38.44 43.78
N LEU O 134 -36.79 -38.88 44.98
CA LEU O 134 -36.58 -40.25 45.44
C LEU O 134 -37.93 -40.85 45.83
N THR O 135 -38.31 -41.91 45.13
CA THR O 135 -39.58 -42.60 45.32
C THR O 135 -39.48 -43.61 46.46
N ASP O 136 -40.63 -44.20 46.78
CA ASP O 136 -40.68 -45.16 47.89
C ASP O 136 -39.91 -46.43 47.56
N ASP O 137 -39.98 -46.89 46.31
CA ASP O 137 -39.34 -48.16 45.95
C ASP O 137 -37.83 -48.05 45.76
N GLY O 138 -37.28 -46.84 45.81
CA GLY O 138 -35.85 -46.66 45.79
C GLY O 138 -35.28 -46.12 44.50
N ARG O 139 -36.04 -46.13 43.40
CA ARG O 139 -35.51 -45.59 42.15
C ARG O 139 -35.58 -44.07 42.16
N VAL O 140 -34.57 -43.45 41.55
CA VAL O 140 -34.36 -42.01 41.61
C VAL O 140 -34.75 -41.40 40.28
N PHE O 141 -35.55 -40.34 40.33
CA PHE O 141 -35.83 -39.52 39.16
C PHE O 141 -35.02 -38.23 39.23
N LEU O 142 -34.82 -37.63 38.06
CA LEU O 142 -33.98 -36.44 37.94
C LEU O 142 -34.39 -35.68 36.70
N TRP O 143 -34.49 -34.37 36.83
CA TRP O 143 -34.81 -33.51 35.69
C TRP O 143 -34.13 -32.17 35.86
N GLY O 144 -34.15 -31.38 34.79
CA GLY O 144 -33.40 -30.13 34.77
C GLY O 144 -32.10 -30.28 34.02
N SER O 145 -31.05 -29.60 34.47
CA SER O 145 -29.76 -29.69 33.82
C SER O 145 -28.67 -29.37 34.84
N PHE O 146 -27.43 -29.69 34.46
CA PHE O 146 -26.25 -29.35 35.25
C PHE O 146 -25.47 -28.23 34.57
N ARG O 147 -24.67 -27.53 35.38
CA ARG O 147 -23.77 -26.50 34.90
C ARG O 147 -22.45 -26.62 35.64
N ASP O 148 -21.58 -25.64 35.42
CA ASP O 148 -20.30 -25.54 36.09
C ASP O 148 -19.80 -24.11 35.89
N ASN O 149 -18.51 -23.88 36.14
CA ASN O 149 -17.89 -22.58 35.87
C ASN O 149 -17.91 -22.27 34.37
N ASN O 150 -18.41 -23.22 33.57
CA ASN O 150 -18.50 -23.09 32.12
C ASN O 150 -19.93 -23.36 31.67
N GLY O 151 -20.12 -23.55 30.36
CA GLY O 151 -21.45 -23.77 29.81
C GLY O 151 -22.08 -25.08 30.26
N VAL O 152 -23.18 -25.42 29.58
CA VAL O 152 -23.99 -26.58 29.95
C VAL O 152 -23.24 -27.87 29.66
N ILE O 153 -23.40 -28.87 30.54
CA ILE O 153 -22.77 -30.16 30.39
C ILE O 153 -23.80 -31.29 30.28
N GLY O 154 -25.09 -30.96 30.19
CA GLY O 154 -26.13 -31.97 30.10
C GLY O 154 -26.49 -32.58 31.44
N LEU O 155 -27.37 -33.57 31.39
CA LEU O 155 -27.87 -34.23 32.59
C LEU O 155 -27.42 -35.69 32.69
N LEU O 156 -27.77 -36.51 31.70
CA LEU O 156 -27.25 -37.87 31.57
C LEU O 156 -26.61 -38.12 30.21
N GLU O 157 -27.22 -37.61 29.15
CA GLU O 157 -26.58 -37.58 27.84
C GLU O 157 -25.87 -36.26 27.67
N PRO O 158 -24.57 -36.26 27.36
CA PRO O 158 -23.80 -35.00 27.40
C PRO O 158 -24.39 -33.92 26.50
N MET O 159 -24.39 -32.69 27.02
CA MET O 159 -24.87 -31.50 26.30
C MET O 159 -26.35 -31.60 25.94
N LYS O 160 -27.14 -32.27 26.78
CA LYS O 160 -28.58 -32.39 26.58
C LYS O 160 -29.29 -32.23 27.92
N LYS O 161 -30.07 -31.17 28.05
CA LYS O 161 -30.89 -30.95 29.24
C LYS O 161 -32.19 -31.75 29.14
N SER O 162 -32.90 -31.82 30.27
CA SER O 162 -34.16 -32.55 30.37
C SER O 162 -35.23 -31.64 30.93
N MET O 163 -36.33 -31.51 30.19
CA MET O 163 -37.46 -30.70 30.62
C MET O 163 -38.48 -31.50 31.43
N VAL O 164 -38.39 -32.82 31.44
CA VAL O 164 -39.34 -33.68 32.13
C VAL O 164 -38.57 -34.70 32.97
N PRO O 165 -39.19 -35.26 34.00
CA PRO O 165 -38.47 -36.22 34.85
C PRO O 165 -37.95 -37.40 34.05
N VAL O 166 -36.72 -37.82 34.38
CA VAL O 166 -36.06 -38.94 33.74
C VAL O 166 -35.48 -39.84 34.83
N GLN O 167 -35.73 -41.15 34.73
CA GLN O 167 -35.22 -42.08 35.72
C GLN O 167 -33.73 -42.29 35.57
N VAL O 168 -33.01 -42.26 36.69
CA VAL O 168 -31.64 -42.72 36.75
C VAL O 168 -31.71 -44.23 36.99
N GLN O 169 -31.63 -45.00 35.91
CA GLN O 169 -31.89 -46.44 36.00
C GLN O 169 -30.71 -47.12 36.70
N LEU O 170 -30.99 -47.68 37.88
CA LEU O 170 -29.98 -48.38 38.67
C LEU O 170 -30.58 -49.64 39.25
N ASP O 171 -29.76 -50.69 39.33
CA ASP O 171 -30.23 -51.98 39.83
C ASP O 171 -30.44 -51.95 41.34
N VAL O 172 -29.72 -51.10 42.06
CA VAL O 172 -29.76 -51.07 43.53
C VAL O 172 -30.73 -49.99 43.97
N PRO O 173 -31.64 -50.26 44.90
CA PRO O 173 -32.50 -49.21 45.44
C PRO O 173 -31.69 -48.17 46.20
N VAL O 174 -32.20 -46.94 46.22
CA VAL O 174 -31.53 -45.81 46.85
C VAL O 174 -32.36 -45.37 48.04
N VAL O 175 -31.70 -45.18 49.19
CA VAL O 175 -32.40 -44.77 50.39
C VAL O 175 -32.32 -43.27 50.65
N LYS O 176 -31.31 -42.57 50.11
CA LYS O 176 -31.20 -41.13 50.32
C LYS O 176 -30.64 -40.47 49.07
N VAL O 177 -31.16 -39.29 48.76
CA VAL O 177 -30.61 -38.43 47.70
C VAL O 177 -30.16 -37.13 48.34
N ALA O 178 -29.09 -36.56 47.78
CA ALA O 178 -28.59 -35.29 48.28
C ALA O 178 -27.96 -34.51 47.12
N SER O 179 -28.25 -33.22 47.05
CA SER O 179 -27.87 -32.39 45.92
C SER O 179 -27.04 -31.20 46.38
N GLY O 180 -25.92 -30.97 45.72
CA GLY O 180 -25.22 -29.71 45.78
C GLY O 180 -25.75 -28.76 44.73
N ASN O 181 -24.91 -27.80 44.34
CA ASN O 181 -25.28 -26.92 43.24
C ASN O 181 -25.42 -27.71 41.95
N ASP O 182 -24.34 -28.37 41.54
CA ASP O 182 -24.31 -29.03 40.24
C ASP O 182 -23.74 -30.45 40.35
N HIS O 183 -23.97 -31.12 41.48
CA HIS O 183 -23.67 -32.53 41.58
C HIS O 183 -24.75 -33.20 42.42
N LEU O 184 -24.84 -34.52 42.29
CA LEU O 184 -25.87 -35.31 42.96
C LEU O 184 -25.25 -36.58 43.52
N VAL O 185 -25.49 -36.83 44.80
CA VAL O 185 -25.04 -38.08 45.41
C VAL O 185 -26.27 -38.87 45.85
N MET O 186 -26.15 -40.18 45.76
CA MET O 186 -27.23 -41.11 46.08
C MET O 186 -26.68 -42.20 46.98
N LEU O 187 -27.18 -42.24 48.21
CA LEU O 187 -26.82 -43.29 49.16
C LEU O 187 -27.83 -44.43 49.04
N THR O 188 -27.33 -45.62 48.76
CA THR O 188 -28.15 -46.81 48.54
C THR O 188 -28.38 -47.54 49.86
N ALA O 189 -29.20 -48.59 49.79
CA ALA O 189 -29.44 -49.42 50.97
C ALA O 189 -28.15 -50.13 51.39
N ASP O 190 -27.47 -50.77 50.44
CA ASP O 190 -26.28 -51.54 50.72
C ASP O 190 -25.11 -50.69 51.21
N GLY O 191 -25.27 -49.37 51.29
CA GLY O 191 -24.19 -48.50 51.71
C GLY O 191 -23.34 -47.95 50.59
N ASP O 192 -23.47 -48.48 49.37
CA ASP O 192 -22.75 -47.92 48.24
C ASP O 192 -23.22 -46.50 47.98
N LEU O 193 -22.27 -45.63 47.62
CA LEU O 193 -22.54 -44.21 47.42
C LEU O 193 -22.24 -43.85 45.98
N TYR O 194 -23.29 -43.64 45.18
CA TYR O 194 -23.13 -43.24 43.80
C TYR O 194 -23.11 -41.73 43.67
N THR O 195 -22.38 -41.23 42.68
CA THR O 195 -22.30 -39.80 42.41
C THR O 195 -22.48 -39.55 40.92
N LEU O 196 -22.93 -38.34 40.60
CA LEU O 196 -23.05 -37.93 39.20
C LEU O 196 -23.07 -36.40 39.16
N GLY O 197 -22.92 -35.88 37.95
CA GLY O 197 -22.86 -34.45 37.71
C GLY O 197 -21.46 -33.98 37.38
N CYS O 198 -21.27 -32.67 37.51
CA CYS O 198 -19.97 -32.07 37.24
C CYS O 198 -18.97 -32.46 38.33
N GLY O 199 -17.70 -32.49 37.96
CA GLY O 199 -16.64 -32.77 38.90
C GLY O 199 -15.47 -31.81 38.78
N GLU O 200 -15.70 -30.65 38.15
CA GLU O 200 -14.63 -29.71 37.86
C GLU O 200 -13.78 -29.42 39.10
N GLN O 201 -14.43 -29.18 40.24
CA GLN O 201 -13.73 -28.92 41.48
C GLN O 201 -13.56 -30.18 42.33
N GLY O 202 -13.93 -31.34 41.81
CA GLY O 202 -13.74 -32.58 42.52
C GLY O 202 -14.86 -32.97 43.45
N GLN O 203 -16.06 -32.44 43.25
CA GLN O 203 -17.22 -32.77 44.08
C GLN O 203 -17.80 -34.16 43.78
N LEU O 204 -17.15 -34.94 42.92
CA LEU O 204 -17.55 -36.32 42.66
C LEU O 204 -16.71 -37.34 43.42
N GLY O 205 -15.41 -37.08 43.58
CA GLY O 205 -14.55 -37.92 44.38
C GLY O 205 -14.07 -39.19 43.72
N ARG O 206 -14.76 -39.66 42.68
CA ARG O 206 -14.42 -40.92 42.04
C ARG O 206 -13.69 -40.73 40.71
N VAL O 207 -13.23 -39.52 40.42
CA VAL O 207 -12.49 -39.26 39.19
C VAL O 207 -11.23 -38.46 39.52
N PRO O 208 -10.29 -39.09 40.23
CA PRO O 208 -9.01 -38.46 40.63
C PRO O 208 -7.94 -38.08 39.58
N GLU O 209 -7.67 -38.93 38.60
CA GLU O 209 -6.65 -38.70 37.58
C GLU O 209 -7.17 -37.93 36.39
N LEU O 210 -8.49 -37.84 36.24
CA LEU O 210 -9.11 -37.11 35.14
C LEU O 210 -8.77 -35.62 35.16
N PHE O 211 -8.36 -35.09 36.31
CA PHE O 211 -8.14 -33.66 36.49
C PHE O 211 -6.68 -33.36 36.77
N ALA O 212 -5.80 -33.77 35.87
CA ALA O 212 -4.36 -33.52 35.97
C ALA O 212 -3.99 -32.26 35.20
N ASN O 213 -4.47 -31.13 35.74
CA ASN O 213 -4.34 -29.78 35.18
C ASN O 213 -5.42 -29.67 34.10
N ARG O 214 -6.56 -30.28 34.38
CA ARG O 214 -7.69 -30.38 33.48
C ARG O 214 -8.98 -29.96 34.16
N GLY O 215 -9.90 -29.42 33.37
CA GLY O 215 -11.22 -29.06 33.87
C GLY O 215 -12.10 -30.29 33.91
N GLY O 216 -13.41 -30.07 33.89
CA GLY O 216 -14.33 -31.19 33.99
C GLY O 216 -15.08 -31.50 32.72
N ARG O 217 -14.44 -31.27 31.58
CA ARG O 217 -15.05 -31.51 30.29
C ARG O 217 -14.36 -32.60 29.48
N GLN O 218 -13.31 -33.22 30.02
CA GLN O 218 -12.69 -34.35 29.33
C GLN O 218 -13.55 -35.60 29.40
N GLY O 219 -13.79 -36.08 30.61
CA GLY O 219 -14.59 -37.27 30.85
C GLY O 219 -16.09 -37.06 30.93
N LEU O 220 -16.62 -36.03 30.28
CA LEU O 220 -18.05 -35.79 30.34
C LEU O 220 -18.84 -37.03 29.93
N GLU O 221 -18.31 -37.80 28.97
CA GLU O 221 -18.91 -39.09 28.64
C GLU O 221 -18.82 -40.08 29.80
N ARG O 222 -17.80 -39.94 30.65
CA ARG O 222 -17.61 -40.80 31.82
C ARG O 222 -18.31 -40.29 33.07
N LEU O 223 -18.48 -38.97 33.20
CA LEU O 223 -18.97 -38.40 34.45
C LEU O 223 -20.46 -38.66 34.66
N LEU O 224 -21.26 -38.55 33.60
CA LEU O 224 -22.71 -38.61 33.72
C LEU O 224 -23.25 -40.01 33.96
N VAL O 225 -22.39 -40.98 34.23
CA VAL O 225 -22.81 -42.34 34.57
C VAL O 225 -22.65 -42.53 36.07
N PRO O 226 -23.68 -42.97 36.78
CA PRO O 226 -23.55 -43.17 38.23
C PRO O 226 -22.57 -44.30 38.54
N LYS O 227 -21.58 -43.99 39.38
CA LYS O 227 -20.61 -44.97 39.82
C LYS O 227 -20.29 -44.75 41.28
N CYS O 228 -19.84 -45.81 41.94
CA CYS O 228 -19.54 -45.76 43.36
C CYS O 228 -18.15 -45.17 43.61
N VAL O 229 -17.83 -44.99 44.88
CA VAL O 229 -16.53 -44.51 45.33
C VAL O 229 -15.85 -45.65 46.09
N MET O 230 -14.82 -46.23 45.49
CA MET O 230 -14.09 -47.35 46.07
C MET O 230 -12.98 -46.80 46.97
N LEU O 231 -12.84 -47.37 48.17
CA LEU O 231 -11.89 -46.86 49.14
C LEU O 231 -11.17 -48.02 49.84
N LYS O 232 -9.90 -47.77 50.18
CA LYS O 232 -9.05 -48.73 50.88
C LYS O 232 -9.42 -48.81 52.35
N SER O 233 -10.08 -49.91 52.73
CA SER O 233 -10.55 -50.09 54.09
C SER O 233 -9.45 -50.44 55.09
N ARG O 234 -8.17 -50.32 54.71
CA ARG O 234 -7.02 -50.43 55.64
C ARG O 234 -7.11 -51.73 56.45
N GLY O 235 -6.89 -52.83 55.73
CA GLY O 235 -7.20 -54.16 56.19
C GLY O 235 -8.36 -54.58 55.33
N SER O 236 -8.19 -54.29 54.04
CA SER O 236 -9.28 -54.11 53.08
C SER O 236 -10.30 -55.24 53.08
N ARG O 237 -11.53 -54.88 53.39
CA ARG O 237 -12.70 -55.71 53.17
C ARG O 237 -13.20 -55.39 51.75
N GLY O 238 -14.45 -55.72 51.43
CA GLY O 238 -15.00 -55.35 50.14
C GLY O 238 -14.79 -53.87 49.85
N HIS O 239 -15.58 -53.01 50.50
CA HIS O 239 -15.44 -51.57 50.35
C HIS O 239 -15.89 -50.88 51.63
N VAL O 240 -15.76 -49.57 51.67
CA VAL O 240 -16.19 -48.79 52.83
C VAL O 240 -17.68 -48.50 52.72
N ARG O 241 -18.41 -48.80 53.80
CA ARG O 241 -19.85 -48.55 53.84
C ARG O 241 -20.14 -47.14 54.36
N PHE O 242 -21.41 -46.73 54.29
CA PHE O 242 -21.79 -45.40 54.74
C PHE O 242 -23.18 -45.42 55.33
N GLN O 243 -23.39 -44.59 56.36
CA GLN O 243 -24.66 -44.46 57.05
C GLN O 243 -25.50 -43.31 56.53
N ASP O 244 -24.85 -42.23 56.11
CA ASP O 244 -25.52 -40.99 55.79
C ASP O 244 -24.60 -40.18 54.89
N ALA O 245 -25.16 -39.13 54.29
CA ALA O 245 -24.38 -38.29 53.40
C ALA O 245 -25.04 -36.92 53.33
N PHE O 246 -24.23 -35.91 53.04
CA PHE O 246 -24.70 -34.55 52.91
C PHE O 246 -23.92 -33.88 51.79
N CYS O 247 -24.54 -32.87 51.18
CA CYS O 247 -23.95 -32.16 50.06
C CYS O 247 -23.78 -30.69 50.41
N GLY O 248 -22.54 -30.22 50.35
CA GLY O 248 -22.29 -28.80 50.26
C GLY O 248 -22.56 -28.33 48.84
N ALA O 249 -22.26 -27.07 48.59
CA ALA O 249 -22.50 -26.50 47.27
C ALA O 249 -21.63 -27.17 46.22
N TYR O 250 -20.30 -27.09 46.39
CA TYR O 250 -19.36 -27.69 45.46
C TYR O 250 -18.53 -28.77 46.15
N PHE O 251 -19.09 -29.39 47.19
CA PHE O 251 -18.38 -30.40 47.97
C PHE O 251 -19.39 -31.32 48.64
N THR O 252 -18.88 -32.41 49.21
CA THR O 252 -19.73 -33.48 49.70
C THR O 252 -19.10 -34.11 50.94
N PHE O 253 -19.95 -34.40 51.93
CA PHE O 253 -19.57 -35.10 53.15
C PHE O 253 -20.35 -36.40 53.26
N ALA O 254 -19.82 -37.33 54.04
CA ALA O 254 -20.46 -38.62 54.23
C ALA O 254 -20.07 -39.18 55.60
N ILE O 255 -21.04 -39.81 56.26
CA ILE O 255 -20.85 -40.45 57.57
C ILE O 255 -21.04 -41.95 57.41
N SER O 256 -20.06 -42.72 57.90
CA SER O 256 -20.03 -44.16 57.76
C SER O 256 -20.43 -44.85 59.07
N HIS O 257 -20.53 -46.18 59.02
CA HIS O 257 -20.83 -46.95 60.22
C HIS O 257 -19.70 -46.87 61.23
N GLU O 258 -18.46 -46.74 60.78
CA GLU O 258 -17.32 -46.57 61.69
C GLU O 258 -17.35 -45.23 62.41
N GLY O 259 -18.32 -44.37 62.14
CA GLY O 259 -18.39 -43.06 62.75
C GLY O 259 -17.50 -42.01 62.12
N HIS O 260 -16.59 -42.40 61.25
CA HIS O 260 -15.69 -41.44 60.61
C HIS O 260 -16.46 -40.54 59.64
N VAL O 261 -15.88 -39.38 59.38
CA VAL O 261 -16.49 -38.37 58.51
C VAL O 261 -15.56 -38.15 57.32
N TYR O 262 -16.09 -38.36 56.12
CA TYR O 262 -15.34 -38.13 54.90
C TYR O 262 -15.92 -36.95 54.14
N GLY O 263 -15.11 -36.38 53.25
CA GLY O 263 -15.53 -35.23 52.48
C GLY O 263 -14.54 -34.92 51.39
N PHE O 264 -15.02 -34.18 50.39
CA PHE O 264 -14.21 -33.89 49.22
C PHE O 264 -14.88 -32.78 48.41
N GLY O 265 -14.06 -31.99 47.74
CA GLY O 265 -14.53 -30.88 46.94
C GLY O 265 -13.46 -29.79 46.89
N LEU O 266 -13.92 -28.55 46.72
CA LEU O 266 -13.05 -27.39 46.70
C LEU O 266 -12.90 -26.82 48.10
N SER O 267 -11.67 -26.56 48.51
CA SER O 267 -11.35 -26.00 49.82
C SER O 267 -10.58 -24.69 49.67
N ASN O 268 -11.01 -23.83 48.74
CA ASN O 268 -10.31 -22.57 48.48
C ASN O 268 -10.35 -21.66 49.71
N TYR O 269 -11.50 -21.61 50.39
CA TYR O 269 -11.65 -20.82 51.61
C TYR O 269 -11.70 -21.70 52.85
N HIS O 270 -11.04 -22.87 52.79
CA HIS O 270 -10.87 -23.76 53.93
C HIS O 270 -12.19 -24.31 54.44
N GLN O 271 -13.18 -24.39 53.55
CA GLN O 271 -14.53 -24.80 53.92
C GLN O 271 -14.69 -26.32 54.04
N LEU O 272 -13.60 -27.08 53.97
CA LEU O 272 -13.64 -28.52 54.15
C LEU O 272 -12.93 -28.98 55.43
N GLY O 273 -12.51 -28.04 56.28
CA GLY O 273 -11.76 -28.41 57.46
C GLY O 273 -10.32 -28.79 57.21
N THR O 274 -9.85 -28.67 55.97
CA THR O 274 -8.47 -28.99 55.65
C THR O 274 -7.55 -27.81 55.96
N PRO O 275 -6.31 -28.08 56.37
CA PRO O 275 -5.38 -26.97 56.66
C PRO O 275 -5.03 -26.15 55.43
N GLY O 276 -4.98 -26.75 54.24
CA GLY O 276 -4.57 -26.08 53.03
C GLY O 276 -5.73 -25.85 52.06
N THR O 277 -5.43 -25.04 51.04
CA THR O 277 -6.39 -24.71 49.99
C THR O 277 -6.37 -25.70 48.84
N GLU O 278 -5.63 -26.81 48.97
CA GLU O 278 -5.53 -27.77 47.89
C GLU O 278 -6.88 -28.43 47.61
N SER O 279 -7.16 -28.65 46.32
CA SER O 279 -8.40 -29.31 45.93
C SER O 279 -8.35 -30.79 46.32
N CYS O 280 -9.43 -31.28 46.91
CA CYS O 280 -9.51 -32.65 47.38
C CYS O 280 -10.31 -33.46 46.37
N PHE O 281 -9.60 -34.20 45.52
CA PHE O 281 -10.23 -35.09 44.56
C PHE O 281 -10.38 -36.51 45.09
N ILE O 282 -9.83 -36.79 46.27
CA ILE O 282 -9.90 -38.10 46.91
C ILE O 282 -10.68 -37.92 48.21
N PRO O 283 -11.51 -38.89 48.61
CA PRO O 283 -12.24 -38.75 49.87
C PRO O 283 -11.31 -38.76 51.07
N GLN O 284 -10.63 -37.64 51.29
CA GLN O 284 -9.66 -37.52 52.36
C GLN O 284 -10.35 -37.64 53.72
N ASN O 285 -9.76 -38.44 54.61
CA ASN O 285 -10.26 -38.52 55.97
C ASN O 285 -9.85 -37.27 56.74
N LEU O 286 -10.84 -36.56 57.28
CA LEU O 286 -10.61 -35.26 57.91
C LEU O 286 -10.24 -35.47 59.38
N THR O 287 -8.98 -35.19 59.71
CA THR O 287 -8.54 -35.28 61.10
C THR O 287 -9.10 -34.15 61.96
N SER O 288 -9.53 -33.05 61.33
CA SER O 288 -10.08 -31.92 62.09
C SER O 288 -11.40 -32.26 62.76
N PHE O 289 -12.06 -33.33 62.34
CA PHE O 289 -13.35 -33.73 62.90
C PHE O 289 -13.25 -34.99 63.76
N LYS O 290 -12.07 -35.58 63.88
CA LYS O 290 -11.91 -36.83 64.62
C LYS O 290 -11.99 -36.55 66.12
N ASN O 291 -13.03 -37.09 66.76
CA ASN O 291 -13.18 -36.96 68.20
C ASN O 291 -14.06 -38.09 68.71
N SER O 292 -13.61 -38.76 69.78
CA SER O 292 -14.39 -39.88 70.31
C SER O 292 -15.65 -39.39 71.00
N THR O 293 -15.57 -38.27 71.71
CA THR O 293 -16.74 -37.75 72.42
C THR O 293 -17.77 -37.22 71.44
N LYS O 294 -17.34 -36.36 70.50
CA LYS O 294 -18.26 -35.74 69.57
C LYS O 294 -18.64 -36.72 68.47
N SER O 295 -19.96 -36.89 68.28
CA SER O 295 -20.50 -37.73 67.22
C SER O 295 -21.29 -36.84 66.28
N TRP O 296 -20.85 -36.76 65.02
CA TRP O 296 -21.46 -35.85 64.07
C TRP O 296 -22.76 -36.44 63.53
N VAL O 297 -23.80 -35.59 63.46
CA VAL O 297 -25.10 -36.00 62.97
C VAL O 297 -25.54 -35.18 61.76
N GLY O 298 -25.32 -33.87 61.78
CA GLY O 298 -25.88 -33.07 60.71
C GLY O 298 -24.90 -32.15 60.01
N PHE O 299 -24.90 -32.17 58.68
CA PHE O 299 -23.98 -31.35 57.90
C PHE O 299 -24.75 -30.48 56.92
N SER O 300 -24.12 -29.37 56.53
CA SER O 300 -24.66 -28.44 55.54
C SER O 300 -23.56 -27.48 55.14
N GLY O 301 -23.72 -26.87 53.97
CA GLY O 301 -22.71 -25.95 53.50
C GLY O 301 -23.12 -25.13 52.30
N GLY O 302 -22.59 -23.90 52.21
CA GLY O 302 -22.82 -23.03 51.09
C GLY O 302 -21.69 -23.09 50.07
N GLN O 303 -21.61 -22.05 49.25
CA GLN O 303 -20.61 -22.04 48.19
C GLN O 303 -19.18 -21.91 48.74
N HIS O 304 -19.02 -21.23 49.87
CA HIS O 304 -17.69 -21.13 50.46
C HIS O 304 -17.70 -21.24 51.99
N HIS O 305 -18.80 -21.68 52.59
CA HIS O 305 -18.90 -21.86 54.03
C HIS O 305 -19.53 -23.21 54.35
N THR O 306 -19.47 -23.58 55.63
CA THR O 306 -19.94 -24.89 56.07
C THR O 306 -20.41 -24.80 57.51
N VAL O 307 -21.59 -25.37 57.79
CA VAL O 307 -22.14 -25.43 59.13
C VAL O 307 -22.55 -26.87 59.44
N CYS O 308 -22.25 -27.32 60.65
CA CYS O 308 -22.50 -28.69 61.06
C CYS O 308 -23.13 -28.71 62.45
N MET O 309 -23.45 -29.90 62.94
CA MET O 309 -24.07 -30.08 64.24
C MET O 309 -23.82 -31.49 64.74
N ASP O 310 -23.67 -31.61 66.06
CA ASP O 310 -23.31 -32.84 66.73
C ASP O 310 -24.55 -33.49 67.36
N SER O 311 -24.33 -34.67 67.96
CA SER O 311 -25.42 -35.39 68.61
C SER O 311 -25.93 -34.68 69.85
N GLU O 312 -25.13 -33.79 70.44
CA GLU O 312 -25.53 -33.08 71.64
C GLU O 312 -26.29 -31.79 71.35
N GLY O 313 -26.40 -31.40 70.08
CA GLY O 313 -27.16 -30.23 69.71
C GLY O 313 -26.35 -28.99 69.43
N LYS O 314 -25.04 -29.02 69.68
CA LYS O 314 -24.18 -27.86 69.46
C LYS O 314 -23.81 -27.79 67.98
N ALA O 315 -24.10 -26.65 67.36
CA ALA O 315 -23.83 -26.45 65.93
C ALA O 315 -22.53 -25.67 65.77
N TYR O 316 -21.64 -26.20 64.93
CA TYR O 316 -20.35 -25.59 64.64
C TYR O 316 -20.37 -24.99 63.25
N SER O 317 -19.35 -24.18 62.96
CA SER O 317 -19.25 -23.54 61.66
C SER O 317 -17.78 -23.35 61.29
N LEU O 318 -17.52 -23.29 59.99
CA LEU O 318 -16.17 -23.04 59.48
C LEU O 318 -16.29 -22.62 58.02
N GLY O 319 -15.17 -22.13 57.49
CA GLY O 319 -15.12 -21.69 56.11
C GLY O 319 -14.83 -20.21 55.96
N ARG O 320 -15.23 -19.64 54.83
CA ARG O 320 -15.03 -18.22 54.58
C ARG O 320 -15.83 -17.40 55.59
N ALA O 321 -15.29 -16.22 55.92
CA ALA O 321 -15.84 -15.38 56.99
C ALA O 321 -16.48 -14.10 56.50
N GLU O 322 -16.35 -13.77 55.21
CA GLU O 322 -16.85 -12.49 54.72
C GLU O 322 -18.37 -12.44 54.75
N TYR O 323 -18.90 -11.22 54.84
CA TYR O 323 -20.33 -10.93 54.81
C TYR O 323 -21.08 -11.58 55.97
N GLY O 324 -20.38 -11.89 57.05
CA GLY O 324 -21.03 -12.42 58.23
C GLY O 324 -21.65 -13.79 58.06
N ARG O 325 -21.12 -14.60 57.15
CA ARG O 325 -21.72 -15.91 56.89
C ARG O 325 -21.38 -16.94 57.96
N LEU O 326 -20.39 -16.68 58.81
CA LEU O 326 -20.09 -17.57 59.93
C LEU O 326 -20.88 -17.20 61.17
N GLY O 327 -20.92 -15.92 61.53
CA GLY O 327 -21.70 -15.46 62.66
C GLY O 327 -21.12 -15.88 64.01
N LEU O 328 -19.89 -15.46 64.29
CA LEU O 328 -19.22 -15.84 65.53
C LEU O 328 -18.98 -14.64 66.45
N GLY O 329 -18.27 -13.62 65.99
CA GLY O 329 -17.87 -12.54 66.87
C GLY O 329 -17.93 -11.15 66.27
N GLU O 330 -18.84 -10.94 65.31
CA GLU O 330 -19.03 -9.64 64.67
C GLU O 330 -17.73 -9.17 63.99
N GLY O 331 -17.25 -9.99 63.07
CA GLY O 331 -16.04 -9.70 62.34
C GLY O 331 -14.85 -10.58 62.65
N ALA O 332 -15.06 -11.78 63.18
CA ALA O 332 -13.96 -12.68 63.47
C ALA O 332 -13.25 -13.08 62.17
N GLU O 333 -11.96 -13.38 62.29
CA GLU O 333 -11.15 -13.71 61.13
C GLU O 333 -11.53 -15.09 60.58
N GLU O 334 -11.01 -15.38 59.39
CA GLU O 334 -11.32 -16.63 58.71
C GLU O 334 -10.85 -17.83 59.53
N LYS O 335 -11.69 -18.86 59.59
CA LYS O 335 -11.44 -20.04 60.42
C LYS O 335 -11.48 -21.28 59.55
N SER O 336 -10.50 -22.17 59.76
CA SER O 336 -10.43 -23.44 59.03
C SER O 336 -10.85 -24.63 59.88
N ILE O 337 -11.35 -24.39 61.09
CA ILE O 337 -11.70 -25.46 62.02
C ILE O 337 -13.13 -25.23 62.49
N PRO O 338 -13.83 -26.29 62.91
CA PRO O 338 -15.18 -26.12 63.44
C PRO O 338 -15.17 -25.31 64.73
N THR O 339 -16.03 -24.30 64.79
CA THR O 339 -16.09 -23.37 65.91
C THR O 339 -17.49 -23.33 66.48
N LEU O 340 -17.60 -23.56 67.79
CA LEU O 340 -18.88 -23.50 68.46
C LEU O 340 -19.46 -22.09 68.44
N ILE O 341 -20.77 -22.00 68.25
CA ILE O 341 -21.50 -20.75 68.34
C ILE O 341 -22.24 -20.77 69.68
N SER O 342 -21.69 -20.04 70.66
CA SER O 342 -22.25 -20.08 72.01
C SER O 342 -23.64 -19.48 72.10
N ARG O 343 -24.03 -18.65 71.13
CA ARG O 343 -25.34 -18.00 71.16
C ARG O 343 -26.48 -18.92 70.77
N LEU O 344 -26.21 -20.19 70.44
CA LEU O 344 -27.26 -21.07 69.94
C LEU O 344 -27.74 -22.02 71.01
N PRO O 345 -29.06 -22.14 71.23
CA PRO O 345 -29.58 -23.18 72.13
C PRO O 345 -29.47 -24.56 71.50
N ALA O 346 -30.06 -25.57 72.15
CA ALA O 346 -30.06 -26.92 71.60
C ALA O 346 -30.68 -26.96 70.21
N VAL O 347 -29.87 -27.25 69.20
CA VAL O 347 -30.30 -27.17 67.81
C VAL O 347 -30.86 -28.52 67.38
N SER O 348 -32.03 -28.49 66.74
CA SER O 348 -32.61 -29.71 66.18
C SER O 348 -32.03 -30.03 64.82
N SER O 349 -31.85 -29.02 63.97
CA SER O 349 -31.30 -29.25 62.64
C SER O 349 -30.68 -27.95 62.14
N VAL O 350 -29.72 -28.09 61.22
CA VAL O 350 -29.01 -26.93 60.67
C VAL O 350 -29.18 -26.95 59.15
N ALA O 351 -28.92 -25.79 58.54
CA ALA O 351 -28.97 -25.67 57.09
C ALA O 351 -28.14 -24.46 56.67
N CYS O 352 -27.81 -24.42 55.38
CA CYS O 352 -27.01 -23.35 54.82
C CYS O 352 -27.61 -22.88 53.50
N GLY O 353 -27.53 -21.58 53.25
CA GLY O 353 -27.92 -21.01 51.99
C GLY O 353 -26.74 -20.79 51.07
N ALA O 354 -26.95 -19.92 50.08
CA ALA O 354 -25.85 -19.55 49.18
C ALA O 354 -24.73 -18.87 49.95
N SER O 355 -25.05 -17.75 50.62
CA SER O 355 -24.07 -17.04 51.43
C SER O 355 -24.55 -16.85 52.86
N VAL O 356 -25.55 -17.61 53.29
CA VAL O 356 -26.17 -17.45 54.60
C VAL O 356 -26.21 -18.79 55.31
N GLY O 357 -26.79 -18.79 56.50
CA GLY O 357 -26.90 -19.98 57.32
C GLY O 357 -28.07 -19.86 58.27
N TYR O 358 -28.71 -21.00 58.53
CA TYR O 358 -29.92 -21.07 59.34
C TYR O 358 -29.82 -22.21 60.33
N ALA O 359 -30.38 -21.99 61.52
CA ALA O 359 -30.44 -23.00 62.56
C ALA O 359 -31.87 -23.18 63.04
N VAL O 360 -32.21 -24.38 63.45
CA VAL O 360 -33.54 -24.72 63.95
C VAL O 360 -33.37 -25.46 65.26
N THR O 361 -33.84 -24.87 66.35
CA THR O 361 -33.73 -25.46 67.68
C THR O 361 -34.85 -26.47 67.89
N LYS O 362 -34.67 -27.29 68.93
CA LYS O 362 -35.65 -28.34 69.23
C LYS O 362 -36.99 -27.76 69.65
N ASP O 363 -37.00 -26.61 70.32
CA ASP O 363 -38.26 -26.01 70.75
C ASP O 363 -39.06 -25.42 69.60
N GLY O 364 -38.45 -25.27 68.43
CA GLY O 364 -39.15 -24.74 67.26
C GLY O 364 -38.67 -23.39 66.78
N ARG O 365 -37.71 -22.76 67.47
CA ARG O 365 -37.22 -21.46 67.05
C ARG O 365 -36.20 -21.62 65.91
N VAL O 366 -36.13 -20.60 65.07
CA VAL O 366 -35.24 -20.57 63.92
C VAL O 366 -34.39 -19.32 63.97
N PHE O 367 -33.09 -19.48 63.72
CA PHE O 367 -32.13 -18.38 63.72
C PHE O 367 -31.50 -18.25 62.34
N ALA O 368 -31.18 -17.01 61.96
CA ALA O 368 -30.61 -16.73 60.65
C ALA O 368 -29.35 -15.88 60.81
N TRP O 369 -28.43 -16.03 59.86
CA TRP O 369 -27.24 -15.21 59.87
C TRP O 369 -26.59 -15.25 58.49
N GLY O 370 -25.98 -14.14 58.10
CA GLY O 370 -25.24 -14.08 56.86
C GLY O 370 -25.56 -12.81 56.10
N MET O 371 -25.28 -12.85 54.80
CA MET O 371 -25.48 -11.70 53.93
C MET O 371 -26.98 -11.39 53.81
N GLY O 372 -27.35 -10.13 54.01
CA GLY O 372 -28.74 -9.74 53.91
C GLY O 372 -29.08 -8.96 52.67
N THR O 373 -28.23 -9.05 51.64
CA THR O 373 -28.48 -8.31 50.40
C THR O 373 -29.79 -8.75 49.75
N ASN O 374 -30.10 -10.03 49.82
CA ASN O 374 -31.35 -10.57 49.27
C ASN O 374 -32.44 -10.69 50.33
N TYR O 375 -32.24 -10.09 51.51
CA TYR O 375 -33.21 -10.11 52.60
C TYR O 375 -33.57 -11.53 53.01
N GLN O 376 -32.64 -12.45 52.83
CA GLN O 376 -32.85 -13.83 53.24
C GLN O 376 -32.87 -14.00 54.75
N LEU O 377 -32.46 -12.98 55.50
CA LEU O 377 -32.35 -13.09 56.94
C LEU O 377 -33.68 -12.99 57.65
N GLY O 378 -34.72 -12.47 56.98
CA GLY O 378 -36.01 -12.30 57.60
C GLY O 378 -36.11 -11.17 58.60
N THR O 379 -35.05 -10.39 58.79
CA THR O 379 -35.09 -9.27 59.72
C THR O 379 -35.66 -7.99 59.11
N GLY O 380 -35.89 -7.98 57.79
CA GLY O 380 -36.33 -6.77 57.13
C GLY O 380 -35.26 -5.73 56.95
N GLN O 381 -34.01 -6.05 57.28
CA GLN O 381 -32.90 -5.11 57.14
C GLN O 381 -31.86 -5.74 56.22
N ASP O 382 -31.52 -5.03 55.13
CA ASP O 382 -30.49 -5.50 54.21
C ASP O 382 -29.10 -5.41 54.80
N GLU O 383 -28.94 -4.88 56.01
CA GLU O 383 -27.63 -4.78 56.62
C GLU O 383 -27.09 -6.17 56.97
N ASP O 384 -25.82 -6.39 56.66
CA ASP O 384 -25.19 -7.67 56.91
C ASP O 384 -25.20 -7.99 58.41
N ALA O 385 -25.78 -9.12 58.77
CA ALA O 385 -25.94 -9.51 60.17
C ALA O 385 -24.84 -10.49 60.57
N TRP O 386 -24.09 -10.12 61.60
CA TRP O 386 -23.02 -10.97 62.14
C TRP O 386 -23.46 -11.81 63.33
N SER O 387 -24.64 -11.55 63.89
CA SER O 387 -25.10 -12.30 65.04
C SER O 387 -26.25 -13.23 64.66
N PRO O 388 -26.37 -14.37 65.33
CA PRO O 388 -27.49 -15.28 65.03
C PRO O 388 -28.83 -14.69 65.48
N VAL O 389 -29.33 -13.73 64.70
CA VAL O 389 -30.57 -13.05 65.06
C VAL O 389 -31.75 -13.99 64.84
N GLU O 390 -32.72 -13.94 65.75
CA GLU O 390 -33.92 -14.75 65.62
C GLU O 390 -34.88 -14.12 64.62
N MET O 391 -35.46 -14.96 63.78
CA MET O 391 -36.42 -14.51 62.78
C MET O 391 -37.81 -14.41 63.41
N MET O 392 -38.55 -13.38 63.05
CA MET O 392 -39.86 -13.16 63.65
C MET O 392 -40.83 -12.64 62.61
N GLY O 393 -42.07 -13.13 62.68
CA GLY O 393 -43.11 -12.70 61.77
C GLY O 393 -44.45 -13.24 62.22
N LYS O 394 -45.52 -12.66 61.67
CA LYS O 394 -46.86 -13.06 62.09
C LYS O 394 -47.14 -14.51 61.75
N GLN O 395 -46.62 -15.00 60.63
CA GLN O 395 -46.79 -16.40 60.28
C GLN O 395 -45.96 -17.33 61.15
N LEU O 396 -45.16 -16.80 62.07
CA LEU O 396 -44.45 -17.61 63.06
C LEU O 396 -45.14 -17.62 64.41
N GLU O 397 -46.15 -16.79 64.60
CA GLU O 397 -46.86 -16.74 65.88
C GLU O 397 -47.61 -18.03 66.12
N ASN O 398 -47.39 -18.62 67.29
CA ASN O 398 -48.04 -19.88 67.70
C ASN O 398 -47.73 -21.00 66.71
N ARG O 399 -46.52 -20.99 66.15
CA ARG O 399 -46.10 -22.02 65.22
C ARG O 399 -44.64 -22.35 65.46
N VAL O 400 -44.27 -23.59 65.14
CA VAL O 400 -42.90 -24.07 65.29
C VAL O 400 -42.35 -24.39 63.91
N VAL O 401 -41.04 -24.29 63.77
CA VAL O 401 -40.36 -24.49 62.49
C VAL O 401 -39.99 -25.96 62.36
N LEU O 402 -40.55 -26.62 61.34
CA LEU O 402 -40.21 -28.01 61.09
C LEU O 402 -38.87 -28.14 60.37
N SER O 403 -38.70 -27.45 59.24
CA SER O 403 -37.45 -27.55 58.51
C SER O 403 -37.14 -26.22 57.84
N VAL O 404 -35.94 -26.14 57.26
CA VAL O 404 -35.44 -24.93 56.64
C VAL O 404 -34.55 -25.31 55.46
N SER O 405 -34.68 -24.56 54.37
CA SER O 405 -33.77 -24.69 53.24
C SER O 405 -33.60 -23.31 52.61
N SER O 406 -32.47 -23.12 51.92
CA SER O 406 -32.19 -21.83 51.33
C SER O 406 -31.36 -22.00 50.07
N GLY O 407 -31.68 -21.18 49.07
CA GLY O 407 -30.96 -21.20 47.81
C GLY O 407 -30.19 -19.93 47.55
N GLY O 408 -30.28 -19.43 46.31
CA GLY O 408 -29.52 -18.26 45.92
C GLY O 408 -30.10 -16.94 46.41
N GLN O 409 -31.33 -16.62 46.00
CA GLN O 409 -31.93 -15.33 46.30
C GLN O 409 -33.18 -15.45 47.17
N HIS O 410 -33.38 -16.58 47.85
CA HIS O 410 -34.57 -16.75 48.67
C HIS O 410 -34.31 -17.81 49.72
N THR O 411 -35.33 -18.09 50.52
CA THR O 411 -35.26 -19.05 51.61
C THR O 411 -36.67 -19.55 51.91
N VAL O 412 -36.77 -20.85 52.18
CA VAL O 412 -38.05 -21.53 52.37
C VAL O 412 -38.04 -22.25 53.71
N LEU O 413 -39.16 -22.16 54.41
CA LEU O 413 -39.36 -22.78 55.70
C LEU O 413 -40.51 -23.78 55.62
N LEU O 414 -40.49 -24.75 56.53
CA LEU O 414 -41.61 -25.65 56.77
C LEU O 414 -41.97 -25.56 58.23
N VAL O 415 -43.23 -25.17 58.51
CA VAL O 415 -43.66 -24.85 59.87
C VAL O 415 -44.94 -25.60 60.19
N LYS O 416 -45.21 -25.74 61.49
CA LYS O 416 -46.40 -26.43 61.97
C LYS O 416 -47.03 -25.64 63.10
N ASP O 417 -48.36 -25.65 63.15
CA ASP O 417 -49.07 -25.01 64.26
C ASP O 417 -48.74 -25.71 65.57
N LYS O 418 -48.79 -24.95 66.66
CA LYS O 418 -48.49 -25.52 67.97
C LYS O 418 -49.57 -26.51 68.39
N GLU O 419 -49.19 -27.42 69.29
CA GLU O 419 -50.09 -28.48 69.73
C GLU O 419 -51.23 -27.97 70.60
N GLN O 420 -51.07 -26.80 71.22
CA GLN O 420 -52.12 -26.27 72.07
C GLN O 420 -53.34 -25.86 71.25
N SER O 421 -54.51 -25.90 71.89
CA SER O 421 -55.78 -25.52 71.27
C SER O 421 -56.04 -26.29 69.97
N LYS P 4 55.23 34.58 -12.77
CA LYS P 4 54.98 33.92 -14.04
C LYS P 4 53.50 33.88 -14.40
N ARG P 5 53.18 33.99 -15.68
CA ARG P 5 51.82 33.94 -16.17
C ARG P 5 51.78 33.17 -17.48
N ILE P 6 50.75 32.34 -17.65
CA ILE P 6 50.58 31.60 -18.89
C ILE P 6 49.68 32.47 -19.76
N ALA P 7 49.56 32.15 -21.04
CA ALA P 7 48.67 32.88 -21.91
C ALA P 7 47.33 32.16 -21.92
N LYS P 8 46.28 32.90 -22.22
CA LYS P 8 44.96 32.33 -22.06
C LYS P 8 44.56 31.53 -23.28
N ARG P 9 43.81 30.47 -23.04
CA ARG P 9 43.57 29.45 -24.03
C ARG P 9 42.36 29.73 -24.90
N ARG P 10 42.48 29.44 -26.19
CA ARG P 10 41.39 29.60 -27.11
C ARG P 10 40.60 28.30 -27.21
N SER P 11 39.71 28.22 -28.17
CA SER P 11 38.66 27.23 -28.21
C SER P 11 38.61 26.43 -29.49
N PRO P 12 38.02 25.23 -29.46
CA PRO P 12 37.61 24.60 -30.70
C PRO P 12 36.55 25.47 -31.35
N PRO P 13 36.34 25.35 -32.66
CA PRO P 13 35.45 26.32 -33.27
C PRO P 13 34.02 26.42 -32.74
N ALA P 14 33.21 25.35 -32.89
CA ALA P 14 31.84 25.32 -32.32
C ALA P 14 31.14 23.96 -32.37
N ASP P 15 30.11 23.77 -31.55
CA ASP P 15 29.33 22.52 -31.52
C ASP P 15 27.85 22.66 -31.97
N ALA P 16 27.50 23.93 -32.21
CA ALA P 16 26.20 24.37 -32.69
C ALA P 16 26.26 25.73 -33.43
N ILE P 17 27.05 25.82 -34.49
CA ILE P 17 27.15 27.04 -35.29
C ILE P 17 25.78 27.46 -35.84
N PRO P 18 25.44 28.75 -35.85
CA PRO P 18 24.23 29.18 -36.56
C PRO P 18 24.44 29.00 -38.05
N LYS P 19 23.52 28.27 -38.68
CA LYS P 19 23.58 27.99 -40.11
C LYS P 19 23.92 29.21 -40.95
N SER P 20 25.01 29.09 -41.73
CA SER P 20 25.46 30.17 -42.60
C SER P 20 24.85 30.12 -43.98
N LYS P 21 24.32 28.98 -44.43
CA LYS P 21 23.76 28.87 -45.78
C LYS P 21 22.25 29.09 -45.82
N LYS P 22 21.47 28.25 -45.15
CA LYS P 22 20.02 28.48 -45.08
C LYS P 22 19.30 28.58 -46.42
N VAL P 23 19.09 27.43 -47.07
CA VAL P 23 18.41 27.41 -48.37
C VAL P 23 16.93 27.69 -48.15
N LYS P 24 16.30 28.37 -49.11
CA LYS P 24 14.86 28.58 -49.11
C LYS P 24 14.21 27.47 -49.92
N VAL P 25 13.45 26.61 -49.25
CA VAL P 25 12.88 25.46 -49.92
C VAL P 25 11.80 25.92 -50.88
N SER P 26 11.71 25.25 -52.03
CA SER P 26 10.66 25.50 -53.00
C SER P 26 10.19 24.17 -53.56
N HIS P 27 8.88 24.01 -53.65
CA HIS P 27 8.31 22.78 -54.16
C HIS P 27 6.94 23.09 -54.75
N ARG P 28 6.54 22.29 -55.73
CA ARG P 28 5.28 22.54 -56.42
C ARG P 28 4.05 22.30 -55.56
N SER P 29 4.21 21.74 -54.36
CA SER P 29 3.09 21.56 -53.45
C SER P 29 2.80 22.79 -52.60
N HIS P 30 3.74 23.74 -52.53
CA HIS P 30 3.51 24.95 -51.76
C HIS P 30 2.40 25.78 -52.38
N SER P 31 1.35 26.06 -51.62
CA SER P 31 0.27 26.91 -52.12
C SER P 31 0.67 28.37 -51.97
N THR P 32 0.46 29.14 -53.04
CA THR P 32 0.88 30.53 -53.09
C THR P 32 -0.27 31.51 -53.27
N GLU P 33 -1.24 31.20 -54.11
CA GLU P 33 -2.30 32.15 -54.41
C GLU P 33 -3.16 32.36 -53.17
N PRO P 34 -3.33 33.60 -52.72
CA PRO P 34 -4.16 33.85 -51.53
C PRO P 34 -5.64 33.59 -51.80
N GLY P 35 -6.36 33.37 -50.72
CA GLY P 35 -7.77 33.09 -50.82
C GLY P 35 -8.47 33.26 -49.49
N LEU P 36 -9.62 32.61 -49.36
CA LEU P 36 -10.45 32.67 -48.17
C LEU P 36 -10.84 31.26 -47.75
N VAL P 37 -11.10 31.10 -46.46
CA VAL P 37 -11.33 29.80 -45.85
C VAL P 37 -12.82 29.56 -45.67
N LEU P 38 -13.28 28.37 -46.02
CA LEU P 38 -14.65 27.93 -45.79
C LEU P 38 -14.63 26.64 -44.98
N THR P 39 -15.66 26.46 -44.15
CA THR P 39 -15.78 25.25 -43.36
C THR P 39 -17.21 24.73 -43.43
N LEU P 40 -17.36 23.43 -43.17
CA LEU P 40 -18.69 22.84 -43.14
C LEU P 40 -18.61 21.50 -42.45
N GLY P 41 -19.75 21.04 -41.97
CA GLY P 41 -19.85 19.77 -41.27
C GLY P 41 -20.08 19.98 -39.78
N GLN P 42 -19.90 18.89 -39.04
CA GLN P 42 -20.05 18.95 -37.59
C GLN P 42 -18.99 19.86 -36.98
N GLY P 43 -19.44 20.82 -36.18
CA GLY P 43 -18.55 21.71 -35.45
C GLY P 43 -18.65 21.51 -33.96
N ASP P 44 -18.69 20.24 -33.54
CA ASP P 44 -18.95 19.92 -32.14
C ASP P 44 -17.95 20.59 -31.21
N VAL P 45 -16.66 20.40 -31.46
CA VAL P 45 -15.62 20.95 -30.60
C VAL P 45 -15.01 22.22 -31.19
N GLY P 46 -15.67 22.85 -32.16
CA GLY P 46 -15.23 24.11 -32.70
C GLY P 46 -14.31 24.02 -33.89
N GLN P 47 -14.24 22.87 -34.55
CA GLN P 47 -13.39 22.72 -35.73
C GLN P 47 -13.91 23.49 -36.93
N LEU P 48 -15.03 24.19 -36.82
CA LEU P 48 -15.50 25.07 -37.87
C LEU P 48 -15.01 26.51 -37.70
N GLY P 49 -14.66 26.90 -36.48
CA GLY P 49 -14.12 28.22 -36.23
C GLY P 49 -15.09 29.36 -36.46
N LEU P 50 -16.38 29.10 -36.39
CA LEU P 50 -17.37 30.12 -36.68
C LEU P 50 -17.90 30.82 -35.44
N GLY P 51 -17.68 30.26 -34.26
CA GLY P 51 -18.12 30.89 -33.04
C GLY P 51 -18.40 29.86 -31.97
N GLU P 52 -18.68 30.37 -30.77
CA GLU P 52 -18.94 29.50 -29.64
C GLU P 52 -20.27 28.77 -29.78
N ASN P 53 -21.24 29.41 -30.42
CA ASN P 53 -22.59 28.87 -30.53
C ASN P 53 -22.84 28.14 -31.84
N VAL P 54 -21.83 28.02 -32.69
CA VAL P 54 -21.98 27.37 -33.99
C VAL P 54 -21.60 25.90 -33.83
N MET P 55 -22.58 25.01 -33.94
CA MET P 55 -22.34 23.58 -33.78
C MET P 55 -22.33 22.81 -35.09
N GLU P 56 -22.88 23.37 -36.17
CA GLU P 56 -23.03 22.59 -37.39
C GLU P 56 -23.30 23.52 -38.57
N ARG P 57 -22.72 23.17 -39.71
CA ARG P 57 -22.98 23.85 -40.98
C ARG P 57 -23.03 22.81 -42.09
N LYS P 58 -24.11 22.85 -42.89
CA LYS P 58 -24.30 21.87 -43.94
C LYS P 58 -23.88 22.38 -45.32
N LYS P 59 -23.51 23.65 -45.42
CA LYS P 59 -22.98 24.24 -46.63
C LYS P 59 -21.91 25.23 -46.22
N PRO P 60 -20.98 25.55 -47.11
CA PRO P 60 -19.80 26.34 -46.70
C PRO P 60 -20.18 27.67 -46.07
N ALA P 61 -19.42 28.05 -45.06
CA ALA P 61 -19.56 29.34 -44.41
C ALA P 61 -18.20 29.98 -44.27
N LEU P 62 -18.17 31.32 -44.28
CA LEU P 62 -16.92 32.04 -44.27
C LEU P 62 -16.38 32.17 -42.85
N VAL P 63 -15.08 31.94 -42.70
CA VAL P 63 -14.39 32.03 -41.42
C VAL P 63 -13.61 33.33 -41.36
N SER P 64 -13.75 34.04 -40.25
CA SER P 64 -13.11 35.35 -40.09
C SER P 64 -11.63 35.17 -39.77
N ILE P 65 -10.77 35.54 -40.71
CA ILE P 65 -9.33 35.51 -40.53
C ILE P 65 -8.80 36.92 -40.79
N PRO P 66 -7.99 37.50 -39.91
CA PRO P 66 -7.53 38.88 -40.12
C PRO P 66 -6.69 39.06 -41.37
N GLU P 67 -6.04 38.03 -41.87
CA GLU P 67 -5.17 38.12 -43.04
C GLU P 67 -5.70 37.22 -44.15
N ASP P 68 -5.04 37.28 -45.30
CA ASP P 68 -5.33 36.37 -46.38
C ASP P 68 -4.72 35.00 -46.08
N VAL P 69 -5.28 33.96 -46.71
CA VAL P 69 -4.91 32.58 -46.45
C VAL P 69 -4.43 31.94 -47.74
N VAL P 70 -3.25 31.31 -47.68
CA VAL P 70 -2.67 30.71 -48.88
C VAL P 70 -2.91 29.20 -48.90
N GLN P 71 -3.06 28.60 -47.73
CA GLN P 71 -3.28 27.16 -47.64
C GLN P 71 -4.13 26.84 -46.43
N ALA P 72 -4.96 25.82 -46.54
CA ALA P 72 -5.78 25.38 -45.43
C ALA P 72 -5.84 23.87 -45.42
N GLU P 73 -5.59 23.28 -44.25
CA GLU P 73 -5.65 21.84 -44.07
C GLU P 73 -6.49 21.52 -42.84
N ALA P 74 -7.31 20.48 -42.96
CA ALA P 74 -8.24 20.08 -41.91
C ALA P 74 -7.72 18.81 -41.24
N GLY P 75 -7.43 18.90 -39.96
CA GLY P 75 -7.02 17.74 -39.20
C GLY P 75 -8.19 16.84 -38.87
N GLY P 76 -7.93 15.87 -38.01
CA GLY P 76 -8.95 14.95 -37.57
C GLY P 76 -10.11 15.66 -36.90
N MET P 77 -9.85 16.33 -35.78
CA MET P 77 -10.85 17.10 -35.08
C MET P 77 -10.45 18.55 -34.91
N HIS P 78 -9.47 19.02 -35.69
CA HIS P 78 -9.08 20.41 -35.66
C HIS P 78 -8.83 20.88 -37.09
N THR P 79 -8.42 22.13 -37.23
CA THR P 79 -8.23 22.74 -38.53
C THR P 79 -7.13 23.79 -38.42
N VAL P 80 -6.27 23.83 -39.44
CA VAL P 80 -5.10 24.69 -39.45
C VAL P 80 -5.09 25.46 -40.76
N CYS P 81 -4.89 26.78 -40.65
CA CYS P 81 -4.82 27.68 -41.81
C CYS P 81 -3.48 28.40 -41.80
N LEU P 82 -2.93 28.61 -42.98
CA LEU P 82 -1.65 29.30 -43.17
C LEU P 82 -1.89 30.65 -43.80
N SER P 83 -1.45 31.71 -43.14
CA SER P 83 -1.68 33.06 -43.65
C SER P 83 -0.62 33.44 -44.68
N LYS P 84 -0.94 34.47 -45.47
CA LYS P 84 0.03 35.02 -46.41
C LYS P 84 1.29 35.49 -45.71
N SER P 85 1.13 36.19 -44.58
CA SER P 85 2.26 36.75 -43.84
C SER P 85 3.20 35.68 -43.29
N GLY P 86 2.77 34.43 -43.25
CA GLY P 86 3.58 33.33 -42.74
C GLY P 86 3.12 32.78 -41.41
N GLN P 87 2.40 33.56 -40.61
CA GLN P 87 1.88 33.07 -39.35
C GLN P 87 0.87 31.96 -39.60
N VAL P 88 0.70 31.09 -38.61
CA VAL P 88 -0.22 29.98 -38.69
C VAL P 88 -1.36 30.23 -37.72
N TYR P 89 -2.58 29.96 -38.17
CA TYR P 89 -3.76 30.02 -37.33
C TYR P 89 -4.32 28.62 -37.14
N SER P 90 -4.80 28.33 -35.93
CA SER P 90 -5.35 27.01 -35.63
C SER P 90 -6.65 27.16 -34.86
N PHE P 91 -7.58 26.23 -35.09
CA PHE P 91 -8.79 26.21 -34.30
C PHE P 91 -9.39 24.81 -34.36
N GLY P 92 -9.87 24.34 -33.22
CA GLY P 92 -10.42 23.00 -33.12
C GLY P 92 -10.26 22.46 -31.70
N CYS P 93 -10.00 21.15 -31.62
CA CYS P 93 -9.91 20.44 -30.35
C CYS P 93 -8.48 20.53 -29.83
N ASN P 94 -8.31 21.12 -28.64
CA ASN P 94 -7.00 21.30 -28.02
C ASN P 94 -6.74 20.27 -26.92
N ASP P 95 -7.53 19.20 -26.85
CA ASP P 95 -7.34 18.21 -25.79
C ASP P 95 -5.98 17.54 -25.90
N GLU P 96 -5.50 17.32 -27.13
CA GLU P 96 -4.20 16.71 -27.36
C GLU P 96 -3.15 17.73 -27.77
N GLY P 97 -3.46 19.02 -27.68
CA GLY P 97 -2.47 20.03 -27.99
C GLY P 97 -2.24 20.26 -29.46
N ALA P 98 -3.17 19.84 -30.32
CA ALA P 98 -2.98 19.99 -31.75
C ALA P 98 -3.06 21.44 -32.21
N LEU P 99 -3.54 22.35 -31.38
CA LEU P 99 -3.63 23.74 -31.80
C LEU P 99 -2.33 24.49 -31.56
N GLY P 100 -1.60 24.16 -30.50
CA GLY P 100 -0.37 24.85 -30.17
C GLY P 100 -0.55 26.28 -29.72
N ARG P 101 -1.53 26.53 -28.84
CA ARG P 101 -1.73 27.86 -28.28
C ARG P 101 -2.60 27.73 -27.04
N ASP P 102 -2.64 28.81 -26.25
CA ASP P 102 -3.31 28.80 -24.96
C ASP P 102 -4.81 28.90 -25.18
N THR P 103 -5.53 27.83 -24.87
CA THR P 103 -6.99 27.81 -24.91
C THR P 103 -7.59 27.68 -23.51
N SER P 104 -6.88 28.20 -22.50
CA SER P 104 -7.41 28.16 -21.13
C SER P 104 -8.76 28.85 -21.05
N VAL P 105 -8.87 30.03 -21.67
CA VAL P 105 -10.15 30.74 -21.73
C VAL P 105 -11.09 29.92 -22.58
N GLU P 106 -12.15 29.40 -21.97
CA GLU P 106 -13.13 28.62 -22.73
C GLU P 106 -13.82 29.49 -23.75
N GLY P 107 -13.94 28.99 -24.98
CA GLY P 107 -14.44 29.75 -26.09
C GLY P 107 -13.38 30.25 -27.03
N SER P 108 -12.11 30.22 -26.63
CA SER P 108 -11.03 30.64 -27.51
C SER P 108 -10.64 29.55 -28.50
N GLU P 109 -10.92 28.29 -28.17
CA GLU P 109 -10.71 27.21 -29.12
C GLU P 109 -11.81 27.14 -30.16
N MET P 110 -12.91 27.87 -29.96
CA MET P 110 -14.03 27.85 -30.90
C MET P 110 -13.82 28.79 -32.08
N VAL P 111 -12.86 29.70 -31.98
CA VAL P 111 -12.60 30.66 -33.05
C VAL P 111 -11.13 30.56 -33.43
N PRO P 112 -10.77 30.97 -34.64
CA PRO P 112 -9.36 30.93 -35.03
C PRO P 112 -8.52 31.84 -34.18
N GLY P 113 -7.33 31.37 -33.83
CA GLY P 113 -6.40 32.16 -33.03
C GLY P 113 -4.98 31.96 -33.52
N LYS P 114 -4.15 32.94 -33.21
CA LYS P 114 -2.77 32.92 -33.67
C LYS P 114 -1.97 31.89 -32.89
N VAL P 115 -1.34 30.95 -33.60
CA VAL P 115 -0.57 29.90 -32.97
C VAL P 115 0.64 30.48 -32.26
N GLU P 116 0.98 29.92 -31.09
CA GLU P 116 2.12 30.38 -30.31
C GLU P 116 3.39 29.95 -31.03
N LEU P 117 3.72 30.73 -32.07
CA LEU P 117 4.87 30.46 -32.92
C LEU P 117 5.19 31.70 -33.75
N GLN P 118 6.47 32.05 -33.84
CA GLN P 118 6.90 33.23 -34.56
C GLN P 118 7.86 32.76 -35.65
N GLU P 119 7.31 32.38 -36.80
CA GLU P 119 8.09 31.92 -37.92
C GLU P 119 7.40 32.32 -39.21
N LYS P 120 8.13 32.18 -40.32
CA LYS P 120 7.58 32.32 -41.66
C LYS P 120 7.37 30.90 -42.17
N VAL P 121 6.14 30.42 -42.10
CA VAL P 121 5.82 29.04 -42.41
C VAL P 121 5.34 28.98 -43.85
N VAL P 122 5.89 28.04 -44.62
CA VAL P 122 5.52 27.91 -46.02
C VAL P 122 4.57 26.75 -46.28
N GLN P 123 4.54 25.74 -45.41
CA GLN P 123 3.62 24.64 -45.64
C GLN P 123 3.10 24.14 -44.29
N VAL P 124 1.92 23.55 -44.29
CA VAL P 124 1.33 22.97 -43.08
C VAL P 124 0.76 21.61 -43.42
N SER P 125 0.71 20.74 -42.42
CA SER P 125 0.10 19.43 -42.59
C SER P 125 -0.48 19.01 -41.24
N ALA P 126 -1.68 18.46 -41.26
CA ALA P 126 -2.37 18.13 -40.02
C ALA P 126 -3.05 16.78 -40.14
N GLY P 127 -2.95 15.99 -39.08
CA GLY P 127 -3.57 14.69 -39.05
C GLY P 127 -4.65 14.53 -37.99
N ASP P 128 -4.69 13.36 -37.35
CA ASP P 128 -5.73 13.10 -36.36
C ASP P 128 -5.53 13.95 -35.11
N SER P 129 -4.36 13.84 -34.48
CA SER P 129 -4.12 14.50 -33.21
C SER P 129 -2.88 15.36 -33.18
N HIS P 130 -2.27 15.62 -34.34
CA HIS P 130 -1.00 16.33 -34.38
C HIS P 130 -1.10 17.45 -35.41
N THR P 131 -0.09 18.30 -35.45
CA THR P 131 0.00 19.33 -36.47
C THR P 131 1.45 19.69 -36.69
N ALA P 132 1.88 19.66 -37.94
CA ALA P 132 3.26 19.91 -38.31
C ALA P 132 3.33 21.08 -39.26
N ALA P 133 4.32 21.94 -39.07
CA ALA P 133 4.53 23.08 -39.93
C ALA P 133 5.91 23.02 -40.55
N LEU P 134 6.04 23.57 -41.74
CA LEU P 134 7.29 23.61 -42.49
C LEU P 134 7.63 25.05 -42.79
N THR P 135 8.75 25.51 -42.27
CA THR P 135 9.21 26.88 -42.41
C THR P 135 9.95 27.06 -43.73
N ASP P 136 10.29 28.31 -44.02
CA ASP P 136 10.96 28.65 -45.26
C ASP P 136 12.36 28.07 -45.32
N ASP P 137 13.08 28.08 -44.20
CA ASP P 137 14.47 27.62 -44.19
C ASP P 137 14.62 26.10 -44.19
N GLY P 138 13.52 25.35 -44.07
CA GLY P 138 13.54 23.91 -44.22
C GLY P 138 13.38 23.12 -42.95
N ARG P 139 13.52 23.73 -41.78
CA ARG P 139 13.34 23.01 -40.53
C ARG P 139 11.86 22.85 -40.21
N VAL P 140 11.50 21.71 -39.64
CA VAL P 140 10.12 21.30 -39.44
C VAL P 140 9.76 21.46 -37.98
N PHE P 141 8.63 22.10 -37.72
CA PHE P 141 8.06 22.13 -36.39
C PHE P 141 6.90 21.14 -36.30
N LEU P 142 6.60 20.73 -35.07
CA LEU P 142 5.58 19.72 -34.85
C LEU P 142 5.06 19.87 -33.44
N TRP P 143 3.74 19.79 -33.29
CA TRP P 143 3.14 19.87 -31.97
C TRP P 143 1.88 19.02 -31.95
N GLY P 144 1.37 18.78 -30.76
CA GLY P 144 0.26 17.86 -30.58
C GLY P 144 0.73 16.52 -30.08
N SER P 145 0.08 15.45 -30.50
CA SER P 145 0.47 14.13 -30.05
C SER P 145 0.07 13.11 -31.11
N PHE P 146 0.60 11.91 -30.97
CA PHE P 146 0.23 10.79 -31.81
C PHE P 146 -0.60 9.80 -31.03
N ARG P 147 -1.36 8.98 -31.75
CA ARG P 147 -2.13 7.90 -31.15
C ARG P 147 -2.03 6.68 -32.06
N ASP P 148 -2.81 5.66 -31.73
CA ASP P 148 -2.93 4.46 -32.55
C ASP P 148 -4.19 3.73 -32.11
N ASN P 149 -4.31 2.46 -32.50
CA ASN P 149 -5.43 1.64 -32.05
C ASN P 149 -5.40 1.45 -30.53
N ASN P 150 -4.38 2.00 -29.88
CA ASN P 150 -4.20 1.92 -28.44
C ASN P 150 -4.02 3.32 -27.87
N GLY P 151 -3.56 3.42 -26.63
CA GLY P 151 -3.40 4.70 -25.98
C GLY P 151 -2.32 5.57 -26.61
N VAL P 152 -1.99 6.64 -25.90
CA VAL P 152 -1.09 7.66 -26.43
C VAL P 152 0.32 7.10 -26.53
N ILE P 153 1.04 7.51 -27.58
CA ILE P 153 2.41 7.08 -27.80
C ILE P 153 3.39 8.24 -27.80
N GLY P 154 2.93 9.44 -27.46
CA GLY P 154 3.80 10.60 -27.42
C GLY P 154 4.08 11.16 -28.79
N LEU P 155 4.94 12.19 -28.82
CA LEU P 155 5.26 12.89 -30.05
C LEU P 155 6.72 12.68 -30.46
N LEU P 156 7.66 13.06 -29.62
CA LEU P 156 9.07 12.76 -29.82
C LEU P 156 9.69 12.03 -28.65
N GLU P 157 9.36 12.44 -27.43
CA GLU P 157 9.71 11.66 -26.26
C GLU P 157 8.53 10.75 -25.93
N PRO P 158 8.73 9.44 -25.85
CA PRO P 158 7.59 8.51 -25.76
C PRO P 158 6.70 8.81 -24.58
N MET P 159 5.39 8.70 -24.84
CA MET P 159 4.34 8.89 -23.84
C MET P 159 4.34 10.31 -23.29
N LYS P 160 4.74 11.27 -24.12
CA LYS P 160 4.71 12.68 -23.73
C LYS P 160 4.23 13.50 -24.92
N LYS P 161 3.06 14.11 -24.77
CA LYS P 161 2.51 14.99 -25.78
C LYS P 161 3.15 16.38 -25.67
N SER P 162 2.90 17.21 -26.67
CA SER P 162 3.44 18.56 -26.71
C SER P 162 2.33 19.55 -26.94
N MET P 163 2.21 20.53 -26.05
CA MET P 163 1.19 21.56 -26.17
C MET P 163 1.65 22.75 -26.97
N VAL P 164 2.95 22.87 -27.24
CA VAL P 164 3.51 24.00 -27.96
C VAL P 164 4.40 23.46 -29.06
N PRO P 165 4.63 24.26 -30.10
CA PRO P 165 5.45 23.78 -31.23
C PRO P 165 6.84 23.37 -30.77
N VAL P 166 7.32 22.25 -31.31
CA VAL P 166 8.62 21.69 -31.00
C VAL P 166 9.33 21.37 -32.30
N GLN P 167 10.58 21.81 -32.42
CA GLN P 167 11.34 21.55 -33.64
C GLN P 167 11.77 20.10 -33.72
N VAL P 168 11.58 19.50 -34.88
CA VAL P 168 12.20 18.21 -35.18
C VAL P 168 13.59 18.53 -35.72
N GLN P 169 14.60 18.47 -34.84
CA GLN P 169 15.92 18.94 -35.20
C GLN P 169 16.58 17.96 -36.17
N LEU P 170 16.82 18.42 -37.40
CA LEU P 170 17.45 17.62 -38.43
C LEU P 170 18.49 18.46 -39.15
N ASP P 171 19.60 17.83 -39.54
CA ASP P 171 20.67 18.55 -40.22
C ASP P 171 20.29 18.91 -41.65
N VAL P 172 19.41 18.15 -42.27
CA VAL P 172 19.05 18.33 -43.68
C VAL P 172 17.78 19.15 -43.76
N PRO P 173 17.71 20.18 -44.59
CA PRO P 173 16.46 20.91 -44.77
C PRO P 173 15.40 20.03 -45.41
N VAL P 174 14.14 20.35 -45.12
CA VAL P 174 12.99 19.58 -45.60
C VAL P 174 12.21 20.44 -46.57
N VAL P 175 11.86 19.88 -47.73
CA VAL P 175 11.11 20.64 -48.73
C VAL P 175 9.61 20.36 -48.67
N LYS P 176 9.19 19.21 -48.15
CA LYS P 176 7.76 18.93 -48.05
C LYS P 176 7.45 18.14 -46.78
N VAL P 177 6.32 18.47 -46.15
CA VAL P 177 5.81 17.69 -45.04
C VAL P 177 4.46 17.12 -45.45
N ALA P 178 4.16 15.92 -44.96
CA ALA P 178 2.88 15.31 -45.27
C ALA P 178 2.45 14.44 -44.12
N SER P 179 1.16 14.51 -43.77
CA SER P 179 0.65 13.90 -42.56
C SER P 179 -0.50 12.94 -42.87
N GLY P 180 -0.42 11.74 -42.33
CA GLY P 180 -1.57 10.87 -42.22
C GLY P 180 -2.32 11.15 -40.93
N ASN P 181 -3.07 10.16 -40.46
CA ASN P 181 -3.71 10.30 -39.16
C ASN P 181 -2.68 10.43 -38.05
N ASP P 182 -1.81 9.42 -37.92
CA ASP P 182 -0.88 9.35 -36.81
C ASP P 182 0.54 9.03 -37.26
N HIS P 183 0.92 9.49 -38.46
CA HIS P 183 2.31 9.43 -38.88
C HIS P 183 2.63 10.66 -39.69
N LEU P 184 3.92 10.94 -39.84
CA LEU P 184 4.40 12.12 -40.52
C LEU P 184 5.58 11.73 -41.40
N VAL P 185 5.54 12.14 -42.67
CA VAL P 185 6.65 11.93 -43.58
C VAL P 185 7.17 13.29 -44.00
N MET P 186 8.49 13.36 -44.18
CA MET P 186 9.18 14.60 -44.52
C MET P 186 10.11 14.31 -45.69
N LEU P 187 9.83 14.94 -46.83
CA LEU P 187 10.69 14.83 -47.99
C LEU P 187 11.70 15.97 -47.97
N THR P 188 12.98 15.63 -48.01
CA THR P 188 14.06 16.60 -47.97
C THR P 188 14.43 17.07 -49.37
N ALA P 189 15.35 18.03 -49.42
CA ALA P 189 15.86 18.51 -50.71
C ALA P 189 16.61 17.40 -51.43
N ASP P 190 17.52 16.72 -50.72
CA ASP P 190 18.34 15.68 -51.32
C ASP P 190 17.55 14.47 -51.77
N GLY P 191 16.23 14.45 -51.57
CA GLY P 191 15.41 13.33 -51.94
C GLY P 191 15.23 12.29 -50.86
N ASP P 192 15.98 12.36 -49.76
CA ASP P 192 15.77 11.45 -48.66
C ASP P 192 14.39 11.65 -48.05
N LEU P 193 13.75 10.56 -47.65
CA LEU P 193 12.40 10.57 -47.13
C LEU P 193 12.41 10.07 -45.69
N TYR P 194 12.25 10.99 -44.75
CA TYR P 194 12.20 10.64 -43.33
C TYR P 194 10.75 10.38 -42.90
N THR P 195 10.59 9.50 -41.92
CA THR P 195 9.28 9.20 -41.37
C THR P 195 9.34 9.17 -39.86
N LEU P 196 8.21 9.41 -39.23
CA LEU P 196 8.08 9.32 -37.78
C LEU P 196 6.61 9.14 -37.44
N GLY P 197 6.35 8.77 -36.20
CA GLY P 197 5.00 8.51 -35.76
C GLY P 197 4.74 7.04 -35.54
N CYS P 198 3.46 6.69 -35.49
CA CYS P 198 3.06 5.31 -35.29
C CYS P 198 3.46 4.46 -36.49
N GLY P 199 3.69 3.17 -36.22
CA GLY P 199 3.96 2.23 -37.28
C GLY P 199 3.23 0.92 -37.09
N GLU P 200 2.19 0.94 -36.26
CA GLU P 200 1.45 -0.28 -35.92
C GLU P 200 1.01 -1.04 -37.16
N GLN P 201 0.45 -0.32 -38.13
CA GLN P 201 0.02 -0.91 -39.39
C GLN P 201 1.07 -0.80 -40.48
N GLY P 202 2.26 -0.31 -40.15
CA GLY P 202 3.33 -0.22 -41.12
C GLY P 202 3.36 1.03 -41.97
N GLN P 203 2.73 2.10 -41.52
CA GLN P 203 2.73 3.36 -42.26
C GLN P 203 4.04 4.10 -42.17
N LEU P 204 5.09 3.52 -41.61
CA LEU P 204 6.41 4.11 -41.60
C LEU P 204 7.34 3.51 -42.66
N GLY P 205 7.23 2.21 -42.92
CA GLY P 205 7.96 1.57 -43.99
C GLY P 205 9.40 1.19 -43.67
N ARG P 206 10.02 1.81 -42.67
CA ARG P 206 11.41 1.54 -42.32
C ARG P 206 11.55 0.65 -41.10
N VAL P 207 10.45 0.02 -40.67
CA VAL P 207 10.44 -0.81 -39.47
C VAL P 207 9.71 -2.12 -39.74
N PRO P 208 10.41 -3.19 -40.11
CA PRO P 208 9.72 -4.44 -40.45
C PRO P 208 8.97 -5.10 -39.31
N GLU P 209 8.48 -6.32 -39.56
CA GLU P 209 7.40 -6.94 -38.80
C GLU P 209 7.69 -7.19 -37.32
N LEU P 210 8.92 -6.99 -36.82
CA LEU P 210 9.21 -7.42 -35.46
C LEU P 210 8.29 -6.77 -34.42
N PHE P 211 8.06 -5.46 -34.51
CA PHE P 211 7.22 -4.78 -33.53
C PHE P 211 5.89 -4.31 -34.11
N ALA P 212 5.06 -5.29 -34.44
CA ALA P 212 3.67 -4.96 -34.74
C ALA P 212 2.97 -4.46 -33.48
N ASN P 213 3.35 -5.01 -32.32
CA ASN P 213 2.77 -4.61 -31.04
C ASN P 213 3.81 -4.78 -29.94
N ARG P 214 4.60 -3.72 -29.72
CA ARG P 214 5.58 -3.59 -28.65
C ARG P 214 5.30 -2.26 -27.94
N GLY P 215 4.46 -2.31 -26.91
CA GLY P 215 4.03 -1.12 -26.21
C GLY P 215 4.94 -0.55 -25.12
N GLY P 216 6.25 -0.65 -25.29
CA GLY P 216 7.18 -0.14 -24.32
C GLY P 216 7.97 1.03 -24.85
N ARG P 217 9.11 1.28 -24.22
CA ARG P 217 10.04 2.33 -24.63
C ARG P 217 11.03 1.86 -25.68
N GLN P 218 11.07 0.57 -25.98
CA GLN P 218 12.00 0.05 -26.96
C GLN P 218 11.58 0.39 -28.38
N GLY P 219 10.35 0.00 -28.74
CA GLY P 219 9.90 0.25 -30.09
C GLY P 219 9.54 1.70 -30.27
N LEU P 220 8.84 2.30 -29.30
CA LEU P 220 8.57 3.73 -29.37
C LEU P 220 9.86 4.54 -29.45
N GLU P 221 10.89 4.13 -28.68
CA GLU P 221 12.16 4.83 -28.77
C GLU P 221 12.79 4.68 -30.14
N ARG P 222 12.50 3.59 -30.86
CA ARG P 222 13.05 3.51 -32.20
C ARG P 222 12.18 4.24 -33.22
N LEU P 223 10.87 4.34 -32.98
CA LEU P 223 9.97 4.93 -33.95
C LEU P 223 10.02 6.45 -33.94
N LEU P 224 10.03 7.06 -32.77
CA LEU P 224 9.87 8.51 -32.72
C LEU P 224 11.11 9.27 -33.14
N VAL P 225 12.12 8.61 -33.68
CA VAL P 225 13.32 9.26 -34.19
C VAL P 225 13.24 9.29 -35.71
N PRO P 226 13.37 10.46 -36.34
CA PRO P 226 13.29 10.51 -37.80
C PRO P 226 14.43 9.74 -38.44
N LYS P 227 14.08 8.81 -39.33
CA LYS P 227 15.06 8.05 -40.08
C LYS P 227 14.54 7.87 -41.51
N CYS P 228 15.47 7.63 -42.42
CA CYS P 228 15.14 7.49 -43.83
C CYS P 228 14.63 6.09 -44.12
N VAL P 229 14.18 5.90 -45.36
CA VAL P 229 13.75 4.59 -45.85
C VAL P 229 14.79 4.17 -46.87
N MET P 230 15.61 3.20 -46.51
CA MET P 230 16.73 2.78 -47.35
C MET P 230 16.30 1.68 -48.31
N LEU P 231 16.68 1.84 -49.58
CA LEU P 231 16.35 0.90 -50.64
C LEU P 231 17.59 0.78 -51.53
N LYS P 232 17.87 -0.43 -51.99
CA LYS P 232 19.11 -0.71 -52.71
C LYS P 232 19.20 0.06 -54.02
N SER P 233 18.08 0.11 -54.73
CA SER P 233 17.94 0.92 -55.94
C SER P 233 19.00 0.61 -57.01
N ARG P 234 19.62 1.65 -57.55
CA ARG P 234 20.67 1.51 -58.58
C ARG P 234 22.03 1.03 -58.05
N GLY P 235 22.88 0.50 -58.94
CA GLY P 235 24.22 0.04 -58.61
C GLY P 235 25.11 1.21 -58.25
N SER P 236 26.13 1.02 -57.42
CA SER P 236 26.89 2.19 -56.99
C SER P 236 26.05 3.38 -56.50
N ARG P 237 26.45 4.58 -56.94
CA ARG P 237 25.72 5.82 -56.66
C ARG P 237 25.36 6.03 -55.18
N GLY P 238 24.11 6.40 -54.95
CA GLY P 238 23.38 6.14 -53.72
C GLY P 238 22.15 5.27 -53.99
N HIS P 239 21.28 5.25 -52.99
CA HIS P 239 20.01 4.54 -52.99
C HIS P 239 18.93 5.39 -53.66
N VAL P 240 17.70 4.90 -53.66
CA VAL P 240 16.59 5.60 -54.29
C VAL P 240 16.24 6.98 -53.72
N ARG P 241 15.97 7.89 -54.65
CA ARG P 241 15.56 9.26 -54.44
C ARG P 241 14.04 9.39 -54.59
N PHE P 242 13.52 10.55 -54.24
CA PHE P 242 12.09 10.80 -54.38
C PHE P 242 11.84 12.25 -54.74
N GLN P 243 10.87 12.47 -55.62
CA GLN P 243 10.51 13.82 -56.04
C GLN P 243 9.28 14.34 -55.32
N ASP P 244 8.40 13.46 -54.87
CA ASP P 244 7.15 13.87 -54.25
C ASP P 244 6.68 12.74 -53.34
N ALA P 245 5.72 13.07 -52.48
CA ALA P 245 5.18 12.11 -51.52
C ALA P 245 3.81 12.55 -51.06
N PHE P 246 2.98 11.58 -50.68
CA PHE P 246 1.63 11.83 -50.21
C PHE P 246 1.31 10.87 -49.09
N CYS P 247 0.40 11.27 -48.22
CA CYS P 247 0.01 10.48 -47.06
C CYS P 247 -1.46 10.14 -47.12
N GLY P 248 -1.77 8.84 -47.12
CA GLY P 248 -3.08 8.38 -46.76
C GLY P 248 -3.26 8.45 -45.25
N ALA P 249 -4.40 7.92 -44.80
CA ALA P 249 -4.69 7.92 -43.37
C ALA P 249 -3.70 7.04 -42.61
N TYR P 250 -3.66 5.76 -42.94
CA TYR P 250 -2.75 4.80 -42.32
C TYR P 250 -1.76 4.23 -43.32
N PHE P 251 -1.45 4.98 -44.37
CA PHE P 251 -0.55 4.50 -45.41
C PHE P 251 0.07 5.70 -46.12
N THR P 252 1.07 5.40 -46.95
CA THR P 252 1.92 6.44 -47.53
C THR P 252 2.31 6.04 -48.94
N PHE P 253 2.28 7.02 -49.85
CA PHE P 253 2.72 6.87 -51.23
C PHE P 253 3.87 7.84 -51.49
N ALA P 254 4.69 7.51 -52.48
CA ALA P 254 5.83 8.35 -52.83
C ALA P 254 6.14 8.20 -54.31
N ILE P 255 6.48 9.30 -54.95
CA ILE P 255 6.83 9.34 -56.36
C ILE P 255 8.30 9.72 -56.48
N SER P 256 9.05 8.92 -57.22
CA SER P 256 10.49 9.08 -57.37
C SER P 256 10.83 9.73 -58.71
N HIS P 257 12.12 10.00 -58.90
CA HIS P 257 12.56 10.56 -60.17
C HIS P 257 12.39 9.56 -61.32
N GLU P 258 12.49 8.27 -61.02
CA GLU P 258 12.26 7.23 -62.01
C GLU P 258 10.80 7.13 -62.43
N GLY P 259 9.92 7.96 -61.87
CA GLY P 259 8.51 7.90 -62.18
C GLY P 259 7.73 6.81 -61.48
N HIS P 260 8.41 5.87 -60.83
CA HIS P 260 7.73 4.79 -60.16
C HIS P 260 6.96 5.30 -58.95
N VAL P 261 5.95 4.53 -58.54
CA VAL P 261 5.07 4.88 -57.43
C VAL P 261 5.22 3.81 -56.37
N TYR P 262 5.63 4.22 -55.18
CA TYR P 262 5.77 3.33 -54.04
C TYR P 262 4.72 3.65 -52.99
N GLY P 263 4.48 2.67 -52.11
CA GLY P 263 3.46 2.84 -51.09
C GLY P 263 3.55 1.73 -50.08
N PHE P 264 2.99 2.00 -48.91
CA PHE P 264 3.07 1.05 -47.80
C PHE P 264 2.09 1.47 -46.72
N GLY P 265 1.58 0.49 -46.00
CA GLY P 265 0.62 0.72 -44.95
C GLY P 265 -0.31 -0.49 -44.82
N LEU P 266 -1.53 -0.23 -44.37
CA LEU P 266 -2.54 -1.27 -44.23
C LEU P 266 -3.38 -1.36 -45.50
N SER P 267 -3.57 -2.57 -46.00
CA SER P 267 -4.35 -2.83 -47.20
C SER P 267 -5.49 -3.80 -46.89
N ASN P 268 -6.16 -3.62 -45.76
CA ASN P 268 -7.23 -4.52 -45.36
C ASN P 268 -8.39 -4.50 -46.36
N TYR P 269 -8.74 -3.31 -46.85
CA TYR P 269 -9.78 -3.15 -47.86
C TYR P 269 -9.20 -2.86 -49.24
N HIS P 270 -8.00 -3.34 -49.50
CA HIS P 270 -7.34 -3.27 -50.80
C HIS P 270 -7.09 -1.82 -51.22
N GLN P 271 -6.93 -0.94 -50.24
CA GLN P 271 -6.78 0.49 -50.51
C GLN P 271 -5.35 0.88 -50.91
N LEU P 272 -4.47 -0.10 -51.15
CA LEU P 272 -3.12 0.19 -51.61
C LEU P 272 -2.88 -0.30 -53.03
N GLY P 273 -3.91 -0.77 -53.72
CA GLY P 273 -3.73 -1.33 -55.05
C GLY P 273 -3.13 -2.71 -55.07
N THR P 274 -2.92 -3.32 -53.91
CA THR P 274 -2.37 -4.66 -53.83
C THR P 274 -3.47 -5.70 -54.01
N PRO P 275 -3.14 -6.85 -54.62
CA PRO P 275 -4.17 -7.89 -54.80
C PRO P 275 -4.66 -8.47 -53.48
N GLY P 276 -3.80 -8.56 -52.47
CA GLY P 276 -4.14 -9.19 -51.21
C GLY P 276 -4.29 -8.18 -50.07
N THR P 277 -4.82 -8.69 -48.95
CA THR P 277 -5.03 -7.90 -47.76
C THR P 277 -3.81 -7.88 -46.84
N GLU P 278 -2.68 -8.44 -47.29
CA GLU P 278 -1.50 -8.50 -46.45
C GLU P 278 -0.99 -7.09 -46.14
N SER P 279 -0.55 -6.89 -44.90
CA SER P 279 0.02 -5.61 -44.51
C SER P 279 1.38 -5.42 -45.17
N CYS P 280 1.61 -4.23 -45.72
CA CYS P 280 2.85 -3.93 -46.42
C CYS P 280 3.74 -3.11 -45.50
N PHE P 281 4.71 -3.76 -44.88
CA PHE P 281 5.69 -3.08 -44.04
C PHE P 281 6.93 -2.70 -44.82
N ILE P 282 7.02 -3.09 -46.08
CA ILE P 282 8.15 -2.78 -46.95
C ILE P 282 7.62 -1.93 -48.09
N PRO P 283 8.37 -0.94 -48.59
CA PRO P 283 7.87 -0.11 -49.69
C PRO P 283 7.73 -0.91 -50.98
N GLN P 284 6.68 -1.71 -51.06
CA GLN P 284 6.45 -2.57 -52.21
C GLN P 284 6.18 -1.72 -53.45
N ASN P 285 6.83 -2.09 -54.56
CA ASN P 285 6.57 -1.44 -55.83
C ASN P 285 5.23 -1.94 -56.37
N LEU P 286 4.30 -1.02 -56.61
CA LEU P 286 2.94 -1.38 -56.98
C LEU P 286 2.87 -1.56 -58.49
N THR P 287 2.68 -2.81 -58.92
CA THR P 287 2.52 -3.09 -60.34
C THR P 287 1.17 -2.63 -60.87
N SER P 288 0.19 -2.44 -59.99
CA SER P 288 -1.12 -1.99 -60.44
C SER P 288 -1.11 -0.57 -60.98
N PHE P 289 -0.05 0.18 -60.71
CA PHE P 289 0.06 1.56 -61.17
C PHE P 289 1.08 1.75 -62.28
N LYS P 290 1.79 0.69 -62.67
CA LYS P 290 2.84 0.79 -63.67
C LYS P 290 2.23 0.99 -65.06
N ASN P 291 2.48 2.15 -65.66
CA ASN P 291 2.02 2.42 -67.02
C ASN P 291 2.90 3.50 -67.62
N SER P 292 3.36 3.27 -68.85
CA SER P 292 4.24 4.25 -69.50
C SER P 292 3.46 5.49 -69.91
N THR P 293 2.23 5.33 -70.38
CA THR P 293 1.43 6.46 -70.81
C THR P 293 1.00 7.31 -69.61
N LYS P 294 0.42 6.67 -68.59
CA LYS P 294 -0.09 7.38 -67.44
C LYS P 294 1.05 7.80 -66.52
N SER P 295 1.10 9.09 -66.20
CA SER P 295 2.09 9.63 -65.27
C SER P 295 1.34 10.19 -64.07
N TRP P 296 1.60 9.62 -62.90
CA TRP P 296 0.84 9.98 -61.71
C TRP P 296 1.36 11.29 -61.12
N VAL P 297 0.44 12.17 -60.74
CA VAL P 297 0.78 13.46 -60.16
C VAL P 297 0.19 13.65 -58.76
N GLY P 298 -1.06 13.24 -58.54
CA GLY P 298 -1.67 13.56 -57.27
C GLY P 298 -2.27 12.39 -56.53
N PHE P 299 -1.97 12.25 -55.24
CA PHE P 299 -2.47 11.15 -54.44
C PHE P 299 -3.18 11.67 -53.19
N SER P 300 -4.10 10.86 -52.69
CA SER P 300 -4.84 11.17 -51.47
C SER P 300 -5.56 9.90 -51.04
N GLY P 301 -5.94 9.86 -49.77
CA GLY P 301 -6.62 8.69 -49.25
C GLY P 301 -7.21 8.87 -47.87
N GLY P 302 -8.31 8.17 -47.62
CA GLY P 302 -8.96 8.14 -46.32
C GLY P 302 -8.54 6.95 -45.50
N GLN P 303 -9.37 6.62 -44.50
CA GLN P 303 -9.03 5.54 -43.59
C GLN P 303 -9.08 4.18 -44.28
N HIS P 304 -9.95 4.02 -45.28
CA HIS P 304 -10.01 2.76 -46.00
C HIS P 304 -10.21 2.93 -47.50
N HIS P 305 -10.08 4.14 -48.05
CA HIS P 305 -10.23 4.38 -49.48
C HIS P 305 -9.08 5.25 -49.97
N THR P 306 -8.97 5.37 -51.30
CA THR P 306 -7.86 6.10 -51.91
C THR P 306 -8.31 6.70 -53.23
N VAL P 307 -7.96 7.96 -53.45
CA VAL P 307 -8.26 8.66 -54.69
C VAL P 307 -6.99 9.29 -55.22
N CYS P 308 -6.77 9.19 -56.54
CA CYS P 308 -5.56 9.67 -57.18
C CYS P 308 -5.93 10.42 -58.45
N MET P 309 -4.91 10.95 -59.13
CA MET P 309 -5.10 11.71 -60.35
C MET P 309 -3.80 11.74 -61.14
N ASP P 310 -3.95 11.72 -62.47
CA ASP P 310 -2.86 11.63 -63.42
C ASP P 310 -2.53 12.99 -64.02
N SER P 311 -1.49 13.03 -64.86
CA SER P 311 -1.08 14.27 -65.49
C SER P 311 -2.11 14.78 -66.49
N GLU P 312 -2.99 13.91 -66.98
CA GLU P 312 -4.00 14.30 -67.94
C GLU P 312 -5.27 14.83 -67.29
N GLY P 313 -5.39 14.76 -65.97
CA GLY P 313 -6.53 15.30 -65.27
C GLY P 313 -7.58 14.29 -64.85
N LYS P 314 -7.44 13.04 -65.29
CA LYS P 314 -8.41 12.01 -64.94
C LYS P 314 -8.12 11.48 -63.55
N ALA P 315 -9.11 11.54 -62.66
CA ALA P 315 -8.97 11.12 -61.28
C ALA P 315 -9.52 9.71 -61.11
N TYR P 316 -8.72 8.83 -60.52
CA TYR P 316 -9.09 7.44 -60.29
C TYR P 316 -9.36 7.22 -58.81
N SER P 317 -9.95 6.08 -58.48
CA SER P 317 -10.25 5.76 -57.09
C SER P 317 -10.20 4.25 -56.91
N LEU P 318 -9.93 3.83 -55.68
CA LEU P 318 -9.90 2.42 -55.33
C LEU P 318 -10.01 2.29 -53.81
N GLY P 319 -10.24 1.06 -53.36
CA GLY P 319 -10.36 0.81 -51.94
C GLY P 319 -11.73 0.32 -51.54
N ARG P 320 -12.08 0.51 -50.27
CA ARG P 320 -13.37 0.08 -49.76
C ARG P 320 -14.49 0.84 -50.46
N ALA P 321 -15.64 0.18 -50.62
CA ALA P 321 -16.73 0.73 -51.40
C ALA P 321 -17.96 1.11 -50.59
N GLU P 322 -17.99 0.79 -49.30
CA GLU P 322 -19.19 1.02 -48.51
C GLU P 322 -19.45 2.52 -48.34
N TYR P 323 -20.71 2.86 -48.10
CA TYR P 323 -21.17 4.22 -47.84
C TYR P 323 -20.87 5.17 -48.99
N GLY P 324 -20.71 4.64 -50.20
CA GLY P 324 -20.52 5.48 -51.36
C GLY P 324 -19.25 6.29 -51.37
N ARG P 325 -18.19 5.80 -50.74
CA ARG P 325 -16.95 6.55 -50.67
C ARG P 325 -16.15 6.50 -51.96
N LEU P 326 -16.46 5.57 -52.86
CA LEU P 326 -15.79 5.54 -54.16
C LEU P 326 -16.52 6.40 -55.19
N GLY P 327 -17.84 6.28 -55.27
CA GLY P 327 -18.64 7.07 -56.18
C GLY P 327 -18.46 6.70 -57.64
N LEU P 328 -18.77 5.45 -57.98
CA LEU P 328 -18.58 4.96 -59.34
C LEU P 328 -19.91 4.63 -60.02
N GLY P 329 -20.70 3.74 -59.44
CA GLY P 329 -21.88 3.26 -60.13
C GLY P 329 -23.10 3.06 -59.27
N GLU P 330 -23.22 3.83 -58.19
CA GLU P 330 -24.36 3.76 -57.29
C GLU P 330 -24.50 2.34 -56.72
N GLY P 331 -23.45 1.89 -56.05
CA GLY P 331 -23.42 0.59 -55.44
C GLY P 331 -22.49 -0.43 -56.08
N ALA P 332 -21.46 0.03 -56.81
CA ALA P 332 -20.51 -0.89 -57.40
C ALA P 332 -19.77 -1.67 -56.32
N GLU P 333 -19.34 -2.88 -56.66
CA GLU P 333 -18.67 -3.74 -55.70
C GLU P 333 -17.27 -3.22 -55.39
N GLU P 334 -16.66 -3.81 -54.37
CA GLU P 334 -15.34 -3.38 -53.92
C GLU P 334 -14.30 -3.57 -55.02
N LYS P 335 -13.43 -2.59 -55.17
CA LYS P 335 -12.45 -2.57 -56.25
C LYS P 335 -11.05 -2.44 -55.67
N SER P 336 -10.12 -3.25 -56.16
CA SER P 336 -8.73 -3.22 -55.72
C SER P 336 -7.82 -2.54 -56.73
N ILE P 337 -8.37 -1.96 -57.79
CA ILE P 337 -7.57 -1.35 -58.85
C ILE P 337 -8.07 0.06 -59.08
N PRO P 338 -7.21 0.95 -59.60
CA PRO P 338 -7.66 2.32 -59.89
C PRO P 338 -8.72 2.33 -60.98
N THR P 339 -9.82 3.03 -60.71
CA THR P 339 -10.98 3.05 -61.59
C THR P 339 -11.30 4.48 -61.98
N LEU P 340 -11.39 4.74 -63.28
CA LEU P 340 -11.74 6.07 -63.76
C LEU P 340 -13.18 6.42 -63.37
N ILE P 341 -13.37 7.69 -63.01
CA ILE P 341 -14.70 8.23 -62.74
C ILE P 341 -15.07 9.09 -63.94
N SER P 342 -15.92 8.56 -64.81
CA SER P 342 -16.24 9.25 -66.06
C SER P 342 -17.01 10.54 -65.83
N ARG P 343 -17.66 10.70 -64.67
CA ARG P 343 -18.45 11.89 -64.38
C ARG P 343 -17.62 13.11 -64.05
N LEU P 344 -16.29 12.99 -64.02
CA LEU P 344 -15.45 14.10 -63.58
C LEU P 344 -14.83 14.82 -64.76
N PRO P 345 -14.93 16.14 -64.82
CA PRO P 345 -14.18 16.89 -65.83
C PRO P 345 -12.69 16.92 -65.52
N ALA P 346 -11.93 17.71 -66.28
CA ALA P 346 -10.50 17.85 -66.05
C ALA P 346 -10.24 18.33 -64.62
N VAL P 347 -9.65 17.48 -63.80
CA VAL P 347 -9.47 17.74 -62.38
C VAL P 347 -8.15 18.45 -62.14
N SER P 348 -8.18 19.53 -61.38
CA SER P 348 -6.96 20.23 -61.02
C SER P 348 -6.27 19.57 -59.83
N SER P 349 -7.05 19.17 -58.83
CA SER P 349 -6.49 18.54 -57.64
C SER P 349 -7.55 17.68 -56.97
N VAL P 350 -7.10 16.66 -56.25
CA VAL P 350 -8.01 15.73 -55.57
C VAL P 350 -7.67 15.73 -54.08
N ALA P 351 -8.63 15.25 -53.29
CA ALA P 351 -8.42 15.13 -51.85
C ALA P 351 -9.40 14.11 -51.28
N CYS P 352 -9.11 13.64 -50.08
CA CYS P 352 -9.93 12.65 -49.41
C CYS P 352 -10.15 13.03 -47.95
N GLY P 353 -11.34 12.75 -47.45
CA GLY P 353 -11.68 12.93 -46.06
C GLY P 353 -11.54 11.63 -45.28
N ALA P 354 -12.19 11.59 -44.13
CA ALA P 354 -12.21 10.36 -43.34
C ALA P 354 -12.90 9.25 -44.12
N SER P 355 -14.16 9.46 -44.48
CA SER P 355 -14.92 8.48 -45.25
C SER P 355 -15.50 9.09 -46.52
N VAL P 356 -14.96 10.22 -46.97
CA VAL P 356 -15.48 10.94 -48.11
C VAL P 356 -14.34 11.24 -49.09
N GLY P 357 -14.69 11.95 -50.15
CA GLY P 357 -13.74 12.32 -51.19
C GLY P 357 -14.18 13.55 -51.95
N TYR P 358 -13.22 14.38 -52.35
CA TYR P 358 -13.48 15.65 -52.99
C TYR P 358 -12.58 15.83 -54.21
N ALA P 359 -13.12 16.47 -55.23
CA ALA P 359 -12.38 16.79 -56.44
C ALA P 359 -12.51 18.27 -56.76
N VAL P 360 -11.46 18.83 -57.36
CA VAL P 360 -11.41 20.23 -57.74
C VAL P 360 -10.95 20.31 -59.19
N THR P 361 -11.82 20.78 -60.06
CA THR P 361 -11.54 20.90 -61.48
C THR P 361 -10.74 22.16 -61.76
N LYS P 362 -10.17 22.21 -62.97
CA LYS P 362 -9.33 23.35 -63.34
C LYS P 362 -10.14 24.63 -63.45
N ASP P 363 -11.41 24.53 -63.86
CA ASP P 363 -12.23 25.72 -63.98
C ASP P 363 -12.64 26.31 -62.64
N GLY P 364 -12.47 25.56 -61.54
CA GLY P 364 -12.81 26.05 -60.22
C GLY P 364 -13.97 25.34 -59.55
N ARG P 365 -14.60 24.38 -60.21
CA ARG P 365 -15.71 23.67 -59.61
C ARG P 365 -15.21 22.58 -58.68
N VAL P 366 -16.01 22.27 -57.67
CA VAL P 366 -15.65 21.27 -56.65
C VAL P 366 -16.78 20.25 -56.56
N PHE P 367 -16.42 18.97 -56.52
CA PHE P 367 -17.36 17.87 -56.42
C PHE P 367 -17.08 17.08 -55.15
N ALA P 368 -18.15 16.54 -54.56
CA ALA P 368 -18.06 15.79 -53.31
C ALA P 368 -18.75 14.45 -53.45
N TRP P 369 -18.27 13.46 -52.69
CA TRP P 369 -18.94 12.17 -52.69
C TRP P 369 -18.52 11.39 -51.45
N GLY P 370 -19.43 10.59 -50.93
CA GLY P 370 -19.13 9.74 -49.81
C GLY P 370 -20.22 9.78 -48.77
N MET P 371 -19.86 9.39 -47.55
CA MET P 371 -20.82 9.36 -46.44
C MET P 371 -21.27 10.76 -46.07
N GLY P 372 -22.58 10.95 -45.97
CA GLY P 372 -23.11 12.25 -45.64
C GLY P 372 -23.66 12.34 -44.23
N THR P 373 -23.23 11.42 -43.37
CA THR P 373 -23.70 11.42 -41.99
C THR P 373 -23.31 12.70 -41.26
N ASN P 374 -22.12 13.22 -41.55
CA ASN P 374 -21.66 14.47 -40.94
C ASN P 374 -21.91 15.67 -41.83
N TYR P 375 -22.72 15.52 -42.88
CA TYR P 375 -23.05 16.61 -43.80
C TYR P 375 -21.80 17.22 -44.44
N GLN P 376 -20.76 16.41 -44.59
CA GLN P 376 -19.55 16.87 -45.26
C GLN P 376 -19.72 17.07 -46.76
N LEU P 377 -20.82 16.59 -47.33
CA LEU P 377 -21.01 16.63 -48.78
C LEU P 377 -21.44 18.00 -49.28
N GLY P 378 -21.91 18.88 -48.40
CA GLY P 378 -22.37 20.18 -48.80
C GLY P 378 -23.69 20.20 -49.53
N THR P 379 -24.35 19.07 -49.68
CA THR P 379 -25.64 19.01 -50.36
C THR P 379 -26.80 19.32 -49.43
N GLY P 380 -26.57 19.44 -48.13
CA GLY P 380 -27.67 19.63 -47.20
C GLY P 380 -28.50 18.40 -46.94
N GLN P 381 -28.11 17.24 -47.47
CA GLN P 381 -28.83 16.00 -47.29
C GLN P 381 -27.89 14.99 -46.63
N ASP P 382 -28.31 14.44 -45.48
CA ASP P 382 -27.53 13.41 -44.82
C ASP P 382 -27.57 12.07 -45.55
N GLU P 383 -28.32 11.97 -46.65
CA GLU P 383 -28.39 10.72 -47.39
C GLU P 383 -27.06 10.43 -48.08
N ASP P 384 -26.63 9.18 -48.00
CA ASP P 384 -25.36 8.77 -48.58
C ASP P 384 -25.38 8.97 -50.09
N ALA P 385 -24.43 9.75 -50.60
CA ALA P 385 -24.38 10.10 -52.00
C ALA P 385 -23.37 9.21 -52.72
N TRP P 386 -23.84 8.51 -53.75
CA TRP P 386 -23.01 7.64 -54.57
C TRP P 386 -22.51 8.31 -55.84
N SER P 387 -23.01 9.49 -56.18
CA SER P 387 -22.60 10.18 -57.38
C SER P 387 -21.75 11.40 -57.04
N PRO P 388 -20.79 11.76 -57.88
CA PRO P 388 -19.99 12.96 -57.62
C PRO P 388 -20.79 14.24 -57.74
N VAL P 389 -21.61 14.52 -56.73
CA VAL P 389 -22.50 15.67 -56.77
C VAL P 389 -21.69 16.95 -56.63
N GLU P 390 -22.07 17.98 -57.38
CA GLU P 390 -21.42 19.27 -57.28
C GLU P 390 -21.90 20.02 -56.05
N MET P 391 -20.97 20.64 -55.34
CA MET P 391 -21.32 21.42 -54.16
C MET P 391 -21.71 22.83 -54.56
N MET P 392 -22.73 23.38 -53.90
CA MET P 392 -23.23 24.69 -54.26
C MET P 392 -23.62 25.45 -53.00
N GLY P 393 -23.33 26.74 -53.00
CA GLY P 393 -23.67 27.60 -51.88
C GLY P 393 -23.41 29.04 -52.26
N LYS P 394 -24.00 29.94 -51.47
CA LYS P 394 -23.87 31.36 -51.80
C LYS P 394 -22.42 31.82 -51.75
N GLN P 395 -21.64 31.27 -50.83
CA GLN P 395 -20.22 31.62 -50.78
C GLN P 395 -19.44 31.00 -51.91
N LEU P 396 -20.07 30.23 -52.79
CA LEU P 396 -19.43 29.74 -54.01
C LEU P 396 -19.81 30.55 -55.24
N GLU P 397 -20.79 31.44 -55.12
CA GLU P 397 -21.20 32.27 -56.25
C GLU P 397 -20.09 33.23 -56.64
N ASN P 398 -19.74 33.24 -57.92
CA ASN P 398 -18.70 34.11 -58.46
C ASN P 398 -17.36 33.88 -57.77
N ARG P 399 -17.08 32.63 -57.39
CA ARG P 399 -15.83 32.27 -56.74
C ARG P 399 -15.39 30.90 -57.24
N VAL P 400 -14.07 30.69 -57.25
CA VAL P 400 -13.48 29.43 -57.67
C VAL P 400 -12.79 28.80 -56.47
N VAL P 401 -12.72 27.47 -56.47
CA VAL P 401 -12.16 26.71 -55.36
C VAL P 401 -10.66 26.54 -55.59
N LEU P 402 -9.86 27.10 -54.68
CA LEU P 402 -8.42 26.93 -54.78
C LEU P 402 -7.98 25.56 -54.28
N SER P 403 -8.37 25.19 -53.06
CA SER P 403 -7.97 23.90 -52.51
C SER P 403 -9.06 23.33 -51.61
N VAL P 404 -8.87 22.09 -51.20
CA VAL P 404 -9.84 21.36 -50.39
C VAL P 404 -9.10 20.42 -49.45
N SER P 405 -9.59 20.32 -48.22
CA SER P 405 -9.11 19.33 -47.26
C SER P 405 -10.28 18.91 -46.39
N SER P 406 -10.18 17.69 -45.84
CA SER P 406 -11.27 17.16 -45.04
C SER P 406 -10.72 16.25 -43.97
N GLY P 407 -11.31 16.32 -42.79
CA GLY P 407 -10.93 15.48 -41.67
C GLY P 407 -12.02 14.50 -41.27
N GLY P 408 -12.26 14.38 -39.97
CA GLY P 408 -13.23 13.43 -39.47
C GLY P 408 -14.67 13.86 -39.61
N GLN P 409 -15.03 14.97 -38.98
CA GLN P 409 -16.42 15.42 -38.93
C GLN P 409 -16.63 16.75 -39.64
N HIS P 410 -15.70 17.19 -40.48
CA HIS P 410 -15.87 18.46 -41.16
C HIS P 410 -15.03 18.49 -42.42
N THR P 411 -15.06 19.62 -43.10
CA THR P 411 -14.35 19.81 -44.36
C THR P 411 -14.12 21.30 -44.57
N VAL P 412 -12.93 21.63 -45.06
CA VAL P 412 -12.47 23.00 -45.21
C VAL P 412 -12.06 23.24 -46.66
N LEU P 413 -12.46 24.38 -47.21
CA LEU P 413 -12.18 24.80 -48.57
C LEU P 413 -11.36 26.07 -48.56
N LEU P 414 -10.61 26.28 -49.63
CA LEU P 414 -9.94 27.55 -49.89
C LEU P 414 -10.39 28.05 -51.25
N VAL P 415 -10.99 29.24 -51.29
CA VAL P 415 -11.65 29.75 -52.48
C VAL P 415 -11.16 31.16 -52.78
N LYS P 416 -11.33 31.57 -54.04
CA LYS P 416 -10.91 32.89 -54.50
C LYS P 416 -12.00 33.51 -55.35
N ASP P 417 -12.17 34.83 -55.22
CA ASP P 417 -13.10 35.56 -56.07
C ASP P 417 -12.68 35.47 -57.53
N LYS P 418 -13.65 35.52 -58.43
CA LYS P 418 -13.34 35.43 -59.84
C LYS P 418 -12.60 36.68 -60.30
N GLU P 419 -11.87 36.54 -61.41
CA GLU P 419 -11.04 37.62 -61.92
C GLU P 419 -11.87 38.75 -62.52
N GLN P 420 -13.12 38.49 -62.91
CA GLN P 420 -13.94 39.54 -63.51
C GLN P 420 -14.32 40.58 -62.46
N SER P 421 -14.56 41.81 -62.94
CA SER P 421 -14.94 42.94 -62.10
C SER P 421 -13.96 43.17 -60.95
#